data_8E6T
#
_entry.id   8E6T
#
_cell.length_a   1.00
_cell.length_b   1.00
_cell.length_c   1.00
_cell.angle_alpha   90.00
_cell.angle_beta   90.00
_cell.angle_gamma   90.00
#
_symmetry.space_group_name_H-M   'P 1'
#
loop_
_entity.id
_entity.type
_entity.pdbx_description
1 polymer 'Transient receptor potential cation channel subfamily M member 2'
2 non-polymer '(3R,4R,5R)-5-(6-amino-8-bromo-9H-purin-9-yl)-3,4,5-trihydroxypentyl [(2S,3S,4S,5R)-3,4,5-trihydroxyoxolan-2-yl]methyl dihydrogen diphosphate (non-preferred name)'
#
_entity_poly.entity_id   1
_entity_poly.type   'polypeptide(L)'
_entity_poly.pdbx_seq_one_letter_code
;MEPSALRKAGSEQEEGFEGLPRRVTDLGMVSNLRRSNSSLFKSWRLQCPFGNNDKQESLSSWIPENIKKKECVYFVESSK
LSDAGKVVCQCGYTHEQHLEEATKPHTFQGTQWDPKKHVQEMPTDAFGDIVFTGLSQKVKKYVRVSQDTPSSVIYHLMTQ
HWGLDVPNLLISVTGGAKNFNMKPRLKSIFRRGLVKVAQTTGAWIITGGSHTGVMKQVGEAVRDFSLSSSYKEGELITIG
VATWGTVHRREGLIHPTGSFPAEYILDEDGQGNLTCLDSNHSHFILVDDGTHGQYGVEIPLRTRLEKFISEQTKERGGVA
IKIPIVCVVLEGGPGTLHTIDNATTNGTPCVVVEGSGRVADVIAQVANIPVSDITISLIQQKLSVFFQEMFETFTESRIV
EWTKKIQDIVRRRQLLTVFREGKDGQQDVDVAILQALLKASRSQDHFGHENWDHQLKLAVAWNRVDIARSEIFMDEWQWK
PSDLHPTMTAALISNKPEFVKLFLENGVQLKEFVTWDTLLYLYENLDPSCLFHSKLQKVLVEDPERPACAPAAPRLQMHH
VAQVLRELLGDFTQPLYPRPRHNDRLRLLLPVPHVKLNVQGVSLRSLYKRSSGHVTFTMDPIRDLLIWAIVQNRRELAGI
IWAQSQDCIAAALACSKILKELSKEEEDTDSSEEMLALAEEYEHRAIGVFTECYRKDEERAQKLLTRVSEAWGKTTCLQL
ALEAKDMKFVSHGGIQAFLTKVWWGQLSVDNGLWRVTLCMLAFPLLLTGLISFREKRLQDVGTPAARARAFFTAPVVVFH
LNILSYFAFLCLFAYVLMVDFQPVPSWCECAIYLWLFSLVCEEMRQLFYDPDECGLMKKAALYFSDFWNKLDVGAILLFV
AGLTCRLIPATLYPGRVILSLDFILFCLRLMHIFTISKTLGPKIIIVKRMMKDVFFFLFLLAVWVVSFGVAKQAILIHNE
RRVDWLFRGAVYHSYLTIFGQIPGYIDGVNFNPEHCSPNGTDPYKPKCPESDATQQRPAFPEWLTVLLLCLYLLFTNILL
LNLLIAMFNYTFQQVQEHTDQIWKFQRHDLIEEYHGRPAAPPPFILLSHLQLFIKRVVLKTPAKRHKQLKNKLEKNEEAA
LLSWEIYLKENYLQNRQFQQKQRPEQKIEDISNKVDAMVDLLDLDPLKRSGSMEQRLASLEEQVAQTAQALHWIVRTLRA
SGFSSEADVPTLASQKAAEEPDAEPGGRKKTEEPGDSYHVNARHLLYPNCPVTRFPVPNEKVPWETEFLIYDPPFYTAER
KDAAAMDPMGDTLEPLSTIQYNVVDGLRDRRSFHGPYTVQAGLPLNPMGRTGLRGRGSLSCFGPNHTLYPMVTRWRRNED
GAICRKSIKKMLEVLVVKLPLSEHWALPGGSREPGEMLPRKLKRILRQEHWPSFENLLKCGMEVYKGYMDDPRNTDNAWI
ETVAVSVHFQDQNDVELNRLNSNLHACDSGASIRWQVVDRRIPLYANHKTLLQKAAAEFGAHY
;
_entity_poly.pdbx_strand_id   A,B,C,D
#
loop_
_chem_comp.id
_chem_comp.type
_chem_comp.name
_chem_comp.formula
UOO non-polymer '(3R,4R,5R)-5-(6-amino-8-bromo-9H-purin-9-yl)-3,4,5-trihydroxypentyl [(2S,3S,4S,5R)-3,4,5-trihydroxyoxolan-2-yl]methyl dihydrogen diphosphate (non-preferred name)' 'C15 H24 Br N5 O14 P2'
#
# COMPACT_ATOMS: atom_id res chain seq x y z
N GLN A 56 -47.57 -20.54 18.03
CA GLN A 56 -47.60 -21.92 18.50
C GLN A 56 -48.98 -22.28 19.04
N GLU A 57 -49.79 -21.26 19.31
CA GLU A 57 -51.15 -21.45 19.80
C GLU A 57 -52.18 -21.49 18.69
N SER A 58 -52.08 -20.60 17.71
CA SER A 58 -52.96 -20.59 16.55
C SER A 58 -52.40 -21.41 15.39
N LEU A 59 -51.22 -22.01 15.56
CA LEU A 59 -50.62 -22.83 14.53
C LEU A 59 -51.06 -24.28 14.68
N SER A 60 -51.05 -24.80 15.91
CA SER A 60 -51.43 -26.18 16.17
C SER A 60 -52.91 -26.41 15.85
N SER A 61 -53.68 -25.33 15.76
CA SER A 61 -55.09 -25.43 15.40
C SER A 61 -55.25 -25.49 13.89
N TRP A 62 -54.53 -24.62 13.18
CA TRP A 62 -54.62 -24.57 11.72
C TRP A 62 -53.66 -25.57 11.08
N ILE A 63 -53.86 -26.85 11.34
CA ILE A 63 -53.14 -27.92 10.65
C ILE A 63 -54.05 -29.14 10.46
N PRO A 64 -54.52 -29.80 11.52
CA PRO A 64 -55.14 -31.11 11.33
C PRO A 64 -56.56 -31.09 10.77
N GLU A 65 -57.37 -30.08 11.08
CA GLU A 65 -58.75 -30.10 10.61
C GLU A 65 -58.93 -29.47 9.24
N ASN A 66 -57.86 -29.08 8.56
CA ASN A 66 -57.91 -28.77 7.12
C ASN A 66 -56.96 -29.66 6.33
N ILE A 67 -55.74 -29.92 6.84
CA ILE A 67 -54.84 -30.83 6.15
C ILE A 67 -55.08 -32.26 6.63
N LYS A 68 -55.03 -33.20 5.68
CA LYS A 68 -55.38 -34.59 5.96
C LYS A 68 -54.40 -35.51 5.25
N LYS A 69 -54.29 -36.73 5.78
CA LYS A 69 -53.31 -37.70 5.32
C LYS A 69 -54.00 -38.92 4.71
N LYS A 70 -53.38 -39.51 3.70
CA LYS A 70 -53.93 -40.72 3.09
C LYS A 70 -53.58 -41.96 3.93
N GLU A 71 -54.47 -42.94 3.90
CA GLU A 71 -54.25 -44.22 4.56
C GLU A 71 -54.97 -45.31 3.77
N CYS A 72 -54.50 -46.55 3.93
CA CYS A 72 -55.07 -47.70 3.25
C CYS A 72 -55.98 -48.43 4.23
N VAL A 73 -57.30 -48.21 4.08
CA VAL A 73 -58.23 -48.81 5.02
C VAL A 73 -58.35 -50.31 4.80
N TYR A 74 -58.40 -50.76 3.55
CA TYR A 74 -58.70 -52.15 3.28
C TYR A 74 -57.51 -53.04 3.64
N PHE A 75 -57.77 -54.34 3.78
CA PHE A 75 -56.84 -55.27 4.40
C PHE A 75 -56.31 -56.33 3.45
N VAL A 76 -55.89 -55.94 2.24
CA VAL A 76 -55.29 -56.90 1.32
C VAL A 76 -54.06 -57.53 1.96
N GLU A 77 -53.96 -58.86 1.82
CA GLU A 77 -52.81 -59.60 2.35
C GLU A 77 -51.60 -59.38 1.46
N SER A 78 -50.52 -60.09 1.73
CA SER A 78 -49.26 -59.89 1.02
C SER A 78 -49.24 -60.74 -0.24
N SER A 79 -49.39 -60.10 -1.40
CA SER A 79 -49.18 -60.81 -2.66
C SER A 79 -47.70 -61.15 -2.85
N LYS A 80 -46.81 -60.24 -2.46
CA LYS A 80 -45.38 -60.44 -2.54
C LYS A 80 -44.76 -60.14 -1.18
N LEU A 81 -44.04 -61.11 -0.62
CA LEU A 81 -43.32 -60.95 0.63
C LEU A 81 -41.84 -60.76 0.34
N SER A 82 -41.27 -59.66 0.82
CA SER A 82 -39.90 -59.29 0.50
C SER A 82 -39.12 -58.99 1.77
N ASP A 83 -37.86 -59.42 1.77
CA ASP A 83 -36.90 -59.11 2.84
C ASP A 83 -37.41 -59.59 4.20
N ALA A 84 -37.75 -60.89 4.27
CA ALA A 84 -38.19 -61.55 5.49
C ALA A 84 -39.38 -60.88 6.14
N GLY A 85 -40.25 -60.26 5.35
CA GLY A 85 -41.41 -59.58 5.89
C GLY A 85 -42.71 -60.01 5.26
N LYS A 86 -43.68 -60.39 6.11
CA LYS A 86 -45.03 -60.71 5.66
C LYS A 86 -46.01 -59.57 5.92
N VAL A 87 -45.64 -58.60 6.76
CA VAL A 87 -46.51 -57.46 7.02
C VAL A 87 -46.61 -56.58 5.79
N VAL A 88 -45.58 -56.58 4.95
CA VAL A 88 -45.60 -55.79 3.72
C VAL A 88 -46.65 -56.35 2.78
N CYS A 89 -47.65 -55.55 2.47
CA CYS A 89 -48.77 -55.95 1.62
C CYS A 89 -49.06 -54.85 0.62
N GLN A 90 -48.64 -55.07 -0.62
CA GLN A 90 -48.85 -54.10 -1.69
C GLN A 90 -48.28 -52.73 -1.31
N CYS A 91 -49.06 -51.93 -0.59
CA CYS A 91 -48.60 -50.59 -0.21
C CYS A 91 -47.34 -50.66 0.65
N GLY A 92 -47.36 -51.45 1.71
CA GLY A 92 -46.14 -51.83 2.39
C GLY A 92 -45.95 -51.42 3.84
N TYR A 93 -46.99 -50.92 4.53
CA TYR A 93 -46.83 -50.74 5.97
C TYR A 93 -46.94 -52.05 6.72
N THR A 94 -46.86 -51.95 8.06
CA THR A 94 -46.78 -53.11 8.93
C THR A 94 -48.14 -53.78 9.07
N HIS A 95 -48.18 -54.74 10.00
CA HIS A 95 -49.37 -55.51 10.37
C HIS A 95 -49.73 -56.49 9.27
N GLU A 96 -50.54 -57.50 9.59
CA GLU A 96 -50.89 -58.52 8.61
C GLU A 96 -51.66 -57.92 7.45
N GLN A 97 -52.43 -56.87 7.70
CA GLN A 97 -53.19 -56.20 6.65
C GLN A 97 -52.28 -55.29 5.84
N HIS A 98 -52.87 -54.54 4.91
CA HIS A 98 -52.10 -53.58 4.13
C HIS A 98 -51.54 -52.49 5.01
N LEU A 99 -52.33 -52.00 5.96
CA LEU A 99 -51.91 -50.97 6.90
C LEU A 99 -51.97 -51.52 8.32
N GLU A 100 -51.76 -50.64 9.30
CA GLU A 100 -51.79 -51.00 10.71
C GLU A 100 -53.11 -50.63 11.36
N GLU A 101 -54.14 -50.33 10.58
CA GLU A 101 -55.44 -49.96 11.12
C GLU A 101 -56.16 -51.20 11.64
N ALA A 102 -57.42 -51.01 12.03
CA ALA A 102 -58.21 -52.11 12.58
C ALA A 102 -58.37 -53.22 11.56
N THR A 103 -58.15 -54.45 12.00
CA THR A 103 -58.27 -55.64 11.15
C THR A 103 -59.75 -55.99 11.05
N LYS A 104 -60.43 -55.40 10.06
CA LYS A 104 -61.86 -55.54 9.88
C LYS A 104 -62.17 -55.85 8.42
N PRO A 105 -63.36 -56.36 8.11
CA PRO A 105 -63.70 -56.58 6.69
C PRO A 105 -63.66 -55.31 5.86
N HIS A 106 -63.80 -54.14 6.50
CA HIS A 106 -63.69 -52.84 5.84
C HIS A 106 -64.73 -52.71 4.73
N THR A 107 -66.01 -52.68 5.13
CA THR A 107 -67.16 -52.63 4.24
C THR A 107 -67.17 -53.87 3.35
N PHE A 108 -67.70 -53.74 2.13
CA PHE A 108 -67.75 -54.86 1.20
C PHE A 108 -66.35 -55.38 0.92
N GLN A 109 -66.19 -56.71 1.00
CA GLN A 109 -64.88 -57.34 0.85
C GLN A 109 -64.60 -57.57 -0.64
N GLY A 110 -64.52 -56.46 -1.37
CA GLY A 110 -64.16 -56.53 -2.78
C GLY A 110 -62.72 -56.95 -2.93
N THR A 111 -62.47 -57.90 -3.85
CA THR A 111 -61.12 -58.38 -4.07
C THR A 111 -60.23 -57.27 -4.61
N GLN A 112 -59.00 -57.22 -4.12
CA GLN A 112 -57.94 -56.26 -4.48
C GLN A 112 -58.36 -54.83 -4.22
N TRP A 113 -57.41 -53.89 -4.33
CA TRP A 113 -57.65 -52.50 -3.98
C TRP A 113 -57.27 -51.59 -5.13
N ASP A 114 -57.87 -50.41 -5.13
CA ASP A 114 -57.72 -49.39 -6.16
C ASP A 114 -57.25 -48.11 -5.51
N PRO A 115 -56.16 -47.51 -6.02
CA PRO A 115 -55.71 -46.21 -5.46
C PRO A 115 -56.71 -45.09 -5.77
N LYS A 116 -57.84 -45.17 -5.09
CA LYS A 116 -59.01 -44.32 -5.27
C LYS A 116 -60.15 -44.91 -4.46
N LYS A 117 -60.48 -46.17 -4.73
CA LYS A 117 -61.53 -46.85 -3.96
C LYS A 117 -61.06 -47.14 -2.54
N HIS A 118 -59.80 -47.55 -2.37
CA HIS A 118 -59.31 -48.00 -1.07
C HIS A 118 -58.15 -47.16 -0.55
N VAL A 119 -58.13 -45.87 -0.88
CA VAL A 119 -57.26 -44.90 -0.21
C VAL A 119 -58.15 -43.87 0.46
N GLN A 120 -57.94 -43.66 1.76
CA GLN A 120 -58.81 -42.82 2.57
C GLN A 120 -58.01 -41.68 3.17
N GLU A 121 -58.62 -40.50 3.23
CA GLU A 121 -57.96 -39.29 3.68
C GLU A 121 -58.49 -38.92 5.06
N MET A 122 -57.59 -38.87 6.05
CA MET A 122 -57.97 -38.52 7.41
C MET A 122 -56.99 -37.49 7.94
N PRO A 123 -57.38 -36.71 8.96
CA PRO A 123 -56.56 -35.57 9.37
C PRO A 123 -55.13 -35.95 9.76
N THR A 124 -54.20 -35.08 9.40
CA THR A 124 -52.78 -35.30 9.68
C THR A 124 -52.51 -35.23 11.18
N ASP A 125 -51.63 -36.12 11.66
CA ASP A 125 -51.31 -36.21 13.08
C ASP A 125 -49.85 -35.87 13.39
N ALA A 126 -49.03 -35.62 12.37
CA ALA A 126 -47.59 -35.41 12.56
C ALA A 126 -47.22 -34.01 12.10
N PHE A 127 -46.68 -33.21 13.02
CA PHE A 127 -46.20 -31.86 12.71
C PHE A 127 -45.41 -31.35 13.91
N GLY A 128 -44.61 -30.31 13.67
CA GLY A 128 -43.86 -29.70 14.75
C GLY A 128 -42.55 -29.03 14.36
N ASP A 129 -41.56 -29.13 15.25
CA ASP A 129 -40.25 -28.50 15.06
C ASP A 129 -39.19 -29.57 15.23
N ILE A 130 -38.65 -30.06 14.11
CA ILE A 130 -37.69 -31.15 14.17
C ILE A 130 -36.33 -30.63 14.61
N VAL A 131 -35.68 -31.37 15.51
CA VAL A 131 -34.32 -31.08 15.95
C VAL A 131 -33.48 -32.32 15.68
N PHE A 132 -32.39 -32.15 14.91
CA PHE A 132 -31.57 -33.28 14.47
C PHE A 132 -30.46 -33.54 15.48
N THR A 133 -30.87 -34.01 16.65
CA THR A 133 -29.99 -34.42 17.76
C THR A 133 -28.92 -33.36 17.98
N GLY A 134 -27.67 -33.73 18.22
CA GLY A 134 -26.61 -32.77 18.45
C GLY A 134 -26.08 -32.08 17.23
N LEU A 135 -26.56 -32.43 16.03
CA LEU A 135 -26.13 -31.79 14.80
C LEU A 135 -26.88 -30.47 14.66
N SER A 136 -26.38 -29.46 15.38
CA SER A 136 -26.85 -28.08 15.36
C SER A 136 -28.18 -27.94 16.10
N GLN A 137 -28.35 -26.81 16.82
CA GLN A 137 -29.58 -26.51 17.53
C GLN A 137 -30.24 -25.32 16.83
N LYS A 138 -31.13 -25.61 15.87
CA LYS A 138 -31.75 -24.59 15.05
C LYS A 138 -33.28 -24.65 15.03
N VAL A 139 -33.88 -25.79 15.38
CA VAL A 139 -35.32 -26.07 15.36
C VAL A 139 -35.93 -25.68 14.01
N LYS A 140 -36.24 -26.70 13.21
CA LYS A 140 -36.72 -26.51 11.84
C LYS A 140 -38.12 -27.07 11.70
N LYS A 141 -39.00 -26.31 11.05
CA LYS A 141 -40.40 -26.68 10.94
C LYS A 141 -40.58 -27.84 9.98
N TYR A 142 -41.65 -28.61 10.18
CA TYR A 142 -42.01 -29.68 9.26
C TYR A 142 -43.51 -29.91 9.33
N VAL A 143 -44.11 -30.24 8.18
CA VAL A 143 -45.51 -30.61 8.10
C VAL A 143 -45.63 -31.83 7.20
N ARG A 144 -46.77 -32.51 7.30
CA ARG A 144 -47.01 -33.78 6.62
C ARG A 144 -48.32 -33.69 5.85
N VAL A 145 -48.25 -33.82 4.53
CA VAL A 145 -49.39 -33.60 3.65
C VAL A 145 -49.60 -34.80 2.75
N SER A 146 -50.58 -34.69 1.85
CA SER A 146 -50.95 -35.76 0.94
C SER A 146 -51.04 -35.26 -0.49
N GLN A 147 -51.60 -36.13 -1.35
CA GLN A 147 -51.77 -35.78 -2.76
C GLN A 147 -52.68 -34.57 -2.94
N ASP A 148 -53.90 -34.65 -2.40
CA ASP A 148 -54.95 -33.67 -2.69
C ASP A 148 -54.99 -32.63 -1.59
N THR A 149 -54.09 -31.65 -1.67
CA THR A 149 -54.15 -30.45 -0.85
C THR A 149 -53.92 -29.32 -1.86
N PRO A 150 -54.84 -28.37 -1.97
CA PRO A 150 -54.63 -27.28 -2.93
C PRO A 150 -53.44 -26.44 -2.52
N SER A 151 -52.71 -25.93 -3.52
CA SER A 151 -51.50 -25.17 -3.24
C SER A 151 -51.80 -23.91 -2.44
N SER A 152 -53.05 -23.45 -2.45
CA SER A 152 -53.42 -22.28 -1.65
C SER A 152 -53.23 -22.55 -0.17
N VAL A 153 -53.60 -23.75 0.29
CA VAL A 153 -53.45 -24.08 1.70
C VAL A 153 -51.99 -24.05 2.11
N ILE A 154 -51.11 -24.68 1.31
CA ILE A 154 -49.70 -24.71 1.65
C ILE A 154 -49.09 -23.32 1.58
N TYR A 155 -49.50 -22.52 0.59
CA TYR A 155 -48.98 -21.16 0.49
C TYR A 155 -49.39 -20.33 1.69
N HIS A 156 -50.66 -20.44 2.10
CA HIS A 156 -51.13 -19.70 3.27
C HIS A 156 -50.37 -20.13 4.52
N LEU A 157 -50.22 -21.43 4.73
CA LEU A 157 -49.46 -21.91 5.88
C LEU A 157 -48.04 -21.37 5.86
N MET A 158 -47.35 -21.52 4.72
CA MET A 158 -45.92 -21.20 4.64
C MET A 158 -45.67 -19.70 4.74
N THR A 159 -46.62 -18.88 4.26
CA THR A 159 -46.44 -17.44 4.33
C THR A 159 -46.81 -16.89 5.69
N GLN A 160 -47.98 -17.27 6.21
CA GLN A 160 -48.50 -16.67 7.44
C GLN A 160 -48.04 -17.43 8.68
N HIS A 161 -48.36 -18.72 8.77
CA HIS A 161 -48.16 -19.46 10.02
C HIS A 161 -46.68 -19.75 10.24
N TRP A 162 -45.97 -20.17 9.19
CA TRP A 162 -44.57 -20.53 9.36
C TRP A 162 -43.70 -19.28 9.53
N GLY A 163 -44.13 -18.15 9.00
CA GLY A 163 -43.42 -16.90 9.16
C GLY A 163 -42.52 -16.49 8.02
N LEU A 164 -42.49 -17.24 6.92
CA LEU A 164 -41.67 -16.87 5.78
C LEU A 164 -42.27 -15.65 5.07
N ASP A 165 -41.41 -14.95 4.34
CA ASP A 165 -41.80 -13.77 3.59
C ASP A 165 -41.89 -14.11 2.10
N VAL A 166 -42.77 -13.41 1.40
CA VAL A 166 -42.94 -13.68 -0.04
C VAL A 166 -41.64 -13.35 -0.76
N PRO A 167 -41.08 -14.25 -1.56
CA PRO A 167 -39.79 -14.00 -2.18
C PRO A 167 -39.90 -13.19 -3.45
N ASN A 168 -38.79 -12.55 -3.81
CA ASN A 168 -38.66 -11.87 -5.09
C ASN A 168 -38.21 -12.82 -6.20
N LEU A 169 -37.87 -14.07 -5.86
CA LEU A 169 -37.44 -15.05 -6.84
C LEU A 169 -37.64 -16.43 -6.24
N LEU A 170 -37.98 -17.39 -7.09
CA LEU A 170 -38.11 -18.78 -6.70
C LEU A 170 -37.10 -19.61 -7.48
N ILE A 171 -35.96 -19.90 -6.86
CA ILE A 171 -34.94 -20.72 -7.48
C ILE A 171 -35.21 -22.17 -7.08
N SER A 172 -35.24 -23.05 -8.08
CA SER A 172 -35.61 -24.44 -7.87
C SER A 172 -34.40 -25.32 -8.15
N VAL A 173 -34.15 -26.27 -7.25
CA VAL A 173 -33.01 -27.17 -7.35
C VAL A 173 -33.54 -28.59 -7.53
N THR A 174 -33.44 -29.10 -8.74
CA THR A 174 -33.86 -30.47 -9.05
C THR A 174 -32.70 -31.19 -9.73
N GLY A 175 -32.42 -32.41 -9.27
CA GLY A 175 -31.26 -33.14 -9.78
C GLY A 175 -31.38 -34.61 -9.49
N GLY A 176 -30.44 -35.37 -10.04
CA GLY A 176 -30.42 -36.80 -9.82
C GLY A 176 -30.08 -37.14 -8.38
N ALA A 177 -30.37 -38.36 -7.98
CA ALA A 177 -30.16 -38.81 -6.60
C ALA A 177 -29.04 -39.83 -6.46
N LYS A 178 -28.42 -40.23 -7.56
CA LYS A 178 -27.22 -41.08 -7.51
C LYS A 178 -26.06 -40.20 -7.07
N ASN A 179 -25.37 -40.61 -6.00
CA ASN A 179 -24.34 -39.76 -5.43
C ASN A 179 -23.21 -39.50 -6.43
N PHE A 180 -22.77 -38.25 -6.50
CA PHE A 180 -21.78 -37.86 -7.49
C PHE A 180 -20.74 -36.95 -6.86
N ASN A 181 -19.56 -36.97 -7.44
CA ASN A 181 -18.43 -36.23 -6.91
C ASN A 181 -17.83 -35.40 -8.04
N MET A 182 -17.59 -34.12 -7.75
CA MET A 182 -17.29 -33.14 -8.79
C MET A 182 -16.09 -32.29 -8.41
N LYS A 183 -15.45 -31.72 -9.43
CA LYS A 183 -14.15 -31.08 -9.30
C LYS A 183 -14.22 -29.86 -8.39
N PRO A 184 -13.14 -29.55 -7.67
CA PRO A 184 -13.17 -28.43 -6.72
C PRO A 184 -13.47 -27.08 -7.36
N ARG A 185 -13.01 -26.82 -8.58
CA ARG A 185 -13.26 -25.51 -9.19
C ARG A 185 -14.76 -25.30 -9.38
N LEU A 186 -15.40 -26.21 -10.12
CA LEU A 186 -16.84 -26.11 -10.35
C LEU A 186 -17.61 -26.18 -9.04
N LYS A 187 -17.06 -26.92 -8.07
CA LYS A 187 -17.71 -27.06 -6.77
C LYS A 187 -17.78 -25.71 -6.03
N SER A 188 -16.64 -25.02 -5.93
CA SER A 188 -16.63 -23.70 -5.32
C SER A 188 -17.46 -22.70 -6.11
N ILE A 189 -17.40 -22.77 -7.45
CA ILE A 189 -18.19 -21.87 -8.27
C ILE A 189 -19.68 -22.06 -7.99
N PHE A 190 -20.15 -23.30 -7.98
CA PHE A 190 -21.56 -23.56 -7.72
C PHE A 190 -21.96 -23.09 -6.33
N ARG A 191 -21.16 -23.41 -5.31
CA ARG A 191 -21.52 -23.00 -3.96
C ARG A 191 -21.62 -21.48 -3.85
N ARG A 192 -20.57 -20.77 -4.28
CA ARG A 192 -20.56 -19.31 -4.14
C ARG A 192 -21.69 -18.69 -4.95
N GLY A 193 -21.90 -19.16 -6.18
CA GLY A 193 -22.95 -18.59 -7.00
C GLY A 193 -24.33 -18.79 -6.42
N LEU A 194 -24.63 -20.02 -6.00
CA LEU A 194 -25.95 -20.29 -5.42
C LEU A 194 -26.18 -19.47 -4.17
N VAL A 195 -25.18 -19.42 -3.28
CA VAL A 195 -25.38 -18.70 -2.03
C VAL A 195 -25.55 -17.21 -2.28
N LYS A 196 -24.76 -16.64 -3.19
CA LYS A 196 -24.86 -15.21 -3.44
C LYS A 196 -26.20 -14.86 -4.09
N VAL A 197 -26.60 -15.60 -5.12
CA VAL A 197 -27.86 -15.31 -5.79
C VAL A 197 -29.06 -15.55 -4.90
N ALA A 198 -28.98 -16.47 -3.94
CA ALA A 198 -30.10 -16.77 -3.07
C ALA A 198 -30.07 -15.94 -1.79
N GLN A 199 -28.99 -15.22 -1.53
CA GLN A 199 -28.93 -14.39 -0.32
C GLN A 199 -29.15 -12.91 -0.65
N THR A 200 -28.64 -12.46 -1.80
CA THR A 200 -28.77 -11.05 -2.14
C THR A 200 -30.15 -10.68 -2.65
N THR A 201 -30.99 -11.66 -2.96
CA THR A 201 -32.34 -11.41 -3.46
C THR A 201 -33.43 -11.92 -2.52
N GLY A 202 -33.07 -12.66 -1.47
CA GLY A 202 -34.07 -13.20 -0.57
C GLY A 202 -34.99 -14.20 -1.23
N ALA A 203 -34.42 -15.14 -1.98
CA ALA A 203 -35.17 -16.09 -2.77
C ALA A 203 -35.33 -17.42 -2.03
N TRP A 204 -36.40 -18.12 -2.36
CA TRP A 204 -36.63 -19.46 -1.84
C TRP A 204 -35.88 -20.47 -2.69
N ILE A 205 -35.38 -21.52 -2.04
CA ILE A 205 -34.48 -22.49 -2.68
C ILE A 205 -35.12 -23.87 -2.64
N ILE A 206 -36.44 -23.91 -2.83
CA ILE A 206 -37.22 -25.16 -2.80
C ILE A 206 -36.51 -26.27 -3.56
N THR A 207 -36.38 -27.42 -2.91
CA THR A 207 -35.67 -28.56 -3.47
C THR A 207 -36.10 -29.81 -2.71
N GLY A 208 -35.39 -30.91 -2.96
CA GLY A 208 -35.67 -32.14 -2.24
C GLY A 208 -35.10 -32.13 -0.84
N GLY A 209 -35.61 -33.02 -0.01
CA GLY A 209 -35.18 -33.16 1.36
C GLY A 209 -34.24 -34.30 1.64
N SER A 210 -33.80 -35.02 0.62
CA SER A 210 -32.94 -36.18 0.86
C SER A 210 -31.54 -35.74 1.26
N HIS A 211 -30.73 -36.73 1.62
CA HIS A 211 -29.33 -36.50 1.97
C HIS A 211 -28.37 -37.17 1.00
N THR A 212 -28.68 -37.14 -0.30
CA THR A 212 -27.83 -37.75 -1.31
C THR A 212 -28.06 -37.08 -2.65
N GLY A 213 -27.02 -36.45 -3.18
CA GLY A 213 -27.10 -35.85 -4.52
C GLY A 213 -27.04 -34.34 -4.55
N VAL A 214 -27.74 -33.74 -5.52
CA VAL A 214 -27.75 -32.29 -5.68
C VAL A 214 -28.30 -31.57 -4.47
N MET A 215 -29.36 -32.11 -3.88
CA MET A 215 -29.93 -31.54 -2.67
C MET A 215 -28.99 -31.68 -1.48
N LYS A 216 -28.23 -32.77 -1.41
CA LYS A 216 -27.15 -32.81 -0.45
C LYS A 216 -26.12 -31.71 -0.70
N GLN A 217 -25.80 -31.45 -1.98
CA GLN A 217 -24.89 -30.35 -2.32
C GLN A 217 -25.42 -28.99 -1.88
N VAL A 218 -26.72 -28.74 -2.06
CA VAL A 218 -27.25 -27.44 -1.64
C VAL A 218 -27.35 -27.33 -0.12
N GLY A 219 -27.61 -28.43 0.59
CA GLY A 219 -27.48 -28.41 2.03
C GLY A 219 -26.05 -28.07 2.42
N GLU A 220 -25.11 -28.62 1.66
CA GLU A 220 -23.70 -28.35 1.87
C GLU A 220 -23.38 -26.87 1.68
N ALA A 221 -23.97 -26.27 0.67
CA ALA A 221 -23.74 -24.85 0.40
C ALA A 221 -24.37 -23.97 1.46
N VAL A 222 -25.55 -24.35 1.96
CA VAL A 222 -26.17 -23.61 3.05
C VAL A 222 -25.31 -23.69 4.31
N ARG A 223 -24.75 -24.87 4.60
CA ARG A 223 -23.78 -25.00 5.67
C ARG A 223 -22.56 -24.09 5.44
N ASP A 224 -22.08 -24.03 4.20
CA ASP A 224 -20.95 -23.17 3.89
C ASP A 224 -21.28 -21.71 4.15
N PHE A 225 -22.50 -21.28 3.81
CA PHE A 225 -22.93 -19.94 4.15
C PHE A 225 -22.96 -19.72 5.66
N SER A 226 -23.57 -20.64 6.41
CA SER A 226 -23.63 -20.52 7.86
C SER A 226 -22.25 -20.53 8.51
N LEU A 227 -21.24 -21.07 7.82
CA LEU A 227 -19.86 -21.02 8.30
C LEU A 227 -19.41 -19.59 8.59
N SER A 228 -19.68 -18.65 7.69
CA SER A 228 -19.35 -17.26 7.91
C SER A 228 -20.54 -16.51 8.51
N SER A 229 -21.67 -16.46 7.80
CA SER A 229 -22.90 -15.82 8.28
C SER A 229 -22.63 -14.41 8.77
N SER A 230 -22.19 -13.55 7.83
CA SER A 230 -21.82 -12.19 8.18
C SER A 230 -22.99 -11.41 8.78
N TYR A 231 -24.21 -11.70 8.33
CA TYR A 231 -25.42 -11.10 8.90
C TYR A 231 -26.61 -11.90 8.40
N LYS A 232 -27.64 -11.97 9.26
CA LYS A 232 -28.87 -12.72 8.96
C LYS A 232 -28.54 -14.17 8.60
N GLU A 233 -28.01 -14.90 9.58
CA GLU A 233 -27.60 -16.29 9.34
C GLU A 233 -28.79 -17.15 8.93
N GLY A 234 -29.92 -17.00 9.62
CA GLY A 234 -31.10 -17.76 9.30
C GLY A 234 -31.97 -17.10 8.24
N GLU A 235 -31.35 -16.70 7.13
CA GLU A 235 -32.06 -16.06 6.03
C GLU A 235 -32.08 -16.89 4.76
N LEU A 236 -31.22 -17.91 4.65
CA LEU A 236 -31.22 -18.80 3.50
C LEU A 236 -32.22 -19.93 3.74
N ILE A 237 -33.50 -19.56 3.75
CA ILE A 237 -34.56 -20.53 3.99
C ILE A 237 -34.71 -21.43 2.77
N THR A 238 -34.64 -22.74 3.01
CA THR A 238 -34.64 -23.75 1.94
C THR A 238 -35.71 -24.79 2.28
N ILE A 239 -36.91 -24.59 1.77
CA ILE A 239 -37.97 -25.57 2.00
C ILE A 239 -37.65 -26.84 1.23
N GLY A 240 -37.85 -27.99 1.88
CA GLY A 240 -37.56 -29.26 1.25
C GLY A 240 -38.80 -30.10 1.01
N VAL A 241 -38.84 -30.78 -0.14
CA VAL A 241 -39.97 -31.61 -0.53
C VAL A 241 -39.48 -33.04 -0.68
N ALA A 242 -40.13 -33.97 0.04
CA ALA A 242 -39.76 -35.38 -0.03
C ALA A 242 -40.96 -36.21 0.38
N THR A 243 -40.90 -37.50 0.03
CA THR A 243 -41.96 -38.44 0.38
C THR A 243 -41.84 -38.84 1.84
N TRP A 244 -42.94 -38.72 2.59
CA TRP A 244 -42.94 -39.19 3.97
C TRP A 244 -42.81 -40.70 4.07
N GLY A 245 -43.37 -41.46 3.14
CA GLY A 245 -43.33 -42.89 3.21
C GLY A 245 -41.96 -43.51 3.15
N THR A 246 -40.95 -42.74 2.74
CA THR A 246 -39.57 -43.21 2.68
C THR A 246 -38.70 -42.27 3.51
N VAL A 247 -38.69 -42.53 4.83
CA VAL A 247 -37.83 -41.81 5.76
C VAL A 247 -37.33 -42.83 6.76
N HIS A 248 -36.08 -42.66 7.20
CA HIS A 248 -35.45 -43.69 8.03
C HIS A 248 -36.05 -43.73 9.42
N ARG A 249 -35.86 -42.66 10.20
CA ARG A 249 -36.38 -42.59 11.57
C ARG A 249 -37.66 -41.76 11.63
N ARG A 250 -38.67 -42.19 10.87
CA ARG A 250 -39.92 -41.44 10.85
C ARG A 250 -40.90 -41.86 11.94
N GLU A 251 -40.68 -42.99 12.60
CA GLU A 251 -41.59 -43.41 13.66
C GLU A 251 -41.40 -42.61 14.94
N GLY A 252 -40.32 -41.84 15.05
CA GLY A 252 -40.11 -40.98 16.19
C GLY A 252 -40.70 -39.60 15.96
N LEU A 253 -41.47 -39.46 14.88
CA LEU A 253 -42.13 -38.20 14.56
C LEU A 253 -43.65 -38.28 14.58
N ILE A 254 -44.25 -39.48 14.65
CA ILE A 254 -45.70 -39.60 14.67
C ILE A 254 -46.20 -39.38 16.09
N HIS A 255 -46.56 -38.14 16.40
CA HIS A 255 -47.09 -37.78 17.72
C HIS A 255 -48.27 -36.85 17.49
N PRO A 256 -49.49 -37.23 17.88
CA PRO A 256 -50.65 -36.41 17.57
C PRO A 256 -50.68 -35.13 18.40
N THR A 257 -51.59 -34.23 18.02
CA THR A 257 -51.84 -32.92 18.66
C THR A 257 -50.55 -32.27 19.15
N GLY A 258 -49.54 -32.23 18.27
CA GLY A 258 -48.31 -31.51 18.56
C GLY A 258 -47.11 -32.37 18.89
N SER A 259 -46.24 -32.57 17.89
CA SER A 259 -44.93 -33.19 18.13
C SER A 259 -43.89 -32.07 18.14
N PHE A 260 -43.93 -31.28 19.21
CA PHE A 260 -42.98 -30.20 19.39
C PHE A 260 -41.63 -30.75 19.79
N PRO A 261 -40.51 -30.05 19.43
CA PRO A 261 -39.19 -30.68 19.39
C PRO A 261 -39.13 -32.20 19.44
N ALA A 262 -39.52 -32.84 18.34
CA ALA A 262 -39.41 -34.29 18.20
C ALA A 262 -38.03 -34.60 17.63
N GLU A 263 -37.15 -35.13 18.46
CA GLU A 263 -35.77 -35.38 18.05
C GLU A 263 -35.72 -36.45 16.96
N TYR A 264 -34.79 -36.26 16.04
CA TYR A 264 -34.60 -37.17 14.91
C TYR A 264 -33.14 -37.61 14.86
N ILE A 265 -32.92 -38.86 14.49
CA ILE A 265 -31.59 -39.44 14.40
C ILE A 265 -31.35 -39.87 12.96
N LEU A 266 -30.25 -39.41 12.36
CA LEU A 266 -29.87 -39.79 11.01
C LEU A 266 -28.71 -40.77 11.07
N ASP A 267 -28.82 -41.84 10.29
CA ASP A 267 -27.79 -42.88 10.25
C ASP A 267 -27.71 -43.42 8.84
N GLU A 268 -26.62 -43.10 8.14
CA GLU A 268 -26.41 -43.57 6.77
C GLU A 268 -25.82 -44.98 6.79
N ASP A 269 -26.01 -45.68 5.68
CA ASP A 269 -25.59 -47.08 5.53
C ASP A 269 -26.22 -47.96 6.61
N GLY A 270 -27.49 -47.67 6.90
CA GLY A 270 -28.27 -48.46 7.83
C GLY A 270 -29.67 -48.66 7.32
N GLN A 271 -29.92 -48.20 6.09
CA GLN A 271 -31.23 -48.27 5.46
C GLN A 271 -31.24 -49.32 4.35
N GLY A 272 -32.36 -49.42 3.65
CA GLY A 272 -32.43 -50.21 2.44
C GLY A 272 -32.34 -49.31 1.23
N ASN A 273 -33.43 -49.24 0.46
CA ASN A 273 -33.55 -48.26 -0.61
C ASN A 273 -34.14 -46.95 -0.13
N LEU A 274 -34.62 -46.90 1.10
CA LEU A 274 -35.25 -45.70 1.62
C LEU A 274 -34.20 -44.63 1.89
N THR A 275 -34.67 -43.46 2.26
CA THR A 275 -33.88 -42.23 2.28
C THR A 275 -33.90 -41.62 3.68
N CYS A 276 -32.82 -40.89 4.00
CA CYS A 276 -32.71 -40.14 5.23
C CYS A 276 -32.92 -38.65 4.97
N LEU A 277 -33.27 -37.93 6.03
CA LEU A 277 -33.47 -36.50 5.96
C LEU A 277 -32.14 -35.77 5.96
N ASP A 278 -32.16 -34.51 5.53
CA ASP A 278 -30.99 -33.65 5.55
C ASP A 278 -30.96 -32.88 6.87
N SER A 279 -29.90 -32.13 7.11
CA SER A 279 -29.74 -31.43 8.39
C SER A 279 -29.47 -29.95 8.17
N ASN A 280 -29.19 -29.56 6.93
CA ASN A 280 -28.84 -28.18 6.62
C ASN A 280 -30.00 -27.40 6.02
N HIS A 281 -31.13 -28.04 5.74
CA HIS A 281 -32.30 -27.33 5.24
C HIS A 281 -33.01 -26.62 6.39
N SER A 282 -33.93 -25.73 6.03
CA SER A 282 -34.65 -24.94 7.02
C SER A 282 -36.10 -25.37 7.21
N HIS A 283 -36.74 -25.93 6.19
CA HIS A 283 -38.14 -26.35 6.30
C HIS A 283 -38.35 -27.59 5.46
N PHE A 284 -39.23 -28.47 5.94
CA PHE A 284 -39.54 -29.72 5.25
C PHE A 284 -41.05 -29.85 5.11
N ILE A 285 -41.48 -30.30 3.94
CA ILE A 285 -42.88 -30.64 3.70
C ILE A 285 -42.88 -32.06 3.13
N LEU A 286 -43.44 -32.99 3.90
CA LEU A 286 -43.45 -34.40 3.52
C LEU A 286 -44.84 -34.79 3.05
N VAL A 287 -44.90 -35.57 1.97
CA VAL A 287 -46.16 -35.94 1.33
C VAL A 287 -46.48 -37.39 1.62
N ASP A 288 -47.77 -37.69 1.77
CA ASP A 288 -48.24 -39.04 2.05
C ASP A 288 -48.93 -39.64 0.83
N ASP A 289 -48.84 -40.97 0.72
CA ASP A 289 -49.65 -41.69 -0.26
C ASP A 289 -50.19 -42.99 0.33
N GLY A 290 -49.89 -43.28 1.60
CA GLY A 290 -50.21 -44.57 2.15
C GLY A 290 -49.43 -45.66 1.44
N THR A 291 -48.15 -45.37 1.15
CA THR A 291 -47.28 -46.29 0.44
C THR A 291 -45.92 -46.27 1.14
N HIS A 292 -45.18 -47.37 0.99
CA HIS A 292 -43.95 -47.56 1.76
C HIS A 292 -42.68 -47.37 0.94
N GLY A 293 -42.67 -47.68 -0.35
CA GLY A 293 -41.44 -47.62 -1.11
C GLY A 293 -41.52 -47.01 -2.50
N GLN A 294 -42.36 -46.00 -2.69
CA GLN A 294 -42.47 -45.31 -3.97
C GLN A 294 -41.85 -43.92 -3.90
N TYR A 295 -41.35 -43.46 -5.04
CA TYR A 295 -40.63 -42.19 -5.14
C TYR A 295 -41.26 -41.22 -6.13
N GLY A 296 -42.45 -41.52 -6.63
CA GLY A 296 -43.04 -40.69 -7.67
C GLY A 296 -44.22 -39.85 -7.23
N VAL A 297 -44.25 -39.47 -5.96
CA VAL A 297 -45.39 -38.72 -5.43
C VAL A 297 -45.05 -37.27 -5.09
N GLU A 298 -43.79 -36.96 -4.82
CA GLU A 298 -43.40 -35.58 -4.49
C GLU A 298 -43.31 -34.69 -5.73
N ILE A 299 -42.92 -35.25 -6.87
CA ILE A 299 -42.72 -34.43 -8.07
C ILE A 299 -44.02 -33.80 -8.57
N PRO A 300 -45.14 -34.53 -8.70
CA PRO A 300 -46.39 -33.86 -9.14
C PRO A 300 -46.81 -32.70 -8.24
N LEU A 301 -46.85 -32.94 -6.93
CA LEU A 301 -47.26 -31.89 -6.01
C LEU A 301 -46.28 -30.73 -6.03
N ARG A 302 -44.98 -31.03 -6.13
CA ARG A 302 -43.99 -29.96 -6.21
C ARG A 302 -44.19 -29.11 -7.45
N THR A 303 -44.46 -29.74 -8.60
CA THR A 303 -44.71 -28.98 -9.81
C THR A 303 -45.96 -28.13 -9.66
N ARG A 304 -47.03 -28.69 -9.09
CA ARG A 304 -48.26 -27.92 -8.93
C ARG A 304 -48.05 -26.71 -8.01
N LEU A 305 -47.38 -26.91 -6.88
CA LEU A 305 -47.12 -25.83 -5.94
C LEU A 305 -46.19 -24.79 -6.55
N GLU A 306 -45.17 -25.23 -7.31
CA GLU A 306 -44.23 -24.31 -7.90
C GLU A 306 -44.88 -23.48 -9.00
N LYS A 307 -45.81 -24.08 -9.74
CA LYS A 307 -46.64 -23.33 -10.68
C LYS A 307 -47.55 -22.33 -9.98
N PHE A 308 -48.19 -22.71 -8.88
CA PHE A 308 -49.07 -21.79 -8.17
C PHE A 308 -48.33 -20.64 -7.52
N ILE A 309 -47.07 -20.85 -7.12
CA ILE A 309 -46.29 -19.77 -6.51
C ILE A 309 -46.06 -18.64 -7.52
N SER A 310 -45.67 -18.98 -8.74
CA SER A 310 -45.39 -17.97 -9.75
C SER A 310 -46.62 -17.17 -10.14
N GLU A 311 -47.83 -17.72 -9.94
CA GLU A 311 -49.05 -16.97 -10.15
C GLU A 311 -49.17 -15.79 -9.20
N GLN A 312 -48.60 -15.92 -7.99
CA GLN A 312 -48.69 -14.87 -6.99
C GLN A 312 -47.89 -13.65 -7.40
N THR A 313 -48.40 -12.48 -7.01
CA THR A 313 -47.76 -11.21 -7.32
C THR A 313 -47.37 -10.50 -6.03
N LYS A 314 -46.20 -9.86 -6.06
CA LYS A 314 -45.68 -9.11 -4.92
C LYS A 314 -45.76 -7.62 -5.24
N GLU A 315 -46.33 -6.84 -4.33
CA GLU A 315 -46.50 -5.40 -4.52
C GLU A 315 -45.90 -4.67 -3.33
N ARG A 316 -44.71 -4.12 -3.53
CA ARG A 316 -44.03 -3.33 -2.49
C ARG A 316 -43.54 -2.04 -3.12
N GLY A 317 -43.93 -0.91 -2.54
CA GLY A 317 -43.48 0.39 -3.00
C GLY A 317 -44.30 0.99 -4.12
N GLY A 318 -45.30 0.29 -4.63
CA GLY A 318 -46.12 0.79 -5.71
C GLY A 318 -45.92 0.10 -7.05
N VAL A 319 -44.97 -0.82 -7.17
CA VAL A 319 -44.73 -1.57 -8.40
C VAL A 319 -45.02 -3.03 -8.12
N ALA A 320 -45.82 -3.65 -8.98
CA ALA A 320 -46.23 -5.03 -8.80
C ALA A 320 -45.61 -5.91 -9.88
N ILE A 321 -45.08 -7.05 -9.47
CA ILE A 321 -44.46 -8.02 -10.37
C ILE A 321 -44.91 -9.41 -9.95
N LYS A 322 -45.02 -10.30 -10.93
CA LYS A 322 -45.23 -11.71 -10.66
C LYS A 322 -43.88 -12.36 -10.44
N ILE A 323 -43.79 -13.22 -9.42
CA ILE A 323 -42.48 -13.71 -8.95
C ILE A 323 -41.81 -14.50 -10.07
N PRO A 324 -40.59 -14.16 -10.47
CA PRO A 324 -39.88 -14.96 -11.48
C PRO A 324 -39.51 -16.33 -10.94
N ILE A 325 -39.33 -17.28 -11.85
CA ILE A 325 -39.21 -18.68 -11.50
C ILE A 325 -38.11 -19.30 -12.37
N VAL A 326 -37.05 -19.80 -11.73
CA VAL A 326 -35.89 -20.32 -12.44
C VAL A 326 -35.59 -21.73 -11.96
N CYS A 327 -34.98 -22.55 -12.82
CA CYS A 327 -34.67 -23.94 -12.51
C CYS A 327 -33.20 -24.22 -12.82
N VAL A 328 -32.57 -25.08 -12.03
CA VAL A 328 -31.18 -25.50 -12.22
C VAL A 328 -31.10 -27.00 -11.99
N VAL A 329 -30.24 -27.66 -12.78
CA VAL A 329 -30.11 -29.11 -12.74
C VAL A 329 -28.63 -29.48 -12.70
N LEU A 330 -28.32 -30.67 -12.13
CA LEU A 330 -26.95 -31.18 -11.98
C LEU A 330 -26.96 -32.71 -12.04
N GLU A 331 -26.60 -33.25 -13.21
CA GLU A 331 -26.42 -34.70 -13.38
C GLU A 331 -27.62 -35.50 -12.90
N GLY A 332 -28.76 -35.37 -13.59
CA GLY A 332 -29.93 -36.10 -13.21
C GLY A 332 -29.92 -37.53 -13.72
N GLY A 333 -31.11 -38.12 -13.75
CA GLY A 333 -31.30 -39.44 -14.28
C GLY A 333 -32.43 -39.49 -15.31
N PRO A 334 -33.38 -40.40 -15.11
CA PRO A 334 -34.50 -40.52 -16.05
C PRO A 334 -35.62 -39.52 -15.83
N GLY A 335 -35.79 -39.04 -14.60
CA GLY A 335 -36.89 -38.15 -14.25
C GLY A 335 -36.61 -36.67 -14.46
N THR A 336 -35.33 -36.32 -14.61
CA THR A 336 -34.99 -34.93 -14.90
C THR A 336 -35.43 -34.55 -16.29
N LEU A 337 -35.56 -35.52 -17.19
CA LEU A 337 -36.07 -35.17 -18.51
C LEU A 337 -37.58 -35.01 -18.48
N HIS A 338 -38.22 -35.48 -17.41
CA HIS A 338 -39.51 -34.90 -17.04
C HIS A 338 -39.33 -33.45 -16.58
N THR A 339 -38.57 -33.23 -15.50
CA THR A 339 -38.65 -31.92 -14.84
C THR A 339 -38.21 -30.79 -15.76
N ILE A 340 -37.22 -31.03 -16.62
CA ILE A 340 -36.70 -30.00 -17.50
C ILE A 340 -37.73 -29.66 -18.58
N ASP A 341 -38.35 -30.69 -19.16
CA ASP A 341 -39.40 -30.49 -20.14
C ASP A 341 -40.62 -29.80 -19.55
N ASN A 342 -41.04 -30.27 -18.38
CA ASN A 342 -42.23 -29.78 -17.68
C ASN A 342 -42.01 -28.33 -17.28
N ALA A 343 -40.76 -27.98 -17.00
CA ALA A 343 -40.42 -26.61 -16.65
C ALA A 343 -40.30 -25.74 -17.90
N THR A 344 -39.69 -26.27 -18.96
CA THR A 344 -39.33 -25.49 -20.13
C THR A 344 -40.55 -25.20 -20.99
N THR A 345 -41.47 -26.16 -21.08
CA THR A 345 -42.69 -25.93 -21.85
C THR A 345 -43.51 -24.80 -21.27
N ASN A 346 -43.47 -24.62 -19.95
CA ASN A 346 -44.17 -23.53 -19.31
C ASN A 346 -43.49 -22.19 -19.62
N GLY A 347 -42.17 -22.13 -19.49
CA GLY A 347 -41.47 -20.88 -19.70
C GLY A 347 -40.45 -20.52 -18.65
N THR A 348 -40.10 -21.49 -17.80
CA THR A 348 -39.09 -21.31 -16.76
C THR A 348 -37.70 -21.32 -17.40
N PRO A 349 -36.83 -20.36 -17.05
CA PRO A 349 -35.46 -20.39 -17.57
C PRO A 349 -34.63 -21.50 -16.93
N CYS A 350 -34.79 -22.73 -17.41
CA CYS A 350 -33.96 -23.81 -16.89
C CYS A 350 -32.49 -23.54 -17.19
N VAL A 351 -31.64 -23.77 -16.20
CA VAL A 351 -30.22 -23.50 -16.32
C VAL A 351 -29.45 -24.80 -16.09
N VAL A 352 -29.12 -25.49 -17.18
CA VAL A 352 -28.32 -26.71 -17.07
C VAL A 352 -26.84 -26.36 -17.06
N VAL A 353 -26.09 -27.02 -16.18
CA VAL A 353 -24.67 -26.75 -15.96
C VAL A 353 -23.84 -27.81 -16.67
N GLU A 354 -22.79 -27.38 -17.38
CA GLU A 354 -21.87 -28.27 -18.07
C GLU A 354 -20.78 -28.69 -17.10
N GLY A 355 -20.66 -30.00 -16.86
CA GLY A 355 -19.63 -30.54 -16.01
C GLY A 355 -20.17 -31.55 -15.03
N SER A 356 -19.57 -32.74 -15.01
CA SER A 356 -20.00 -33.85 -14.16
C SER A 356 -21.49 -34.11 -14.35
N GLY A 357 -21.87 -34.47 -15.57
CA GLY A 357 -23.26 -34.69 -15.90
C GLY A 357 -23.55 -36.00 -16.60
N ARG A 358 -24.54 -36.74 -16.10
CA ARG A 358 -25.05 -37.90 -16.80
C ARG A 358 -26.11 -37.43 -17.78
N VAL A 359 -26.95 -36.51 -17.33
CA VAL A 359 -27.97 -35.93 -18.20
C VAL A 359 -27.62 -34.50 -18.56
N ALA A 360 -27.23 -33.69 -17.57
CA ALA A 360 -26.96 -32.28 -17.83
C ALA A 360 -25.83 -32.12 -18.85
N ASP A 361 -24.80 -32.96 -18.74
CA ASP A 361 -23.70 -32.89 -19.69
C ASP A 361 -24.14 -33.30 -21.08
N VAL A 362 -25.19 -34.13 -21.19
CA VAL A 362 -25.70 -34.48 -22.51
C VAL A 362 -26.29 -33.26 -23.22
N ILE A 363 -27.14 -32.50 -22.51
CA ILE A 363 -27.63 -31.25 -23.08
C ILE A 363 -26.50 -30.27 -23.34
N ALA A 364 -25.51 -30.19 -22.46
CA ALA A 364 -24.38 -29.29 -22.68
C ALA A 364 -23.59 -29.68 -23.93
N GLN A 365 -23.46 -30.98 -24.18
CA GLN A 365 -22.72 -31.46 -25.34
C GLN A 365 -23.49 -31.23 -26.62
N VAL A 366 -24.81 -31.42 -26.58
CA VAL A 366 -25.66 -31.35 -27.77
C VAL A 366 -26.33 -29.98 -27.80
N ALA A 367 -25.75 -29.02 -27.08
CA ALA A 367 -26.43 -27.76 -26.79
C ALA A 367 -26.53 -26.81 -27.97
N ASN A 368 -25.42 -26.23 -28.44
CA ASN A 368 -25.53 -25.23 -29.50
C ASN A 368 -25.45 -25.83 -30.90
N ILE A 369 -25.31 -27.15 -31.02
CA ILE A 369 -25.40 -27.84 -32.30
C ILE A 369 -26.82 -27.58 -32.81
N PRO A 370 -27.02 -27.21 -34.07
CA PRO A 370 -28.34 -26.70 -34.47
C PRO A 370 -29.41 -27.81 -34.47
N VAL A 371 -30.66 -27.36 -34.44
CA VAL A 371 -31.79 -28.27 -34.32
C VAL A 371 -31.89 -29.15 -35.56
N SER A 372 -32.35 -30.38 -35.38
CA SER A 372 -32.63 -31.36 -36.42
C SER A 372 -31.40 -31.79 -37.21
N ASP A 373 -30.22 -31.29 -36.87
CA ASP A 373 -28.98 -31.76 -37.48
C ASP A 373 -28.47 -33.03 -36.83
N ILE A 374 -29.17 -33.53 -35.82
CA ILE A 374 -28.78 -34.71 -35.06
C ILE A 374 -29.70 -35.86 -35.45
N THR A 375 -29.10 -37.04 -35.67
CA THR A 375 -29.89 -38.22 -36.00
C THR A 375 -30.11 -39.08 -34.76
N ILE A 376 -31.07 -40.01 -34.87
CA ILE A 376 -31.36 -40.92 -33.77
C ILE A 376 -30.13 -41.78 -33.45
N SER A 377 -29.45 -42.28 -34.49
CA SER A 377 -28.23 -43.03 -34.27
C SER A 377 -27.14 -42.15 -33.65
N LEU A 378 -27.08 -40.88 -34.04
CA LEU A 378 -26.11 -39.97 -33.44
C LEU A 378 -26.39 -39.79 -31.95
N ILE A 379 -27.66 -39.66 -31.57
CA ILE A 379 -28.00 -39.55 -30.16
C ILE A 379 -27.68 -40.86 -29.43
N GLN A 380 -27.90 -41.98 -30.10
CA GLN A 380 -27.57 -43.27 -29.50
C GLN A 380 -26.08 -43.38 -29.21
N GLN A 381 -25.24 -42.94 -30.17
CA GLN A 381 -23.80 -43.00 -29.95
C GLN A 381 -23.33 -41.94 -28.95
N LYS A 382 -24.05 -40.81 -28.85
CA LYS A 382 -23.81 -39.86 -27.78
C LYS A 382 -24.09 -40.46 -26.40
N LEU A 383 -25.18 -41.20 -26.26
CA LEU A 383 -25.56 -41.82 -25.00
C LEU A 383 -24.71 -43.04 -24.66
N SER A 384 -24.17 -43.73 -25.67
CA SER A 384 -23.39 -44.93 -25.44
C SER A 384 -21.98 -44.67 -24.95
N VAL A 385 -21.59 -43.42 -24.70
CA VAL A 385 -20.25 -43.08 -24.24
C VAL A 385 -20.26 -42.53 -22.81
N PHE A 386 -21.43 -42.51 -22.17
CA PHE A 386 -21.54 -41.89 -20.85
C PHE A 386 -22.25 -42.75 -19.81
N PHE A 387 -22.89 -43.86 -20.18
CA PHE A 387 -23.75 -44.60 -19.27
C PHE A 387 -23.33 -46.06 -19.06
N GLN A 388 -22.06 -46.29 -18.73
CA GLN A 388 -21.47 -47.63 -18.68
C GLN A 388 -22.25 -48.62 -17.84
N GLU A 389 -22.81 -48.21 -16.70
CA GLU A 389 -23.44 -49.14 -15.78
C GLU A 389 -24.66 -49.81 -16.39
N MET A 390 -25.45 -49.06 -17.15
CA MET A 390 -26.69 -49.56 -17.74
C MET A 390 -26.71 -49.47 -19.26
N PHE A 391 -25.53 -49.47 -19.89
CA PHE A 391 -25.45 -49.33 -21.35
C PHE A 391 -26.07 -50.50 -22.07
N GLU A 392 -26.25 -51.63 -21.36
CA GLU A 392 -26.85 -52.81 -21.94
C GLU A 392 -28.34 -52.95 -21.63
N THR A 393 -28.84 -52.22 -20.62
CA THR A 393 -30.23 -52.30 -20.22
C THR A 393 -31.09 -51.19 -20.84
N PHE A 394 -30.57 -50.52 -21.87
CA PHE A 394 -31.30 -49.46 -22.55
C PHE A 394 -32.11 -50.07 -23.69
N THR A 395 -33.43 -50.01 -23.58
CA THR A 395 -34.32 -50.52 -24.59
C THR A 395 -34.27 -49.65 -25.84
N GLU A 396 -34.60 -50.26 -26.99
CA GLU A 396 -34.68 -49.53 -28.25
C GLU A 396 -35.77 -48.45 -28.23
N SER A 397 -36.69 -48.49 -27.27
CA SER A 397 -37.67 -47.44 -27.09
C SER A 397 -37.22 -46.36 -26.12
N ARG A 398 -36.26 -46.65 -25.24
CA ARG A 398 -35.77 -45.63 -24.32
C ARG A 398 -35.04 -44.52 -25.07
N ILE A 399 -34.48 -44.83 -26.24
CA ILE A 399 -33.81 -43.79 -27.02
C ILE A 399 -34.81 -42.78 -27.57
N VAL A 400 -36.02 -43.22 -27.94
CA VAL A 400 -36.97 -42.35 -28.62
C VAL A 400 -37.41 -41.21 -27.70
N GLU A 401 -37.75 -41.54 -26.45
CA GLU A 401 -38.17 -40.51 -25.50
C GLU A 401 -37.10 -39.45 -25.32
N TRP A 402 -35.85 -39.88 -25.09
CA TRP A 402 -34.77 -38.94 -24.88
C TRP A 402 -34.48 -38.13 -26.14
N THR A 403 -34.54 -38.76 -27.32
CA THR A 403 -34.34 -38.02 -28.56
C THR A 403 -35.37 -36.91 -28.70
N LYS A 404 -36.65 -37.23 -28.47
CA LYS A 404 -37.70 -36.23 -28.63
C LYS A 404 -37.52 -35.09 -27.62
N LYS A 405 -37.24 -35.43 -26.36
CA LYS A 405 -37.17 -34.39 -25.35
C LYS A 405 -35.93 -33.52 -25.52
N ILE A 406 -34.79 -34.12 -25.86
CA ILE A 406 -33.61 -33.33 -26.21
C ILE A 406 -33.89 -32.45 -27.41
N GLN A 407 -34.61 -33.00 -28.40
CA GLN A 407 -34.98 -32.21 -29.57
C GLN A 407 -35.69 -30.93 -29.15
N ASP A 408 -36.73 -31.05 -28.32
CA ASP A 408 -37.48 -29.86 -27.92
C ASP A 408 -36.60 -28.90 -27.11
N ILE A 409 -35.93 -29.41 -26.08
CA ILE A 409 -35.18 -28.56 -25.16
C ILE A 409 -34.11 -27.79 -25.91
N VAL A 410 -33.33 -28.48 -26.73
CA VAL A 410 -32.27 -27.83 -27.46
C VAL A 410 -32.79 -27.02 -28.64
N ARG A 411 -34.00 -27.34 -29.12
CA ARG A 411 -34.61 -26.53 -30.17
C ARG A 411 -34.89 -25.12 -29.69
N ARG A 412 -35.51 -24.98 -28.52
CA ARG A 412 -35.66 -23.63 -27.96
C ARG A 412 -34.42 -23.29 -27.14
N ARG A 413 -33.53 -22.49 -27.73
CA ARG A 413 -32.34 -22.01 -27.07
C ARG A 413 -32.55 -20.68 -26.35
N GLN A 414 -33.71 -20.05 -26.52
CA GLN A 414 -34.01 -18.84 -25.76
C GLN A 414 -34.28 -19.18 -24.30
N LEU A 415 -35.02 -20.25 -24.05
CA LEU A 415 -35.29 -20.71 -22.69
C LEU A 415 -34.13 -21.54 -22.15
N LEU A 416 -33.61 -22.46 -22.96
CA LEU A 416 -32.45 -23.25 -22.57
C LEU A 416 -31.22 -22.37 -22.45
N THR A 417 -30.41 -22.63 -21.43
CA THR A 417 -29.19 -21.87 -21.23
C THR A 417 -28.11 -22.79 -20.67
N VAL A 418 -26.97 -22.86 -21.36
CA VAL A 418 -25.86 -23.68 -20.90
C VAL A 418 -24.86 -22.80 -20.15
N PHE A 419 -24.36 -23.33 -19.03
CA PHE A 419 -23.51 -22.58 -18.12
C PHE A 419 -22.13 -22.26 -18.68
N ARG A 420 -21.50 -23.20 -19.39
CA ARG A 420 -20.12 -23.01 -19.87
C ARG A 420 -19.21 -22.72 -18.69
N GLU A 421 -19.05 -23.71 -17.81
CA GLU A 421 -18.40 -23.58 -16.50
C GLU A 421 -17.20 -22.64 -16.48
N GLY A 422 -16.30 -22.78 -17.46
CA GLY A 422 -15.09 -21.98 -17.44
C GLY A 422 -14.68 -21.40 -18.77
N LYS A 423 -15.44 -21.67 -19.83
CA LYS A 423 -15.06 -21.22 -21.16
C LYS A 423 -15.47 -19.78 -21.39
N ASP A 424 -16.77 -19.50 -21.33
CA ASP A 424 -17.28 -18.16 -21.57
C ASP A 424 -18.48 -17.90 -20.66
N GLY A 425 -18.62 -16.67 -20.20
CA GLY A 425 -19.65 -16.35 -19.24
C GLY A 425 -19.47 -17.03 -17.91
N GLN A 426 -18.23 -17.30 -17.51
CA GLN A 426 -17.94 -18.04 -16.28
C GLN A 426 -17.86 -17.06 -15.12
N GLN A 427 -18.99 -16.40 -14.86
CA GLN A 427 -19.10 -15.48 -13.74
C GLN A 427 -19.45 -16.22 -12.46
N ASP A 428 -19.87 -15.47 -11.45
CA ASP A 428 -20.22 -16.00 -10.15
C ASP A 428 -21.59 -16.66 -10.14
N VAL A 429 -22.09 -17.08 -11.32
CA VAL A 429 -23.30 -17.89 -11.46
C VAL A 429 -24.55 -17.08 -11.17
N ASP A 430 -24.50 -16.23 -10.14
CA ASP A 430 -25.64 -15.38 -9.81
C ASP A 430 -26.07 -14.53 -10.99
N VAL A 431 -25.13 -13.80 -11.59
CA VAL A 431 -25.47 -12.98 -12.73
C VAL A 431 -25.80 -13.82 -13.95
N ALA A 432 -25.24 -15.03 -14.08
CA ALA A 432 -25.62 -15.90 -15.19
C ALA A 432 -27.08 -16.33 -15.08
N ILE A 433 -27.51 -16.73 -13.88
CA ILE A 433 -28.90 -17.11 -13.65
C ILE A 433 -29.81 -15.91 -13.88
N LEU A 434 -29.44 -14.74 -13.36
CA LEU A 434 -30.25 -13.55 -13.56
C LEU A 434 -30.32 -13.19 -15.04
N GLN A 435 -29.22 -13.37 -15.77
CA GLN A 435 -29.16 -13.05 -17.18
C GLN A 435 -30.04 -13.98 -18.00
N ALA A 436 -30.03 -15.28 -17.69
CA ALA A 436 -30.94 -16.20 -18.37
C ALA A 436 -32.40 -15.90 -18.04
N LEU A 437 -32.67 -15.56 -16.78
CA LEU A 437 -34.03 -15.22 -16.37
C LEU A 437 -34.53 -13.99 -17.13
N LEU A 438 -33.69 -12.95 -17.24
CA LEU A 438 -34.09 -11.78 -17.99
C LEU A 438 -34.13 -12.04 -19.49
N LYS A 439 -33.33 -12.98 -19.98
CA LYS A 439 -33.46 -13.41 -21.38
C LYS A 439 -34.86 -13.96 -21.64
N ALA A 440 -35.31 -14.90 -20.81
CA ALA A 440 -36.64 -15.47 -21.00
C ALA A 440 -37.73 -14.44 -20.75
N SER A 441 -37.53 -13.52 -19.81
CA SER A 441 -38.51 -12.46 -19.60
C SER A 441 -38.58 -11.54 -20.81
N ARG A 442 -37.45 -11.28 -21.46
CA ARG A 442 -37.43 -10.51 -22.70
C ARG A 442 -38.12 -11.25 -23.83
N SER A 443 -38.03 -12.58 -23.83
CA SER A 443 -38.65 -13.39 -24.86
C SER A 443 -40.17 -13.48 -24.72
N GLN A 444 -40.73 -12.99 -23.62
CA GLN A 444 -42.16 -13.09 -23.40
C GLN A 444 -42.92 -12.07 -24.25
N ASP A 445 -44.24 -12.19 -24.25
CA ASP A 445 -45.08 -11.34 -25.07
C ASP A 445 -45.11 -9.92 -24.50
N HIS A 446 -45.13 -8.93 -25.41
CA HIS A 446 -45.23 -7.53 -25.03
C HIS A 446 -45.68 -6.74 -26.24
N PHE A 447 -46.71 -5.92 -26.08
CA PHE A 447 -47.27 -5.18 -27.22
C PHE A 447 -46.98 -3.68 -27.12
N GLY A 448 -46.98 -3.14 -25.90
CA GLY A 448 -46.94 -1.71 -25.71
C GLY A 448 -45.72 -1.18 -24.98
N HIS A 449 -44.52 -1.69 -25.34
CA HIS A 449 -43.27 -1.33 -24.68
C HIS A 449 -43.27 -1.75 -23.22
N GLU A 450 -43.72 -2.98 -22.96
CA GLU A 450 -43.87 -3.44 -21.58
C GLU A 450 -42.63 -4.17 -21.09
N ASN A 451 -41.84 -4.73 -22.01
CA ASN A 451 -40.64 -5.46 -21.63
C ASN A 451 -39.65 -4.55 -20.90
N TRP A 452 -39.48 -3.34 -21.40
CA TRP A 452 -38.58 -2.37 -20.77
C TRP A 452 -38.97 -2.13 -19.33
N ASP A 453 -40.22 -1.73 -19.11
CA ASP A 453 -40.68 -1.37 -17.78
C ASP A 453 -40.65 -2.58 -16.85
N HIS A 454 -41.04 -3.76 -17.36
CA HIS A 454 -41.05 -4.95 -16.50
C HIS A 454 -39.65 -5.33 -16.07
N GLN A 455 -38.67 -5.30 -16.99
CA GLN A 455 -37.30 -5.65 -16.62
C GLN A 455 -36.74 -4.64 -15.62
N LEU A 456 -37.02 -3.35 -15.82
CA LEU A 456 -36.55 -2.36 -14.85
C LEU A 456 -37.21 -2.55 -13.49
N LYS A 457 -38.52 -2.82 -13.46
CA LYS A 457 -39.19 -3.05 -12.19
C LYS A 457 -38.58 -4.23 -11.47
N LEU A 458 -38.28 -5.30 -12.21
CA LEU A 458 -37.69 -6.48 -11.58
C LEU A 458 -36.29 -6.21 -11.06
N ALA A 459 -35.49 -5.45 -11.83
CA ALA A 459 -34.15 -5.11 -11.37
C ALA A 459 -34.20 -4.28 -10.09
N VAL A 460 -35.15 -3.33 -10.02
CA VAL A 460 -35.30 -2.53 -8.81
C VAL A 460 -35.83 -3.38 -7.66
N ALA A 461 -36.67 -4.37 -7.98
CA ALA A 461 -37.15 -5.30 -6.95
C ALA A 461 -35.98 -6.06 -6.33
N TRP A 462 -35.04 -6.51 -7.15
CA TRP A 462 -33.79 -7.02 -6.61
C TRP A 462 -32.90 -5.85 -6.19
N ASN A 463 -31.71 -6.18 -5.70
CA ASN A 463 -30.75 -5.20 -5.21
C ASN A 463 -29.40 -5.34 -5.89
N ARG A 464 -29.39 -5.43 -7.21
CA ARG A 464 -28.16 -5.55 -7.99
C ARG A 464 -28.20 -4.51 -9.10
N VAL A 465 -27.37 -3.47 -8.96
CA VAL A 465 -27.36 -2.38 -9.93
C VAL A 465 -26.53 -2.76 -11.15
N ASP A 466 -25.59 -3.70 -10.99
CA ASP A 466 -24.78 -4.16 -12.12
C ASP A 466 -25.66 -4.76 -13.20
N ILE A 467 -26.64 -5.55 -12.81
CA ILE A 467 -27.59 -6.11 -13.77
C ILE A 467 -28.35 -4.99 -14.47
N ALA A 468 -28.79 -3.99 -13.71
CA ALA A 468 -29.57 -2.89 -14.30
C ALA A 468 -28.76 -2.13 -15.34
N ARG A 469 -27.48 -1.89 -15.07
CA ARG A 469 -26.69 -1.06 -15.98
C ARG A 469 -26.11 -1.87 -17.14
N SER A 470 -25.87 -3.17 -16.94
CA SER A 470 -25.22 -3.96 -17.97
C SER A 470 -26.18 -4.75 -18.84
N GLU A 471 -27.40 -5.00 -18.38
CA GLU A 471 -28.42 -5.60 -19.23
C GLU A 471 -29.53 -4.62 -19.58
N ILE A 472 -30.15 -4.02 -18.57
CA ILE A 472 -31.35 -3.22 -18.81
C ILE A 472 -30.97 -1.87 -19.41
N PHE A 473 -30.22 -1.06 -18.67
CA PHE A 473 -30.09 0.35 -19.01
C PHE A 473 -29.19 0.58 -20.20
N MET A 474 -28.54 -0.48 -20.69
CA MET A 474 -27.68 -0.33 -21.86
C MET A 474 -28.44 -0.57 -23.16
N ASP A 475 -29.57 -1.27 -23.10
CA ASP A 475 -30.16 -1.78 -24.34
C ASP A 475 -31.67 -1.55 -24.46
N GLU A 476 -32.21 -1.81 -25.65
CA GLU A 476 -33.64 -1.77 -25.99
C GLU A 476 -34.14 -0.36 -26.29
N TRP A 477 -33.24 0.62 -26.39
CA TRP A 477 -33.54 1.95 -26.92
C TRP A 477 -34.55 2.75 -26.10
N GLN A 478 -34.90 3.93 -26.60
CA GLN A 478 -36.10 4.70 -26.19
C GLN A 478 -35.91 5.23 -24.77
N TRP A 479 -36.67 4.76 -23.79
CA TRP A 479 -36.56 5.13 -22.36
C TRP A 479 -36.51 6.64 -22.16
N LYS A 480 -37.58 7.31 -22.57
CA LYS A 480 -37.70 8.74 -22.30
C LYS A 480 -37.63 8.97 -20.79
N PRO A 481 -36.93 10.02 -20.34
CA PRO A 481 -36.64 10.16 -18.89
C PRO A 481 -37.89 10.18 -18.03
N SER A 482 -39.04 10.54 -18.62
CA SER A 482 -40.29 10.46 -17.90
C SER A 482 -40.74 9.03 -17.66
N ASP A 483 -40.17 8.06 -18.39
CA ASP A 483 -40.62 6.67 -18.25
C ASP A 483 -40.12 6.06 -16.95
N LEU A 484 -39.01 6.56 -16.40
CA LEU A 484 -38.44 5.98 -15.21
C LEU A 484 -39.10 6.47 -13.92
N HIS A 485 -40.08 7.37 -14.04
CA HIS A 485 -40.71 7.91 -12.85
C HIS A 485 -41.40 6.86 -11.96
N PRO A 486 -42.21 5.94 -12.49
CA PRO A 486 -42.90 5.00 -11.58
C PRO A 486 -41.97 4.16 -10.73
N THR A 487 -40.82 3.73 -11.27
CA THR A 487 -39.92 2.91 -10.48
C THR A 487 -39.01 3.77 -9.60
N MET A 488 -38.83 5.04 -9.97
CA MET A 488 -38.08 5.96 -9.14
C MET A 488 -38.74 6.13 -7.78
N THR A 489 -40.07 6.12 -7.75
CA THR A 489 -40.80 6.22 -6.48
C THR A 489 -40.50 5.02 -5.59
N ALA A 490 -40.52 3.82 -6.15
CA ALA A 490 -40.20 2.63 -5.35
C ALA A 490 -38.76 2.64 -4.89
N ALA A 491 -37.84 3.11 -5.74
CA ALA A 491 -36.44 3.19 -5.35
C ALA A 491 -36.25 4.15 -4.19
N LEU A 492 -36.93 5.30 -4.22
CA LEU A 492 -36.84 6.24 -3.11
C LEU A 492 -37.47 5.67 -1.85
N ILE A 493 -38.63 5.01 -1.99
CA ILE A 493 -39.33 4.46 -0.84
C ILE A 493 -38.55 3.37 -0.15
N SER A 494 -37.90 2.48 -0.92
CA SER A 494 -37.18 1.34 -0.36
C SER A 494 -35.75 1.69 0.04
N ASN A 495 -35.37 2.97 -0.03
CA ASN A 495 -34.04 3.43 0.35
C ASN A 495 -32.96 2.74 -0.48
N LYS A 496 -32.99 2.97 -1.79
CA LYS A 496 -31.99 2.41 -2.69
C LYS A 496 -31.20 3.55 -3.31
N PRO A 497 -30.06 3.92 -2.72
CA PRO A 497 -29.31 5.09 -3.21
C PRO A 497 -28.63 4.85 -4.55
N GLU A 498 -28.16 3.63 -4.80
CA GLU A 498 -27.47 3.36 -6.06
C GLU A 498 -28.44 3.53 -7.24
N PHE A 499 -29.65 3.01 -7.11
CA PHE A 499 -30.61 3.10 -8.20
C PHE A 499 -31.10 4.54 -8.39
N VAL A 500 -31.24 5.31 -7.31
CA VAL A 500 -31.65 6.71 -7.50
C VAL A 500 -30.53 7.49 -8.18
N LYS A 501 -29.26 7.22 -7.84
CA LYS A 501 -28.17 7.83 -8.57
C LYS A 501 -28.20 7.46 -10.04
N LEU A 502 -28.41 6.18 -10.36
CA LEU A 502 -28.42 5.76 -11.75
C LEU A 502 -29.58 6.40 -12.53
N PHE A 503 -30.79 6.39 -11.95
CA PHE A 503 -31.93 7.01 -12.61
C PHE A 503 -31.68 8.51 -12.83
N LEU A 504 -31.20 9.21 -11.80
CA LEU A 504 -30.93 10.64 -11.92
C LEU A 504 -29.83 10.90 -12.94
N GLU A 505 -28.94 9.93 -13.15
CA GLU A 505 -27.97 10.03 -14.25
C GLU A 505 -28.65 9.96 -15.60
N ASN A 506 -29.68 9.11 -15.74
CA ASN A 506 -30.28 8.90 -17.06
C ASN A 506 -31.17 10.07 -17.51
N GLY A 507 -31.59 10.92 -16.59
CA GLY A 507 -32.31 12.07 -17.09
C GLY A 507 -33.52 12.54 -16.30
N VAL A 508 -33.93 11.78 -15.28
CA VAL A 508 -35.03 12.23 -14.46
C VAL A 508 -34.59 13.41 -13.63
N GLN A 509 -35.34 14.50 -13.71
CA GLN A 509 -34.96 15.77 -13.10
C GLN A 509 -35.72 15.90 -11.78
N LEU A 510 -35.00 16.16 -10.70
CA LEU A 510 -35.65 16.39 -9.41
C LEU A 510 -36.55 17.62 -9.42
N LYS A 511 -36.35 18.52 -10.38
CA LYS A 511 -37.25 19.66 -10.52
C LYS A 511 -38.66 19.19 -10.87
N GLU A 512 -38.76 18.18 -11.73
CA GLU A 512 -40.02 17.48 -11.97
C GLU A 512 -40.06 16.23 -11.09
N PHE A 513 -41.11 15.43 -11.25
CA PHE A 513 -41.32 14.19 -10.51
C PHE A 513 -41.62 14.43 -9.03
N VAL A 514 -41.46 15.66 -8.56
CA VAL A 514 -41.98 15.98 -7.24
C VAL A 514 -43.27 16.74 -7.45
N THR A 515 -44.38 16.01 -7.55
CA THR A 515 -45.68 16.62 -7.73
C THR A 515 -46.40 16.64 -6.39
N TRP A 516 -47.54 17.34 -6.35
CA TRP A 516 -48.36 17.32 -5.15
C TRP A 516 -48.83 15.89 -4.86
N ASP A 517 -49.30 15.20 -5.90
CA ASP A 517 -49.74 13.82 -5.73
C ASP A 517 -48.59 12.91 -5.33
N THR A 518 -47.43 13.07 -5.97
CA THR A 518 -46.28 12.22 -5.66
C THR A 518 -45.80 12.45 -4.23
N LEU A 519 -45.77 13.70 -3.78
CA LEU A 519 -45.36 14.00 -2.42
C LEU A 519 -46.35 13.42 -1.41
N LEU A 520 -47.65 13.54 -1.70
CA LEU A 520 -48.65 12.94 -0.83
C LEU A 520 -48.48 11.43 -0.77
N TYR A 521 -48.19 10.80 -1.91
CA TYR A 521 -47.94 9.36 -1.93
C TYR A 521 -46.73 9.00 -1.08
N LEU A 522 -45.64 9.77 -1.21
CA LEU A 522 -44.43 9.48 -0.46
C LEU A 522 -44.63 9.62 1.03
N TYR A 523 -45.35 10.65 1.48
CA TYR A 523 -45.56 10.82 2.91
C TYR A 523 -46.46 9.72 3.48
N GLU A 524 -47.36 9.17 2.67
CA GLU A 524 -48.19 8.07 3.15
C GLU A 524 -47.36 6.81 3.41
N ASN A 525 -46.38 6.54 2.54
CA ASN A 525 -45.53 5.35 2.65
C ASN A 525 -44.24 5.65 3.38
N LEU A 526 -44.26 6.58 4.33
CA LEU A 526 -43.08 6.86 5.13
C LEU A 526 -42.73 5.64 5.98
N ASP A 527 -41.45 5.54 6.34
CA ASP A 527 -40.95 4.40 7.09
C ASP A 527 -41.81 4.18 8.34
N PRO A 528 -42.51 3.03 8.45
CA PRO A 528 -43.43 2.79 9.57
C PRO A 528 -42.74 2.37 10.86
N SER A 529 -41.61 3.02 11.16
CA SER A 529 -40.96 2.81 12.45
C SER A 529 -40.41 4.12 13.03
N CYS A 530 -40.97 5.26 12.66
CA CYS A 530 -40.34 6.55 12.90
C CYS A 530 -41.15 7.41 13.86
N LEU A 531 -40.41 8.23 14.61
CA LEU A 531 -41.03 9.22 15.48
C LEU A 531 -41.92 10.17 14.70
N PHE A 532 -41.48 10.56 13.49
CA PHE A 532 -42.32 11.39 12.65
C PHE A 532 -43.60 10.67 12.27
N HIS A 533 -43.53 9.37 11.97
CA HIS A 533 -44.73 8.62 11.66
C HIS A 533 -45.69 8.61 12.84
N SER A 534 -45.18 8.36 14.05
CA SER A 534 -46.04 8.32 15.22
C SER A 534 -46.70 9.67 15.46
N LYS A 535 -45.92 10.74 15.42
CA LYS A 535 -46.48 12.07 15.69
C LYS A 535 -47.45 12.49 14.59
N LEU A 536 -47.16 12.12 13.33
CA LEU A 536 -48.07 12.39 12.23
C LEU A 536 -49.38 11.66 12.43
N GLN A 537 -49.33 10.40 12.87
CA GLN A 537 -50.55 9.67 13.19
C GLN A 537 -51.33 10.39 14.29
N LYS A 538 -50.63 10.90 15.29
CA LYS A 538 -51.31 11.57 16.39
C LYS A 538 -52.02 12.84 15.91
N VAL A 539 -51.34 13.67 15.12
CA VAL A 539 -51.99 14.89 14.66
C VAL A 539 -53.12 14.53 13.69
N LEU A 540 -52.96 13.45 12.92
CA LEU A 540 -54.01 13.02 12.00
C LEU A 540 -55.28 12.66 12.77
N VAL A 541 -55.13 11.95 13.89
CA VAL A 541 -56.32 11.49 14.62
C VAL A 541 -56.88 12.60 15.52
N GLU A 542 -56.05 13.57 15.92
CA GLU A 542 -56.49 14.54 16.91
C GLU A 542 -57.27 15.70 16.28
N ASP A 543 -57.03 15.99 15.00
CA ASP A 543 -57.80 17.04 14.36
C ASP A 543 -59.26 16.63 14.29
N PRO A 544 -60.18 17.42 14.84
CA PRO A 544 -61.59 17.01 14.88
C PRO A 544 -62.49 17.45 13.72
N GLU A 545 -62.30 18.61 13.07
CA GLU A 545 -63.18 18.93 11.94
C GLU A 545 -62.64 18.39 10.63
N ARG A 546 -61.53 17.66 10.67
CA ARG A 546 -61.16 16.85 9.50
C ARG A 546 -62.03 15.59 9.38
N PRO A 547 -62.24 14.80 10.45
CA PRO A 547 -63.20 13.68 10.33
C PRO A 547 -64.64 14.14 10.29
N ALA A 548 -64.90 15.43 10.46
CA ALA A 548 -66.29 15.91 10.47
C ALA A 548 -67.04 15.50 9.22
N CYS A 549 -66.36 15.51 8.07
CA CYS A 549 -66.99 15.05 6.84
C CYS A 549 -67.23 13.54 6.86
N ALA A 550 -66.22 12.77 7.28
CA ALA A 550 -66.31 11.32 7.32
C ALA A 550 -65.48 10.79 8.48
N PRO A 551 -66.11 10.57 9.65
CA PRO A 551 -65.35 10.13 10.81
C PRO A 551 -64.89 8.68 10.72
N ALA A 552 -65.51 7.88 9.85
CA ALA A 552 -65.15 6.46 9.77
C ALA A 552 -63.72 6.28 9.28
N ALA A 553 -63.30 7.04 8.27
CA ALA A 553 -61.99 6.89 7.68
C ALA A 553 -61.18 8.17 7.83
N PRO A 554 -60.01 8.12 8.46
CA PRO A 554 -59.15 9.31 8.52
C PRO A 554 -58.39 9.49 7.22
N ARG A 555 -58.44 10.72 6.69
CA ARG A 555 -57.83 11.04 5.40
C ARG A 555 -56.62 11.92 5.63
N LEU A 556 -55.48 11.52 5.06
CA LEU A 556 -54.26 12.31 5.18
C LEU A 556 -54.29 13.50 4.23
N GLN A 557 -53.78 14.63 4.71
CA GLN A 557 -53.73 15.85 3.91
C GLN A 557 -52.36 16.50 4.06
N MET A 558 -52.20 17.64 3.38
CA MET A 558 -50.90 18.29 3.34
C MET A 558 -50.60 19.06 4.62
N HIS A 559 -51.63 19.71 5.20
CA HIS A 559 -51.39 20.54 6.37
C HIS A 559 -50.96 19.71 7.58
N HIS A 560 -51.26 18.41 7.58
CA HIS A 560 -50.92 17.57 8.72
C HIS A 560 -49.41 17.47 8.91
N VAL A 561 -48.67 17.27 7.82
CA VAL A 561 -47.22 17.24 7.94
C VAL A 561 -46.67 18.62 8.25
N ALA A 562 -47.32 19.66 7.71
CA ALA A 562 -46.86 21.02 7.90
C ALA A 562 -46.94 21.44 9.37
N GLN A 563 -48.01 21.03 10.05
CA GLN A 563 -48.16 21.42 11.46
C GLN A 563 -47.05 20.83 12.32
N VAL A 564 -46.78 19.54 12.18
CA VAL A 564 -45.74 18.90 12.97
C VAL A 564 -44.37 19.42 12.55
N LEU A 565 -44.21 19.75 11.27
CA LEU A 565 -42.95 20.33 10.80
C LEU A 565 -42.71 21.69 11.46
N ARG A 566 -43.76 22.51 11.57
CA ARG A 566 -43.63 23.77 12.29
C ARG A 566 -43.32 23.54 13.77
N GLU A 567 -43.96 22.52 14.35
CA GLU A 567 -43.69 22.20 15.75
C GLU A 567 -42.23 21.88 15.98
N LEU A 568 -41.64 21.07 15.09
CA LEU A 568 -40.22 20.75 15.19
C LEU A 568 -39.34 21.96 14.92
N LEU A 569 -39.59 22.66 13.82
CA LEU A 569 -38.63 23.66 13.35
C LEU A 569 -38.68 24.93 14.20
N GLY A 570 -39.88 25.35 14.62
CA GLY A 570 -40.00 26.54 15.44
C GLY A 570 -41.27 27.32 15.18
N ASP A 571 -41.69 28.10 16.17
CA ASP A 571 -42.91 28.90 16.07
C ASP A 571 -42.74 30.05 15.08
N PHE A 572 -41.53 30.56 14.97
CA PHE A 572 -41.24 31.80 14.23
C PHE A 572 -41.62 31.71 12.76
N THR A 573 -41.58 30.51 12.19
CA THR A 573 -41.93 30.34 10.77
C THR A 573 -43.43 30.14 10.59
N GLN A 574 -43.94 30.65 9.47
CA GLN A 574 -45.27 30.32 9.02
C GLN A 574 -45.29 28.89 8.49
N PRO A 575 -46.46 28.25 8.44
CA PRO A 575 -46.53 26.88 7.90
C PRO A 575 -45.99 26.81 6.50
N LEU A 576 -45.16 25.79 6.24
CA LEU A 576 -44.50 25.67 4.94
C LEU A 576 -45.51 25.35 3.84
N TYR A 577 -46.46 24.47 4.12
CA TYR A 577 -47.48 24.10 3.16
C TYR A 577 -48.79 24.78 3.50
N PRO A 578 -49.38 25.53 2.57
CA PRO A 578 -50.57 26.31 2.91
C PRO A 578 -51.77 25.44 3.24
N ARG A 579 -52.63 25.97 4.10
CA ARG A 579 -53.84 25.27 4.46
C ARG A 579 -54.80 25.21 3.27
N PRO A 580 -55.40 24.06 2.99
CA PRO A 580 -56.41 23.99 1.93
C PRO A 580 -57.58 24.90 2.23
N ARG A 581 -58.10 25.53 1.19
CA ARG A 581 -59.22 26.46 1.34
C ARG A 581 -59.94 26.66 0.02
N HIS A 614 -54.85 18.36 -12.17
CA HIS A 614 -53.69 17.84 -12.87
C HIS A 614 -52.45 17.89 -12.00
N VAL A 615 -51.28 18.02 -12.63
CA VAL A 615 -50.02 18.15 -11.92
C VAL A 615 -49.83 19.63 -11.56
N THR A 616 -49.63 19.90 -10.27
CA THR A 616 -49.46 21.26 -9.77
C THR A 616 -48.28 21.28 -8.81
N PHE A 617 -47.12 21.71 -9.31
CA PHE A 617 -45.94 21.83 -8.47
C PHE A 617 -46.10 22.97 -7.46
N THR A 618 -45.49 22.78 -6.30
CA THR A 618 -45.32 23.86 -5.35
C THR A 618 -43.98 24.54 -5.60
N MET A 619 -43.84 25.76 -5.09
CA MET A 619 -42.61 26.49 -5.27
C MET A 619 -41.47 25.74 -4.59
N ASP A 620 -40.31 25.71 -5.26
CA ASP A 620 -39.13 24.98 -4.78
C ASP A 620 -39.48 23.52 -4.56
N PRO A 621 -39.72 22.74 -5.62
CA PRO A 621 -40.15 21.35 -5.45
C PRO A 621 -39.08 20.42 -4.94
N ILE A 622 -37.95 20.92 -4.47
CA ILE A 622 -36.87 20.09 -3.96
C ILE A 622 -36.76 20.19 -2.44
N ARG A 623 -37.21 21.30 -1.85
CA ARG A 623 -37.14 21.50 -0.41
C ARG A 623 -37.99 20.48 0.32
N ASP A 624 -39.12 20.09 -0.27
CA ASP A 624 -40.05 19.17 0.37
C ASP A 624 -39.54 17.74 0.32
N LEU A 625 -38.97 17.34 -0.82
CA LEU A 625 -38.29 16.06 -0.90
C LEU A 625 -37.09 16.01 0.04
N LEU A 626 -36.38 17.13 0.20
CA LEU A 626 -35.30 17.22 1.18
C LEU A 626 -35.80 17.01 2.61
N ILE A 627 -36.95 17.60 2.96
CA ILE A 627 -37.54 17.32 4.27
C ILE A 627 -37.88 15.84 4.42
N TRP A 628 -38.51 15.26 3.40
CA TRP A 628 -38.89 13.85 3.48
C TRP A 628 -37.66 12.96 3.67
N ALA A 629 -36.55 13.32 3.04
CA ALA A 629 -35.31 12.56 3.20
C ALA A 629 -34.61 12.79 4.54
N ILE A 630 -34.58 14.03 5.03
CA ILE A 630 -33.94 14.34 6.29
C ILE A 630 -34.68 13.77 7.49
N VAL A 631 -36.02 13.88 7.53
CA VAL A 631 -36.74 13.61 8.77
C VAL A 631 -36.57 12.17 9.22
N GLN A 632 -36.69 11.20 8.32
CA GLN A 632 -36.60 9.79 8.67
C GLN A 632 -35.16 9.29 8.66
N ASN A 633 -34.18 10.20 8.73
CA ASN A 633 -32.78 9.86 8.87
C ASN A 633 -32.30 8.97 7.72
N ARG A 634 -32.31 9.48 6.50
CA ARG A 634 -31.81 8.76 5.33
C ARG A 634 -30.54 9.47 4.87
N ARG A 635 -29.40 8.98 5.37
CA ARG A 635 -28.10 9.61 5.15
C ARG A 635 -27.79 9.79 3.68
N GLU A 636 -27.67 8.68 2.95
CA GLU A 636 -27.16 8.74 1.59
C GLU A 636 -28.14 9.43 0.64
N LEU A 637 -29.45 9.25 0.85
CA LEU A 637 -30.44 10.00 0.07
C LEU A 637 -30.35 11.49 0.36
N ALA A 638 -30.03 11.85 1.60
CA ALA A 638 -30.05 13.24 2.03
C ALA A 638 -29.02 14.11 1.30
N GLY A 639 -27.80 13.60 1.14
CA GLY A 639 -26.78 14.35 0.43
C GLY A 639 -27.07 14.46 -1.05
N ILE A 640 -27.55 13.37 -1.64
CA ILE A 640 -27.91 13.36 -3.05
C ILE A 640 -28.99 14.39 -3.36
N ILE A 641 -30.05 14.44 -2.55
CA ILE A 641 -31.11 15.43 -2.77
C ILE A 641 -30.65 16.86 -2.47
N TRP A 642 -29.82 17.06 -1.45
CA TRP A 642 -29.32 18.39 -1.12
C TRP A 642 -28.32 18.92 -2.14
N ALA A 643 -27.68 18.05 -2.91
CA ALA A 643 -26.73 18.50 -3.91
C ALA A 643 -27.33 19.43 -4.96
N GLN A 644 -28.65 19.40 -5.14
CA GLN A 644 -29.28 20.25 -6.14
C GLN A 644 -30.39 21.11 -5.54
N SER A 645 -30.14 21.75 -4.40
CA SER A 645 -31.13 22.57 -3.74
C SER A 645 -31.02 24.02 -4.18
N GLN A 646 -32.12 24.76 -4.06
CA GLN A 646 -32.18 26.15 -4.49
C GLN A 646 -31.30 27.05 -3.63
N ASP A 647 -31.63 27.16 -2.35
CA ASP A 647 -30.82 27.89 -1.37
C ASP A 647 -30.25 26.90 -0.37
N CYS A 648 -28.92 26.92 -0.22
CA CYS A 648 -28.22 25.83 0.46
C CYS A 648 -27.49 26.28 1.71
N ILE A 649 -27.82 27.44 2.25
CA ILE A 649 -27.36 27.81 3.59
C ILE A 649 -28.56 27.72 4.51
N ALA A 650 -29.67 28.34 4.10
CA ALA A 650 -30.91 28.22 4.85
C ALA A 650 -31.39 26.79 4.94
N ALA A 651 -31.37 26.04 3.83
CA ALA A 651 -31.77 24.64 3.86
C ALA A 651 -30.83 23.80 4.71
N ALA A 652 -29.52 24.01 4.57
CA ALA A 652 -28.54 23.26 5.34
C ALA A 652 -28.63 23.55 6.84
N LEU A 653 -29.09 24.74 7.22
CA LEU A 653 -29.26 25.07 8.62
C LEU A 653 -30.60 24.57 9.16
N ALA A 654 -31.67 24.63 8.36
CA ALA A 654 -32.94 24.09 8.79
C ALA A 654 -32.87 22.58 8.94
N CYS A 655 -32.09 21.92 8.08
CA CYS A 655 -31.91 20.48 8.19
C CYS A 655 -31.20 20.09 9.48
N SER A 656 -30.30 20.94 9.98
CA SER A 656 -29.68 20.72 11.28
C SER A 656 -30.59 21.06 12.44
N LYS A 657 -31.38 22.14 12.33
CA LYS A 657 -32.33 22.49 13.37
C LYS A 657 -33.37 21.40 13.57
N ILE A 658 -33.95 20.88 12.48
CA ILE A 658 -34.92 19.80 12.58
C ILE A 658 -34.32 18.56 13.22
N LEU A 659 -33.12 18.16 12.82
CA LEU A 659 -32.44 17.00 13.36
C LEU A 659 -32.12 17.15 14.85
N LYS A 660 -31.63 18.32 15.26
CA LYS A 660 -31.35 18.54 16.67
C LYS A 660 -32.64 18.54 17.50
N GLU A 661 -33.71 19.11 16.96
CA GLU A 661 -34.98 19.10 17.70
C GLU A 661 -35.56 17.70 17.81
N LEU A 662 -35.41 16.89 16.76
CA LEU A 662 -36.05 15.57 16.71
C LEU A 662 -35.10 14.48 17.18
N SER A 663 -33.91 14.88 17.64
CA SER A 663 -32.92 13.92 18.10
C SER A 663 -32.73 13.99 19.61
N LYS A 664 -33.66 14.62 20.32
CA LYS A 664 -33.59 14.73 21.78
C LYS A 664 -34.76 14.11 22.50
N GLU A 665 -35.85 13.79 21.80
CA GLU A 665 -37.06 13.24 22.40
C GLU A 665 -37.48 11.97 21.67
N GLU A 666 -36.50 11.18 21.26
CA GLU A 666 -36.72 9.97 20.49
C GLU A 666 -36.76 8.70 21.33
N GLU A 667 -36.18 8.70 22.52
CA GLU A 667 -36.15 7.55 23.41
C GLU A 667 -35.38 6.39 22.78
N ASP A 668 -34.14 6.68 22.40
CA ASP A 668 -33.27 5.69 21.77
C ASP A 668 -31.83 6.09 22.04
N THR A 669 -30.89 5.23 21.64
CA THR A 669 -29.48 5.51 21.84
C THR A 669 -28.71 5.30 20.54
N ASP A 670 -29.33 4.63 19.58
CA ASP A 670 -28.71 4.37 18.29
C ASP A 670 -29.02 5.47 17.27
N SER A 671 -30.29 5.64 16.93
CA SER A 671 -30.70 6.69 16.02
C SER A 671 -30.66 8.07 16.66
N SER A 672 -30.89 8.18 17.96
CA SER A 672 -30.72 9.44 18.67
C SER A 672 -29.28 9.93 18.63
N GLU A 673 -28.31 9.01 18.55
CA GLU A 673 -26.91 9.37 18.37
C GLU A 673 -26.54 9.57 16.92
N GLU A 674 -27.16 8.82 16.00
CA GLU A 674 -26.92 9.01 14.58
C GLU A 674 -27.40 10.37 14.07
N MET A 675 -28.61 10.78 14.42
CA MET A 675 -29.12 12.07 13.99
C MET A 675 -28.38 13.25 14.61
N LEU A 676 -27.98 13.14 15.88
CA LEU A 676 -27.19 14.20 16.50
C LEU A 676 -25.83 14.38 15.81
N ALA A 677 -25.33 13.36 15.13
CA ALA A 677 -24.08 13.45 14.37
C ALA A 677 -24.32 13.90 12.93
N LEU A 678 -25.44 13.51 12.33
CA LEU A 678 -25.80 14.02 11.02
C LEU A 678 -26.09 15.51 11.05
N ALA A 679 -26.65 16.00 12.14
CA ALA A 679 -26.85 17.44 12.29
C ALA A 679 -25.52 18.18 12.30
N GLU A 680 -24.51 17.62 12.96
CA GLU A 680 -23.19 18.24 13.02
C GLU A 680 -22.50 18.22 11.66
N GLU A 681 -22.96 17.37 10.76
CA GLU A 681 -22.44 17.32 9.40
C GLU A 681 -23.14 18.30 8.47
N TYR A 682 -24.46 18.43 8.57
CA TYR A 682 -25.13 19.51 7.85
C TYR A 682 -24.68 20.87 8.35
N GLU A 683 -24.31 20.96 9.63
CA GLU A 683 -23.65 22.15 10.14
C GLU A 683 -22.41 22.50 9.32
N HIS A 684 -21.55 21.52 9.09
CA HIS A 684 -20.31 21.78 8.38
C HIS A 684 -20.57 22.04 6.90
N ARG A 685 -21.60 21.40 6.35
CA ARG A 685 -22.02 21.73 4.98
C ARG A 685 -22.41 23.19 4.86
N ALA A 686 -23.25 23.67 5.77
CA ALA A 686 -23.66 25.07 5.78
C ALA A 686 -22.49 26.02 5.99
N ILE A 687 -21.57 25.69 6.89
CA ILE A 687 -20.38 26.49 7.11
C ILE A 687 -19.48 26.54 5.88
N GLY A 688 -19.28 25.41 5.21
CA GLY A 688 -18.36 25.34 4.09
C GLY A 688 -18.91 25.95 2.82
N VAL A 689 -20.23 25.93 2.66
CA VAL A 689 -20.84 26.66 1.54
C VAL A 689 -20.71 28.17 1.71
N PHE A 690 -20.84 28.68 2.94
CA PHE A 690 -20.83 30.12 3.18
C PHE A 690 -19.44 30.73 3.11
N THR A 691 -18.39 30.04 3.55
CA THR A 691 -17.05 30.57 3.39
C THR A 691 -16.62 30.63 1.93
N GLU A 692 -17.23 29.82 1.07
CA GLU A 692 -17.00 29.93 -0.36
C GLU A 692 -17.58 31.21 -0.92
N CYS A 693 -18.76 31.63 -0.43
CA CYS A 693 -19.34 32.90 -0.80
C CYS A 693 -18.62 34.08 -0.17
N TYR A 694 -18.06 33.92 1.02
CA TYR A 694 -17.38 34.98 1.73
C TYR A 694 -15.98 35.25 1.18
N ARG A 695 -15.47 34.37 0.31
CA ARG A 695 -14.17 34.56 -0.30
C ARG A 695 -14.24 35.06 -1.73
N LYS A 696 -15.40 34.99 -2.38
CA LYS A 696 -15.61 35.61 -3.69
C LYS A 696 -15.96 37.09 -3.59
N ASP A 697 -16.61 37.50 -2.51
CA ASP A 697 -17.05 38.88 -2.34
C ASP A 697 -17.22 39.12 -0.84
N GLU A 698 -17.35 40.40 -0.49
CA GLU A 698 -17.51 40.80 0.92
C GLU A 698 -18.91 41.30 1.22
N GLU A 699 -19.38 42.32 0.49
CA GLU A 699 -20.69 42.90 0.73
C GLU A 699 -21.84 42.00 0.29
N ARG A 700 -21.67 41.24 -0.79
CA ARG A 700 -22.71 40.34 -1.27
C ARG A 700 -22.76 39.03 -0.50
N ALA A 701 -21.82 38.80 0.41
CA ALA A 701 -21.81 37.59 1.22
C ALA A 701 -22.59 37.75 2.52
N GLN A 702 -23.21 38.90 2.74
CA GLN A 702 -23.98 39.14 3.95
C GLN A 702 -25.42 39.50 3.60
N LYS A 703 -25.64 39.95 2.37
CA LYS A 703 -27.00 40.23 1.91
C LYS A 703 -27.78 38.94 1.76
N LEU A 704 -27.07 37.82 1.60
CA LEU A 704 -27.68 36.50 1.67
C LEU A 704 -27.65 35.94 3.08
N LEU A 705 -26.81 36.49 3.95
CA LEU A 705 -26.86 36.19 5.38
C LEU A 705 -28.11 36.71 6.03
N THR A 706 -28.58 37.90 5.63
CA THR A 706 -29.80 38.48 6.19
C THR A 706 -30.75 38.77 5.02
N ARG A 707 -31.56 37.76 4.67
CA ARG A 707 -32.61 37.92 3.67
C ARG A 707 -33.70 36.91 4.01
N VAL A 708 -34.93 37.41 4.16
CA VAL A 708 -36.06 36.55 4.50
C VAL A 708 -36.32 35.59 3.35
N SER A 709 -36.38 34.30 3.66
CA SER A 709 -36.55 33.28 2.63
C SER A 709 -38.00 32.86 2.54
N GLU A 710 -38.57 32.99 1.33
CA GLU A 710 -39.96 32.63 1.10
C GLU A 710 -40.20 31.13 1.00
N ALA A 711 -39.12 30.33 0.95
CA ALA A 711 -39.24 28.88 0.78
C ALA A 711 -38.88 28.13 2.05
N TRP A 712 -38.71 28.83 3.18
CA TRP A 712 -38.36 28.15 4.42
C TRP A 712 -39.09 28.68 5.64
N GLY A 713 -40.23 29.36 5.46
CA GLY A 713 -41.01 29.80 6.58
C GLY A 713 -40.86 31.27 6.90
N LYS A 714 -40.47 32.06 5.90
CA LYS A 714 -40.30 33.50 6.04
C LYS A 714 -39.32 33.84 7.16
N THR A 715 -38.18 33.16 7.17
CA THR A 715 -37.15 33.39 8.17
C THR A 715 -35.80 33.55 7.48
N THR A 716 -34.85 34.12 8.22
CA THR A 716 -33.53 34.41 7.69
C THR A 716 -32.58 33.24 7.90
N CYS A 717 -31.38 33.36 7.35
CA CYS A 717 -30.34 32.35 7.49
C CYS A 717 -29.54 32.50 8.78
N LEU A 718 -29.72 33.60 9.50
CA LEU A 718 -29.01 33.83 10.76
C LEU A 718 -29.83 33.45 11.98
N GLN A 719 -31.12 33.77 11.99
CA GLN A 719 -32.00 33.38 13.09
C GLN A 719 -32.16 31.88 13.20
N LEU A 720 -32.09 31.15 12.10
CA LEU A 720 -32.09 29.69 12.13
C LEU A 720 -30.86 29.15 12.86
N ALA A 721 -29.68 29.67 12.51
CA ALA A 721 -28.46 29.20 13.16
C ALA A 721 -28.42 29.60 14.64
N LEU A 722 -28.85 30.81 14.95
CA LEU A 722 -28.82 31.28 16.34
C LEU A 722 -29.75 30.45 17.22
N GLU A 723 -30.93 30.10 16.71
CA GLU A 723 -31.91 29.35 17.47
C GLU A 723 -31.69 27.84 17.41
N ALA A 724 -30.89 27.36 16.46
CA ALA A 724 -30.58 25.94 16.36
C ALA A 724 -29.36 25.55 17.19
N LYS A 725 -28.83 26.46 18.01
CA LYS A 725 -27.65 26.23 18.83
C LYS A 725 -26.45 25.86 17.98
N ASP A 726 -26.33 26.47 16.80
CA ASP A 726 -25.19 26.23 15.92
C ASP A 726 -23.98 26.98 16.46
N MET A 727 -23.14 26.30 17.22
CA MET A 727 -22.02 26.94 17.90
C MET A 727 -20.85 27.24 16.98
N LYS A 728 -20.75 26.56 15.84
CA LYS A 728 -19.59 26.71 14.95
C LYS A 728 -19.90 27.59 13.75
N PHE A 729 -21.14 27.99 13.57
CA PHE A 729 -21.51 28.86 12.45
C PHE A 729 -21.53 30.33 12.82
N VAL A 730 -22.03 30.67 14.01
CA VAL A 730 -22.16 32.06 14.42
C VAL A 730 -20.82 32.58 14.93
N SER A 731 -19.80 31.74 14.88
CA SER A 731 -18.46 32.14 15.32
C SER A 731 -17.46 31.85 14.20
N HIS A 732 -17.86 32.09 12.95
CA HIS A 732 -17.03 31.85 11.79
C HIS A 732 -16.02 32.95 11.52
N GLY A 733 -16.39 34.21 11.75
CA GLY A 733 -15.54 35.33 11.43
C GLY A 733 -16.19 36.20 10.37
N GLY A 734 -16.75 35.56 9.35
CA GLY A 734 -17.63 36.27 8.44
C GLY A 734 -18.96 36.61 9.04
N ILE A 735 -19.38 35.85 10.07
CA ILE A 735 -20.53 36.21 10.87
C ILE A 735 -20.19 37.25 11.93
N GLN A 736 -18.99 37.18 12.52
CA GLN A 736 -18.56 38.15 13.51
C GLN A 736 -18.25 39.52 12.93
N ALA A 737 -17.70 39.59 11.72
CA ALA A 737 -17.50 40.89 11.08
C ALA A 737 -18.83 41.60 10.83
N PHE A 738 -19.84 40.86 10.36
CA PHE A 738 -21.16 41.44 10.16
C PHE A 738 -21.81 41.90 11.45
N LEU A 739 -21.61 41.17 12.55
CA LEU A 739 -22.10 41.61 13.85
C LEU A 739 -21.37 42.83 14.40
N THR A 740 -20.05 42.89 14.26
CA THR A 740 -19.30 44.08 14.61
C THR A 740 -19.69 45.29 13.78
N LYS A 741 -20.03 45.09 12.51
CA LYS A 741 -20.50 46.17 11.66
C LYS A 741 -21.79 46.80 12.15
N VAL A 742 -22.77 46.00 12.58
CA VAL A 742 -24.01 46.54 13.13
C VAL A 742 -23.84 46.99 14.57
N TRP A 743 -22.82 46.50 15.28
CA TRP A 743 -22.47 47.04 16.58
C TRP A 743 -22.09 48.51 16.53
N TRP A 744 -21.62 48.99 15.38
CA TRP A 744 -21.31 50.39 15.18
C TRP A 744 -22.39 51.11 14.40
N GLY A 745 -22.81 50.57 13.26
CA GLY A 745 -23.84 51.20 12.46
C GLY A 745 -23.36 51.67 11.11
N GLN A 746 -23.61 52.93 10.79
CA GLN A 746 -23.18 53.49 9.51
C GLN A 746 -21.78 54.12 9.57
N LEU A 747 -21.14 54.11 10.73
CA LEU A 747 -19.81 54.68 10.89
C LEU A 747 -18.74 53.59 10.85
N SER A 748 -17.51 54.01 10.54
CA SER A 748 -16.42 53.07 10.32
C SER A 748 -16.00 52.40 11.63
N VAL A 749 -15.48 51.18 11.49
CA VAL A 749 -15.08 50.37 12.64
C VAL A 749 -13.62 50.56 13.04
N ASP A 750 -12.75 50.94 12.11
CA ASP A 750 -11.33 51.10 12.42
C ASP A 750 -11.05 52.46 13.07
N ASN A 751 -11.71 52.69 14.21
CA ASN A 751 -11.48 53.90 14.98
C ASN A 751 -10.88 53.59 16.35
N GLY A 752 -11.49 52.67 17.09
CA GLY A 752 -11.05 52.32 18.42
C GLY A 752 -12.09 52.70 19.45
N LEU A 753 -11.81 52.29 20.69
CA LEU A 753 -12.72 52.58 21.80
C LEU A 753 -12.31 53.84 22.55
N TRP A 754 -11.01 54.10 22.67
CA TRP A 754 -10.54 55.30 23.36
C TRP A 754 -11.06 56.56 22.70
N ARG A 755 -11.06 56.62 21.38
CA ARG A 755 -11.59 57.77 20.66
C ARG A 755 -13.09 57.94 20.93
N VAL A 756 -13.82 56.82 20.98
CA VAL A 756 -15.26 56.87 21.25
C VAL A 756 -15.51 57.45 22.64
N THR A 757 -14.77 56.99 23.64
CA THR A 757 -14.93 57.55 24.99
C THR A 757 -14.53 59.03 25.02
N LEU A 758 -13.45 59.40 24.32
CA LEU A 758 -13.05 60.79 24.29
C LEU A 758 -14.14 61.68 23.71
N CYS A 759 -14.81 61.21 22.65
CA CYS A 759 -15.88 61.97 22.03
C CYS A 759 -17.16 61.98 22.84
N MET A 760 -17.48 60.90 23.56
CA MET A 760 -18.72 60.88 24.34
C MET A 760 -18.55 61.74 25.60
N LEU A 761 -17.35 61.75 26.18
CA LEU A 761 -17.09 62.60 27.34
C LEU A 761 -17.17 64.07 26.96
N ALA A 762 -16.55 64.45 25.85
CA ALA A 762 -16.58 65.82 25.37
C ALA A 762 -17.62 65.99 24.28
N PHE A 763 -18.78 66.57 24.64
CA PHE A 763 -19.84 66.80 23.65
C PHE A 763 -19.37 67.61 22.44
N PRO A 764 -18.59 68.70 22.58
CA PRO A 764 -18.10 69.37 21.35
C PRO A 764 -16.82 68.74 20.83
N LEU A 765 -16.90 67.45 20.47
CA LEU A 765 -15.73 66.76 19.92
C LEU A 765 -16.08 65.86 18.73
N LEU A 766 -17.19 66.11 18.03
CA LEU A 766 -17.58 65.32 16.88
C LEU A 766 -17.58 66.12 15.59
N LEU A 767 -17.61 67.45 15.67
CA LEU A 767 -17.59 68.30 14.49
C LEU A 767 -16.19 68.51 13.92
N THR A 768 -15.15 68.07 14.63
CA THR A 768 -13.79 68.19 14.17
C THR A 768 -13.33 66.88 13.53
N GLY A 769 -12.12 66.88 13.00
CA GLY A 769 -11.58 65.69 12.34
C GLY A 769 -11.00 64.69 13.32
N LEU A 770 -11.83 64.16 14.21
CA LEU A 770 -11.36 63.18 15.18
C LEU A 770 -11.99 61.82 14.93
N ILE A 771 -13.32 61.76 14.90
CA ILE A 771 -14.00 60.49 14.70
C ILE A 771 -13.94 60.10 13.23
N SER A 772 -14.02 58.79 12.96
CA SER A 772 -13.93 58.29 11.60
C SER A 772 -15.32 57.96 11.06
N PHE A 773 -15.39 57.68 9.76
CA PHE A 773 -16.65 57.32 9.11
C PHE A 773 -16.35 56.45 7.90
N ARG A 774 -17.33 55.62 7.55
CA ARG A 774 -17.32 54.90 6.29
C ARG A 774 -18.46 55.43 5.42
N GLU A 775 -18.51 54.95 4.18
CA GLU A 775 -19.39 55.52 3.16
C GLU A 775 -19.11 57.02 3.01
N LYS A 776 -17.92 57.29 2.47
CA LYS A 776 -17.29 58.60 2.49
C LYS A 776 -18.15 59.72 1.90
N ARG A 777 -19.28 59.36 1.28
CA ARG A 777 -20.22 60.38 0.82
C ARG A 777 -20.70 61.27 1.96
N LEU A 778 -20.73 60.74 3.20
CA LEU A 778 -21.06 61.54 4.37
C LEU A 778 -19.83 61.97 5.16
N GLN A 779 -18.65 61.46 4.81
CA GLN A 779 -17.42 61.86 5.49
C GLN A 779 -16.77 63.08 4.84
N ASP A 780 -16.72 63.12 3.52
CA ASP A 780 -16.17 64.26 2.80
C ASP A 780 -17.15 65.43 2.88
N VAL A 781 -18.36 65.24 2.37
CA VAL A 781 -19.42 66.24 2.48
C VAL A 781 -20.19 65.88 3.76
N GLY A 782 -19.69 66.36 4.89
CA GLY A 782 -20.26 66.03 6.17
C GLY A 782 -21.40 66.94 6.59
N THR A 783 -22.60 66.37 6.71
CA THR A 783 -23.74 67.16 7.15
C THR A 783 -23.68 67.37 8.65
N PRO A 784 -23.64 68.61 9.13
CA PRO A 784 -23.61 68.84 10.58
C PRO A 784 -24.81 68.27 11.31
N ALA A 785 -26.00 68.29 10.68
CA ALA A 785 -27.19 67.74 11.32
C ALA A 785 -27.12 66.22 11.38
N ALA A 786 -26.66 65.58 10.30
CA ALA A 786 -26.61 64.12 10.26
C ALA A 786 -25.53 63.59 11.19
N ARG A 787 -24.43 64.33 11.33
CA ARG A 787 -23.32 63.87 12.19
C ARG A 787 -23.78 63.75 13.64
N ALA A 788 -24.57 64.71 14.12
CA ALA A 788 -25.08 64.65 15.49
C ALA A 788 -26.02 63.47 15.67
N ARG A 789 -26.89 63.22 14.68
CA ARG A 789 -27.88 62.15 14.82
C ARG A 789 -27.25 60.77 14.72
N ALA A 790 -26.15 60.65 13.97
CA ALA A 790 -25.55 59.34 13.74
C ALA A 790 -25.09 58.69 15.03
N PHE A 791 -24.56 59.47 15.97
CA PHE A 791 -24.03 58.87 17.19
C PHE A 791 -25.15 58.30 18.05
N PHE A 792 -26.24 59.03 18.21
CA PHE A 792 -27.37 58.49 18.97
C PHE A 792 -28.03 57.34 18.20
N THR A 793 -27.92 57.33 16.88
CA THR A 793 -28.38 56.18 16.12
C THR A 793 -27.53 54.94 16.43
N ALA A 794 -26.23 55.14 16.59
CA ALA A 794 -25.32 54.03 16.85
C ALA A 794 -25.64 53.36 18.18
N PRO A 795 -25.56 52.03 18.28
CA PRO A 795 -25.89 51.37 19.56
C PRO A 795 -24.76 51.38 20.57
N VAL A 796 -23.51 51.50 20.12
CA VAL A 796 -22.38 51.54 21.05
C VAL A 796 -22.43 52.80 21.89
N VAL A 797 -22.85 53.91 21.28
CA VAL A 797 -23.02 55.15 22.05
C VAL A 797 -24.13 54.98 23.08
N VAL A 798 -25.20 54.30 22.71
CA VAL A 798 -26.28 54.03 23.67
C VAL A 798 -25.76 53.19 24.83
N PHE A 799 -24.95 52.19 24.53
CA PHE A 799 -24.38 51.35 25.59
C PHE A 799 -23.48 52.17 26.52
N HIS A 800 -22.66 53.05 25.95
CA HIS A 800 -21.78 53.88 26.76
C HIS A 800 -22.59 54.84 27.63
N LEU A 801 -23.64 55.43 27.07
CA LEU A 801 -24.50 56.31 27.87
C LEU A 801 -25.16 55.52 28.99
N ASN A 802 -25.61 54.30 28.70
CA ASN A 802 -26.26 53.49 29.73
C ASN A 802 -25.29 53.16 30.86
N ILE A 803 -24.07 52.74 30.51
CA ILE A 803 -23.10 52.36 31.55
C ILE A 803 -22.71 53.57 32.39
N LEU A 804 -22.48 54.73 31.74
CA LEU A 804 -22.13 55.92 32.50
C LEU A 804 -23.28 56.37 33.39
N SER A 805 -24.51 56.31 32.88
CA SER A 805 -25.67 56.69 33.69
C SER A 805 -25.82 55.79 34.90
N TYR A 806 -25.67 54.48 34.69
CA TYR A 806 -25.82 53.54 35.81
C TYR A 806 -24.71 53.75 36.84
N PHE A 807 -23.48 54.00 36.38
CA PHE A 807 -22.38 54.21 37.33
C PHE A 807 -22.57 55.52 38.10
N ALA A 808 -23.01 56.58 37.42
CA ALA A 808 -23.26 57.84 38.11
C ALA A 808 -24.40 57.70 39.12
N PHE A 809 -25.44 56.94 38.76
CA PHE A 809 -26.49 56.59 39.72
C PHE A 809 -25.92 55.87 40.93
N LEU A 810 -25.08 54.87 40.70
CA LEU A 810 -24.57 54.09 41.83
C LEU A 810 -23.72 54.97 42.74
N CYS A 811 -22.94 55.88 42.15
CA CYS A 811 -22.18 56.84 42.95
C CYS A 811 -23.10 57.78 43.73
N LEU A 812 -24.20 58.20 43.12
CA LEU A 812 -25.15 59.07 43.83
C LEU A 812 -25.80 58.32 45.00
N PHE A 813 -26.14 57.06 44.80
CA PHE A 813 -26.68 56.24 45.88
C PHE A 813 -25.66 56.08 47.00
N ALA A 814 -24.39 55.90 46.64
CA ALA A 814 -23.33 55.89 47.65
C ALA A 814 -23.26 57.21 48.38
N TYR A 815 -23.46 58.32 47.66
CA TYR A 815 -23.37 59.65 48.25
C TYR A 815 -24.46 59.82 49.31
N VAL A 816 -25.69 59.44 48.98
CA VAL A 816 -26.79 59.57 49.94
C VAL A 816 -26.63 58.57 51.08
N LEU A 817 -26.03 57.41 50.79
CA LEU A 817 -25.69 56.48 51.88
C LEU A 817 -24.70 57.12 52.85
N MET A 818 -23.75 57.89 52.32
CA MET A 818 -22.78 58.56 53.17
C MET A 818 -23.42 59.66 54.01
N VAL A 819 -23.92 60.72 53.37
CA VAL A 819 -24.22 61.94 54.10
C VAL A 819 -25.65 62.44 53.94
N ASP A 820 -26.36 62.10 52.87
CA ASP A 820 -27.70 62.63 52.63
C ASP A 820 -28.71 61.58 53.04
N PHE A 821 -29.10 61.60 54.32
CA PHE A 821 -29.89 60.53 54.92
C PHE A 821 -30.97 61.14 55.83
N GLN A 822 -31.60 62.23 55.36
CA GLN A 822 -32.47 63.06 56.19
C GLN A 822 -33.87 62.47 56.28
N PRO A 823 -34.59 62.68 57.39
CA PRO A 823 -36.00 62.26 57.48
C PRO A 823 -36.89 62.90 56.43
N VAL A 824 -36.68 64.17 56.11
CA VAL A 824 -37.30 64.77 54.93
C VAL A 824 -36.56 64.21 53.73
N PRO A 825 -37.26 63.64 52.75
CA PRO A 825 -36.56 62.95 51.65
C PRO A 825 -35.52 63.82 50.98
N SER A 826 -34.24 63.44 51.12
CA SER A 826 -33.16 64.17 50.49
C SER A 826 -33.40 64.30 49.00
N TRP A 827 -32.79 65.32 48.38
CA TRP A 827 -33.04 65.62 46.98
C TRP A 827 -32.78 64.43 46.06
N CYS A 828 -32.17 63.36 46.56
CA CYS A 828 -31.93 62.17 45.77
C CYS A 828 -32.75 60.96 46.20
N GLU A 829 -33.70 61.10 47.12
CA GLU A 829 -34.55 59.96 47.46
C GLU A 829 -35.54 59.66 46.32
N CYS A 830 -36.31 60.67 45.90
CA CYS A 830 -37.13 60.50 44.71
C CYS A 830 -36.26 60.18 43.51
N ALA A 831 -35.03 60.68 43.49
CA ALA A 831 -34.13 60.41 42.37
C ALA A 831 -33.71 58.94 42.33
N ILE A 832 -33.41 58.33 43.48
CA ILE A 832 -33.04 56.92 43.48
C ILE A 832 -34.26 56.09 43.11
N TYR A 833 -35.44 56.46 43.61
CA TYR A 833 -36.65 55.75 43.20
C TYR A 833 -36.83 55.80 41.67
N LEU A 834 -36.74 57.00 41.09
CA LEU A 834 -37.03 57.15 39.67
C LEU A 834 -35.95 56.54 38.79
N TRP A 835 -34.68 56.70 39.16
CA TRP A 835 -33.63 56.16 38.30
C TRP A 835 -33.42 54.67 38.55
N LEU A 836 -33.98 54.12 39.62
CA LEU A 836 -34.05 52.67 39.73
C LEU A 836 -35.23 52.12 38.94
N PHE A 837 -36.31 52.90 38.88
CA PHE A 837 -37.37 52.66 37.90
C PHE A 837 -36.84 52.75 36.47
N SER A 838 -35.76 53.50 36.26
CA SER A 838 -35.16 53.59 34.93
C SER A 838 -34.70 52.21 34.44
N LEU A 839 -34.28 51.34 35.36
CA LEU A 839 -33.91 49.99 34.96
C LEU A 839 -35.13 49.15 34.58
N VAL A 840 -36.21 49.26 35.37
CA VAL A 840 -37.34 48.36 35.19
C VAL A 840 -38.23 48.80 34.04
N CYS A 841 -38.23 50.09 33.72
CA CYS A 841 -39.08 50.57 32.62
C CYS A 841 -38.60 50.02 31.29
N GLU A 842 -37.28 49.84 31.14
CA GLU A 842 -36.76 49.15 29.97
C GLU A 842 -37.06 47.66 30.02
N GLU A 843 -37.06 47.09 31.23
CA GLU A 843 -37.43 45.68 31.39
C GLU A 843 -38.82 45.42 30.84
N MET A 844 -39.70 46.43 30.87
CA MET A 844 -40.97 46.33 30.16
C MET A 844 -40.74 46.00 28.69
N ARG A 845 -39.78 46.68 28.05
CA ARG A 845 -39.51 46.43 26.64
C ARG A 845 -38.88 45.05 26.42
N GLN A 846 -37.87 44.69 27.22
CA GLN A 846 -37.24 43.39 27.00
C GLN A 846 -38.20 42.24 27.24
N LEU A 847 -38.95 42.27 28.34
CA LEU A 847 -39.83 41.15 28.65
C LEU A 847 -41.08 41.15 27.78
N PHE A 848 -41.62 42.33 27.47
CA PHE A 848 -42.86 42.40 26.72
C PHE A 848 -42.67 41.97 25.27
N TYR A 849 -41.54 42.31 24.68
CA TYR A 849 -41.35 42.10 23.24
C TYR A 849 -41.23 40.63 22.91
N ASP A 850 -41.96 40.21 21.88
CA ASP A 850 -41.91 38.85 21.35
C ASP A 850 -41.75 38.91 19.84
N PRO A 851 -40.51 38.98 19.34
CA PRO A 851 -40.33 39.04 17.87
C PRO A 851 -40.90 37.83 17.16
N ASP A 852 -40.84 36.66 17.79
CA ASP A 852 -41.51 35.47 17.32
C ASP A 852 -42.61 35.11 18.30
N GLU A 853 -43.70 34.53 17.78
CA GLU A 853 -44.84 34.20 18.62
C GLU A 853 -44.44 33.24 19.74
N CYS A 854 -44.44 33.76 20.97
CA CYS A 854 -44.04 32.98 22.13
C CYS A 854 -45.01 33.26 23.27
N GLY A 855 -45.18 32.28 24.14
CA GLY A 855 -46.12 32.42 25.24
C GLY A 855 -45.60 33.33 26.33
N LEU A 856 -46.55 33.96 27.04
CA LEU A 856 -46.18 34.85 28.14
C LEU A 856 -45.52 34.07 29.28
N MET A 857 -46.04 32.88 29.59
CA MET A 857 -45.43 32.06 30.64
C MET A 857 -44.06 31.56 30.20
N LYS A 858 -43.88 31.27 28.91
CA LYS A 858 -42.56 30.95 28.40
C LYS A 858 -41.61 32.14 28.56
N LYS A 859 -42.12 33.35 28.32
CA LYS A 859 -41.31 34.55 28.53
C LYS A 859 -40.88 34.66 29.99
N ALA A 860 -41.82 34.41 30.91
CA ALA A 860 -41.51 34.47 32.34
C ALA A 860 -40.47 33.40 32.72
N ALA A 861 -40.62 32.19 32.18
CA ALA A 861 -39.67 31.13 32.46
C ALA A 861 -38.27 31.47 31.93
N LEU A 862 -38.21 32.04 30.73
CA LEU A 862 -36.93 32.46 30.17
C LEU A 862 -36.29 33.55 31.03
N TYR A 863 -37.10 34.49 31.52
CA TYR A 863 -36.57 35.52 32.41
C TYR A 863 -36.03 34.92 33.70
N PHE A 864 -36.76 33.95 34.27
CA PHE A 864 -36.34 33.34 35.52
C PHE A 864 -35.08 32.48 35.34
N SER A 865 -34.88 31.94 34.13
CA SER A 865 -33.74 31.06 33.91
C SER A 865 -32.41 31.80 33.87
N ASP A 866 -32.43 33.14 33.84
CA ASP A 866 -31.21 33.93 33.72
C ASP A 866 -30.75 34.37 35.12
N PHE A 867 -29.53 33.98 35.48
CA PHE A 867 -29.02 34.33 36.81
C PHE A 867 -28.66 35.81 36.90
N TRP A 868 -28.18 36.39 35.80
CA TRP A 868 -27.91 37.83 35.79
C TRP A 868 -29.21 38.62 35.93
N ASN A 869 -30.27 38.20 35.25
CA ASN A 869 -31.58 38.80 35.46
C ASN A 869 -32.08 38.55 36.87
N LYS A 870 -31.73 37.41 37.46
CA LYS A 870 -32.07 37.15 38.85
C LYS A 870 -31.39 38.15 39.78
N LEU A 871 -30.14 38.50 39.51
CA LEU A 871 -29.46 39.54 40.28
C LEU A 871 -30.11 40.90 40.07
N ASP A 872 -30.48 41.21 38.83
CA ASP A 872 -31.15 42.48 38.54
C ASP A 872 -32.46 42.59 39.31
N VAL A 873 -33.23 41.49 39.36
CA VAL A 873 -34.42 41.44 40.18
C VAL A 873 -34.09 41.48 41.67
N GLY A 874 -32.97 40.88 42.06
CA GLY A 874 -32.59 40.88 43.47
C GLY A 874 -32.26 42.28 43.97
N ALA A 875 -31.90 43.18 43.06
CA ALA A 875 -31.82 44.59 43.43
C ALA A 875 -33.11 45.06 44.08
N ILE A 876 -34.25 44.82 43.40
CA ILE A 876 -35.55 45.17 43.98
C ILE A 876 -35.88 44.25 45.16
N LEU A 877 -35.41 43.00 45.10
CA LEU A 877 -35.66 42.07 46.20
C LEU A 877 -35.04 42.57 47.50
N LEU A 878 -33.94 43.31 47.40
CA LEU A 878 -33.31 43.85 48.61
C LEU A 878 -33.74 45.30 48.84
N PHE A 879 -34.36 45.93 47.84
CA PHE A 879 -35.30 47.02 48.09
C PHE A 879 -36.42 46.61 49.03
N VAL A 880 -36.91 45.38 48.91
CA VAL A 880 -38.10 44.93 49.64
C VAL A 880 -37.98 45.25 51.13
N ALA A 881 -36.77 45.18 51.67
CA ALA A 881 -36.53 45.52 53.07
C ALA A 881 -36.05 46.96 53.25
N GLY A 882 -35.94 47.73 52.18
CA GLY A 882 -35.32 49.06 52.29
C GLY A 882 -36.33 50.19 52.40
N LEU A 883 -37.49 50.04 51.76
CA LEU A 883 -38.47 51.13 51.74
C LEU A 883 -39.00 51.43 53.14
N THR A 884 -39.26 50.39 53.93
CA THR A 884 -39.72 50.60 55.30
C THR A 884 -38.62 51.22 56.16
N CYS A 885 -37.38 50.78 55.96
CA CYS A 885 -36.25 51.35 56.69
C CYS A 885 -36.11 52.84 56.40
N ARG A 886 -36.29 53.23 55.15
CA ARG A 886 -36.34 54.65 54.81
C ARG A 886 -37.56 55.34 55.43
N LEU A 887 -38.73 54.71 55.39
CA LEU A 887 -39.95 55.34 55.88
C LEU A 887 -39.84 55.67 57.37
N ILE A 888 -39.28 54.76 58.15
CA ILE A 888 -39.00 55.00 59.56
C ILE A 888 -37.49 54.98 59.73
N PRO A 889 -36.82 56.12 59.83
CA PRO A 889 -35.35 56.13 59.89
C PRO A 889 -34.76 55.92 61.28
N ALA A 890 -35.56 55.54 62.27
CA ALA A 890 -35.03 55.30 63.60
C ALA A 890 -34.26 54.00 63.68
N THR A 891 -34.59 53.03 62.82
CA THR A 891 -33.94 51.71 62.84
C THR A 891 -32.57 51.80 62.17
N LEU A 892 -31.73 52.65 62.76
CA LEU A 892 -30.36 52.83 62.29
C LEU A 892 -29.57 51.53 62.35
N TYR A 893 -29.44 50.97 63.56
CA TYR A 893 -28.57 49.81 63.76
C TYR A 893 -29.01 48.61 62.94
N PRO A 894 -30.30 48.22 62.93
CA PRO A 894 -30.68 47.11 62.04
C PRO A 894 -30.65 47.50 60.57
N GLY A 895 -30.92 48.76 60.24
CA GLY A 895 -31.21 49.14 58.88
C GLY A 895 -30.06 49.54 57.99
N ARG A 896 -28.88 49.86 58.52
CA ARG A 896 -27.79 50.19 57.61
C ARG A 896 -27.39 49.00 56.74
N VAL A 897 -27.47 47.79 57.28
CA VAL A 897 -26.95 46.62 56.59
C VAL A 897 -27.77 46.31 55.33
N ILE A 898 -29.08 46.55 55.37
CA ILE A 898 -29.91 46.27 54.20
C ILE A 898 -29.45 47.12 53.01
N LEU A 899 -29.28 48.42 53.23
CA LEU A 899 -28.89 49.29 52.13
C LEU A 899 -27.44 49.05 51.72
N SER A 900 -26.57 48.70 52.68
CA SER A 900 -25.19 48.41 52.32
C SER A 900 -25.08 47.15 51.46
N LEU A 901 -25.80 46.08 51.83
CA LEU A 901 -25.81 44.89 50.99
C LEU A 901 -26.53 45.15 49.67
N ASP A 902 -27.49 46.06 49.65
CA ASP A 902 -28.07 46.47 48.38
C ASP A 902 -27.03 47.12 47.48
N PHE A 903 -26.15 47.95 48.07
CA PHE A 903 -25.03 48.51 47.32
C PHE A 903 -24.10 47.41 46.82
N ILE A 904 -23.84 46.41 47.65
CA ILE A 904 -22.95 45.31 47.23
C ILE A 904 -23.56 44.55 46.05
N LEU A 905 -24.87 44.30 46.10
CA LEU A 905 -25.52 43.61 44.99
C LEU A 905 -25.55 44.48 43.74
N PHE A 906 -25.71 45.79 43.91
CA PHE A 906 -25.58 46.72 42.78
C PHE A 906 -24.21 46.60 42.14
N CYS A 907 -23.16 46.57 42.95
CA CYS A 907 -21.80 46.45 42.42
C CYS A 907 -21.62 45.11 41.71
N LEU A 908 -22.19 44.04 42.26
CA LEU A 908 -22.11 42.73 41.62
C LEU A 908 -22.82 42.75 40.27
N ARG A 909 -23.98 43.39 40.19
CA ARG A 909 -24.66 43.52 38.90
C ARG A 909 -23.85 44.37 37.92
N LEU A 910 -23.07 45.31 38.44
CA LEU A 910 -22.23 46.14 37.56
C LEU A 910 -21.19 45.29 36.82
N MET A 911 -20.89 44.08 37.31
CA MET A 911 -19.84 43.26 36.74
C MET A 911 -20.20 42.69 35.37
N HIS A 912 -21.44 42.82 34.92
CA HIS A 912 -21.87 42.26 33.64
C HIS A 912 -21.37 43.03 32.44
N ILE A 913 -20.67 44.15 32.65
CA ILE A 913 -20.37 45.07 31.55
C ILE A 913 -19.28 44.52 30.65
N PHE A 914 -18.51 43.53 31.13
CA PHE A 914 -17.36 43.08 30.37
C PHE A 914 -17.69 42.08 29.28
N THR A 915 -18.96 41.71 29.11
CA THR A 915 -19.33 40.82 28.01
C THR A 915 -18.97 41.44 26.66
N ILE A 916 -18.98 42.78 26.59
CA ILE A 916 -18.57 43.46 25.37
C ILE A 916 -17.06 43.32 25.16
N SER A 917 -16.29 43.42 26.24
CA SER A 917 -14.84 43.32 26.15
C SER A 917 -14.45 41.98 25.53
N LYS A 918 -13.82 42.04 24.35
CA LYS A 918 -13.46 40.81 23.65
C LYS A 918 -12.45 39.99 24.45
N THR A 919 -11.53 40.65 25.15
CA THR A 919 -10.48 39.94 25.86
C THR A 919 -10.92 39.45 27.23
N LEU A 920 -11.90 40.12 27.84
CA LEU A 920 -12.41 39.68 29.14
C LEU A 920 -13.86 39.22 29.13
N GLY A 921 -14.53 39.25 27.98
CA GLY A 921 -15.88 38.73 27.88
C GLY A 921 -15.97 37.25 28.18
N PRO A 922 -15.24 36.44 27.38
CA PRO A 922 -15.16 35.01 27.73
C PRO A 922 -14.58 34.79 29.11
N LYS A 923 -13.86 35.79 29.63
CA LYS A 923 -13.20 35.63 30.92
C LYS A 923 -14.24 35.70 32.03
N ILE A 924 -15.16 36.65 31.92
CA ILE A 924 -16.33 36.68 32.80
C ILE A 924 -17.16 35.43 32.61
N ILE A 925 -17.24 34.93 31.37
CA ILE A 925 -18.00 33.71 31.12
C ILE A 925 -17.45 32.55 31.95
N ILE A 926 -16.12 32.38 31.95
CA ILE A 926 -15.54 31.27 32.72
C ILE A 926 -15.65 31.53 34.22
N VAL A 927 -15.54 32.80 34.64
CA VAL A 927 -15.67 33.12 36.06
C VAL A 927 -17.08 32.78 36.58
N LYS A 928 -18.10 32.93 35.72
CA LYS A 928 -19.45 32.60 36.17
C LYS A 928 -19.59 31.11 36.45
N ARG A 929 -18.69 30.29 35.92
CA ARG A 929 -18.61 28.89 36.30
C ARG A 929 -17.58 28.64 37.40
N MET A 930 -16.65 29.58 37.59
CA MET A 930 -15.74 29.55 38.73
C MET A 930 -16.44 29.78 40.05
N MET A 931 -17.59 30.46 40.02
CA MET A 931 -18.26 30.89 41.24
C MET A 931 -18.64 29.72 42.15
N LYS A 932 -18.76 28.51 41.59
CA LYS A 932 -19.29 27.38 42.36
C LYS A 932 -18.32 26.93 43.46
N ASP A 933 -17.02 26.91 43.16
CA ASP A 933 -16.05 26.34 44.10
C ASP A 933 -15.97 27.15 45.39
N VAL A 934 -16.24 28.46 45.31
CA VAL A 934 -16.18 29.32 46.49
C VAL A 934 -17.18 28.93 47.56
N PHE A 935 -18.38 28.50 47.17
CA PHE A 935 -19.42 28.18 48.14
C PHE A 935 -18.96 27.13 49.15
N PHE A 936 -18.09 26.22 48.72
CA PHE A 936 -17.57 25.19 49.62
C PHE A 936 -16.15 25.47 50.08
N PHE A 937 -15.34 26.24 49.34
CA PHE A 937 -14.04 26.61 49.90
C PHE A 937 -14.24 27.54 51.10
N LEU A 938 -15.37 28.25 51.15
CA LEU A 938 -15.69 29.02 52.33
C LEU A 938 -15.86 28.11 53.54
N PHE A 939 -16.54 26.96 53.36
CA PHE A 939 -16.66 26.01 54.46
C PHE A 939 -15.33 25.30 54.72
N LEU A 940 -14.41 25.35 53.75
CA LEU A 940 -13.10 24.75 53.98
C LEU A 940 -12.18 25.70 54.75
N LEU A 941 -12.36 27.01 54.59
CA LEU A 941 -11.52 28.04 55.19
C LEU A 941 -12.08 28.62 56.48
N ALA A 942 -13.29 29.18 56.42
CA ALA A 942 -13.82 29.94 57.55
C ALA A 942 -14.01 29.05 58.78
N VAL A 943 -14.35 27.78 58.58
CA VAL A 943 -14.60 26.92 59.72
C VAL A 943 -13.32 26.71 60.54
N TRP A 944 -12.18 26.49 59.87
CA TRP A 944 -10.96 26.29 60.63
C TRP A 944 -10.41 27.62 61.15
N VAL A 945 -10.62 28.72 60.42
CA VAL A 945 -10.21 30.02 60.94
C VAL A 945 -10.95 30.31 62.24
N VAL A 946 -12.27 30.08 62.25
CA VAL A 946 -13.06 30.28 63.45
C VAL A 946 -12.68 29.28 64.53
N SER A 947 -12.32 28.04 64.13
CA SER A 947 -11.91 27.05 65.11
C SER A 947 -10.67 27.48 65.85
N PHE A 948 -9.66 27.96 65.12
CA PHE A 948 -8.43 28.42 65.76
C PHE A 948 -8.67 29.70 66.54
N GLY A 949 -9.60 30.54 66.08
CA GLY A 949 -10.02 31.66 66.90
C GLY A 949 -10.63 31.21 68.23
N VAL A 950 -11.37 30.11 68.20
CA VAL A 950 -11.93 29.53 69.42
C VAL A 950 -10.83 29.05 70.34
N ALA A 951 -9.82 28.38 69.79
CA ALA A 951 -8.69 27.93 70.59
C ALA A 951 -7.93 29.13 71.16
N LYS A 952 -7.92 30.25 70.44
CA LYS A 952 -7.27 31.45 70.93
C LYS A 952 -7.90 31.91 72.25
N GLN A 953 -9.23 31.90 72.32
CA GLN A 953 -9.90 32.27 73.57
C GLN A 953 -9.78 31.15 74.60
N ALA A 954 -9.72 29.90 74.15
CA ALA A 954 -9.56 28.79 75.07
C ALA A 954 -8.21 28.85 75.77
N ILE A 955 -7.20 29.39 75.10
CA ILE A 955 -5.88 29.52 75.70
C ILE A 955 -5.92 30.47 76.89
N LEU A 956 -6.25 31.73 76.64
CA LEU A 956 -6.71 32.76 77.62
C LEU A 956 -7.08 32.14 78.97
N ILE A 957 -8.36 32.00 79.29
CA ILE A 957 -8.80 31.38 80.54
C ILE A 957 -9.76 30.25 80.20
N HIS A 958 -9.93 29.31 81.14
CA HIS A 958 -10.80 28.17 80.88
C HIS A 958 -12.27 28.53 81.04
N ASN A 959 -12.66 28.96 82.25
CA ASN A 959 -14.06 29.13 82.58
C ASN A 959 -14.35 30.60 82.81
N GLU A 960 -15.30 31.13 82.05
CA GLU A 960 -15.76 32.50 82.17
C GLU A 960 -17.16 32.57 81.61
N ARG A 961 -17.94 33.53 82.10
CA ARG A 961 -19.33 33.70 81.66
C ARG A 961 -19.51 35.14 81.20
N ARG A 962 -19.18 35.39 79.93
CA ARG A 962 -19.36 36.70 79.31
C ARG A 962 -19.76 36.47 77.85
N VAL A 963 -21.07 36.43 77.59
CA VAL A 963 -21.55 36.22 76.24
C VAL A 963 -21.23 37.41 75.36
N ASP A 964 -21.46 38.63 75.88
CA ASP A 964 -21.23 39.83 75.09
C ASP A 964 -19.74 40.11 74.91
N TRP A 965 -18.96 39.99 75.99
CA TRP A 965 -17.54 40.33 75.93
C TRP A 965 -16.77 39.33 75.09
N LEU A 966 -17.04 38.04 75.26
CA LEU A 966 -16.31 37.03 74.50
C LEU A 966 -16.62 37.12 73.01
N PHE A 967 -17.79 37.63 72.65
CA PHE A 967 -18.09 37.84 71.24
C PHE A 967 -17.12 38.83 70.62
N ARG A 968 -16.95 40.00 71.24
CA ARG A 968 -16.02 40.99 70.74
C ARG A 968 -14.58 40.47 70.78
N GLY A 969 -14.23 39.78 71.86
CA GLY A 969 -12.87 39.24 71.95
C GLY A 969 -12.56 38.23 70.86
N ALA A 970 -13.49 37.30 70.62
CA ALA A 970 -13.28 36.31 69.56
C ALA A 970 -13.29 36.95 68.18
N VAL A 971 -14.13 37.97 67.99
CA VAL A 971 -14.13 38.69 66.71
C VAL A 971 -12.78 39.35 66.48
N TYR A 972 -12.22 40.00 67.50
CA TYR A 972 -10.92 40.63 67.37
C TYR A 972 -9.83 39.59 67.12
N HIS A 973 -9.89 38.46 67.82
CA HIS A 973 -8.88 37.41 67.61
C HIS A 973 -8.95 36.85 66.20
N SER A 974 -10.17 36.60 65.70
CA SER A 974 -10.32 36.09 64.35
C SER A 974 -9.86 37.11 63.31
N TYR A 975 -10.16 38.39 63.54
CA TYR A 975 -9.68 39.43 62.62
C TYR A 975 -8.16 39.50 62.62
N LEU A 976 -7.53 39.40 63.79
CA LEU A 976 -6.07 39.40 63.86
C LEU A 976 -5.49 38.19 63.14
N THR A 977 -6.11 37.02 63.32
CA THR A 977 -5.63 35.82 62.62
C THR A 977 -5.76 35.96 61.11
N ILE A 978 -6.88 36.52 60.65
CA ILE A 978 -7.07 36.72 59.22
C ILE A 978 -6.05 37.71 58.66
N PHE A 979 -5.81 38.81 59.39
CA PHE A 979 -4.85 39.80 58.94
C PHE A 979 -3.43 39.22 58.90
N GLY A 980 -3.07 38.43 59.89
CA GLY A 980 -1.74 37.84 59.95
C GLY A 980 -1.52 36.76 58.90
N TYR A 1032 -1.43 30.01 61.89
CA TYR A 1032 -2.27 30.49 60.81
C TYR A 1032 -1.52 30.47 59.48
N LEU A 1033 -0.28 30.94 59.50
CA LEU A 1033 0.54 30.92 58.28
C LEU A 1033 0.83 29.49 57.84
N LEU A 1034 0.85 28.55 58.78
CA LEU A 1034 1.14 27.16 58.44
C LEU A 1034 0.04 26.55 57.58
N PHE A 1035 -1.21 26.97 57.81
CA PHE A 1035 -2.36 26.40 57.12
C PHE A 1035 -2.84 27.25 55.95
N THR A 1036 -2.66 28.57 56.03
CA THR A 1036 -3.17 29.44 54.97
C THR A 1036 -2.33 29.33 53.71
N ASN A 1037 -1.03 29.65 53.82
CA ASN A 1037 -0.20 29.75 52.62
C ASN A 1037 0.18 28.37 52.08
N ILE A 1038 0.22 27.36 52.95
CA ILE A 1038 0.78 26.06 52.54
C ILE A 1038 -0.30 25.05 52.19
N LEU A 1039 -1.26 24.81 53.09
CA LEU A 1039 -2.23 23.75 52.86
C LEU A 1039 -3.40 24.22 52.00
N LEU A 1040 -3.93 25.41 52.28
CA LEU A 1040 -5.16 25.85 51.62
C LEU A 1040 -4.89 26.40 50.23
N LEU A 1041 -3.73 27.04 50.05
CA LEU A 1041 -3.48 27.77 48.82
C LEU A 1041 -3.47 26.84 47.62
N ASN A 1042 -2.89 25.65 47.79
CA ASN A 1042 -2.77 24.75 46.66
C ASN A 1042 -4.09 24.04 46.40
N LEU A 1043 -4.87 23.79 47.45
CA LEU A 1043 -6.26 23.37 47.26
C LEU A 1043 -7.02 24.35 46.39
N LEU A 1044 -6.92 25.64 46.71
CA LEU A 1044 -7.58 26.67 45.90
C LEU A 1044 -7.06 26.65 44.47
N ILE A 1045 -5.74 26.71 44.32
CA ILE A 1045 -5.13 26.80 42.99
C ILE A 1045 -5.47 25.59 42.15
N ALA A 1046 -5.55 24.41 42.78
CA ALA A 1046 -5.85 23.19 42.06
C ALA A 1046 -7.32 23.12 41.65
N MET A 1047 -8.23 23.47 42.57
CA MET A 1047 -9.64 23.53 42.22
C MET A 1047 -9.87 24.50 41.07
N PHE A 1048 -9.12 25.60 41.07
CA PHE A 1048 -9.06 26.47 39.91
C PHE A 1048 -8.58 25.76 38.65
N ASN A 1049 -7.35 25.22 38.68
CA ASN A 1049 -6.69 24.85 37.44
C ASN A 1049 -7.32 23.62 36.81
N TYR A 1050 -7.97 22.76 37.62
CA TYR A 1050 -8.63 21.59 37.06
C TYR A 1050 -9.71 21.99 36.05
N THR A 1051 -10.53 22.97 36.42
CA THR A 1051 -11.59 23.43 35.53
C THR A 1051 -11.13 24.58 34.64
N PHE A 1052 -9.94 25.12 34.90
CA PHE A 1052 -9.30 26.01 33.93
C PHE A 1052 -8.84 25.20 32.72
N GLN A 1053 -8.23 24.05 32.94
CA GLN A 1053 -7.75 23.24 31.84
C GLN A 1053 -8.90 22.77 30.96
N GLN A 1054 -8.66 22.78 29.66
CA GLN A 1054 -9.52 22.27 28.59
C GLN A 1054 -10.72 23.17 28.29
N VAL A 1055 -10.71 24.46 28.68
CA VAL A 1055 -11.79 25.37 28.31
C VAL A 1055 -11.37 26.36 27.23
N GLN A 1056 -10.14 26.25 26.73
CA GLN A 1056 -9.64 27.23 25.77
C GLN A 1056 -10.45 27.20 24.47
N GLU A 1057 -10.89 26.01 24.06
CA GLU A 1057 -11.53 25.87 22.75
C GLU A 1057 -12.97 26.36 22.76
N HIS A 1058 -13.69 26.14 23.87
CA HIS A 1058 -15.15 26.29 23.82
C HIS A 1058 -15.61 27.67 24.28
N THR A 1059 -14.84 28.35 25.13
CA THR A 1059 -15.28 29.64 25.64
C THR A 1059 -15.42 30.67 24.52
N ASP A 1060 -14.51 30.63 23.54
CA ASP A 1060 -14.63 31.55 22.41
C ASP A 1060 -15.94 31.35 21.67
N GLN A 1061 -16.28 30.09 21.36
CA GLN A 1061 -17.54 29.81 20.69
C GLN A 1061 -18.73 30.27 21.52
N ILE A 1062 -18.71 29.97 22.83
CA ILE A 1062 -19.83 30.35 23.68
C ILE A 1062 -20.02 31.85 23.69
N TRP A 1063 -18.93 32.61 23.89
CA TRP A 1063 -19.06 34.06 23.97
C TRP A 1063 -19.49 34.67 22.64
N LYS A 1064 -18.92 34.17 21.53
CA LYS A 1064 -19.29 34.69 20.22
C LYS A 1064 -20.75 34.35 19.89
N PHE A 1065 -21.27 33.28 20.50
CA PHE A 1065 -22.69 32.99 20.38
C PHE A 1065 -23.53 33.96 21.22
N GLN A 1066 -23.08 34.24 22.46
CA GLN A 1066 -23.87 35.08 23.35
C GLN A 1066 -23.83 36.56 22.95
N ARG A 1067 -22.92 36.96 22.07
CA ARG A 1067 -22.83 38.37 21.69
C ARG A 1067 -24.12 38.87 21.04
N HIS A 1068 -24.76 38.03 20.22
CA HIS A 1068 -25.84 38.51 19.36
C HIS A 1068 -27.04 38.98 20.17
N ASP A 1069 -27.34 38.32 21.29
CA ASP A 1069 -28.50 38.71 22.07
C ASP A 1069 -28.36 40.14 22.58
N LEU A 1070 -27.19 40.48 23.12
CA LEU A 1070 -26.95 41.85 23.57
C LEU A 1070 -26.96 42.82 22.38
N ILE A 1071 -26.38 42.41 21.26
CA ILE A 1071 -26.36 43.30 20.09
C ILE A 1071 -27.78 43.63 19.65
N GLU A 1072 -28.63 42.62 19.54
CA GLU A 1072 -30.01 42.84 19.12
C GLU A 1072 -30.79 43.64 20.16
N GLU A 1073 -30.55 43.36 21.44
CA GLU A 1073 -31.23 44.12 22.49
C GLU A 1073 -30.90 45.61 22.38
N TYR A 1074 -29.62 45.94 22.24
CA TYR A 1074 -29.24 47.35 22.19
C TYR A 1074 -29.61 47.99 20.85
N HIS A 1075 -29.75 47.18 19.81
CA HIS A 1075 -30.33 47.69 18.57
C HIS A 1075 -31.78 48.08 18.77
N GLY A 1076 -32.53 47.25 19.50
CA GLY A 1076 -33.91 47.55 19.79
C GLY A 1076 -34.13 48.60 20.87
N ARG A 1077 -33.08 48.95 21.60
CA ARG A 1077 -33.17 49.96 22.66
C ARG A 1077 -33.45 51.33 22.07
N PRO A 1078 -34.08 52.24 22.84
CA PRO A 1078 -34.26 53.61 22.36
C PRO A 1078 -32.94 54.36 22.28
N ALA A 1079 -32.94 55.48 21.54
CA ALA A 1079 -31.73 56.24 21.27
C ALA A 1079 -31.50 57.38 22.26
N ALA A 1080 -31.94 57.22 23.51
CA ALA A 1080 -31.79 58.30 24.48
C ALA A 1080 -31.09 57.81 25.74
N PRO A 1081 -30.33 58.67 26.41
CA PRO A 1081 -29.69 58.28 27.67
C PRO A 1081 -30.73 57.98 28.74
N PRO A 1082 -30.44 57.06 29.65
CA PRO A 1082 -31.40 56.68 30.70
C PRO A 1082 -31.88 57.87 31.51
N PRO A 1083 -31.01 58.86 31.86
CA PRO A 1083 -31.52 60.04 32.58
C PRO A 1083 -32.63 60.77 31.84
N PHE A 1084 -32.53 60.86 30.52
CA PHE A 1084 -33.47 61.64 29.72
C PHE A 1084 -34.44 60.78 28.92
N ILE A 1085 -34.26 59.45 28.91
CA ILE A 1085 -35.03 58.57 28.02
C ILE A 1085 -36.55 58.69 28.22
N LEU A 1086 -36.98 59.45 29.22
CA LEU A 1086 -38.41 59.65 29.43
C LEU A 1086 -39.08 60.34 28.25
N LEU A 1087 -38.33 61.12 27.46
CA LEU A 1087 -38.97 61.81 26.33
C LEU A 1087 -39.52 60.81 25.33
N SER A 1088 -38.78 59.73 25.08
CA SER A 1088 -39.24 58.65 24.22
C SER A 1088 -40.17 57.68 24.95
N HIS A 1089 -40.00 57.51 26.26
CA HIS A 1089 -40.95 56.68 26.99
C HIS A 1089 -42.35 57.28 27.00
N LEU A 1090 -42.46 58.61 26.92
CA LEU A 1090 -43.75 59.26 26.81
C LEU A 1090 -44.14 59.51 25.36
N GLN A 1091 -43.28 59.15 24.41
CA GLN A 1091 -43.57 59.36 22.99
C GLN A 1091 -43.87 58.07 22.24
N LEU A 1092 -43.53 56.91 22.80
CA LEU A 1092 -43.81 55.62 22.16
C LEU A 1092 -45.21 55.12 22.48
N PHE A 1093 -46.13 56.02 22.84
CA PHE A 1093 -47.52 55.68 23.11
C PHE A 1093 -48.47 56.09 22.00
N ILE A 1094 -48.22 57.24 21.36
CA ILE A 1094 -49.09 57.71 20.29
C ILE A 1094 -49.02 56.80 19.07
N LYS A 1095 -47.84 56.23 18.80
CA LYS A 1095 -47.70 55.32 17.67
C LYS A 1095 -48.56 54.07 17.87
N ARG A 1096 -48.58 53.53 19.08
CA ARG A 1096 -49.42 52.37 19.37
C ARG A 1096 -50.90 52.76 19.39
N VAL A 1097 -51.22 53.95 19.90
CA VAL A 1097 -52.61 54.39 19.97
C VAL A 1097 -53.20 54.55 18.57
N VAL A 1098 -52.43 55.18 17.67
CA VAL A 1098 -52.90 55.40 16.32
C VAL A 1098 -51.71 55.45 15.36
N ARG A 1105 -40.31 43.88 13.49
CA ARG A 1105 -38.87 43.64 13.44
C ARG A 1105 -38.19 44.73 12.62
N HIS A 1106 -36.89 44.91 12.82
CA HIS A 1106 -36.13 45.97 12.17
C HIS A 1106 -35.49 45.44 10.89
N LYS A 1107 -35.11 46.37 10.01
CA LYS A 1107 -34.57 46.02 8.71
C LYS A 1107 -33.07 45.77 8.73
N GLN A 1108 -32.42 45.88 9.90
CA GLN A 1108 -30.99 45.64 10.02
C GLN A 1108 -30.62 44.18 10.02
N LEU A 1109 -31.35 43.34 10.76
CA LEU A 1109 -31.07 41.91 10.85
C LEU A 1109 -32.06 41.05 10.06
N LYS A 1110 -33.10 41.66 9.49
CA LYS A 1110 -34.12 40.89 8.77
C LYS A 1110 -34.83 41.83 7.81
N ASN A 1111 -34.65 41.61 6.51
CA ASN A 1111 -35.22 42.50 5.51
C ASN A 1111 -35.60 41.71 4.27
N LYS A 1112 -36.45 42.32 3.45
CA LYS A 1112 -36.88 41.73 2.19
C LYS A 1112 -36.09 42.36 1.04
N LEU A 1113 -35.56 41.52 0.17
CA LEU A 1113 -34.86 41.98 -1.02
C LEU A 1113 -35.82 42.01 -2.20
N GLU A 1114 -35.37 42.61 -3.31
CA GLU A 1114 -36.17 42.67 -4.54
C GLU A 1114 -35.92 41.38 -5.30
N LYS A 1115 -36.99 40.83 -5.89
CA LYS A 1115 -36.98 39.50 -6.47
C LYS A 1115 -35.99 39.36 -7.63
N ASN A 1116 -35.89 40.40 -8.47
CA ASN A 1116 -35.02 40.35 -9.63
C ASN A 1116 -33.57 40.21 -9.18
N GLU A 1117 -33.19 40.96 -8.15
CA GLU A 1117 -31.85 40.84 -7.58
C GLU A 1117 -31.67 39.51 -6.84
N GLU A 1118 -32.73 39.05 -6.16
CA GLU A 1118 -32.64 37.80 -5.43
C GLU A 1118 -32.39 36.61 -6.36
N ALA A 1119 -32.93 36.66 -7.56
CA ALA A 1119 -32.66 35.59 -8.53
C ALA A 1119 -31.18 35.52 -8.87
N ALA A 1120 -30.55 36.67 -9.12
CA ALA A 1120 -29.11 36.69 -9.38
C ALA A 1120 -28.32 36.21 -8.18
N LEU A 1121 -28.75 36.62 -6.97
CA LEU A 1121 -28.07 36.17 -5.76
C LEU A 1121 -28.14 34.66 -5.62
N LEU A 1122 -29.31 34.08 -5.88
CA LEU A 1122 -29.48 32.64 -5.78
C LEU A 1122 -28.65 31.92 -6.84
N SER A 1123 -28.56 32.47 -8.05
CA SER A 1123 -27.70 31.84 -9.06
C SER A 1123 -26.23 31.88 -8.66
N TRP A 1124 -25.80 33.01 -8.07
CA TRP A 1124 -24.43 33.10 -7.57
C TRP A 1124 -24.18 32.06 -6.48
N GLU A 1125 -25.16 31.89 -5.59
CA GLU A 1125 -25.07 30.87 -4.54
C GLU A 1125 -25.00 29.47 -5.14
N ILE A 1126 -25.77 29.20 -6.19
CA ILE A 1126 -25.75 27.89 -6.84
C ILE A 1126 -24.38 27.61 -7.42
N TYR A 1127 -23.81 28.59 -8.11
CA TYR A 1127 -22.47 28.43 -8.67
C TYR A 1127 -21.44 28.14 -7.59
N LEU A 1128 -21.50 28.89 -6.48
CA LEU A 1128 -20.52 28.68 -5.42
C LEU A 1128 -20.73 27.35 -4.70
N LYS A 1129 -21.97 26.90 -4.55
CA LYS A 1129 -22.23 25.58 -3.98
C LYS A 1129 -21.65 24.49 -4.87
N GLU A 1130 -21.84 24.61 -6.18
CA GLU A 1130 -21.28 23.62 -7.09
C GLU A 1130 -19.77 23.58 -6.98
N ASN A 1131 -19.14 24.76 -6.94
CA ASN A 1131 -17.69 24.80 -6.77
C ASN A 1131 -17.25 24.15 -5.46
N TYR A 1132 -17.97 24.45 -4.36
CA TYR A 1132 -17.59 23.91 -3.07
C TYR A 1132 -17.73 22.40 -3.03
N LEU A 1133 -18.83 21.85 -3.55
CA LEU A 1133 -19.02 20.41 -3.57
C LEU A 1133 -17.94 19.74 -4.41
N GLN A 1134 -17.61 20.34 -5.55
CA GLN A 1134 -16.61 19.77 -6.45
C GLN A 1134 -15.24 19.72 -5.78
N ASN A 1135 -14.84 20.85 -5.17
CA ASN A 1135 -13.57 20.89 -4.45
C ASN A 1135 -13.57 19.93 -3.27
N ARG A 1136 -14.69 19.84 -2.55
CA ARG A 1136 -14.77 18.96 -1.40
C ARG A 1136 -14.55 17.50 -1.78
N GLN A 1137 -15.22 17.03 -2.83
CA GLN A 1137 -15.04 15.63 -3.23
C GLN A 1137 -13.63 15.41 -3.79
N PHE A 1138 -13.12 16.37 -4.59
CA PHE A 1138 -11.78 16.23 -5.12
C PHE A 1138 -10.73 16.16 -4.01
N GLN A 1139 -10.94 16.91 -2.93
CA GLN A 1139 -9.96 16.92 -1.86
C GLN A 1139 -10.13 15.73 -0.92
N GLN A 1140 -11.35 15.22 -0.77
CA GLN A 1140 -11.53 14.07 0.11
C GLN A 1140 -11.09 12.77 -0.54
N LYS A 1141 -11.05 12.70 -1.88
CA LYS A 1141 -10.56 11.46 -2.48
C LYS A 1141 -9.07 11.27 -2.24
N GLN A 1142 -8.36 12.32 -1.83
CA GLN A 1142 -6.91 12.30 -1.67
C GLN A 1142 -6.45 11.87 -0.28
N ARG A 1143 -7.38 11.45 0.59
CA ARG A 1143 -6.97 11.00 1.91
C ARG A 1143 -6.11 9.74 1.79
N PRO A 1144 -5.08 9.59 2.64
CA PRO A 1144 -4.24 8.38 2.55
C PRO A 1144 -5.00 7.10 2.78
N GLU A 1145 -5.97 7.09 3.71
CA GLU A 1145 -6.79 5.90 3.91
C GLU A 1145 -7.60 5.57 2.67
N GLN A 1146 -8.17 6.61 2.03
CA GLN A 1146 -8.92 6.39 0.81
C GLN A 1146 -8.02 5.87 -0.31
N LYS A 1147 -6.79 6.38 -0.40
CA LYS A 1147 -5.84 5.89 -1.40
C LYS A 1147 -5.45 4.42 -1.16
N ILE A 1148 -5.20 4.04 0.08
CA ILE A 1148 -4.95 2.65 0.41
C ILE A 1148 -6.13 1.76 0.07
N GLU A 1149 -7.34 2.21 0.39
CA GLU A 1149 -8.54 1.46 0.01
C GLU A 1149 -8.67 1.34 -1.50
N ASP A 1150 -8.33 2.40 -2.23
CA ASP A 1150 -8.38 2.36 -3.68
C ASP A 1150 -7.39 1.33 -4.24
N ILE A 1151 -6.17 1.29 -3.68
CA ILE A 1151 -5.21 0.28 -4.11
C ILE A 1151 -5.73 -1.12 -3.81
N SER A 1152 -6.31 -1.32 -2.63
CA SER A 1152 -6.83 -2.63 -2.26
C SER A 1152 -7.95 -3.06 -3.18
N ASN A 1153 -8.83 -2.12 -3.55
CA ASN A 1153 -9.91 -2.46 -4.48
C ASN A 1153 -9.40 -2.70 -5.88
N LYS A 1154 -8.37 -1.97 -6.30
CA LYS A 1154 -7.84 -2.15 -7.65
C LYS A 1154 -7.13 -3.48 -7.80
N VAL A 1155 -6.48 -3.97 -6.73
CA VAL A 1155 -5.75 -5.23 -6.86
C VAL A 1155 -6.68 -6.44 -6.93
N ASP A 1156 -7.90 -6.33 -6.41
CA ASP A 1156 -8.78 -7.50 -6.33
C ASP A 1156 -9.29 -7.93 -7.70
N ALA A 1157 -9.78 -6.99 -8.52
CA ALA A 1157 -10.23 -7.33 -9.86
C ALA A 1157 -9.07 -7.88 -10.68
N MET A 1158 -7.86 -7.42 -10.41
CA MET A 1158 -6.69 -7.87 -11.15
C MET A 1158 -6.28 -9.29 -10.72
N VAL A 1159 -6.44 -9.60 -9.43
CA VAL A 1159 -6.30 -10.98 -8.98
C VAL A 1159 -7.33 -11.88 -9.65
N ASP A 1160 -8.57 -11.39 -9.75
CA ASP A 1160 -9.61 -12.16 -10.43
C ASP A 1160 -9.25 -12.40 -11.89
N LEU A 1161 -8.72 -11.38 -12.56
CA LEU A 1161 -8.31 -11.52 -13.96
C LEU A 1161 -7.19 -12.54 -14.10
N LEU A 1162 -6.19 -12.52 -13.22
CA LEU A 1162 -5.11 -13.49 -13.33
C LEU A 1162 -5.56 -14.89 -12.95
N ASP A 1163 -6.54 -15.03 -12.06
CA ASP A 1163 -7.03 -16.35 -11.69
C ASP A 1163 -7.93 -16.95 -12.76
N LEU A 1164 -8.74 -16.14 -13.44
CA LEU A 1164 -9.66 -16.67 -14.44
C LEU A 1164 -8.93 -17.19 -15.67
N ASP A 1165 -7.90 -16.47 -16.14
CA ASP A 1165 -7.18 -16.86 -17.33
C ASP A 1165 -6.36 -18.13 -17.10
N GLY A 1235 -31.50 -27.83 -39.28
CA GLY A 1235 -32.75 -27.11 -39.09
C GLY A 1235 -33.82 -27.49 -40.09
N ASP A 1236 -34.48 -28.61 -39.86
CA ASP A 1236 -35.53 -29.06 -40.77
C ASP A 1236 -36.77 -28.21 -40.62
N SER A 1237 -37.58 -28.17 -41.68
CA SER A 1237 -38.79 -27.36 -41.72
C SER A 1237 -40.05 -28.16 -41.39
N TYR A 1238 -39.90 -29.38 -40.89
CA TYR A 1238 -41.07 -30.20 -40.57
C TYR A 1238 -41.84 -29.60 -39.40
N HIS A 1239 -43.11 -29.97 -39.30
CA HIS A 1239 -43.96 -29.47 -38.24
C HIS A 1239 -43.40 -29.82 -36.87
N VAL A 1240 -43.44 -28.84 -35.96
CA VAL A 1240 -42.87 -28.97 -34.63
C VAL A 1240 -43.94 -28.88 -33.55
N ASN A 1241 -44.81 -27.88 -33.65
CA ASN A 1241 -45.87 -27.72 -32.66
C ASN A 1241 -46.80 -28.93 -32.68
N ALA A 1242 -47.13 -29.42 -33.87
CA ALA A 1242 -48.02 -30.58 -33.98
C ALA A 1242 -47.38 -31.83 -33.38
N ARG A 1243 -46.08 -31.81 -33.12
CA ARG A 1243 -45.38 -32.98 -32.62
C ARG A 1243 -45.11 -32.95 -31.12
N HIS A 1244 -45.63 -31.96 -30.39
CA HIS A 1244 -45.32 -31.86 -28.97
C HIS A 1244 -46.01 -32.98 -28.19
N LEU A 1245 -45.42 -33.35 -27.06
CA LEU A 1245 -46.04 -34.32 -26.18
C LEU A 1245 -47.26 -33.70 -25.49
N LEU A 1246 -48.03 -34.55 -24.82
CA LEU A 1246 -49.22 -34.10 -24.08
C LEU A 1246 -50.22 -33.41 -25.00
N TYR A 1247 -50.85 -34.19 -25.89
CA TYR A 1247 -51.95 -33.68 -26.69
C TYR A 1247 -52.89 -32.82 -25.85
N PRO A 1248 -53.30 -31.65 -26.34
CA PRO A 1248 -54.03 -30.70 -25.49
C PRO A 1248 -55.35 -31.29 -24.99
N ASN A 1249 -55.59 -31.11 -23.69
CA ASN A 1249 -56.84 -31.52 -23.03
C ASN A 1249 -57.16 -32.99 -23.27
N CYS A 1250 -56.13 -33.84 -23.35
CA CYS A 1250 -56.32 -35.26 -23.54
C CYS A 1250 -55.42 -36.01 -22.56
N PRO A 1251 -55.98 -36.82 -21.66
CA PRO A 1251 -55.14 -37.48 -20.65
C PRO A 1251 -54.08 -38.39 -21.23
N VAL A 1252 -54.36 -39.07 -22.34
CA VAL A 1252 -53.37 -39.96 -22.93
C VAL A 1252 -52.33 -39.15 -23.69
N THR A 1253 -51.07 -39.54 -23.56
CA THR A 1253 -49.96 -38.83 -24.18
C THR A 1253 -49.63 -39.47 -25.52
N ARG A 1254 -49.36 -38.63 -26.51
CA ARG A 1254 -49.05 -39.12 -27.84
C ARG A 1254 -47.65 -39.74 -27.88
N PHE A 1255 -47.50 -40.79 -28.68
CA PHE A 1255 -46.24 -41.51 -28.74
C PHE A 1255 -45.16 -40.61 -29.35
N PRO A 1256 -43.94 -40.60 -28.82
CA PRO A 1256 -42.92 -39.67 -29.32
C PRO A 1256 -42.41 -40.09 -30.69
N VAL A 1257 -42.51 -39.16 -31.64
CA VAL A 1257 -41.95 -39.37 -32.97
C VAL A 1257 -40.83 -38.37 -33.21
N PRO A 1258 -39.59 -38.82 -33.38
CA PRO A 1258 -38.49 -37.89 -33.64
C PRO A 1258 -38.58 -37.31 -35.03
N ASN A 1259 -37.84 -36.21 -35.23
CA ASN A 1259 -37.83 -35.54 -36.52
C ASN A 1259 -37.17 -36.40 -37.59
N GLU A 1260 -36.32 -37.33 -37.19
CA GLU A 1260 -35.63 -38.18 -38.15
C GLU A 1260 -36.61 -39.07 -38.91
N LYS A 1261 -37.60 -39.63 -38.20
CA LYS A 1261 -38.54 -40.57 -38.80
C LYS A 1261 -39.95 -40.00 -38.90
N VAL A 1262 -40.11 -38.68 -38.85
CA VAL A 1262 -41.45 -38.08 -38.95
C VAL A 1262 -42.12 -38.37 -40.30
N PRO A 1263 -41.44 -38.33 -41.45
CA PRO A 1263 -42.16 -38.60 -42.70
C PRO A 1263 -42.62 -40.04 -42.78
N TRP A 1264 -43.72 -40.26 -43.51
CA TRP A 1264 -44.28 -41.59 -43.65
C TRP A 1264 -43.34 -42.51 -44.41
N GLU A 1265 -42.68 -41.98 -45.44
CA GLU A 1265 -41.83 -42.82 -46.29
C GLU A 1265 -40.58 -43.30 -45.54
N THR A 1266 -40.13 -42.53 -44.55
CA THR A 1266 -38.90 -42.88 -43.84
C THR A 1266 -39.09 -44.17 -43.04
N GLU A 1267 -37.99 -44.90 -42.87
CA GLU A 1267 -38.02 -46.17 -42.17
C GLU A 1267 -38.38 -45.95 -40.71
N PHE A 1268 -39.26 -46.82 -40.19
CA PHE A 1268 -39.74 -46.72 -38.81
C PHE A 1268 -40.32 -48.07 -38.44
N LEU A 1269 -40.07 -48.53 -37.20
CA LEU A 1269 -40.34 -49.91 -36.83
C LEU A 1269 -41.03 -50.09 -35.49
N ILE A 1270 -41.21 -49.03 -34.70
CA ILE A 1270 -41.73 -49.13 -33.34
C ILE A 1270 -43.11 -48.51 -33.20
N TYR A 1271 -43.84 -48.35 -34.31
CA TYR A 1271 -45.08 -47.58 -34.31
C TYR A 1271 -46.15 -48.26 -33.45
N ASP A 1272 -46.48 -47.63 -32.33
CA ASP A 1272 -47.54 -48.12 -31.44
C ASP A 1272 -48.16 -46.94 -30.70
N PRO A 1273 -48.93 -46.11 -31.40
CA PRO A 1273 -49.60 -45.00 -30.73
C PRO A 1273 -50.97 -45.42 -30.24
N PRO A 1274 -51.40 -44.90 -29.09
CA PRO A 1274 -52.79 -45.14 -28.65
C PRO A 1274 -53.78 -44.55 -29.65
N PHE A 1275 -54.87 -45.25 -29.88
CA PHE A 1275 -55.89 -44.76 -30.79
C PHE A 1275 -56.53 -43.50 -30.24
N TYR A 1276 -56.27 -42.38 -30.91
CA TYR A 1276 -56.80 -41.10 -30.45
C TYR A 1276 -58.33 -41.10 -30.54
N THR A 1277 -58.97 -40.70 -29.45
CA THR A 1277 -60.43 -40.69 -29.36
C THR A 1277 -60.89 -39.31 -28.93
N ALA A 1278 -61.77 -38.71 -29.74
CA ALA A 1278 -62.38 -37.45 -29.38
C ALA A 1278 -63.42 -37.66 -28.28
N GLU A 1279 -63.72 -36.59 -27.55
CA GLU A 1279 -64.69 -36.68 -26.47
C GLU A 1279 -66.07 -37.04 -27.00
N ARG A 1280 -66.49 -36.41 -28.11
CA ARG A 1280 -67.79 -36.67 -28.74
C ARG A 1280 -67.57 -36.68 -30.25
N LYS A 1281 -67.29 -37.87 -30.80
CA LYS A 1281 -67.09 -37.99 -32.23
C LYS A 1281 -68.40 -38.16 -32.99
N ASP A 1282 -69.46 -38.56 -32.29
CA ASP A 1282 -70.75 -38.78 -32.97
C ASP A 1282 -71.38 -37.47 -33.42
N ALA A 1283 -71.27 -36.42 -32.61
CA ALA A 1283 -71.89 -35.14 -32.93
C ALA A 1283 -71.11 -34.34 -33.97
N ALA A 1284 -70.08 -34.92 -34.58
CA ALA A 1284 -69.24 -34.17 -35.49
C ALA A 1284 -69.91 -33.95 -36.84
N ALA A 1285 -71.01 -34.67 -37.10
CA ALA A 1285 -71.73 -34.71 -38.37
C ALA A 1285 -70.89 -35.34 -39.47
N MET A 1286 -69.70 -35.85 -39.16
CA MET A 1286 -68.87 -36.60 -40.08
C MET A 1286 -68.71 -38.01 -39.52
N ASP A 1287 -67.83 -38.81 -40.11
CA ASP A 1287 -67.68 -40.19 -39.69
C ASP A 1287 -67.25 -40.26 -38.23
N PRO A 1288 -68.03 -40.93 -37.35
CA PRO A 1288 -67.68 -40.97 -35.93
C PRO A 1288 -66.60 -42.00 -35.62
N MET A 1289 -66.05 -42.63 -36.66
CA MET A 1289 -65.20 -43.80 -36.49
C MET A 1289 -63.86 -43.38 -35.93
N GLY A 1290 -63.78 -43.28 -34.61
CA GLY A 1290 -62.48 -43.13 -33.97
C GLY A 1290 -61.61 -44.35 -34.17
N ASP A 1291 -62.21 -45.53 -34.12
CA ASP A 1291 -61.54 -46.78 -34.47
C ASP A 1291 -62.01 -47.22 -35.86
N THR A 1292 -61.07 -47.69 -36.68
CA THR A 1292 -61.34 -48.03 -38.07
C THR A 1292 -61.77 -49.49 -38.24
N LEU A 1293 -62.36 -50.10 -37.20
CA LEU A 1293 -62.84 -51.46 -37.34
C LEU A 1293 -63.96 -51.56 -38.37
N GLU A 1294 -64.89 -50.61 -38.35
CA GLU A 1294 -65.98 -50.57 -39.31
C GLU A 1294 -65.79 -49.40 -40.26
N PRO A 1295 -65.41 -49.64 -41.52
CA PRO A 1295 -65.19 -48.52 -42.46
C PRO A 1295 -66.51 -47.97 -43.02
N LEU A 1296 -67.30 -47.36 -42.12
CA LEU A 1296 -68.57 -46.79 -42.53
C LEU A 1296 -68.37 -45.55 -43.40
N SER A 1297 -67.25 -44.86 -43.21
CA SER A 1297 -66.97 -43.66 -43.99
C SER A 1297 -66.71 -43.99 -45.45
N THR A 1298 -67.27 -43.19 -46.35
CA THR A 1298 -67.04 -43.29 -47.78
C THR A 1298 -66.57 -41.93 -48.28
N ILE A 1299 -65.26 -41.70 -48.19
CA ILE A 1299 -64.69 -40.40 -48.52
C ILE A 1299 -64.25 -40.40 -49.98
N GLN A 1300 -64.78 -39.47 -50.76
CA GLN A 1300 -64.38 -39.32 -52.17
C GLN A 1300 -63.05 -38.59 -52.20
N TYR A 1301 -61.97 -39.38 -52.18
CA TYR A 1301 -60.63 -38.81 -52.15
C TYR A 1301 -60.37 -37.97 -53.39
N ASN A 1302 -59.81 -36.77 -53.19
CA ASN A 1302 -59.53 -35.78 -54.23
C ASN A 1302 -60.79 -35.30 -54.93
N VAL A 1303 -61.97 -35.54 -54.34
CA VAL A 1303 -63.24 -35.11 -54.92
C VAL A 1303 -64.10 -34.51 -53.82
N VAL A 1304 -65.11 -33.74 -54.24
CA VAL A 1304 -66.03 -33.15 -53.28
C VAL A 1304 -67.06 -34.19 -52.86
N ASP A 1305 -67.25 -34.32 -51.54
CA ASP A 1305 -68.20 -35.28 -50.99
C ASP A 1305 -69.43 -34.61 -50.39
N GLY A 1306 -69.75 -33.40 -50.82
CA GLY A 1306 -70.94 -32.71 -50.35
C GLY A 1306 -70.74 -31.95 -49.06
N LEU A 1307 -71.39 -32.40 -48.00
CA LEU A 1307 -71.30 -31.70 -46.72
C LEU A 1307 -69.88 -31.74 -46.16
N ARG A 1308 -69.21 -32.88 -46.27
CA ARG A 1308 -67.86 -33.04 -45.76
C ARG A 1308 -66.88 -32.93 -46.93
N ASP A 1309 -66.02 -31.91 -46.88
CA ASP A 1309 -65.03 -31.71 -47.94
C ASP A 1309 -63.93 -32.77 -47.86
N ARG A 1310 -63.55 -33.29 -49.02
CA ARG A 1310 -62.48 -34.28 -49.11
C ARG A 1310 -61.44 -33.86 -50.14
N ARG A 1311 -61.41 -32.57 -50.47
CA ARG A 1311 -60.49 -32.00 -51.43
C ARG A 1311 -59.51 -31.10 -50.69
N SER A 1312 -58.22 -31.37 -50.85
CA SER A 1312 -57.18 -30.69 -50.10
C SER A 1312 -56.36 -29.79 -51.00
N PHE A 1313 -55.90 -28.66 -50.45
CA PHE A 1313 -55.11 -27.72 -51.24
C PHE A 1313 -53.72 -28.29 -51.54
N HIS A 1314 -53.20 -29.12 -50.63
CA HIS A 1314 -51.86 -29.69 -50.84
C HIS A 1314 -51.83 -30.57 -52.09
N GLY A 1315 -52.86 -31.40 -52.28
CA GLY A 1315 -52.94 -32.27 -53.42
C GLY A 1315 -53.26 -33.70 -53.03
N PRO A 1316 -53.14 -34.62 -53.99
CA PRO A 1316 -53.39 -36.04 -53.70
C PRO A 1316 -52.45 -36.55 -52.63
N TYR A 1317 -53.02 -36.91 -51.48
CA TYR A 1317 -52.23 -37.48 -50.40
C TYR A 1317 -52.32 -39.00 -50.41
N THR A 1318 -51.37 -39.65 -49.74
CA THR A 1318 -51.34 -41.09 -49.68
C THR A 1318 -52.47 -41.61 -48.79
N VAL A 1319 -53.13 -42.68 -49.24
CA VAL A 1319 -54.25 -43.28 -48.51
C VAL A 1319 -53.93 -44.74 -48.27
N GLN A 1320 -54.15 -45.19 -47.03
CA GLN A 1320 -53.88 -46.58 -46.67
C GLN A 1320 -54.85 -47.01 -45.57
N ALA A 1321 -55.39 -48.22 -45.73
CA ALA A 1321 -56.27 -48.88 -44.77
C ALA A 1321 -57.53 -48.09 -44.46
N GLY A 1322 -57.94 -47.17 -45.34
CA GLY A 1322 -59.13 -46.37 -45.13
C GLY A 1322 -58.92 -45.16 -44.25
N LEU A 1323 -57.73 -44.99 -43.69
CA LEU A 1323 -57.41 -43.84 -42.83
C LEU A 1323 -56.57 -42.86 -43.63
N PRO A 1324 -57.02 -41.62 -43.83
CA PRO A 1324 -56.20 -40.66 -44.55
C PRO A 1324 -54.89 -40.38 -43.82
N LEU A 1325 -53.78 -40.52 -44.55
CA LEU A 1325 -52.47 -40.28 -43.96
C LEU A 1325 -52.13 -38.79 -44.01
N ASN A 1326 -51.54 -38.30 -42.93
CA ASN A 1326 -51.16 -36.89 -42.87
C ASN A 1326 -50.04 -36.64 -43.86
N PRO A 1327 -50.23 -35.74 -44.83
CA PRO A 1327 -49.18 -35.53 -45.85
C PRO A 1327 -47.87 -35.03 -45.29
N MET A 1328 -47.92 -34.22 -44.22
CA MET A 1328 -46.68 -33.67 -43.65
C MET A 1328 -45.80 -34.78 -43.08
N GLY A 1329 -46.40 -35.73 -42.37
CA GLY A 1329 -45.64 -36.82 -41.81
C GLY A 1329 -46.40 -37.48 -40.68
N ARG A 1330 -45.67 -38.27 -39.89
CA ARG A 1330 -46.22 -38.96 -38.73
C ARG A 1330 -46.19 -38.01 -37.54
N THR A 1331 -47.36 -37.52 -37.14
CA THR A 1331 -47.42 -36.63 -35.99
C THR A 1331 -47.21 -37.38 -34.69
N GLY A 1332 -47.45 -38.69 -34.70
CA GLY A 1332 -47.29 -39.51 -33.52
C GLY A 1332 -48.58 -40.04 -32.92
N LEU A 1333 -49.73 -39.49 -33.30
CA LEU A 1333 -51.01 -39.93 -32.78
C LEU A 1333 -51.99 -40.10 -33.93
N ARG A 1334 -52.66 -41.25 -33.97
CA ARG A 1334 -53.64 -41.57 -35.00
C ARG A 1334 -54.97 -41.89 -34.34
N GLY A 1335 -56.04 -41.31 -34.89
CA GLY A 1335 -57.37 -41.55 -34.35
C GLY A 1335 -58.33 -40.46 -34.80
N ARG A 1336 -59.41 -40.31 -34.02
CA ARG A 1336 -60.43 -39.32 -34.34
C ARG A 1336 -59.86 -37.91 -34.30
N GLY A 1337 -59.21 -37.55 -33.20
CA GLY A 1337 -58.62 -36.23 -33.07
C GLY A 1337 -59.65 -35.17 -32.69
N SER A 1338 -59.14 -34.00 -32.29
CA SER A 1338 -60.01 -32.89 -31.93
C SER A 1338 -60.69 -32.29 -33.16
N LEU A 1339 -60.12 -32.52 -34.34
CA LEU A 1339 -60.72 -31.99 -35.57
C LEU A 1339 -62.10 -32.60 -35.79
N SER A 1340 -63.00 -31.80 -36.36
CA SER A 1340 -64.39 -32.21 -36.49
C SER A 1340 -64.53 -33.44 -37.38
N CYS A 1341 -63.97 -33.39 -38.58
CA CYS A 1341 -64.23 -34.43 -39.58
C CYS A 1341 -63.05 -35.38 -39.69
N PHE A 1342 -63.36 -36.66 -39.93
CA PHE A 1342 -62.32 -37.63 -40.22
C PHE A 1342 -61.61 -37.27 -41.52
N GLY A 1343 -60.33 -36.92 -41.41
CA GLY A 1343 -59.57 -36.47 -42.55
C GLY A 1343 -59.36 -34.97 -42.53
N PRO A 1344 -58.91 -34.41 -43.64
CA PRO A 1344 -58.57 -32.98 -43.69
C PRO A 1344 -59.79 -32.10 -43.45
N ASN A 1345 -59.57 -30.98 -42.76
CA ASN A 1345 -60.60 -29.99 -42.50
C ASN A 1345 -60.17 -28.66 -43.10
N HIS A 1346 -61.05 -28.07 -43.92
CA HIS A 1346 -60.71 -26.82 -44.58
C HIS A 1346 -61.09 -25.62 -43.71
N THR A 1347 -60.28 -24.57 -43.81
CA THR A 1347 -60.56 -23.31 -43.14
C THR A 1347 -59.97 -22.16 -43.94
N LEU A 1348 -60.46 -20.96 -43.66
CA LEU A 1348 -59.92 -19.74 -44.22
C LEU A 1348 -59.70 -18.76 -43.09
N TYR A 1349 -58.53 -18.12 -43.06
CA TYR A 1349 -58.20 -17.15 -42.04
C TYR A 1349 -58.11 -15.76 -42.68
N PRO A 1350 -59.12 -14.93 -42.50
CA PRO A 1350 -59.06 -13.58 -43.09
C PRO A 1350 -58.26 -12.62 -42.22
N MET A 1351 -57.58 -11.67 -42.84
CA MET A 1351 -56.76 -10.70 -42.13
C MET A 1351 -56.90 -9.34 -42.78
N VAL A 1352 -57.05 -8.31 -41.96
CA VAL A 1352 -57.16 -6.93 -42.43
C VAL A 1352 -55.87 -6.21 -42.06
N THR A 1353 -55.15 -5.75 -43.08
CA THR A 1353 -53.83 -5.16 -42.93
C THR A 1353 -53.86 -3.73 -43.47
N ARG A 1354 -53.38 -2.78 -42.67
CA ARG A 1354 -53.20 -1.41 -43.11
C ARG A 1354 -51.93 -0.85 -42.50
N TRP A 1355 -51.36 0.15 -43.14
CA TRP A 1355 -50.11 0.72 -42.65
C TRP A 1355 -50.37 1.60 -41.43
N ARG A 1356 -49.63 1.35 -40.36
CA ARG A 1356 -49.80 2.12 -39.14
C ARG A 1356 -49.37 3.56 -39.36
N ARG A 1357 -50.16 4.51 -38.86
CA ARG A 1357 -50.05 5.90 -39.27
C ARG A 1357 -49.75 6.78 -38.06
N ASN A 1358 -48.92 7.80 -38.28
CA ASN A 1358 -48.64 8.80 -37.26
C ASN A 1358 -49.75 9.84 -37.20
N GLU A 1359 -49.49 10.93 -36.48
CA GLU A 1359 -50.46 12.00 -36.40
C GLU A 1359 -50.67 12.69 -37.75
N ASP A 1360 -49.63 12.74 -38.59
CA ASP A 1360 -49.78 13.36 -39.90
C ASP A 1360 -50.53 12.46 -40.86
N GLY A 1361 -50.67 11.19 -40.52
CA GLY A 1361 -51.32 10.23 -41.39
C GLY A 1361 -50.42 9.51 -42.35
N ALA A 1362 -49.13 9.84 -42.39
CA ALA A 1362 -48.18 9.17 -43.26
C ALA A 1362 -47.84 7.79 -42.69
N ILE A 1363 -47.30 6.93 -43.55
CA ILE A 1363 -46.92 5.59 -43.14
C ILE A 1363 -45.80 5.69 -42.11
N CYS A 1364 -45.93 4.93 -41.02
CA CYS A 1364 -44.95 4.99 -39.95
C CYS A 1364 -43.75 4.10 -40.28
N ARG A 1365 -42.57 4.59 -39.91
CA ARG A 1365 -41.31 3.90 -40.14
C ARG A 1365 -40.70 3.38 -38.85
N LYS A 1366 -40.31 2.12 -38.88
CA LYS A 1366 -39.27 1.63 -37.98
C LYS A 1366 -37.90 1.85 -38.63
N SER A 1367 -36.88 1.26 -38.03
CA SER A 1367 -35.54 1.36 -38.61
C SER A 1367 -35.46 0.63 -39.95
N ILE A 1368 -36.06 -0.56 -40.03
CA ILE A 1368 -35.87 -1.40 -41.22
C ILE A 1368 -36.93 -1.09 -42.28
N LYS A 1369 -38.21 -1.12 -41.90
CA LYS A 1369 -39.27 -0.98 -42.89
C LYS A 1369 -40.56 -0.46 -42.27
N LYS A 1370 -41.67 -0.61 -43.00
CA LYS A 1370 -42.95 -0.09 -42.54
C LYS A 1370 -43.43 -0.86 -41.30
N MET A 1371 -44.53 -0.35 -40.73
CA MET A 1371 -45.32 -1.06 -39.73
C MET A 1371 -46.65 -1.42 -40.37
N LEU A 1372 -47.07 -2.67 -40.21
CA LEU A 1372 -48.42 -3.04 -40.59
C LEU A 1372 -49.33 -3.06 -39.37
N GLU A 1373 -50.55 -2.59 -39.57
CA GLU A 1373 -51.56 -2.50 -38.53
C GLU A 1373 -52.63 -3.55 -38.82
N VAL A 1374 -52.78 -4.51 -37.93
CA VAL A 1374 -53.64 -5.68 -38.13
C VAL A 1374 -54.63 -5.78 -36.97
N LEU A 1375 -55.88 -6.04 -37.29
CA LEU A 1375 -56.91 -6.19 -36.27
C LEU A 1375 -56.98 -7.63 -35.78
N VAL A 1376 -56.95 -7.80 -34.46
CA VAL A 1376 -56.96 -9.12 -33.84
C VAL A 1376 -57.99 -9.13 -32.73
N VAL A 1377 -58.56 -10.31 -32.48
CA VAL A 1377 -59.61 -10.51 -31.48
C VAL A 1377 -59.25 -11.72 -30.63
N LYS A 1378 -59.38 -11.58 -29.31
CA LYS A 1378 -59.22 -12.70 -28.39
C LYS A 1378 -60.49 -12.86 -27.58
N LEU A 1379 -60.82 -14.10 -27.24
CA LEU A 1379 -61.82 -14.34 -26.22
C LEU A 1379 -61.15 -14.66 -24.89
N PRO A 1380 -61.80 -14.31 -23.77
CA PRO A 1380 -61.13 -14.47 -22.46
C PRO A 1380 -60.65 -15.87 -22.16
N LEU A 1381 -61.39 -16.90 -22.60
CA LEU A 1381 -61.03 -18.27 -22.24
C LEU A 1381 -59.73 -18.72 -22.91
N SER A 1382 -59.44 -18.23 -24.10
CA SER A 1382 -58.29 -18.72 -24.86
C SER A 1382 -56.97 -18.33 -24.19
N GLU A 1383 -56.91 -17.12 -23.62
CA GLU A 1383 -55.67 -16.53 -23.11
C GLU A 1383 -54.63 -16.39 -24.23
N HIS A 1384 -55.10 -16.28 -25.47
CA HIS A 1384 -54.24 -16.08 -26.63
C HIS A 1384 -55.04 -15.27 -27.64
N TRP A 1385 -54.32 -14.64 -28.57
CA TRP A 1385 -54.93 -13.82 -29.60
C TRP A 1385 -54.93 -14.60 -30.91
N ALA A 1386 -56.00 -14.47 -31.68
CA ALA A 1386 -56.11 -15.16 -32.96
C ALA A 1386 -56.87 -14.29 -33.95
N LEU A 1387 -56.66 -14.56 -35.24
CA LEU A 1387 -57.38 -13.84 -36.28
C LEU A 1387 -58.85 -14.22 -36.26
N PRO A 1388 -59.74 -13.30 -36.67
CA PRO A 1388 -61.19 -13.61 -36.67
C PRO A 1388 -61.56 -14.62 -37.75
N GLY A 1389 -61.15 -15.86 -37.54
CA GLY A 1389 -61.43 -16.93 -38.49
C GLY A 1389 -61.86 -18.19 -37.77
N GLY A 1390 -62.74 -18.94 -38.42
CA GLY A 1390 -63.22 -20.19 -37.86
C GLY A 1390 -63.52 -21.19 -38.96
N SER A 1391 -63.88 -22.40 -38.54
CA SER A 1391 -64.23 -23.44 -39.49
C SER A 1391 -65.45 -23.03 -40.31
N ARG A 1392 -65.36 -23.21 -41.62
CA ARG A 1392 -66.41 -22.79 -42.55
C ARG A 1392 -67.52 -23.83 -42.53
N GLU A 1393 -68.40 -23.72 -41.54
CA GLU A 1393 -69.54 -24.63 -41.47
C GLU A 1393 -70.48 -24.50 -42.67
N PRO A 1394 -70.90 -23.28 -43.11
CA PRO A 1394 -71.72 -23.20 -44.33
C PRO A 1394 -70.86 -23.19 -45.57
N GLY A 1395 -71.15 -24.08 -46.52
CA GLY A 1395 -70.39 -24.11 -47.76
C GLY A 1395 -70.61 -22.86 -48.60
N GLU A 1396 -71.84 -22.34 -48.61
CA GLU A 1396 -72.14 -21.17 -49.43
C GLU A 1396 -71.50 -19.91 -48.88
N MET A 1397 -71.62 -19.68 -47.57
CA MET A 1397 -71.17 -18.44 -46.94
C MET A 1397 -70.33 -18.79 -45.72
N LEU A 1398 -69.01 -18.90 -45.92
CA LEU A 1398 -68.05 -19.13 -44.84
C LEU A 1398 -67.97 -17.97 -43.84
N PRO A 1399 -67.87 -16.70 -44.28
CA PRO A 1399 -67.62 -15.62 -43.31
C PRO A 1399 -68.65 -15.50 -42.20
N ARG A 1400 -69.90 -15.87 -42.47
CA ARG A 1400 -70.94 -15.77 -41.43
C ARG A 1400 -70.55 -16.58 -40.20
N LYS A 1401 -70.22 -17.85 -40.40
CA LYS A 1401 -69.80 -18.67 -39.26
C LYS A 1401 -68.38 -18.33 -38.83
N LEU A 1402 -67.54 -17.86 -39.76
CA LEU A 1402 -66.17 -17.55 -39.41
C LEU A 1402 -66.08 -16.41 -38.40
N LYS A 1403 -66.85 -15.34 -38.61
CA LYS A 1403 -66.82 -14.16 -37.75
C LYS A 1403 -68.22 -13.66 -37.43
N ARG A 1404 -69.13 -14.55 -37.05
CA ARG A 1404 -70.49 -14.14 -36.71
C ARG A 1404 -70.51 -13.28 -35.45
N ILE A 1405 -69.50 -13.41 -34.60
CA ILE A 1405 -69.47 -12.67 -33.34
C ILE A 1405 -68.68 -11.39 -33.53
N LEU A 1406 -68.43 -11.02 -34.80
CA LEU A 1406 -67.60 -9.84 -35.07
C LEU A 1406 -68.37 -8.75 -35.79
N ARG A 1407 -69.01 -9.07 -36.93
CA ARG A 1407 -69.48 -8.01 -37.82
C ARG A 1407 -70.94 -7.65 -37.59
N GLN A 1408 -71.87 -8.60 -37.84
CA GLN A 1408 -73.31 -8.32 -37.93
C GLN A 1408 -74.06 -9.46 -38.59
N GLU A 1409 -73.48 -9.96 -39.69
CA GLU A 1409 -74.07 -10.81 -40.74
C GLU A 1409 -74.90 -9.98 -41.72
N HIS A 1410 -75.20 -8.73 -41.37
CA HIS A 1410 -75.77 -7.79 -42.33
C HIS A 1410 -74.65 -6.92 -42.86
N TRP A 1411 -73.95 -6.28 -41.94
CA TRP A 1411 -72.68 -5.64 -42.26
C TRP A 1411 -71.74 -6.73 -42.80
N PRO A 1412 -71.86 -7.96 -42.34
CA PRO A 1412 -71.04 -9.03 -42.94
C PRO A 1412 -71.62 -9.57 -44.24
N SER A 1413 -72.91 -9.42 -44.50
CA SER A 1413 -73.37 -9.61 -45.87
C SER A 1413 -72.73 -8.61 -46.81
N PHE A 1414 -72.64 -7.34 -46.38
CA PHE A 1414 -71.92 -6.34 -47.15
C PHE A 1414 -70.44 -6.70 -47.27
N GLU A 1415 -69.85 -7.23 -46.20
CA GLU A 1415 -68.45 -7.64 -46.26
C GLU A 1415 -68.24 -8.82 -47.20
N ASN A 1416 -69.21 -9.73 -47.29
CA ASN A 1416 -69.13 -10.81 -48.27
C ASN A 1416 -69.29 -10.29 -49.69
N LEU A 1417 -70.12 -9.27 -49.88
CA LEU A 1417 -70.19 -8.60 -51.18
C LEU A 1417 -68.86 -7.96 -51.53
N LEU A 1418 -68.16 -7.43 -50.53
CA LEU A 1418 -66.84 -6.83 -50.73
C LEU A 1418 -65.70 -7.84 -50.62
N LYS A 1419 -66.00 -9.13 -50.44
CA LYS A 1419 -64.98 -10.14 -50.22
C LYS A 1419 -64.24 -10.50 -51.50
N CYS A 1420 -63.39 -9.59 -51.96
CA CYS A 1420 -62.54 -9.84 -53.14
C CYS A 1420 -61.21 -9.13 -52.89
N GLY A 1421 -60.23 -9.90 -52.40
CA GLY A 1421 -58.94 -9.35 -52.03
C GLY A 1421 -57.74 -10.06 -52.66
N MET A 1422 -56.67 -10.23 -51.88
CA MET A 1422 -55.40 -10.75 -52.38
C MET A 1422 -55.04 -12.01 -51.61
N GLU A 1423 -54.59 -13.02 -52.33
CA GLU A 1423 -54.48 -14.38 -51.82
C GLU A 1423 -53.02 -14.60 -51.40
N VAL A 1424 -52.76 -14.62 -50.09
CA VAL A 1424 -51.36 -14.61 -49.65
C VAL A 1424 -50.82 -16.02 -49.54
N TYR A 1425 -51.48 -16.87 -48.77
CA TYR A 1425 -51.00 -18.22 -48.54
C TYR A 1425 -52.18 -19.18 -48.67
N LYS A 1426 -51.91 -20.36 -49.23
CA LYS A 1426 -52.88 -21.45 -49.27
C LYS A 1426 -52.11 -22.76 -49.32
N GLY A 1427 -52.43 -23.65 -48.40
CA GLY A 1427 -51.67 -24.87 -48.24
C GLY A 1427 -51.82 -25.41 -46.82
N TYR A 1428 -50.90 -26.30 -46.47
CA TYR A 1428 -50.97 -26.98 -45.18
C TYR A 1428 -50.62 -26.01 -44.04
N MET A 1429 -51.25 -26.25 -42.89
CA MET A 1429 -51.04 -25.45 -41.69
C MET A 1429 -50.56 -26.35 -40.55
N ASP A 1430 -49.61 -25.85 -39.77
CA ASP A 1430 -49.13 -26.57 -38.59
C ASP A 1430 -50.02 -26.24 -37.40
N ASP A 1431 -50.78 -27.23 -36.92
CA ASP A 1431 -51.73 -27.05 -35.84
C ASP A 1431 -51.54 -28.15 -34.80
N PRO A 1432 -51.66 -27.81 -33.52
CA PRO A 1432 -51.45 -28.82 -32.46
C PRO A 1432 -52.47 -29.96 -32.47
N ARG A 1433 -53.64 -29.79 -33.09
CA ARG A 1433 -54.65 -30.84 -33.10
C ARG A 1433 -54.36 -31.91 -34.15
N ASN A 1434 -53.37 -31.70 -35.01
CA ASN A 1434 -53.15 -32.55 -36.17
C ASN A 1434 -52.77 -33.96 -35.74
N THR A 1435 -53.68 -34.91 -35.98
CA THR A 1435 -53.40 -36.32 -35.81
C THR A 1435 -52.94 -36.90 -37.15
N ASP A 1436 -52.62 -38.20 -37.18
CA ASP A 1436 -52.23 -38.83 -38.42
C ASP A 1436 -53.39 -38.92 -39.42
N ASN A 1437 -54.62 -38.67 -38.97
CA ASN A 1437 -55.79 -38.76 -39.83
C ASN A 1437 -56.34 -37.40 -40.25
N ALA A 1438 -56.44 -36.45 -39.32
CA ALA A 1438 -57.07 -35.16 -39.58
C ALA A 1438 -56.01 -34.06 -39.51
N TRP A 1439 -56.00 -33.19 -40.52
CA TRP A 1439 -55.12 -32.05 -40.58
C TRP A 1439 -55.89 -30.84 -41.08
N ILE A 1440 -55.29 -29.66 -40.95
CA ILE A 1440 -55.95 -28.40 -41.28
C ILE A 1440 -55.12 -27.64 -42.31
N GLU A 1441 -55.81 -27.16 -43.34
CA GLU A 1441 -55.21 -26.32 -44.37
C GLU A 1441 -55.99 -25.03 -44.45
N THR A 1442 -55.29 -23.93 -44.71
CA THR A 1442 -55.86 -22.59 -44.51
C THR A 1442 -55.74 -21.77 -45.79
N VAL A 1443 -56.64 -20.79 -45.91
CA VAL A 1443 -56.64 -19.81 -46.99
C VAL A 1443 -56.52 -18.43 -46.38
N ALA A 1444 -55.57 -17.63 -46.87
CA ALA A 1444 -55.27 -16.32 -46.32
C ALA A 1444 -55.65 -15.23 -47.32
N VAL A 1445 -56.64 -14.42 -46.96
CA VAL A 1445 -57.06 -13.27 -47.76
C VAL A 1445 -56.72 -12.00 -46.99
N SER A 1446 -56.10 -11.04 -47.68
CA SER A 1446 -55.63 -9.80 -47.06
C SER A 1446 -56.24 -8.63 -47.84
N VAL A 1447 -57.11 -7.87 -47.18
CA VAL A 1447 -57.57 -6.61 -47.72
C VAL A 1447 -56.76 -5.47 -47.12
N HIS A 1448 -56.28 -4.57 -47.96
CA HIS A 1448 -55.37 -3.52 -47.55
C HIS A 1448 -56.03 -2.16 -47.81
N PHE A 1449 -55.68 -1.18 -46.99
CA PHE A 1449 -56.21 0.17 -47.12
C PHE A 1449 -55.08 1.08 -47.58
N GLN A 1450 -55.30 1.81 -48.67
CA GLN A 1450 -54.27 2.72 -49.17
C GLN A 1450 -54.34 4.07 -48.47
N ASP A 1451 -55.49 4.72 -48.53
CA ASP A 1451 -55.70 5.95 -47.78
C ASP A 1451 -56.59 5.68 -46.58
N GLN A 1452 -56.55 6.60 -45.61
CA GLN A 1452 -57.37 6.50 -44.41
C GLN A 1452 -58.42 7.60 -44.33
N ASN A 1453 -58.74 8.26 -45.45
CA ASN A 1453 -59.77 9.29 -45.44
C ASN A 1453 -61.16 8.67 -45.32
N ASP A 1454 -61.43 7.62 -46.08
CA ASP A 1454 -62.79 7.09 -46.17
C ASP A 1454 -62.79 5.64 -46.62
N VAL A 1455 -63.96 5.18 -47.08
CA VAL A 1455 -64.18 3.87 -47.70
C VAL A 1455 -64.22 2.76 -46.66
N GLU A 1456 -63.47 1.70 -46.88
CA GLU A 1456 -63.67 0.45 -46.14
C GLU A 1456 -63.37 0.62 -44.65
N LEU A 1457 -62.50 1.58 -44.30
CA LEU A 1457 -62.21 1.81 -42.89
C LEU A 1457 -63.47 2.28 -42.15
N ASN A 1458 -64.13 3.31 -42.67
CA ASN A 1458 -65.38 3.77 -42.05
C ASN A 1458 -66.49 2.74 -42.23
N ARG A 1459 -66.44 1.97 -43.32
CA ARG A 1459 -67.42 0.92 -43.53
C ARG A 1459 -67.34 -0.13 -42.43
N LEU A 1460 -66.12 -0.51 -42.05
CA LEU A 1460 -65.96 -1.47 -40.96
C LEU A 1460 -66.24 -0.82 -39.61
N ASN A 1461 -65.94 0.47 -39.46
CA ASN A 1461 -66.23 1.17 -38.22
C ASN A 1461 -67.73 1.18 -37.93
N SER A 1462 -68.53 1.49 -38.95
CA SER A 1462 -69.98 1.41 -38.80
C SER A 1462 -70.47 -0.03 -38.88
N ASN A 1463 -69.63 -0.92 -39.40
CA ASN A 1463 -69.99 -2.32 -39.60
C ASN A 1463 -69.50 -3.18 -38.43
N LEU A 1464 -70.02 -2.87 -37.24
CA LEU A 1464 -69.59 -3.53 -36.01
C LEU A 1464 -70.81 -3.90 -35.18
N HIS A 1465 -70.99 -5.21 -34.97
CA HIS A 1465 -71.94 -5.73 -33.98
C HIS A 1465 -71.24 -6.64 -32.97
N ALA A 1466 -69.94 -6.47 -32.79
CA ALA A 1466 -69.19 -7.32 -31.87
C ALA A 1466 -69.55 -7.04 -30.42
N CYS A 1467 -70.30 -5.97 -30.15
CA CYS A 1467 -70.70 -5.65 -28.80
C CYS A 1467 -71.74 -6.63 -28.24
N ASP A 1468 -72.19 -7.59 -29.03
CA ASP A 1468 -73.17 -8.56 -28.55
C ASP A 1468 -72.60 -9.40 -27.42
N SER A 1469 -71.36 -9.85 -27.56
CA SER A 1469 -70.73 -10.70 -26.55
C SER A 1469 -69.23 -10.76 -26.81
N GLY A 1470 -68.53 -11.44 -25.91
CA GLY A 1470 -67.10 -11.62 -26.06
C GLY A 1470 -66.29 -10.43 -25.58
N ALA A 1471 -64.99 -10.50 -25.84
CA ALA A 1471 -64.07 -9.44 -25.44
C ALA A 1471 -63.99 -8.40 -26.55
N SER A 1472 -63.01 -7.50 -26.43
CA SER A 1472 -62.88 -6.39 -27.37
C SER A 1472 -62.19 -6.84 -28.66
N ILE A 1473 -62.50 -6.12 -29.73
CA ILE A 1473 -61.85 -6.28 -31.02
C ILE A 1473 -60.96 -5.05 -31.21
N ARG A 1474 -59.70 -5.29 -31.57
CA ARG A 1474 -58.70 -4.24 -31.45
C ARG A 1474 -57.74 -4.37 -32.62
N TRP A 1475 -57.22 -3.22 -33.05
CA TRP A 1475 -56.14 -3.19 -34.02
C TRP A 1475 -54.80 -3.41 -33.33
N GLN A 1476 -53.85 -3.96 -34.08
CA GLN A 1476 -52.54 -4.33 -33.58
C GLN A 1476 -51.45 -4.03 -34.58
N VAL A 1477 -50.24 -3.86 -34.04
CA VAL A 1477 -49.06 -3.69 -34.87
C VAL A 1477 -48.45 -5.05 -35.16
N VAL A 1478 -47.60 -5.10 -36.17
CA VAL A 1478 -46.92 -6.33 -36.56
C VAL A 1478 -45.54 -6.33 -35.94
N ASP A 1479 -45.29 -7.29 -35.06
CA ASP A 1479 -44.04 -7.35 -34.32
C ASP A 1479 -43.67 -8.79 -34.03
N ARG A 1480 -42.41 -9.00 -33.67
CA ARG A 1480 -41.92 -10.34 -33.39
C ARG A 1480 -42.50 -10.92 -32.11
N ARG A 1481 -42.77 -10.10 -31.11
CA ARG A 1481 -43.31 -10.56 -29.84
C ARG A 1481 -44.81 -10.38 -29.72
N ILE A 1482 -45.51 -10.16 -30.84
CA ILE A 1482 -46.96 -10.00 -30.84
C ILE A 1482 -47.60 -11.29 -30.31
N PRO A 1483 -48.52 -11.20 -29.35
CA PRO A 1483 -49.08 -12.42 -28.74
C PRO A 1483 -50.08 -13.08 -29.67
N LEU A 1484 -49.66 -14.20 -30.28
CA LEU A 1484 -50.55 -15.03 -31.08
C LEU A 1484 -50.10 -16.48 -30.90
N TYR A 1485 -50.88 -17.40 -31.46
CA TYR A 1485 -50.51 -18.80 -31.43
C TYR A 1485 -49.20 -19.01 -32.18
N ALA A 1486 -48.52 -20.10 -31.83
CA ALA A 1486 -47.13 -20.30 -32.28
C ALA A 1486 -47.00 -20.24 -33.79
N ASN A 1487 -47.80 -21.04 -34.50
CA ASN A 1487 -47.73 -21.06 -35.96
C ASN A 1487 -48.93 -20.40 -36.63
N HIS A 1488 -49.92 -19.97 -35.85
CA HIS A 1488 -50.97 -19.13 -36.42
C HIS A 1488 -50.42 -17.79 -36.88
N LYS A 1489 -49.31 -17.35 -36.27
CA LYS A 1489 -48.70 -16.09 -36.69
C LYS A 1489 -47.74 -16.28 -37.86
N THR A 1490 -47.52 -17.53 -38.28
CA THR A 1490 -46.75 -17.74 -39.50
C THR A 1490 -47.50 -17.21 -40.72
N LEU A 1491 -48.84 -17.24 -40.68
CA LEU A 1491 -49.62 -16.62 -41.74
C LEU A 1491 -49.36 -15.13 -41.82
N LEU A 1492 -49.31 -14.46 -40.67
CA LEU A 1492 -48.98 -13.04 -40.65
C LEU A 1492 -47.55 -12.79 -41.12
N GLN A 1493 -46.63 -13.67 -40.73
CA GLN A 1493 -45.24 -13.54 -41.16
C GLN A 1493 -45.14 -13.64 -42.68
N LYS A 1494 -45.89 -14.58 -43.28
CA LYS A 1494 -45.96 -14.64 -44.73
C LYS A 1494 -46.60 -13.39 -45.32
N ALA A 1495 -47.62 -12.87 -44.64
CA ALA A 1495 -48.28 -11.64 -45.10
C ALA A 1495 -47.36 -10.43 -45.03
N ALA A 1496 -46.28 -10.53 -44.25
CA ALA A 1496 -45.34 -9.41 -44.17
C ALA A 1496 -44.73 -9.11 -45.53
N ALA A 1497 -44.62 -10.11 -46.40
CA ALA A 1497 -44.03 -9.89 -47.72
C ALA A 1497 -45.01 -9.18 -48.65
N GLU A 1498 -46.28 -9.12 -48.27
CA GLU A 1498 -47.28 -8.54 -49.16
C GLU A 1498 -47.04 -7.06 -49.40
N PHE A 1499 -46.67 -6.31 -48.36
CA PHE A 1499 -46.49 -4.86 -48.47
C PHE A 1499 -45.21 -4.40 -47.78
N GLY A 1500 -44.13 -5.18 -47.91
CA GLY A 1500 -42.83 -4.77 -47.42
C GLY A 1500 -42.77 -4.51 -45.93
N ALA A 1501 -43.30 -5.43 -45.14
CA ALA A 1501 -43.41 -5.21 -43.71
C ALA A 1501 -42.13 -5.56 -42.97
N HIS A 1502 -41.80 -4.72 -41.98
CA HIS A 1502 -40.83 -5.10 -40.95
C HIS A 1502 -41.61 -5.94 -39.95
N TYR A 1503 -41.06 -7.11 -39.62
CA TYR A 1503 -41.72 -8.18 -38.86
C TYR A 1503 -42.36 -7.55 -37.63
N GLN B 56 27.14 -36.92 30.50
CA GLN B 56 28.53 -37.21 30.17
C GLN B 56 29.15 -38.17 31.17
N GLU B 57 28.49 -38.32 32.32
CA GLU B 57 28.94 -39.23 33.37
C GLU B 57 28.31 -40.60 33.27
N SER B 58 27.01 -40.67 33.01
CA SER B 58 26.31 -41.94 32.81
C SER B 58 26.28 -42.36 31.35
N LEU B 59 26.85 -41.56 30.45
CA LEU B 59 26.90 -41.88 29.03
C LEU B 59 28.14 -42.69 28.71
N SER B 60 29.29 -42.26 29.23
CA SER B 60 30.56 -42.94 28.97
C SER B 60 30.55 -44.35 29.55
N SER B 61 29.64 -44.61 30.49
CA SER B 61 29.51 -45.95 31.06
C SER B 61 28.64 -46.83 30.17
N TRP B 62 27.52 -46.29 29.71
CA TRP B 62 26.61 -47.06 28.86
C TRP B 62 27.02 -46.97 27.39
N ILE B 63 28.22 -47.47 27.07
CA ILE B 63 28.65 -47.62 25.68
C ILE B 63 29.51 -48.87 25.53
N PRO B 64 30.68 -48.97 26.16
CA PRO B 64 31.62 -50.03 25.80
C PRO B 64 31.27 -51.42 26.31
N GLU B 65 30.64 -51.55 27.49
CA GLU B 65 30.38 -52.88 28.02
C GLU B 65 29.06 -53.47 27.56
N ASN B 66 28.34 -52.80 26.65
CA ASN B 66 27.23 -53.43 25.93
C ASN B 66 27.47 -53.39 24.43
N ILE B 67 27.96 -52.27 23.88
CA ILE B 67 28.28 -52.22 22.46
C ILE B 67 29.72 -52.69 22.23
N LYS B 68 29.90 -53.46 21.16
CA LYS B 68 31.18 -54.09 20.88
C LYS B 68 31.49 -54.00 19.39
N LYS B 69 32.78 -54.09 19.07
CA LYS B 69 33.28 -53.89 17.71
C LYS B 69 33.90 -55.18 17.19
N LYS B 70 33.77 -55.39 15.88
CA LYS B 70 34.38 -56.56 15.25
C LYS B 70 35.86 -56.32 14.98
N GLU B 71 36.64 -57.41 15.04
CA GLU B 71 38.05 -57.38 14.71
C GLU B 71 38.45 -58.73 14.12
N CYS B 72 39.54 -58.72 13.34
CA CYS B 72 40.06 -59.91 12.70
C CYS B 72 41.24 -60.44 13.53
N VAL B 73 40.98 -61.46 14.35
CA VAL B 73 42.02 -61.97 15.23
C VAL B 73 43.10 -62.72 14.44
N TYR B 74 42.70 -63.53 13.46
CA TYR B 74 43.65 -64.40 12.80
C TYR B 74 44.57 -63.60 11.88
N PHE B 75 45.70 -64.20 11.52
CA PHE B 75 46.81 -63.49 10.90
C PHE B 75 47.09 -63.94 9.46
N VAL B 76 46.06 -64.04 8.62
CA VAL B 76 46.26 -64.36 7.22
C VAL B 76 47.15 -63.31 6.58
N GLU B 77 48.13 -63.76 5.80
CA GLU B 77 49.04 -62.87 5.08
C GLU B 77 48.31 -62.26 3.89
N SER B 78 49.05 -61.53 3.06
CA SER B 78 48.47 -60.81 1.94
C SER B 78 48.40 -61.71 0.72
N SER B 79 47.18 -62.17 0.39
CA SER B 79 47.00 -62.87 -0.89
C SER B 79 47.15 -61.91 -2.06
N LYS B 80 46.64 -60.68 -1.92
CA LYS B 80 46.77 -59.66 -2.94
C LYS B 80 47.33 -58.40 -2.31
N LEU B 81 48.44 -57.90 -2.86
CA LEU B 81 49.05 -56.66 -2.42
C LEU B 81 48.72 -55.56 -3.42
N SER B 82 48.13 -54.48 -2.93
CA SER B 82 47.63 -53.40 -3.78
C SER B 82 48.16 -52.06 -3.32
N ASP B 83 48.50 -51.21 -4.28
CA ASP B 83 48.89 -49.82 -4.04
C ASP B 83 50.08 -49.73 -3.09
N ALA B 84 51.16 -50.43 -3.47
CA ALA B 84 52.44 -50.42 -2.74
C ALA B 84 52.29 -50.82 -1.28
N GLY B 85 51.32 -51.68 -0.96
CA GLY B 85 51.10 -52.08 0.41
C GLY B 85 51.09 -53.58 0.61
N LYS B 86 51.89 -54.06 1.54
CA LYS B 86 51.88 -55.47 1.94
C LYS B 86 51.13 -55.71 3.23
N VAL B 87 50.86 -54.67 4.01
CA VAL B 87 50.10 -54.82 5.24
C VAL B 87 48.65 -55.17 4.94
N VAL B 88 48.15 -54.76 3.77
CA VAL B 88 46.78 -55.08 3.39
C VAL B 88 46.68 -56.59 3.16
N CYS B 89 45.84 -57.25 3.96
CA CYS B 89 45.68 -58.70 3.91
C CYS B 89 44.20 -59.02 3.97
N GLN B 90 43.61 -59.37 2.82
CA GLN B 90 42.20 -59.71 2.74
C GLN B 90 41.33 -58.57 3.29
N CYS B 91 41.11 -58.55 4.60
CA CYS B 91 40.27 -57.51 5.20
C CYS B 91 40.83 -56.12 4.95
N GLY B 92 42.11 -55.90 5.25
CA GLY B 92 42.83 -54.74 4.77
C GLY B 92 43.35 -53.73 5.77
N TYR B 93 43.38 -54.04 7.06
CA TYR B 93 44.09 -53.15 7.97
C TYR B 93 45.60 -53.35 7.90
N THR B 94 46.30 -52.59 8.73
CA THR B 94 47.75 -52.52 8.69
C THR B 94 48.40 -53.77 9.29
N HIS B 95 49.72 -53.70 9.45
CA HIS B 95 50.56 -54.74 10.03
C HIS B 95 50.69 -55.92 9.08
N GLU B 96 51.69 -56.77 9.30
CA GLU B 96 51.93 -57.90 8.41
C GLU B 96 50.74 -58.87 8.42
N GLN B 97 50.06 -58.97 9.56
CA GLN B 97 48.90 -59.84 9.66
C GLN B 97 47.67 -59.18 9.04
N HIS B 98 46.53 -59.84 9.16
CA HIS B 98 45.28 -59.27 8.65
C HIS B 98 44.93 -57.98 9.39
N LEU B 99 45.11 -57.97 10.71
CA LEU B 99 44.85 -56.81 11.55
C LEU B 99 46.14 -56.37 12.22
N GLU B 100 46.03 -55.40 13.13
CA GLU B 100 47.16 -54.87 13.87
C GLU B 100 47.27 -55.46 15.27
N GLU B 101 46.55 -56.55 15.54
CA GLU B 101 46.58 -57.19 16.84
C GLU B 101 47.88 -57.96 17.03
N ALA B 102 47.97 -58.70 18.13
CA ALA B 102 49.18 -59.46 18.44
C ALA B 102 49.46 -60.50 17.35
N THR B 103 50.71 -60.54 16.91
CA THR B 103 51.15 -61.48 15.88
C THR B 103 51.38 -62.83 16.56
N LYS B 104 50.31 -63.63 16.61
CA LYS B 104 50.33 -64.92 17.30
C LYS B 104 49.70 -65.98 16.41
N PRO B 105 49.92 -67.27 16.69
CA PRO B 105 49.25 -68.31 15.89
C PRO B 105 47.74 -68.22 15.96
N HIS B 106 47.20 -67.60 17.00
CA HIS B 106 45.75 -67.36 17.14
C HIS B 106 44.98 -68.68 17.13
N THR B 107 45.21 -69.49 18.17
CA THR B 107 44.65 -70.83 18.32
C THR B 107 45.10 -71.71 17.17
N PHE B 108 44.26 -72.68 16.79
CA PHE B 108 44.61 -73.58 15.69
C PHE B 108 44.85 -72.79 14.42
N GLN B 109 45.96 -73.10 13.74
CA GLN B 109 46.37 -72.37 12.55
C GLN B 109 45.66 -72.95 11.32
N GLY B 110 44.34 -72.85 11.34
CA GLY B 110 43.55 -73.27 10.19
C GLY B 110 43.78 -72.36 9.01
N THR B 111 44.00 -72.95 7.83
CA THR B 111 44.25 -72.16 6.63
C THR B 111 43.02 -71.32 6.29
N GLN B 112 43.28 -70.07 5.88
CA GLN B 112 42.30 -69.07 5.46
C GLN B 112 41.30 -68.75 6.57
N TRP B 113 40.48 -67.72 6.37
CA TRP B 113 39.58 -67.23 7.40
C TRP B 113 38.16 -67.16 6.87
N ASP B 114 37.22 -67.21 7.80
CA ASP B 114 35.79 -67.23 7.54
C ASP B 114 35.15 -66.07 8.28
N PRO B 115 34.35 -65.23 7.58
CA PRO B 115 33.65 -64.14 8.28
C PRO B 115 32.57 -64.67 9.22
N LYS B 116 33.05 -65.28 10.32
CA LYS B 116 32.25 -65.99 11.31
C LYS B 116 33.21 -66.70 12.24
N LYS B 117 34.07 -67.55 11.67
CA LYS B 117 35.08 -68.25 12.46
C LYS B 117 36.16 -67.30 12.94
N HIS B 118 36.59 -66.37 12.09
CA HIS B 118 37.72 -65.50 12.40
C HIS B 118 37.35 -64.02 12.43
N VAL B 119 36.12 -63.70 12.82
CA VAL B 119 35.75 -62.34 13.18
C VAL B 119 35.33 -62.34 14.64
N GLN B 120 35.94 -61.47 15.44
CA GLN B 120 35.76 -61.46 16.89
C GLN B 120 35.20 -60.12 17.32
N GLU B 121 34.29 -60.14 18.29
CA GLU B 121 33.59 -58.95 18.75
C GLU B 121 34.12 -58.57 20.13
N MET B 122 34.67 -57.37 20.24
CA MET B 122 35.21 -56.87 21.49
C MET B 122 34.70 -55.45 21.73
N PRO B 123 34.68 -54.99 22.98
CA PRO B 123 34.01 -53.72 23.29
C PRO B 123 34.55 -52.53 22.49
N THR B 124 33.63 -51.65 22.11
CA THR B 124 33.98 -50.48 21.32
C THR B 124 34.81 -49.51 22.14
N ASP B 125 35.81 -48.90 21.48
CA ASP B 125 36.73 -47.98 22.14
C ASP B 125 36.64 -46.55 21.62
N ALA B 126 35.83 -46.30 20.59
CA ALA B 126 35.77 -44.99 19.95
C ALA B 126 34.37 -44.41 20.10
N PHE B 127 34.28 -43.24 20.72
CA PHE B 127 33.01 -42.53 20.89
C PHE B 127 33.32 -41.13 21.41
N GLY B 128 32.33 -40.23 21.27
CA GLY B 128 32.50 -38.88 21.79
C GLY B 128 31.73 -37.80 21.06
N ASP B 129 32.34 -36.61 20.97
CA ASP B 129 31.71 -35.43 20.38
C ASP B 129 32.67 -34.90 19.32
N ILE B 130 32.38 -35.20 18.05
CA ILE B 130 33.30 -34.79 16.98
C ILE B 130 33.13 -33.32 16.69
N VAL B 131 34.26 -32.62 16.51
CA VAL B 131 34.29 -31.22 16.10
C VAL B 131 35.12 -31.13 14.82
N PHE B 132 34.52 -30.58 13.76
CA PHE B 132 35.15 -30.56 12.44
C PHE B 132 35.97 -29.28 12.27
N THR B 133 37.04 -29.21 13.06
CA THR B 133 38.04 -28.12 13.03
C THR B 133 37.31 -26.77 13.02
N GLY B 134 37.75 -25.79 12.24
CA GLY B 134 37.12 -24.49 12.19
C GLY B 134 35.83 -24.42 11.42
N LEU B 135 35.40 -25.51 10.79
CA LEU B 135 34.14 -25.54 10.05
C LEU B 135 33.00 -25.73 11.05
N SER B 136 32.63 -24.60 11.68
CA SER B 136 31.50 -24.49 12.61
C SER B 136 31.84 -25.13 13.96
N GLN B 137 31.37 -24.51 15.05
CA GLN B 137 31.56 -25.03 16.40
C GLN B 137 30.19 -25.48 16.93
N LYS B 138 29.86 -26.75 16.72
CA LYS B 138 28.55 -27.28 17.08
C LYS B 138 28.59 -28.52 17.95
N VAL B 139 29.72 -29.24 18.00
CA VAL B 139 29.93 -30.49 18.72
C VAL B 139 28.82 -31.50 18.42
N LYS B 140 29.15 -32.51 17.62
CA LYS B 140 28.18 -33.47 17.13
C LYS B 140 28.54 -34.87 17.62
N LYS B 141 27.56 -35.60 18.11
CA LYS B 141 27.79 -36.91 18.72
C LYS B 141 28.14 -37.94 17.65
N TYR B 142 28.88 -38.97 18.07
CA TYR B 142 29.19 -40.09 17.19
C TYR B 142 29.41 -41.33 18.05
N VAL B 143 28.99 -42.48 17.52
CA VAL B 143 29.25 -43.77 18.14
C VAL B 143 29.69 -44.75 17.05
N ARG B 144 30.30 -45.85 17.49
CA ARG B 144 30.89 -46.83 16.60
C ARG B 144 30.38 -48.22 16.95
N VAL B 145 29.69 -48.85 16.00
CA VAL B 145 28.98 -50.11 16.24
C VAL B 145 29.42 -51.15 15.22
N SER B 146 28.79 -52.33 15.30
CA SER B 146 29.10 -53.45 14.44
C SER B 146 27.84 -54.04 13.83
N GLN B 147 28.02 -55.22 13.21
CA GLN B 147 26.90 -55.92 12.58
C GLN B 147 25.83 -56.29 13.60
N ASP B 148 26.22 -57.02 14.64
CA ASP B 148 25.26 -57.64 15.56
C ASP B 148 25.09 -56.76 16.79
N THR B 149 24.26 -55.73 16.66
CA THR B 149 23.78 -54.95 17.78
C THR B 149 22.29 -54.84 17.54
N PRO B 150 21.46 -55.29 18.48
CA PRO B 150 20.01 -55.19 18.27
C PRO B 150 19.58 -53.74 18.21
N SER B 151 18.56 -53.47 17.38
CA SER B 151 18.12 -52.10 17.17
C SER B 151 17.59 -51.48 18.46
N SER B 152 17.21 -52.32 19.43
CA SER B 152 16.76 -51.80 20.72
C SER B 152 17.87 -51.03 21.43
N VAL B 153 19.10 -51.53 21.37
CA VAL B 153 20.22 -50.85 22.02
C VAL B 153 20.42 -49.47 21.40
N ILE B 154 20.45 -49.39 20.07
CA ILE B 154 20.67 -48.12 19.40
C ILE B 154 19.51 -47.16 19.66
N TYR B 155 18.28 -47.68 19.65
CA TYR B 155 17.14 -46.82 19.92
C TYR B 155 17.19 -46.26 21.34
N HIS B 156 17.53 -47.11 22.32
CA HIS B 156 17.64 -46.64 23.69
C HIS B 156 18.71 -45.58 23.83
N LEU B 157 19.90 -45.84 23.25
CA LEU B 157 20.96 -44.85 23.28
C LEU B 157 20.51 -43.54 22.66
N MET B 158 19.95 -43.59 21.45
CA MET B 158 19.64 -42.40 20.68
C MET B 158 18.49 -41.60 21.31
N THR B 159 17.56 -42.28 21.97
CA THR B 159 16.44 -41.58 22.59
C THR B 159 16.82 -41.02 23.96
N GLN B 160 17.44 -41.84 24.82
CA GLN B 160 17.71 -41.42 26.20
C GLN B 160 19.07 -40.73 26.34
N HIS B 161 20.15 -41.41 25.98
CA HIS B 161 21.48 -40.90 26.30
C HIS B 161 21.85 -39.72 25.39
N TRP B 162 21.54 -39.83 24.10
CA TRP B 162 21.92 -38.76 23.18
C TRP B 162 21.03 -37.54 23.35
N GLY B 163 19.80 -37.73 23.82
CA GLY B 163 18.90 -36.63 24.09
C GLY B 163 17.88 -36.33 23.01
N LEU B 164 17.83 -37.12 21.95
CA LEU B 164 16.84 -36.88 20.90
C LEU B 164 15.45 -37.27 21.39
N ASP B 165 14.44 -36.68 20.74
CA ASP B 165 13.05 -36.93 21.06
C ASP B 165 12.44 -37.85 20.01
N VAL B 166 11.46 -38.64 20.43
CA VAL B 166 10.81 -39.57 19.49
C VAL B 166 10.10 -38.77 18.40
N PRO B 167 10.35 -39.06 17.13
CA PRO B 167 9.78 -38.23 16.07
C PRO B 167 8.36 -38.66 15.72
N ASN B 168 7.63 -37.71 15.11
CA ASN B 168 6.32 -37.99 14.55
C ASN B 168 6.41 -38.52 13.12
N LEU B 169 7.60 -38.54 12.55
CA LEU B 169 7.81 -39.02 11.19
C LEU B 169 9.28 -39.39 11.02
N LEU B 170 9.54 -40.42 10.23
CA LEU B 170 10.90 -40.84 9.90
C LEU B 170 11.08 -40.72 8.40
N ILE B 171 11.67 -39.61 7.96
CA ILE B 171 11.96 -39.39 6.54
C ILE B 171 13.35 -39.95 6.28
N SER B 172 13.46 -40.77 5.24
CA SER B 172 14.70 -41.47 4.93
C SER B 172 15.24 -40.97 3.60
N VAL B 173 16.53 -40.68 3.56
CA VAL B 173 17.20 -40.14 2.39
C VAL B 173 18.23 -41.16 1.92
N THR B 174 17.91 -41.87 0.84
CA THR B 174 18.82 -42.84 0.24
C THR B 174 18.99 -42.51 -1.23
N GLY B 175 20.24 -42.50 -1.70
CA GLY B 175 20.51 -42.10 -3.07
C GLY B 175 21.87 -42.58 -3.52
N GLY B 176 22.14 -42.38 -4.81
CA GLY B 176 23.42 -42.77 -5.36
C GLY B 176 24.55 -41.91 -4.81
N ALA B 177 25.78 -42.40 -4.97
CA ALA B 177 26.95 -41.73 -4.43
C ALA B 177 27.85 -41.14 -5.51
N LYS B 178 27.52 -41.32 -6.78
CA LYS B 178 28.22 -40.65 -7.87
C LYS B 178 27.77 -39.20 -7.90
N ASN B 179 28.73 -38.27 -7.83
CA ASN B 179 28.40 -36.87 -7.68
C ASN B 179 27.58 -36.37 -8.87
N PHE B 180 26.55 -35.60 -8.59
CA PHE B 180 25.62 -35.16 -9.63
C PHE B 180 25.28 -33.69 -9.43
N ASN B 181 24.95 -33.04 -10.53
CA ASN B 181 24.66 -31.63 -10.53
C ASN B 181 23.32 -31.40 -11.21
N MET B 182 22.47 -30.60 -10.57
CA MET B 182 21.07 -30.51 -10.94
C MET B 182 20.61 -29.07 -11.02
N LYS B 183 19.53 -28.86 -11.79
CA LYS B 183 19.11 -27.53 -12.18
C LYS B 183 18.67 -26.70 -10.97
N PRO B 184 18.85 -25.37 -11.03
CA PRO B 184 18.51 -24.53 -9.87
C PRO B 184 17.05 -24.59 -9.45
N ARG B 185 16.11 -24.72 -10.39
CA ARG B 185 14.71 -24.75 -9.99
C ARG B 185 14.42 -25.97 -9.11
N LEU B 186 14.71 -27.16 -9.61
CA LEU B 186 14.50 -28.38 -8.85
C LEU B 186 15.35 -28.37 -7.58
N LYS B 187 16.51 -27.73 -7.64
CA LYS B 187 17.41 -27.66 -6.49
C LYS B 187 16.77 -26.87 -5.35
N SER B 188 16.28 -25.67 -5.64
CA SER B 188 15.58 -24.88 -4.63
C SER B 188 14.31 -25.57 -4.15
N ILE B 189 13.57 -26.20 -5.07
CA ILE B 189 12.35 -26.90 -4.68
C ILE B 189 12.67 -28.02 -3.68
N PHE B 190 13.68 -28.83 -3.98
CA PHE B 190 14.05 -29.92 -3.08
C PHE B 190 14.51 -29.39 -1.74
N ARG B 191 15.37 -28.37 -1.73
CA ARG B 191 15.85 -27.84 -0.45
C ARG B 191 14.70 -27.32 0.40
N ARG B 192 13.87 -26.43 -0.17
CA ARG B 192 12.79 -25.85 0.60
C ARG B 192 11.80 -26.91 1.07
N GLY B 193 11.45 -27.85 0.20
CA GLY B 193 10.49 -28.87 0.59
C GLY B 193 11.02 -29.75 1.70
N LEU B 194 12.25 -30.24 1.57
CA LEU B 194 12.82 -31.11 2.59
C LEU B 194 12.92 -30.37 3.92
N VAL B 195 13.41 -29.13 3.91
CA VAL B 195 13.59 -28.42 5.16
C VAL B 195 12.23 -28.15 5.82
N LYS B 196 11.23 -27.74 5.03
CA LYS B 196 9.93 -27.43 5.62
C LYS B 196 9.27 -28.68 6.19
N VAL B 197 9.25 -29.77 5.42
CA VAL B 197 8.61 -31.00 5.90
C VAL B 197 9.34 -31.61 7.09
N ALA B 198 10.66 -31.40 7.20
CA ALA B 198 11.43 -31.97 8.30
C ALA B 198 11.52 -31.03 9.50
N GLN B 199 11.10 -29.77 9.34
CA GLN B 199 11.16 -28.84 10.46
C GLN B 199 9.78 -28.65 11.09
N THR B 200 8.72 -28.63 10.28
CA THR B 200 7.39 -28.39 10.82
C THR B 200 6.79 -29.61 11.50
N THR B 201 7.40 -30.78 11.34
CA THR B 201 6.91 -32.00 11.98
C THR B 201 7.88 -32.60 12.98
N GLY B 202 9.10 -32.07 13.08
CA GLY B 202 10.09 -32.61 14.00
C GLY B 202 10.49 -34.03 13.66
N ALA B 203 10.79 -34.28 12.39
CA ALA B 203 11.08 -35.62 11.89
C ALA B 203 12.58 -35.85 11.82
N TRP B 204 12.95 -37.13 11.93
CA TRP B 204 14.34 -37.54 11.75
C TRP B 204 14.64 -37.72 10.27
N ILE B 205 15.87 -37.39 9.88
CA ILE B 205 16.25 -37.33 8.48
C ILE B 205 17.38 -38.33 8.23
N ILE B 206 17.31 -39.48 8.89
CA ILE B 206 18.32 -40.54 8.79
C ILE B 206 18.76 -40.74 7.34
N THR B 207 20.07 -40.74 7.12
CA THR B 207 20.64 -40.86 5.79
C THR B 207 22.10 -41.29 5.93
N GLY B 208 22.83 -41.25 4.83
CA GLY B 208 24.24 -41.55 4.86
C GLY B 208 25.07 -40.41 5.41
N GLY B 209 26.28 -40.74 5.83
CA GLY B 209 27.22 -39.78 6.37
C GLY B 209 28.30 -39.31 5.43
N SER B 210 28.26 -39.71 4.16
CA SER B 210 29.33 -39.35 3.25
C SER B 210 29.21 -37.87 2.86
N HIS B 211 30.22 -37.40 2.12
CA HIS B 211 30.24 -36.05 1.61
C HIS B 211 30.20 -36.00 0.09
N THR B 212 29.39 -36.86 -0.53
CA THR B 212 29.27 -36.90 -1.99
C THR B 212 27.93 -37.51 -2.37
N GLY B 213 27.09 -36.71 -3.04
CA GLY B 213 25.83 -37.20 -3.56
C GLY B 213 24.60 -36.63 -2.89
N VAL B 214 23.53 -37.44 -2.79
CA VAL B 214 22.28 -37.00 -2.20
C VAL B 214 22.43 -36.59 -0.75
N MET B 215 23.22 -37.33 0.01
CA MET B 215 23.49 -36.99 1.39
C MET B 215 24.31 -35.72 1.51
N LYS B 216 25.23 -35.47 0.58
CA LYS B 216 25.83 -34.16 0.50
C LYS B 216 24.79 -33.07 0.24
N GLN B 217 23.81 -33.34 -0.63
CA GLN B 217 22.73 -32.39 -0.88
C GLN B 217 21.91 -32.11 0.37
N VAL B 218 21.60 -33.12 1.17
CA VAL B 218 20.82 -32.89 2.38
C VAL B 218 21.63 -32.18 3.45
N GLY B 219 22.94 -32.44 3.53
CA GLY B 219 23.79 -31.62 4.38
C GLY B 219 23.74 -30.18 3.92
N GLU B 220 23.73 -30.00 2.60
CA GLU B 220 23.64 -28.67 2.01
C GLU B 220 22.34 -27.98 2.40
N ALA B 221 21.24 -28.73 2.41
CA ALA B 221 19.94 -28.16 2.77
C ALA B 221 19.88 -27.82 4.26
N VAL B 222 20.49 -28.65 5.10
CA VAL B 222 20.56 -28.34 6.53
C VAL B 222 21.38 -27.08 6.77
N ARG B 223 22.49 -26.92 6.04
CA ARG B 223 23.23 -25.67 6.07
C ARG B 223 22.36 -24.49 5.62
N ASP B 224 21.56 -24.69 4.58
CA ASP B 224 20.68 -23.62 4.09
C ASP B 224 19.68 -23.23 5.17
N PHE B 225 19.13 -24.21 5.89
CA PHE B 225 18.27 -23.90 7.02
C PHE B 225 18.99 -23.11 8.09
N SER B 226 20.18 -23.56 8.50
CA SER B 226 20.95 -22.86 9.51
C SER B 226 21.35 -21.45 9.07
N LEU B 227 21.36 -21.18 7.77
CA LEU B 227 21.60 -19.83 7.26
C LEU B 227 20.64 -18.82 7.86
N SER B 228 19.35 -19.13 7.89
CA SER B 228 18.35 -18.26 8.50
C SER B 228 18.12 -18.64 9.96
N SER B 229 17.67 -19.87 10.22
CA SER B 229 17.45 -20.38 11.58
C SER B 229 16.60 -19.41 12.40
N SER B 230 15.35 -19.21 11.95
CA SER B 230 14.47 -18.25 12.59
C SER B 230 14.20 -18.61 14.05
N TYR B 231 14.18 -19.90 14.37
CA TYR B 231 14.04 -20.36 15.75
C TYR B 231 14.39 -21.84 15.79
N LYS B 232 14.95 -22.27 16.92
CA LYS B 232 15.38 -23.66 17.11
C LYS B 232 16.33 -24.10 15.99
N GLU B 233 17.49 -23.47 15.95
CA GLU B 233 18.46 -23.76 14.89
C GLU B 233 18.91 -25.22 14.93
N GLY B 234 19.20 -25.72 16.13
CA GLY B 234 19.63 -27.09 16.29
C GLY B 234 18.47 -28.06 16.45
N GLU B 235 17.48 -27.97 15.56
CA GLU B 235 16.32 -28.84 15.60
C GLU B 235 16.22 -29.77 14.41
N LEU B 236 16.97 -29.51 13.33
CA LEU B 236 16.98 -30.40 12.17
C LEU B 236 18.04 -31.47 12.39
N ILE B 237 17.75 -32.36 13.36
CA ILE B 237 18.68 -33.43 13.68
C ILE B 237 18.67 -34.47 12.58
N THR B 238 19.86 -34.78 12.05
CA THR B 238 20.04 -35.66 10.90
C THR B 238 21.07 -36.72 11.27
N ILE B 239 20.61 -37.86 11.77
CA ILE B 239 21.54 -38.94 12.08
C ILE B 239 22.09 -39.52 10.80
N GLY B 240 23.39 -39.77 10.78
CA GLY B 240 24.04 -40.30 9.61
C GLY B 240 24.57 -41.72 9.80
N VAL B 241 24.43 -42.55 8.78
CA VAL B 241 24.86 -43.94 8.82
C VAL B 241 25.92 -44.15 7.74
N ALA B 242 27.08 -44.66 8.14
CA ALA B 242 28.17 -44.90 7.21
C ALA B 242 29.10 -45.96 7.80
N THR B 243 29.91 -46.55 6.92
CA THR B 243 30.88 -47.55 7.35
C THR B 243 32.08 -46.89 8.01
N TRP B 244 32.43 -47.36 9.21
CA TRP B 244 33.63 -46.86 9.86
C TRP B 244 34.90 -47.24 9.12
N GLY B 245 34.95 -48.43 8.51
CA GLY B 245 36.15 -48.88 7.85
C GLY B 245 36.60 -48.03 6.68
N THR B 246 35.74 -47.17 6.17
CA THR B 246 36.07 -46.27 5.07
C THR B 246 35.81 -44.83 5.52
N VAL B 247 36.80 -44.27 6.23
CA VAL B 247 36.78 -42.87 6.65
C VAL B 247 38.19 -42.36 6.48
N HIS B 248 38.33 -41.09 6.08
CA HIS B 248 39.64 -40.56 5.74
C HIS B 248 40.52 -40.36 6.96
N ARG B 249 40.12 -39.44 7.85
CA ARG B 249 40.89 -39.16 9.07
C ARG B 249 40.27 -39.85 10.29
N ARG B 250 40.15 -41.18 10.21
CA ARG B 250 39.54 -41.91 11.32
C ARG B 250 40.54 -42.31 12.40
N GLU B 251 41.84 -42.22 12.15
CA GLU B 251 42.81 -42.58 13.17
C GLU B 251 42.94 -41.53 14.25
N GLY B 252 42.39 -40.32 14.03
CA GLY B 252 42.38 -39.29 15.04
C GLY B 252 41.14 -39.37 15.92
N LEU B 253 40.38 -40.46 15.75
CA LEU B 253 39.18 -40.68 16.56
C LEU B 253 39.27 -41.91 17.46
N ILE B 254 40.27 -42.78 17.30
CA ILE B 254 40.38 -43.97 18.13
C ILE B 254 41.06 -43.59 19.44
N HIS B 255 40.25 -43.28 20.46
CA HIS B 255 40.76 -42.93 21.78
C HIS B 255 39.88 -43.64 22.80
N PRO B 256 40.43 -44.56 23.60
CA PRO B 256 39.57 -45.33 24.51
C PRO B 256 39.06 -44.49 25.67
N THR B 257 38.11 -45.08 26.40
CA THR B 257 37.46 -44.48 27.57
C THR B 257 37.21 -42.98 27.42
N GLY B 258 36.66 -42.59 26.27
CA GLY B 258 36.25 -41.22 26.05
C GLY B 258 37.12 -40.42 25.12
N SER B 259 36.69 -40.28 23.86
CA SER B 259 37.31 -39.36 22.92
C SER B 259 36.43 -38.12 22.82
N PHE B 260 36.43 -37.34 23.91
CA PHE B 260 35.67 -36.11 23.97
C PHE B 260 36.35 -35.03 23.13
N PRO B 261 35.58 -34.08 22.56
CA PRO B 261 36.04 -33.26 21.43
C PRO B 261 37.30 -33.75 20.71
N ALA B 262 37.15 -34.83 19.93
CA ALA B 262 38.23 -35.33 19.08
C ALA B 262 38.11 -34.63 17.74
N GLU B 263 39.05 -33.72 17.48
CA GLU B 263 39.00 -32.91 16.26
C GLU B 263 39.19 -33.78 15.03
N TYR B 264 38.49 -33.43 13.95
CA TYR B 264 38.55 -34.16 12.70
C TYR B 264 38.86 -33.18 11.57
N ILE B 265 39.64 -33.64 10.60
CA ILE B 265 40.04 -32.84 9.45
C ILE B 265 39.52 -33.51 8.20
N LEU B 266 38.80 -32.76 7.38
CA LEU B 266 38.29 -33.25 6.11
C LEU B 266 39.10 -32.66 4.97
N ASP B 267 39.50 -33.51 4.03
CA ASP B 267 40.31 -33.09 2.88
C ASP B 267 39.89 -33.92 1.67
N GLU B 268 39.21 -33.27 0.73
CA GLU B 268 38.77 -33.94 -0.49
C GLU B 268 39.90 -33.97 -1.51
N ASP B 269 39.81 -34.92 -2.45
CA ASP B 269 40.83 -35.16 -3.46
C ASP B 269 42.18 -35.46 -2.81
N GLY B 270 42.13 -36.21 -1.72
CA GLY B 270 43.32 -36.68 -1.03
C GLY B 270 43.18 -38.11 -0.60
N GLN B 271 42.07 -38.73 -1.01
CA GLN B 271 41.75 -40.11 -0.65
C GLN B 271 41.93 -41.04 -1.84
N GLY B 272 41.59 -42.32 -1.65
CA GLY B 272 41.51 -43.23 -2.76
C GLY B 272 40.06 -43.43 -3.16
N ASN B 273 39.54 -44.65 -2.94
CA ASN B 273 38.12 -44.91 -3.08
C ASN B 273 37.35 -44.66 -1.80
N LEU B 274 38.06 -44.44 -0.69
CA LEU B 274 37.41 -44.25 0.59
C LEU B 274 36.72 -42.89 0.63
N THR B 275 36.01 -42.66 1.71
CA THR B 275 35.03 -41.58 1.83
C THR B 275 35.37 -40.69 3.01
N CYS B 276 34.98 -39.42 2.91
CA CYS B 276 35.11 -38.45 3.99
C CYS B 276 33.76 -38.21 4.66
N LEU B 277 33.83 -37.71 5.89
CA LEU B 277 32.64 -37.39 6.65
C LEU B 277 32.04 -36.06 6.19
N ASP B 278 30.78 -35.84 6.53
CA ASP B 278 30.11 -34.58 6.25
C ASP B 278 30.29 -33.64 7.44
N SER B 279 29.82 -32.40 7.30
CA SER B 279 30.02 -31.41 8.34
C SER B 279 28.72 -30.76 8.75
N ASN B 280 27.66 -31.00 7.99
CA ASN B 280 26.36 -30.39 8.23
C ASN B 280 25.38 -31.31 8.93
N HIS B 281 25.72 -32.57 9.13
CA HIS B 281 24.86 -33.49 9.87
C HIS B 281 24.99 -33.24 11.37
N SER B 282 24.06 -33.82 12.12
CA SER B 282 24.03 -33.63 13.57
C SER B 282 24.49 -34.84 14.35
N HIS B 283 24.32 -36.05 13.83
CA HIS B 283 24.73 -37.25 14.56
C HIS B 283 25.22 -38.29 13.56
N PHE B 284 26.22 -39.07 13.97
CA PHE B 284 26.81 -40.10 13.13
C PHE B 284 26.84 -41.41 13.88
N ILE B 285 26.49 -42.49 13.20
CA ILE B 285 26.63 -43.84 13.73
C ILE B 285 27.42 -44.64 12.70
N LEU B 286 28.63 -45.03 13.07
CA LEU B 286 29.53 -45.74 12.17
C LEU B 286 29.56 -47.23 12.53
N VAL B 287 29.55 -48.08 11.51
CA VAL B 287 29.45 -49.53 11.69
C VAL B 287 30.80 -50.16 11.38
N ASP B 288 31.13 -51.23 12.11
CA ASP B 288 32.38 -51.95 11.93
C ASP B 288 32.13 -53.31 11.28
N ASP B 289 33.14 -53.77 10.53
CA ASP B 289 33.12 -55.15 10.05
C ASP B 289 34.52 -55.75 10.14
N GLY B 290 35.51 -55.01 10.62
CA GLY B 290 36.88 -55.46 10.55
C GLY B 290 37.32 -55.57 9.11
N THR B 291 36.91 -54.60 8.29
CA THR B 291 37.21 -54.59 6.87
C THR B 291 37.62 -53.17 6.50
N HIS B 292 38.40 -53.04 5.42
CA HIS B 292 39.01 -51.77 5.08
C HIS B 292 38.37 -51.08 3.88
N GLY B 293 37.84 -51.82 2.89
CA GLY B 293 37.33 -51.19 1.70
C GLY B 293 36.01 -51.70 1.16
N GLN B 294 35.09 -52.12 2.03
CA GLN B 294 33.77 -52.58 1.61
C GLN B 294 32.70 -51.54 1.94
N TYR B 295 31.64 -51.53 1.13
CA TYR B 295 30.57 -50.55 1.24
C TYR B 295 29.20 -51.18 1.46
N GLY B 296 29.15 -52.48 1.72
CA GLY B 296 27.86 -53.15 1.81
C GLY B 296 27.46 -53.57 3.21
N VAL B 297 27.92 -52.83 4.22
CA VAL B 297 27.64 -53.21 5.60
C VAL B 297 26.67 -52.26 6.31
N GLU B 298 26.58 -51.01 5.86
CA GLU B 298 25.68 -50.05 6.49
C GLU B 298 24.22 -50.24 6.07
N ILE B 299 23.99 -50.71 4.84
CA ILE B 299 22.61 -50.83 4.35
C ILE B 299 21.81 -51.88 5.13
N PRO B 300 22.32 -53.10 5.38
CA PRO B 300 21.52 -54.06 6.18
C PRO B 300 21.14 -53.54 7.55
N LEU B 301 22.12 -53.02 8.30
CA LEU B 301 21.82 -52.51 9.64
C LEU B 301 20.87 -51.32 9.58
N ARG B 302 21.05 -50.45 8.58
CA ARG B 302 20.15 -49.31 8.45
C ARG B 302 18.73 -49.77 8.18
N THR B 303 18.56 -50.77 7.32
CA THR B 303 17.22 -51.30 7.06
C THR B 303 16.61 -51.91 8.32
N ARG B 304 17.41 -52.68 9.07
CA ARG B 304 16.90 -53.29 10.29
C ARG B 304 16.49 -52.24 11.31
N LEU B 305 17.32 -51.23 11.53
CA LEU B 305 17.01 -50.18 12.48
C LEU B 305 15.81 -49.36 12.03
N GLU B 306 15.71 -49.09 10.72
CA GLU B 306 14.61 -48.28 10.21
C GLU B 306 13.29 -49.04 10.31
N LYS B 307 13.33 -50.36 10.11
CA LYS B 307 12.17 -51.20 10.38
C LYS B 307 11.79 -51.22 11.85
N PHE B 308 12.76 -51.34 12.76
CA PHE B 308 12.44 -51.36 14.18
C PHE B 308 11.92 -50.02 14.69
N ILE B 309 12.32 -48.91 14.08
CA ILE B 309 11.82 -47.61 14.51
C ILE B 309 10.31 -47.49 14.28
N SER B 310 9.85 -47.90 13.09
CA SER B 310 8.43 -47.81 12.77
C SER B 310 7.56 -48.70 13.65
N GLU B 311 8.14 -49.75 14.24
CA GLU B 311 7.40 -50.56 15.22
C GLU B 311 7.03 -49.76 16.45
N GLN B 312 7.85 -48.77 16.81
CA GLN B 312 7.62 -47.97 18.00
C GLN B 312 6.39 -47.09 17.84
N THR B 313 5.69 -46.88 18.96
CA THR B 313 4.49 -46.06 18.98
C THR B 313 4.69 -44.87 19.90
N LYS B 314 4.15 -43.73 19.48
CA LYS B 314 4.23 -42.49 20.24
C LYS B 314 2.85 -42.17 20.79
N GLU B 315 2.77 -41.89 22.09
CA GLU B 315 1.51 -41.61 22.77
C GLU B 315 1.64 -40.27 23.50
N ARG B 316 1.07 -39.22 22.92
CA ARG B 316 1.06 -37.90 23.54
C ARG B 316 -0.35 -37.34 23.45
N GLY B 317 -0.92 -36.97 24.60
CA GLY B 317 -2.23 -36.36 24.66
C GLY B 317 -3.38 -37.33 24.74
N GLY B 318 -3.12 -38.64 24.69
CA GLY B 318 -4.17 -39.64 24.74
C GLY B 318 -4.41 -40.37 23.44
N VAL B 319 -3.75 -40.01 22.34
CA VAL B 319 -3.89 -40.69 21.05
C VAL B 319 -2.55 -41.32 20.71
N ALA B 320 -2.57 -42.60 20.37
CA ALA B 320 -1.35 -43.34 20.07
C ALA B 320 -1.31 -43.69 18.58
N ILE B 321 -0.13 -43.48 17.98
CA ILE B 321 0.09 -43.78 16.57
C ILE B 321 1.46 -44.43 16.44
N LYS B 322 1.58 -45.33 15.46
CA LYS B 322 2.88 -45.87 15.09
C LYS B 322 3.52 -44.92 14.09
N ILE B 323 4.82 -44.66 14.27
CA ILE B 323 5.49 -43.58 13.55
C ILE B 323 5.45 -43.88 12.04
N PRO B 324 4.94 -42.97 11.22
CA PRO B 324 4.97 -43.19 9.77
C PRO B 324 6.38 -43.13 9.23
N ILE B 325 6.60 -43.78 8.08
CA ILE B 325 7.94 -44.03 7.56
C ILE B 325 7.91 -43.79 6.05
N VAL B 326 8.68 -42.82 5.57
CA VAL B 326 8.67 -42.43 4.17
C VAL B 326 10.09 -42.47 3.62
N CYS B 327 10.23 -42.70 2.31
CA CYS B 327 11.52 -42.80 1.65
C CYS B 327 11.55 -41.89 0.43
N VAL B 328 12.72 -41.32 0.15
CA VAL B 328 12.93 -40.47 -1.02
C VAL B 328 14.27 -40.82 -1.65
N VAL B 329 14.34 -40.77 -2.98
CA VAL B 329 15.51 -41.17 -3.74
C VAL B 329 15.83 -40.11 -4.79
N LEU B 330 17.12 -40.02 -5.17
CA LEU B 330 17.62 -39.04 -6.15
C LEU B 330 18.80 -39.64 -6.91
N GLU B 331 18.53 -40.12 -8.14
CA GLU B 331 19.59 -40.57 -9.05
C GLU B 331 20.52 -41.59 -8.40
N GLY B 332 20.00 -42.78 -8.09
CA GLY B 332 20.82 -43.79 -7.47
C GLY B 332 21.66 -44.54 -8.49
N GLY B 333 22.12 -45.72 -8.07
CA GLY B 333 22.86 -46.61 -8.93
C GLY B 333 22.30 -48.02 -8.91
N PRO B 334 23.15 -49.01 -8.63
CA PRO B 334 22.68 -50.40 -8.61
C PRO B 334 22.01 -50.82 -7.31
N GLY B 335 22.36 -50.18 -6.20
CA GLY B 335 21.87 -50.56 -4.89
C GLY B 335 20.55 -49.91 -4.48
N THR B 336 20.18 -48.84 -5.19
CA THR B 336 18.89 -48.21 -4.91
C THR B 336 17.76 -49.10 -5.35
N LEU B 337 17.99 -49.99 -6.30
CA LEU B 337 16.93 -50.92 -6.67
C LEU B 337 16.82 -52.04 -5.65
N HIS B 338 17.83 -52.20 -4.81
CA HIS B 338 17.60 -52.83 -3.51
C HIS B 338 16.72 -51.94 -2.64
N THR B 339 17.19 -50.73 -2.31
CA THR B 339 16.54 -50.00 -1.22
C THR B 339 15.07 -49.68 -1.53
N ILE B 340 14.75 -49.41 -2.78
CA ILE B 340 13.39 -49.05 -3.16
C ILE B 340 12.48 -50.27 -3.07
N ASP B 341 12.96 -51.42 -3.55
CA ASP B 341 12.21 -52.67 -3.44
C ASP B 341 12.02 -53.09 -1.99
N ASN B 342 13.10 -53.02 -1.22
CA ASN B 342 13.13 -53.45 0.18
C ASN B 342 12.21 -52.56 0.99
N ALA B 343 12.09 -51.29 0.57
CA ALA B 343 11.20 -50.36 1.25
C ALA B 343 9.75 -50.56 0.80
N THR B 344 9.54 -50.78 -0.50
CA THR B 344 8.21 -50.79 -1.09
C THR B 344 7.47 -52.08 -0.75
N THR B 345 8.19 -53.20 -0.72
CA THR B 345 7.55 -54.46 -0.36
C THR B 345 6.99 -54.41 1.06
N ASN B 346 7.64 -53.68 1.96
CA ASN B 346 7.15 -53.53 3.31
C ASN B 346 5.89 -52.66 3.34
N GLY B 347 5.92 -51.52 2.65
CA GLY B 347 4.78 -50.61 2.68
C GLY B 347 5.13 -49.15 2.90
N THR B 348 6.41 -48.82 2.76
CA THR B 348 6.89 -47.44 2.90
C THR B 348 6.50 -46.65 1.64
N PRO B 349 5.94 -45.45 1.79
CA PRO B 349 5.66 -44.62 0.62
C PRO B 349 6.92 -44.06 -0.01
N CYS B 350 7.62 -44.86 -0.81
CA CYS B 350 8.80 -44.34 -1.50
C CYS B 350 8.39 -43.23 -2.45
N VAL B 351 9.18 -42.15 -2.44
CA VAL B 351 8.87 -40.97 -3.26
C VAL B 351 10.05 -40.72 -4.20
N VAL B 352 9.96 -41.24 -5.42
CA VAL B 352 10.99 -40.99 -6.42
C VAL B 352 10.70 -39.68 -7.14
N VAL B 353 11.76 -38.89 -7.35
CA VAL B 353 11.68 -37.56 -7.96
C VAL B 353 12.10 -37.63 -9.42
N GLU B 354 11.31 -36.99 -10.30
CA GLU B 354 11.61 -36.92 -11.72
C GLU B 354 12.53 -35.73 -11.97
N GLY B 355 13.72 -36.01 -12.51
CA GLY B 355 14.66 -34.95 -12.85
C GLY B 355 16.06 -35.27 -12.39
N SER B 356 17.03 -35.22 -13.31
CA SER B 356 18.43 -35.55 -13.03
C SER B 356 18.52 -36.92 -12.38
N GLY B 357 18.08 -37.95 -13.10
CA GLY B 357 18.07 -39.29 -12.56
C GLY B 357 18.69 -40.34 -13.46
N ARG B 358 19.58 -41.14 -12.89
CA ARG B 358 20.10 -42.31 -13.58
C ARG B 358 19.14 -43.46 -13.33
N VAL B 359 18.68 -43.58 -12.09
CA VAL B 359 17.69 -44.61 -11.75
C VAL B 359 16.32 -43.99 -11.51
N ALA B 360 16.27 -42.90 -10.73
CA ALA B 360 14.99 -42.30 -10.40
C ALA B 360 14.25 -41.85 -11.65
N ASP B 361 14.98 -41.27 -12.60
CA ASP B 361 14.35 -40.83 -13.84
C ASP B 361 13.84 -42.02 -14.65
N VAL B 362 14.45 -43.20 -14.48
CA VAL B 362 13.94 -44.38 -15.18
C VAL B 362 12.55 -44.75 -14.68
N ILE B 363 12.36 -44.81 -13.36
CA ILE B 363 11.02 -45.03 -12.82
C ILE B 363 10.07 -43.90 -13.21
N ALA B 364 10.54 -42.65 -13.21
CA ALA B 364 9.68 -41.54 -13.60
C ALA B 364 9.23 -41.66 -15.06
N GLN B 365 10.13 -42.14 -15.92
CA GLN B 365 9.82 -42.30 -17.34
C GLN B 365 8.87 -43.46 -17.57
N VAL B 366 9.04 -44.55 -16.83
CA VAL B 366 8.28 -45.78 -17.04
C VAL B 366 7.17 -45.83 -15.99
N ALA B 367 6.83 -44.67 -15.43
CA ALA B 367 6.00 -44.61 -14.24
C ALA B 367 4.53 -44.92 -14.47
N ASN B 368 3.78 -44.07 -15.16
CA ASN B 368 2.35 -44.30 -15.30
C ASN B 368 1.99 -45.14 -16.52
N ILE B 369 2.98 -45.56 -17.31
CA ILE B 369 2.76 -46.52 -18.41
C ILE B 369 2.25 -47.80 -17.74
N PRO B 370 1.19 -48.44 -18.25
CA PRO B 370 0.56 -49.51 -17.45
C PRO B 370 1.45 -50.74 -17.33
N VAL B 371 1.10 -51.57 -16.34
CA VAL B 371 1.92 -52.74 -16.01
C VAL B 371 1.87 -53.73 -17.16
N SER B 372 2.98 -54.45 -17.35
CA SER B 372 3.14 -55.54 -18.31
C SER B 372 3.00 -55.11 -19.76
N ASP B 373 2.79 -53.82 -20.02
CA ASP B 373 2.81 -53.30 -21.38
C ASP B 373 4.22 -53.05 -21.89
N ILE B 374 5.22 -53.28 -21.06
CA ILE B 374 6.62 -53.03 -21.38
C ILE B 374 7.31 -54.37 -21.62
N THR B 375 8.12 -54.44 -22.68
CA THR B 375 8.87 -55.64 -22.98
C THR B 375 10.30 -55.52 -22.46
N ILE B 376 10.98 -56.67 -22.40
CA ILE B 376 12.37 -56.70 -21.96
C ILE B 376 13.24 -55.88 -22.91
N SER B 377 13.01 -56.03 -24.21
CA SER B 377 13.75 -55.22 -25.19
C SER B 377 13.42 -53.74 -25.04
N LEU B 378 12.15 -53.42 -24.71
CA LEU B 378 11.79 -52.03 -24.48
C LEU B 378 12.54 -51.46 -23.28
N ILE B 379 12.67 -52.23 -22.21
CA ILE B 379 13.42 -51.77 -21.05
C ILE B 379 14.90 -51.64 -21.40
N GLN B 380 15.42 -52.55 -22.23
CA GLN B 380 16.80 -52.46 -22.67
C GLN B 380 17.05 -51.17 -23.45
N GLN B 381 16.13 -50.82 -24.35
CA GLN B 381 16.30 -49.58 -25.11
C GLN B 381 16.04 -48.34 -24.27
N LYS B 382 15.21 -48.45 -23.22
CA LYS B 382 15.09 -47.40 -22.23
C LYS B 382 16.40 -47.16 -21.48
N LEU B 383 17.08 -48.22 -21.08
CA LEU B 383 18.32 -48.15 -20.34
C LEU B 383 19.50 -47.75 -21.23
N SER B 384 19.45 -48.05 -22.52
CA SER B 384 20.55 -47.76 -23.43
C SER B 384 20.63 -46.30 -23.85
N VAL B 385 19.76 -45.42 -23.33
CA VAL B 385 19.78 -44.01 -23.70
C VAL B 385 20.19 -43.12 -22.52
N PHE B 386 20.57 -43.72 -21.39
CA PHE B 386 20.85 -42.95 -20.18
C PHE B 386 22.17 -43.31 -19.50
N PHE B 387 22.84 -44.40 -19.88
CA PHE B 387 23.98 -44.91 -19.14
C PHE B 387 25.26 -45.00 -19.94
N GLN B 388 25.65 -43.92 -20.63
CA GLN B 388 26.75 -43.91 -21.58
C GLN B 388 28.05 -44.48 -21.05
N GLU B 389 28.40 -44.21 -19.79
CA GLU B 389 29.71 -44.60 -19.28
C GLU B 389 29.87 -46.11 -19.25
N MET B 390 28.82 -46.84 -18.89
CA MET B 390 28.88 -48.28 -18.75
C MET B 390 27.89 -49.01 -19.66
N PHE B 391 27.51 -48.39 -20.78
CA PHE B 391 26.52 -48.98 -21.68
C PHE B 391 27.04 -50.25 -22.32
N GLU B 392 28.35 -50.46 -22.30
CA GLU B 392 28.97 -51.65 -22.86
C GLU B 392 29.26 -52.73 -21.83
N THR B 393 29.28 -52.37 -20.54
CA THR B 393 29.60 -53.31 -19.47
C THR B 393 28.34 -53.89 -18.83
N PHE B 394 27.19 -53.74 -19.46
CA PHE B 394 25.94 -54.27 -18.95
C PHE B 394 25.73 -55.69 -19.47
N THR B 395 25.75 -56.66 -18.57
CA THR B 395 25.57 -58.05 -18.91
C THR B 395 24.12 -58.30 -19.33
N GLU B 396 23.92 -59.35 -20.14
CA GLU B 396 22.59 -59.76 -20.54
C GLU B 396 21.73 -60.22 -19.37
N SER B 397 22.35 -60.50 -18.21
CA SER B 397 21.62 -60.82 -17.00
C SER B 397 21.33 -59.59 -16.14
N ARG B 398 22.09 -58.51 -16.30
CA ARG B 398 21.81 -57.30 -15.52
C ARG B 398 20.48 -56.68 -15.92
N ILE B 399 20.02 -56.91 -17.15
CA ILE B 399 18.73 -56.39 -17.56
C ILE B 399 17.59 -57.08 -16.81
N VAL B 400 17.72 -58.39 -16.53
CA VAL B 400 16.62 -59.15 -15.96
C VAL B 400 16.26 -58.64 -14.57
N GLU B 401 17.27 -58.43 -13.73
CA GLU B 401 17.03 -57.93 -12.38
C GLU B 401 16.28 -56.60 -12.41
N TRP B 402 16.76 -55.66 -13.23
CA TRP B 402 16.12 -54.35 -13.31
C TRP B 402 14.72 -54.44 -13.89
N THR B 403 14.52 -55.30 -14.90
CA THR B 403 13.18 -55.48 -15.45
C THR B 403 12.21 -55.96 -14.38
N LYS B 404 12.61 -56.99 -13.62
CA LYS B 404 11.71 -57.52 -12.60
C LYS B 404 11.40 -56.48 -11.53
N LYS B 405 12.43 -55.77 -11.06
CA LYS B 405 12.21 -54.84 -9.96
C LYS B 405 11.39 -53.63 -10.40
N ILE B 406 11.67 -53.11 -11.61
CA ILE B 406 10.84 -52.04 -12.17
C ILE B 406 9.41 -52.54 -12.34
N GLN B 407 9.26 -53.79 -12.79
CA GLN B 407 7.93 -54.37 -12.93
C GLN B 407 7.16 -54.27 -11.62
N ASP B 408 7.76 -54.74 -10.53
CA ASP B 408 7.05 -54.70 -9.24
C ASP B 408 6.75 -53.26 -8.81
N ILE B 409 7.78 -52.41 -8.81
CA ILE B 409 7.65 -51.06 -8.27
C ILE B 409 6.57 -50.29 -9.03
N VAL B 410 6.63 -50.33 -10.36
CA VAL B 410 5.67 -49.60 -11.15
C VAL B 410 4.33 -50.30 -11.18
N ARG B 411 4.29 -51.61 -10.91
CA ARG B 411 3.02 -52.32 -10.83
C ARG B 411 2.17 -51.79 -9.67
N ARG B 412 2.77 -51.65 -8.49
CA ARG B 412 2.02 -51.02 -7.40
C ARG B 412 2.23 -49.51 -7.47
N ARG B 413 1.23 -48.81 -8.01
CA ARG B 413 1.25 -47.36 -8.08
C ARG B 413 0.62 -46.70 -6.86
N GLN B 414 0.01 -47.48 -5.97
CA GLN B 414 -0.50 -46.90 -4.73
C GLN B 414 0.64 -46.52 -3.79
N LEU B 415 1.66 -47.38 -3.69
CA LEU B 415 2.84 -47.09 -2.88
C LEU B 415 3.82 -46.21 -3.65
N LEU B 416 4.08 -46.53 -4.91
CA LEU B 416 4.94 -45.71 -5.74
C LEU B 416 4.30 -44.35 -6.01
N THR B 417 5.12 -43.30 -5.97
CA THR B 417 4.62 -41.95 -6.22
C THR B 417 5.69 -41.16 -6.96
N VAL B 418 5.33 -40.63 -8.13
CA VAL B 418 6.25 -39.81 -8.90
C VAL B 418 6.00 -38.34 -8.62
N PHE B 419 7.09 -37.58 -8.46
CA PHE B 419 7.03 -36.19 -8.04
C PHE B 419 6.43 -35.25 -9.08
N ARG B 420 6.76 -35.44 -10.36
CA ARG B 420 6.31 -34.51 -11.40
C ARG B 420 6.79 -33.10 -11.08
N GLU B 421 8.11 -32.90 -11.09
CA GLU B 421 8.78 -31.70 -10.58
C GLU B 421 8.05 -30.40 -10.87
N GLY B 422 7.57 -30.20 -12.09
CA GLY B 422 6.93 -28.95 -12.43
C GLY B 422 5.67 -29.06 -13.26
N LYS B 423 5.27 -30.28 -13.59
CA LYS B 423 4.10 -30.47 -14.45
C LYS B 423 2.81 -30.39 -13.66
N ASP B 424 2.62 -31.29 -12.69
CA ASP B 424 1.41 -31.33 -11.90
C ASP B 424 1.76 -31.74 -10.48
N GLY B 425 1.03 -31.18 -9.50
CA GLY B 425 1.36 -31.42 -8.12
C GLY B 425 2.71 -30.88 -7.70
N GLN B 426 3.16 -29.78 -8.34
CA GLN B 426 4.48 -29.22 -8.08
C GLN B 426 4.39 -28.23 -6.92
N GLN B 427 4.03 -28.77 -5.77
CA GLN B 427 3.96 -27.98 -4.54
C GLN B 427 5.32 -27.90 -3.87
N ASP B 428 5.32 -27.47 -2.61
CA ASP B 428 6.54 -27.30 -1.84
C ASP B 428 7.07 -28.64 -1.31
N VAL B 429 6.71 -29.75 -1.96
CA VAL B 429 7.27 -31.09 -1.70
C VAL B 429 6.80 -31.63 -0.36
N ASP B 430 6.73 -30.78 0.66
CA ASP B 430 6.26 -31.21 1.96
C ASP B 430 4.87 -31.83 1.88
N VAL B 431 3.93 -31.11 1.28
CA VAL B 431 2.58 -31.65 1.16
C VAL B 431 2.53 -32.81 0.18
N ALA B 432 3.41 -32.86 -0.82
CA ALA B 432 3.45 -34.02 -1.70
C ALA B 432 3.86 -35.28 -0.94
N ILE B 433 4.91 -35.18 -0.12
CA ILE B 433 5.34 -36.30 0.69
C ILE B 433 4.25 -36.71 1.67
N LEU B 434 3.64 -35.73 2.33
CA LEU B 434 2.56 -36.06 3.26
C LEU B 434 1.38 -36.70 2.54
N GLN B 435 1.09 -36.24 1.32
CA GLN B 435 -0.01 -36.77 0.54
C GLN B 435 0.25 -38.21 0.12
N ALA B 436 1.47 -38.52 -0.31
CA ALA B 436 1.81 -39.90 -0.63
C ALA B 436 1.77 -40.79 0.60
N LEU B 437 2.26 -40.27 1.74
CA LEU B 437 2.22 -41.03 2.98
C LEU B 437 0.80 -41.34 3.39
N LEU B 438 -0.10 -40.37 3.30
CA LEU B 438 -1.51 -40.62 3.63
C LEU B 438 -2.18 -41.48 2.58
N LYS B 439 -1.73 -41.43 1.33
CA LYS B 439 -2.23 -42.37 0.32
C LYS B 439 -1.94 -43.80 0.75
N ALA B 440 -0.69 -44.09 1.09
CA ALA B 440 -0.34 -45.44 1.50
C ALA B 440 -1.01 -45.83 2.82
N SER B 441 -1.17 -44.87 3.73
CA SER B 441 -1.91 -45.16 4.97
C SER B 441 -3.38 -45.48 4.68
N ARG B 442 -3.98 -44.80 3.71
CA ARG B 442 -5.33 -45.10 3.28
C ARG B 442 -5.40 -46.47 2.63
N SER B 443 -4.34 -46.89 1.94
CA SER B 443 -4.30 -48.18 1.27
C SER B 443 -4.14 -49.35 2.24
N GLN B 444 -3.88 -49.08 3.52
CA GLN B 444 -3.67 -50.15 4.48
C GLN B 444 -4.99 -50.79 4.87
N ASP B 445 -4.88 -51.89 5.62
CA ASP B 445 -6.06 -52.64 6.03
C ASP B 445 -6.86 -51.88 7.08
N HIS B 446 -8.18 -51.98 6.98
CA HIS B 446 -9.08 -51.36 7.95
C HIS B 446 -10.45 -52.03 7.84
N PHE B 447 -11.00 -52.48 8.97
CA PHE B 447 -12.26 -53.20 8.93
C PHE B 447 -13.40 -52.37 9.53
N GLY B 448 -13.11 -51.59 10.56
CA GLY B 448 -14.14 -50.95 11.35
C GLY B 448 -14.13 -49.43 11.32
N HIS B 449 -13.94 -48.85 10.13
CA HIS B 449 -13.85 -47.39 9.95
C HIS B 449 -12.63 -46.83 10.67
N GLU B 450 -11.49 -47.51 10.54
CA GLU B 450 -10.29 -47.13 11.28
C GLU B 450 -9.42 -46.16 10.48
N ASN B 451 -9.52 -46.19 9.15
CA ASN B 451 -8.72 -45.31 8.31
C ASN B 451 -9.00 -43.85 8.61
N TRP B 452 -10.29 -43.51 8.78
CA TRP B 452 -10.68 -42.14 9.09
C TRP B 452 -10.01 -41.65 10.36
N ASP B 453 -10.19 -42.40 11.45
CA ASP B 453 -9.67 -41.98 12.74
C ASP B 453 -8.15 -41.94 12.73
N HIS B 454 -7.51 -42.92 12.08
CA HIS B 454 -6.06 -42.95 12.06
C HIS B 454 -5.49 -41.75 11.31
N GLN B 455 -6.07 -41.43 10.14
CA GLN B 455 -5.58 -40.28 9.39
C GLN B 455 -5.79 -38.99 10.16
N LEU B 456 -6.94 -38.83 10.81
CA LEU B 456 -7.16 -37.64 11.62
C LEU B 456 -6.18 -37.57 12.79
N LYS B 457 -5.95 -38.68 13.47
CA LYS B 457 -5.00 -38.69 14.57
C LYS B 457 -3.62 -38.27 14.10
N LEU B 458 -3.21 -38.77 12.94
CA LEU B 458 -1.89 -38.44 12.42
C LEU B 458 -1.80 -36.98 12.02
N ALA B 459 -2.86 -36.44 11.41
CA ALA B 459 -2.86 -35.02 11.06
C ALA B 459 -2.77 -34.14 12.30
N VAL B 460 -3.48 -34.51 13.36
CA VAL B 460 -3.40 -33.75 14.61
C VAL B 460 -2.03 -33.92 15.25
N ALA B 461 -1.42 -35.10 15.09
CA ALA B 461 -0.06 -35.31 15.60
C ALA B 461 0.92 -34.36 14.91
N TRP B 462 0.79 -34.19 13.61
CA TRP B 462 1.50 -33.10 12.95
C TRP B 462 0.81 -31.77 13.23
N ASN B 463 1.37 -30.71 12.66
CA ASN B 463 0.87 -29.35 12.87
C ASN B 463 0.58 -28.66 11.53
N ARG B 464 -0.14 -29.33 10.65
CA ARG B 464 -0.52 -28.78 9.35
C ARG B 464 -2.02 -28.97 9.16
N VAL B 465 -2.77 -27.87 9.25
CA VAL B 465 -4.22 -27.94 9.14
C VAL B 465 -4.65 -28.01 7.68
N ASP B 466 -3.80 -27.53 6.77
CA ASP B 466 -4.12 -27.60 5.35
C ASP B 466 -4.28 -29.04 4.90
N ILE B 467 -3.40 -29.93 5.38
CA ILE B 467 -3.53 -31.34 5.08
C ILE B 467 -4.84 -31.88 5.62
N ALA B 468 -5.20 -31.50 6.85
CA ALA B 468 -6.41 -32.01 7.46
C ALA B 468 -7.65 -31.60 6.68
N ARG B 469 -7.69 -30.36 6.19
CA ARG B 469 -8.89 -29.88 5.53
C ARG B 469 -8.95 -30.28 4.05
N SER B 470 -7.79 -30.47 3.42
CA SER B 470 -7.77 -30.73 1.98
C SER B 470 -7.66 -32.21 1.64
N GLU B 471 -7.18 -33.05 2.56
CA GLU B 471 -7.21 -34.48 2.35
C GLU B 471 -8.20 -35.18 3.27
N ILE B 472 -8.07 -34.96 4.58
CA ILE B 472 -8.85 -35.74 5.53
C ILE B 472 -10.30 -35.26 5.56
N PHE B 473 -10.49 -34.00 5.96
CA PHE B 473 -11.83 -33.55 6.35
C PHE B 473 -12.73 -33.34 5.15
N MET B 474 -12.18 -33.44 3.94
CA MET B 474 -13.00 -33.27 2.74
C MET B 474 -13.59 -34.60 2.28
N ASP B 475 -12.99 -35.72 2.66
CA ASP B 475 -13.32 -36.98 1.99
C ASP B 475 -13.56 -38.15 2.94
N GLU B 476 -14.07 -39.26 2.38
CA GLU B 476 -14.31 -40.54 3.06
C GLU B 476 -15.61 -40.58 3.86
N TRP B 477 -16.45 -39.55 3.70
CA TRP B 477 -17.84 -39.58 4.18
C TRP B 477 -17.99 -39.69 5.70
N GLN B 478 -19.24 -39.78 6.17
CA GLN B 478 -19.59 -40.25 7.52
C GLN B 478 -19.18 -39.22 8.56
N TRP B 479 -18.20 -39.51 9.42
CA TRP B 479 -17.65 -38.60 10.43
C TRP B 479 -18.74 -37.91 11.26
N LYS B 480 -19.52 -38.72 11.96
CA LYS B 480 -20.50 -38.17 12.89
C LYS B 480 -19.78 -37.29 13.91
N PRO B 481 -20.35 -36.13 14.28
CA PRO B 481 -19.60 -35.15 15.08
C PRO B 481 -19.09 -35.72 16.40
N SER B 482 -19.73 -36.77 16.89
CA SER B 482 -19.24 -37.45 18.08
C SER B 482 -17.94 -38.21 17.82
N ASP B 483 -17.60 -38.46 16.55
CA ASP B 483 -16.41 -39.25 16.24
C ASP B 483 -15.14 -38.44 16.47
N LEU B 484 -15.21 -37.12 16.38
CA LEU B 484 -14.03 -36.28 16.52
C LEU B 484 -13.66 -36.01 17.96
N HIS B 485 -14.44 -36.51 18.92
CA HIS B 485 -14.15 -36.23 20.33
C HIS B 485 -12.79 -36.74 20.79
N PRO B 486 -12.36 -37.98 20.52
CA PRO B 486 -11.06 -38.42 21.07
C PRO B 486 -9.88 -37.56 20.64
N THR B 487 -9.86 -37.08 19.40
CA THR B 487 -8.73 -36.26 18.95
C THR B 487 -8.90 -34.81 19.36
N MET B 488 -10.14 -34.39 19.62
CA MET B 488 -10.38 -33.05 20.14
C MET B 488 -9.70 -32.86 21.49
N THR B 489 -9.68 -33.90 22.32
CA THR B 489 -8.99 -33.83 23.60
C THR B 489 -7.50 -33.57 23.42
N ALA B 490 -6.86 -34.31 22.50
CA ALA B 490 -5.45 -34.10 22.24
C ALA B 490 -5.18 -32.71 21.67
N ALA B 491 -6.06 -32.24 20.79
CA ALA B 491 -5.90 -30.91 20.22
C ALA B 491 -5.97 -29.84 21.30
N LEU B 492 -6.91 -29.98 22.25
CA LEU B 492 -7.00 -29.02 23.34
C LEU B 492 -5.78 -29.12 24.26
N ILE B 493 -5.34 -30.34 24.55
CA ILE B 493 -4.21 -30.54 25.46
C ILE B 493 -2.92 -29.97 24.89
N SER B 494 -2.67 -30.16 23.60
CA SER B 494 -1.44 -29.72 22.97
C SER B 494 -1.48 -28.27 22.52
N ASN B 495 -2.54 -27.54 22.86
CA ASN B 495 -2.68 -26.12 22.50
C ASN B 495 -2.64 -25.92 20.99
N LYS B 496 -3.60 -26.51 20.28
CA LYS B 496 -3.70 -26.35 18.84
C LYS B 496 -4.98 -25.61 18.52
N PRO B 497 -4.93 -24.28 18.37
CA PRO B 497 -6.17 -23.51 18.16
C PRO B 497 -6.78 -23.70 16.78
N GLU B 498 -5.95 -23.89 15.75
CA GLU B 498 -6.49 -24.07 14.41
C GLU B 498 -7.33 -25.34 14.32
N PHE B 499 -6.83 -26.44 14.90
CA PHE B 499 -7.56 -27.70 14.85
C PHE B 499 -8.83 -27.66 15.70
N VAL B 500 -8.80 -26.96 16.84
CA VAL B 500 -10.02 -26.87 17.63
C VAL B 500 -11.06 -26.03 16.90
N LYS B 501 -10.63 -24.97 16.21
CA LYS B 501 -11.58 -24.22 15.38
C LYS B 501 -12.18 -25.11 14.28
N LEU B 502 -11.33 -25.89 13.60
CA LEU B 502 -11.83 -26.73 12.52
C LEU B 502 -12.80 -27.80 13.03
N PHE B 503 -12.43 -28.48 14.13
CA PHE B 503 -13.33 -29.47 14.71
C PHE B 503 -14.66 -28.85 15.13
N LEU B 504 -14.60 -27.71 15.83
CA LEU B 504 -15.82 -27.05 16.27
C LEU B 504 -16.65 -26.57 15.08
N GLU B 505 -16.00 -26.31 13.94
CA GLU B 505 -16.73 -26.05 12.71
C GLU B 505 -17.49 -27.27 12.23
N ASN B 506 -16.89 -28.46 12.35
CA ASN B 506 -17.51 -29.67 11.79
C ASN B 506 -18.71 -30.16 12.60
N GLY B 507 -18.84 -29.74 13.84
CA GLY B 507 -20.06 -30.14 14.52
C GLY B 507 -19.96 -30.54 15.96
N VAL B 508 -18.74 -30.65 16.49
CA VAL B 508 -18.60 -30.97 17.91
C VAL B 508 -19.06 -29.77 18.73
N GLN B 509 -19.98 -30.01 19.65
CA GLN B 509 -20.61 -28.96 20.43
C GLN B 509 -19.93 -28.87 21.79
N LEU B 510 -19.50 -27.67 22.16
CA LEU B 510 -18.90 -27.49 23.47
C LEU B 510 -19.89 -27.75 24.59
N LYS B 511 -21.19 -27.73 24.31
CA LYS B 511 -22.18 -28.11 25.31
C LYS B 511 -22.01 -29.56 25.71
N GLU B 512 -21.71 -30.43 24.75
CA GLU B 512 -21.30 -31.79 25.02
C GLU B 512 -19.78 -31.85 25.01
N PHE B 513 -19.22 -33.06 25.17
CA PHE B 513 -17.78 -33.31 25.17
C PHE B 513 -17.09 -32.75 26.41
N VAL B 514 -17.79 -31.94 27.19
CA VAL B 514 -17.25 -31.59 28.50
C VAL B 514 -17.99 -32.45 29.52
N THR B 515 -17.47 -33.64 29.77
CA THR B 515 -18.05 -34.53 30.75
C THR B 515 -17.26 -34.46 32.04
N TRP B 516 -17.80 -35.09 33.09
CA TRP B 516 -17.05 -35.15 34.34
C TRP B 516 -15.74 -35.90 34.14
N ASP B 517 -15.80 -37.03 33.43
CA ASP B 517 -14.60 -37.81 33.14
C ASP B 517 -13.62 -37.02 32.26
N THR B 518 -14.15 -36.35 31.24
CA THR B 518 -13.29 -35.60 30.33
C THR B 518 -12.61 -34.44 31.05
N LEU B 519 -13.35 -33.75 31.92
CA LEU B 519 -12.77 -32.64 32.67
C LEU B 519 -11.71 -33.15 33.64
N LEU B 520 -11.97 -34.28 34.30
CA LEU B 520 -10.96 -34.86 35.17
C LEU B 520 -9.72 -35.25 34.39
N TYR B 521 -9.89 -35.80 33.19
CA TYR B 521 -8.75 -36.13 32.34
C TYR B 521 -7.96 -34.89 31.97
N LEU B 522 -8.67 -33.80 31.60
CA LEU B 522 -7.98 -32.58 31.18
C LEU B 522 -7.19 -31.96 32.33
N TYR B 523 -7.75 -31.95 33.53
CA TYR B 523 -7.03 -31.35 34.66
C TYR B 523 -5.80 -32.18 35.04
N GLU B 524 -5.84 -33.50 34.80
CA GLU B 524 -4.67 -34.32 35.09
C GLU B 524 -3.52 -33.99 34.15
N ASN B 525 -3.82 -33.74 32.88
CA ASN B 525 -2.82 -33.44 31.86
C ASN B 525 -2.62 -31.94 31.68
N LEU B 526 -2.80 -31.17 32.74
CA LEU B 526 -2.54 -29.73 32.68
C LEU B 526 -1.06 -29.48 32.42
N ASP B 527 -0.77 -28.32 31.82
CA ASP B 527 0.60 -27.98 31.45
C ASP B 527 1.53 -28.13 32.66
N PRO B 528 2.52 -29.04 32.60
CA PRO B 528 3.37 -29.31 33.75
C PRO B 528 4.49 -28.29 33.95
N SER B 529 4.14 -27.01 33.77
CA SER B 529 5.08 -25.94 34.09
C SER B 529 4.37 -24.75 34.75
N CYS B 530 3.25 -24.96 35.41
CA CYS B 530 2.35 -23.87 35.79
C CYS B 530 2.24 -23.74 37.30
N LEU B 531 2.03 -22.49 37.72
CA LEU B 531 1.77 -22.20 39.12
C LEU B 531 0.55 -22.95 39.62
N PHE B 532 -0.49 -23.04 38.78
CA PHE B 532 -1.67 -23.82 39.13
C PHE B 532 -1.31 -25.28 39.34
N HIS B 533 -0.45 -25.84 38.48
CA HIS B 533 -0.03 -27.22 38.65
C HIS B 533 0.69 -27.41 39.98
N SER B 534 1.60 -26.50 40.32
CA SER B 534 2.34 -26.62 41.57
C SER B 534 1.42 -26.55 42.77
N LYS B 535 0.53 -25.55 42.78
CA LYS B 535 -0.38 -25.40 43.92
C LYS B 535 -1.36 -26.55 44.01
N LEU B 536 -1.82 -27.05 42.86
CA LEU B 536 -2.69 -28.22 42.85
C LEU B 536 -1.99 -29.44 43.42
N GLN B 537 -0.72 -29.64 43.07
CA GLN B 537 0.06 -30.71 43.66
C GLN B 537 0.14 -30.53 45.18
N LYS B 538 0.34 -29.31 45.63
CA LYS B 538 0.47 -29.07 47.07
C LYS B 538 -0.83 -29.40 47.80
N VAL B 539 -1.98 -28.95 47.28
CA VAL B 539 -3.23 -29.25 47.96
C VAL B 539 -3.52 -30.76 47.86
N LEU B 540 -3.12 -31.39 46.76
CA LEU B 540 -3.32 -32.83 46.62
C LEU B 540 -2.56 -33.59 47.70
N VAL B 541 -1.32 -33.18 47.98
CA VAL B 541 -0.52 -33.93 48.95
C VAL B 541 -0.86 -33.54 50.39
N GLU B 542 -1.40 -32.34 50.60
CA GLU B 542 -1.58 -31.86 51.96
C GLU B 542 -2.89 -32.35 52.58
N ASP B 543 -3.89 -32.69 51.77
CA ASP B 543 -5.12 -33.23 52.32
C ASP B 543 -4.82 -34.59 52.97
N PRO B 544 -5.13 -34.75 54.27
CA PRO B 544 -4.77 -36.00 54.94
C PRO B 544 -5.82 -37.13 54.97
N GLU B 545 -7.13 -36.87 54.99
CA GLU B 545 -8.05 -38.00 54.97
C GLU B 545 -8.41 -38.41 53.55
N ARG B 546 -7.81 -37.78 52.55
CA ARG B 546 -7.86 -38.34 51.20
C ARG B 546 -6.92 -39.54 51.05
N PRO B 547 -5.65 -39.47 51.47
CA PRO B 547 -4.82 -40.70 51.45
C PRO B 547 -5.20 -41.71 52.52
N ALA B 548 -6.14 -41.37 53.40
CA ALA B 548 -6.50 -42.28 54.48
C ALA B 548 -6.92 -43.63 53.94
N CYS B 549 -7.62 -43.66 52.80
CA CYS B 549 -8.00 -44.92 52.19
C CYS B 549 -6.77 -45.64 51.63
N ALA B 550 -5.91 -44.93 50.92
CA ALA B 550 -4.71 -45.50 50.30
C ALA B 550 -3.60 -44.46 50.28
N PRO B 551 -2.74 -44.48 51.30
CA PRO B 551 -1.68 -43.46 51.36
C PRO B 551 -0.57 -43.67 50.34
N ALA B 552 -0.45 -44.87 49.78
CA ALA B 552 0.63 -45.14 48.83
C ALA B 552 0.48 -44.30 47.57
N ALA B 553 -0.74 -44.20 47.04
CA ALA B 553 -0.98 -43.50 45.79
C ALA B 553 -1.91 -42.32 46.00
N PRO B 554 -1.49 -41.10 45.67
CA PRO B 554 -2.41 -39.94 45.76
C PRO B 554 -3.34 -39.92 44.55
N ARG B 555 -4.63 -39.78 44.83
CA ARG B 555 -5.67 -39.80 43.81
C ARG B 555 -6.26 -38.40 43.63
N LEU B 556 -6.27 -37.93 42.39
CA LEU B 556 -6.84 -36.62 42.09
C LEU B 556 -8.36 -36.68 42.08
N GLN B 557 -8.98 -35.63 42.61
CA GLN B 557 -10.43 -35.54 42.66
C GLN B 557 -10.87 -34.14 42.24
N MET B 558 -12.20 -33.93 42.24
CA MET B 558 -12.75 -32.68 41.73
C MET B 558 -12.60 -31.54 42.74
N HIS B 559 -12.76 -31.84 44.03
CA HIS B 559 -12.72 -30.78 45.04
C HIS B 559 -11.33 -30.15 45.16
N HIS B 560 -10.30 -30.86 44.70
CA HIS B 560 -8.94 -30.33 44.83
C HIS B 560 -8.75 -29.08 43.98
N VAL B 561 -9.24 -29.09 42.74
CA VAL B 561 -9.15 -27.89 41.91
C VAL B 561 -10.08 -26.81 42.44
N ALA B 562 -11.23 -27.22 42.99
CA ALA B 562 -12.21 -26.25 43.49
C ALA B 562 -11.67 -25.46 44.66
N GLN B 563 -10.92 -26.11 45.56
CA GLN B 563 -10.39 -25.41 46.72
C GLN B 563 -9.41 -24.31 46.31
N VAL B 564 -8.45 -24.65 45.45
CA VAL B 564 -7.47 -23.66 45.01
C VAL B 564 -8.14 -22.59 44.15
N LEU B 565 -9.18 -22.96 43.40
CA LEU B 565 -9.92 -21.99 42.63
C LEU B 565 -10.62 -20.98 43.54
N ARG B 566 -11.21 -21.46 44.65
CA ARG B 566 -11.79 -20.55 45.63
C ARG B 566 -10.72 -19.68 46.25
N GLU B 567 -9.55 -20.26 46.53
CA GLU B 567 -8.46 -19.48 47.11
C GLU B 567 -8.06 -18.32 46.20
N LEU B 568 -7.96 -18.58 44.90
CA LEU B 568 -7.64 -17.52 43.95
C LEU B 568 -8.77 -16.52 43.82
N LEU B 569 -9.99 -17.00 43.60
CA LEU B 569 -11.08 -16.10 43.21
C LEU B 569 -11.58 -15.27 44.38
N GLY B 570 -11.67 -15.87 45.58
CA GLY B 570 -12.13 -15.13 46.74
C GLY B 570 -12.91 -15.99 47.71
N ASP B 571 -12.93 -15.55 48.98
CA ASP B 571 -13.64 -16.28 50.03
C ASP B 571 -15.14 -16.22 49.86
N PHE B 572 -15.63 -15.13 49.28
CA PHE B 572 -17.06 -14.81 49.24
C PHE B 572 -17.87 -15.86 48.49
N THR B 573 -17.25 -16.55 47.53
CA THR B 573 -17.96 -17.56 46.77
C THR B 573 -17.91 -18.92 47.46
N GLN B 574 -18.99 -19.68 47.29
CA GLN B 574 -18.99 -21.08 47.67
C GLN B 574 -18.15 -21.87 46.66
N PRO B 575 -17.68 -23.06 47.04
CA PRO B 575 -16.90 -23.87 46.09
C PRO B 575 -17.69 -24.15 44.81
N LEU B 576 -17.02 -23.99 43.67
CA LEU B 576 -17.71 -24.15 42.39
C LEU B 576 -18.11 -25.60 42.16
N TYR B 577 -17.23 -26.54 42.50
CA TYR B 577 -17.51 -27.95 42.32
C TYR B 577 -17.84 -28.58 43.66
N PRO B 578 -19.00 -29.23 43.79
CA PRO B 578 -19.42 -29.73 45.10
C PRO B 578 -18.52 -30.83 45.61
N ARG B 579 -18.42 -30.90 46.94
CA ARG B 579 -17.63 -31.95 47.57
C ARG B 579 -18.30 -33.30 47.36
N PRO B 580 -17.54 -34.34 47.00
CA PRO B 580 -18.12 -35.67 46.91
C PRO B 580 -18.67 -36.13 48.25
N ARG B 581 -19.80 -36.83 48.21
CA ARG B 581 -20.45 -37.31 49.43
C ARG B 581 -21.40 -38.46 49.13
N HIS B 614 -22.07 -43.36 34.34
CA HIS B 614 -22.09 -42.98 32.93
C HIS B 614 -21.61 -41.54 32.76
N VAL B 615 -22.09 -40.88 31.71
CA VAL B 615 -21.77 -39.48 31.45
C VAL B 615 -22.74 -38.63 32.27
N THR B 616 -22.19 -37.73 33.10
CA THR B 616 -22.98 -36.86 33.96
C THR B 616 -22.42 -35.45 33.87
N PHE B 617 -23.07 -34.62 33.05
CA PHE B 617 -22.66 -33.22 32.92
C PHE B 617 -22.97 -32.46 34.20
N THR B 618 -22.13 -31.47 34.49
CA THR B 618 -22.42 -30.47 35.50
C THR B 618 -23.12 -29.29 34.84
N MET B 619 -23.80 -28.49 35.67
CA MET B 619 -24.49 -27.32 35.15
C MET B 619 -23.49 -26.35 34.53
N ASP B 620 -23.86 -25.78 33.38
CA ASP B 620 -22.99 -24.88 32.63
C ASP B 620 -21.69 -25.57 32.29
N PRO B 621 -21.71 -26.55 31.38
CA PRO B 621 -20.49 -27.32 31.10
C PRO B 621 -19.44 -26.57 30.31
N ILE B 622 -19.57 -25.24 30.17
CA ILE B 622 -18.60 -24.44 29.45
C ILE B 622 -17.77 -23.59 30.38
N ARG B 623 -18.31 -23.25 31.56
CA ARG B 623 -17.59 -22.42 32.53
C ARG B 623 -16.33 -23.10 33.03
N ASP B 624 -16.38 -24.43 33.15
CA ASP B 624 -15.26 -25.19 33.68
C ASP B 624 -14.13 -25.32 32.66
N LEU B 625 -14.51 -25.58 31.40
CA LEU B 625 -13.53 -25.53 30.33
C LEU B 625 -12.94 -24.14 30.16
N LEU B 626 -13.73 -23.10 30.37
CA LEU B 626 -13.22 -21.74 30.38
C LEU B 626 -12.21 -21.52 31.49
N ILE B 627 -12.45 -22.03 32.70
CA ILE B 627 -11.45 -21.97 33.75
C ILE B 627 -10.18 -22.70 33.36
N TRP B 628 -10.31 -23.91 32.81
CA TRP B 628 -9.13 -24.68 32.41
C TRP B 628 -8.32 -23.93 31.37
N ALA B 629 -8.98 -23.23 30.46
CA ALA B 629 -8.29 -22.44 29.44
C ALA B 629 -7.67 -21.15 29.98
N ILE B 630 -8.36 -20.45 30.87
CA ILE B 630 -7.86 -19.20 31.43
C ILE B 630 -6.68 -19.41 32.36
N VAL B 631 -6.75 -20.40 33.24
CA VAL B 631 -5.79 -20.48 34.35
C VAL B 631 -4.36 -20.64 33.84
N GLN B 632 -4.13 -21.53 32.88
CA GLN B 632 -2.78 -21.78 32.38
C GLN B 632 -2.39 -20.84 31.26
N ASN B 633 -3.08 -19.70 31.15
CA ASN B 633 -2.73 -18.65 30.21
C ASN B 633 -2.71 -19.14 28.76
N ARG B 634 -3.86 -19.56 28.24
CA ARG B 634 -3.97 -19.99 26.85
C ARG B 634 -4.83 -18.95 26.13
N ARG B 635 -4.14 -17.99 25.52
CA ARG B 635 -4.78 -16.83 24.90
C ARG B 635 -5.81 -17.23 23.85
N GLU B 636 -5.36 -17.90 22.79
CA GLU B 636 -6.23 -18.14 21.65
C GLU B 636 -7.34 -19.13 21.97
N LEU B 637 -7.07 -20.13 22.81
CA LEU B 637 -8.13 -21.03 23.27
C LEU B 637 -9.15 -20.28 24.12
N ALA B 638 -8.70 -19.29 24.88
CA ALA B 638 -9.55 -18.59 25.83
C ALA B 638 -10.68 -17.81 25.15
N GLY B 639 -10.38 -17.10 24.07
CA GLY B 639 -11.40 -16.37 23.35
C GLY B 639 -12.39 -17.28 22.65
N ILE B 640 -11.86 -18.34 22.05
CA ILE B 640 -12.70 -19.33 21.37
C ILE B 640 -13.70 -19.97 22.31
N ILE B 641 -13.25 -20.39 23.50
CA ILE B 641 -14.17 -20.97 24.47
C ILE B 641 -15.14 -19.95 25.06
N TRP B 642 -14.69 -18.72 25.31
CA TRP B 642 -15.55 -17.68 25.84
C TRP B 642 -16.60 -17.20 24.85
N ALA B 643 -16.36 -17.38 23.54
CA ALA B 643 -17.33 -16.94 22.54
C ALA B 643 -18.69 -17.60 22.70
N GLN B 644 -18.78 -18.74 23.37
CA GLN B 644 -20.05 -19.43 23.53
C GLN B 644 -20.39 -19.71 24.99
N SER B 645 -20.21 -18.72 25.86
CA SER B 645 -20.48 -18.89 27.28
C SER B 645 -21.91 -18.48 27.62
N GLN B 646 -22.41 -19.03 28.72
CA GLN B 646 -23.78 -18.78 29.15
C GLN B 646 -23.99 -17.35 29.60
N ASP B 647 -23.31 -16.93 30.66
CA ASP B 647 -23.32 -15.56 31.13
C ASP B 647 -21.92 -14.96 30.95
N CYS B 648 -21.85 -13.84 30.25
CA CYS B 648 -20.58 -13.34 29.74
C CYS B 648 -20.18 -11.99 30.30
N ILE B 649 -20.80 -11.56 31.40
CA ILE B 649 -20.29 -10.42 32.15
C ILE B 649 -19.66 -10.95 33.42
N ALA B 650 -20.40 -11.81 34.13
CA ALA B 650 -19.85 -12.47 35.30
C ALA B 650 -18.64 -13.34 34.96
N ALA B 651 -18.72 -14.12 33.88
CA ALA B 651 -17.58 -14.94 33.48
C ALA B 651 -16.39 -14.08 33.05
N ALA B 652 -16.65 -13.04 32.26
CA ALA B 652 -15.59 -12.16 31.80
C ALA B 652 -14.93 -11.39 32.94
N LEU B 653 -15.66 -11.13 34.03
CA LEU B 653 -15.07 -10.47 35.19
C LEU B 653 -14.35 -11.44 36.10
N ALA B 654 -14.88 -12.66 36.27
CA ALA B 654 -14.17 -13.67 37.06
C ALA B 654 -12.88 -14.08 36.39
N CYS B 655 -12.86 -14.12 35.05
CA CYS B 655 -11.64 -14.44 34.32
C CYS B 655 -10.56 -13.38 34.53
N SER B 656 -10.95 -12.12 34.70
CA SER B 656 -10.01 -11.07 35.05
C SER B 656 -9.57 -11.11 36.50
N LYS B 657 -10.51 -11.40 37.42
CA LYS B 657 -10.15 -11.51 38.83
C LYS B 657 -9.15 -12.64 39.07
N ILE B 658 -9.39 -13.81 38.49
CA ILE B 658 -8.46 -14.93 38.62
C ILE B 658 -7.09 -14.59 38.06
N LEU B 659 -7.01 -13.98 36.89
CA LEU B 659 -5.76 -13.59 36.27
C LEU B 659 -5.00 -12.56 37.09
N LYS B 660 -5.68 -11.54 37.62
CA LYS B 660 -5.01 -10.55 38.45
C LYS B 660 -4.51 -11.17 39.75
N GLU B 661 -5.28 -12.09 40.34
CA GLU B 661 -4.84 -12.73 41.57
C GLU B 661 -3.65 -13.64 41.32
N LEU B 662 -3.62 -14.34 40.19
CA LEU B 662 -2.59 -15.34 39.91
C LEU B 662 -1.44 -14.75 39.11
N SER B 663 -1.50 -13.44 38.86
CA SER B 663 -0.45 -12.77 38.10
C SER B 663 0.40 -11.86 38.98
N LYS B 664 0.32 -12.03 40.29
CA LYS B 664 1.10 -11.23 41.22
C LYS B 664 2.04 -12.03 42.10
N GLU B 665 1.88 -13.35 42.17
CA GLU B 665 2.69 -14.21 43.03
C GLU B 665 3.25 -15.37 42.21
N GLU B 666 3.65 -15.07 40.97
CA GLU B 666 4.16 -16.06 40.04
C GLU B 666 5.67 -16.14 39.99
N GLU B 667 6.38 -15.10 40.39
CA GLU B 667 7.84 -15.06 40.39
C GLU B 667 8.39 -15.17 38.97
N ASP B 668 7.93 -14.27 38.12
CA ASP B 668 8.34 -14.25 36.71
C ASP B 668 8.17 -12.82 36.20
N THR B 669 8.61 -12.58 34.97
CA THR B 669 8.52 -11.26 34.37
C THR B 669 7.89 -11.36 32.98
N ASP B 670 7.86 -12.57 32.43
CA ASP B 670 7.29 -12.80 31.10
C ASP B 670 5.80 -13.15 31.17
N SER B 671 5.47 -14.27 31.81
CA SER B 671 4.07 -14.65 31.98
C SER B 671 3.35 -13.80 33.01
N SER B 672 4.06 -13.31 34.04
CA SER B 672 3.46 -12.38 34.98
C SER B 672 3.05 -11.07 34.31
N GLU B 673 3.73 -10.67 33.25
CA GLU B 673 3.33 -9.52 32.45
C GLU B 673 2.30 -9.87 31.39
N GLU B 674 2.35 -11.08 30.83
CA GLU B 674 1.35 -11.51 29.87
C GLU B 674 -0.04 -11.64 30.48
N MET B 675 -0.16 -12.29 31.65
CA MET B 675 -1.46 -12.43 32.30
C MET B 675 -2.02 -11.12 32.81
N LEU B 676 -1.18 -10.22 33.32
CA LEU B 676 -1.65 -8.91 33.73
C LEU B 676 -2.21 -8.10 32.56
N ALA B 677 -1.80 -8.39 31.33
CA ALA B 677 -2.34 -7.75 30.14
C ALA B 677 -3.56 -8.48 29.58
N LEU B 678 -3.60 -9.80 29.70
CA LEU B 678 -4.80 -10.55 29.32
C LEU B 678 -5.99 -10.22 30.22
N ALA B 679 -5.72 -9.95 31.51
CA ALA B 679 -6.78 -9.52 32.41
C ALA B 679 -7.37 -8.19 31.95
N GLU B 680 -6.53 -7.27 31.49
CA GLU B 680 -6.99 -5.96 31.02
C GLU B 680 -7.79 -6.08 29.74
N GLU B 681 -7.65 -7.21 29.03
CA GLU B 681 -8.44 -7.47 27.83
C GLU B 681 -9.77 -8.13 28.13
N TYR B 682 -9.80 -9.08 29.06
CA TYR B 682 -11.10 -9.57 29.52
C TYR B 682 -11.89 -8.48 30.23
N GLU B 683 -11.20 -7.52 30.86
CA GLU B 683 -11.85 -6.32 31.35
C GLU B 683 -12.62 -5.62 30.24
N HIS B 684 -11.97 -5.39 29.09
CA HIS B 684 -12.61 -4.66 28.02
C HIS B 684 -13.71 -5.50 27.37
N ARG B 685 -13.53 -6.81 27.34
CA ARG B 685 -14.60 -7.69 26.88
C ARG B 685 -15.85 -7.53 27.73
N ALA B 686 -15.68 -7.59 29.06
CA ALA B 686 -16.80 -7.39 29.98
C ALA B 686 -17.44 -6.03 29.85
N ILE B 687 -16.63 -4.97 29.70
CA ILE B 687 -17.15 -3.62 29.50
C ILE B 687 -17.93 -3.50 28.20
N GLY B 688 -17.43 -4.07 27.11
CA GLY B 688 -18.04 -3.91 25.81
C GLY B 688 -19.29 -4.75 25.64
N VAL B 689 -19.36 -5.88 26.32
CA VAL B 689 -20.61 -6.65 26.33
C VAL B 689 -21.72 -5.91 27.08
N PHE B 690 -21.39 -5.24 28.19
CA PHE B 690 -22.40 -4.59 29.02
C PHE B 690 -22.94 -3.31 28.42
N THR B 691 -22.12 -2.51 27.73
CA THR B 691 -22.65 -1.33 27.07
C THR B 691 -23.57 -1.67 25.92
N GLU B 692 -23.44 -2.87 25.34
CA GLU B 692 -24.38 -3.35 24.35
C GLU B 692 -25.75 -3.63 24.96
N CYS B 693 -25.78 -4.16 26.18
CA CYS B 693 -27.03 -4.34 26.92
C CYS B 693 -27.60 -3.04 27.45
N TYR B 694 -26.75 -2.07 27.78
CA TYR B 694 -27.19 -0.80 28.32
C TYR B 694 -27.72 0.14 27.25
N ARG B 695 -27.55 -0.19 25.97
CA ARG B 695 -28.07 0.60 24.88
C ARG B 695 -29.34 0.02 24.26
N LYS B 696 -29.66 -1.24 24.52
CA LYS B 696 -30.93 -1.81 24.11
C LYS B 696 -32.05 -1.51 25.08
N ASP B 697 -31.74 -1.35 26.37
CA ASP B 697 -32.73 -1.11 27.41
C ASP B 697 -32.04 -0.44 28.57
N GLU B 698 -32.84 0.10 29.50
CA GLU B 698 -32.31 0.80 30.66
C GLU B 698 -32.54 0.02 31.95
N GLU B 699 -33.78 -0.34 32.26
CA GLU B 699 -34.10 -1.05 33.48
C GLU B 699 -33.64 -2.50 33.47
N ARG B 700 -33.69 -3.17 32.32
CA ARG B 700 -33.25 -4.56 32.22
C ARG B 700 -31.74 -4.70 32.11
N ALA B 701 -31.01 -3.60 32.01
CA ALA B 701 -29.56 -3.63 31.94
C ALA B 701 -28.91 -3.55 33.31
N GLN B 702 -29.69 -3.52 34.38
CA GLN B 702 -29.16 -3.46 35.73
C GLN B 702 -29.64 -4.64 36.55
N LYS B 703 -30.74 -5.26 36.12
CA LYS B 703 -31.25 -6.45 36.79
C LYS B 703 -30.29 -7.61 36.55
N LEU B 704 -29.50 -7.54 35.48
CA LEU B 704 -28.40 -8.46 35.26
C LEU B 704 -27.10 -7.96 35.87
N LEU B 705 -27.01 -6.66 36.18
CA LEU B 705 -25.93 -6.12 36.97
C LEU B 705 -25.95 -6.61 38.41
N THR B 706 -27.14 -6.74 39.01
CA THR B 706 -27.27 -7.23 40.37
C THR B 706 -28.19 -8.45 40.34
N ARG B 707 -27.59 -9.62 40.12
CA ARG B 707 -28.31 -10.89 40.20
C ARG B 707 -27.30 -11.96 40.60
N VAL B 708 -27.61 -12.67 41.68
CA VAL B 708 -26.71 -13.71 42.18
C VAL B 708 -26.62 -14.83 41.15
N SER B 709 -25.40 -15.20 40.77
CA SER B 709 -25.21 -16.20 39.73
C SER B 709 -24.94 -17.56 40.36
N GLU B 710 -25.74 -18.55 40.00
CA GLU B 710 -25.60 -19.90 40.53
C GLU B 710 -24.46 -20.67 39.89
N ALA B 711 -23.86 -20.14 38.81
CA ALA B 711 -22.80 -20.83 38.09
C ALA B 711 -21.43 -20.20 38.33
N TRP B 712 -21.31 -19.27 39.28
CA TRP B 712 -20.02 -18.63 39.51
C TRP B 712 -19.72 -18.43 40.98
N GLY B 713 -20.37 -19.16 41.88
CA GLY B 713 -20.05 -19.08 43.29
C GLY B 713 -21.04 -18.27 44.10
N LYS B 714 -22.27 -18.17 43.60
CA LYS B 714 -23.34 -17.44 44.29
C LYS B 714 -22.94 -15.99 44.57
N THR B 715 -22.39 -15.32 43.55
CA THR B 715 -21.98 -13.93 43.67
C THR B 715 -22.53 -13.14 42.49
N THR B 716 -22.55 -11.82 42.65
CA THR B 716 -23.10 -10.93 41.64
C THR B 716 -22.03 -10.50 40.65
N CYS B 717 -22.46 -9.76 39.62
CA CYS B 717 -21.57 -9.25 38.60
C CYS B 717 -20.93 -7.92 38.99
N LEU B 718 -21.37 -7.31 40.10
CA LEU B 718 -20.81 -6.05 40.57
C LEU B 718 -19.77 -6.24 41.66
N GLN B 719 -20.01 -7.15 42.60
CA GLN B 719 -19.05 -7.45 43.65
C GLN B 719 -17.77 -8.06 43.11
N LEU B 720 -17.84 -8.81 42.01
CA LEU B 720 -16.65 -9.33 41.34
C LEU B 720 -15.80 -8.19 40.79
N ALA B 721 -16.42 -7.23 40.11
CA ALA B 721 -15.66 -6.10 39.55
C ALA B 721 -15.09 -5.22 40.65
N LEU B 722 -15.88 -4.97 41.70
CA LEU B 722 -15.42 -4.11 42.78
C LEU B 722 -14.23 -4.71 43.50
N GLU B 723 -14.25 -6.01 43.73
CA GLU B 723 -13.19 -6.69 44.45
C GLU B 723 -12.03 -7.10 43.56
N ALA B 724 -12.21 -7.10 42.24
CA ALA B 724 -11.12 -7.41 41.31
C ALA B 724 -10.32 -6.19 40.92
N LYS B 725 -10.57 -5.03 41.55
CA LYS B 725 -9.89 -3.78 41.24
C LYS B 725 -10.11 -3.37 39.78
N ASP B 726 -11.30 -3.63 39.26
CA ASP B 726 -11.64 -3.25 37.89
C ASP B 726 -11.94 -1.75 37.86
N MET B 727 -10.92 -0.97 37.51
CA MET B 727 -11.03 0.49 37.57
C MET B 727 -11.83 1.08 36.41
N LYS B 728 -11.98 0.37 35.30
CA LYS B 728 -12.63 0.91 34.11
C LYS B 728 -14.05 0.39 33.95
N PHE B 729 -14.48 -0.54 34.78
CA PHE B 729 -15.84 -1.06 34.71
C PHE B 729 -16.80 -0.37 35.67
N VAL B 730 -16.35 -0.07 36.89
CA VAL B 730 -17.22 0.54 37.89
C VAL B 730 -17.34 2.04 37.64
N SER B 731 -16.70 2.52 36.60
CA SER B 731 -16.76 3.94 36.25
C SER B 731 -17.20 4.09 34.79
N HIS B 732 -18.14 3.24 34.37
CA HIS B 732 -18.65 3.24 33.00
C HIS B 732 -19.68 4.32 32.74
N GLY B 733 -20.55 4.59 33.71
CA GLY B 733 -21.65 5.52 33.53
C GLY B 733 -22.97 4.81 33.66
N GLY B 734 -23.08 3.63 33.05
CA GLY B 734 -24.19 2.74 33.34
C GLY B 734 -24.09 2.09 34.70
N ILE B 735 -22.88 1.99 35.24
CA ILE B 735 -22.67 1.59 36.63
C ILE B 735 -22.88 2.76 37.59
N GLN B 736 -22.47 3.98 37.20
CA GLN B 736 -22.65 5.16 38.02
C GLN B 736 -24.10 5.61 38.13
N ALA B 737 -24.89 5.49 37.06
CA ALA B 737 -26.31 5.80 37.15
C ALA B 737 -27.02 4.88 38.14
N PHE B 738 -26.71 3.59 38.11
CA PHE B 738 -27.28 2.64 39.05
C PHE B 738 -26.87 2.93 40.49
N LEU B 739 -25.64 3.37 40.72
CA LEU B 739 -25.20 3.77 42.04
C LEU B 739 -25.85 5.05 42.53
N THR B 740 -25.99 6.05 41.67
CA THR B 740 -26.74 7.26 42.00
C THR B 740 -28.20 6.98 42.30
N LYS B 741 -28.80 6.01 41.60
CA LYS B 741 -30.18 5.62 41.86
C LYS B 741 -30.39 5.05 43.26
N VAL B 742 -29.47 4.20 43.74
CA VAL B 742 -29.58 3.68 45.10
C VAL B 742 -29.08 4.68 46.13
N TRP B 743 -28.27 5.65 45.72
CA TRP B 743 -27.91 6.77 46.60
C TRP B 743 -29.13 7.57 47.04
N TRP B 744 -30.20 7.56 46.26
CA TRP B 744 -31.45 8.22 46.60
C TRP B 744 -32.49 7.24 47.11
N GLY B 745 -32.73 6.15 46.39
CA GLY B 745 -33.71 5.16 46.81
C GLY B 745 -34.89 5.06 45.87
N GLN B 746 -36.10 5.17 46.43
CA GLN B 746 -37.32 5.09 45.62
C GLN B 746 -37.78 6.45 45.11
N LEU B 747 -37.09 7.53 45.45
CA LEU B 747 -37.46 8.87 45.01
C LEU B 747 -36.62 9.31 43.82
N SER B 748 -37.14 10.27 43.07
CA SER B 748 -36.52 10.70 41.83
C SER B 748 -35.19 11.42 42.08
N VAL B 749 -34.31 11.33 41.10
CA VAL B 749 -32.97 11.91 41.20
C VAL B 749 -32.89 13.34 40.66
N ASP B 750 -33.75 13.72 39.71
CA ASP B 750 -33.70 15.06 39.13
C ASP B 750 -34.40 16.07 40.03
N ASN B 751 -33.90 16.20 41.25
CA ASN B 751 -34.41 17.19 42.19
C ASN B 751 -33.34 18.23 42.54
N GLY B 752 -32.17 17.77 42.93
CA GLY B 752 -31.09 18.65 43.35
C GLY B 752 -30.76 18.47 44.82
N LEU B 753 -29.69 19.14 45.24
CA LEU B 753 -29.26 19.07 46.63
C LEU B 753 -29.82 20.21 47.46
N TRP B 754 -29.96 21.40 46.87
CA TRP B 754 -30.51 22.54 47.59
C TRP B 754 -31.91 22.27 48.11
N ARG B 755 -32.75 21.63 47.28
CA ARG B 755 -34.10 21.28 47.71
C ARG B 755 -34.06 20.29 48.86
N VAL B 756 -33.14 19.32 48.81
CA VAL B 756 -33.01 18.34 49.87
C VAL B 756 -32.64 19.02 51.19
N THR B 757 -31.67 19.93 51.16
CA THR B 757 -31.33 20.66 52.37
C THR B 757 -32.49 21.53 52.86
N LEU B 758 -33.20 22.17 51.94
CA LEU B 758 -34.34 22.99 52.33
C LEU B 758 -35.40 22.16 53.05
N CYS B 759 -35.65 20.95 52.56
CA CYS B 759 -36.64 20.07 53.18
C CYS B 759 -36.14 19.45 54.48
N MET B 760 -34.85 19.15 54.61
CA MET B 760 -34.37 18.55 55.85
C MET B 760 -34.30 19.60 56.96
N LEU B 761 -33.96 20.84 56.60
CA LEU B 761 -33.95 21.91 57.59
C LEU B 761 -35.35 22.20 58.11
N ALA B 762 -36.31 22.29 57.19
CA ALA B 762 -37.71 22.53 57.57
C ALA B 762 -38.50 21.23 57.59
N PHE B 763 -38.74 20.70 58.79
CA PHE B 763 -39.51 19.46 58.92
C PHE B 763 -40.89 19.53 58.25
N PRO B 764 -41.68 20.61 58.39
CA PRO B 764 -42.95 20.65 57.64
C PRO B 764 -42.77 21.18 56.22
N LEU B 765 -41.95 20.47 55.43
CA LEU B 765 -41.73 20.88 54.05
C LEU B 765 -41.72 19.71 53.07
N LEU B 766 -42.33 18.57 53.42
CA LEU B 766 -42.38 17.42 52.54
C LEU B 766 -43.80 17.07 52.11
N LEU B 767 -44.82 17.57 52.81
CA LEU B 767 -46.21 17.32 52.46
C LEU B 767 -46.72 18.22 51.35
N THR B 768 -45.95 19.23 50.96
CA THR B 768 -46.33 20.14 49.89
C THR B 768 -45.67 19.71 48.59
N GLY B 769 -45.98 20.42 47.51
CA GLY B 769 -45.42 20.10 46.20
C GLY B 769 -44.04 20.68 45.99
N LEU B 770 -43.08 20.26 46.81
CA LEU B 770 -41.71 20.75 46.68
C LEU B 770 -40.78 19.63 46.24
N ILE B 771 -40.74 18.54 47.00
CA ILE B 771 -39.84 17.44 46.68
C ILE B 771 -40.41 16.63 45.52
N SER B 772 -39.53 15.96 44.78
CA SER B 772 -39.94 15.19 43.62
C SER B 772 -39.99 13.70 43.97
N PHE B 773 -40.55 12.91 43.05
CA PHE B 773 -40.64 11.47 43.23
C PHE B 773 -40.66 10.80 41.87
N ARG B 774 -40.22 9.55 41.84
CA ARG B 774 -40.39 8.68 40.70
C ARG B 774 -41.33 7.54 41.08
N GLU B 775 -41.71 6.72 40.10
CA GLU B 775 -42.76 5.73 40.27
C GLU B 775 -44.06 6.42 40.71
N LYS B 776 -44.59 7.21 39.77
CA LYS B 776 -45.63 8.19 40.03
C LYS B 776 -46.87 7.62 40.71
N ARG B 777 -46.96 6.29 40.84
CA ARG B 777 -48.04 5.69 41.60
C ARG B 777 -48.06 6.19 43.04
N LEU B 778 -46.91 6.58 43.58
CA LEU B 778 -46.84 7.17 44.91
C LEU B 778 -46.73 8.69 44.88
N GLN B 779 -46.54 9.28 43.70
CA GLN B 779 -46.44 10.74 43.57
C GLN B 779 -47.81 11.38 43.34
N ASP B 780 -48.64 10.78 42.48
CA ASP B 780 -49.99 11.28 42.25
C ASP B 780 -50.87 10.97 43.45
N VAL B 781 -51.02 9.68 43.77
CA VAL B 781 -51.74 9.25 44.97
C VAL B 781 -50.69 9.14 46.07
N GLY B 782 -50.40 10.27 46.70
CA GLY B 782 -49.36 10.32 47.72
C GLY B 782 -49.84 9.95 49.10
N THR B 783 -49.30 8.85 49.64
CA THR B 783 -49.67 8.43 50.99
C THR B 783 -48.94 9.30 52.01
N PRO B 784 -49.65 10.01 52.88
CA PRO B 784 -48.96 10.82 53.90
C PRO B 784 -48.06 10.02 54.81
N ALA B 785 -48.46 8.79 55.14
CA ALA B 785 -47.63 7.95 56.01
C ALA B 785 -46.38 7.48 55.27
N ALA B 786 -46.51 7.08 54.01
CA ALA B 786 -45.36 6.58 53.26
C ALA B 786 -44.39 7.70 52.94
N ARG B 787 -44.90 8.92 52.71
CA ARG B 787 -44.02 10.03 52.38
C ARG B 787 -43.05 10.34 53.51
N ALA B 788 -43.53 10.29 54.76
CA ALA B 788 -42.66 10.54 55.90
C ALA B 788 -41.60 9.44 56.03
N ARG B 789 -41.99 8.19 55.80
CA ARG B 789 -41.05 7.08 55.99
C ARG B 789 -40.02 7.03 54.87
N ALA B 790 -40.37 7.50 53.68
CA ALA B 790 -39.47 7.39 52.53
C ALA B 790 -38.16 8.14 52.76
N PHE B 791 -38.23 9.31 53.41
CA PHE B 791 -37.02 10.11 53.59
C PHE B 791 -36.04 9.43 54.53
N PHE B 792 -36.53 8.91 55.66
CA PHE B 792 -35.63 8.18 56.55
C PHE B 792 -35.17 6.87 55.93
N THR B 793 -35.96 6.31 55.01
CA THR B 793 -35.49 5.15 54.26
C THR B 793 -34.32 5.53 53.35
N ALA B 794 -34.38 6.72 52.76
CA ALA B 794 -33.34 7.16 51.83
C ALA B 794 -32.01 7.32 52.57
N PRO B 795 -30.88 6.95 51.94
CA PRO B 795 -29.59 7.07 52.64
C PRO B 795 -29.00 8.47 52.59
N VAL B 796 -29.37 9.28 51.60
CA VAL B 796 -28.84 10.64 51.53
C VAL B 796 -29.34 11.47 52.70
N VAL B 797 -30.60 11.25 53.10
CA VAL B 797 -31.14 11.93 54.28
C VAL B 797 -30.38 11.50 55.52
N VAL B 798 -30.05 10.22 55.62
CA VAL B 798 -29.25 9.73 56.75
C VAL B 798 -27.89 10.40 56.78
N PHE B 799 -27.26 10.54 55.61
CA PHE B 799 -25.97 11.22 55.54
C PHE B 799 -26.07 12.67 55.96
N HIS B 800 -27.12 13.37 55.53
CA HIS B 800 -27.30 14.76 55.91
C HIS B 800 -27.54 14.89 57.41
N LEU B 801 -28.35 14.00 57.97
CA LEU B 801 -28.56 14.02 59.42
C LEU B 801 -27.27 13.76 60.17
N ASN B 802 -26.46 12.81 59.68
CA ASN B 802 -25.19 12.51 60.34
C ASN B 802 -24.25 13.71 60.29
N ILE B 803 -24.14 14.37 59.14
CA ILE B 803 -23.21 15.49 59.02
C ILE B 803 -23.68 16.66 59.90
N LEU B 804 -24.98 16.94 59.90
CA LEU B 804 -25.49 18.02 60.74
C LEU B 804 -25.32 17.70 62.21
N SER B 805 -25.57 16.45 62.61
CA SER B 805 -25.39 16.07 64.01
C SER B 805 -23.94 16.21 64.44
N TYR B 806 -23.01 15.76 63.59
CA TYR B 806 -21.59 15.84 63.93
C TYR B 806 -21.15 17.30 64.01
N PHE B 807 -21.62 18.14 63.10
CA PHE B 807 -21.24 19.55 63.14
C PHE B 807 -21.82 20.25 64.36
N ALA B 808 -23.07 19.96 64.71
CA ALA B 808 -23.66 20.55 65.90
C ALA B 808 -22.94 20.09 67.16
N PHE B 809 -22.55 18.81 67.21
CA PHE B 809 -21.70 18.33 68.28
C PHE B 809 -20.39 19.11 68.37
N LEU B 810 -19.72 19.30 67.24
CA LEU B 810 -18.43 19.97 67.26
C LEU B 810 -18.59 21.42 67.74
N CYS B 811 -19.68 22.06 67.33
CA CYS B 811 -19.97 23.41 67.84
C CYS B 811 -20.25 23.40 69.33
N LEU B 812 -20.94 22.38 69.83
CA LEU B 812 -21.21 22.29 71.27
C LEU B 812 -19.91 22.08 72.06
N PHE B 813 -19.02 21.25 71.52
CA PHE B 813 -17.72 21.06 72.15
C PHE B 813 -16.92 22.35 72.16
N ALA B 814 -16.99 23.12 71.07
CA ALA B 814 -16.39 24.44 71.06
C ALA B 814 -17.01 25.34 72.13
N TYR B 815 -18.33 25.24 72.30
CA TYR B 815 -19.04 26.07 73.27
C TYR B 815 -18.54 25.79 74.69
N VAL B 816 -18.42 24.50 75.04
CA VAL B 816 -17.96 24.16 76.38
C VAL B 816 -16.47 24.47 76.53
N LEU B 817 -15.70 24.39 75.44
CA LEU B 817 -14.33 24.86 75.48
C LEU B 817 -14.25 26.34 75.79
N MET B 818 -15.20 27.11 75.25
CA MET B 818 -15.23 28.55 75.51
C MET B 818 -15.59 28.84 76.96
N VAL B 819 -16.83 28.53 77.36
CA VAL B 819 -17.36 29.08 78.59
C VAL B 819 -17.85 28.04 79.60
N ASP B 820 -18.23 26.83 79.19
CA ASP B 820 -18.79 25.85 80.10
C ASP B 820 -17.69 24.86 80.49
N PHE B 821 -16.94 25.19 81.53
CA PHE B 821 -15.72 24.46 81.88
C PHE B 821 -15.66 24.28 83.40
N GLN B 822 -16.82 23.94 84.01
CA GLN B 822 -16.98 23.96 85.47
C GLN B 822 -16.44 22.67 86.10
N PRO B 823 -15.96 22.73 87.34
CA PRO B 823 -15.56 21.49 88.04
C PRO B 823 -16.70 20.50 88.23
N VAL B 824 -17.91 20.97 88.49
CA VAL B 824 -19.09 20.13 88.42
C VAL B 824 -19.37 19.92 86.94
N PRO B 825 -19.49 18.68 86.46
CA PRO B 825 -19.60 18.45 85.01
C PRO B 825 -20.71 19.26 84.38
N SER B 826 -20.32 20.20 83.51
CA SER B 826 -21.28 21.03 82.80
C SER B 826 -22.28 20.16 82.06
N TRP B 827 -23.46 20.71 81.78
CA TRP B 827 -24.54 19.93 81.19
C TRP B 827 -24.15 19.26 79.88
N CYS B 828 -22.99 19.60 79.32
CA CYS B 828 -22.52 18.97 78.09
C CYS B 828 -21.29 18.10 78.29
N GLU B 829 -20.85 17.84 79.52
CA GLU B 829 -19.73 16.91 79.71
C GLU B 829 -20.16 15.48 79.44
N CYS B 830 -21.21 15.02 80.13
CA CYS B 830 -21.79 13.73 79.80
C CYS B 830 -22.25 13.71 78.35
N ALA B 831 -22.67 14.86 77.82
CA ALA B 831 -23.12 14.93 76.43
C ALA B 831 -21.98 14.71 75.45
N ILE B 832 -20.81 15.30 75.71
CA ILE B 832 -19.68 15.07 74.81
C ILE B 832 -19.22 13.63 74.92
N TYR B 833 -19.22 13.07 76.13
CA TYR B 833 -18.90 11.64 76.26
C TYR B 833 -19.85 10.79 75.44
N LEU B 834 -21.15 11.00 75.58
CA LEU B 834 -22.13 10.13 74.93
C LEU B 834 -22.18 10.33 73.42
N TRP B 835 -22.09 11.58 72.96
CA TRP B 835 -22.17 11.80 71.52
C TRP B 835 -20.83 11.56 70.84
N LEU B 836 -19.75 11.43 71.60
CA LEU B 836 -18.52 10.91 71.02
C LEU B 836 -18.55 9.40 70.98
N PHE B 837 -19.21 8.78 71.96
CA PHE B 837 -19.59 7.37 71.86
C PHE B 837 -20.52 7.12 70.67
N SER B 838 -21.26 8.14 70.25
CA SER B 838 -22.12 8.01 69.08
C SER B 838 -21.32 7.65 67.84
N LEU B 839 -20.07 8.10 67.74
CA LEU B 839 -19.23 7.72 66.62
C LEU B 839 -18.78 6.26 66.74
N VAL B 840 -18.40 5.83 67.93
CA VAL B 840 -17.77 4.52 68.07
C VAL B 840 -18.82 3.41 68.09
N CYS B 841 -20.04 3.72 68.51
CA CYS B 841 -21.08 2.69 68.55
C CYS B 841 -21.44 2.21 67.15
N GLU B 842 -21.39 3.12 66.17
CA GLU B 842 -21.54 2.71 64.78
C GLU B 842 -20.31 1.96 64.30
N GLU B 843 -19.13 2.35 64.78
CA GLU B 843 -17.91 1.62 64.44
C GLU B 843 -18.02 0.15 64.81
N MET B 844 -18.81 -0.16 65.84
CA MET B 844 -19.15 -1.55 66.11
C MET B 844 -19.77 -2.20 64.89
N ARG B 845 -20.70 -1.51 64.22
CA ARG B 845 -21.34 -2.08 63.05
C ARG B 845 -20.38 -2.19 61.87
N GLN B 846 -19.62 -1.12 61.59
CA GLN B 846 -18.70 -1.20 60.44
C GLN B 846 -17.63 -2.27 60.63
N LEU B 847 -17.00 -2.31 61.81
CA LEU B 847 -15.91 -3.27 62.00
C LEU B 847 -16.43 -4.68 62.21
N PHE B 848 -17.56 -4.83 62.90
CA PHE B 848 -18.06 -6.16 63.22
C PHE B 848 -18.58 -6.87 61.97
N TYR B 849 -19.22 -6.14 61.06
CA TYR B 849 -19.91 -6.77 59.95
C TYR B 849 -18.93 -7.37 58.95
N ASP B 850 -19.22 -8.60 58.53
CA ASP B 850 -18.44 -9.31 57.53
C ASP B 850 -19.40 -9.90 56.50
N PRO B 851 -19.76 -9.13 55.47
CA PRO B 851 -20.68 -9.68 54.45
C PRO B 851 -20.14 -10.92 53.77
N ASP B 852 -18.83 -10.98 53.57
CA ASP B 852 -18.14 -12.18 53.11
C ASP B 852 -17.27 -12.72 54.23
N GLU B 853 -17.11 -14.04 54.28
CA GLU B 853 -16.33 -14.66 55.35
C GLU B 853 -14.91 -14.13 55.36
N CYS B 854 -14.59 -13.35 56.39
CA CYS B 854 -13.26 -12.75 56.52
C CYS B 854 -12.80 -12.86 57.96
N GLY B 855 -11.49 -12.93 58.15
CA GLY B 855 -10.94 -13.08 59.48
C GLY B 855 -11.02 -11.81 60.30
N LEU B 856 -11.10 -11.99 61.62
CA LEU B 856 -11.15 -10.84 62.52
C LEU B 856 -9.84 -10.04 62.47
N MET B 857 -8.70 -10.72 62.41
CA MET B 857 -7.43 -10.02 62.31
C MET B 857 -7.29 -9.34 60.96
N LYS B 858 -7.84 -9.93 59.91
CA LYS B 858 -7.89 -9.24 58.62
C LYS B 858 -8.75 -7.98 58.71
N LYS B 859 -9.86 -8.06 59.45
CA LYS B 859 -10.70 -6.88 59.66
C LYS B 859 -9.92 -5.79 60.39
N ALA B 860 -9.15 -6.18 61.43
CA ALA B 860 -8.35 -5.21 62.16
C ALA B 860 -7.28 -4.58 61.27
N ALA B 861 -6.62 -5.41 60.44
CA ALA B 861 -5.60 -4.89 59.53
C ALA B 861 -6.20 -3.93 58.52
N LEU B 862 -7.38 -4.26 57.98
CA LEU B 862 -8.05 -3.35 57.05
C LEU B 862 -8.41 -2.05 57.72
N TYR B 863 -8.87 -2.10 58.97
CA TYR B 863 -9.17 -0.88 59.71
C TYR B 863 -7.91 -0.04 59.92
N PHE B 864 -6.80 -0.70 60.26
CA PHE B 864 -5.55 0.04 60.50
C PHE B 864 -4.99 0.64 59.22
N SER B 865 -5.26 0.01 58.07
CA SER B 865 -4.70 0.48 56.81
C SER B 865 -5.32 1.80 56.34
N ASP B 866 -6.41 2.25 56.97
CA ASP B 866 -7.12 3.45 56.52
C ASP B 866 -6.64 4.64 57.34
N PHE B 867 -6.12 5.66 56.65
CA PHE B 867 -5.60 6.84 57.35
C PHE B 867 -6.74 7.71 57.89
N TRP B 868 -7.86 7.77 57.18
CA TRP B 868 -9.02 8.49 57.70
C TRP B 868 -9.56 7.82 58.96
N ASN B 869 -9.64 6.48 58.96
CA ASN B 869 -9.98 5.77 60.18
C ASN B 869 -8.93 5.96 61.26
N LYS B 870 -7.66 6.12 60.88
CA LYS B 870 -6.62 6.44 61.85
C LYS B 870 -6.88 7.78 62.51
N LEU B 871 -7.33 8.77 61.73
CA LEU B 871 -7.69 10.06 62.30
C LEU B 871 -8.91 9.94 63.22
N ASP B 872 -9.90 9.16 62.79
CA ASP B 872 -11.08 8.94 63.63
C ASP B 872 -10.70 8.31 64.96
N VAL B 873 -9.79 7.34 64.94
CA VAL B 873 -9.26 6.77 66.17
C VAL B 873 -8.40 7.78 66.92
N GLY B 874 -7.68 8.64 66.20
CA GLY B 874 -6.85 9.63 66.87
C GLY B 874 -7.65 10.64 67.66
N ALA B 875 -8.92 10.80 67.29
CA ALA B 875 -9.84 11.56 68.15
C ALA B 875 -9.83 11.01 69.57
N ILE B 876 -10.03 9.70 69.73
CA ILE B 876 -9.96 9.08 71.04
C ILE B 876 -8.51 9.05 71.55
N LEU B 877 -7.55 8.96 70.64
CA LEU B 877 -6.15 8.95 71.04
C LEU B 877 -5.77 10.26 71.72
N LEU B 878 -6.42 11.36 71.35
CA LEU B 878 -6.15 12.63 72.00
C LEU B 878 -7.16 12.93 73.10
N PHE B 879 -8.26 12.17 73.13
CA PHE B 879 -8.98 11.95 74.38
C PHE B 879 -8.09 11.37 75.46
N VAL B 880 -7.17 10.47 75.10
CA VAL B 880 -6.37 9.72 76.07
C VAL B 880 -5.73 10.66 77.09
N ALA B 881 -5.35 11.86 76.67
CA ALA B 881 -4.80 12.85 77.57
C ALA B 881 -5.83 13.85 78.08
N GLY B 882 -7.11 13.69 77.71
CA GLY B 882 -8.09 14.71 78.04
C GLY B 882 -8.94 14.39 79.25
N LEU B 883 -9.19 13.09 79.49
CA LEU B 883 -10.07 12.71 80.58
C LEU B 883 -9.48 13.07 81.93
N THR B 884 -8.16 12.88 82.10
CA THR B 884 -7.52 13.26 83.35
C THR B 884 -7.50 14.77 83.52
N CYS B 885 -7.27 15.50 82.43
CA CYS B 885 -7.29 16.96 82.49
C CYS B 885 -8.66 17.47 82.93
N ARG B 886 -9.73 16.84 82.43
CA ARG B 886 -11.06 17.16 82.93
C ARG B 886 -11.24 16.75 84.39
N LEU B 887 -10.75 15.56 84.77
CA LEU B 887 -10.96 15.07 86.13
C LEU B 887 -10.33 16.00 87.16
N ILE B 888 -9.13 16.49 86.89
CA ILE B 888 -8.50 17.49 87.73
C ILE B 888 -8.36 18.76 86.90
N PRO B 889 -9.23 19.76 87.10
CA PRO B 889 -9.21 20.97 86.26
C PRO B 889 -8.20 22.03 86.67
N ALA B 890 -7.31 21.74 87.61
CA ALA B 890 -6.32 22.72 88.02
C ALA B 890 -5.23 22.90 86.98
N THR B 891 -4.97 21.87 86.17
CA THR B 891 -3.91 21.92 85.16
C THR B 891 -4.39 22.72 83.95
N LEU B 892 -4.71 23.98 84.22
CA LEU B 892 -5.14 24.91 83.17
C LEU B 892 -4.07 25.08 82.10
N TYR B 893 -2.89 25.57 82.53
CA TYR B 893 -1.85 25.95 81.58
C TYR B 893 -1.38 24.76 80.75
N PRO B 894 -1.07 23.60 81.33
CA PRO B 894 -0.72 22.45 80.48
C PRO B 894 -1.90 21.91 79.71
N GLY B 895 -3.11 21.98 80.27
CA GLY B 895 -4.23 21.23 79.77
C GLY B 895 -5.08 21.85 78.69
N ARG B 896 -5.02 23.16 78.46
CA ARG B 896 -5.84 23.70 77.38
C ARG B 896 -5.42 23.16 76.01
N VAL B 897 -4.12 22.93 75.84
CA VAL B 897 -3.59 22.58 74.51
C VAL B 897 -4.10 21.21 74.07
N ILE B 898 -4.26 20.27 75.00
CA ILE B 898 -4.74 18.94 74.63
C ILE B 898 -6.13 19.03 74.01
N LEU B 899 -7.04 19.74 74.66
CA LEU B 899 -8.40 19.83 74.14
C LEU B 899 -8.47 20.70 72.89
N SER B 900 -7.61 21.73 72.80
CA SER B 900 -7.60 22.54 71.59
C SER B 900 -7.10 21.75 70.38
N LEU B 901 -6.02 20.98 70.53
CA LEU B 901 -5.57 20.13 69.44
C LEU B 901 -6.56 19.01 69.16
N ASP B 902 -7.31 18.56 70.17
CA ASP B 902 -8.40 17.63 69.92
C ASP B 902 -9.45 18.26 69.02
N PHE B 903 -9.77 19.53 69.26
CA PHE B 903 -10.66 20.26 68.37
C PHE B 903 -10.10 20.37 66.96
N ILE B 904 -8.79 20.61 66.84
CA ILE B 904 -8.17 20.72 65.52
C ILE B 904 -8.26 19.38 64.78
N LEU B 905 -8.03 18.28 65.49
CA LEU B 905 -8.14 16.97 64.86
C LEU B 905 -9.58 16.64 64.49
N PHE B 906 -10.54 17.07 65.33
CA PHE B 906 -11.95 16.97 64.97
C PHE B 906 -12.25 17.69 63.66
N CYS B 907 -11.74 18.92 63.54
CA CYS B 907 -11.96 19.69 62.31
C CYS B 907 -11.31 19.01 61.11
N LEU B 908 -10.12 18.44 61.30
CA LEU B 908 -9.47 17.72 60.22
C LEU B 908 -10.28 16.49 59.79
N ARG B 909 -10.85 15.77 60.76
CA ARG B 909 -11.73 14.65 60.42
C ARG B 909 -12.99 15.12 59.71
N LEU B 910 -13.44 16.34 60.01
CA LEU B 910 -14.62 16.87 59.34
C LEU B 910 -14.40 17.03 57.83
N MET B 911 -13.14 17.07 57.39
CA MET B 911 -12.82 17.33 55.98
C MET B 911 -13.19 16.17 55.06
N HIS B 912 -13.56 15.01 55.59
CA HIS B 912 -13.86 13.84 54.78
C HIS B 912 -15.22 13.93 54.09
N ILE B 913 -15.98 15.00 54.33
CA ILE B 913 -17.38 15.03 53.89
C ILE B 913 -17.48 15.25 52.39
N PHE B 914 -16.41 15.74 51.76
CA PHE B 914 -16.51 16.13 50.36
C PHE B 914 -16.36 14.97 49.39
N THR B 915 -16.15 13.74 49.87
CA THR B 915 -16.10 12.59 48.99
C THR B 915 -17.41 12.44 48.21
N ILE B 916 -18.52 12.88 48.79
CA ILE B 916 -19.80 12.86 48.09
C ILE B 916 -19.83 13.91 46.99
N SER B 917 -19.25 15.07 47.24
CA SER B 917 -19.23 16.16 46.26
C SER B 917 -18.54 15.68 44.99
N LYS B 918 -19.29 15.62 43.89
CA LYS B 918 -18.72 15.12 42.63
C LYS B 918 -17.60 16.01 42.13
N THR B 919 -17.71 17.32 42.35
CA THR B 919 -16.72 18.25 41.80
C THR B 919 -15.50 18.39 42.72
N LEU B 920 -15.66 18.15 44.02
CA LEU B 920 -14.54 18.22 44.95
C LEU B 920 -14.17 16.89 45.59
N GLY B 921 -14.87 15.81 45.29
CA GLY B 921 -14.52 14.51 45.80
C GLY B 921 -13.16 14.05 45.33
N PRO B 922 -12.98 13.95 44.00
CA PRO B 922 -11.63 13.67 43.49
C PRO B 922 -10.64 14.72 43.91
N LYS B 923 -11.12 15.90 44.28
CA LYS B 923 -10.21 16.99 44.61
C LYS B 923 -9.61 16.74 45.99
N ILE B 924 -10.44 16.30 46.94
CA ILE B 924 -9.92 15.81 48.22
C ILE B 924 -9.03 14.60 48.00
N ILE B 925 -9.38 13.76 47.03
CA ILE B 925 -8.55 12.58 46.75
C ILE B 925 -7.13 13.01 46.38
N ILE B 926 -6.99 14.01 45.50
CA ILE B 926 -5.65 14.44 45.10
C ILE B 926 -4.96 15.17 46.25
N VAL B 927 -5.72 15.94 47.05
CA VAL B 927 -5.11 16.63 48.18
C VAL B 927 -4.54 15.65 49.20
N LYS B 928 -5.17 14.47 49.36
CA LYS B 928 -4.63 13.50 50.30
C LYS B 928 -3.27 12.98 49.86
N ARG B 929 -2.93 13.15 48.59
CA ARG B 929 -1.58 12.88 48.11
C ARG B 929 -0.74 14.15 48.05
N MET B 930 -1.36 15.32 48.06
CA MET B 930 -0.66 16.59 48.21
C MET B 930 -0.06 16.77 49.59
N MET B 931 -0.62 16.08 50.60
CA MET B 931 -0.23 16.31 51.98
C MET B 931 1.25 16.01 52.23
N LYS B 932 1.89 15.21 51.37
CA LYS B 932 3.26 14.76 51.64
C LYS B 932 4.27 15.89 51.53
N ASP B 933 4.10 16.78 50.54
CA ASP B 933 5.12 17.80 50.28
C ASP B 933 5.24 18.80 51.44
N VAL B 934 4.16 19.01 52.17
CA VAL B 934 4.17 19.95 53.30
C VAL B 934 5.13 19.53 54.40
N PHE B 935 5.24 18.24 54.68
CA PHE B 935 6.09 17.75 55.78
C PHE B 935 7.52 18.24 55.64
N PHE B 936 7.99 18.40 54.40
CA PHE B 936 9.35 18.88 54.15
C PHE B 936 9.41 20.34 53.72
N PHE B 937 8.34 20.89 53.14
CA PHE B 937 8.38 22.32 52.88
C PHE B 937 8.35 23.09 54.20
N LEU B 938 7.81 22.47 55.25
CA LEU B 938 7.91 23.08 56.58
C LEU B 938 9.37 23.20 57.00
N PHE B 939 10.17 22.17 56.76
CA PHE B 939 11.59 22.26 57.07
C PHE B 939 12.31 23.18 56.09
N LEU B 940 11.69 23.46 54.95
CA LEU B 940 12.30 24.39 54.00
C LEU B 940 12.00 25.84 54.38
N LEU B 941 10.86 26.09 55.02
CA LEU B 941 10.38 27.42 55.38
C LEU B 941 10.70 27.82 56.83
N ALA B 942 10.22 27.04 57.79
CA ALA B 942 10.29 27.44 59.19
C ALA B 942 11.73 27.57 59.65
N VAL B 943 12.64 26.74 59.13
CA VAL B 943 14.02 26.80 59.60
C VAL B 943 14.65 28.13 59.24
N TRP B 944 14.42 28.63 58.01
CA TRP B 944 15.04 29.90 57.65
C TRP B 944 14.30 31.07 58.29
N VAL B 945 12.98 30.94 58.47
CA VAL B 945 12.25 31.99 59.18
C VAL B 945 12.79 32.14 60.59
N VAL B 946 12.99 31.01 61.29
CA VAL B 946 13.56 31.05 62.64
C VAL B 946 15.00 31.51 62.60
N SER B 947 15.75 31.16 61.54
CA SER B 947 17.13 31.59 61.44
C SER B 947 17.22 33.11 61.36
N PHE B 948 16.40 33.72 60.51
CA PHE B 948 16.41 35.17 60.39
C PHE B 948 15.85 35.84 61.64
N GLY B 949 14.91 35.17 62.32
CA GLY B 949 14.50 35.65 63.64
C GLY B 949 15.66 35.65 64.63
N VAL B 950 16.52 34.65 64.54
CA VAL B 950 17.72 34.59 65.37
C VAL B 950 18.66 35.75 65.06
N ALA B 951 18.86 36.03 63.77
CA ALA B 951 19.70 37.16 63.39
C ALA B 951 19.08 38.48 63.85
N LYS B 952 17.75 38.52 63.93
CA LYS B 952 17.08 39.74 64.42
C LYS B 952 17.50 40.04 65.85
N GLN B 953 17.55 39.01 66.71
CA GLN B 953 18.02 39.22 68.08
C GLN B 953 19.52 39.42 68.13
N ALA B 954 20.26 38.78 67.21
CA ALA B 954 21.70 38.97 67.17
C ALA B 954 22.07 40.40 66.81
N ILE B 955 21.21 41.07 66.04
CA ILE B 955 21.48 42.46 65.68
C ILE B 955 21.44 43.35 66.91
N LEU B 956 20.27 43.43 67.56
CA LEU B 956 20.03 43.90 68.95
C LEU B 956 21.34 44.05 69.72
N ILE B 957 21.65 43.14 70.65
CA ILE B 957 22.89 43.17 71.42
C ILE B 957 23.60 41.84 71.24
N HIS B 958 24.91 41.82 71.48
CA HIS B 958 25.68 40.58 71.31
C HIS B 958 25.48 39.63 72.48
N ASN B 959 25.88 40.06 73.68
CA ASN B 959 25.94 39.17 74.83
C ASN B 959 24.90 39.58 75.86
N GLU B 960 24.02 38.64 76.20
CA GLU B 960 23.00 38.85 77.21
C GLU B 960 22.61 37.47 77.74
N ARG B 961 22.14 37.45 78.98
CA ARG B 961 21.74 36.19 79.63
C ARG B 961 20.31 36.35 80.14
N ARG B 962 19.36 36.08 79.25
CA ARG B 962 17.93 36.11 79.58
C ARG B 962 17.25 34.99 78.79
N VAL B 963 17.13 33.82 79.41
CA VAL B 963 16.49 32.69 78.74
C VAL B 963 15.00 32.97 78.56
N ASP B 964 14.34 33.47 79.60
CA ASP B 964 12.90 33.70 79.54
C ASP B 964 12.57 34.90 78.66
N TRP B 965 13.31 36.00 78.81
CA TRP B 965 12.99 37.21 78.08
C TRP B 965 13.29 37.06 76.58
N LEU B 966 14.43 36.46 76.24
CA LEU B 966 14.78 36.31 74.84
C LEU B 966 13.82 35.37 74.12
N PHE B 967 13.19 34.44 74.86
CA PHE B 967 12.18 33.59 74.23
C PHE B 967 11.01 34.41 73.73
N ARG B 968 10.45 35.28 74.58
CA ARG B 968 9.35 36.14 74.16
C ARG B 968 9.78 37.11 73.07
N GLY B 969 10.99 37.67 73.20
CA GLY B 969 11.47 38.59 72.19
C GLY B 969 11.63 37.94 70.83
N ALA B 970 12.22 36.75 70.79
CA ALA B 970 12.39 36.04 69.53
C ALA B 970 11.05 35.59 68.97
N VAL B 971 10.11 35.20 69.83
CA VAL B 971 8.78 34.83 69.35
C VAL B 971 8.10 36.03 68.71
N TYR B 972 8.19 37.20 69.34
CA TYR B 972 7.61 38.41 68.75
C TYR B 972 8.28 38.78 67.44
N HIS B 973 9.61 38.66 67.38
CA HIS B 973 10.32 38.98 66.14
C HIS B 973 9.93 38.03 65.02
N SER B 974 9.83 36.73 65.32
CA SER B 974 9.42 35.76 64.31
C SER B 974 7.99 36.00 63.86
N TYR B 975 7.09 36.34 64.79
CA TYR B 975 5.72 36.64 64.42
C TYR B 975 5.65 37.87 63.52
N LEU B 976 6.43 38.90 63.84
CA LEU B 976 6.46 40.09 63.00
C LEU B 976 7.00 39.77 61.60
N THR B 977 8.04 38.94 61.54
CA THR B 977 8.60 38.56 60.24
C THR B 977 7.59 37.76 59.42
N ILE B 978 6.85 36.85 60.08
CA ILE B 978 5.84 36.07 59.38
C ILE B 978 4.71 36.96 58.88
N PHE B 979 4.27 37.91 59.72
CA PHE B 979 3.20 38.82 59.32
C PHE B 979 3.62 39.70 58.16
N GLY B 980 4.86 40.21 58.19
CA GLY B 980 5.37 41.07 57.14
C GLY B 980 5.59 40.34 55.82
N TYR B 1032 12.80 39.43 54.45
CA TYR B 1032 11.76 38.41 54.50
C TYR B 1032 10.99 38.34 53.18
N LEU B 1033 10.61 39.51 52.67
CA LEU B 1033 9.90 39.56 51.39
C LEU B 1033 10.77 39.05 50.26
N LEU B 1034 12.09 39.19 50.39
CA LEU B 1034 13.01 38.75 49.33
C LEU B 1034 12.97 37.24 49.17
N PHE B 1035 12.78 36.51 50.27
CA PHE B 1035 12.83 35.05 50.25
C PHE B 1035 11.45 34.40 50.21
N THR B 1036 10.44 35.07 50.79
CA THR B 1036 9.11 34.46 50.84
C THR B 1036 8.44 34.48 49.47
N ASN B 1037 8.24 35.68 48.91
CA ASN B 1037 7.45 35.79 47.69
C ASN B 1037 8.22 35.32 46.46
N ILE B 1038 9.55 35.41 46.50
CA ILE B 1038 10.35 35.19 45.29
C ILE B 1038 10.95 33.79 45.24
N LEU B 1039 11.68 33.39 46.28
CA LEU B 1039 12.40 32.11 46.21
C LEU B 1039 11.51 30.94 46.60
N LEU B 1040 10.73 31.08 47.68
CA LEU B 1040 9.98 29.95 48.21
C LEU B 1040 8.71 29.68 47.42
N LEU B 1041 8.08 30.75 46.91
CA LEU B 1041 6.75 30.62 46.32
C LEU B 1041 6.80 29.70 45.11
N ASN B 1042 7.84 29.81 44.30
CA ASN B 1042 7.89 29.02 43.07
C ASN B 1042 8.30 27.59 43.38
N LEU B 1043 9.12 27.40 44.40
CA LEU B 1043 9.37 26.06 44.92
C LEU B 1043 8.06 25.37 45.30
N LEU B 1044 7.22 26.07 46.06
CA LEU B 1044 5.92 25.54 46.43
C LEU B 1044 5.07 25.24 45.21
N ILE B 1045 4.92 26.23 44.33
CA ILE B 1045 4.05 26.10 43.17
C ILE B 1045 4.53 24.98 42.26
N ALA B 1046 5.84 24.81 42.14
CA ALA B 1046 6.40 23.76 41.28
C ALA B 1046 6.19 22.38 41.89
N MET B 1047 6.47 22.24 43.19
CA MET B 1047 6.23 20.96 43.85
C MET B 1047 4.76 20.57 43.73
N PHE B 1048 3.88 21.57 43.79
CA PHE B 1048 2.48 21.35 43.44
C PHE B 1048 2.30 20.88 42.01
N ASN B 1049 2.74 21.67 41.04
CA ASN B 1049 2.30 21.45 39.66
C ASN B 1049 2.91 20.19 39.05
N TYR B 1050 4.08 19.77 39.55
CA TYR B 1050 4.68 18.54 39.04
C TYR B 1050 3.77 17.34 39.25
N THR B 1051 3.20 17.22 40.45
CA THR B 1051 2.31 16.11 40.75
C THR B 1051 0.85 16.46 40.45
N PHE B 1052 0.57 17.73 40.14
CA PHE B 1052 -0.72 18.08 39.57
C PHE B 1052 -0.82 17.56 38.13
N GLN B 1053 0.24 17.74 37.35
CA GLN B 1053 0.23 17.30 35.98
C GLN B 1053 0.08 15.78 35.90
N GLN B 1054 -0.71 15.33 34.92
CA GLN B 1054 -0.94 13.95 34.53
C GLN B 1054 -1.84 13.17 35.50
N VAL B 1055 -2.63 13.84 36.35
CA VAL B 1055 -3.57 13.13 37.20
C VAL B 1055 -5.01 13.30 36.74
N GLN B 1056 -5.24 14.00 35.62
CA GLN B 1056 -6.61 14.27 35.18
C GLN B 1056 -7.35 12.99 34.84
N GLU B 1057 -6.64 12.00 34.27
CA GLU B 1057 -7.31 10.81 33.76
C GLU B 1057 -7.69 9.84 34.88
N HIS B 1058 -6.85 9.73 35.92
CA HIS B 1058 -6.99 8.60 36.84
C HIS B 1058 -7.82 8.96 38.07
N THR B 1059 -7.86 10.24 38.46
CA THR B 1059 -8.59 10.61 39.67
C THR B 1059 -10.07 10.32 39.54
N ASP B 1060 -10.64 10.55 38.34
CA ASP B 1060 -12.05 10.24 38.13
C ASP B 1060 -12.32 8.76 38.37
N GLN B 1061 -11.50 7.88 37.79
CA GLN B 1061 -11.68 6.45 37.98
C GLN B 1061 -11.54 6.08 39.45
N ILE B 1062 -10.53 6.63 40.13
CA ILE B 1062 -10.31 6.28 41.53
C ILE B 1062 -11.51 6.69 42.37
N TRP B 1063 -11.99 7.91 42.20
CA TRP B 1063 -13.11 8.39 43.01
C TRP B 1063 -14.39 7.62 42.71
N LYS B 1064 -14.66 7.35 41.44
CA LYS B 1064 -15.86 6.60 41.09
C LYS B 1064 -15.77 5.17 41.60
N PHE B 1065 -14.55 4.66 41.80
CA PHE B 1065 -14.39 3.36 42.44
C PHE B 1065 -14.66 3.46 43.94
N GLN B 1066 -14.14 4.51 44.59
CA GLN B 1066 -14.29 4.63 46.04
C GLN B 1066 -15.70 5.00 46.47
N ARG B 1067 -16.55 5.44 45.54
CA ARG B 1067 -17.91 5.85 45.92
C ARG B 1067 -18.70 4.68 46.53
N HIS B 1068 -18.52 3.47 45.99
CA HIS B 1068 -19.41 2.37 46.34
C HIS B 1068 -19.29 1.97 47.81
N ASP B 1069 -18.09 2.05 48.38
CA ASP B 1069 -17.94 1.64 49.77
C ASP B 1069 -18.78 2.52 50.69
N LEU B 1070 -18.73 3.83 50.49
CA LEU B 1070 -19.56 4.73 51.27
C LEU B 1070 -21.04 4.50 51.00
N ILE B 1071 -21.39 4.27 49.73
CA ILE B 1071 -22.81 4.04 49.40
C ILE B 1071 -23.33 2.82 50.14
N GLU B 1072 -22.59 1.71 50.11
CA GLU B 1072 -23.01 0.49 50.78
C GLU B 1072 -23.03 0.67 52.30
N GLU B 1073 -22.04 1.39 52.84
CA GLU B 1073 -22.02 1.64 54.28
C GLU B 1073 -23.26 2.38 54.72
N TYR B 1074 -23.62 3.46 54.01
CA TYR B 1074 -24.78 4.24 54.43
C TYR B 1074 -26.09 3.52 54.10
N HIS B 1075 -26.07 2.61 53.14
CA HIS B 1075 -27.22 1.74 52.94
C HIS B 1075 -27.41 0.81 54.14
N GLY B 1076 -26.31 0.28 54.66
CA GLY B 1076 -26.37 -0.58 55.84
C GLY B 1076 -26.55 0.16 57.15
N ARG B 1077 -26.40 1.48 57.15
CA ARG B 1077 -26.57 2.29 58.35
C ARG B 1077 -28.03 2.27 58.81
N PRO B 1078 -28.29 2.48 60.11
CA PRO B 1078 -29.68 2.61 60.57
C PRO B 1078 -30.34 3.87 60.08
N ALA B 1079 -31.67 3.93 60.14
CA ALA B 1079 -32.44 5.03 59.59
C ALA B 1079 -32.76 6.11 60.62
N ALA B 1080 -31.89 6.31 61.61
CA ALA B 1080 -32.17 7.30 62.65
C ALA B 1080 -31.02 8.29 62.79
N PRO B 1081 -31.32 9.53 63.17
CA PRO B 1081 -30.25 10.52 63.40
C PRO B 1081 -29.36 10.10 64.55
N PRO B 1082 -28.08 10.45 64.51
CA PRO B 1082 -27.15 10.05 65.59
C PRO B 1082 -27.62 10.50 66.97
N PRO B 1083 -28.21 11.72 67.12
CA PRO B 1083 -28.71 12.09 68.45
C PRO B 1083 -29.74 11.12 69.02
N PHE B 1084 -30.59 10.58 68.15
CA PHE B 1084 -31.69 9.73 68.59
C PHE B 1084 -31.48 8.26 68.27
N ILE B 1085 -30.44 7.91 67.52
CA ILE B 1085 -30.25 6.55 67.00
C ILE B 1085 -30.23 5.49 68.10
N LEU B 1086 -30.23 5.90 69.36
CA LEU B 1086 -30.26 4.93 70.46
C LEU B 1086 -31.52 4.09 70.45
N LEU B 1087 -32.63 4.57 69.87
CA LEU B 1087 -33.85 3.76 69.87
C LEU B 1087 -33.64 2.48 69.08
N SER B 1088 -32.93 2.56 67.96
CA SER B 1088 -32.58 1.38 67.18
C SER B 1088 -31.37 0.65 67.74
N HIS B 1089 -30.44 1.36 68.39
CA HIS B 1089 -29.33 0.66 69.03
C HIS B 1089 -29.81 -0.23 70.18
N LEU B 1090 -30.92 0.12 70.83
CA LEU B 1090 -31.51 -0.72 71.86
C LEU B 1090 -32.57 -1.65 71.30
N GLN B 1091 -32.86 -1.56 69.99
CA GLN B 1091 -33.87 -2.41 69.36
C GLN B 1091 -33.29 -3.48 68.46
N LEU B 1092 -32.02 -3.35 68.05
CA LEU B 1092 -31.38 -4.35 67.21
C LEU B 1092 -30.78 -5.50 68.02
N PHE B 1093 -31.28 -5.72 69.24
CA PHE B 1093 -30.84 -6.82 70.08
C PHE B 1093 -31.84 -7.97 70.15
N ILE B 1094 -33.13 -7.67 70.15
CA ILE B 1094 -34.15 -8.71 70.23
C ILE B 1094 -34.15 -9.57 68.96
N LYS B 1095 -33.87 -8.97 67.81
CA LYS B 1095 -33.82 -9.75 66.57
C LYS B 1095 -32.69 -10.78 66.62
N ARG B 1096 -31.53 -10.39 67.15
CA ARG B 1096 -30.43 -11.35 67.29
C ARG B 1096 -30.71 -12.37 68.39
N VAL B 1097 -31.37 -11.95 69.47
CA VAL B 1097 -31.66 -12.86 70.56
C VAL B 1097 -32.64 -13.94 70.11
N VAL B 1098 -33.68 -13.56 69.38
CA VAL B 1098 -34.67 -14.50 68.91
C VAL B 1098 -35.29 -14.01 67.61
N ARG B 1105 -27.18 -10.05 53.96
CA ARG B 1105 -27.02 -9.03 52.94
C ARG B 1105 -28.39 -8.50 52.53
N HIS B 1106 -28.42 -7.29 51.96
CA HIS B 1106 -29.65 -6.62 51.59
C HIS B 1106 -30.00 -6.93 50.14
N LYS B 1107 -31.27 -6.73 49.79
CA LYS B 1107 -31.79 -7.05 48.46
C LYS B 1107 -31.57 -5.93 47.45
N GLN B 1108 -30.96 -4.82 47.86
CA GLN B 1108 -30.71 -3.71 46.94
C GLN B 1108 -29.52 -3.95 46.01
N LEU B 1109 -28.42 -4.47 46.54
CA LEU B 1109 -27.22 -4.72 45.74
C LEU B 1109 -27.00 -6.20 45.43
N LYS B 1110 -27.82 -7.09 45.99
CA LYS B 1110 -27.63 -8.52 45.79
C LYS B 1110 -28.95 -9.21 46.06
N ASN B 1111 -29.56 -9.79 45.02
CA ASN B 1111 -30.87 -10.41 45.16
C ASN B 1111 -30.98 -11.60 44.21
N LYS B 1112 -31.96 -12.45 44.50
CA LYS B 1112 -32.25 -13.63 43.68
C LYS B 1112 -33.44 -13.34 42.77
N LEU B 1113 -33.29 -13.63 41.50
CA LEU B 1113 -34.37 -13.49 40.54
C LEU B 1113 -35.10 -14.83 40.38
N GLU B 1114 -36.25 -14.80 39.69
CA GLU B 1114 -37.03 -16.00 39.43
C GLU B 1114 -36.45 -16.65 38.18
N LYS B 1115 -36.36 -17.98 38.20
CA LYS B 1115 -35.63 -18.74 37.17
C LYS B 1115 -36.23 -18.57 35.78
N ASN B 1116 -37.56 -18.53 35.69
CA ASN B 1116 -38.22 -18.41 34.39
C ASN B 1116 -37.84 -17.09 33.73
N GLU B 1117 -37.83 -16.01 34.51
CA GLU B 1117 -37.39 -14.72 33.99
C GLU B 1117 -35.89 -14.69 33.73
N GLU B 1118 -35.11 -15.37 34.58
CA GLU B 1118 -33.66 -15.40 34.40
C GLU B 1118 -33.28 -16.07 33.09
N ALA B 1119 -34.04 -17.09 32.67
CA ALA B 1119 -33.77 -17.73 31.39
C ALA B 1119 -33.91 -16.74 30.23
N ALA B 1120 -34.98 -15.94 30.24
CA ALA B 1120 -35.16 -14.93 29.21
C ALA B 1120 -34.06 -13.88 29.27
N LEU B 1121 -33.66 -13.49 30.49
CA LEU B 1121 -32.59 -12.52 30.63
C LEU B 1121 -31.29 -13.05 30.04
N LEU B 1122 -30.98 -14.32 30.32
CA LEU B 1122 -29.76 -14.93 29.79
C LEU B 1122 -29.81 -15.04 28.27
N SER B 1123 -30.99 -15.36 27.71
CA SER B 1123 -31.09 -15.41 26.25
C SER B 1123 -30.89 -14.03 25.63
N TRP B 1124 -31.44 -12.99 26.27
CA TRP B 1124 -31.21 -11.62 25.80
C TRP B 1124 -29.73 -11.28 25.85
N GLU B 1125 -29.06 -11.68 26.93
CA GLU B 1125 -27.62 -11.46 27.05
C GLU B 1125 -26.86 -12.20 25.96
N ILE B 1126 -27.27 -13.42 25.64
CA ILE B 1126 -26.61 -14.19 24.59
C ILE B 1126 -26.73 -13.50 23.25
N TYR B 1127 -27.94 -13.01 22.93
CA TYR B 1127 -28.15 -12.30 21.69
C TYR B 1127 -27.26 -11.05 21.61
N LEU B 1128 -27.21 -10.28 22.70
CA LEU B 1128 -26.40 -9.07 22.68
C LEU B 1128 -24.91 -9.36 22.63
N LYS B 1129 -24.46 -10.44 23.27
CA LYS B 1129 -23.06 -10.84 23.16
C LYS B 1129 -22.72 -11.21 21.72
N GLU B 1130 -23.60 -11.96 21.06
CA GLU B 1130 -23.35 -12.32 19.67
C GLU B 1130 -23.26 -11.07 18.80
N ASN B 1131 -24.18 -10.13 19.01
CA ASN B 1131 -24.13 -8.87 18.25
C ASN B 1131 -22.82 -8.13 18.51
N TYR B 1132 -22.40 -8.05 19.78
CA TYR B 1132 -21.19 -7.32 20.12
C TYR B 1132 -19.95 -7.96 19.50
N LEU B 1133 -19.83 -9.28 19.59
CA LEU B 1133 -18.68 -9.96 18.99
C LEU B 1133 -18.64 -9.76 17.48
N GLN B 1134 -19.82 -9.84 16.84
CA GLN B 1134 -19.90 -9.69 15.40
C GLN B 1134 -19.47 -8.29 14.98
N ASN B 1135 -20.00 -7.26 15.64
CA ASN B 1135 -19.61 -5.89 15.35
C ASN B 1135 -18.14 -5.67 15.64
N ARG B 1136 -17.62 -6.24 16.74
CA ARG B 1136 -16.23 -6.05 17.10
C ARG B 1136 -15.30 -6.59 16.03
N GLN B 1137 -15.54 -7.82 15.55
CA GLN B 1137 -14.67 -8.36 14.51
C GLN B 1137 -14.83 -7.61 13.19
N PHE B 1138 -16.07 -7.25 12.84
CA PHE B 1138 -16.29 -6.48 11.61
C PHE B 1138 -15.57 -5.15 11.65
N GLN B 1139 -15.52 -4.50 12.82
CA GLN B 1139 -14.89 -3.19 12.91
C GLN B 1139 -13.38 -3.30 13.05
N GLN B 1140 -12.87 -4.39 13.63
CA GLN B 1140 -11.42 -4.51 13.75
C GLN B 1140 -10.77 -4.95 12.46
N LYS B 1141 -11.51 -5.60 11.54
CA LYS B 1141 -10.89 -5.96 10.28
C LYS B 1141 -10.60 -4.72 9.43
N GLN B 1142 -11.20 -3.57 9.76
CA GLN B 1142 -11.09 -2.35 8.97
C GLN B 1142 -9.92 -1.46 9.38
N ARG B 1143 -9.06 -1.93 10.29
CA ARG B 1143 -7.90 -1.13 10.66
C ARG B 1143 -6.97 -0.96 9.46
N PRO B 1144 -6.34 0.22 9.31
CA PRO B 1144 -5.43 0.41 8.16
C PRO B 1144 -4.26 -0.55 8.16
N GLU B 1145 -3.70 -0.87 9.33
CA GLU B 1145 -2.62 -1.85 9.38
C GLU B 1145 -3.10 -3.22 8.95
N GLN B 1146 -4.30 -3.60 9.37
CA GLN B 1146 -4.87 -4.88 8.94
C GLN B 1146 -5.13 -4.90 7.44
N LYS B 1147 -5.59 -3.78 6.88
CA LYS B 1147 -5.79 -3.69 5.44
C LYS B 1147 -4.49 -3.80 4.65
N ILE B 1148 -3.43 -3.14 5.10
CA ILE B 1148 -2.12 -3.27 4.49
C ILE B 1148 -1.61 -4.70 4.56
N GLU B 1149 -1.78 -5.35 5.72
CA GLU B 1149 -1.39 -6.75 5.85
C GLU B 1149 -2.21 -7.64 4.92
N ASP B 1150 -3.49 -7.34 4.76
CA ASP B 1150 -4.33 -8.09 3.84
C ASP B 1150 -3.85 -7.96 2.40
N ILE B 1151 -3.48 -6.74 2.00
CA ILE B 1151 -2.93 -6.54 0.65
C ILE B 1151 -1.64 -7.32 0.49
N SER B 1152 -0.76 -7.27 1.50
CA SER B 1152 0.51 -7.98 1.42
C SER B 1152 0.31 -9.49 1.32
N ASN B 1153 -0.67 -10.02 2.06
CA ASN B 1153 -0.95 -11.45 1.98
C ASN B 1153 -1.59 -11.82 0.65
N LYS B 1154 -2.44 -10.94 0.10
CA LYS B 1154 -3.09 -11.24 -1.16
C LYS B 1154 -2.12 -11.22 -2.33
N VAL B 1155 -1.10 -10.37 -2.27
CA VAL B 1155 -0.17 -10.31 -3.40
C VAL B 1155 0.76 -11.51 -3.45
N ASP B 1156 0.99 -12.20 -2.33
CA ASP B 1156 1.97 -13.28 -2.31
C ASP B 1156 1.50 -14.51 -3.07
N ALA B 1157 0.26 -14.95 -2.83
CA ALA B 1157 -0.26 -16.08 -3.58
C ALA B 1157 -0.32 -15.77 -5.08
N MET B 1158 -0.54 -14.51 -5.41
CA MET B 1158 -0.61 -14.10 -6.81
C MET B 1158 0.77 -14.09 -7.46
N VAL B 1159 1.79 -13.70 -6.70
CA VAL B 1159 3.17 -13.86 -7.16
C VAL B 1159 3.49 -15.33 -7.38
N ASP B 1160 3.04 -16.19 -6.46
CA ASP B 1160 3.26 -17.63 -6.62
C ASP B 1160 2.57 -18.14 -7.89
N LEU B 1161 1.35 -17.68 -8.15
CA LEU B 1161 0.62 -18.07 -9.35
C LEU B 1161 1.35 -17.64 -10.61
N LEU B 1162 1.85 -16.39 -10.64
CA LEU B 1162 2.58 -15.95 -11.84
C LEU B 1162 3.92 -16.64 -11.99
N ASP B 1163 4.56 -17.03 -10.89
CA ASP B 1163 5.85 -17.71 -10.99
C ASP B 1163 5.70 -19.17 -11.42
N LEU B 1164 4.63 -19.84 -10.97
CA LEU B 1164 4.46 -21.25 -11.29
C LEU B 1164 4.13 -21.46 -12.77
N ASP B 1165 3.28 -20.62 -13.34
CA ASP B 1165 2.87 -20.76 -14.73
C ASP B 1165 4.02 -20.45 -15.68
N GLY B 1235 -1.41 -54.76 -19.11
CA GLY B 1235 -1.86 -55.40 -17.89
C GLY B 1235 -2.17 -56.87 -18.06
N ASP B 1236 -1.12 -57.70 -18.06
CA ASP B 1236 -1.29 -59.13 -18.21
C ASP B 1236 -1.90 -59.74 -16.95
N SER B 1237 -2.56 -60.88 -17.11
CA SER B 1237 -3.22 -61.57 -16.01
C SER B 1237 -2.38 -62.70 -15.43
N TYR B 1238 -1.10 -62.79 -15.78
CA TYR B 1238 -0.26 -63.85 -15.26
C TYR B 1238 -0.04 -63.67 -13.76
N HIS B 1239 0.34 -64.77 -13.10
CA HIS B 1239 0.56 -64.75 -11.66
C HIS B 1239 1.66 -63.76 -11.30
N VAL B 1240 1.43 -63.00 -10.25
CA VAL B 1240 2.33 -61.93 -9.81
C VAL B 1240 2.91 -62.23 -8.43
N ASN B 1241 2.05 -62.60 -7.47
CA ASN B 1241 2.52 -62.91 -6.13
C ASN B 1241 3.48 -64.09 -6.16
N ALA B 1242 3.17 -65.11 -6.95
CA ALA B 1242 4.03 -66.29 -7.02
C ALA B 1242 5.38 -65.95 -7.64
N ARG B 1243 5.51 -64.78 -8.25
CA ARG B 1243 6.76 -64.40 -8.92
C ARG B 1243 7.62 -63.44 -8.12
N HIS B 1244 7.27 -63.14 -6.86
CA HIS B 1244 8.04 -62.17 -6.11
C HIS B 1244 9.40 -62.75 -5.72
N LEU B 1245 10.38 -61.85 -5.55
CA LEU B 1245 11.69 -62.26 -5.06
C LEU B 1245 11.61 -62.67 -3.60
N LEU B 1246 12.69 -63.27 -3.10
CA LEU B 1246 12.78 -63.69 -1.70
C LEU B 1246 11.67 -64.68 -1.35
N TYR B 1247 11.77 -65.89 -1.90
CA TYR B 1247 10.87 -66.98 -1.50
C TYR B 1247 10.70 -67.00 0.02
N PRO B 1248 9.47 -67.15 0.51
CA PRO B 1248 9.22 -66.97 1.95
C PRO B 1248 9.99 -67.98 2.79
N ASN B 1249 10.65 -67.48 3.84
CA ASN B 1249 11.36 -68.29 4.83
C ASN B 1249 12.40 -69.19 4.17
N CYS B 1250 13.03 -68.73 3.09
CA CYS B 1250 14.05 -69.48 2.40
C CYS B 1250 15.23 -68.56 2.12
N PRO B 1251 16.42 -68.86 2.65
CA PRO B 1251 17.55 -67.93 2.47
C PRO B 1251 17.94 -67.70 1.01
N VAL B 1252 17.81 -68.72 0.16
CA VAL B 1252 18.18 -68.54 -1.25
C VAL B 1252 17.06 -67.79 -1.97
N THR B 1253 17.45 -66.87 -2.84
CA THR B 1253 16.51 -66.04 -3.57
C THR B 1253 16.21 -66.67 -4.92
N ARG B 1254 14.95 -66.63 -5.33
CA ARG B 1254 14.54 -67.21 -6.59
C ARG B 1254 15.00 -66.34 -7.75
N PHE B 1255 15.37 -66.99 -8.85
CA PHE B 1255 15.90 -66.28 -10.01
C PHE B 1255 14.81 -65.40 -10.62
N PRO B 1256 15.13 -64.16 -11.02
CA PRO B 1256 14.08 -63.26 -11.51
C PRO B 1256 13.59 -63.67 -12.89
N VAL B 1257 12.28 -63.88 -12.99
CA VAL B 1257 11.65 -64.17 -14.27
C VAL B 1257 10.70 -63.02 -14.63
N PRO B 1258 10.96 -62.28 -15.71
CA PRO B 1258 10.05 -61.20 -16.09
C PRO B 1258 8.75 -61.74 -16.65
N ASN B 1259 7.75 -60.85 -16.70
CA ASN B 1259 6.43 -61.24 -17.20
C ASN B 1259 6.48 -61.55 -18.70
N GLU B 1260 7.48 -61.01 -19.40
CA GLU B 1260 7.58 -61.24 -20.84
C GLU B 1260 7.83 -62.71 -21.15
N LYS B 1261 8.71 -63.35 -20.37
CA LYS B 1261 9.10 -64.73 -20.62
C LYS B 1261 8.58 -65.70 -19.56
N VAL B 1262 7.56 -65.31 -18.79
CA VAL B 1262 7.03 -66.21 -17.77
C VAL B 1262 6.45 -67.51 -18.35
N PRO B 1263 5.73 -67.52 -19.48
CA PRO B 1263 5.20 -68.79 -19.96
C PRO B 1263 6.30 -69.72 -20.43
N TRP B 1264 6.05 -71.03 -20.31
CA TRP B 1264 7.04 -72.02 -20.69
C TRP B 1264 7.31 -71.98 -22.20
N GLU B 1265 6.26 -71.76 -23.00
CA GLU B 1265 6.42 -71.80 -24.45
C GLU B 1265 7.25 -70.62 -24.96
N THR B 1266 7.23 -69.50 -24.25
CA THR B 1266 7.93 -68.31 -24.70
C THR B 1266 9.44 -68.54 -24.70
N GLU B 1267 10.12 -67.84 -25.61
CA GLU B 1267 11.57 -67.99 -25.75
C GLU B 1267 12.27 -67.48 -24.49
N PHE B 1268 13.27 -68.24 -24.04
CA PHE B 1268 14.02 -67.91 -22.84
C PHE B 1268 15.33 -68.68 -22.90
N LEU B 1269 16.43 -68.04 -22.47
CA LEU B 1269 17.76 -68.57 -22.74
C LEU B 1269 18.71 -68.54 -21.55
N ILE B 1270 18.34 -67.91 -20.44
CA ILE B 1270 19.22 -67.70 -19.31
C ILE B 1270 18.82 -68.51 -18.08
N TYR B 1271 18.03 -69.57 -18.26
CA TYR B 1271 17.43 -70.28 -17.14
C TYR B 1271 18.49 -70.95 -16.28
N ASP B 1272 18.65 -70.44 -15.06
CA ASP B 1272 19.58 -71.02 -14.09
C ASP B 1272 19.09 -70.72 -12.68
N PRO B 1273 18.00 -71.36 -12.26
CA PRO B 1273 17.52 -71.17 -10.89
C PRO B 1273 18.15 -72.17 -9.94
N PRO B 1274 18.42 -71.78 -8.71
CA PRO B 1274 18.89 -72.75 -7.71
C PRO B 1274 17.82 -73.80 -7.46
N PHE B 1275 18.25 -75.04 -7.27
CA PHE B 1275 17.31 -76.12 -7.00
C PHE B 1275 16.63 -75.90 -5.66
N TYR B 1276 15.33 -75.61 -5.70
CA TYR B 1276 14.59 -75.35 -4.48
C TYR B 1276 14.53 -76.60 -3.61
N THR B 1277 14.87 -76.45 -2.33
CA THR B 1277 14.92 -77.55 -1.39
C THR B 1277 14.07 -77.21 -0.19
N ALA B 1278 13.12 -78.08 0.12
CA ALA B 1278 12.32 -77.94 1.34
C ALA B 1278 13.15 -78.31 2.55
N GLU B 1279 12.74 -77.79 3.72
CA GLU B 1279 13.46 -78.08 4.95
C GLU B 1279 13.43 -79.57 5.28
N ARG B 1280 12.26 -80.20 5.14
CA ARG B 1280 12.11 -81.64 5.40
C ARG B 1280 11.21 -82.21 4.30
N LYS B 1281 11.83 -82.69 3.22
CA LYS B 1281 11.06 -83.27 2.12
C LYS B 1281 10.75 -84.74 2.35
N ASP B 1282 11.49 -85.39 3.25
CA ASP B 1282 11.27 -86.81 3.51
C ASP B 1282 9.95 -87.07 4.22
N ALA B 1283 9.60 -86.20 5.17
CA ALA B 1283 8.38 -86.39 5.96
C ALA B 1283 7.12 -85.98 5.22
N ALA B 1284 7.21 -85.67 3.92
CA ALA B 1284 6.06 -85.17 3.19
C ALA B 1284 5.07 -86.29 2.84
N ALA B 1285 5.50 -87.55 3.00
CA ALA B 1285 4.77 -88.77 2.62
C ALA B 1285 4.62 -88.86 1.10
N MET B 1286 5.21 -87.94 0.34
CA MET B 1286 5.25 -88.01 -1.11
C MET B 1286 6.71 -88.12 -1.53
N ASP B 1287 7.00 -87.99 -2.82
CA ASP B 1287 8.37 -88.17 -3.30
C ASP B 1287 9.29 -87.14 -2.66
N PRO B 1288 10.35 -87.57 -1.96
CA PRO B 1288 11.23 -86.62 -1.28
C PRO B 1288 12.24 -85.99 -2.23
N MET B 1289 12.12 -86.28 -3.52
CA MET B 1289 13.16 -85.96 -4.50
C MET B 1289 13.15 -84.45 -4.76
N GLY B 1290 13.87 -83.71 -3.92
CA GLY B 1290 14.13 -82.31 -4.23
C GLY B 1290 14.97 -82.16 -5.47
N ASP B 1291 15.96 -83.04 -5.64
CA ASP B 1291 16.73 -83.14 -6.87
C ASP B 1291 16.26 -84.34 -7.66
N THR B 1292 16.15 -84.16 -8.99
CA THR B 1292 15.59 -85.18 -9.86
C THR B 1292 16.65 -86.14 -10.40
N LEU B 1293 17.76 -86.32 -9.68
CA LEU B 1293 18.78 -87.26 -10.13
C LEU B 1293 18.25 -88.68 -10.15
N GLU B 1294 17.49 -89.07 -9.12
CA GLU B 1294 16.89 -90.39 -9.05
C GLU B 1294 15.39 -90.28 -9.21
N PRO B 1295 14.82 -90.68 -10.35
CA PRO B 1295 13.36 -90.57 -10.55
C PRO B 1295 12.60 -91.68 -9.83
N LEU B 1296 12.64 -91.65 -8.50
CA LEU B 1296 11.95 -92.65 -7.71
C LEU B 1296 10.43 -92.47 -7.80
N SER B 1297 9.98 -91.24 -8.03
CA SER B 1297 8.55 -90.97 -8.11
C SER B 1297 7.95 -91.59 -9.37
N THR B 1298 6.77 -92.19 -9.20
CA THR B 1298 6.00 -92.73 -10.31
C THR B 1298 4.60 -92.11 -10.25
N ILE B 1299 4.46 -90.95 -10.87
CA ILE B 1299 3.22 -90.18 -10.82
C ILE B 1299 2.36 -90.55 -12.02
N GLN B 1300 1.14 -91.01 -11.75
CA GLN B 1300 0.18 -91.33 -12.81
C GLN B 1300 -0.44 -90.01 -13.29
N TYR B 1301 0.21 -89.44 -14.30
CA TYR B 1301 -0.23 -88.15 -14.83
C TYR B 1301 -1.65 -88.25 -15.38
N ASN B 1302 -2.49 -87.27 -15.03
CA ASN B 1302 -3.90 -87.21 -15.38
C ASN B 1302 -4.71 -88.37 -14.82
N VAL B 1303 -4.16 -89.11 -13.86
CA VAL B 1303 -4.85 -90.24 -13.24
C VAL B 1303 -4.67 -90.17 -11.73
N VAL B 1304 -5.53 -90.89 -11.01
CA VAL B 1304 -5.42 -90.95 -9.57
C VAL B 1304 -4.33 -91.94 -9.17
N ASP B 1305 -3.44 -91.50 -8.28
CA ASP B 1305 -2.33 -92.33 -7.81
C ASP B 1305 -2.51 -92.77 -6.36
N GLY B 1306 -3.75 -92.79 -5.87
CA GLY B 1306 -4.01 -93.26 -4.52
C GLY B 1306 -3.85 -92.19 -3.46
N LEU B 1307 -2.85 -92.36 -2.60
CA LEU B 1307 -2.63 -91.41 -1.51
C LEU B 1307 -2.28 -90.02 -2.03
N ARG B 1308 -1.43 -89.96 -3.05
CA ARG B 1308 -1.00 -88.69 -3.64
C ARG B 1308 -1.80 -88.43 -4.92
N ASP B 1309 -2.58 -87.36 -4.92
CA ASP B 1309 -3.38 -87.03 -6.10
C ASP B 1309 -2.48 -86.50 -7.21
N ARG B 1310 -2.77 -86.94 -8.44
CA ARG B 1310 -2.03 -86.50 -9.62
C ARG B 1310 -2.99 -86.02 -10.70
N ARG B 1311 -4.22 -85.69 -10.31
CA ARG B 1311 -5.26 -85.22 -11.20
C ARG B 1311 -5.54 -83.76 -10.90
N SER B 1312 -5.42 -82.91 -11.92
CA SER B 1312 -5.51 -81.47 -11.75
C SER B 1312 -6.79 -80.94 -12.40
N PHE B 1313 -7.35 -79.90 -11.79
CA PHE B 1313 -8.59 -79.31 -12.31
C PHE B 1313 -8.31 -78.56 -13.62
N HIS B 1314 -7.10 -78.00 -13.76
CA HIS B 1314 -6.77 -77.26 -14.97
C HIS B 1314 -6.82 -78.15 -16.20
N GLY B 1315 -6.27 -79.36 -16.10
CA GLY B 1315 -6.26 -80.30 -17.18
C GLY B 1315 -4.89 -80.87 -17.43
N PRO B 1316 -4.72 -81.58 -18.54
CA PRO B 1316 -3.41 -82.16 -18.90
C PRO B 1316 -2.36 -81.08 -19.03
N TYR B 1317 -1.38 -81.09 -18.13
CA TYR B 1317 -0.28 -80.14 -18.20
C TYR B 1317 0.93 -80.78 -18.86
N THR B 1318 1.84 -79.93 -19.33
CA THR B 1318 3.04 -80.41 -19.99
C THR B 1318 3.99 -81.05 -19.00
N VAL B 1319 4.58 -82.17 -19.38
CA VAL B 1319 5.50 -82.93 -18.53
C VAL B 1319 6.82 -83.08 -19.27
N GLN B 1320 7.92 -82.83 -18.57
CA GLN B 1320 9.25 -82.93 -19.16
C GLN B 1320 10.25 -83.32 -18.09
N ALA B 1321 11.13 -84.26 -18.43
CA ALA B 1321 12.23 -84.73 -17.60
C ALA B 1321 11.79 -85.29 -16.26
N GLY B 1322 10.54 -85.72 -16.14
CA GLY B 1322 10.03 -86.27 -14.91
C GLY B 1322 9.58 -85.24 -13.88
N LEU B 1323 9.77 -83.96 -14.17
CA LEU B 1323 9.37 -82.88 -13.28
C LEU B 1323 8.10 -82.23 -13.83
N PRO B 1324 7.00 -82.24 -13.09
CA PRO B 1324 5.78 -81.59 -13.59
C PRO B 1324 5.99 -80.09 -13.78
N LEU B 1325 5.66 -79.62 -14.98
CA LEU B 1325 5.82 -78.21 -15.29
C LEU B 1325 4.61 -77.42 -14.82
N ASN B 1326 4.85 -76.25 -14.26
CA ASN B 1326 3.76 -75.42 -13.78
C ASN B 1326 2.95 -74.91 -14.98
N PRO B 1327 1.66 -75.21 -15.04
CA PRO B 1327 0.87 -74.80 -16.23
C PRO B 1327 0.80 -73.30 -16.42
N MET B 1328 0.79 -72.52 -15.34
CA MET B 1328 0.69 -71.07 -15.46
C MET B 1328 1.92 -70.49 -16.16
N GLY B 1329 3.12 -70.97 -15.81
CA GLY B 1329 4.32 -70.49 -16.43
C GLY B 1329 5.53 -70.78 -15.57
N ARG B 1330 6.63 -70.08 -15.88
CA ARG B 1330 7.88 -70.22 -15.14
C ARG B 1330 7.83 -69.26 -13.95
N THR B 1331 7.68 -69.82 -12.75
CA THR B 1331 7.66 -68.98 -11.55
C THR B 1331 9.04 -68.45 -11.22
N GLY B 1332 10.08 -69.12 -11.69
CA GLY B 1332 11.46 -68.72 -11.44
C GLY B 1332 12.24 -69.64 -10.53
N LEU B 1333 11.56 -70.54 -9.81
CA LEU B 1333 12.23 -71.47 -8.91
C LEU B 1333 11.69 -72.87 -9.14
N ARG B 1334 12.59 -73.83 -9.31
CA ARG B 1334 12.23 -75.23 -9.51
C ARG B 1334 12.87 -76.10 -8.44
N GLY B 1335 12.10 -77.00 -7.85
CA GLY B 1335 12.61 -77.88 -6.82
C GLY B 1335 11.47 -78.46 -6.00
N ARG B 1336 11.82 -78.88 -4.78
CA ARG B 1336 10.84 -79.49 -3.89
C ARG B 1336 9.74 -78.50 -3.54
N GLY B 1337 10.11 -77.33 -3.06
CA GLY B 1337 9.12 -76.32 -2.71
C GLY B 1337 8.50 -76.55 -1.34
N SER B 1338 7.81 -75.54 -0.84
CA SER B 1338 7.14 -75.66 0.45
C SER B 1338 5.92 -76.56 0.37
N LEU B 1339 5.39 -76.79 -0.83
CA LEU B 1339 4.25 -77.66 -0.99
C LEU B 1339 4.60 -79.08 -0.59
N SER B 1340 3.62 -79.78 -0.02
CA SER B 1340 3.88 -81.10 0.54
C SER B 1340 4.32 -82.10 -0.52
N CYS B 1341 3.57 -82.23 -1.60
CA CYS B 1341 3.80 -83.30 -2.57
C CYS B 1341 4.50 -82.76 -3.81
N PHE B 1342 5.37 -83.59 -4.39
CA PHE B 1342 5.98 -83.24 -5.67
C PHE B 1342 4.91 -83.18 -6.75
N GLY B 1343 4.70 -81.99 -7.30
CA GLY B 1343 3.64 -81.77 -8.26
C GLY B 1343 2.45 -81.06 -7.66
N PRO B 1344 1.33 -81.04 -8.38
CA PRO B 1344 0.16 -80.28 -7.93
C PRO B 1344 -0.40 -80.81 -6.62
N ASN B 1345 -0.89 -79.90 -5.78
CA ASN B 1345 -1.51 -80.22 -4.51
C ASN B 1345 -2.94 -79.70 -4.52
N HIS B 1346 -3.90 -80.57 -4.23
CA HIS B 1346 -5.30 -80.19 -4.25
C HIS B 1346 -5.74 -79.63 -2.91
N THR B 1347 -6.65 -78.65 -2.96
CA THR B 1347 -7.25 -78.10 -1.75
C THR B 1347 -8.65 -77.59 -2.08
N LEU B 1348 -9.44 -77.42 -1.02
CA LEU B 1348 -10.75 -76.81 -1.13
C LEU B 1348 -10.87 -75.74 -0.07
N TYR B 1349 -11.36 -74.57 -0.46
CA TYR B 1349 -11.53 -73.46 0.45
C TYR B 1349 -13.02 -73.19 0.65
N PRO B 1350 -13.59 -73.60 1.78
CA PRO B 1350 -15.01 -73.35 2.01
C PRO B 1350 -15.26 -71.94 2.54
N MET B 1351 -16.40 -71.36 2.19
CA MET B 1351 -16.75 -70.01 2.59
C MET B 1351 -18.23 -69.96 2.92
N VAL B 1352 -18.56 -69.30 4.03
CA VAL B 1352 -19.95 -69.11 4.45
C VAL B 1352 -20.31 -67.65 4.23
N THR B 1353 -21.29 -67.41 3.38
CA THR B 1353 -21.68 -66.07 2.96
C THR B 1353 -23.14 -65.85 3.32
N ARG B 1354 -23.41 -64.72 3.98
CA ARG B 1354 -24.78 -64.31 4.25
C ARG B 1354 -24.87 -62.80 4.13
N TRP B 1355 -26.06 -62.29 3.86
CA TRP B 1355 -26.23 -60.84 3.68
C TRP B 1355 -26.21 -60.15 5.04
N ARG B 1356 -25.36 -59.12 5.14
CA ARG B 1356 -25.24 -58.39 6.39
C ARG B 1356 -26.54 -57.64 6.67
N ARG B 1357 -26.99 -57.68 7.92
CA ARG B 1357 -28.34 -57.28 8.26
C ARG B 1357 -28.33 -56.14 9.27
N ASN B 1358 -29.28 -55.22 9.11
CA ASN B 1358 -29.47 -54.13 10.06
C ASN B 1358 -30.27 -54.62 11.27
N GLU B 1359 -30.70 -53.66 12.09
CA GLU B 1359 -31.52 -54.00 13.25
C GLU B 1359 -32.87 -54.57 12.85
N ASP B 1360 -33.42 -54.15 11.71
CA ASP B 1360 -34.70 -54.68 11.27
C ASP B 1360 -34.55 -56.07 10.68
N GLY B 1361 -33.32 -56.48 10.36
CA GLY B 1361 -33.09 -57.77 9.76
C GLY B 1361 -33.08 -57.77 8.25
N ALA B 1362 -33.38 -56.65 7.61
CA ALA B 1362 -33.36 -56.57 6.16
C ALA B 1362 -31.92 -56.51 5.66
N ILE B 1363 -31.75 -56.82 4.37
CA ILE B 1363 -30.43 -56.80 3.76
C ILE B 1363 -29.90 -55.38 3.78
N CYS B 1364 -28.64 -55.22 4.18
CA CYS B 1364 -28.05 -53.90 4.29
C CYS B 1364 -27.53 -53.42 2.94
N ARG B 1365 -27.71 -52.13 2.68
CA ARG B 1365 -27.30 -51.49 1.44
C ARG B 1365 -26.11 -50.56 1.65
N LYS B 1366 -25.11 -50.72 0.78
CA LYS B 1366 -24.20 -49.64 0.50
C LYS B 1366 -24.76 -48.79 -0.64
N SER B 1367 -23.93 -47.89 -1.17
CA SER B 1367 -24.36 -47.08 -2.30
C SER B 1367 -24.59 -47.94 -3.55
N ILE B 1368 -23.68 -48.89 -3.81
CA ILE B 1368 -23.72 -49.61 -5.07
C ILE B 1368 -24.59 -50.86 -4.95
N LYS B 1369 -24.34 -51.71 -3.96
CA LYS B 1369 -25.04 -52.98 -3.87
C LYS B 1369 -25.10 -53.51 -2.45
N LYS B 1370 -25.40 -54.80 -2.30
CA LYS B 1370 -25.52 -55.42 -0.99
C LYS B 1370 -24.18 -55.47 -0.28
N MET B 1371 -24.24 -55.87 0.99
CA MET B 1371 -23.06 -56.26 1.78
C MET B 1371 -23.16 -57.77 2.01
N LEU B 1372 -22.05 -58.47 1.76
CA LEU B 1372 -21.99 -59.86 2.17
C LEU B 1372 -21.24 -60.01 3.48
N GLU B 1373 -21.73 -60.91 4.32
CA GLU B 1373 -21.17 -61.17 5.64
C GLU B 1373 -20.51 -62.54 5.60
N VAL B 1374 -19.20 -62.56 5.81
CA VAL B 1374 -18.39 -63.77 5.64
C VAL B 1374 -17.61 -64.03 6.93
N LEU B 1375 -17.58 -65.29 7.36
CA LEU B 1375 -16.86 -65.65 8.57
C LEU B 1375 -15.40 -65.98 8.23
N VAL B 1376 -14.47 -65.38 8.97
CA VAL B 1376 -13.05 -65.56 8.73
C VAL B 1376 -12.37 -65.84 10.06
N VAL B 1377 -11.28 -66.59 10.00
CA VAL B 1377 -10.52 -67.01 11.18
C VAL B 1377 -9.04 -66.75 10.92
N LYS B 1378 -8.35 -66.17 11.90
CA LYS B 1378 -6.91 -65.98 11.86
C LYS B 1378 -6.28 -66.65 13.07
N LEU B 1379 -5.08 -67.20 12.88
CA LEU B 1379 -4.29 -67.59 14.04
C LEU B 1379 -3.23 -66.52 14.32
N PRO B 1380 -2.83 -66.37 15.59
CA PRO B 1380 -1.94 -65.26 15.95
C PRO B 1380 -0.63 -65.23 15.17
N LEU B 1381 -0.08 -66.40 14.85
CA LEU B 1381 1.24 -66.44 14.20
C LEU B 1381 1.20 -65.91 12.78
N SER B 1382 0.08 -66.08 12.07
CA SER B 1382 0.02 -65.70 10.66
C SER B 1382 0.10 -64.19 10.47
N GLU B 1383 -0.53 -63.43 11.37
CA GLU B 1383 -0.69 -61.98 11.22
C GLU B 1383 -1.48 -61.64 9.95
N HIS B 1384 -2.30 -62.58 9.49
CA HIS B 1384 -3.16 -62.41 8.34
C HIS B 1384 -4.43 -63.23 8.57
N TRP B 1385 -5.48 -62.88 7.84
CA TRP B 1385 -6.75 -63.58 7.95
C TRP B 1385 -6.90 -64.50 6.74
N ALA B 1386 -7.48 -65.68 6.96
CA ALA B 1386 -7.69 -66.64 5.90
C ALA B 1386 -8.98 -67.41 6.15
N LEU B 1387 -9.52 -67.97 5.07
CA LEU B 1387 -10.72 -68.78 5.18
C LEU B 1387 -10.41 -70.08 5.92
N PRO B 1388 -11.38 -70.65 6.63
CA PRO B 1388 -11.13 -71.92 7.36
C PRO B 1388 -10.97 -73.11 6.42
N GLY B 1389 -9.85 -73.14 5.72
CA GLY B 1389 -9.57 -74.21 4.78
C GLY B 1389 -8.13 -74.64 4.88
N GLY B 1390 -7.90 -75.94 4.64
CA GLY B 1390 -6.58 -76.50 4.70
C GLY B 1390 -6.44 -77.64 3.71
N SER B 1391 -5.21 -78.15 3.61
CA SER B 1391 -4.94 -79.27 2.73
C SER B 1391 -5.76 -80.49 3.15
N ARG B 1392 -6.40 -81.13 2.17
CA ARG B 1392 -7.29 -82.26 2.43
C ARG B 1392 -6.44 -83.51 2.61
N GLU B 1393 -5.93 -83.69 3.83
CA GLU B 1393 -5.16 -84.89 4.13
C GLU B 1393 -5.98 -86.17 4.00
N PRO B 1394 -7.22 -86.28 4.56
CA PRO B 1394 -8.00 -87.49 4.32
C PRO B 1394 -8.78 -87.42 3.01
N GLY B 1395 -8.62 -88.44 2.16
CA GLY B 1395 -9.34 -88.44 0.90
C GLY B 1395 -10.85 -88.57 1.10
N GLU B 1396 -11.26 -89.36 2.09
CA GLU B 1396 -12.68 -89.59 2.31
C GLU B 1396 -13.37 -88.35 2.88
N MET B 1397 -12.77 -87.73 3.89
CA MET B 1397 -13.38 -86.61 4.60
C MET B 1397 -12.38 -85.47 4.71
N LEU B 1398 -12.41 -84.57 3.72
CA LEU B 1398 -11.59 -83.36 3.72
C LEU B 1398 -11.92 -82.39 4.85
N PRO B 1399 -13.19 -82.06 5.12
CA PRO B 1399 -13.49 -81.00 6.10
C PRO B 1399 -12.91 -81.23 7.47
N ARG B 1400 -12.77 -82.49 7.90
CA ARG B 1400 -12.23 -82.76 9.23
C ARG B 1400 -10.85 -82.16 9.39
N LYS B 1401 -9.94 -82.45 8.46
CA LYS B 1401 -8.61 -81.86 8.53
C LYS B 1401 -8.62 -80.40 8.11
N LEU B 1402 -9.56 -80.01 7.24
CA LEU B 1402 -9.61 -78.63 6.76
C LEU B 1402 -9.91 -77.66 7.90
N LYS B 1403 -10.89 -78.00 8.75
CA LYS B 1403 -11.32 -77.13 9.83
C LYS B 1403 -11.53 -77.89 11.13
N ARG B 1404 -10.58 -78.76 11.50
CA ARG B 1404 -10.71 -79.52 12.74
C ARG B 1404 -10.64 -78.62 13.96
N ILE B 1405 -10.02 -77.45 13.83
CA ILE B 1405 -9.86 -76.54 14.95
C ILE B 1405 -11.01 -75.53 14.96
N LEU B 1406 -12.06 -75.82 14.20
CA LEU B 1406 -13.17 -74.88 14.07
C LEU B 1406 -14.48 -75.44 14.60
N ARG B 1407 -14.89 -76.62 14.12
CA ARG B 1407 -16.28 -77.05 14.34
C ARG B 1407 -16.42 -77.96 15.56
N GLN B 1408 -15.82 -79.16 15.51
CA GLN B 1408 -16.08 -80.24 16.46
C GLN B 1408 -15.56 -81.58 15.94
N GLU B 1409 -15.82 -81.84 14.66
CA GLU B 1409 -15.77 -83.13 13.95
C GLU B 1409 -17.02 -83.96 14.23
N HIS B 1410 -17.81 -83.57 15.23
CA HIS B 1410 -19.13 -84.17 15.41
C HIS B 1410 -20.16 -83.21 14.81
N TRP B 1411 -20.12 -81.97 15.27
CA TRP B 1411 -20.83 -80.90 14.60
C TRP B 1411 -20.29 -80.80 13.18
N PRO B 1412 -19.01 -81.13 12.95
CA PRO B 1412 -18.52 -81.16 11.56
C PRO B 1412 -18.87 -82.44 10.82
N SER B 1413 -19.14 -83.54 11.52
CA SER B 1413 -19.81 -84.65 10.84
C SER B 1413 -21.18 -84.23 10.33
N PHE B 1414 -21.93 -83.50 11.16
CA PHE B 1414 -23.20 -82.93 10.71
C PHE B 1414 -22.98 -81.95 9.55
N GLU B 1415 -21.93 -81.15 9.63
CA GLU B 1415 -21.62 -80.21 8.54
C GLU B 1415 -21.26 -80.93 7.25
N ASN B 1416 -20.58 -82.07 7.34
CA ASN B 1416 -20.30 -82.88 6.16
C ASN B 1416 -21.57 -83.50 5.61
N LEU B 1417 -22.50 -83.89 6.48
CA LEU B 1417 -23.81 -84.34 6.03
C LEU B 1417 -24.54 -83.22 5.29
N LEU B 1418 -24.37 -81.98 5.75
CA LEU B 1418 -24.97 -80.82 5.11
C LEU B 1418 -24.10 -80.23 4.01
N LYS B 1419 -22.96 -80.85 3.69
CA LYS B 1419 -22.02 -80.29 2.73
C LYS B 1419 -22.51 -80.46 1.30
N CYS B 1420 -23.51 -79.68 0.91
CA CYS B 1420 -24.01 -79.67 -0.46
C CYS B 1420 -24.44 -78.24 -0.78
N GLY B 1421 -23.53 -77.49 -1.42
CA GLY B 1421 -23.75 -76.09 -1.72
C GLY B 1421 -23.56 -75.71 -3.18
N MET B 1422 -22.98 -74.53 -3.42
CA MET B 1422 -22.85 -73.96 -4.75
C MET B 1422 -21.39 -73.75 -5.08
N GLU B 1423 -21.01 -74.12 -6.30
CA GLU B 1423 -19.62 -74.27 -6.70
C GLU B 1423 -19.19 -72.99 -7.42
N VAL B 1424 -18.39 -72.15 -6.77
CA VAL B 1424 -18.14 -70.82 -7.32
C VAL B 1424 -16.95 -70.83 -8.26
N TYR B 1425 -15.80 -71.30 -7.77
CA TYR B 1425 -14.59 -71.30 -8.56
C TYR B 1425 -13.90 -72.63 -8.39
N LYS B 1426 -13.29 -73.12 -9.47
CA LYS B 1426 -12.44 -74.30 -9.43
C LYS B 1426 -11.42 -74.19 -10.55
N GLY B 1427 -10.15 -74.33 -10.20
CA GLY B 1427 -9.08 -74.09 -11.14
C GLY B 1427 -7.80 -73.71 -10.41
N TYR B 1428 -6.88 -73.12 -11.16
CA TYR B 1428 -5.57 -72.79 -10.62
C TYR B 1428 -5.66 -71.62 -9.65
N MET B 1429 -4.77 -71.64 -8.65
CA MET B 1429 -4.70 -70.60 -7.64
C MET B 1429 -3.30 -69.99 -7.63
N ASP B 1430 -3.23 -68.67 -7.49
CA ASP B 1430 -1.95 -67.97 -7.37
C ASP B 1430 -1.50 -67.98 -5.91
N ASP B 1431 -0.42 -68.71 -5.63
CA ASP B 1431 0.09 -68.87 -4.27
C ASP B 1431 1.59 -68.61 -4.25
N PRO B 1432 2.10 -67.95 -3.20
CA PRO B 1432 3.53 -67.65 -3.15
C PRO B 1432 4.45 -68.87 -3.07
N ARG B 1433 3.94 -70.03 -2.66
CA ARG B 1433 4.77 -71.22 -2.57
C ARG B 1433 5.01 -71.90 -3.92
N ASN B 1434 4.32 -71.45 -4.96
CA ASN B 1434 4.31 -72.15 -6.24
C ASN B 1434 5.69 -72.15 -6.87
N THR B 1435 6.30 -73.32 -6.93
CA THR B 1435 7.54 -73.53 -7.66
C THR B 1435 7.20 -74.03 -9.08
N ASP B 1436 8.22 -74.26 -9.90
CA ASP B 1436 7.97 -74.80 -11.23
C ASP B 1436 7.46 -76.23 -11.20
N ASN B 1437 7.53 -76.90 -10.05
CA ASN B 1437 7.08 -78.28 -9.92
C ASN B 1437 5.75 -78.42 -9.21
N ALA B 1438 5.55 -77.72 -8.11
CA ALA B 1438 4.36 -77.87 -7.27
C ALA B 1438 3.52 -76.61 -7.34
N TRP B 1439 2.22 -76.77 -7.58
CA TRP B 1439 1.26 -75.68 -7.61
C TRP B 1439 0.00 -76.11 -6.88
N ILE B 1440 -0.87 -75.14 -6.60
CA ILE B 1440 -2.07 -75.37 -5.81
C ILE B 1440 -3.29 -74.94 -6.60
N GLU B 1441 -4.30 -75.80 -6.61
CA GLU B 1441 -5.59 -75.53 -7.24
C GLU B 1441 -6.68 -75.72 -6.18
N THR B 1442 -7.71 -74.90 -6.25
CA THR B 1442 -8.66 -74.77 -5.15
C THR B 1442 -10.08 -75.01 -5.63
N VAL B 1443 -10.94 -75.41 -4.69
CA VAL B 1443 -12.37 -75.59 -4.91
C VAL B 1443 -13.11 -74.69 -3.94
N ALA B 1444 -14.05 -73.90 -4.45
CA ALA B 1444 -14.78 -72.90 -3.65
C ALA B 1444 -16.24 -73.31 -3.53
N VAL B 1445 -16.67 -73.63 -2.32
CA VAL B 1445 -18.06 -73.93 -2.02
C VAL B 1445 -18.62 -72.82 -1.14
N SER B 1446 -19.80 -72.32 -1.49
CA SER B 1446 -20.44 -71.21 -0.79
C SER B 1446 -21.83 -71.64 -0.35
N VAL B 1447 -22.04 -71.73 0.96
CA VAL B 1447 -23.38 -71.92 1.50
C VAL B 1447 -23.92 -70.56 1.93
N HIS B 1448 -25.15 -70.27 1.53
CA HIS B 1448 -25.75 -68.95 1.74
C HIS B 1448 -26.99 -69.12 2.63
N PHE B 1449 -27.28 -68.09 3.40
CA PHE B 1449 -28.46 -68.08 4.28
C PHE B 1449 -29.45 -67.08 3.74
N GLN B 1450 -30.70 -67.52 3.54
CA GLN B 1450 -31.72 -66.62 3.02
C GLN B 1450 -32.38 -65.84 4.14
N ASP B 1451 -32.93 -66.54 5.13
CA ASP B 1451 -33.47 -65.91 6.32
C ASP B 1451 -32.52 -66.13 7.49
N GLN B 1452 -32.68 -65.28 8.52
CA GLN B 1452 -31.88 -65.39 9.74
C GLN B 1452 -32.71 -65.78 10.95
N ASN B 1453 -33.91 -66.34 10.74
CA ASN B 1453 -34.73 -66.79 11.87
C ASN B 1453 -34.15 -68.05 12.50
N ASP B 1454 -33.76 -69.02 11.68
CA ASP B 1454 -33.39 -70.33 12.18
C ASP B 1454 -32.50 -71.09 11.21
N VAL B 1455 -32.40 -72.41 11.42
CA VAL B 1455 -31.73 -73.35 10.53
C VAL B 1455 -30.22 -73.29 10.70
N GLU B 1456 -29.49 -73.18 9.57
CA GLU B 1456 -28.06 -73.43 9.58
C GLU B 1456 -27.30 -72.40 10.41
N LEU B 1457 -27.85 -71.19 10.57
CA LEU B 1457 -27.20 -70.19 11.41
C LEU B 1457 -27.13 -70.66 12.86
N ASN B 1458 -28.25 -71.07 13.43
CA ASN B 1458 -28.25 -71.58 14.79
C ASN B 1458 -27.53 -72.93 14.86
N ARG B 1459 -27.58 -73.70 13.77
CA ARG B 1459 -26.86 -74.97 13.73
C ARG B 1459 -25.36 -74.74 13.87
N LEU B 1460 -24.82 -73.72 13.20
CA LEU B 1460 -23.41 -73.40 13.34
C LEU B 1460 -23.11 -72.74 14.68
N ASN B 1461 -24.07 -71.96 15.19
CA ASN B 1461 -23.88 -71.33 16.50
C ASN B 1461 -23.71 -72.39 17.60
N SER B 1462 -24.57 -73.41 17.59
CA SER B 1462 -24.40 -74.51 18.53
C SER B 1462 -23.30 -75.46 18.08
N ASN B 1463 -22.90 -75.36 16.83
CA ASN B 1463 -21.90 -76.25 16.24
C ASN B 1463 -20.51 -75.60 16.28
N LEU B 1464 -20.04 -75.34 17.49
CA LEU B 1464 -18.78 -74.62 17.70
C LEU B 1464 -17.98 -75.33 18.79
N HIS B 1465 -16.80 -75.84 18.41
CA HIS B 1465 -15.80 -76.29 19.37
C HIS B 1465 -14.47 -75.58 19.15
N ALA B 1466 -14.50 -74.39 18.55
CA ALA B 1466 -13.27 -73.65 18.27
C ALA B 1466 -12.62 -73.14 19.55
N CYS B 1467 -13.32 -73.22 20.68
CA CYS B 1467 -12.76 -72.76 21.95
C CYS B 1467 -11.64 -73.65 22.46
N ASP B 1468 -11.35 -74.76 21.77
CA ASP B 1468 -10.28 -75.65 22.22
C ASP B 1468 -8.92 -74.94 22.18
N SER B 1469 -8.65 -74.20 21.11
CA SER B 1469 -7.37 -73.51 20.97
C SER B 1469 -7.48 -72.48 19.87
N GLY B 1470 -6.40 -71.71 19.69
CA GLY B 1470 -6.36 -70.72 18.63
C GLY B 1470 -7.01 -69.41 19.03
N ALA B 1471 -7.12 -68.53 18.03
CA ALA B 1471 -7.72 -67.22 18.23
C ALA B 1471 -9.23 -67.32 17.97
N SER B 1472 -9.89 -66.16 17.88
CA SER B 1472 -11.34 -66.12 17.74
C SER B 1472 -11.75 -66.36 16.29
N ILE B 1473 -12.98 -66.86 16.14
CA ILE B 1473 -13.62 -67.03 14.86
C ILE B 1473 -14.71 -65.98 14.77
N ARG B 1474 -14.74 -65.24 13.68
CA ARG B 1474 -15.50 -64.01 13.64
C ARG B 1474 -16.12 -63.86 12.25
N TRP B 1475 -17.30 -63.24 12.21
CA TRP B 1475 -17.91 -62.85 10.95
C TRP B 1475 -17.32 -61.53 10.47
N GLN B 1476 -17.34 -61.34 9.15
CA GLN B 1476 -16.74 -60.18 8.50
C GLN B 1476 -17.59 -59.70 7.35
N VAL B 1477 -17.40 -58.41 7.04
CA VAL B 1477 -18.04 -57.81 5.88
C VAL B 1477 -17.12 -57.97 4.67
N VAL B 1478 -17.69 -57.80 3.49
CA VAL B 1478 -16.94 -57.91 2.24
C VAL B 1478 -16.57 -56.49 1.80
N ASP B 1479 -15.28 -56.21 1.75
CA ASP B 1479 -14.79 -54.88 1.43
C ASP B 1479 -13.47 -54.98 0.70
N ARG B 1480 -13.09 -53.88 0.06
CA ARG B 1480 -11.85 -53.83 -0.70
C ARG B 1480 -10.61 -53.89 0.19
N ARG B 1481 -10.68 -53.32 1.39
CA ARG B 1481 -9.54 -53.28 2.30
C ARG B 1481 -9.61 -54.36 3.36
N ILE B 1482 -10.45 -55.38 3.19
CA ILE B 1482 -10.58 -56.47 4.14
C ILE B 1482 -9.23 -57.18 4.25
N PRO B 1483 -8.72 -57.41 5.46
CA PRO B 1483 -7.38 -58.00 5.60
C PRO B 1483 -7.40 -59.49 5.31
N LEU B 1484 -6.88 -59.86 4.13
CA LEU B 1484 -6.69 -61.26 3.76
C LEU B 1484 -5.41 -61.35 2.92
N TYR B 1485 -5.02 -62.57 2.60
CA TYR B 1485 -3.87 -62.77 1.73
C TYR B 1485 -4.15 -62.16 0.36
N ALA B 1486 -3.08 -61.85 -0.37
CA ALA B 1486 -3.20 -61.03 -1.58
C ALA B 1486 -4.16 -61.65 -2.59
N ASN B 1487 -3.93 -62.92 -2.94
CA ASN B 1487 -4.78 -63.58 -3.92
C ASN B 1487 -5.71 -64.62 -3.31
N HIS B 1488 -5.58 -64.87 -2.00
CA HIS B 1488 -6.60 -65.68 -1.32
C HIS B 1488 -7.95 -64.97 -1.31
N LYS B 1489 -7.95 -63.64 -1.39
CA LYS B 1489 -9.21 -62.90 -1.41
C LYS B 1489 -9.76 -62.79 -2.83
N THR B 1490 -9.02 -63.26 -3.84
CA THR B 1490 -9.57 -63.34 -5.18
C THR B 1490 -10.72 -64.33 -5.24
N LEU B 1491 -10.67 -65.38 -4.41
CA LEU B 1491 -11.80 -66.30 -4.33
C LEU B 1491 -13.04 -65.59 -3.81
N LEU B 1492 -12.89 -64.75 -2.79
CA LEU B 1492 -14.02 -63.96 -2.30
C LEU B 1492 -14.49 -62.96 -3.35
N GLN B 1493 -13.57 -62.36 -4.08
CA GLN B 1493 -13.94 -61.43 -5.14
C GLN B 1493 -14.76 -62.13 -6.22
N LYS B 1494 -14.37 -63.35 -6.59
CA LYS B 1494 -15.19 -64.14 -7.50
C LYS B 1494 -16.53 -64.48 -6.88
N ALA B 1495 -16.55 -64.76 -5.58
CA ALA B 1495 -17.80 -65.08 -4.89
C ALA B 1495 -18.73 -63.88 -4.82
N ALA B 1496 -18.19 -62.67 -5.04
CA ALA B 1496 -19.05 -61.48 -5.02
C ALA B 1496 -20.11 -61.54 -6.11
N ALA B 1497 -19.82 -62.24 -7.21
CA ALA B 1497 -20.78 -62.35 -8.30
C ALA B 1497 -21.91 -63.32 -7.96
N GLU B 1498 -21.73 -64.13 -6.92
CA GLU B 1498 -22.72 -65.14 -6.59
C GLU B 1498 -24.05 -64.52 -6.19
N PHE B 1499 -24.02 -63.46 -5.39
CA PHE B 1499 -25.25 -62.85 -4.88
C PHE B 1499 -25.22 -61.32 -5.00
N GLY B 1500 -24.67 -60.80 -6.11
CA GLY B 1500 -24.71 -59.38 -6.39
C GLY B 1500 -24.03 -58.52 -5.35
N ALA B 1501 -22.81 -58.89 -4.97
CA ALA B 1501 -22.14 -58.21 -3.88
C ALA B 1501 -21.42 -56.94 -4.36
N HIS B 1502 -21.50 -55.90 -3.54
CA HIS B 1502 -20.58 -54.77 -3.65
C HIS B 1502 -19.30 -55.20 -2.96
N TYR B 1503 -18.17 -55.02 -3.64
CA TYR B 1503 -16.85 -55.55 -3.26
C TYR B 1503 -16.62 -55.25 -1.79
N GLN C 56 47.89 23.15 -14.50
CA GLN C 56 47.92 24.00 -15.68
C GLN C 56 49.31 24.62 -15.87
N GLU C 57 50.10 24.59 -14.81
CA GLU C 57 51.46 25.13 -14.85
C GLU C 57 52.51 24.07 -15.20
N SER C 58 52.40 22.88 -14.61
CA SER C 58 53.29 21.77 -14.94
C SER C 58 52.74 20.89 -16.05
N LEU C 59 51.56 21.21 -16.58
CA LEU C 59 50.97 20.46 -17.68
C LEU C 59 51.42 21.01 -19.02
N SER C 60 51.41 22.33 -19.16
CA SER C 60 51.79 22.98 -20.41
C SER C 60 53.27 22.74 -20.72
N SER C 61 54.04 22.37 -19.70
CA SER C 61 55.45 22.05 -19.90
C SER C 61 55.62 20.61 -20.37
N TRP C 62 54.90 19.68 -19.75
CA TRP C 62 54.99 18.27 -20.10
C TRP C 62 54.04 17.94 -21.25
N ILE C 63 54.26 18.55 -22.41
CA ILE C 63 53.54 18.19 -23.63
C ILE C 63 54.45 18.36 -24.84
N PRO C 64 54.92 19.56 -25.18
CA PRO C 64 55.55 19.76 -26.49
C PRO C 64 56.96 19.21 -26.61
N GLU C 65 57.78 19.22 -25.56
CA GLU C 65 59.16 18.79 -25.71
C GLU C 65 59.34 17.29 -25.49
N ASN C 66 58.26 16.52 -25.30
CA ASN C 66 58.32 15.07 -25.41
C ASN C 66 57.39 14.55 -26.50
N ILE C 67 56.17 15.10 -26.61
CA ILE C 67 55.27 14.70 -27.69
C ILE C 67 55.52 15.56 -28.92
N LYS C 68 55.48 14.92 -30.09
CA LYS C 68 55.83 15.59 -31.34
C LYS C 68 54.86 15.16 -32.43
N LYS C 69 54.75 16.01 -33.45
CA LYS C 69 53.77 15.84 -34.52
C LYS C 69 54.48 15.61 -35.85
N LYS C 70 53.87 14.81 -36.72
CA LYS C 70 54.42 14.57 -38.04
C LYS C 70 54.07 15.71 -39.00
N GLU C 71 54.97 15.97 -39.94
CA GLU C 71 54.75 16.96 -40.99
C GLU C 71 55.48 16.52 -42.24
N CYS C 72 55.01 17.01 -43.39
CA CYS C 72 55.59 16.69 -44.69
C CYS C 72 56.51 17.84 -45.11
N VAL C 73 57.81 17.66 -44.93
CA VAL C 73 58.76 18.72 -45.23
C VAL C 73 58.88 18.94 -46.74
N TYR C 74 58.94 17.86 -47.52
CA TYR C 74 59.24 18.00 -48.93
C TYR C 74 58.06 18.58 -49.68
N PHE C 75 58.32 19.09 -50.89
CA PHE C 75 57.39 19.96 -51.61
C PHE C 75 56.88 19.33 -52.90
N VAL C 76 56.45 18.07 -52.87
CA VAL C 76 55.86 17.45 -54.05
C VAL C 76 54.64 18.23 -54.49
N GLU C 77 54.53 18.48 -55.80
CA GLU C 77 53.40 19.19 -56.37
C GLU C 77 52.18 18.26 -56.41
N SER C 78 51.11 18.73 -57.03
CA SER C 78 49.85 17.99 -57.05
C SER C 78 49.84 17.01 -58.22
N SER C 79 50.00 15.72 -57.94
CA SER C 79 49.79 14.72 -58.97
C SER C 79 48.32 14.63 -59.35
N LYS C 80 47.42 14.72 -58.37
CA LYS C 80 45.99 14.71 -58.61
C LYS C 80 45.37 15.93 -57.93
N LEU C 81 44.65 16.73 -58.71
CA LEU C 81 43.92 17.88 -58.19
C LEU C 81 42.43 17.54 -58.11
N SER C 82 41.86 17.70 -56.92
CA SER C 82 40.49 17.28 -56.67
C SER C 82 39.70 18.41 -56.03
N ASP C 83 38.44 18.53 -56.45
CA ASP C 83 37.49 19.46 -55.86
C ASP C 83 37.99 20.91 -55.92
N ALA C 84 38.33 21.34 -57.15
CA ALA C 84 38.76 22.70 -57.44
C ALA C 84 39.96 23.14 -56.60
N GLY C 85 40.82 22.20 -56.23
CA GLY C 85 41.98 22.53 -55.41
C GLY C 85 43.29 22.07 -56.00
N LYS C 86 44.24 22.98 -56.11
CA LYS C 86 45.59 22.66 -56.53
C LYS C 86 46.58 22.58 -55.36
N VAL C 87 46.20 23.12 -54.20
CA VAL C 87 47.06 23.04 -53.03
C VAL C 87 47.16 21.60 -52.53
N VAL C 88 46.13 20.79 -52.78
CA VAL C 88 46.15 19.40 -52.36
C VAL C 88 47.22 18.66 -53.16
N CYS C 89 48.22 18.13 -52.47
CA CYS C 89 49.34 17.46 -53.10
C CYS C 89 49.63 16.18 -52.32
N GLN C 90 49.21 15.04 -52.88
CA GLN C 90 49.43 13.74 -52.26
C GLN C 90 48.84 13.72 -50.84
N CYS C 91 49.62 14.18 -49.86
CA CYS C 91 49.17 14.17 -48.48
C CYS C 91 47.89 15.00 -48.31
N GLY C 92 47.91 16.25 -48.76
CA GLY C 92 46.68 17.01 -48.95
C GLY C 92 46.49 18.28 -48.13
N TYR C 93 47.52 18.81 -47.47
CA TYR C 93 47.36 20.13 -46.87
C TYR C 93 47.47 21.23 -47.93
N THR C 94 47.37 22.47 -47.45
CA THR C 94 47.30 23.64 -48.31
C THR C 94 48.66 23.98 -48.91
N HIS C 95 48.70 25.14 -49.56
CA HIS C 95 49.89 25.71 -50.19
C HIS C 95 50.25 24.93 -51.45
N GLU C 96 51.08 25.54 -52.31
CA GLU C 96 51.44 24.88 -53.57
C GLU C 96 52.21 23.60 -53.32
N GLN C 97 52.97 23.55 -52.24
CA GLN C 97 53.73 22.36 -51.89
C GLN C 97 52.82 21.32 -51.24
N HIS C 98 53.41 20.21 -50.79
CA HIS C 98 52.65 19.19 -50.10
C HIS C 98 52.06 19.73 -48.79
N LEU C 99 52.85 20.50 -48.06
CA LEU C 99 52.43 21.11 -46.80
C LEU C 99 52.49 22.63 -46.94
N GLU C 100 52.26 23.31 -45.81
CA GLU C 100 52.28 24.77 -45.77
C GLU C 100 53.60 25.30 -45.22
N GLU C 101 54.64 24.47 -45.14
CA GLU C 101 55.93 24.88 -44.63
C GLU C 101 56.66 25.73 -45.66
N ALA C 102 57.91 26.07 -45.36
CA ALA C 102 58.71 26.91 -46.25
C ALA C 102 58.88 26.23 -47.61
N THR C 103 58.66 27.00 -48.67
CA THR C 103 58.79 26.53 -50.04
C THR C 103 60.27 26.54 -50.39
N LYS C 104 60.95 25.43 -50.11
CA LYS C 104 62.39 25.30 -50.29
C LYS C 104 62.69 23.99 -51.00
N PRO C 105 63.90 23.83 -51.57
CA PRO C 105 64.23 22.53 -52.18
C PRO C 105 64.21 21.39 -51.18
N HIS C 106 64.34 21.67 -49.89
CA HIS C 106 64.23 20.66 -48.83
C HIS C 106 65.27 19.56 -49.01
N THR C 107 66.54 19.95 -48.86
CA THR C 107 67.70 19.08 -49.07
C THR C 107 67.72 18.57 -50.50
N PHE C 108 68.26 17.37 -50.72
CA PHE C 108 68.31 16.81 -52.05
C PHE C 108 66.92 16.68 -52.65
N GLN C 109 66.76 17.13 -53.89
CA GLN C 109 65.46 17.16 -54.55
C GLN C 109 65.18 15.79 -55.19
N GLY C 110 65.11 14.78 -54.34
CA GLY C 110 64.76 13.45 -54.80
C GLY C 110 63.31 13.41 -55.26
N THR C 111 63.08 12.81 -56.43
CA THR C 111 61.73 12.72 -56.97
C THR C 111 60.85 11.88 -56.06
N GLN C 112 59.60 12.34 -55.88
CA GLN C 112 58.54 11.72 -55.07
C GLN C 112 58.96 11.56 -53.61
N TRP C 113 58.01 11.19 -52.76
CA TRP C 113 58.25 11.14 -51.32
C TRP C 113 57.85 9.77 -50.77
N ASP C 114 58.45 9.44 -49.63
CA ASP C 114 58.30 8.17 -48.96
C ASP C 114 57.82 8.42 -47.54
N PRO C 115 56.73 7.76 -47.12
CA PRO C 115 56.28 7.92 -45.72
C PRO C 115 57.26 7.31 -44.72
N LYS C 116 58.40 7.99 -44.61
CA LYS C 116 59.57 7.57 -43.83
C LYS C 116 60.71 8.53 -44.15
N LYS C 117 61.05 8.63 -45.44
CA LYS C 117 62.08 9.57 -45.87
C LYS C 117 61.62 11.01 -45.75
N HIS C 118 60.36 11.28 -46.10
CA HIS C 118 59.85 12.65 -46.17
C HIS C 118 58.69 12.90 -45.22
N VAL C 119 58.66 12.23 -44.08
CA VAL C 119 57.79 12.59 -42.96
C VAL C 119 58.68 12.95 -41.79
N GLN C 120 58.45 14.13 -41.21
CA GLN C 120 59.32 14.67 -40.18
C GLN C 120 58.51 14.93 -38.92
N GLU C 121 59.11 14.64 -37.77
CA GLU C 121 58.44 14.74 -36.48
C GLU C 121 58.96 15.95 -35.72
N MET C 122 58.07 16.89 -35.41
CA MET C 122 58.43 18.10 -34.69
C MET C 122 57.44 18.31 -33.56
N PRO C 123 57.82 19.05 -32.52
CA PRO C 123 57.00 19.14 -31.31
C PRO C 123 55.57 19.61 -31.57
N THR C 124 54.62 19.01 -30.85
CA THR C 124 53.22 19.34 -31.00
C THR C 124 52.94 20.76 -30.50
N ASP C 125 52.06 21.47 -31.21
CA ASP C 125 51.73 22.86 -30.90
C ASP C 125 50.27 23.05 -30.50
N ALA C 126 49.45 22.00 -30.57
CA ALA C 126 48.01 22.11 -30.31
C ALA C 126 47.63 21.28 -29.09
N PHE C 127 47.07 21.93 -28.07
CA PHE C 127 46.61 21.25 -26.87
C PHE C 127 45.81 22.24 -26.04
N GLY C 128 45.00 21.72 -25.12
CA GLY C 128 44.24 22.59 -24.24
C GLY C 128 42.94 22.02 -23.72
N ASP C 129 41.93 22.89 -23.56
CA ASP C 129 40.63 22.53 -23.01
C ASP C 129 39.56 22.99 -24.01
N ILE C 130 39.04 22.06 -24.79
CA ILE C 130 38.08 22.42 -25.83
C ILE C 130 36.72 22.69 -25.21
N VAL C 131 36.06 23.75 -25.66
CA VAL C 131 34.70 24.09 -25.28
C VAL C 131 33.86 24.17 -26.54
N PHE C 132 32.78 23.40 -26.60
CA PHE C 132 31.96 23.28 -27.81
C PHE C 132 30.85 24.32 -27.79
N THR C 133 31.26 25.59 -27.90
CA THR C 133 30.38 26.76 -27.99
C THR C 133 29.30 26.66 -26.92
N GLY C 134 28.05 27.00 -27.21
CA GLY C 134 26.99 26.94 -26.23
C GLY C 134 26.46 25.56 -25.91
N LEU C 135 26.94 24.52 -26.60
CA LEU C 135 26.52 23.15 -26.32
C LEU C 135 27.26 22.65 -25.09
N SER C 136 26.75 23.06 -23.93
CA SER C 136 27.23 22.64 -22.60
C SER C 136 28.54 23.32 -22.25
N GLN C 137 28.70 23.69 -20.98
CA GLN C 137 29.93 24.29 -20.46
C GLN C 137 30.59 23.28 -19.52
N LYS C 138 31.48 22.45 -20.08
CA LYS C 138 32.12 21.39 -19.32
C LYS C 138 33.63 21.39 -19.37
N VAL C 139 34.24 22.05 -20.36
CA VAL C 139 35.68 22.11 -20.63
C VAL C 139 36.30 20.71 -20.64
N LYS C 140 36.62 20.23 -21.83
CA LYS C 140 37.09 18.87 -22.04
C LYS C 140 38.50 18.89 -22.61
N LYS C 141 39.38 18.07 -22.05
CA LYS C 141 40.78 18.07 -22.44
C LYS C 141 40.98 17.47 -23.83
N TYR C 142 42.05 17.89 -24.50
CA TYR C 142 42.42 17.31 -25.78
C TYR C 142 43.92 17.45 -25.97
N VAL C 143 44.53 16.44 -26.60
CA VAL C 143 45.93 16.47 -26.98
C VAL C 143 46.06 15.96 -28.41
N ARG C 144 47.20 16.25 -29.02
CA ARG C 144 47.45 15.95 -30.43
C ARG C 144 48.77 15.20 -30.55
N VAL C 145 48.71 13.97 -31.05
CA VAL C 145 49.85 13.06 -31.07
C VAL C 145 50.07 12.54 -32.50
N SER C 146 51.05 11.65 -32.63
CA SER C 146 51.43 11.09 -33.92
C SER C 146 51.53 9.56 -33.84
N GLN C 147 52.10 8.99 -34.91
CA GLN C 147 52.27 7.54 -34.98
C GLN C 147 53.18 7.03 -33.87
N ASP C 148 54.40 7.57 -33.77
CA ASP C 148 55.44 7.03 -32.91
C ASP C 148 55.47 7.80 -31.60
N THR C 149 54.57 7.42 -30.69
CA THR C 149 54.62 7.87 -29.31
C THR C 149 54.38 6.59 -28.52
N PRO C 150 55.31 6.22 -27.63
CA PRO C 150 55.10 4.99 -26.85
C PRO C 150 53.89 5.14 -25.94
N SER C 151 53.18 4.04 -25.74
CA SER C 151 51.95 4.08 -24.94
C SER C 151 52.24 4.49 -23.50
N SER C 152 53.49 4.36 -23.05
CA SER C 152 53.85 4.79 -21.70
C SER C 152 53.66 6.29 -21.54
N VAL C 153 54.03 7.07 -22.56
CA VAL C 153 53.88 8.52 -22.48
C VAL C 153 52.41 8.90 -22.34
N ILE C 154 51.55 8.30 -23.17
CA ILE C 154 50.12 8.63 -23.13
C ILE C 154 49.52 8.17 -21.81
N TYR C 155 49.92 6.99 -21.32
CA TYR C 155 49.40 6.51 -20.05
C TYR C 155 49.80 7.43 -18.91
N HIS C 156 51.06 7.85 -18.89
CA HIS C 156 51.52 8.77 -17.85
C HIS C 156 50.76 10.09 -17.90
N LEU C 157 50.62 10.67 -19.11
CA LEU C 157 49.85 11.90 -19.24
C LEU C 157 48.43 11.72 -18.73
N MET C 158 47.74 10.66 -19.20
CA MET C 158 46.32 10.48 -18.93
C MET C 158 46.06 10.16 -17.47
N THR C 159 47.00 9.48 -16.81
CA THR C 159 46.82 9.12 -15.41
C THR C 159 47.19 10.29 -14.49
N GLN C 160 48.36 10.90 -14.70
CA GLN C 160 48.85 11.91 -13.78
C GLN C 160 48.39 13.32 -14.16
N HIS C 161 48.72 13.76 -15.38
CA HIS C 161 48.52 15.17 -15.72
C HIS C 161 47.04 15.46 -15.95
N TRP C 162 46.33 14.56 -16.65
CA TRP C 162 44.94 14.82 -16.95
C TRP C 162 44.06 14.63 -15.72
N GLY C 163 44.49 13.80 -14.78
CA GLY C 163 43.77 13.60 -13.54
C GLY C 163 42.88 12.38 -13.47
N LEU C 164 42.86 11.55 -14.50
CA LEU C 164 42.05 10.34 -14.47
C LEU C 164 42.63 9.32 -13.51
N ASP C 165 41.77 8.41 -13.05
CA ASP C 165 42.16 7.36 -12.12
C ASP C 165 42.27 6.04 -12.87
N VAL C 166 43.15 5.17 -12.40
CA VAL C 166 43.32 3.87 -13.06
C VAL C 166 42.03 3.07 -12.95
N PRO C 167 41.49 2.56 -14.05
CA PRO C 167 40.18 1.90 -13.99
C PRO C 167 40.30 0.43 -13.57
N ASN C 168 39.19 -0.09 -13.07
CA ASN C 168 39.06 -1.51 -12.78
C ASN C 168 38.62 -2.31 -14.01
N LEU C 169 38.30 -1.64 -15.10
CA LEU C 169 37.87 -2.29 -16.33
C LEU C 169 38.07 -1.32 -17.49
N LEU C 170 38.41 -1.87 -18.64
CA LEU C 170 38.56 -1.10 -19.87
C LEU C 170 37.56 -1.61 -20.88
N ILE C 171 36.41 -0.95 -21.00
CA ILE C 171 35.39 -1.31 -21.96
C ILE C 171 35.68 -0.52 -23.24
N SER C 172 35.71 -1.22 -24.36
CA SER C 172 36.09 -0.63 -25.64
C SER C 172 34.89 -0.65 -26.57
N VAL C 173 34.63 0.47 -27.23
CA VAL C 173 33.49 0.63 -28.12
C VAL C 173 34.03 0.86 -29.53
N THR C 174 33.95 -0.16 -30.37
CA THR C 174 34.38 -0.07 -31.77
C THR C 174 33.23 -0.51 -32.66
N GLY C 175 32.94 0.28 -33.70
CA GLY C 175 31.80 -0.02 -34.54
C GLY C 175 31.91 0.68 -35.88
N GLY C 176 30.97 0.36 -36.77
CA GLY C 176 30.96 0.98 -38.08
C GLY C 176 30.61 2.46 -37.99
N ALA C 177 30.92 3.18 -39.06
CA ALA C 177 30.69 4.63 -39.09
C ALA C 177 29.58 5.06 -40.03
N LYS C 178 28.97 4.11 -40.75
CA LYS C 178 27.78 4.40 -41.54
C LYS C 178 26.61 4.56 -40.59
N ASN C 179 25.91 5.70 -40.68
CA ASN C 179 24.87 6.01 -39.70
C ASN C 179 23.76 4.96 -39.74
N PHE C 180 23.31 4.55 -38.57
CA PHE C 180 22.33 3.48 -38.48
C PHE C 180 21.27 3.83 -37.44
N ASN C 181 20.09 3.27 -37.63
CA ASN C 181 18.95 3.56 -36.77
C ASN C 181 18.35 2.25 -36.30
N MET C 182 18.11 2.15 -35.00
CA MET C 182 17.81 0.89 -34.36
C MET C 182 16.60 1.00 -33.44
N LYS C 183 15.98 -0.15 -33.19
CA LYS C 183 14.67 -0.20 -32.54
C LYS C 183 14.73 0.33 -31.11
N PRO C 184 13.64 0.92 -30.62
CA PRO C 184 13.66 1.52 -29.27
C PRO C 184 13.96 0.53 -28.15
N ARG C 185 13.49 -0.72 -28.25
CA ARG C 185 13.75 -1.67 -27.17
C ARG C 185 15.25 -1.91 -27.02
N LEU C 186 15.90 -2.36 -28.09
CA LEU C 186 17.34 -2.60 -28.06
C LEU C 186 18.10 -1.32 -27.76
N LYS C 187 17.56 -0.19 -28.18
CA LYS C 187 18.19 1.11 -27.94
C LYS C 187 18.25 1.43 -26.45
N SER C 188 17.11 1.32 -25.76
CA SER C 188 17.09 1.55 -24.32
C SER C 188 17.92 0.50 -23.58
N ILE C 189 17.86 -0.76 -24.03
CA ILE C 189 18.66 -1.80 -23.39
C ILE C 189 20.14 -1.48 -23.48
N PHE C 190 20.62 -1.11 -24.68
CA PHE C 190 22.03 -0.78 -24.84
C PHE C 190 22.43 0.42 -23.98
N ARG C 191 21.62 1.48 -24.01
CA ARG C 191 21.97 2.67 -23.23
C ARG C 191 22.06 2.35 -21.74
N ARG C 192 21.01 1.72 -21.19
CA ARG C 192 20.99 1.44 -19.75
C ARG C 192 22.12 0.49 -19.38
N GLY C 193 22.34 -0.55 -20.18
CA GLY C 193 23.40 -1.50 -19.85
C GLY C 193 24.78 -0.88 -19.88
N LEU C 194 25.08 -0.13 -20.94
CA LEU C 194 26.40 0.50 -21.02
C LEU C 194 26.61 1.48 -19.88
N VAL C 195 25.62 2.32 -19.60
CA VAL C 195 25.79 3.31 -18.54
C VAL C 195 25.97 2.65 -17.18
N LYS C 196 25.18 1.60 -16.90
CA LYS C 196 25.27 0.97 -15.60
C LYS C 196 26.61 0.25 -15.43
N VAL C 197 27.03 -0.52 -16.45
CA VAL C 197 28.29 -1.25 -16.34
C VAL C 197 29.49 -0.32 -16.31
N ALA C 198 29.39 0.87 -16.92
CA ALA C 198 30.51 1.79 -16.95
C ALA C 198 30.49 2.78 -15.79
N GLN C 199 29.38 2.82 -15.04
CA GLN C 199 29.32 3.73 -13.90
C GLN C 199 29.53 3.01 -12.58
N THR C 200 29.03 1.77 -12.47
CA THR C 200 29.15 1.05 -11.21
C THR C 200 30.53 0.45 -11.00
N THR C 201 31.38 0.44 -12.02
CA THR C 201 32.74 -0.10 -11.91
C THR C 201 33.82 0.95 -12.14
N GLY C 202 33.46 2.16 -12.55
CA GLY C 202 34.45 3.19 -12.81
C GLY C 202 35.39 2.84 -13.94
N ALA C 203 34.82 2.38 -15.06
CA ALA C 203 35.59 1.89 -16.19
C ALA C 203 35.74 2.98 -17.25
N TRP C 204 36.82 2.87 -18.02
CA TRP C 204 37.05 3.75 -19.16
C TRP C 204 36.31 3.22 -20.38
N ILE C 205 35.81 4.14 -21.19
CA ILE C 205 34.92 3.80 -22.30
C ILE C 205 35.57 4.22 -23.62
N ILE C 206 36.89 4.06 -23.70
CA ILE C 206 37.68 4.45 -24.88
C ILE C 206 36.97 4.03 -26.17
N THR C 207 36.84 4.98 -27.09
CA THR C 207 36.14 4.76 -28.35
C THR C 207 36.57 5.84 -29.33
N GLY C 208 35.87 5.91 -30.45
CA GLY C 208 36.15 6.95 -31.43
C GLY C 208 35.56 8.28 -31.02
N GLY C 209 36.09 9.34 -31.65
CA GLY C 209 35.65 10.70 -31.39
C GLY C 209 34.71 11.28 -32.41
N SER C 210 34.28 10.50 -33.40
CA SER C 210 33.43 11.06 -34.45
C SER C 210 32.02 11.31 -33.92
N HIS C 211 31.21 11.93 -34.76
CA HIS C 211 29.81 12.21 -34.45
C HIS C 211 28.87 11.46 -35.38
N THR C 212 29.17 10.20 -35.72
CA THR C 212 28.33 9.41 -36.59
C THR C 212 28.57 7.93 -36.34
N GLY C 213 27.53 7.23 -35.88
CA GLY C 213 27.61 5.79 -35.69
C GLY C 213 27.54 5.32 -34.24
N VAL C 214 28.25 4.24 -33.94
CA VAL C 214 28.24 3.66 -32.60
C VAL C 214 28.79 4.63 -31.56
N MET C 215 29.85 5.35 -31.91
CA MET C 215 30.41 6.34 -31.01
C MET C 215 29.47 7.52 -30.81
N LYS C 216 28.71 7.89 -31.84
CA LYS C 216 27.63 8.82 -31.61
C LYS C 216 26.59 8.26 -30.65
N GLN C 217 26.28 6.97 -30.74
CA GLN C 217 25.37 6.33 -29.80
C GLN C 217 25.88 6.37 -28.37
N VAL C 218 27.19 6.12 -28.17
CA VAL C 218 27.71 6.17 -26.81
C VAL C 218 27.80 7.59 -26.27
N GLY C 219 28.06 8.58 -27.12
CA GLY C 219 27.92 9.96 -26.69
C GLY C 219 26.50 10.22 -26.27
N GLU C 220 25.56 9.64 -27.02
CA GLU C 220 24.15 9.78 -26.71
C GLU C 220 23.82 9.19 -25.35
N ALA C 221 24.42 8.03 -25.04
CA ALA C 221 24.17 7.37 -23.76
C ALA C 221 24.80 8.13 -22.61
N VAL C 222 25.97 8.74 -22.84
CA VAL C 222 26.58 9.58 -21.81
C VAL C 222 25.73 10.81 -21.54
N ARG C 223 25.17 11.40 -22.59
CA ARG C 223 24.18 12.47 -22.41
C ARG C 223 22.97 11.98 -21.62
N ASP C 224 22.50 10.78 -21.90
CA ASP C 224 21.35 10.24 -21.18
C ASP C 224 21.68 10.08 -19.70
N PHE C 225 22.90 9.63 -19.38
CA PHE C 225 23.33 9.58 -17.99
C PHE C 225 23.35 10.96 -17.36
N SER C 226 23.96 11.95 -18.02
CA SER C 226 24.00 13.30 -17.50
C SER C 226 22.61 13.92 -17.33
N LEU C 227 21.62 13.41 -18.05
CA LEU C 227 20.24 13.86 -17.88
C LEU C 227 19.78 13.73 -16.42
N SER C 228 20.05 12.59 -15.78
CA SER C 228 19.72 12.41 -14.37
C SER C 228 20.90 12.78 -13.49
N SER C 229 22.03 12.09 -13.63
CA SER C 229 23.25 12.37 -12.88
C SER C 229 22.97 12.44 -11.38
N SER C 230 22.53 11.30 -10.83
CA SER C 230 22.15 11.24 -9.43
C SER C 230 23.32 11.60 -8.51
N TYR C 231 24.54 11.26 -8.91
CA TYR C 231 25.74 11.64 -8.16
C TYR C 231 26.94 11.40 -9.06
N LYS C 232 27.97 12.24 -8.88
CA LYS C 232 29.19 12.16 -9.67
C LYS C 232 28.89 12.23 -11.17
N GLU C 233 28.35 13.38 -11.60
CA GLU C 233 27.95 13.54 -12.99
C GLU C 233 29.15 13.39 -13.93
N GLY C 234 30.27 14.01 -13.58
CA GLY C 234 31.47 13.93 -14.40
C GLY C 234 32.32 12.73 -14.07
N GLU C 235 31.72 11.55 -14.00
CA GLU C 235 32.43 10.32 -13.69
C GLU C 235 32.46 9.34 -14.84
N LEU C 236 31.60 9.52 -15.85
CA LEU C 236 31.61 8.66 -17.04
C LEU C 236 32.62 9.22 -18.05
N ILE C 237 33.89 9.12 -17.69
CA ILE C 237 34.95 9.63 -18.54
C ILE C 237 35.11 8.72 -19.74
N THR C 238 35.05 9.32 -20.94
CA THR C 238 35.06 8.59 -22.21
C THR C 238 36.13 9.21 -23.10
N ILE C 239 37.34 8.67 -23.05
CA ILE C 239 38.40 9.16 -23.92
C ILE C 239 38.09 8.78 -25.36
N GLY C 240 38.29 9.73 -26.27
CA GLY C 240 38.00 9.50 -27.67
C GLY C 240 39.25 9.50 -28.54
N VAL C 241 39.30 8.59 -29.51
CA VAL C 241 40.44 8.47 -30.42
C VAL C 241 39.96 8.72 -31.83
N ALA C 242 40.60 9.66 -32.52
CA ALA C 242 40.25 10.00 -33.88
C ALA C 242 41.44 10.63 -34.57
N THR C 243 41.40 10.66 -35.89
CA THR C 243 42.45 11.27 -36.69
C THR C 243 42.33 12.79 -36.67
N TRP C 244 43.42 13.47 -36.34
CA TRP C 244 43.43 14.93 -36.39
C TRP C 244 43.29 15.46 -37.81
N GLY C 245 43.87 14.77 -38.80
CA GLY C 245 43.84 15.25 -40.16
C GLY C 245 42.46 15.37 -40.77
N THR C 246 41.45 14.74 -40.16
CA THR C 246 40.08 14.82 -40.64
C THR C 246 39.21 15.35 -39.51
N VAL C 247 39.18 16.67 -39.37
CA VAL C 247 38.32 17.37 -38.42
C VAL C 247 37.82 18.61 -39.12
N HIS C 248 36.56 18.98 -38.85
CA HIS C 248 35.93 20.07 -39.60
C HIS C 248 36.53 21.42 -39.24
N ARG C 249 36.32 21.86 -38.00
CA ARG C 249 36.83 23.16 -37.55
C ARG C 249 38.12 22.99 -36.72
N ARG C 250 39.12 22.38 -37.34
CA ARG C 250 40.37 22.16 -36.62
C ARG C 250 41.35 23.33 -36.71
N GLU C 251 41.14 24.27 -37.61
CA GLU C 251 42.04 25.42 -37.71
C GLU C 251 41.84 26.41 -36.57
N GLY C 252 40.76 26.29 -35.82
CA GLY C 252 40.53 27.15 -34.67
C GLY C 252 41.13 26.54 -33.41
N LEU C 253 41.89 25.46 -33.57
CA LEU C 253 42.55 24.80 -32.45
C LEU C 253 44.07 24.85 -32.51
N ILE C 254 44.67 25.26 -33.63
CA ILE C 254 46.13 25.32 -33.74
C ILE C 254 46.62 26.62 -33.12
N HIS C 255 46.97 26.58 -31.84
CA HIS C 255 47.49 27.74 -31.13
C HIS C 255 48.66 27.26 -30.29
N PRO C 256 49.89 27.74 -30.54
CA PRO C 256 51.05 27.22 -29.82
C PRO C 256 51.07 27.66 -28.36
N THR C 257 51.98 27.03 -27.61
CA THR C 257 52.22 27.29 -26.18
C THR C 257 50.92 27.55 -25.41
N GLY C 258 49.91 26.71 -25.63
CA GLY C 258 48.69 26.77 -24.87
C GLY C 258 47.48 27.31 -25.60
N SER C 259 46.61 26.43 -26.08
CA SER C 259 45.31 26.82 -26.62
C SER C 259 44.26 26.51 -25.55
N PHE C 260 44.30 27.31 -24.48
CA PHE C 260 43.34 27.17 -23.40
C PHE C 260 41.99 27.71 -23.83
N PRO C 261 40.88 27.17 -23.27
CA PRO C 261 39.55 27.29 -23.89
C PRO C 261 39.51 27.78 -25.33
N ALA C 262 39.89 26.90 -26.26
CA ALA C 262 39.79 27.18 -27.69
C ALA C 262 38.42 26.71 -28.15
N GLU C 263 37.54 27.66 -28.43
CA GLU C 263 36.16 27.34 -28.79
C GLU C 263 36.12 26.59 -30.12
N TYR C 264 35.19 25.64 -30.22
CA TYR C 264 35.02 24.82 -31.41
C TYR C 264 33.56 24.89 -31.85
N ILE C 265 33.35 24.89 -33.16
CA ILE C 265 32.01 24.96 -33.75
C ILE C 265 31.79 23.69 -34.56
N LEU C 266 30.70 23.00 -34.30
CA LEU C 266 30.33 21.80 -35.05
C LEU C 266 29.16 22.13 -35.98
N ASP C 267 29.27 21.69 -37.23
CA ASP C 267 28.26 21.94 -38.24
C ASP C 267 28.19 20.73 -39.17
N GLU C 268 27.10 19.98 -39.07
CA GLU C 268 26.90 18.80 -39.90
C GLU C 268 26.31 19.21 -41.24
N ASP C 269 26.51 18.34 -42.24
CA ASP C 269 26.10 18.60 -43.62
C ASP C 269 26.73 19.88 -44.15
N GLY C 270 27.99 20.08 -43.78
CA GLY C 270 28.77 21.20 -44.28
C GLY C 270 30.18 20.77 -44.61
N GLN C 271 30.43 19.46 -44.51
CA GLN C 271 31.74 18.88 -44.75
C GLN C 271 31.77 18.11 -46.06
N GLY C 272 32.89 17.47 -46.36
CA GLY C 272 32.97 16.55 -47.46
C GLY C 272 32.88 15.12 -46.95
N ASN C 273 33.98 14.37 -47.08
CA ASN C 273 34.10 13.06 -46.44
C ASN C 273 34.67 13.16 -45.04
N LEU C 274 35.16 14.33 -44.64
CA LEU C 274 35.78 14.49 -43.35
C LEU C 274 34.72 14.44 -42.25
N THR C 275 35.17 14.47 -41.01
CA THR C 275 34.39 14.14 -39.84
C THR C 275 34.39 15.29 -38.86
N CYS C 276 33.31 15.39 -38.07
CA CYS C 276 33.19 16.37 -37.00
C CYS C 276 33.39 15.70 -35.65
N LEU C 277 33.74 16.51 -34.66
CA LEU C 277 33.94 16.03 -33.30
C LEU C 277 32.59 15.82 -32.61
N ASP C 278 32.61 15.06 -31.53
CA ASP C 278 31.44 14.83 -30.70
C ASP C 278 31.41 15.89 -29.59
N SER C 279 30.33 15.89 -28.81
CA SER C 279 30.17 16.91 -27.78
C SER C 279 29.88 16.29 -26.42
N ASN C 280 29.61 14.99 -26.40
CA ASN C 280 29.26 14.30 -25.17
C ASN C 280 30.42 13.51 -24.58
N HIS C 281 31.55 13.42 -25.26
CA HIS C 281 32.72 12.75 -24.72
C HIS C 281 33.42 13.66 -23.71
N SER C 282 34.33 13.06 -22.94
CA SER C 282 35.06 13.79 -21.91
C SER C 282 36.51 14.10 -22.27
N HIS C 283 37.15 13.29 -23.08
CA HIS C 283 38.55 13.51 -23.44
C HIS C 283 38.78 13.05 -24.87
N PHE C 284 39.65 13.77 -25.58
CA PHE C 284 39.96 13.47 -26.97
C PHE C 284 41.48 13.37 -27.13
N ILE C 285 41.92 12.37 -27.88
CA ILE C 285 43.33 12.25 -28.27
C ILE C 285 43.34 12.11 -29.79
N LEU C 286 43.89 13.11 -30.46
CA LEU C 286 43.91 13.14 -31.92
C LEU C 286 45.31 12.80 -32.42
N VAL C 287 45.38 11.99 -33.47
CA VAL C 287 46.64 11.48 -34.00
C VAL C 287 46.97 12.18 -35.31
N ASP C 288 48.26 12.41 -35.55
CA ASP C 288 48.74 13.06 -36.75
C ASP C 288 49.43 12.06 -37.68
N ASP C 289 49.34 12.34 -38.99
CA ASP C 289 50.16 11.60 -39.94
C ASP C 289 50.70 12.54 -41.02
N GLY C 290 50.41 13.84 -40.94
CA GLY C 290 50.73 14.74 -42.03
C GLY C 290 49.94 14.36 -43.27
N THR C 291 48.68 14.00 -43.09
CA THR C 291 47.81 13.57 -44.16
C THR C 291 46.45 14.23 -43.96
N HIS C 292 45.71 14.38 -45.06
CA HIS C 292 44.49 15.17 -45.03
C HIS C 292 43.21 14.34 -45.10
N GLY C 293 43.22 13.19 -45.77
CA GLY C 293 41.99 12.44 -45.92
C GLY C 293 42.07 10.93 -45.73
N GLN C 294 42.91 10.46 -44.81
CA GLN C 294 43.03 9.04 -44.51
C GLN C 294 42.40 8.72 -43.17
N TYR C 295 41.89 7.48 -43.04
CA TYR C 295 41.17 7.03 -41.85
C TYR C 295 41.81 5.81 -41.20
N GLY C 296 43.01 5.42 -41.62
CA GLY C 296 43.59 4.19 -41.13
C GLY C 296 44.76 4.37 -40.19
N VAL C 297 44.78 5.50 -39.46
CA VAL C 297 45.91 5.79 -38.59
C VAL C 297 45.58 5.71 -37.10
N GLU C 298 44.31 5.87 -36.73
CA GLU C 298 43.92 5.79 -35.33
C GLU C 298 43.81 4.36 -34.82
N ILE C 299 43.44 3.42 -35.69
CA ILE C 299 43.25 2.03 -35.24
C ILE C 299 44.54 1.38 -34.77
N PRO C 300 45.67 1.47 -35.50
CA PRO C 300 46.90 0.86 -34.96
C PRO C 300 47.33 1.40 -33.60
N LEU C 301 47.37 2.72 -33.46
CA LEU C 301 47.76 3.31 -32.19
C LEU C 301 46.78 2.95 -31.08
N ARG C 302 45.48 2.93 -31.41
CA ARG C 302 44.48 2.56 -30.42
C ARG C 302 44.68 1.14 -29.95
N THR C 303 44.96 0.21 -30.88
CA THR C 303 45.22 -1.17 -30.49
C THR C 303 46.46 -1.27 -29.62
N ARG C 304 47.53 -0.56 -29.99
CA ARG C 304 48.76 -0.60 -29.20
C ARG C 304 48.54 -0.07 -27.78
N LEU C 305 47.86 1.07 -27.67
CA LEU C 305 47.59 1.65 -26.36
C LEU C 305 46.66 0.77 -25.54
N GLU C 306 45.65 0.17 -26.18
CA GLU C 306 44.70 -0.67 -25.47
C GLU C 306 45.36 -1.94 -24.98
N LYS C 307 46.29 -2.49 -25.77
CA LYS C 307 47.12 -3.59 -25.30
C LYS C 307 48.03 -3.21 -24.14
N PHE C 308 48.67 -2.03 -24.20
CA PHE C 308 49.54 -1.63 -23.10
C PHE C 308 48.78 -1.32 -21.82
N ILE C 309 47.53 -0.88 -21.92
CA ILE C 309 46.74 -0.61 -20.72
C ILE C 309 46.51 -1.89 -19.91
N SER C 310 46.12 -2.97 -20.59
CA SER C 310 45.84 -4.23 -19.90
C SER C 310 47.08 -4.82 -19.25
N GLU C 311 48.28 -4.47 -19.72
CA GLU C 311 49.50 -4.89 -19.04
C GLU C 311 49.61 -4.29 -17.64
N GLN C 312 49.04 -3.12 -17.43
CA GLN C 312 49.12 -2.44 -16.14
C GLN C 312 48.31 -3.19 -15.08
N THR C 313 48.81 -3.14 -13.85
CA THR C 313 48.17 -3.79 -12.72
C THR C 313 47.77 -2.76 -11.68
N LYS C 314 46.61 -2.98 -11.08
CA LYS C 314 46.07 -2.10 -10.04
C LYS C 314 46.15 -2.83 -8.70
N GLU C 315 46.71 -2.18 -7.70
CA GLU C 315 46.88 -2.76 -6.37
C GLU C 315 46.26 -1.83 -5.33
N ARG C 316 45.07 -2.18 -4.86
CA ARG C 316 44.38 -1.41 -3.83
C ARG C 316 43.89 -2.39 -2.77
N GLY C 317 44.26 -2.15 -1.51
CA GLY C 317 43.81 -2.96 -0.40
C GLY C 317 44.63 -4.20 -0.13
N GLY C 318 45.65 -4.49 -0.94
CA GLY C 318 46.47 -5.67 -0.77
C GLY C 318 46.28 -6.74 -1.81
N VAL C 319 45.33 -6.60 -2.73
CA VAL C 319 45.10 -7.58 -3.79
C VAL C 319 45.40 -6.89 -5.12
N ALA C 320 46.21 -7.54 -5.95
CA ALA C 320 46.62 -6.97 -7.23
C ALA C 320 46.02 -7.77 -8.38
N ILE C 321 45.48 -7.04 -9.36
CA ILE C 321 44.87 -7.64 -10.54
C ILE C 321 45.33 -6.84 -11.76
N LYS C 322 45.45 -7.53 -12.88
CA LYS C 322 45.67 -6.87 -14.16
C LYS C 322 44.31 -6.48 -14.73
N ILE C 323 44.22 -5.26 -15.27
CA ILE C 323 42.92 -4.68 -15.62
C ILE C 323 42.25 -5.53 -16.69
N PRO C 324 41.03 -6.01 -16.48
CA PRO C 324 40.33 -6.76 -17.54
C PRO C 324 39.96 -5.85 -18.70
N ILE C 325 39.80 -6.47 -19.88
CA ILE C 325 39.68 -5.73 -21.13
C ILE C 325 38.59 -6.39 -21.97
N VAL C 326 37.53 -5.64 -22.27
CA VAL C 326 36.37 -6.18 -22.98
C VAL C 326 36.08 -5.31 -24.20
N CYS C 327 35.47 -5.91 -25.22
CA CYS C 327 35.17 -5.22 -26.48
C CYS C 327 33.70 -5.45 -26.84
N VAL C 328 33.08 -4.45 -27.44
CA VAL C 328 31.69 -4.52 -27.90
C VAL C 328 31.60 -3.87 -29.29
N VAL C 329 30.76 -4.44 -30.15
CA VAL C 329 30.63 -4.00 -31.54
C VAL C 329 29.16 -3.86 -31.88
N LEU C 330 28.86 -2.97 -32.86
CA LEU C 330 27.49 -2.69 -33.32
C LEU C 330 27.51 -2.32 -34.80
N GLU C 331 27.14 -3.29 -35.66
CA GLU C 331 26.97 -3.04 -37.09
C GLU C 331 28.18 -2.36 -37.72
N GLY C 332 29.31 -3.05 -37.78
CA GLY C 332 30.49 -2.47 -38.36
C GLY C 332 30.48 -2.56 -39.88
N GLY C 333 31.68 -2.42 -40.45
CA GLY C 333 31.88 -2.55 -41.87
C GLY C 333 33.01 -3.51 -42.19
N PRO C 334 33.97 -3.05 -43.01
CA PRO C 334 35.09 -3.92 -43.39
C PRO C 334 36.21 -3.99 -42.35
N GLY C 335 36.37 -2.94 -41.54
CA GLY C 335 37.46 -2.86 -40.59
C GLY C 335 37.18 -3.48 -39.23
N THR C 336 35.90 -3.73 -38.94
CA THR C 336 35.55 -4.40 -37.69
C THR C 336 36.00 -5.85 -37.72
N LEU C 337 36.14 -6.43 -38.91
CA LEU C 337 36.64 -7.80 -38.95
C LEU C 337 38.17 -7.81 -38.77
N HIS C 338 38.81 -6.65 -38.92
CA HIS C 338 40.08 -6.45 -38.24
C HIS C 338 39.89 -6.42 -36.73
N THR C 339 39.13 -5.45 -36.21
CA THR C 339 39.20 -5.18 -34.77
C THR C 339 38.76 -6.38 -33.95
N ILE C 340 37.77 -7.15 -34.43
CA ILE C 340 37.26 -8.29 -33.69
C ILE C 340 38.29 -9.41 -33.67
N ASP C 341 38.92 -9.68 -34.82
CA ASP C 341 39.97 -10.68 -34.89
C ASP C 341 41.18 -10.29 -34.06
N ASN C 342 41.60 -9.03 -34.16
CA ASN C 342 42.78 -8.50 -33.50
C ASN C 342 42.56 -8.52 -32.00
N ALA C 343 41.30 -8.37 -31.59
CA ALA C 343 40.96 -8.42 -30.18
C ALA C 343 40.85 -9.87 -29.69
N THR C 344 40.23 -10.73 -30.50
CA THR C 344 39.87 -12.08 -30.09
C THR C 344 41.11 -12.98 -30.05
N THR C 345 42.02 -12.80 -31.00
CA THR C 345 43.25 -13.59 -30.98
C THR C 345 44.05 -13.35 -29.72
N ASN C 346 44.02 -12.13 -29.19
CA ASN C 346 44.71 -11.83 -27.95
C ASN C 346 44.03 -12.50 -26.76
N GLY C 347 42.70 -12.40 -26.67
CA GLY C 347 41.99 -12.97 -25.54
C GLY C 347 40.96 -12.06 -24.90
N THR C 348 40.61 -10.97 -25.60
CA THR C 348 39.59 -10.03 -25.14
C THR C 348 38.21 -10.65 -25.33
N PRO C 349 37.34 -10.59 -24.33
CA PRO C 349 35.97 -11.07 -24.50
C PRO C 349 35.15 -10.16 -25.39
N CYS C 350 35.31 -10.26 -26.71
CA CYS C 350 34.48 -9.47 -27.60
C CYS C 350 33.02 -9.84 -27.43
N VAL C 351 32.17 -8.81 -27.38
CA VAL C 351 30.74 -9.02 -27.16
C VAL C 351 29.97 -8.43 -28.34
N VAL C 352 29.65 -9.28 -29.33
CA VAL C 352 28.86 -8.84 -30.46
C VAL C 352 27.37 -8.93 -30.12
N VAL C 353 26.62 -7.91 -30.52
CA VAL C 353 25.19 -7.77 -30.22
C VAL C 353 24.37 -8.16 -31.43
N GLU C 354 23.33 -8.96 -31.22
CA GLU C 354 22.41 -9.39 -32.29
C GLU C 354 21.32 -8.33 -32.41
N GLY C 355 21.22 -7.75 -33.60
CA GLY C 355 20.18 -6.77 -33.88
C GLY C 355 20.72 -5.54 -34.58
N SER C 356 20.12 -5.19 -35.72
CA SER C 356 20.56 -4.06 -36.54
C SER C 356 22.06 -4.16 -36.83
N GLY C 357 22.43 -5.24 -37.52
CA GLY C 357 23.83 -5.47 -37.81
C GLY C 357 24.12 -5.78 -39.27
N ARG C 358 25.11 -5.08 -39.83
CA ARG C 358 25.64 -5.42 -41.14
C ARG C 358 26.70 -6.50 -40.96
N VAL C 359 27.54 -6.32 -39.94
CA VAL C 359 28.56 -7.31 -39.63
C VAL C 359 28.21 -8.07 -38.36
N ALA C 360 27.81 -7.35 -37.31
CA ALA C 360 27.52 -8.00 -36.03
C ALA C 360 26.40 -9.03 -36.17
N ASP C 361 25.37 -8.68 -36.95
CA ASP C 361 24.27 -9.62 -37.15
C ASP C 361 24.73 -10.84 -37.94
N VAL C 362 25.78 -10.71 -38.75
CA VAL C 362 26.30 -11.87 -39.47
C VAL C 362 26.88 -12.88 -38.50
N ILE C 363 27.73 -12.42 -37.57
CA ILE C 363 28.22 -13.32 -36.52
C ILE C 363 27.08 -13.86 -35.67
N ALA C 364 26.09 -13.04 -35.34
CA ALA C 364 24.96 -13.51 -34.55
C ALA C 364 24.18 -14.60 -35.27
N GLN C 365 24.06 -14.46 -36.59
CA GLN C 365 23.32 -15.44 -37.39
C GLN C 365 24.10 -16.74 -37.52
N VAL C 366 25.43 -16.64 -37.69
CA VAL C 366 26.27 -17.80 -37.96
C VAL C 366 26.94 -18.21 -36.64
N ALA C 367 26.35 -17.79 -35.53
CA ALA C 367 27.02 -17.87 -34.23
C ALA C 367 27.13 -19.27 -33.65
N ASN C 368 26.02 -19.89 -33.24
CA ASN C 368 26.12 -21.19 -32.58
C ASN C 368 26.05 -22.36 -33.55
N ILE C 369 25.92 -22.10 -34.86
CA ILE C 369 26.02 -23.14 -35.88
C ILE C 369 27.45 -23.69 -35.76
N PRO C 370 27.65 -25.01 -35.76
CA PRO C 370 28.97 -25.52 -35.39
C PRO C 370 30.04 -25.21 -36.43
N VAL C 371 31.30 -25.31 -35.98
CA VAL C 371 32.43 -24.93 -36.83
C VAL C 371 32.53 -25.88 -38.02
N SER C 372 33.00 -25.34 -39.14
CA SER C 372 33.29 -26.06 -40.38
C SER C 372 32.07 -26.70 -41.02
N ASP C 373 30.88 -26.52 -40.45
CA ASP C 373 29.65 -26.98 -41.08
C ASP C 373 29.14 -26.00 -42.13
N ILE C 374 29.84 -24.88 -42.30
CA ILE C 374 29.45 -23.82 -43.23
C ILE C 374 30.37 -23.88 -44.44
N THR C 375 29.80 -23.75 -45.63
CA THR C 375 30.57 -23.72 -46.86
C THR C 375 30.81 -22.29 -47.32
N ILE C 376 31.76 -22.14 -48.24
CA ILE C 376 32.05 -20.83 -48.80
C ILE C 376 30.83 -20.29 -49.54
N SER C 377 30.15 -21.14 -50.31
CA SER C 377 28.93 -20.72 -50.98
C SER C 377 27.84 -20.38 -49.98
N LEU C 378 27.77 -21.12 -48.86
CA LEU C 378 26.79 -20.79 -47.82
C LEU C 378 27.06 -19.42 -47.23
N ILE C 379 28.34 -19.09 -46.99
CA ILE C 379 28.67 -17.77 -46.48
C ILE C 379 28.35 -16.69 -47.52
N GLN C 380 28.58 -17.01 -48.81
CA GLN C 380 28.25 -16.07 -49.87
C GLN C 380 26.76 -15.78 -49.91
N GLN C 381 25.92 -16.81 -49.76
CA GLN C 381 24.48 -16.60 -49.76
C GLN C 381 24.00 -15.95 -48.45
N LYS C 382 24.72 -16.16 -47.35
CA LYS C 382 24.46 -15.40 -46.13
C LYS C 382 24.74 -13.92 -46.32
N LEU C 383 25.83 -13.56 -46.98
CA LEU C 383 26.21 -12.18 -47.21
C LEU C 383 25.37 -11.50 -48.30
N SER C 384 24.83 -12.29 -49.25
CA SER C 384 24.05 -11.72 -50.34
C SER C 384 22.63 -11.34 -49.96
N VAL C 385 22.25 -11.46 -48.69
CA VAL C 385 20.90 -11.12 -48.25
C VAL C 385 20.90 -9.90 -47.31
N PHE C 386 22.06 -9.27 -47.11
CA PHE C 386 22.17 -8.19 -46.14
C PHE C 386 22.87 -6.95 -46.66
N PHE C 387 23.52 -6.99 -47.83
CA PHE C 387 24.39 -5.91 -48.27
C PHE C 387 23.97 -5.29 -49.60
N GLN C 388 22.69 -4.91 -49.75
CA GLN C 388 22.12 -4.49 -51.02
C GLN C 388 22.89 -3.39 -51.74
N GLU C 389 23.44 -2.42 -51.00
CA GLU C 389 24.07 -1.27 -51.64
C GLU C 389 25.30 -1.67 -52.45
N MET C 390 26.09 -2.60 -51.94
CA MET C 390 27.33 -3.02 -52.58
C MET C 390 27.36 -4.50 -52.92
N PHE C 391 26.19 -5.12 -53.11
CA PHE C 391 26.10 -6.55 -53.37
C PHE C 391 26.75 -6.91 -54.71
N GLU C 392 26.92 -5.91 -55.59
CA GLU C 392 27.54 -6.12 -56.89
C GLU C 392 29.01 -5.78 -56.92
N THR C 393 29.52 -5.02 -55.93
CA THR C 393 30.91 -4.60 -55.89
C THR C 393 31.76 -5.51 -55.00
N PHE C 394 31.24 -6.69 -54.65
CA PHE C 394 31.98 -7.64 -53.82
C PHE C 394 32.78 -8.57 -54.72
N THR C 395 34.11 -8.46 -54.61
CA THR C 395 35.02 -9.29 -55.40
C THR C 395 34.96 -10.74 -54.92
N GLU C 396 35.29 -11.66 -55.82
CA GLU C 396 35.39 -13.07 -55.47
C GLU C 396 36.45 -13.36 -54.43
N SER C 397 37.38 -12.42 -54.19
CA SER C 397 38.36 -12.54 -53.13
C SER C 397 37.90 -11.92 -51.82
N ARG C 398 36.94 -10.99 -51.85
CA ARG C 398 36.43 -10.41 -50.62
C ARG C 398 35.71 -11.45 -49.77
N ILE C 399 35.14 -12.48 -50.39
CA ILE C 399 34.47 -13.52 -49.64
C ILE C 399 35.48 -14.32 -48.82
N VAL C 400 36.69 -14.55 -49.34
CA VAL C 400 37.63 -15.45 -48.68
C VAL C 400 38.07 -14.89 -47.33
N GLU C 401 38.40 -13.60 -47.28
CA GLU C 401 38.81 -12.98 -46.03
C GLU C 401 37.73 -13.11 -44.97
N TRP C 402 36.49 -12.78 -45.33
CA TRP C 402 35.39 -12.84 -44.37
C TRP C 402 35.11 -14.28 -43.95
N THR C 403 35.19 -15.23 -44.89
CA THR C 403 34.99 -16.64 -44.53
C THR C 403 36.02 -17.08 -43.50
N LYS C 404 37.30 -16.77 -43.73
CA LYS C 404 38.34 -17.18 -42.81
C LYS C 404 38.16 -16.55 -41.43
N LYS C 405 37.86 -15.25 -41.40
CA LYS C 405 37.79 -14.57 -40.11
C LYS C 405 36.54 -14.98 -39.33
N ILE C 406 35.41 -15.14 -40.01
CA ILE C 406 34.22 -15.70 -39.37
C ILE C 406 34.51 -17.11 -38.86
N GLN C 407 35.24 -17.91 -39.67
CA GLN C 407 35.61 -19.25 -39.24
C GLN C 407 36.31 -19.21 -37.90
N ASP C 408 37.35 -18.36 -37.77
CA ASP C 408 38.09 -18.32 -36.50
C ASP C 408 37.19 -17.82 -35.36
N ILE C 409 36.52 -16.68 -35.57
CA ILE C 409 35.77 -16.05 -34.49
C ILE C 409 34.69 -16.99 -33.96
N VAL C 410 33.93 -17.59 -34.87
CA VAL C 410 32.85 -18.47 -34.45
C VAL C 410 33.39 -19.82 -34.01
N ARG C 411 34.60 -20.19 -34.44
CA ARG C 411 35.21 -21.43 -33.96
C ARG C 411 35.49 -21.36 -32.46
N ARG C 412 36.09 -20.28 -32.00
CA ARG C 412 36.24 -20.12 -30.55
C ARG C 412 34.99 -19.44 -30.00
N ARG C 413 34.11 -20.24 -29.41
CA ARG C 413 32.90 -19.74 -28.76
C ARG C 413 33.10 -19.42 -27.29
N GLN C 414 34.26 -19.76 -26.72
CA GLN C 414 34.56 -19.38 -25.35
C GLN C 414 34.82 -17.88 -25.24
N LEU C 415 35.56 -17.32 -26.21
CA LEU C 415 35.83 -15.90 -26.26
C LEU C 415 34.66 -15.15 -26.90
N LEU C 416 34.16 -15.67 -28.02
CA LEU C 416 33.00 -15.07 -28.68
C LEU C 416 31.77 -15.22 -27.81
N THR C 417 30.94 -14.17 -27.77
CA THR C 417 29.72 -14.20 -26.99
C THR C 417 28.65 -13.40 -27.72
N VAL C 418 27.52 -14.06 -27.99
CA VAL C 418 26.41 -13.38 -28.65
C VAL C 418 25.40 -12.92 -27.61
N PHE C 419 24.89 -11.70 -27.80
CA PHE C 419 24.03 -11.04 -26.82
C PHE C 419 22.65 -11.67 -26.68
N ARG C 420 22.03 -12.08 -27.80
CA ARG C 420 20.66 -12.60 -27.75
C ARG C 420 19.74 -11.55 -27.15
N GLU C 421 19.57 -10.43 -27.85
CA GLU C 421 18.92 -9.22 -27.35
C GLU C 421 17.71 -9.47 -26.46
N GLY C 422 16.81 -10.37 -26.87
CA GLY C 422 15.60 -10.58 -26.11
C GLY C 422 15.19 -12.03 -25.93
N LYS C 423 15.97 -12.95 -26.49
CA LYS C 423 15.59 -14.36 -26.44
C LYS C 423 16.00 -15.00 -25.11
N ASP C 424 17.30 -15.00 -24.82
CA ASP C 424 17.81 -15.62 -23.60
C ASP C 424 18.99 -14.81 -23.09
N GLY C 425 19.12 -14.72 -21.77
CA GLY C 425 20.15 -13.88 -21.20
C GLY C 425 19.98 -12.41 -21.47
N GLN C 426 18.73 -11.96 -21.62
CA GLN C 426 18.43 -10.57 -21.99
C GLN C 426 18.35 -9.74 -20.71
N GLN C 427 19.47 -9.67 -20.00
CA GLN C 427 19.56 -8.86 -18.80
C GLN C 427 19.91 -7.42 -19.15
N ASP C 428 20.33 -6.66 -18.13
CA ASP C 428 20.67 -5.25 -18.28
C ASP C 428 22.05 -5.07 -18.91
N VAL C 429 22.55 -6.07 -19.63
CA VAL C 429 23.76 -5.98 -20.45
C VAL C 429 25.01 -5.92 -19.57
N ASP C 430 24.95 -5.17 -18.47
CA ASP C 430 26.08 -5.09 -17.56
C ASP C 430 26.52 -6.47 -17.07
N VAL C 431 25.57 -7.25 -16.55
CA VAL C 431 25.93 -8.58 -16.08
C VAL C 431 26.27 -9.51 -17.24
N ALA C 432 25.70 -9.28 -18.43
CA ALA C 432 26.10 -10.10 -19.58
C ALA C 432 27.56 -9.88 -19.94
N ILE C 433 27.98 -8.61 -19.99
CA ILE C 433 29.38 -8.28 -20.28
C ILE C 433 30.28 -8.84 -19.20
N LEU C 434 29.90 -8.66 -17.93
CA LEU C 434 30.71 -9.19 -16.84
C LEU C 434 30.78 -10.71 -16.91
N GLN C 435 29.69 -11.36 -17.30
CA GLN C 435 29.64 -12.80 -17.39
C GLN C 435 30.53 -13.33 -18.51
N ALA C 436 30.53 -12.66 -19.66
CA ALA C 436 31.43 -13.05 -20.74
C ALA C 436 32.89 -12.81 -20.34
N LEU C 437 33.15 -11.69 -19.66
CA LEU C 437 34.51 -11.40 -19.21
C LEU C 437 35.00 -12.47 -18.25
N LEU C 438 34.16 -12.87 -17.29
CA LEU C 438 34.56 -13.92 -16.37
C LEU C 438 34.62 -15.29 -17.04
N LYS C 439 33.82 -15.50 -18.10
CA LYS C 439 33.96 -16.72 -18.90
C LYS C 439 35.36 -16.81 -19.49
N ALA C 440 35.80 -15.74 -20.15
CA ALA C 440 37.15 -15.76 -20.75
C ALA C 440 38.23 -15.81 -19.68
N SER C 441 38.02 -15.16 -18.53
CA SER C 441 38.99 -15.26 -17.45
C SER C 441 39.07 -16.68 -16.91
N ARG C 442 37.94 -17.38 -16.85
CA ARG C 442 37.91 -18.79 -16.46
C ARG C 442 38.61 -19.66 -17.49
N SER C 443 38.54 -19.28 -18.76
CA SER C 443 39.17 -20.04 -19.84
C SER C 443 40.68 -19.87 -19.88
N GLN C 444 41.23 -18.95 -19.08
CA GLN C 444 42.67 -18.71 -19.11
C GLN C 444 43.42 -19.82 -18.37
N ASP C 445 44.75 -19.77 -18.48
CA ASP C 445 45.59 -20.80 -17.87
C ASP C 445 45.61 -20.66 -16.36
N HIS C 446 45.63 -21.80 -15.68
CA HIS C 446 45.71 -21.84 -14.22
C HIS C 446 46.17 -23.22 -13.80
N PHE C 447 47.21 -23.30 -12.96
CA PHE C 447 47.75 -24.59 -12.57
C PHE C 447 47.46 -24.92 -11.12
N GLY C 448 47.44 -23.91 -10.25
CA GLY C 448 47.40 -24.12 -8.82
C GLY C 448 46.17 -23.59 -8.12
N HIS C 449 45.00 -23.78 -8.71
CA HIS C 449 43.72 -23.27 -8.18
C HIS C 449 43.72 -21.74 -8.18
N GLU C 450 44.18 -21.14 -9.28
CA GLU C 450 44.33 -19.69 -9.33
C GLU C 450 43.08 -19.02 -9.90
N ASN C 451 42.30 -19.75 -10.69
CA ASN C 451 41.10 -19.18 -11.31
C ASN C 451 40.11 -18.74 -10.23
N TRP C 452 39.93 -19.57 -9.20
CA TRP C 452 39.02 -19.23 -8.11
C TRP C 452 39.40 -17.92 -7.46
N ASP C 453 40.65 -17.82 -7.01
CA ASP C 453 41.10 -16.63 -6.29
C ASP C 453 41.08 -15.41 -7.18
N HIS C 454 41.47 -15.56 -8.46
CA HIS C 454 41.48 -14.41 -9.36
C HIS C 454 40.08 -13.88 -9.60
N GLN C 455 39.12 -14.78 -9.86
CA GLN C 455 37.74 -14.33 -10.08
C GLN C 455 37.17 -13.67 -8.84
N LEU C 456 37.44 -14.22 -7.65
CA LEU C 456 36.96 -13.57 -6.44
C LEU C 456 37.61 -12.20 -6.22
N LYS C 457 38.92 -12.11 -6.47
CA LYS C 457 39.60 -10.82 -6.33
C LYS C 457 38.98 -9.80 -7.26
N LEU C 458 38.68 -10.20 -8.50
CA LEU C 458 38.11 -9.27 -9.45
C LEU C 458 36.69 -8.85 -9.06
N ALA C 459 35.90 -9.79 -8.55
CA ALA C 459 34.56 -9.45 -8.11
C ALA C 459 34.61 -8.48 -6.94
N VAL C 460 35.54 -8.67 -6.01
CA VAL C 460 35.68 -7.74 -4.89
C VAL C 460 36.21 -6.39 -5.39
N ALA C 461 37.06 -6.40 -6.42
CA ALA C 461 37.52 -5.16 -7.01
C ALA C 461 36.37 -4.34 -7.58
N TRP C 462 35.43 -5.02 -8.25
CA TRP C 462 34.18 -4.36 -8.58
C TRP C 462 33.28 -4.29 -7.35
N ASN C 463 32.09 -3.73 -7.54
CA ASN C 463 31.13 -3.55 -6.46
C ASN C 463 29.77 -4.16 -6.80
N ARG C 464 29.77 -5.40 -7.25
CA ARG C 464 28.55 -6.12 -7.60
C ARG C 464 28.59 -7.48 -6.92
N VAL C 465 27.76 -7.64 -5.88
CA VAL C 465 27.75 -8.89 -5.11
C VAL C 465 26.92 -9.95 -5.83
N ASP C 466 25.99 -9.52 -6.69
CA ASP C 466 25.18 -10.49 -7.44
C ASP C 466 26.07 -11.35 -8.33
N ILE C 467 27.06 -10.74 -8.97
CA ILE C 467 28.02 -11.51 -9.77
C ILE C 467 28.77 -12.49 -8.90
N ALA C 468 29.20 -12.05 -7.72
CA ALA C 468 29.98 -12.91 -6.83
C ALA C 468 29.17 -14.13 -6.40
N ARG C 469 27.89 -13.94 -6.10
CA ARG C 469 27.11 -15.05 -5.56
C ARG C 469 26.54 -15.94 -6.67
N SER C 470 26.29 -15.39 -7.86
CA SER C 470 25.65 -16.15 -8.92
C SER C 470 26.62 -16.76 -9.92
N GLU C 471 27.85 -16.24 -10.02
CA GLU C 471 28.87 -16.89 -10.83
C GLU C 471 29.98 -17.49 -9.98
N ILE C 472 30.60 -16.68 -9.11
CA ILE C 472 31.78 -17.14 -8.40
C ILE C 472 31.41 -18.10 -7.29
N PHE C 473 30.65 -17.63 -6.31
CA PHE C 473 30.51 -18.34 -5.05
C PHE C 473 29.62 -19.57 -5.18
N MET C 474 28.97 -19.74 -6.33
CA MET C 474 28.12 -20.90 -6.52
C MET C 474 28.89 -22.08 -7.11
N ASP C 475 30.03 -21.82 -7.76
CA ASP C 475 30.62 -22.86 -8.60
C ASP C 475 32.13 -23.03 -8.41
N GLU C 476 32.68 -24.10 -8.99
CA GLU C 476 34.11 -24.44 -9.03
C GLU C 476 34.61 -25.11 -7.76
N TRP C 477 33.70 -25.49 -6.86
CA TRP C 477 34.00 -26.38 -5.74
C TRP C 477 34.99 -25.81 -4.73
N GLN C 478 35.34 -26.62 -3.72
CA GLN C 478 36.53 -26.44 -2.88
C GLN C 478 36.34 -25.24 -1.96
N TRP C 479 37.10 -24.16 -2.13
CA TRP C 479 36.98 -22.89 -1.38
C TRP C 479 36.92 -23.12 0.14
N LYS C 480 37.99 -23.70 0.66
CA LYS C 480 38.10 -23.85 2.11
C LYS C 480 38.02 -22.47 2.76
N PRO C 481 37.31 -22.33 3.89
CA PRO C 481 37.02 -20.99 4.43
C PRO C 481 38.26 -20.16 4.70
N SER C 482 39.40 -20.83 4.90
CA SER C 482 40.66 -20.10 5.03
C SER C 482 41.12 -19.47 3.72
N ASP C 483 40.55 -19.90 2.58
CA ASP C 483 41.00 -19.37 1.30
C ASP C 483 40.50 -17.95 1.07
N LEU C 484 39.39 -17.58 1.69
CA LEU C 484 38.80 -16.26 1.47
C LEU C 484 39.46 -15.17 2.31
N HIS C 485 40.44 -15.53 3.14
CA HIS C 485 41.07 -14.54 4.01
C HIS C 485 41.75 -13.39 3.26
N PRO C 486 42.58 -13.63 2.23
CA PRO C 486 43.26 -12.49 1.59
C PRO C 486 42.33 -11.43 1.02
N THR C 487 41.19 -11.84 0.45
CA THR C 487 40.28 -10.86 -0.12
C THR C 487 39.37 -10.26 0.94
N MET C 488 39.18 -10.98 2.05
CA MET C 488 38.42 -10.44 3.17
C MET C 488 39.08 -9.19 3.72
N THR C 489 40.41 -9.15 3.73
CA THR C 489 41.13 -7.96 4.18
C THR C 489 40.82 -6.76 3.29
N ALA C 490 40.86 -6.95 1.98
CA ALA C 490 40.54 -5.86 1.06
C ALA C 490 39.10 -5.43 1.20
N ALA C 491 38.19 -6.38 1.39
CA ALA C 491 36.78 -6.03 1.57
C ALA C 491 36.57 -5.19 2.83
N LEU C 492 37.25 -5.54 3.92
CA LEU C 492 37.15 -4.75 5.13
C LEU C 492 37.78 -3.37 4.95
N ILE C 493 38.93 -3.31 4.29
CA ILE C 493 39.64 -2.06 4.09
C ILE C 493 38.85 -1.08 3.23
N SER C 494 38.22 -1.57 2.16
CA SER C 494 37.51 -0.72 1.22
C SER C 494 36.08 -0.44 1.66
N ASN C 495 35.69 -0.87 2.87
CA ASN C 495 34.34 -0.63 3.40
C ASN C 495 33.27 -1.25 2.50
N LYS C 496 33.32 -2.57 2.35
CA LYS C 496 32.31 -3.27 1.57
C LYS C 496 31.51 -4.20 2.47
N PRO C 497 30.37 -3.73 3.00
CA PRO C 497 29.63 -4.55 3.96
C PRO C 497 28.95 -5.76 3.35
N GLU C 498 28.49 -5.66 2.10
CA GLU C 498 27.81 -6.80 1.49
C GLU C 498 28.78 -7.97 1.32
N PHE C 499 30.01 -7.69 0.86
CA PHE C 499 30.97 -8.76 0.66
C PHE C 499 31.45 -9.35 1.98
N VAL C 500 31.57 -8.53 3.02
CA VAL C 500 31.98 -9.10 4.31
C VAL C 500 30.86 -9.98 4.86
N LYS C 501 29.60 -9.58 4.68
CA LYS C 501 28.50 -10.47 5.07
C LYS C 501 28.54 -11.77 4.30
N LEU C 502 28.76 -11.71 2.99
CA LEU C 502 28.78 -12.93 2.18
C LEU C 502 29.93 -13.85 2.58
N PHE C 503 31.15 -13.29 2.74
CA PHE C 503 32.28 -14.09 3.16
C PHE C 503 32.04 -14.72 4.53
N LEU C 504 31.55 -13.94 5.49
CA LEU C 504 31.27 -14.46 6.82
C LEU C 504 30.17 -15.52 6.79
N GLU C 505 29.28 -15.45 5.80
CA GLU C 505 28.32 -16.53 5.57
C GLU C 505 29.02 -17.81 5.12
N ASN C 506 30.05 -17.70 4.27
CA ASN C 506 30.66 -18.90 3.71
C ASN C 506 31.53 -19.66 4.70
N GLY C 507 31.95 -19.01 5.78
CA GLY C 507 32.67 -19.81 6.75
C GLY C 507 33.87 -19.19 7.43
N VAL C 508 34.28 -18.00 6.98
CA VAL C 508 35.38 -17.33 7.66
C VAL C 508 34.92 -16.87 9.03
N GLN C 509 35.67 -17.26 10.06
CA GLN C 509 35.28 -17.02 11.44
C GLN C 509 36.04 -15.80 11.95
N LEU C 510 35.30 -14.84 12.50
CA LEU C 510 35.96 -13.67 13.08
C LEU C 510 36.84 -14.02 14.26
N LYS C 511 36.64 -15.20 14.87
CA LYS C 511 37.54 -15.65 15.92
C LYS C 511 38.95 -15.84 15.36
N GLU C 512 39.05 -16.38 14.16
CA GLU C 512 40.32 -16.41 13.43
C GLU C 512 40.36 -15.21 12.48
N PHE C 513 41.42 -15.14 11.68
CA PHE C 513 41.62 -14.07 10.69
C PHE C 513 41.93 -12.73 11.35
N VAL C 514 41.76 -12.62 12.65
CA VAL C 514 42.27 -11.44 13.35
C VAL C 514 43.56 -11.85 14.02
N THR C 515 44.66 -11.74 13.30
CA THR C 515 45.96 -12.07 13.85
C THR C 515 46.68 -10.80 14.24
N TRP C 516 47.81 -10.97 14.93
CA TRP C 516 48.62 -9.79 15.25
C TRP C 516 49.10 -9.11 13.98
N ASP C 517 49.58 -9.90 13.02
CA ASP C 517 50.03 -9.35 11.74
C ASP C 517 48.88 -8.71 10.98
N THR C 518 47.72 -9.38 10.95
CA THR C 518 46.58 -8.84 10.22
C THR C 518 46.09 -7.54 10.83
N LEU C 519 46.05 -7.47 12.17
CA LEU C 519 45.63 -6.23 12.83
C LEU C 519 46.62 -5.11 12.56
N LEU C 520 47.92 -5.42 12.61
CA LEU C 520 48.92 -4.41 12.28
C LEU C 520 48.76 -3.92 10.85
N TYR C 521 48.47 -4.84 9.93
CA TYR C 521 48.24 -4.45 8.53
C TYR C 521 47.02 -3.54 8.42
N LEU C 522 45.93 -3.88 9.12
CA LEU C 522 44.70 -3.09 9.04
C LEU C 522 44.91 -1.69 9.60
N TYR C 523 45.63 -1.55 10.72
CA TYR C 523 45.82 -0.22 11.28
C TYR C 523 46.72 0.63 10.40
N GLU C 524 47.63 0.01 9.65
CA GLU C 524 48.46 0.79 8.73
C GLU C 524 47.63 1.38 7.60
N ASN C 525 46.67 0.62 7.08
CA ASN C 525 45.82 1.06 5.97
C ASN C 525 44.51 1.68 6.45
N LEU C 526 44.53 2.33 7.61
CA LEU C 526 43.35 3.01 8.11
C LEU C 526 43.00 4.16 7.18
N ASP C 527 41.72 4.53 7.17
CA ASP C 527 41.23 5.58 6.29
C ASP C 527 42.07 6.85 6.43
N PRO C 528 42.77 7.28 5.36
CA PRO C 528 43.69 8.41 5.46
C PRO C 528 42.99 9.77 5.42
N SER C 529 41.86 9.88 6.12
CA SER C 529 41.20 11.17 6.28
C SER C 529 40.64 11.34 7.69
N CYS C 530 41.20 10.67 8.69
CA CYS C 530 40.56 10.54 9.99
C CYS C 530 41.36 11.22 11.09
N LEU C 531 40.62 11.70 12.09
CA LEU C 531 41.23 12.26 13.28
C LEU C 531 42.12 11.24 13.97
N PHE C 532 41.68 9.98 14.01
CA PHE C 532 42.52 8.93 14.57
C PHE C 532 43.81 8.79 13.78
N HIS C 533 43.74 8.86 12.46
CA HIS C 533 44.95 8.78 11.64
C HIS C 533 45.90 9.92 11.98
N SER C 534 45.38 11.14 12.07
CA SER C 534 46.24 12.29 12.38
C SER C 534 46.90 12.14 13.75
N LYS C 535 46.10 11.79 14.76
CA LYS C 535 46.66 11.68 16.10
C LYS C 535 47.63 10.51 16.20
N LEU C 536 47.35 9.41 15.50
CA LEU C 536 48.26 8.28 15.45
C LEU C 536 49.59 8.67 14.81
N GLN C 537 49.53 9.45 13.73
CA GLN C 537 50.75 9.97 13.13
C GLN C 537 51.53 10.81 14.13
N LYS C 538 50.81 11.64 14.90
CA LYS C 538 51.50 12.50 15.86
C LYS C 538 52.20 11.70 16.95
N VAL C 539 51.52 10.69 17.51
CA VAL C 539 52.17 9.90 18.55
C VAL C 539 53.30 9.09 17.95
N LEU C 540 53.15 8.65 16.69
CA LEU C 540 54.21 7.90 16.03
C LEU C 540 55.47 8.75 15.91
N VAL C 541 55.32 10.03 15.53
CA VAL C 541 56.51 10.85 15.32
C VAL C 541 57.06 11.41 16.63
N GLU C 542 56.22 11.50 17.67
CA GLU C 542 56.66 12.18 18.88
C GLU C 542 57.43 11.25 19.83
N ASP C 543 57.20 9.95 19.74
CA ASP C 543 57.96 9.02 20.57
C ASP C 543 59.44 9.09 20.16
N PRO C 544 60.34 9.40 21.09
CA PRO C 544 61.75 9.55 20.71
C PRO C 544 62.67 8.32 20.81
N GLU C 545 62.46 7.36 21.73
CA GLU C 545 63.35 6.21 21.73
C GLU C 545 62.82 5.09 20.83
N ARG C 546 61.72 5.34 20.13
CA ARG C 546 61.36 4.44 19.03
C ARG C 546 62.22 4.69 17.79
N PRO C 547 62.43 5.94 17.33
CA PRO C 547 63.40 6.14 16.24
C PRO C 547 64.84 5.98 16.67
N ALA C 548 65.10 5.77 17.96
CA ALA C 548 66.48 5.66 18.43
C ALA C 548 67.24 4.58 17.68
N CYS C 549 66.56 3.47 17.36
CA CYS C 549 67.21 2.42 16.58
C CYS C 549 67.45 2.88 15.15
N ALA C 550 66.45 3.48 14.52
CA ALA C 550 66.53 3.93 13.13
C ALA C 550 65.71 5.20 12.96
N PRO C 551 66.33 6.37 13.08
CA PRO C 551 65.56 7.62 12.97
C PRO C 551 65.12 7.94 11.57
N ALA C 552 65.74 7.33 10.55
CA ALA C 552 65.38 7.65 9.17
C ALA C 552 63.96 7.23 8.84
N ALA C 553 63.55 6.04 9.29
CA ALA C 553 62.24 5.52 8.96
C ALA C 553 61.42 5.30 10.22
N PRO C 554 60.25 5.91 10.35
CA PRO C 554 59.38 5.64 11.50
C PRO C 554 58.63 4.32 11.31
N ARG C 555 58.68 3.47 12.34
CA ARG C 555 58.08 2.14 12.28
C ARG C 555 56.86 2.10 13.19
N LEU C 556 55.72 1.67 12.63
CA LEU C 556 54.50 1.56 13.41
C LEU C 556 54.53 0.31 14.28
N GLN C 557 54.00 0.44 15.50
CA GLN C 557 53.97 -0.67 16.44
C GLN C 557 52.60 -0.71 17.11
N MET C 558 52.42 -1.69 18.00
CA MET C 558 51.11 -1.92 18.61
C MET C 558 50.82 -0.91 19.71
N HIS C 559 51.82 -0.53 20.49
CA HIS C 559 51.59 0.36 21.62
C HIS C 559 51.15 1.75 21.17
N HIS C 560 51.46 2.11 19.93
CA HIS C 560 51.12 3.45 19.44
C HIS C 560 49.61 3.66 19.38
N VAL C 561 48.86 2.66 18.89
CA VAL C 561 47.41 2.78 18.87
C VAL C 561 46.86 2.67 20.29
N ALA C 562 47.52 1.86 21.13
CA ALA C 562 47.04 1.67 22.50
C ALA C 562 47.12 2.96 23.30
N GLN C 563 48.18 3.74 23.12
CA GLN C 563 48.32 4.97 23.89
C GLN C 563 47.21 5.96 23.56
N VAL C 564 46.95 6.20 22.27
CA VAL C 564 45.90 7.13 21.89
C VAL C 564 44.53 6.58 22.25
N LEU C 565 44.38 5.25 22.20
CA LEU C 565 43.12 4.64 22.63
C LEU C 565 42.88 4.88 24.11
N ARG C 566 43.91 4.76 24.93
CA ARG C 566 43.78 5.09 26.35
C ARG C 566 43.46 6.56 26.55
N GLU C 567 44.10 7.42 25.74
CA GLU C 567 43.84 8.86 25.83
C GLU C 567 42.36 9.16 25.56
N LEU C 568 41.78 8.53 24.55
CA LEU C 568 40.36 8.71 24.25
C LEU C 568 39.48 8.11 25.34
N LEU C 569 39.73 6.86 25.70
CA LEU C 569 38.78 6.13 26.52
C LEU C 569 38.82 6.58 27.98
N GLY C 570 40.00 6.87 28.50
CA GLY C 570 40.12 7.32 29.88
C GLY C 570 41.38 6.84 30.57
N ASP C 571 41.80 7.58 31.59
CA ASP C 571 43.01 7.26 32.34
C ASP C 571 42.85 5.98 33.16
N PHE C 572 41.63 5.72 33.61
CA PHE C 572 41.35 4.67 34.59
C PHE C 572 41.73 3.28 34.09
N THR C 573 41.70 3.07 32.78
CA THR C 573 42.06 1.78 32.22
C THR C 573 43.56 1.65 31.98
N GLN C 574 44.07 0.44 32.15
CA GLN C 574 45.40 0.10 31.71
C GLN C 574 45.44 0.00 30.19
N PRO C 575 46.61 0.14 29.58
CA PRO C 575 46.69 0.01 28.11
C PRO C 575 46.14 -1.32 27.64
N LEU C 576 45.33 -1.27 26.59
CA LEU C 576 44.68 -2.49 26.10
C LEU C 576 45.69 -3.45 25.49
N TYR C 577 46.65 -2.93 24.73
CA TYR C 577 47.67 -3.74 24.10
C TYR C 577 48.98 -3.60 24.86
N PRO C 578 49.57 -4.70 25.32
CA PRO C 578 50.76 -4.60 26.18
C PRO C 578 51.95 -4.03 25.43
N ARG C 579 52.81 -3.35 26.19
CA ARG C 579 54.03 -2.80 25.63
C ARG C 579 54.98 -3.92 25.24
N PRO C 580 55.59 -3.86 24.06
CA PRO C 580 56.60 -4.85 23.70
C PRO C 580 57.78 -4.82 24.68
N ARG C 581 58.30 -6.00 24.98
CA ARG C 581 59.41 -6.11 25.92
C ARG C 581 60.15 -7.44 25.75
N HIS C 614 55.16 -16.79 14.31
CA HIS C 614 54.00 -17.33 13.60
C HIS C 614 52.75 -16.51 13.88
N VAL C 615 51.60 -17.16 13.83
CA VAL C 615 50.32 -16.52 14.15
C VAL C 615 50.13 -16.58 15.66
N THR C 616 49.92 -15.43 16.29
CA THR C 616 49.73 -15.34 17.74
C THR C 616 48.55 -14.43 18.02
N PHE C 617 47.39 -15.03 18.28
CA PHE C 617 46.21 -14.26 18.63
C PHE C 617 46.36 -13.62 20.00
N THR C 618 45.74 -12.45 20.15
CA THR C 618 45.57 -11.85 21.46
C THR C 618 44.22 -12.28 22.03
N MET C 619 44.08 -12.15 23.34
CA MET C 619 42.83 -12.52 23.99
C MET C 619 41.69 -11.66 23.45
N ASP C 620 40.54 -12.30 23.22
CA ASP C 620 39.37 -11.64 22.66
C ASP C 620 39.72 -11.01 21.31
N PRO C 621 39.95 -11.81 20.28
CA PRO C 621 40.41 -11.25 18.99
C PRO C 621 39.33 -10.50 18.22
N ILE C 622 38.20 -10.20 18.85
CA ILE C 622 37.12 -9.48 18.19
C ILE C 622 37.00 -8.04 18.71
N ARG C 623 37.44 -7.81 19.94
CA ARG C 623 37.36 -6.47 20.54
C ARG C 623 38.22 -5.47 19.77
N ASP C 624 39.35 -5.92 19.23
CA ASP C 624 40.29 -5.05 18.54
C ASP C 624 39.77 -4.69 17.15
N LEU C 625 39.22 -5.68 16.45
CA LEU C 625 38.54 -5.39 15.19
C LEU C 625 37.33 -4.48 15.40
N LEU C 626 36.62 -4.65 16.52
CA LEU C 626 35.54 -3.74 16.87
C LEU C 626 36.04 -2.31 17.08
N ILE C 627 37.18 -2.13 17.75
CA ILE C 627 37.76 -0.80 17.86
C ILE C 627 38.12 -0.24 16.49
N TRP C 628 38.75 -1.04 15.64
CA TRP C 628 39.12 -0.56 14.32
C TRP C 628 37.91 -0.14 13.51
N ALA C 629 36.79 -0.84 13.66
CA ALA C 629 35.55 -0.49 12.97
C ALA C 629 34.86 0.73 13.57
N ILE C 630 34.82 0.86 14.90
CA ILE C 630 34.16 1.97 15.55
C ILE C 630 34.90 3.29 15.34
N VAL C 631 36.23 3.30 15.47
CA VAL C 631 36.96 4.56 15.57
C VAL C 631 36.78 5.41 14.32
N GLN C 632 36.91 4.82 13.13
CA GLN C 632 36.82 5.56 11.87
C GLN C 632 35.39 5.68 11.38
N ASN C 633 34.42 5.48 12.28
CA ASN C 633 33.01 5.70 11.98
C ASN C 633 32.54 4.86 10.80
N ARG C 634 32.55 3.54 10.94
CA ARG C 634 32.07 2.62 9.92
C ARG C 634 30.79 1.97 10.46
N ARG C 635 29.66 2.59 10.12
CA ARG C 635 28.35 2.20 10.66
C ARG C 635 28.05 0.73 10.41
N GLU C 636 27.94 0.34 9.14
CA GLU C 636 27.44 -0.99 8.81
C GLU C 636 28.41 -2.09 9.22
N LEU C 637 29.72 -1.83 9.10
CA LEU C 637 30.71 -2.78 9.60
C LEU C 637 30.62 -2.94 11.12
N ALA C 638 30.29 -1.85 11.81
CA ALA C 638 30.30 -1.83 13.27
C ALA C 638 29.28 -2.77 13.88
N GLY C 639 28.05 -2.79 13.35
CA GLY C 639 27.03 -3.68 13.86
C GLY C 639 27.33 -5.13 13.55
N ILE C 640 27.82 -5.38 12.33
CA ILE C 640 28.19 -6.73 11.93
C ILE C 640 29.26 -7.31 12.83
N ILE C 641 30.33 -6.56 13.12
CA ILE C 641 31.37 -7.04 14.02
C ILE C 641 30.90 -7.16 15.46
N TRP C 642 30.08 -6.23 15.94
CA TRP C 642 29.56 -6.30 17.30
C TRP C 642 28.58 -7.43 17.52
N ALA C 643 27.94 -7.93 16.46
CA ALA C 643 26.98 -9.02 16.61
C ALA C 643 27.59 -10.28 17.21
N GLN C 644 28.91 -10.45 17.14
CA GLN C 644 29.54 -11.64 17.67
C GLN C 644 30.64 -11.31 18.67
N SER C 645 30.39 -10.40 19.61
CA SER C 645 31.37 -9.99 20.59
C SER C 645 31.24 -10.83 21.86
N GLN C 646 32.35 -10.91 22.61
CA GLN C 646 32.40 -11.72 23.83
C GLN C 646 31.52 -11.15 24.92
N ASP C 647 31.84 -9.94 25.40
CA ASP C 647 31.02 -9.23 26.36
C ASP C 647 30.44 -7.99 25.70
N CYS C 648 29.12 -7.85 25.74
CA CYS C 648 28.43 -6.90 24.89
C CYS C 648 27.68 -5.82 25.67
N ILE C 649 28.00 -5.63 26.94
CA ILE C 649 27.54 -4.46 27.67
C ILE C 649 28.74 -3.54 27.85
N ALA C 650 29.84 -4.11 28.34
CA ALA C 650 31.08 -3.35 28.44
C ALA C 650 31.57 -2.86 27.09
N ALA C 651 31.56 -3.72 26.06
CA ALA C 651 31.96 -3.29 24.73
C ALA C 651 31.02 -2.24 24.17
N ALA C 652 29.71 -2.44 24.31
CA ALA C 652 28.73 -1.49 23.80
C ALA C 652 28.82 -0.14 24.51
N LEU C 653 29.25 -0.11 25.76
CA LEU C 653 29.43 1.15 26.46
C LEU C 653 30.76 1.81 26.16
N ALA C 654 31.83 1.03 26.00
CA ALA C 654 33.11 1.60 25.61
C ALA C 654 33.04 2.17 24.19
N CYS C 655 32.26 1.53 23.31
CA CYS C 655 32.09 2.05 21.96
C CYS C 655 31.39 3.39 21.95
N SER C 656 30.48 3.63 22.90
CA SER C 656 29.85 4.93 23.07
C SER C 656 30.75 5.95 23.72
N LYS C 657 31.53 5.54 24.73
CA LYS C 657 32.48 6.45 25.36
C LYS C 657 33.52 6.96 24.39
N ILE C 658 34.11 6.05 23.59
CA ILE C 658 35.08 6.46 22.57
C ILE C 658 34.48 7.43 21.56
N LEU C 659 33.29 7.14 21.06
CA LEU C 659 32.62 8.00 20.10
C LEU C 659 32.29 9.37 20.66
N LYS C 660 31.79 9.44 21.89
CA LYS C 660 31.50 10.73 22.50
C LYS C 660 32.78 11.53 22.74
N GLU C 661 33.86 10.85 23.13
CA GLU C 661 35.12 11.56 23.35
C GLU C 661 35.70 12.08 22.05
N LEU C 662 35.57 11.30 20.98
CA LEU C 662 36.21 11.63 19.71
C LEU C 662 35.26 12.38 18.77
N SER C 663 34.07 12.70 19.28
CA SER C 663 33.08 13.42 18.48
C SER C 663 32.88 14.84 18.98
N LYS C 664 33.81 15.35 19.80
CA LYS C 664 33.72 16.71 20.30
C LYS C 664 34.90 17.59 19.92
N GLU C 665 35.99 17.01 19.43
CA GLU C 665 37.20 17.75 19.08
C GLU C 665 37.64 17.40 17.65
N GLU C 666 36.66 17.24 16.77
CA GLU C 666 36.89 16.83 15.39
C GLU C 666 36.93 17.99 14.41
N GLU C 667 36.33 19.14 14.75
CA GLU C 667 36.31 20.32 13.89
C GLU C 667 35.55 20.05 12.60
N ASP C 668 34.31 19.59 12.77
CA ASP C 668 33.46 19.27 11.64
C ASP C 668 32.00 19.40 12.09
N THR C 669 31.07 19.26 11.14
CA THR C 669 29.65 19.38 11.46
C THR C 669 28.90 18.18 10.89
N ASP C 670 29.53 17.45 9.97
CA ASP C 670 28.92 16.28 9.35
C ASP C 670 29.23 15.00 10.12
N SER C 671 30.50 14.63 10.20
CA SER C 671 30.91 13.45 10.95
C SER C 671 30.85 13.67 12.46
N SER C 672 31.09 14.90 12.92
CA SER C 672 30.90 15.21 14.33
C SER C 672 29.46 15.04 14.78
N GLU C 673 28.50 15.22 13.88
CA GLU C 673 27.10 14.94 14.17
C GLU C 673 26.73 13.48 13.94
N GLU C 674 27.36 12.82 12.96
CA GLU C 674 27.12 11.40 12.75
C GLU C 674 27.60 10.53 13.90
N MET C 675 28.81 10.76 14.41
CA MET C 675 29.32 9.98 15.53
C MET C 675 28.56 10.24 16.83
N LEU C 676 28.16 11.48 17.08
CA LEU C 676 27.35 11.77 18.26
C LEU C 676 26.00 11.06 18.24
N ALA C 677 25.50 10.70 17.06
CA ALA C 677 24.27 9.93 16.93
C ALA C 677 24.51 8.43 16.95
N LEU C 678 25.64 7.97 16.41
CA LEU C 678 26.00 6.56 16.52
C LEU C 678 26.28 6.16 17.97
N ALA C 679 26.84 7.09 18.77
CA ALA C 679 27.03 6.82 20.18
C ALA C 679 25.69 6.61 20.88
N GLU C 680 24.68 7.40 20.53
CA GLU C 680 23.36 7.28 21.14
C GLU C 680 22.67 5.98 20.73
N GLU C 681 23.15 5.36 19.66
CA GLU C 681 22.64 4.06 19.23
C GLU C 681 23.34 2.89 19.90
N TYR C 682 24.66 2.96 20.06
CA TYR C 682 25.32 1.96 20.90
C TYR C 682 24.87 2.06 22.35
N GLU C 683 24.49 3.27 22.79
CA GLU C 683 23.81 3.42 24.08
C GLU C 683 22.59 2.52 24.16
N HIS C 684 21.72 2.58 23.16
CA HIS C 684 20.49 1.82 23.20
C HIS C 684 20.76 0.33 23.03
N ARG C 685 21.80 -0.02 22.26
CA ARG C 685 22.22 -1.42 22.20
C ARG C 685 22.59 -1.95 23.57
N ALA C 686 23.44 -1.21 24.29
CA ALA C 686 23.83 -1.60 25.64
C ALA C 686 22.66 -1.66 26.60
N ILE C 687 21.73 -0.71 26.53
CA ILE C 687 20.54 -0.74 27.36
C ILE C 687 19.64 -1.94 27.06
N GLY C 688 19.45 -2.26 25.77
CA GLY C 688 18.54 -3.31 25.39
C GLY C 688 19.10 -4.71 25.62
N VAL C 689 20.42 -4.85 25.57
CA VAL C 689 21.03 -6.12 25.94
C VAL C 689 20.90 -6.38 27.44
N PHE C 690 21.01 -5.35 28.28
CA PHE C 690 21.00 -5.53 29.72
C PHE C 690 19.60 -5.78 30.29
N THR C 691 18.56 -5.16 29.74
CA THR C 691 17.21 -5.47 30.20
C THR C 691 16.79 -6.88 29.84
N GLU C 692 17.41 -7.47 28.82
CA GLU C 692 17.19 -8.88 28.51
C GLU C 692 17.77 -9.79 29.59
N CYS C 693 18.93 -9.43 30.14
CA CYS C 693 19.52 -10.15 31.26
C CYS C 693 18.80 -9.88 32.57
N TYR C 694 18.22 -8.68 32.74
CA TYR C 694 17.53 -8.31 33.97
C TYR C 694 16.13 -8.92 34.05
N ARG C 695 15.64 -9.51 32.96
CA ARG C 695 14.34 -10.15 32.96
C ARG C 695 14.42 -11.67 33.04
N LYS C 696 15.58 -12.27 32.79
CA LYS C 696 15.78 -13.68 33.01
C LYS C 696 16.13 -14.02 34.46
N ASP C 697 16.78 -13.09 35.17
CA ASP C 697 17.21 -13.31 36.54
C ASP C 697 17.37 -11.95 37.20
N GLU C 698 17.49 -11.96 38.53
CA GLU C 698 17.64 -10.73 39.30
C GLU C 698 19.03 -10.58 39.89
N GLU C 699 19.51 -11.57 40.66
CA GLU C 699 20.81 -11.50 41.29
C GLU C 699 21.97 -11.66 40.31
N ARG C 700 21.81 -12.48 39.27
CA ARG C 700 22.86 -12.69 38.29
C ARG C 700 22.91 -11.58 37.25
N ALA C 701 21.97 -10.64 37.27
CA ALA C 701 21.96 -9.52 36.35
C ALA C 701 22.72 -8.32 36.87
N GLN C 702 23.34 -8.43 38.04
CA GLN C 702 24.11 -7.33 38.62
C GLN C 702 25.54 -7.76 38.87
N LYS C 703 25.77 -9.07 38.95
CA LYS C 703 27.12 -9.60 39.10
C LYS C 703 27.92 -9.36 37.83
N LEU C 704 27.21 -9.21 36.70
CA LEU C 704 27.83 -8.76 35.46
C LEU C 704 27.79 -7.24 35.32
N LEU C 705 26.94 -6.57 36.09
CA LEU C 705 26.98 -5.12 36.21
C LEU C 705 28.24 -4.63 36.90
N THR C 706 28.69 -5.35 37.93
CA THR C 706 29.91 -4.98 38.65
C THR C 706 30.87 -6.17 38.59
N ARG C 707 31.68 -6.22 37.54
CA ARG C 707 32.73 -7.23 37.41
C ARG C 707 33.83 -6.60 36.55
N VAL C 708 35.05 -6.61 37.07
CA VAL C 708 36.19 -6.02 36.37
C VAL C 708 36.46 -6.86 35.11
N SER C 709 36.52 -6.19 33.97
CA SER C 709 36.71 -6.90 32.70
C SER C 709 38.17 -6.86 32.27
N GLU C 710 38.74 -8.04 32.06
CA GLU C 710 40.13 -8.16 31.66
C GLU C 710 40.37 -7.84 30.19
N ALA C 711 39.31 -7.67 29.41
CA ALA C 711 39.43 -7.41 27.98
C ALA C 711 39.06 -5.97 27.61
N TRP C 712 38.90 -5.10 28.60
CA TRP C 712 38.53 -3.72 28.29
C TRP C 712 39.26 -2.69 29.14
N GLY C 713 40.39 -3.05 29.75
CA GLY C 713 41.16 -2.09 30.50
C GLY C 713 41.01 -2.21 32.01
N LYS C 714 40.62 -3.40 32.47
CA LYS C 714 40.44 -3.68 33.90
C LYS C 714 39.46 -2.69 34.53
N THR C 715 38.31 -2.49 33.88
CA THR C 715 37.28 -1.61 34.38
C THR C 715 35.93 -2.32 34.33
N THR C 716 34.97 -1.78 35.08
CA THR C 716 33.65 -2.37 35.19
C THR C 716 32.71 -1.83 34.13
N CYS C 717 31.51 -2.41 34.08
CA CYS C 717 30.47 -1.99 33.14
C CYS C 717 29.67 -0.81 33.65
N LEU C 718 29.84 -0.41 34.91
CA LEU C 718 29.12 0.72 35.49
C LEU C 718 29.93 2.00 35.47
N GLN C 719 31.23 1.92 35.78
CA GLN C 719 32.10 3.09 35.73
C GLN C 719 32.27 3.63 34.32
N LEU C 720 32.20 2.78 33.30
CA LEU C 720 32.22 3.23 31.92
C LEU C 720 30.99 4.06 31.59
N ALA C 721 29.79 3.59 31.98
CA ALA C 721 28.57 4.33 31.72
C ALA C 721 28.53 5.63 32.51
N LEU C 722 28.96 5.60 33.78
CA LEU C 722 28.92 6.78 34.61
C LEU C 722 29.83 7.88 34.07
N GLU C 723 31.02 7.49 33.60
CA GLU C 723 32.00 8.44 33.10
C GLU C 723 31.80 8.80 31.63
N ALA C 724 31.00 8.03 30.90
CA ALA C 724 30.68 8.33 29.51
C ALA C 724 29.47 9.23 29.36
N LYS C 725 28.94 9.76 30.46
CA LYS C 725 27.76 10.61 30.47
C LYS C 725 26.55 9.90 29.86
N ASP C 726 26.44 8.59 30.11
CA ASP C 726 25.31 7.81 29.62
C ASP C 726 24.09 8.10 30.49
N MET C 727 23.25 9.03 30.05
CA MET C 727 22.13 9.49 30.85
C MET C 727 20.96 8.53 30.87
N LYS C 728 20.85 7.62 29.90
CA LYS C 728 19.71 6.72 29.79
C LYS C 728 20.02 5.32 30.29
N PHE C 729 21.26 5.03 30.64
CA PHE C 729 21.63 3.73 31.15
C PHE C 729 21.66 3.66 32.66
N VAL C 730 22.14 4.71 33.33
CA VAL C 730 22.26 4.71 34.79
C VAL C 730 20.91 5.03 35.42
N SER C 731 19.89 5.23 34.59
CA SER C 731 18.55 5.53 35.08
C SER C 731 17.56 4.53 34.49
N HIS C 732 17.97 3.27 34.37
CA HIS C 732 17.14 2.22 33.80
C HIS C 732 16.13 1.65 34.77
N GLY C 733 16.50 1.52 36.04
CA GLY C 733 15.64 0.88 37.03
C GLY C 733 16.29 -0.37 37.57
N GLY C 734 16.86 -1.17 36.67
CA GLY C 734 17.73 -2.24 37.09
C GLY C 734 19.08 -1.75 37.59
N ILE C 735 19.48 -0.56 37.16
CA ILE C 735 20.63 0.12 37.74
C ILE C 735 20.28 0.83 39.03
N GLN C 736 19.08 1.42 39.13
CA GLN C 736 18.63 2.10 40.33
C GLN C 736 18.32 1.16 41.49
N ALA C 737 17.77 -0.04 41.22
CA ALA C 737 17.58 -1.02 42.28
C ALA C 737 18.91 -1.45 42.88
N PHE C 738 19.92 -1.69 42.06
CA PHE C 738 21.24 -2.04 42.57
C PHE C 738 21.88 -0.93 43.37
N LEU C 739 21.67 0.34 42.99
CA LEU C 739 22.16 1.46 43.77
C LEU C 739 21.42 1.63 45.09
N THR C 740 20.10 1.47 45.11
CA THR C 740 19.33 1.48 46.34
C THR C 740 19.73 0.34 47.27
N LYS C 741 20.08 -0.83 46.71
CA LYS C 741 20.55 -1.94 47.52
C LYS C 741 21.84 -1.65 48.27
N VAL C 742 22.81 -1.00 47.62
CA VAL C 742 24.05 -0.62 48.30
C VAL C 742 23.87 0.63 49.15
N TRP C 743 22.85 1.44 48.88
CA TRP C 743 22.49 2.54 49.75
C TRP C 743 22.11 2.07 51.15
N TRP C 744 21.64 0.83 51.28
CA TRP C 744 21.31 0.24 52.57
C TRP C 744 22.40 -0.72 53.05
N GLY C 745 22.83 -1.65 52.20
CA GLY C 745 23.87 -2.58 52.59
C GLY C 745 23.39 -4.02 52.65
N GLN C 746 23.63 -4.68 53.78
CA GLN C 746 23.20 -6.06 53.95
C GLN C 746 21.81 -6.19 54.56
N LEU C 747 21.15 -5.08 54.87
CA LEU C 747 19.82 -5.10 55.46
C LEU C 747 18.76 -4.83 54.40
N SER C 748 17.53 -5.25 54.70
CA SER C 748 16.45 -5.19 53.73
C SER C 748 16.03 -3.76 53.46
N VAL C 749 15.51 -3.54 52.25
CA VAL C 749 15.10 -2.22 51.80
C VAL C 749 13.64 -1.89 52.09
N ASP C 750 12.77 -2.89 52.17
CA ASP C 750 11.35 -2.65 52.41
C ASP C 750 11.07 -2.41 53.90
N ASN C 751 11.71 -1.37 54.44
CA ASN C 751 11.48 -0.98 55.83
C ASN C 751 10.87 0.42 55.92
N GLY C 752 11.48 1.38 55.23
CA GLY C 752 11.03 2.76 55.28
C GLY C 752 12.07 3.66 55.93
N LEU C 753 11.79 4.96 55.89
CA LEU C 753 12.68 5.93 56.49
C LEU C 753 12.27 6.30 57.91
N TRP C 754 10.96 6.34 58.18
CA TRP C 754 10.48 6.66 59.53
C TRP C 754 11.00 5.67 60.57
N ARG C 755 11.00 4.39 60.23
CA ARG C 755 11.54 3.38 61.15
C ARG C 755 13.03 3.60 61.38
N VAL C 756 13.77 3.96 60.32
CA VAL C 756 15.20 4.21 60.47
C VAL C 756 15.45 5.38 61.41
N THR C 757 14.70 6.46 61.25
CA THR C 757 14.86 7.59 62.18
C THR C 757 14.45 7.21 63.60
N LEU C 758 13.38 6.43 63.75
CA LEU C 758 12.96 6.00 65.08
C LEU C 758 14.06 5.20 65.77
N CYS C 759 14.72 4.32 65.02
CA CYS C 759 15.80 3.51 65.58
C CYS C 759 17.08 4.29 65.83
N MET C 760 17.40 5.28 64.99
CA MET C 760 18.62 6.05 65.21
C MET C 760 18.45 7.02 66.38
N LEU C 761 17.24 7.56 66.55
CA LEU C 761 16.98 8.43 67.70
C LEU C 761 17.05 7.66 69.00
N ALA C 762 16.44 6.48 69.03
CA ALA C 762 16.46 5.64 70.22
C ALA C 762 17.51 4.54 70.10
N PHE C 763 18.66 4.73 70.74
CA PHE C 763 19.73 3.71 70.70
C PHE C 763 19.27 2.33 71.13
N PRO C 764 18.48 2.15 72.21
CA PRO C 764 17.99 0.78 72.51
C PRO C 764 16.71 0.45 71.74
N LEU C 765 16.81 0.47 70.40
CA LEU C 765 15.65 0.13 69.58
C LEU C 765 16.00 -0.75 68.38
N LEU C 766 17.11 -1.49 68.43
CA LEU C 766 17.51 -2.37 67.34
C LEU C 766 17.51 -3.83 67.75
N LEU C 767 17.54 -4.13 69.05
CA LEU C 767 17.52 -5.50 69.54
C LEU C 767 16.13 -6.11 69.55
N THR C 768 15.09 -5.31 69.33
CA THR C 768 13.72 -5.79 69.31
C THR C 768 13.28 -6.05 67.87
N GLY C 769 12.06 -6.55 67.71
CA GLY C 769 11.54 -6.84 66.39
C GLY C 769 10.95 -5.63 65.69
N LEU C 770 11.79 -4.62 65.44
CA LEU C 770 11.32 -3.41 64.78
C LEU C 770 11.95 -3.27 63.40
N ILE C 771 13.28 -3.28 63.34
CA ILE C 771 13.97 -3.10 62.07
C ILE C 771 13.91 -4.40 61.29
N SER C 772 14.00 -4.30 59.96
CA SER C 772 13.92 -5.45 59.08
C SER C 772 15.32 -5.88 58.63
N PHE C 773 15.40 -7.04 57.99
CA PHE C 773 16.65 -7.56 57.48
C PHE C 773 16.37 -8.47 56.29
N ARG C 774 17.35 -8.58 55.40
CA ARG C 774 17.36 -9.58 54.35
C ARG C 774 18.50 -10.55 54.62
N GLU C 775 18.56 -11.61 53.82
CA GLU C 775 19.45 -12.74 54.07
C GLU C 775 19.16 -13.32 55.47
N LYS C 776 17.96 -13.91 55.56
CA LYS C 776 17.33 -14.27 56.83
C LYS C 776 18.19 -15.14 57.73
N ARG C 777 19.32 -15.63 57.22
CA ARG C 777 20.26 -16.36 58.08
C ARG C 777 20.73 -15.51 59.25
N LEU C 778 20.75 -14.18 59.10
CA LEU C 778 21.07 -13.28 60.19
C LEU C 778 19.83 -12.65 60.84
N GLN C 779 18.66 -12.85 60.25
CA GLN C 779 17.43 -12.32 60.81
C GLN C 779 16.77 -13.28 61.79
N ASP C 780 16.73 -14.56 61.44
CA ASP C 780 16.19 -15.57 62.34
C ASP C 780 17.15 -15.82 63.49
N VAL C 781 18.37 -16.26 63.16
CA VAL C 781 19.43 -16.43 64.16
C VAL C 781 20.19 -15.10 64.19
N GLY C 782 19.67 -14.15 64.96
CA GLY C 782 20.24 -12.82 65.01
C GLY C 782 21.37 -12.68 66.00
N THR C 783 22.57 -12.40 65.51
CA THR C 783 23.71 -12.19 66.39
C THR C 783 23.64 -10.81 67.02
N PRO C 784 23.60 -10.71 68.35
CA PRO C 784 23.56 -9.38 68.98
C PRO C 784 24.76 -8.52 68.64
N ALA C 785 25.94 -9.12 68.49
CA ALA C 785 27.13 -8.35 68.15
C ALA C 785 27.08 -7.87 66.70
N ALA C 786 26.63 -8.72 65.78
CA ALA C 786 26.58 -8.34 64.38
C ALA C 786 25.50 -7.30 64.12
N ARG C 787 24.39 -7.38 64.87
CA ARG C 787 23.29 -6.43 64.67
C ARG C 787 23.73 -5.01 64.97
N ALA C 788 24.52 -4.81 66.03
CA ALA C 788 25.02 -3.49 66.35
C ALA C 788 25.97 -2.97 65.28
N ARG C 789 26.84 -3.85 64.76
CA ARG C 789 27.83 -3.41 63.78
C ARG C 789 27.22 -3.12 62.43
N ALA C 790 26.12 -3.80 62.10
CA ALA C 790 25.52 -3.66 60.77
C ALA C 790 25.06 -2.24 60.51
N PHE C 791 24.52 -1.57 61.52
CA PHE C 791 23.99 -0.22 61.30
C PHE C 791 25.10 0.77 60.98
N PHE C 792 26.20 0.73 61.75
CA PHE C 792 27.32 1.61 61.44
C PHE C 792 27.99 1.21 60.13
N THR C 793 27.89 -0.06 59.75
CA THR C 793 28.35 -0.47 58.42
C THR C 793 27.51 0.17 57.32
N ALA C 794 26.20 0.28 57.56
CA ALA C 794 25.31 0.83 56.56
C ALA C 794 25.63 2.30 56.29
N PRO C 795 25.55 2.77 55.05
CA PRO C 795 25.87 4.19 54.78
C PRO C 795 24.74 5.14 55.06
N VAL C 796 23.49 4.67 55.04
CA VAL C 796 22.36 5.56 55.33
C VAL C 796 22.40 6.00 56.78
N VAL C 797 22.81 5.11 57.68
CA VAL C 797 22.98 5.49 59.09
C VAL C 797 24.07 6.54 59.23
N VAL C 798 25.16 6.38 58.47
CA VAL C 798 26.23 7.37 58.49
C VAL C 798 25.71 8.72 58.02
N PHE C 799 24.91 8.72 56.96
CA PHE C 799 24.32 9.97 56.45
C PHE C 799 23.42 10.62 57.50
N HIS C 800 22.59 9.82 58.17
CA HIS C 800 21.72 10.37 59.20
C HIS C 800 22.51 10.93 60.37
N LEU C 801 23.56 10.23 60.79
CA LEU C 801 24.41 10.75 61.85
C LEU C 801 25.08 12.05 61.42
N ASN C 802 25.54 12.13 60.18
CA ASN C 802 26.18 13.35 59.70
C ASN C 802 25.21 14.51 59.69
N ILE C 803 23.99 14.30 59.18
CA ILE C 803 23.01 15.39 59.10
C ILE C 803 22.61 15.85 60.49
N LEU C 804 22.38 14.90 61.41
CA LEU C 804 22.02 15.29 62.78
C LEU C 804 23.17 16.02 63.47
N SER C 805 24.40 15.56 63.27
CA SER C 805 25.55 16.22 63.89
C SER C 805 25.70 17.64 63.35
N TYR C 806 25.56 17.81 62.04
CA TYR C 806 25.70 19.14 61.46
C TYR C 806 24.59 20.08 61.93
N PHE C 807 23.36 19.57 62.04
CA PHE C 807 22.26 20.40 62.51
C PHE C 807 22.44 20.77 63.98
N ALA C 808 22.88 19.83 64.81
CA ALA C 808 23.11 20.13 66.22
C ALA C 808 24.25 21.14 66.37
N PHE C 809 25.30 21.02 65.55
CA PHE C 809 26.34 22.04 65.50
C PHE C 809 25.77 23.41 65.15
N LEU C 810 24.94 23.47 64.11
CA LEU C 810 24.42 24.76 63.68
C LEU C 810 23.55 25.39 64.78
N CYS C 811 22.79 24.56 65.48
CA CYS C 811 22.01 25.05 66.61
C CYS C 811 22.92 25.54 67.73
N LEU C 812 24.03 24.85 67.99
CA LEU C 812 24.96 25.28 69.02
C LEU C 812 25.61 26.62 68.65
N PHE C 813 25.95 26.78 67.37
CA PHE C 813 26.50 28.06 66.90
C PHE C 813 25.47 29.17 67.06
N ALA C 814 24.20 28.87 66.77
CA ALA C 814 23.14 29.83 67.04
C ALA C 814 23.06 30.16 68.53
N TYR C 815 23.25 29.15 69.38
CA TYR C 815 23.16 29.34 70.82
C TYR C 815 24.24 30.31 71.30
N VAL C 816 25.49 30.11 70.84
CA VAL C 816 26.57 31.00 71.25
C VAL C 816 26.41 32.37 70.60
N LEU C 817 25.82 32.43 69.41
CA LEU C 817 25.48 33.73 68.83
C LEU C 817 24.48 34.47 69.71
N MET C 818 23.53 33.74 70.29
CA MET C 818 22.55 34.37 71.17
C MET C 818 23.18 34.87 72.46
N VAL C 819 23.68 33.96 73.30
CA VAL C 819 23.97 34.31 74.69
C VAL C 819 25.40 34.03 75.12
N ASP C 820 26.12 33.09 74.50
CA ASP C 820 27.45 32.72 74.94
C ASP C 820 28.47 33.42 74.07
N PHE C 821 28.85 34.64 74.44
CA PHE C 821 29.63 35.52 73.59
C PHE C 821 30.70 36.23 74.43
N GLN C 822 31.34 35.46 75.36
CA GLN C 822 32.20 36.04 76.40
C GLN C 822 33.61 36.30 75.85
N PRO C 823 34.32 37.30 76.39
CA PRO C 823 35.73 37.51 76.01
C PRO C 823 36.63 36.32 76.33
N VAL C 824 36.40 35.65 77.46
CA VAL C 824 37.03 34.36 77.71
C VAL C 824 36.30 33.36 76.83
N PRO C 825 37.00 32.59 76.00
CA PRO C 825 36.31 31.72 75.02
C PRO C 825 35.28 30.82 75.66
N SER C 826 34.01 31.06 75.34
CA SER C 826 32.91 30.25 75.85
C SER C 826 33.17 28.79 75.55
N TRP C 827 32.56 27.91 76.35
CA TRP C 827 32.80 26.48 76.24
C TRP C 827 32.56 25.93 74.85
N CYS C 828 31.95 26.72 73.95
CA CYS C 828 31.72 26.29 72.58
C CYS C 828 32.55 27.04 71.55
N GLU C 829 33.50 27.89 71.95
CA GLU C 829 34.35 28.54 70.96
C GLU C 829 35.34 27.54 70.36
N CYS C 830 36.10 26.86 71.21
CA CYS C 830 36.93 25.76 70.72
C CYS C 830 36.08 24.70 70.07
N ALA C 831 34.84 24.54 70.52
CA ALA C 831 33.95 23.54 69.95
C ALA C 831 33.54 23.90 68.53
N ILE C 832 33.23 25.18 68.27
CA ILE C 832 32.87 25.58 66.91
C ILE C 832 34.09 25.47 66.01
N TYR C 833 35.27 25.84 66.52
CA TYR C 833 36.48 25.66 65.73
C TYR C 833 36.68 24.19 65.35
N LEU C 834 36.57 23.28 66.33
CA LEU C 834 36.88 21.88 66.08
C LEU C 834 35.81 21.19 65.24
N TRP C 835 34.53 21.50 65.49
CA TRP C 835 33.49 20.83 64.72
C TRP C 835 33.28 21.49 63.36
N LEU C 836 33.85 22.68 63.14
CA LEU C 836 33.92 23.20 61.78
C LEU C 836 35.10 22.59 61.04
N PHE C 837 36.18 22.31 61.78
CA PHE C 837 37.24 21.45 61.26
C PHE C 837 36.73 20.05 60.95
N SER C 838 35.65 19.63 61.60
CA SER C 838 35.05 18.34 61.30
C SER C 838 34.60 18.24 59.85
N LEU C 839 34.18 19.38 59.26
CA LEU C 839 33.81 19.38 57.85
C LEU C 839 35.04 19.26 56.97
N VAL C 840 36.12 19.98 57.29
CA VAL C 840 37.25 20.08 56.37
C VAL C 840 38.14 18.84 56.48
N CYS C 841 38.15 18.17 57.63
CA CYS C 841 38.99 16.99 57.78
C CYS C 841 38.52 15.86 56.87
N GLU C 842 37.21 15.76 56.65
CA GLU C 842 36.70 14.83 55.66
C GLU C 842 37.01 15.31 54.25
N GLU C 843 37.00 16.63 54.04
CA GLU C 843 37.37 17.18 52.73
C GLU C 843 38.78 16.74 52.34
N MET C 844 39.64 16.49 53.32
CA MET C 844 40.92 15.83 53.03
C MET C 844 40.69 14.52 52.30
N ARG C 845 39.73 13.71 52.76
CA ARG C 845 39.49 12.43 52.12
C ARG C 845 38.86 12.60 50.74
N GLN C 846 37.85 13.47 50.61
CA GLN C 846 37.21 13.62 49.30
C GLN C 846 38.19 14.18 48.27
N LEU C 847 38.94 15.23 48.62
CA LEU C 847 39.81 15.85 47.63
C LEU C 847 41.07 15.02 47.39
N PHE C 848 41.60 14.39 48.44
CA PHE C 848 42.85 13.66 48.30
C PHE C 848 42.67 12.39 47.48
N TYR C 849 41.53 11.72 47.63
CA TYR C 849 41.36 10.40 47.02
C TYR C 849 41.25 10.49 45.51
N ASP C 850 41.98 9.62 44.82
CA ASP C 850 41.94 9.50 43.37
C ASP C 850 41.79 8.03 43.00
N PRO C 851 40.55 7.53 42.92
CA PRO C 851 40.37 6.12 42.56
C PRO C 851 40.96 5.78 41.21
N ASP C 852 40.89 6.71 40.26
CA ASP C 852 41.58 6.60 38.98
C ASP C 852 42.68 7.64 38.92
N GLU C 853 43.77 7.31 38.22
CA GLU C 853 44.91 8.21 38.15
C GLU C 853 44.50 9.55 37.55
N CYS C 854 44.49 10.59 38.40
CA CYS C 854 44.10 11.92 37.97
C CYS C 854 45.06 12.94 38.57
N GLY C 855 45.23 14.06 37.88
CA GLY C 855 46.16 15.07 38.33
C GLY C 855 45.63 15.86 39.51
N LEU C 856 46.57 16.37 40.32
CA LEU C 856 46.19 17.17 41.48
C LEU C 856 45.53 18.48 41.05
N MET C 857 46.05 19.11 39.99
CA MET C 857 45.44 20.34 39.52
C MET C 857 44.07 20.06 38.89
N LYS C 858 43.90 18.91 38.26
CA LYS C 858 42.58 18.50 37.79
C LYS C 858 41.63 18.32 38.97
N LYS C 859 42.13 17.74 40.07
CA LYS C 859 41.32 17.61 41.27
C LYS C 859 40.89 18.97 41.80
N ALA C 860 41.82 19.93 41.82
CA ALA C 860 41.49 21.29 42.27
C ALA C 860 40.46 21.94 41.35
N ALA C 861 40.62 21.77 40.05
CA ALA C 861 39.67 22.35 39.09
C ALA C 861 38.28 21.73 39.27
N LEU C 862 38.22 20.42 39.47
CA LEU C 862 36.94 19.76 39.71
C LEU C 862 36.30 20.27 40.99
N TYR C 863 37.09 20.47 42.04
CA TYR C 863 36.56 21.03 43.27
C TYR C 863 36.02 22.44 43.05
N PHE C 864 36.75 23.26 42.30
CA PHE C 864 36.32 24.64 42.06
C PHE C 864 35.07 24.69 41.18
N SER C 865 34.87 23.69 40.32
CA SER C 865 33.74 23.72 39.40
C SER C 865 32.40 23.48 40.10
N ASP C 866 32.42 23.07 41.37
CA ASP C 866 31.19 22.73 42.08
C ASP C 866 30.73 23.93 42.89
N PHE C 867 29.51 24.39 42.63
CA PHE C 867 28.99 25.57 43.33
C PHE C 867 28.61 25.22 44.77
N TRP C 868 28.14 24.00 45.02
CA TRP C 868 27.87 23.59 46.40
C TRP C 868 29.16 23.51 47.21
N ASN C 869 30.23 22.97 46.61
CA ASN C 869 31.53 23.01 47.25
C ASN C 869 32.03 24.44 47.41
N LYS C 870 31.68 25.33 46.48
CA LYS C 870 32.01 26.74 46.64
C LYS C 870 31.33 27.33 47.86
N LEU C 871 30.07 26.97 48.10
CA LEU C 871 29.38 27.42 49.31
C LEU C 871 30.03 26.83 50.56
N ASP C 872 30.40 25.55 50.51
CA ASP C 872 31.07 24.93 51.65
C ASP C 872 32.37 25.64 51.97
N VAL C 873 33.15 25.99 50.95
CA VAL C 873 34.35 26.80 51.14
C VAL C 873 33.99 28.21 51.59
N GLY C 874 32.87 28.77 51.12
CA GLY C 874 32.49 30.11 51.52
C GLY C 874 32.15 30.20 53.00
N ALA C 875 31.80 29.06 53.60
CA ALA C 875 31.70 29.02 55.06
C ALA C 875 33.00 29.51 55.71
N ILE C 876 34.14 28.95 55.29
CA ILE C 876 35.43 29.40 55.80
C ILE C 876 35.77 30.78 55.24
N LEU C 877 35.29 31.09 54.04
CA LEU C 877 35.54 32.40 53.46
C LEU C 877 34.91 33.51 54.29
N LEU C 878 33.80 33.21 54.98
CA LEU C 878 33.17 34.20 55.83
C LEU C 878 33.59 34.01 57.29
N PHE C 879 34.21 32.87 57.60
CA PHE C 879 35.14 32.82 58.73
C PHE C 879 36.26 33.84 58.61
N VAL C 880 36.76 34.07 57.39
CA VAL C 880 37.95 34.90 57.18
C VAL C 880 37.82 36.24 57.90
N ALA C 881 36.60 36.78 57.99
CA ALA C 881 36.37 38.02 58.71
C ALA C 881 35.87 37.78 60.14
N GLY C 882 35.77 36.53 60.58
CA GLY C 882 35.14 36.26 61.87
C GLY C 882 36.14 36.05 63.00
N LEU C 883 37.31 35.50 62.68
CA LEU C 883 38.27 35.16 63.73
C LEU C 883 38.80 36.41 64.41
N THR C 884 39.06 37.48 63.64
CA THR C 884 39.51 38.73 64.24
C THR C 884 38.41 39.38 65.06
N CYS C 885 37.17 39.30 64.57
CA CYS C 885 36.03 39.84 65.33
C CYS C 885 35.88 39.14 66.66
N ARG C 886 36.08 37.82 66.69
CA ARG C 886 36.12 37.10 67.96
C ARG C 886 37.33 37.50 68.80
N LEU C 887 38.50 37.65 68.19
CA LEU C 887 39.72 37.95 68.94
C LEU C 887 39.60 39.28 69.68
N ILE C 888 39.05 40.29 69.02
CA ILE C 888 38.75 41.57 69.67
C ILE C 888 37.24 41.74 69.67
N PRO C 889 36.57 41.50 70.79
CA PRO C 889 35.10 41.55 70.82
C PRO C 889 34.50 42.94 71.00
N ALA C 890 35.30 44.00 70.92
CA ALA C 890 34.77 45.36 71.07
C ALA C 890 33.99 45.78 69.83
N THR C 891 34.34 45.24 68.66
CA THR C 891 33.70 45.62 67.40
C THR C 891 32.32 44.96 67.29
N LEU C 892 31.47 45.29 68.27
CA LEU C 892 30.10 44.77 68.30
C LEU C 892 29.33 45.19 67.05
N TYR C 893 29.20 46.51 66.86
CA TYR C 893 28.32 47.03 65.82
C TYR C 893 28.78 46.58 64.43
N PRO C 894 30.07 46.69 64.05
CA PRO C 894 30.46 46.15 62.75
C PRO C 894 30.43 44.63 62.70
N GLY C 895 30.70 43.96 63.81
CA GLY C 895 31.00 42.55 63.80
C GLY C 895 29.85 41.58 63.92
N ARG C 896 28.66 41.99 64.36
CA ARG C 896 27.57 41.02 64.43
C ARG C 896 27.19 40.51 63.03
N VAL C 897 27.27 41.39 62.03
CA VAL C 897 26.75 41.05 60.70
C VAL C 897 27.58 39.94 60.06
N ILE C 898 28.90 39.90 60.31
CA ILE C 898 29.73 38.86 59.71
C ILE C 898 29.27 37.49 60.19
N LEU C 899 29.10 37.33 61.50
CA LEU C 899 28.71 36.02 62.02
C LEU C 899 27.26 35.69 61.67
N SER C 900 26.39 36.71 61.60
CA SER C 900 25.01 36.43 61.20
C SER C 900 24.91 35.96 59.76
N LEU C 901 25.63 36.63 58.85
CA LEU C 901 25.66 36.16 57.46
C LEU C 901 26.38 34.83 57.33
N ASP C 902 27.34 34.55 58.21
CA ASP C 902 27.93 33.21 58.25
C ASP C 902 26.88 32.18 58.61
N PHE C 903 26.00 32.49 59.56
CA PHE C 903 24.88 31.62 59.88
C PHE C 903 23.95 31.43 58.68
N ILE C 904 23.69 32.52 57.94
CA ILE C 904 22.81 32.43 56.78
C ILE C 904 23.42 31.52 55.72
N LEU C 905 24.73 31.63 55.50
CA LEU C 905 25.40 30.78 54.53
C LEU C 905 25.44 29.32 55.01
N PHE C 906 25.60 29.11 56.32
CA PHE C 906 25.47 27.77 56.88
C PHE C 906 24.09 27.18 56.58
N CYS C 907 23.03 27.97 56.78
CA CYS C 907 21.69 27.48 56.50
C CYS C 907 21.52 27.19 55.01
N LEU C 908 22.09 28.03 54.15
CA LEU C 908 22.01 27.77 52.71
C LEU C 908 22.73 26.47 52.34
N ARG C 909 23.89 26.22 52.94
CA ARG C 909 24.58 24.95 52.72
C ARG C 909 23.77 23.77 53.24
N LEU C 910 22.97 23.99 54.30
CA LEU C 910 22.14 22.91 54.83
C LEU C 910 21.10 22.44 53.81
N MET C 911 20.81 23.25 52.79
CA MET C 911 19.76 22.93 51.83
C MET C 911 20.13 21.78 50.89
N HIS C 912 21.38 21.32 50.90
CA HIS C 912 21.82 20.26 49.99
C HIS C 912 21.32 18.87 50.40
N ILE C 913 20.62 18.76 51.53
CA ILE C 913 20.32 17.46 52.10
C ILE C 913 19.24 16.74 51.30
N PHE C 914 18.48 17.47 50.49
CA PHE C 914 17.32 16.87 49.84
C PHE C 914 17.67 16.10 48.57
N THR C 915 18.94 16.05 48.18
CA THR C 915 19.31 15.25 47.02
C THR C 915 18.97 13.78 47.23
N ILE C 916 18.96 13.33 48.48
CA ILE C 916 18.55 11.96 48.79
C ILE C 916 17.06 11.79 48.59
N SER C 917 16.27 12.81 48.98
CA SER C 917 14.82 12.74 48.84
C SER C 917 14.44 12.52 47.39
N LYS C 918 13.83 11.37 47.10
CA LYS C 918 13.47 11.05 45.73
C LYS C 918 12.46 12.04 45.16
N THR C 919 11.54 12.52 45.99
CA THR C 919 10.48 13.39 45.51
C THR C 919 10.92 14.85 45.43
N LEU C 920 11.90 15.26 46.25
CA LEU C 920 12.39 16.63 46.20
C LEU C 920 13.85 16.75 45.76
N GLY C 921 14.53 15.65 45.47
CA GLY C 921 15.88 15.70 44.94
C GLY C 921 15.96 16.41 43.62
N PRO C 922 15.25 15.87 42.60
CA PRO C 922 15.17 16.61 41.33
C PRO C 922 14.58 17.99 41.51
N LYS C 923 13.86 18.21 42.61
CA LYS C 923 13.20 19.49 42.81
C LYS C 923 14.23 20.53 43.21
N ILE C 924 15.15 20.16 44.09
CA ILE C 924 16.31 21.00 44.38
C ILE C 924 17.15 21.18 43.12
N ILE C 925 17.24 20.12 42.30
CA ILE C 925 18.00 20.24 41.06
C ILE C 925 17.45 21.35 40.18
N ILE C 926 16.12 21.41 40.01
CA ILE C 926 15.54 22.45 39.16
C ILE C 926 15.64 23.82 39.84
N VAL C 927 15.52 23.86 41.16
CA VAL C 927 15.66 25.14 41.87
C VAL C 927 17.06 25.72 41.71
N LYS C 928 18.08 24.88 41.62
CA LYS C 928 19.43 25.40 41.44
C LYS C 928 19.59 26.10 40.08
N ARG C 929 18.68 25.82 39.15
CA ARG C 929 18.61 26.58 37.90
C ARG C 929 17.57 27.69 37.97
N MET C 930 16.64 27.61 38.92
CA MET C 930 15.72 28.71 39.21
C MET C 930 16.41 29.91 39.81
N MET C 931 17.56 29.70 40.46
CA MET C 931 18.22 30.75 41.22
C MET C 931 18.61 31.95 40.36
N LYS C 932 18.73 31.76 39.05
CA LYS C 932 19.26 32.82 38.18
C LYS C 932 18.29 33.99 38.05
N ASP C 933 16.99 33.71 37.95
CA ASP C 933 16.02 34.76 37.66
C ASP C 933 15.93 35.78 38.80
N VAL C 934 16.19 35.33 40.03
CA VAL C 934 16.11 36.22 41.19
C VAL C 934 17.11 37.36 41.12
N PHE C 935 18.32 37.11 40.61
CA PHE C 935 19.36 38.14 40.58
C PHE C 935 18.90 39.40 39.86
N PHE C 936 18.03 39.25 38.85
CA PHE C 936 17.51 40.38 38.12
C PHE C 936 16.08 40.75 38.51
N PHE C 937 15.28 39.82 39.04
CA PHE C 937 13.99 40.25 39.55
C PHE C 937 14.16 41.14 40.77
N LEU C 938 15.28 40.98 41.48
CA LEU C 938 15.61 41.91 42.55
C LEU C 938 15.77 43.32 42.02
N PHE C 939 16.45 43.48 40.88
CA PHE C 939 16.58 44.80 40.27
C PHE C 939 15.25 45.24 39.66
N LEU C 940 14.34 44.30 39.43
CA LEU C 940 13.03 44.68 38.91
C LEU C 940 12.10 45.14 40.02
N LEU C 941 12.28 44.62 41.24
CA LEU C 941 11.43 44.90 42.40
C LEU C 941 11.98 45.98 43.33
N ALA C 942 13.18 45.78 43.86
CA ALA C 942 13.70 46.65 44.91
C ALA C 942 13.89 48.07 44.40
N VAL C 943 14.23 48.24 43.13
CA VAL C 943 14.48 49.58 42.62
C VAL C 943 13.20 50.42 42.65
N TRP C 944 12.07 49.83 42.25
CA TRP C 944 10.83 50.61 42.26
C TRP C 944 10.28 50.74 43.67
N VAL C 945 10.48 49.72 44.52
CA VAL C 945 10.07 49.86 45.91
C VAL C 945 10.81 51.02 46.56
N VAL C 946 12.12 51.10 46.35
CA VAL C 946 12.91 52.20 46.89
C VAL C 946 12.52 53.52 46.23
N SER C 947 12.17 53.48 44.94
CA SER C 947 11.77 54.70 44.25
C SER C 947 10.52 55.29 44.87
N PHE C 948 9.51 54.44 45.12
CA PHE C 948 8.27 54.92 45.73
C PHE C 948 8.51 55.31 47.19
N GLY C 949 9.43 54.64 47.86
CA GLY C 949 9.84 55.12 49.18
C GLY C 949 10.45 56.51 49.13
N VAL C 950 11.20 56.79 48.07
CA VAL C 950 11.75 58.14 47.86
C VAL C 950 10.64 59.15 47.65
N ALA C 951 9.63 58.80 46.84
CA ALA C 951 8.50 59.70 46.64
C ALA C 951 7.73 59.90 47.94
N LYS C 952 7.73 58.89 48.82
CA LYS C 952 7.07 59.03 50.10
C LYS C 952 7.69 60.16 50.92
N GLN C 953 9.02 60.23 50.94
CA GLN C 953 9.69 61.33 51.64
C GLN C 953 9.56 62.63 50.87
N ALA C 954 9.52 62.55 49.54
CA ALA C 954 9.36 63.76 48.74
C ALA C 954 8.00 64.40 48.97
N ILE C 955 6.98 63.60 49.31
CA ILE C 955 5.66 64.14 49.59
C ILE C 955 5.69 65.01 50.83
N LEU C 956 6.02 64.42 51.99
CA LEU C 956 6.47 65.06 53.25
C LEU C 956 6.83 66.54 53.03
N ILE C 957 8.11 66.90 53.00
CA ILE C 957 8.55 68.26 52.77
C ILE C 957 9.52 68.26 51.59
N HIS C 958 9.69 69.42 50.95
CA HIS C 958 10.56 69.51 49.79
C HIS C 958 12.03 69.57 50.20
N ASN C 959 12.42 70.60 50.94
CA ASN C 959 13.81 70.88 51.22
C ASN C 959 14.10 70.68 52.69
N GLU C 960 15.05 69.80 52.98
CA GLU C 960 15.49 69.54 54.33
C GLU C 960 16.90 68.98 54.26
N ARG C 961 17.67 69.19 55.31
CA ARG C 961 19.06 68.73 55.37
C ARG C 961 19.24 67.87 56.62
N ARG C 962 18.91 66.58 56.50
CA ARG C 962 19.09 65.61 57.57
C ARG C 962 19.51 64.28 56.95
N VAL C 963 20.81 64.05 56.84
CA VAL C 963 21.31 62.81 56.26
C VAL C 963 20.98 61.62 57.16
N ASP C 964 21.19 61.79 58.47
CA ASP C 964 20.97 60.68 59.40
C ASP C 964 19.48 60.43 59.61
N TRP C 965 18.70 61.50 59.79
CA TRP C 965 17.28 61.34 60.09
C TRP C 965 16.51 60.80 58.89
N LEU C 966 16.78 61.35 57.70
CA LEU C 966 16.07 60.91 56.51
C LEU C 966 16.37 59.45 56.19
N PHE C 967 17.56 58.96 56.58
CA PHE C 967 17.86 57.54 56.38
C PHE C 967 16.89 56.66 57.15
N ARG C 968 16.71 56.95 58.45
CA ARG C 968 15.77 56.17 59.25
C ARG C 968 14.34 56.35 58.75
N GLY C 969 13.97 57.58 58.38
CA GLY C 969 12.64 57.82 57.89
C GLY C 969 12.33 57.06 56.61
N ALA C 970 13.27 57.08 55.66
CA ALA C 970 13.07 56.36 54.41
C ALA C 970 13.08 54.85 54.63
N VAL C 971 13.91 54.38 55.57
CA VAL C 971 13.92 52.96 55.88
C VAL C 971 12.57 52.53 56.45
N TYR C 972 12.01 53.34 57.36
CA TYR C 972 10.70 53.02 57.92
C TYR C 972 9.61 53.06 56.85
N HIS C 973 9.67 54.06 55.96
CA HIS C 973 8.67 54.16 54.89
C HIS C 973 8.76 52.97 53.95
N SER C 974 9.97 52.56 53.58
CA SER C 974 10.14 51.39 52.70
C SER C 974 9.67 50.13 53.39
N TYR C 975 9.96 49.98 54.69
CA TYR C 975 9.49 48.81 55.42
C TYR C 975 7.97 48.77 55.48
N LEU C 976 7.33 49.92 55.70
CA LEU C 976 5.88 49.98 55.72
C LEU C 976 5.30 49.63 54.34
N THR C 977 5.92 50.14 53.28
CA THR C 977 5.46 49.82 51.93
C THR C 977 5.59 48.33 51.63
N ILE C 978 6.70 47.72 52.06
CA ILE C 978 6.91 46.30 51.84
C ILE C 978 5.89 45.48 52.63
N PHE C 979 5.64 45.87 53.88
CA PHE C 979 4.67 45.15 54.70
C PHE C 979 3.27 45.26 54.13
N GLY C 980 2.90 46.45 53.65
CA GLY C 980 1.57 46.66 53.08
C GLY C 980 1.36 45.96 51.75
N TYR C 1032 1.28 50.74 46.12
CA TYR C 1032 2.13 49.57 46.28
C TYR C 1032 1.39 48.30 45.87
N LEU C 1033 0.13 48.17 46.33
CA LEU C 1033 -0.67 47.02 45.96
C LEU C 1033 -0.95 46.99 44.47
N LEU C 1034 -0.97 48.16 43.83
CA LEU C 1034 -1.26 48.23 42.40
C LEU C 1034 -0.14 47.58 41.58
N PHE C 1035 1.10 47.68 42.05
CA PHE C 1035 2.25 47.18 41.31
C PHE C 1035 2.74 45.83 41.80
N THR C 1036 2.56 45.52 43.09
CA THR C 1036 3.06 44.27 43.63
C THR C 1036 2.23 43.09 43.17
N ASN C 1037 0.94 43.09 43.50
CA ASN C 1037 0.10 41.92 43.24
C ASN C 1037 -0.26 41.78 41.76
N ILE C 1038 -0.31 42.90 41.04
CA ILE C 1038 -0.84 42.88 39.68
C ILE C 1038 0.23 42.84 38.62
N LEU C 1039 1.19 43.76 38.65
CA LEU C 1039 2.17 43.85 37.56
C LEU C 1039 3.34 42.89 37.78
N LEU C 1040 3.87 42.84 39.01
CA LEU C 1040 5.09 42.08 39.25
C LEU C 1040 4.83 40.59 39.39
N LEU C 1041 3.66 40.23 39.95
CA LEU C 1041 3.41 38.84 40.30
C LEU C 1041 3.42 37.96 39.06
N ASN C 1042 2.84 38.45 37.96
CA ASN C 1042 2.73 37.63 36.77
C ASN C 1042 4.06 37.58 36.02
N LEU C 1043 4.83 38.66 36.10
CA LEU C 1043 6.22 38.61 35.64
C LEU C 1043 6.99 37.49 36.34
N LEU C 1044 6.88 37.44 37.68
CA LEU C 1044 7.52 36.37 38.43
C LEU C 1044 7.03 35.01 38.01
N ILE C 1045 5.70 34.82 38.01
CA ILE C 1045 5.10 33.52 37.72
C ILE C 1045 5.46 33.07 36.31
N ALA C 1046 5.52 34.01 35.37
CA ALA C 1046 5.85 33.66 33.99
C ALA C 1046 7.31 33.29 33.83
N MET C 1047 8.21 34.08 34.43
CA MET C 1047 9.64 33.74 34.39
C MET C 1047 9.86 32.36 35.00
N PHE C 1048 9.10 32.05 36.05
CA PHE C 1048 9.06 30.69 36.56
C PHE C 1048 8.57 29.68 35.53
N ASN C 1049 7.36 29.86 35.01
CA ASN C 1049 6.70 28.77 34.29
C ASN C 1049 7.33 28.53 32.93
N TYR C 1050 7.98 29.53 32.34
CA TYR C 1050 8.66 29.33 31.06
C TYR C 1050 9.74 28.26 31.17
N THR C 1051 10.55 28.34 32.22
CA THR C 1051 11.62 27.35 32.41
C THR C 1051 11.16 26.18 33.26
N PHE C 1052 9.96 26.27 33.84
CA PHE C 1052 9.33 25.08 34.42
C PHE C 1052 8.88 24.14 33.31
N GLN C 1053 8.27 24.69 32.25
CA GLN C 1053 7.79 23.85 31.16
C GLN C 1053 8.96 23.15 30.48
N GLN C 1054 8.72 21.90 30.11
CA GLN C 1054 9.60 21.02 29.32
C GLN C 1054 10.78 20.48 30.12
N VAL C 1055 10.76 20.49 31.46
CA VAL C 1055 11.85 19.88 32.23
C VAL C 1055 11.43 18.57 32.87
N GLN C 1056 10.20 18.11 32.63
CA GLN C 1056 9.71 16.91 33.29
C GLN C 1056 10.53 15.68 32.90
N GLU C 1057 10.96 15.62 31.64
CA GLU C 1057 11.61 14.41 31.14
C GLU C 1057 13.06 14.29 31.61
N HIS C 1058 13.77 15.42 31.73
CA HIS C 1058 15.22 15.33 31.86
C HIS C 1058 15.68 15.38 33.32
N THR C 1059 14.90 16.00 34.20
CA THR C 1059 15.32 16.12 35.60
C THR C 1059 15.46 14.76 36.26
N ASP C 1060 14.56 13.82 35.95
CA ASP C 1060 14.68 12.49 36.51
C ASP C 1060 16.00 11.84 36.11
N GLN C 1061 16.36 11.91 34.82
CA GLN C 1061 17.61 11.33 34.37
C GLN C 1061 18.80 12.01 35.04
N ILE C 1062 18.77 13.35 35.13
CA ILE C 1062 19.89 14.06 35.74
C ILE C 1062 20.07 13.65 37.20
N TRP C 1063 18.98 13.62 37.96
CA TRP C 1063 19.09 13.29 39.38
C TRP C 1063 19.52 11.84 39.59
N LYS C 1064 18.97 10.91 38.80
CA LYS C 1064 19.35 9.52 38.93
C LYS C 1064 20.81 9.31 38.51
N PHE C 1065 21.33 10.20 37.66
CA PHE C 1065 22.75 10.17 37.36
C PHE C 1065 23.58 10.70 38.54
N GLN C 1066 23.14 11.80 39.15
CA GLN C 1066 23.91 12.42 40.22
C GLN C 1066 23.87 11.63 41.52
N ARG C 1067 22.95 10.66 41.65
CA ARG C 1067 22.86 9.90 42.89
C ARG C 1067 24.16 9.14 43.20
N HIS C 1068 24.79 8.58 42.16
CA HIS C 1068 25.87 7.63 42.38
C HIS C 1068 27.07 8.28 43.07
N ASP C 1069 27.37 9.54 42.75
CA ASP C 1069 28.53 10.18 43.36
C ASP C 1069 28.38 10.27 44.87
N LEU C 1070 27.20 10.69 45.34
CA LEU C 1070 26.96 10.73 46.78
C LEU C 1070 26.97 9.32 47.37
N ILE C 1071 26.40 8.35 46.67
CA ILE C 1071 26.38 6.98 47.19
C ILE C 1071 27.80 6.47 47.39
N GLU C 1072 28.65 6.65 46.39
CA GLU C 1072 30.04 6.19 46.50
C GLU C 1072 30.80 6.96 47.56
N GLU C 1073 30.56 8.27 47.66
CA GLU C 1073 31.22 9.07 48.69
C GLU C 1073 30.90 8.54 50.08
N TYR C 1074 29.61 8.31 50.35
CA TYR C 1074 29.23 7.86 51.69
C TYR C 1074 29.60 6.40 51.92
N HIS C 1075 29.75 5.62 50.84
CA HIS C 1075 30.33 4.29 50.99
C HIS C 1075 31.79 4.38 51.43
N GLY C 1076 32.52 5.31 50.85
CA GLY C 1076 33.91 5.51 51.22
C GLY C 1076 34.11 6.25 52.53
N ARG C 1077 33.06 6.86 53.08
CA ARG C 1077 33.15 7.58 54.35
C ARG C 1077 33.43 6.63 55.49
N PRO C 1078 34.04 7.11 56.58
CA PRO C 1078 34.22 6.27 57.77
C PRO C 1078 32.90 5.96 58.46
N ALA C 1079 32.89 4.95 59.31
CA ALA C 1079 31.68 4.47 59.96
C ALA C 1079 31.43 5.10 61.33
N ALA C 1080 31.88 6.34 61.54
CA ALA C 1080 31.72 6.97 62.85
C ALA C 1080 31.01 8.31 62.73
N PRO C 1081 30.24 8.70 63.74
CA PRO C 1081 29.60 10.02 63.72
C PRO C 1081 30.63 11.13 63.74
N PRO C 1082 30.34 12.27 63.11
CA PRO C 1082 31.30 13.39 63.05
C PRO C 1082 31.77 13.84 64.43
N PRO C 1083 30.89 13.87 65.47
CA PRO C 1083 31.39 14.24 66.81
C PRO C 1083 32.50 13.33 67.31
N PHE C 1084 32.41 12.03 67.01
CA PHE C 1084 33.34 11.06 67.54
C PHE C 1084 34.34 10.54 66.51
N ILE C 1085 34.17 10.90 65.23
CA ILE C 1085 34.93 10.29 64.13
C ILE C 1085 36.45 10.46 64.31
N LEU C 1086 36.88 11.21 65.32
CA LEU C 1086 38.30 11.36 65.59
C LEU C 1086 38.98 10.02 65.92
N LEU C 1087 38.23 9.04 66.43
CA LEU C 1087 38.88 7.77 66.78
C LEU C 1087 39.42 7.09 65.54
N SER C 1088 38.69 7.16 64.43
CA SER C 1088 39.16 6.65 63.15
C SER C 1088 40.09 7.62 62.44
N HIS C 1089 39.92 8.93 62.64
CA HIS C 1089 40.86 9.87 62.06
C HIS C 1089 42.26 9.71 62.65
N LEU C 1090 42.36 9.26 63.90
CA LEU C 1090 43.66 8.96 64.51
C LEU C 1090 44.07 7.51 64.33
N GLN C 1091 43.21 6.69 63.72
CA GLN C 1091 43.50 5.28 63.51
C GLN C 1091 43.80 4.93 62.07
N LEU C 1092 43.47 5.79 61.11
CA LEU C 1092 43.76 5.54 59.70
C LEU C 1092 45.16 5.99 59.31
N PHE C 1093 46.07 6.09 60.28
CA PHE C 1093 47.46 6.45 60.04
C PHE C 1093 48.42 5.26 60.12
N ILE C 1094 48.17 4.34 61.05
CA ILE C 1094 49.05 3.17 61.20
C ILE C 1094 48.97 2.27 59.98
N LYS C 1095 47.80 2.16 59.36
CA LYS C 1095 47.67 1.33 58.15
C LYS C 1095 48.54 1.88 57.02
N ARG C 1096 48.55 3.20 56.84
CA ARG C 1096 49.41 3.80 55.82
C ARG C 1096 50.88 3.72 56.21
N VAL C 1097 51.18 3.87 57.49
CA VAL C 1097 52.58 3.83 57.94
C VAL C 1097 53.16 2.44 57.71
N VAL C 1098 52.41 1.40 58.05
CA VAL C 1098 52.88 0.03 57.88
C VAL C 1098 51.70 -0.91 57.66
N ARG C 1105 40.35 0.53 45.96
CA ARG C 1105 38.92 0.55 45.69
C ARG C 1105 38.24 -0.55 46.52
N HIS C 1106 36.94 -0.41 46.74
CA HIS C 1106 36.17 -1.34 47.57
C HIS C 1106 35.55 -2.42 46.69
N LYS C 1107 35.17 -3.52 47.33
CA LYS C 1107 34.63 -4.68 46.63
C LYS C 1107 33.12 -4.59 46.39
N GLN C 1108 32.48 -3.50 46.81
CA GLN C 1108 31.06 -3.33 46.61
C GLN C 1108 30.69 -2.91 45.20
N LEU C 1109 31.42 -1.97 44.62
CA LEU C 1109 31.14 -1.49 43.27
C LEU C 1109 32.14 -1.98 42.23
N LYS C 1110 33.18 -2.70 42.65
CA LYS C 1110 34.21 -3.16 41.73
C LYS C 1110 34.92 -4.35 42.35
N ASN C 1111 34.75 -5.53 41.77
CA ASN C 1111 35.32 -6.74 42.34
C ASN C 1111 35.71 -7.71 41.24
N LYS C 1112 36.56 -8.67 41.59
CA LYS C 1112 37.00 -9.71 40.68
C LYS C 1112 36.21 -10.99 40.95
N LEU C 1113 35.69 -11.60 39.89
CA LEU C 1113 35.00 -12.86 40.00
C LEU C 1113 35.96 -14.01 39.70
N GLU C 1114 35.51 -15.24 39.96
CA GLU C 1114 36.31 -16.43 39.67
C GLU C 1114 36.08 -16.79 38.21
N LYS C 1115 37.16 -17.20 37.53
CA LYS C 1115 37.15 -17.38 36.08
C LYS C 1115 36.17 -18.46 35.62
N ASN C 1116 36.08 -19.55 36.38
CA ASN C 1116 35.21 -20.66 36.00
C ASN C 1116 33.76 -20.19 35.98
N GLU C 1117 33.36 -19.42 36.99
CA GLU C 1117 32.03 -18.84 37.02
C GLU C 1117 31.84 -17.76 35.96
N GLU C 1118 32.90 -16.97 35.72
CA GLU C 1118 32.82 -15.91 34.72
C GLU C 1118 32.58 -16.47 33.33
N ALA C 1119 33.13 -17.65 33.03
CA ALA C 1119 32.86 -18.27 31.73
C ALA C 1119 31.38 -18.58 31.55
N ALA C 1120 30.75 -19.14 32.58
CA ALA C 1120 29.32 -19.41 32.52
C ALA C 1120 28.53 -18.11 32.40
N LEU C 1121 28.94 -17.08 33.14
CA LEU C 1121 28.25 -15.79 33.05
C LEU C 1121 28.33 -15.22 31.64
N LEU C 1122 29.52 -15.30 31.01
CA LEU C 1122 29.69 -14.81 29.65
C LEU C 1122 28.86 -15.62 28.66
N SER C 1123 28.77 -16.94 28.85
CA SER C 1123 27.93 -17.73 27.96
C SER C 1123 26.46 -17.36 28.10
N TRP C 1124 26.01 -17.13 29.34
CA TRP C 1124 24.64 -16.67 29.56
C TRP C 1124 24.40 -15.33 28.87
N GLU C 1125 25.36 -14.42 28.96
CA GLU C 1125 25.28 -13.13 28.29
C GLU C 1125 25.21 -13.31 26.77
N ILE C 1126 26.00 -14.24 26.23
CA ILE C 1126 25.98 -14.48 24.79
C ILE C 1126 24.61 -14.97 24.34
N TYR C 1127 24.04 -15.91 25.09
CA TYR C 1127 22.71 -16.41 24.76
C TYR C 1127 21.67 -15.30 24.78
N LEU C 1128 21.72 -14.44 25.82
CA LEU C 1128 20.74 -13.37 25.91
C LEU C 1128 20.94 -12.30 24.84
N LYS C 1129 22.20 -12.03 24.47
CA LYS C 1129 22.46 -11.11 23.36
C LYS C 1129 21.89 -11.65 22.06
N GLU C 1130 22.09 -12.94 21.80
CA GLU C 1130 21.53 -13.54 20.59
C GLU C 1130 20.02 -13.42 20.57
N ASN C 1131 19.38 -13.73 21.71
CA ASN C 1131 17.93 -13.58 21.80
C ASN C 1131 17.49 -12.14 21.55
N TYR C 1132 18.20 -11.18 22.14
CA TYR C 1132 17.82 -9.77 21.99
C TYR C 1132 17.96 -9.32 20.54
N LEU C 1133 19.07 -9.66 19.88
CA LEU C 1133 19.26 -9.26 18.49
C LEU C 1133 18.19 -9.88 17.61
N GLN C 1134 17.87 -11.15 17.86
CA GLN C 1134 16.87 -11.85 17.05
C GLN C 1134 15.51 -11.21 17.19
N ASN C 1135 15.09 -10.94 18.44
CA ASN C 1135 13.82 -10.27 18.67
C ASN C 1135 13.82 -8.86 18.08
N ARG C 1136 14.94 -8.15 18.20
CA ARG C 1136 15.01 -6.78 17.69
C ARG C 1136 14.80 -6.74 16.18
N GLN C 1137 15.49 -7.61 15.44
CA GLN C 1137 15.30 -7.61 13.99
C GLN C 1137 13.91 -8.08 13.61
N PHE C 1138 13.40 -9.11 14.29
CA PHE C 1138 12.05 -9.60 14.00
C PHE C 1138 11.00 -8.52 14.24
N GLN C 1139 11.20 -7.69 15.27
CA GLN C 1139 10.21 -6.67 15.58
C GLN C 1139 10.38 -5.43 14.72
N GLN C 1140 11.61 -5.14 14.26
CA GLN C 1140 11.78 -3.97 13.41
C GLN C 1140 11.36 -4.23 11.98
N LYS C 1141 11.32 -5.48 11.53
CA LYS C 1141 10.84 -5.72 10.17
C LYS C 1141 9.35 -5.44 10.04
N GLN C 1142 8.64 -5.34 11.17
CA GLN C 1142 7.18 -5.20 11.18
C GLN C 1142 6.72 -3.74 11.17
N ARG C 1143 7.64 -2.78 11.01
CA ARG C 1143 7.23 -1.39 10.95
C ARG C 1143 6.38 -1.15 9.70
N PRO C 1144 5.35 -0.30 9.79
CA PRO C 1144 4.51 -0.05 8.60
C PRO C 1144 5.28 0.55 7.44
N GLU C 1145 6.24 1.44 7.71
CA GLU C 1145 7.06 1.97 6.62
C GLU C 1145 7.88 0.88 5.97
N GLN C 1146 8.45 -0.02 6.78
CA GLN C 1146 9.21 -1.14 6.22
C GLN C 1146 8.31 -2.07 5.41
N LYS C 1147 7.08 -2.31 5.86
CA LYS C 1147 6.14 -3.11 5.10
C LYS C 1147 5.76 -2.49 3.77
N ILE C 1148 5.51 -1.18 3.74
CA ILE C 1148 5.26 -0.47 2.50
C ILE C 1148 6.44 -0.54 1.56
N GLU C 1149 7.65 -0.36 2.09
CA GLU C 1149 8.86 -0.50 1.27
C GLU C 1149 9.00 -1.92 0.73
N ASP C 1150 8.66 -2.93 1.54
CA ASP C 1150 8.71 -4.30 1.09
C ASP C 1150 7.73 -4.54 -0.06
N ILE C 1151 6.52 -4.00 0.05
CA ILE C 1151 5.55 -4.13 -1.04
C ILE C 1151 6.07 -3.45 -2.31
N SER C 1152 6.65 -2.25 -2.16
CA SER C 1152 7.17 -1.53 -3.30
C SER C 1152 8.31 -2.28 -3.97
N ASN C 1153 9.18 -2.90 -3.17
CA ASN C 1153 10.28 -3.69 -3.74
C ASN C 1153 9.77 -4.97 -4.39
N LYS C 1154 8.74 -5.59 -3.81
CA LYS C 1154 8.21 -6.83 -4.37
C LYS C 1154 7.50 -6.59 -5.69
N VAL C 1155 6.85 -5.44 -5.85
CA VAL C 1155 6.13 -5.21 -7.10
C VAL C 1155 7.06 -4.93 -8.27
N ASP C 1156 8.29 -4.46 -8.03
CA ASP C 1156 9.17 -4.05 -9.12
C ASP C 1156 9.69 -5.24 -9.91
N ALA C 1157 10.18 -6.28 -9.23
CA ALA C 1157 10.63 -7.48 -9.95
C ALA C 1157 9.49 -8.12 -10.72
N MET C 1158 8.27 -7.98 -10.20
CA MET C 1158 7.10 -8.58 -10.85
C MET C 1158 6.71 -7.76 -12.08
N VAL C 1159 6.86 -6.44 -12.02
CA VAL C 1159 6.71 -5.61 -13.22
C VAL C 1159 7.76 -6.00 -14.27
N ASP C 1160 9.00 -6.23 -13.82
CA ASP C 1160 10.05 -6.66 -14.74
C ASP C 1160 9.69 -8.00 -15.39
N LEU C 1161 9.16 -8.93 -14.59
CA LEU C 1161 8.76 -10.23 -15.13
C LEU C 1161 7.64 -10.09 -16.16
N LEU C 1162 6.64 -9.25 -15.89
CA LEU C 1162 5.57 -9.07 -16.86
C LEU C 1162 6.02 -8.32 -18.11
N ASP C 1163 7.00 -7.43 -17.97
CA ASP C 1163 7.49 -6.70 -19.14
C ASP C 1163 8.39 -7.55 -20.01
N LEU C 1164 9.20 -8.43 -19.42
CA LEU C 1164 10.13 -9.23 -20.20
C LEU C 1164 9.41 -10.27 -21.05
N ASP C 1165 8.39 -10.92 -20.50
CA ASP C 1165 7.66 -11.96 -21.22
C ASP C 1165 6.85 -11.37 -22.37
N GLY C 1235 32.16 -29.81 -37.81
CA GLY C 1235 33.41 -29.82 -37.05
C GLY C 1235 34.48 -30.68 -37.70
N ASP C 1236 35.15 -30.13 -38.71
CA ASP C 1236 36.20 -30.87 -39.39
C ASP C 1236 37.44 -30.96 -38.51
N SER C 1237 38.25 -32.00 -38.77
CA SER C 1237 39.46 -32.25 -38.01
C SER C 1237 40.71 -31.71 -38.67
N TYR C 1238 40.57 -30.89 -39.70
CA TYR C 1238 41.74 -30.34 -40.38
C TYR C 1238 42.51 -29.38 -39.48
N HIS C 1239 43.78 -29.18 -39.80
CA HIS C 1239 44.63 -28.30 -39.01
C HIS C 1239 44.06 -26.89 -38.95
N VAL C 1240 44.09 -26.30 -37.77
CA VAL C 1240 43.51 -24.99 -37.52
C VAL C 1240 44.57 -23.97 -37.11
N ASN C 1241 45.45 -24.34 -36.17
CA ASN C 1241 46.49 -23.43 -35.74
C ASN C 1241 47.43 -23.11 -36.90
N ALA C 1242 47.77 -24.11 -37.71
CA ALA C 1242 48.67 -23.88 -38.84
C ALA C 1242 48.03 -22.96 -39.88
N ARG C 1243 46.73 -22.72 -39.79
CA ARG C 1243 46.03 -21.90 -40.78
C ARG C 1243 45.75 -20.48 -40.32
N HIS C 1244 46.26 -20.05 -39.17
CA HIS C 1244 45.94 -18.73 -38.67
C HIS C 1244 46.64 -17.66 -39.52
N LEU C 1245 46.04 -16.47 -39.56
CA LEU C 1245 46.66 -15.35 -40.23
C LEU C 1245 47.87 -14.86 -39.44
N LEU C 1246 48.65 -13.97 -40.06
CA LEU C 1246 49.83 -13.39 -39.41
C LEU C 1246 50.82 -14.47 -39.01
N TYR C 1247 51.46 -15.09 -39.99
CA TYR C 1247 52.57 -16.01 -39.73
C TYR C 1247 53.50 -15.43 -38.66
N PRO C 1248 53.90 -16.24 -37.68
CA PRO C 1248 54.63 -15.68 -36.53
C PRO C 1248 55.95 -15.03 -36.94
N ASN C 1249 56.18 -13.84 -36.41
CA ASN C 1249 57.43 -13.09 -36.59
C ASN C 1249 57.76 -12.90 -38.07
N CYS C 1250 56.73 -12.73 -38.90
CA CYS C 1250 56.93 -12.52 -40.33
C CYS C 1250 56.02 -11.37 -40.77
N PRO C 1251 56.59 -10.27 -41.29
CA PRO C 1251 55.74 -9.12 -41.65
C PRO C 1251 54.68 -9.43 -42.69
N VAL C 1252 54.98 -10.29 -43.65
CA VAL C 1252 54.00 -10.60 -44.68
C VAL C 1252 52.97 -11.57 -44.12
N THR C 1253 51.71 -11.34 -44.47
CA THR C 1253 50.59 -12.13 -43.98
C THR C 1253 50.28 -13.25 -44.97
N ARG C 1254 50.01 -14.44 -44.45
CA ARG C 1254 49.70 -15.58 -45.30
C ARG C 1254 48.30 -15.44 -45.90
N PHE C 1255 48.17 -15.91 -47.14
CA PHE C 1255 46.90 -15.77 -47.85
C PHE C 1255 45.84 -16.62 -47.17
N PRO C 1256 44.61 -16.11 -47.02
CA PRO C 1256 43.59 -16.86 -46.28
C PRO C 1256 43.08 -18.06 -47.06
N VAL C 1257 43.19 -19.24 -46.45
CA VAL C 1257 42.63 -20.45 -47.04
C VAL C 1257 41.50 -20.97 -46.14
N PRO C 1258 40.27 -21.00 -46.63
CA PRO C 1258 39.16 -21.52 -45.82
C PRO C 1258 39.26 -23.03 -45.65
N ASN C 1259 38.52 -23.53 -44.67
CA ASN C 1259 38.52 -24.96 -44.38
C ASN C 1259 37.86 -25.74 -45.51
N GLU C 1260 37.01 -25.08 -46.30
CA GLU C 1260 36.33 -25.78 -47.39
C GLU C 1260 37.31 -26.25 -48.45
N LYS C 1261 38.30 -25.42 -48.78
CA LYS C 1261 39.26 -25.72 -49.84
C LYS C 1261 40.66 -25.98 -49.33
N VAL C 1262 40.82 -26.29 -48.03
CA VAL C 1262 42.15 -26.56 -47.49
C VAL C 1262 42.83 -27.76 -48.14
N PRO C 1263 42.16 -28.88 -48.43
CA PRO C 1263 42.88 -30.01 -49.04
C PRO C 1263 43.35 -29.67 -50.45
N TRP C 1264 44.46 -30.31 -50.84
CA TRP C 1264 45.02 -30.05 -52.16
C TRP C 1264 44.09 -30.53 -53.28
N GLU C 1265 43.43 -31.67 -53.05
CA GLU C 1265 42.59 -32.25 -54.10
C GLU C 1265 41.35 -31.40 -54.36
N THR C 1266 40.88 -30.68 -53.34
CA THR C 1266 39.65 -29.90 -53.49
C THR C 1266 39.84 -28.77 -54.49
N GLU C 1267 38.74 -28.41 -55.15
CA GLU C 1267 38.78 -27.36 -56.17
C GLU C 1267 39.14 -26.02 -55.55
N PHE C 1268 40.01 -25.28 -56.22
CA PHE C 1268 40.48 -23.98 -55.74
C PHE C 1268 41.06 -23.24 -56.93
N LEU C 1269 40.82 -21.93 -57.01
CA LEU C 1269 41.09 -21.18 -58.23
C LEU C 1269 41.77 -19.84 -58.02
N ILE C 1270 41.95 -19.39 -56.79
CA ILE C 1270 42.45 -18.05 -56.49
C ILE C 1270 43.84 -18.08 -55.85
N TYR C 1271 44.56 -19.19 -56.01
CA TYR C 1271 45.81 -19.40 -55.26
C TYR C 1271 46.87 -18.38 -55.67
N ASP C 1272 47.20 -17.49 -54.73
CA ASP C 1272 48.25 -16.49 -54.95
C ASP C 1272 48.86 -16.10 -53.61
N PRO C 1273 49.63 -17.01 -53.00
CA PRO C 1273 50.29 -16.68 -51.74
C PRO C 1273 51.66 -16.09 -51.99
N PRO C 1274 52.09 -15.13 -51.17
CA PRO C 1274 53.47 -14.64 -51.28
C PRO C 1274 54.46 -15.76 -50.98
N PHE C 1275 55.56 -15.78 -51.72
CA PHE C 1275 56.58 -16.79 -51.50
C PHE C 1275 57.21 -16.61 -50.12
N TYR C 1276 56.95 -17.56 -49.24
CA TYR C 1276 57.48 -17.49 -47.88
C TYR C 1276 59.00 -17.57 -47.89
N THR C 1277 59.64 -16.64 -47.21
CA THR C 1277 61.10 -16.55 -47.16
C THR C 1277 61.55 -16.53 -45.71
N ALA C 1278 62.42 -17.47 -45.36
CA ALA C 1278 63.03 -17.47 -44.03
C ALA C 1278 64.07 -16.36 -43.93
N GLU C 1279 64.35 -15.96 -42.69
CA GLU C 1279 65.33 -14.89 -42.48
C GLU C 1279 66.71 -15.30 -42.96
N ARG C 1280 67.13 -16.53 -42.66
CA ARG C 1280 68.43 -17.06 -43.09
C ARG C 1280 68.22 -18.51 -43.53
N LYS C 1281 67.95 -18.69 -44.83
CA LYS C 1281 67.75 -20.04 -45.35
C LYS C 1281 69.07 -20.71 -45.72
N ASP C 1282 70.14 -19.93 -45.89
CA ASP C 1282 71.42 -20.50 -46.29
C ASP C 1282 72.05 -21.31 -45.17
N ALA C 1283 71.93 -20.83 -43.91
CA ALA C 1283 72.55 -21.49 -42.78
C ALA C 1283 71.78 -22.72 -42.30
N ALA C 1284 70.75 -23.15 -43.05
CA ALA C 1284 69.91 -24.24 -42.59
C ALA C 1284 70.59 -25.59 -42.76
N ALA C 1285 71.68 -25.64 -43.52
CA ALA C 1285 72.42 -26.83 -43.91
C ALA C 1285 71.59 -27.72 -44.84
N MET C 1286 70.40 -27.27 -45.23
CA MET C 1286 69.57 -27.95 -46.22
C MET C 1286 69.41 -27.02 -47.42
N ASP C 1287 68.53 -27.37 -48.36
CA ASP C 1287 68.39 -26.56 -49.57
C ASP C 1287 67.96 -25.14 -49.21
N PRO C 1288 68.73 -24.11 -49.60
CA PRO C 1288 68.38 -22.74 -49.24
C PRO C 1288 67.31 -22.15 -50.14
N MET C 1289 66.77 -22.98 -51.04
CA MET C 1289 65.92 -22.49 -52.13
C MET C 1289 64.56 -22.08 -51.58
N GLY C 1290 64.48 -20.83 -51.11
CA GLY C 1290 63.18 -20.27 -50.79
C GLY C 1290 62.32 -20.12 -52.03
N ASP C 1291 62.92 -19.74 -53.14
CA ASP C 1291 62.26 -19.73 -54.45
C ASP C 1291 62.74 -20.93 -55.25
N THR C 1292 61.81 -21.58 -55.94
CA THR C 1292 62.09 -22.81 -56.66
C THR C 1292 62.52 -22.57 -58.11
N LEU C 1293 63.11 -21.40 -58.39
CA LEU C 1293 63.60 -21.13 -59.74
C LEU C 1293 64.72 -22.10 -60.12
N GLU C 1294 65.65 -22.35 -59.19
CA GLU C 1294 66.75 -23.27 -59.42
C GLU C 1294 66.55 -24.52 -58.57
N PRO C 1295 66.18 -25.66 -59.15
CA PRO C 1295 65.97 -26.88 -58.35
C PRO C 1295 67.28 -27.56 -57.97
N LEU C 1296 68.06 -26.87 -57.14
CA LEU C 1296 69.34 -27.42 -56.68
C LEU C 1296 69.13 -28.60 -55.75
N SER C 1297 68.00 -28.63 -55.04
CA SER C 1297 67.73 -29.72 -54.11
C SER C 1297 67.47 -31.02 -54.85
N THR C 1298 68.05 -32.11 -54.33
CA THR C 1298 67.82 -33.46 -54.84
C THR C 1298 67.34 -34.32 -53.67
N ILE C 1299 66.03 -34.30 -53.42
CA ILE C 1299 65.46 -34.99 -52.27
C ILE C 1299 65.03 -36.38 -52.71
N GLN C 1300 65.55 -37.41 -52.03
CA GLN C 1300 65.16 -38.79 -52.28
C GLN C 1300 63.82 -39.04 -51.60
N TYR C 1301 62.74 -38.80 -52.35
CA TYR C 1301 61.40 -38.93 -51.80
C TYR C 1301 61.15 -40.37 -51.35
N ASN C 1302 60.58 -40.51 -50.16
CA ASN C 1302 60.31 -41.79 -49.50
C ASN C 1302 61.57 -42.59 -49.23
N VAL C 1303 62.74 -41.96 -49.29
CA VAL C 1303 64.01 -42.63 -49.02
C VAL C 1303 64.86 -41.75 -48.14
N VAL C 1304 65.87 -42.35 -47.51
CA VAL C 1304 66.79 -41.60 -46.67
C VAL C 1304 67.82 -40.89 -47.54
N ASP C 1305 68.02 -39.60 -47.29
CA ASP C 1305 68.96 -38.79 -48.06
C ASP C 1305 70.18 -38.40 -47.23
N GLY C 1306 70.49 -39.17 -46.19
CA GLY C 1306 71.67 -38.90 -45.39
C GLY C 1306 71.47 -37.89 -44.29
N LEU C 1307 72.12 -36.73 -44.42
CA LEU C 1307 72.02 -35.70 -43.39
C LEU C 1307 70.60 -35.16 -43.27
N ARG C 1308 69.93 -34.94 -44.40
CA ARG C 1308 68.57 -34.42 -44.42
C ARG C 1308 67.60 -35.57 -44.65
N ASP C 1309 66.73 -35.81 -43.67
CA ASP C 1309 65.75 -36.88 -43.78
C ASP C 1309 64.67 -36.52 -44.78
N ARG C 1310 64.28 -37.48 -45.61
CA ARG C 1310 63.22 -37.29 -46.60
C ARG C 1310 62.18 -38.40 -46.48
N ARG C 1311 62.15 -39.08 -45.34
CA ARG C 1311 61.24 -40.17 -45.07
C ARG C 1311 60.24 -39.72 -44.01
N SER C 1312 58.95 -39.81 -44.32
CA SER C 1312 57.91 -39.27 -43.46
C SER C 1312 57.09 -40.40 -42.86
N PHE C 1313 56.63 -40.20 -41.62
CA PHE C 1313 55.84 -41.22 -40.95
C PHE C 1313 54.45 -41.35 -41.58
N HIS C 1314 53.92 -40.25 -42.13
CA HIS C 1314 52.59 -40.29 -42.75
C HIS C 1314 52.57 -41.23 -43.94
N GLY C 1315 53.61 -41.19 -44.77
CA GLY C 1315 53.69 -42.03 -45.93
C GLY C 1315 54.02 -41.25 -47.19
N PRO C 1316 53.91 -41.91 -48.34
CA PRO C 1316 54.17 -41.24 -49.63
C PRO C 1316 53.23 -40.07 -49.83
N TYR C 1317 53.78 -38.85 -49.83
CA TYR C 1317 52.99 -37.67 -50.08
C TYR C 1317 53.09 -37.25 -51.54
N THR C 1318 52.14 -36.42 -51.97
CA THR C 1318 52.12 -35.96 -53.36
C THR C 1318 53.24 -34.95 -53.59
N VAL C 1319 53.91 -35.07 -54.74
CA VAL C 1319 55.03 -34.21 -55.10
C VAL C 1319 54.71 -33.55 -56.43
N GLN C 1320 54.93 -32.24 -56.52
CA GLN C 1320 54.67 -31.50 -57.75
C GLN C 1320 55.62 -30.33 -57.84
N ALA C 1321 56.18 -30.13 -59.05
CA ALA C 1321 57.06 -29.02 -59.40
C ALA C 1321 58.30 -28.95 -58.55
N GLY C 1322 58.72 -30.05 -57.92
CA GLY C 1322 59.90 -30.07 -57.08
C GLY C 1322 59.68 -29.56 -55.67
N LEU C 1323 58.49 -29.08 -55.35
CA LEU C 1323 58.16 -28.58 -54.02
C LEU C 1323 57.31 -29.64 -53.31
N PRO C 1324 57.77 -30.17 -52.17
CA PRO C 1324 56.94 -31.14 -51.45
C PRO C 1324 55.63 -30.53 -50.98
N LEU C 1325 54.53 -31.19 -51.33
CA LEU C 1325 53.22 -30.70 -50.94
C LEU C 1325 52.87 -31.17 -49.53
N ASN C 1326 52.27 -30.27 -48.76
CA ASN C 1326 51.89 -30.61 -47.40
C ASN C 1326 50.76 -31.65 -47.44
N PRO C 1327 50.95 -32.83 -46.86
CA PRO C 1327 49.91 -33.87 -46.94
C PRO C 1327 48.59 -33.47 -46.31
N MET C 1328 48.63 -32.68 -45.23
CA MET C 1328 47.39 -32.30 -44.56
C MET C 1328 46.51 -31.43 -45.46
N GLY C 1329 47.11 -30.49 -46.17
CA GLY C 1329 46.35 -29.64 -47.06
C GLY C 1329 47.11 -28.37 -47.37
N ARG C 1330 46.38 -27.39 -47.91
CA ARG C 1330 46.93 -26.08 -48.23
C ARG C 1330 46.89 -25.21 -46.99
N THR C 1331 48.05 -24.95 -46.40
CA THR C 1331 48.10 -24.11 -45.21
C THR C 1331 47.88 -22.64 -45.57
N GLY C 1332 48.14 -22.28 -46.83
CA GLY C 1332 47.97 -20.91 -47.29
C GLY C 1332 49.26 -20.19 -47.62
N LEU C 1333 50.41 -20.70 -47.19
CA LEU C 1333 51.70 -20.08 -47.45
C LEU C 1333 52.68 -21.13 -47.95
N ARG C 1334 53.35 -20.84 -49.05
CA ARG C 1334 54.34 -21.73 -49.64
C ARG C 1334 55.68 -21.01 -49.76
N GLY C 1335 56.74 -21.68 -49.34
CA GLY C 1335 58.07 -21.10 -49.41
C GLY C 1335 59.03 -21.83 -48.49
N ARG C 1336 60.09 -21.13 -48.12
CA ARG C 1336 61.11 -21.71 -47.26
C ARG C 1336 60.54 -22.07 -45.89
N GLY C 1337 59.88 -21.12 -45.24
CA GLY C 1337 59.29 -21.38 -43.94
C GLY C 1337 60.30 -21.31 -42.82
N SER C 1338 59.79 -21.26 -41.58
CA SER C 1338 60.66 -21.22 -40.42
C SER C 1338 61.33 -22.57 -40.17
N LEU C 1339 60.78 -23.63 -40.74
CA LEU C 1339 61.38 -24.96 -40.57
C LEU C 1339 62.76 -24.99 -41.21
N SER C 1340 63.65 -25.77 -40.59
CA SER C 1340 65.05 -25.76 -41.02
C SER C 1340 65.20 -26.28 -42.45
N CYS C 1341 64.66 -27.44 -42.75
CA CYS C 1341 64.92 -28.11 -44.02
C CYS C 1341 63.75 -27.94 -44.98
N PHE C 1342 64.07 -27.82 -46.26
CA PHE C 1342 63.03 -27.82 -47.29
C PHE C 1342 62.32 -29.17 -47.31
N GLY C 1343 61.04 -29.16 -46.96
CA GLY C 1343 60.29 -30.39 -46.84
C GLY C 1343 60.07 -30.80 -45.40
N PRO C 1344 59.62 -32.03 -45.19
CA PRO C 1344 59.28 -32.48 -43.83
C PRO C 1344 60.49 -32.49 -42.91
N ASN C 1345 60.25 -32.15 -41.64
CA ASN C 1345 61.28 -32.17 -40.61
C ASN C 1345 60.86 -33.13 -39.51
N HIS C 1346 61.73 -34.07 -39.17
CA HIS C 1346 61.40 -35.07 -38.16
C HIS C 1346 61.76 -34.58 -36.76
N THR C 1347 60.94 -34.97 -35.79
CA THR C 1347 61.22 -34.68 -34.39
C THR C 1347 60.62 -35.78 -33.52
N LEU C 1348 61.11 -35.84 -32.29
CA LEU C 1348 60.56 -36.73 -31.27
C LEU C 1348 60.34 -35.92 -30.01
N TYR C 1349 59.16 -36.09 -29.40
CA TYR C 1349 58.83 -35.39 -28.18
C TYR C 1349 58.73 -36.39 -27.04
N PRO C 1350 59.73 -36.45 -26.18
CA PRO C 1350 59.67 -37.39 -25.05
C PRO C 1350 58.86 -36.83 -23.89
N MET C 1351 58.18 -37.70 -23.16
CA MET C 1351 57.35 -37.30 -22.03
C MET C 1351 57.50 -38.31 -20.91
N VAL C 1352 57.64 -37.81 -19.69
CA VAL C 1352 57.74 -38.65 -18.50
C VAL C 1352 56.44 -38.51 -17.72
N THR C 1353 55.73 -39.62 -17.57
CA THR C 1353 54.41 -39.64 -16.95
C THR C 1353 54.43 -40.56 -15.74
N ARG C 1354 53.93 -40.07 -14.61
CA ARG C 1354 53.76 -40.88 -13.42
C ARG C 1354 52.48 -40.45 -12.73
N TRP C 1355 51.91 -41.35 -11.94
CA TRP C 1355 50.65 -41.05 -11.27
C TRP C 1355 50.90 -40.14 -10.07
N ARG C 1356 50.15 -39.04 -10.01
CA ARG C 1356 50.32 -38.08 -8.93
C ARG C 1356 49.88 -38.72 -7.62
N ARG C 1357 50.67 -38.49 -6.57
CA ARG C 1357 50.55 -39.27 -5.35
C ARG C 1357 50.24 -38.37 -4.16
N ASN C 1358 49.41 -38.87 -3.25
CA ASN C 1358 49.12 -38.17 -2.01
C ASN C 1358 50.23 -38.42 -0.99
N GLU C 1359 49.96 -38.03 0.27
CA GLU C 1359 50.92 -38.25 1.34
C GLU C 1359 51.13 -39.73 1.61
N ASP C 1360 50.10 -40.56 1.41
CA ASP C 1360 50.25 -42.00 1.64
C ASP C 1360 51.02 -42.66 0.50
N GLY C 1361 51.16 -41.97 -0.63
CA GLY C 1361 51.83 -42.53 -1.78
C GLY C 1361 50.91 -43.25 -2.75
N ALA C 1362 49.64 -43.39 -2.44
CA ALA C 1362 48.69 -44.03 -3.35
C ALA C 1362 48.35 -43.09 -4.51
N ILE C 1363 47.83 -43.69 -5.59
CA ILE C 1363 47.45 -42.91 -6.76
C ILE C 1363 46.32 -41.95 -6.38
N CYS C 1364 46.45 -40.70 -6.80
CA CYS C 1364 45.46 -39.70 -6.44
C CYS C 1364 44.26 -39.75 -7.39
N ARG C 1365 43.08 -39.55 -6.83
CA ARG C 1365 41.83 -39.58 -7.57
C ARG C 1365 41.21 -38.20 -7.69
N LYS C 1366 40.82 -37.87 -8.92
CA LYS C 1366 39.79 -36.87 -9.13
C LYS C 1366 38.42 -37.56 -9.11
N SER C 1367 37.39 -36.82 -9.52
CA SER C 1367 36.06 -37.42 -9.60
C SER C 1367 35.99 -38.50 -10.68
N ILE C 1368 36.60 -38.23 -11.84
CA ILE C 1368 36.42 -39.13 -12.97
C ILE C 1368 37.48 -40.23 -12.98
N LYS C 1369 38.75 -39.86 -12.89
CA LYS C 1369 39.83 -40.85 -13.04
C LYS C 1369 41.10 -40.40 -12.34
N LYS C 1370 42.22 -41.04 -12.68
CA LYS C 1370 43.50 -40.74 -12.07
C LYS C 1370 43.98 -39.34 -12.44
N MET C 1371 45.06 -38.93 -11.78
CA MET C 1371 45.85 -37.76 -12.17
C MET C 1371 47.19 -38.28 -12.70
N LEU C 1372 47.62 -37.76 -13.84
CA LEU C 1372 48.97 -38.02 -14.30
C LEU C 1372 49.87 -36.84 -13.97
N GLU C 1373 51.10 -37.16 -13.57
CA GLU C 1373 52.11 -36.18 -13.18
C GLU C 1373 53.18 -36.17 -14.27
N VAL C 1374 53.33 -35.03 -14.93
CA VAL C 1374 54.19 -34.89 -16.10
C VAL C 1374 55.17 -33.75 -15.86
N LEU C 1375 56.44 -33.99 -16.21
CA LEU C 1375 57.45 -32.96 -16.05
C LEU C 1375 57.52 -32.08 -17.30
N VAL C 1376 57.49 -30.76 -17.08
CA VAL C 1376 57.50 -29.80 -18.18
C VAL C 1376 58.53 -28.72 -17.86
N VAL C 1377 59.11 -28.15 -18.92
CA VAL C 1377 60.15 -27.13 -18.82
C VAL C 1377 59.79 -25.97 -19.74
N LYS C 1378 59.92 -24.74 -19.23
CA LYS C 1378 59.75 -23.54 -20.05
C LYS C 1378 61.02 -22.71 -19.97
N LEU C 1379 61.35 -22.03 -21.06
CA LEU C 1379 62.35 -20.99 -20.99
C LEU C 1379 61.67 -19.61 -20.92
N PRO C 1380 62.32 -18.65 -20.27
CA PRO C 1380 61.65 -17.35 -20.04
C PRO C 1380 61.17 -16.66 -21.32
N LEU C 1381 61.90 -16.80 -22.42
CA LEU C 1381 61.56 -16.06 -23.64
C LEU C 1381 60.27 -16.58 -24.26
N SER C 1382 59.98 -17.87 -24.14
CA SER C 1382 58.83 -18.46 -24.82
C SER C 1382 57.51 -17.93 -24.27
N GLU C 1383 57.44 -17.73 -22.94
CA GLU C 1383 56.19 -17.42 -22.25
C GLU C 1383 55.15 -18.52 -22.44
N HIS C 1384 55.63 -19.74 -22.69
CA HIS C 1384 54.79 -20.91 -22.82
C HIS C 1384 55.58 -22.11 -22.32
N TRP C 1385 54.86 -23.18 -21.98
CA TRP C 1385 55.47 -24.40 -21.50
C TRP C 1385 55.49 -25.44 -22.61
N ALA C 1386 56.56 -26.21 -22.70
CA ALA C 1386 56.67 -27.25 -23.72
C ALA C 1386 57.44 -28.43 -23.16
N LEU C 1387 57.24 -29.59 -23.78
CA LEU C 1387 57.95 -30.79 -23.38
C LEU C 1387 59.43 -30.66 -23.74
N PRO C 1388 60.32 -31.31 -22.97
CA PRO C 1388 61.76 -31.21 -23.26
C PRO C 1388 62.15 -31.97 -24.52
N GLY C 1389 61.74 -31.41 -25.66
CA GLY C 1389 62.04 -32.02 -26.94
C GLY C 1389 62.46 -30.97 -27.95
N GLY C 1390 63.35 -31.38 -28.85
CA GLY C 1390 63.83 -30.50 -29.89
C GLY C 1390 64.14 -31.26 -31.15
N SER C 1391 64.51 -30.52 -32.19
CA SER C 1391 64.88 -31.13 -33.46
C SER C 1391 66.09 -32.03 -33.29
N ARG C 1392 66.01 -33.23 -33.84
CA ARG C 1392 67.06 -34.25 -33.69
C ARG C 1392 68.18 -33.93 -34.68
N GLU C 1393 69.05 -33.00 -34.28
CA GLU C 1393 70.20 -32.67 -35.13
C GLU C 1393 71.15 -33.86 -35.33
N PRO C 1394 71.55 -34.62 -34.29
CA PRO C 1394 72.38 -35.81 -34.55
C PRO C 1394 71.52 -37.01 -34.90
N GLY C 1395 71.83 -37.66 -36.03
CA GLY C 1395 71.08 -38.85 -36.40
C GLY C 1395 71.30 -40.01 -35.45
N GLU C 1396 72.52 -40.16 -34.93
CA GLU C 1396 72.82 -41.28 -34.06
C GLU C 1396 72.18 -41.10 -32.69
N MET C 1397 72.29 -39.91 -32.10
CA MET C 1397 71.83 -39.66 -30.74
C MET C 1397 70.98 -38.40 -30.72
N LEU C 1398 69.67 -38.56 -30.90
CA LEU C 1398 68.70 -37.47 -30.82
C LEU C 1398 68.61 -36.84 -29.42
N PRO C 1399 68.50 -37.62 -28.33
CA PRO C 1399 68.24 -37.00 -27.02
C PRO C 1399 69.26 -35.97 -26.60
N ARG C 1400 70.53 -36.12 -27.01
CA ARG C 1400 71.55 -35.15 -26.61
C ARG C 1400 71.17 -33.73 -27.04
N LYS C 1401 70.84 -33.56 -28.32
CA LYS C 1401 70.41 -32.24 -28.79
C LYS C 1401 68.99 -31.92 -28.36
N LEU C 1402 68.16 -32.95 -28.16
CA LEU C 1402 66.77 -32.72 -27.78
C LEU C 1402 66.68 -32.07 -26.40
N LYS C 1403 67.45 -32.57 -25.43
CA LYS C 1403 67.40 -32.08 -24.06
C LYS C 1403 68.80 -31.91 -23.47
N ARG C 1404 69.71 -31.28 -24.22
CA ARG C 1404 71.07 -31.07 -23.71
C ARG C 1404 71.09 -30.11 -22.53
N ILE C 1405 70.07 -29.25 -22.42
CA ILE C 1405 70.02 -28.27 -21.36
C ILE C 1405 69.22 -28.81 -20.19
N LEU C 1406 68.98 -30.12 -20.19
CA LEU C 1406 68.16 -30.72 -19.15
C LEU C 1406 68.92 -31.73 -18.30
N ARG C 1407 69.56 -32.72 -18.92
CA ARG C 1407 70.05 -33.87 -18.16
C ARG C 1407 71.51 -33.75 -17.74
N GLN C 1408 72.43 -33.72 -18.71
CA GLN C 1408 73.87 -33.88 -18.47
C GLN C 1408 74.62 -34.18 -19.75
N GLU C 1409 74.06 -35.11 -20.54
CA GLU C 1409 74.66 -35.86 -21.64
C GLU C 1409 75.49 -37.04 -21.12
N HIS C 1410 75.78 -37.05 -19.82
CA HIS C 1410 76.35 -38.24 -19.20
C HIS C 1410 75.23 -38.99 -18.50
N TRP C 1411 74.51 -38.29 -17.64
CA TRP C 1411 73.25 -38.80 -17.13
C TRP C 1411 72.32 -39.00 -18.32
N PRO C 1412 72.45 -38.21 -19.38
CA PRO C 1412 71.63 -38.49 -20.57
C PRO C 1412 72.21 -39.59 -21.46
N SER C 1413 73.52 -39.88 -21.38
CA SER C 1413 73.99 -41.13 -21.96
C SER C 1413 73.35 -42.32 -21.25
N PHE C 1414 73.25 -42.27 -19.92
CA PHE C 1414 72.52 -43.29 -19.18
C PHE C 1414 71.05 -43.31 -19.58
N GLU C 1415 70.45 -42.14 -19.78
CA GLU C 1415 69.06 -42.07 -20.20
C GLU C 1415 68.86 -42.66 -21.59
N ASN C 1416 69.83 -42.47 -22.49
CA ASN C 1416 69.76 -43.11 -23.80
C ASN C 1416 69.92 -44.62 -23.70
N LEU C 1417 70.75 -45.08 -22.76
CA LEU C 1417 70.83 -46.51 -22.49
C LEU C 1417 69.49 -47.04 -21.99
N LEU C 1418 68.79 -46.24 -21.20
CA LEU C 1418 67.47 -46.61 -20.70
C LEU C 1418 66.33 -46.22 -21.64
N LYS C 1419 66.64 -45.68 -22.82
CA LYS C 1419 65.62 -45.18 -23.74
C LYS C 1419 64.89 -46.31 -24.44
N CYS C 1420 64.03 -47.01 -23.71
CA CYS C 1420 63.19 -48.07 -24.29
C CYS C 1420 61.85 -48.05 -23.55
N GLY C 1421 60.88 -47.36 -24.15
CA GLY C 1421 59.57 -47.17 -23.53
C GLY C 1421 58.39 -47.57 -24.39
N MET C 1422 57.31 -46.78 -24.33
CA MET C 1422 56.06 -47.12 -24.98
C MET C 1422 55.69 -46.03 -25.97
N GLU C 1423 55.26 -46.44 -27.15
CA GLU C 1423 55.14 -45.56 -28.32
C GLU C 1423 53.68 -45.10 -28.42
N VAL C 1424 53.42 -43.84 -28.07
CA VAL C 1424 52.02 -43.43 -27.94
C VAL C 1424 51.47 -42.91 -29.27
N TYR C 1425 52.14 -41.94 -29.86
CA TYR C 1425 51.67 -41.33 -31.10
C TYR C 1425 52.84 -41.19 -32.04
N LYS C 1426 52.59 -41.39 -33.33
CA LYS C 1426 53.55 -41.13 -34.38
C LYS C 1426 52.80 -40.80 -35.66
N GLY C 1427 53.11 -39.66 -36.25
CA GLY C 1427 52.36 -39.16 -37.39
C GLY C 1427 52.51 -37.65 -37.51
N TYR C 1428 51.59 -37.06 -38.26
CA TYR C 1428 51.65 -35.64 -38.54
C TYR C 1428 51.30 -34.82 -37.29
N MET C 1429 51.92 -33.64 -37.19
CA MET C 1429 51.70 -32.72 -36.09
C MET C 1429 51.22 -31.38 -36.63
N ASP C 1430 50.26 -30.77 -35.94
CA ASP C 1430 49.78 -29.43 -36.30
C ASP C 1430 50.67 -28.39 -35.64
N ASP C 1431 51.43 -27.65 -36.44
CA ASP C 1431 52.36 -26.66 -35.96
C ASP C 1431 52.18 -25.35 -36.73
N PRO C 1432 52.29 -24.21 -36.03
CA PRO C 1432 52.08 -22.92 -36.71
C PRO C 1432 53.10 -22.60 -37.80
N ARG C 1433 54.28 -23.23 -37.80
CA ARG C 1433 55.29 -22.95 -38.80
C ARG C 1433 55.02 -23.65 -40.13
N ASN C 1434 54.03 -24.53 -40.17
CA ASN C 1434 53.82 -25.41 -41.33
C ASN C 1434 53.45 -24.59 -42.55
N THR C 1435 54.35 -24.55 -43.53
CA THR C 1435 54.07 -23.99 -44.84
C THR C 1435 53.62 -25.11 -45.77
N ASP C 1436 53.32 -24.77 -47.02
CA ASP C 1436 52.94 -25.80 -47.99
C ASP C 1436 54.10 -26.72 -48.35
N ASN C 1437 55.32 -26.36 -47.98
CA ASN C 1437 56.51 -27.16 -48.30
C ASN C 1437 57.05 -27.93 -47.10
N ALA C 1438 57.14 -27.32 -45.94
CA ALA C 1438 57.77 -27.93 -44.76
C ALA C 1438 56.71 -28.18 -43.70
N TRP C 1439 56.70 -29.39 -43.15
CA TRP C 1439 55.80 -29.78 -42.08
C TRP C 1439 56.58 -30.59 -41.06
N ILE C 1440 55.97 -30.81 -39.88
CA ILE C 1440 56.62 -31.47 -38.78
C ILE C 1440 55.80 -32.68 -38.35
N GLU C 1441 56.49 -33.80 -38.17
CA GLU C 1441 55.88 -35.03 -37.67
C GLU C 1441 56.66 -35.48 -36.43
N THR C 1442 55.96 -36.04 -35.45
CA THR C 1442 56.52 -36.22 -34.12
C THR C 1442 56.42 -37.68 -33.69
N VAL C 1443 57.30 -38.06 -32.78
CA VAL C 1443 57.30 -39.38 -32.15
C VAL C 1443 57.16 -39.18 -30.64
N ALA C 1444 56.21 -39.90 -30.03
CA ALA C 1444 55.91 -39.73 -28.61
C ALA C 1444 56.29 -41.00 -27.85
N VAL C 1445 57.28 -40.88 -26.97
CA VAL C 1445 57.69 -41.96 -26.09
C VAL C 1445 57.34 -41.59 -24.65
N SER C 1446 56.72 -42.53 -23.93
CA SER C 1446 56.25 -42.29 -22.57
C SER C 1446 56.86 -43.35 -21.67
N VAL C 1447 57.72 -42.93 -20.75
CA VAL C 1447 58.18 -43.82 -19.68
C VAL C 1447 57.36 -43.56 -18.43
N HIS C 1448 56.88 -44.63 -17.81
CA HIS C 1448 55.96 -44.54 -16.69
C HIS C 1448 56.61 -45.16 -15.46
N PHE C 1449 56.25 -44.65 -14.28
CA PHE C 1449 56.78 -45.17 -13.02
C PHE C 1449 55.65 -45.86 -12.29
N GLN C 1450 55.87 -47.12 -11.89
CA GLN C 1450 54.84 -47.86 -11.18
C GLN C 1450 54.90 -47.57 -9.68
N ASP C 1451 56.05 -47.81 -9.06
CA ASP C 1451 56.25 -47.43 -7.67
C ASP C 1451 57.14 -46.19 -7.58
N GLN C 1452 57.09 -45.53 -6.43
CA GLN C 1452 57.90 -44.35 -6.18
C GLN C 1452 58.94 -44.59 -5.09
N ASN C 1453 59.26 -45.83 -4.78
CA ASN C 1453 60.29 -46.11 -3.78
C ASN C 1453 61.68 -45.81 -4.33
N ASP C 1454 61.96 -46.24 -5.56
CA ASP C 1454 63.32 -46.19 -6.07
C ASP C 1454 63.34 -46.19 -7.60
N VAL C 1455 64.52 -46.51 -8.17
CA VAL C 1455 64.74 -46.73 -9.59
C VAL C 1455 64.78 -45.41 -10.36
N GLU C 1456 64.02 -45.34 -11.45
CA GLU C 1456 64.23 -44.27 -12.43
C GLU C 1456 63.92 -42.90 -11.85
N LEU C 1457 63.05 -42.82 -10.85
CA LEU C 1457 62.76 -41.54 -10.22
C LEU C 1457 64.01 -40.96 -9.56
N ASN C 1458 64.67 -41.74 -8.71
CA ASN C 1458 65.90 -41.28 -8.09
C ASN C 1458 67.02 -41.15 -9.12
N ARG C 1459 66.98 -41.99 -10.16
CA ARG C 1459 67.98 -41.89 -11.23
C ARG C 1459 67.89 -40.55 -11.92
N LEU C 1460 66.67 -40.07 -12.18
CA LEU C 1460 66.50 -38.75 -12.79
C LEU C 1460 66.78 -37.63 -11.79
N ASN C 1461 66.47 -37.87 -10.51
CA ASN C 1461 66.75 -36.87 -9.49
C ASN C 1461 68.24 -36.60 -9.39
N SER C 1462 69.06 -37.65 -9.38
CA SER C 1462 70.51 -37.47 -9.38
C SER C 1462 71.00 -37.15 -10.80
N ASN C 1463 70.17 -37.39 -11.81
CA ASN C 1463 70.53 -37.19 -13.21
C ASN C 1463 70.04 -35.82 -13.70
N LEU C 1464 70.55 -34.77 -13.07
CA LEU C 1464 70.11 -33.41 -13.35
C LEU C 1464 71.34 -32.50 -13.47
N HIS C 1465 71.53 -31.92 -14.66
CA HIS C 1465 72.47 -30.83 -14.86
C HIS C 1465 71.77 -29.61 -15.47
N ALA C 1466 70.46 -29.48 -15.25
CA ALA C 1466 69.72 -28.36 -15.81
C ALA C 1466 70.06 -27.05 -15.13
N CYS C 1467 70.81 -27.11 -14.03
CA CYS C 1467 71.21 -25.89 -13.32
C CYS C 1467 72.24 -25.07 -14.10
N ASP C 1468 72.70 -25.57 -15.25
CA ASP C 1468 73.68 -24.81 -16.04
C ASP C 1468 73.11 -23.49 -16.53
N SER C 1469 71.87 -23.51 -17.02
CA SER C 1469 71.24 -22.31 -17.54
C SER C 1469 69.75 -22.54 -17.68
N GLY C 1470 69.04 -21.49 -18.09
CA GLY C 1470 67.61 -21.59 -18.32
C GLY C 1470 66.80 -21.46 -17.04
N ALA C 1471 65.50 -21.70 -17.18
CA ALA C 1471 64.56 -21.61 -16.06
C ALA C 1471 64.49 -22.98 -15.37
N SER C 1472 63.51 -23.13 -14.49
CA SER C 1472 63.38 -24.33 -13.70
C SER C 1472 62.70 -25.45 -14.49
N ILE C 1473 63.01 -26.68 -14.09
CA ILE C 1473 62.36 -27.87 -14.61
C ILE C 1473 61.48 -28.41 -13.50
N ARG C 1474 60.22 -28.69 -13.84
CA ARG C 1474 59.21 -28.87 -12.81
C ARG C 1474 58.25 -29.96 -13.26
N TRP C 1475 57.73 -30.70 -12.28
CA TRP C 1475 56.66 -31.65 -12.53
C TRP C 1475 55.32 -30.92 -12.57
N GLN C 1476 54.38 -31.51 -13.31
CA GLN C 1476 53.06 -30.91 -13.53
C GLN C 1476 51.97 -31.96 -13.52
N VAL C 1477 50.76 -31.49 -13.22
CA VAL C 1477 49.58 -32.34 -13.30
C VAL C 1477 48.98 -32.24 -14.70
N VAL C 1478 48.13 -33.20 -15.03
CA VAL C 1478 47.47 -33.23 -16.33
C VAL C 1478 46.08 -32.63 -16.15
N ASP C 1479 45.82 -31.51 -16.83
CA ASP C 1479 44.57 -30.80 -16.67
C ASP C 1479 44.22 -30.12 -17.99
N ARG C 1480 42.95 -29.72 -18.10
CA ARG C 1480 42.46 -29.07 -19.30
C ARG C 1480 43.05 -27.68 -19.50
N ARG C 1481 43.31 -26.96 -18.42
CA ARG C 1481 43.83 -25.60 -18.49
C ARG C 1481 45.35 -25.53 -18.29
N ILE C 1482 46.05 -26.67 -18.39
CA ILE C 1482 47.50 -26.70 -18.23
C ILE C 1482 48.13 -25.83 -19.30
N PRO C 1483 49.05 -24.93 -18.94
CA PRO C 1483 49.61 -24.00 -19.93
C PRO C 1483 50.62 -24.70 -20.84
N LEU C 1484 50.22 -24.97 -22.07
CA LEU C 1484 51.10 -25.50 -23.10
C LEU C 1484 50.67 -24.91 -24.43
N TYR C 1485 51.46 -25.19 -25.47
CA TYR C 1485 51.09 -24.75 -26.81
C TYR C 1485 49.79 -25.42 -27.23
N ALA C 1486 49.10 -24.80 -28.19
CA ALA C 1486 47.72 -25.17 -28.50
C ALA C 1486 47.60 -26.64 -28.88
N ASN C 1487 48.40 -27.09 -29.85
CA ASN C 1487 48.34 -28.48 -30.28
C ASN C 1487 49.54 -29.30 -29.83
N HIS C 1488 50.52 -28.67 -29.19
CA HIS C 1488 51.57 -29.45 -28.53
C HIS C 1488 51.01 -30.27 -27.38
N LYS C 1489 49.90 -29.83 -26.79
CA LYS C 1489 49.28 -30.58 -25.71
C LYS C 1489 48.34 -31.65 -26.22
N THR C 1490 48.12 -31.71 -27.54
CA THR C 1490 47.36 -32.82 -28.10
C THR C 1490 48.11 -34.14 -27.94
N LEU C 1491 49.45 -34.08 -27.94
CA LEU C 1491 50.23 -35.27 -27.65
C LEU C 1491 49.97 -35.77 -26.24
N LEU C 1492 49.92 -34.86 -25.26
CA LEU C 1492 49.59 -35.25 -23.90
C LEU C 1492 48.15 -35.77 -23.81
N GLN C 1493 47.23 -35.15 -24.54
CA GLN C 1493 45.85 -35.62 -24.55
C GLN C 1493 45.75 -37.04 -25.09
N LYS C 1494 46.52 -37.35 -26.14
CA LYS C 1494 46.59 -38.72 -26.62
C LYS C 1494 47.23 -39.62 -25.57
N ALA C 1495 48.24 -39.13 -24.87
CA ALA C 1495 48.91 -39.91 -23.83
C ALA C 1495 47.98 -40.18 -22.66
N ALA C 1496 46.89 -39.42 -22.53
CA ALA C 1496 45.94 -39.67 -21.45
C ALA C 1496 45.34 -41.06 -21.54
N ALA C 1497 45.23 -41.61 -22.76
CA ALA C 1497 44.66 -42.94 -22.92
C ALA C 1497 45.63 -44.03 -22.49
N GLU C 1498 46.91 -43.68 -22.33
CA GLU C 1498 47.91 -44.69 -22.01
C GLU C 1498 47.65 -45.34 -20.66
N PHE C 1499 47.28 -44.54 -19.65
CA PHE C 1499 47.09 -45.06 -18.30
C PHE C 1499 45.80 -44.54 -17.66
N GLY C 1500 44.73 -44.45 -18.45
CA GLY C 1500 43.42 -44.09 -17.93
C GLY C 1500 43.36 -42.74 -17.25
N ALA C 1501 43.88 -41.72 -17.91
CA ALA C 1501 44.00 -40.41 -17.28
C ALA C 1501 42.70 -39.61 -17.42
N HIS C 1502 42.37 -38.91 -16.35
CA HIS C 1502 41.40 -37.81 -16.42
C HIS C 1502 42.17 -36.61 -16.94
N TYR C 1503 41.62 -35.96 -17.97
CA TYR C 1503 42.28 -34.92 -18.78
C TYR C 1503 42.92 -33.93 -17.83
N GLN D 56 -27.42 39.73 -26.92
CA GLN D 56 -28.82 39.49 -27.30
C GLN D 56 -29.42 40.73 -27.95
N GLU D 57 -28.78 41.87 -27.75
CA GLU D 57 -29.22 43.13 -28.33
C GLU D 57 -28.58 43.43 -29.68
N SER D 58 -27.29 43.19 -29.82
CA SER D 58 -26.59 43.35 -31.09
C SER D 58 -26.55 42.06 -31.90
N LEU D 59 -27.13 40.98 -31.38
CA LEU D 59 -27.18 39.72 -32.10
C LEU D 59 -28.42 39.63 -32.97
N SER D 60 -29.57 40.02 -32.41
CA SER D 60 -30.84 39.96 -33.13
C SER D 60 -30.83 40.91 -34.32
N SER D 61 -29.92 41.88 -34.32
CA SER D 61 -29.78 42.81 -35.43
C SER D 61 -28.92 42.20 -36.52
N TRP D 62 -27.79 41.59 -36.14
CA TRP D 62 -26.88 40.99 -37.12
C TRP D 62 -27.30 39.56 -37.44
N ILE D 63 -28.49 39.40 -38.01
CA ILE D 63 -28.92 38.10 -38.54
C ILE D 63 -29.78 38.32 -39.79
N PRO D 64 -30.96 38.95 -39.71
CA PRO D 64 -31.90 38.91 -40.83
C PRO D 64 -31.54 39.79 -42.02
N GLU D 65 -30.91 40.95 -41.82
CA GLU D 65 -30.65 41.83 -42.94
C GLU D 65 -29.32 41.54 -43.64
N ASN D 66 -28.60 40.49 -43.24
CA ASN D 66 -27.49 39.97 -44.05
C ASN D 66 -27.73 38.51 -44.43
N ILE D 67 -28.24 37.68 -43.51
CA ILE D 67 -28.57 36.30 -43.86
C ILE D 67 -30.00 36.22 -44.39
N LYS D 68 -30.18 35.40 -45.42
CA LYS D 68 -31.45 35.31 -46.11
C LYS D 68 -31.77 33.86 -46.44
N LYS D 69 -33.06 33.58 -46.62
CA LYS D 69 -33.56 32.23 -46.80
C LYS D 69 -34.18 32.08 -48.19
N LYS D 70 -34.05 30.89 -48.76
CA LYS D 70 -34.66 30.61 -50.06
C LYS D 70 -36.14 30.29 -49.91
N GLU D 71 -36.91 30.65 -50.94
CA GLU D 71 -38.33 30.33 -51.00
C GLU D 71 -38.74 30.15 -52.46
N CYS D 72 -39.82 29.40 -52.67
CA CYS D 72 -40.34 29.12 -54.00
C CYS D 72 -41.51 30.06 -54.27
N VAL D 73 -41.25 31.14 -55.02
CA VAL D 73 -42.29 32.13 -55.28
C VAL D 73 -43.36 31.59 -56.21
N TYR D 74 -42.97 30.87 -57.26
CA TYR D 74 -43.93 30.49 -58.28
C TYR D 74 -44.84 29.37 -57.78
N PHE D 75 -45.97 29.21 -58.46
CA PHE D 75 -47.10 28.42 -57.96
C PHE D 75 -47.37 27.16 -58.78
N VAL D 76 -46.33 26.38 -59.11
CA VAL D 76 -46.55 25.12 -59.82
C VAL D 76 -47.44 24.21 -58.99
N GLU D 77 -48.41 23.60 -59.65
CA GLU D 77 -49.32 22.66 -58.99
C GLU D 77 -48.61 21.34 -58.74
N SER D 78 -49.36 20.34 -58.27
CA SER D 78 -48.77 19.06 -57.88
C SER D 78 -48.70 18.15 -59.10
N SER D 79 -47.49 17.95 -59.62
CA SER D 79 -47.30 16.93 -60.66
C SER D 79 -47.45 15.53 -60.06
N LYS D 80 -46.96 15.32 -58.85
CA LYS D 80 -47.08 14.05 -58.15
C LYS D 80 -47.65 14.31 -56.76
N LEU D 81 -48.76 13.65 -56.44
CA LEU D 81 -49.37 13.72 -55.13
C LEU D 81 -49.05 12.45 -54.35
N SER D 82 -48.46 12.62 -53.17
CA SER D 82 -47.97 11.49 -52.39
C SER D 82 -48.49 11.57 -50.96
N ASP D 83 -48.84 10.40 -50.41
CA ASP D 83 -49.23 10.25 -49.01
C ASP D 83 -50.42 11.13 -48.66
N ALA D 84 -51.50 10.98 -49.45
CA ALA D 84 -52.77 11.67 -49.24
C ALA D 84 -52.61 13.19 -49.21
N GLY D 85 -51.65 13.72 -49.94
CA GLY D 85 -51.43 15.16 -49.95
C GLY D 85 -51.41 15.77 -51.33
N LYS D 86 -52.21 16.80 -51.53
CA LYS D 86 -52.19 17.57 -52.77
C LYS D 86 -51.44 18.89 -52.64
N VAL D 87 -51.17 19.33 -51.41
CA VAL D 87 -50.41 20.56 -51.21
C VAL D 87 -48.96 20.37 -51.63
N VAL D 88 -48.46 19.13 -51.57
CA VAL D 88 -47.09 18.85 -51.98
C VAL D 88 -46.99 19.05 -53.49
N CYS D 89 -46.15 20.00 -53.90
CA CYS D 89 -45.98 20.36 -55.31
C CYS D 89 -44.49 20.51 -55.59
N GLN D 90 -43.92 19.50 -56.25
CA GLN D 90 -42.50 19.50 -56.60
C GLN D 90 -41.64 19.71 -55.35
N CYS D 91 -41.42 20.97 -54.97
CA CYS D 91 -40.58 21.25 -53.80
C CYS D 91 -41.14 20.62 -52.54
N GLY D 92 -42.41 20.86 -52.24
CA GLY D 92 -43.13 20.06 -51.26
C GLY D 92 -43.66 20.75 -50.01
N TYR D 93 -43.69 22.08 -49.95
CA TYR D 93 -44.40 22.70 -48.84
C TYR D 93 -45.90 22.68 -49.05
N THR D 94 -46.61 23.28 -48.09
CA THR D 94 -48.06 23.22 -48.03
C THR D 94 -48.69 24.15 -49.07
N HIS D 95 -50.02 24.28 -48.95
CA HIS D 95 -50.85 25.15 -49.80
C HIS D 95 -50.98 24.55 -51.20
N GLU D 96 -51.99 25.02 -51.95
CA GLU D 96 -52.22 24.47 -53.29
C GLU D 96 -51.04 24.75 -54.21
N GLN D 97 -50.35 25.86 -53.99
CA GLN D 97 -49.18 26.21 -54.80
C GLN D 97 -47.97 25.42 -54.33
N HIS D 98 -46.81 25.72 -54.93
CA HIS D 98 -45.57 25.07 -54.52
C HIS D 98 -45.23 25.42 -53.08
N LEU D 99 -45.40 26.68 -52.70
CA LEU D 99 -45.14 27.15 -51.35
C LEU D 99 -46.43 27.69 -50.75
N GLU D 100 -46.31 28.28 -49.56
CA GLU D 100 -47.45 28.85 -48.84
C GLU D 100 -47.55 30.36 -49.01
N GLU D 101 -46.83 30.92 -49.99
CA GLU D 101 -46.86 32.35 -50.24
C GLU D 101 -48.16 32.75 -50.93
N ALA D 102 -48.25 34.02 -51.32
CA ALA D 102 -49.45 34.52 -51.96
C ALA D 102 -49.73 33.78 -53.27
N THR D 103 -50.98 33.37 -53.43
CA THR D 103 -51.43 32.64 -54.63
C THR D 103 -51.65 33.67 -55.74
N LYS D 104 -50.59 33.94 -56.48
CA LYS D 104 -50.59 34.96 -57.52
C LYS D 104 -49.96 34.40 -58.80
N PRO D 105 -50.18 35.04 -59.95
CA PRO D 105 -49.50 34.56 -61.18
C PRO D 105 -47.99 34.59 -61.08
N HIS D 106 -47.45 35.43 -60.18
CA HIS D 106 -46.01 35.48 -59.92
C HIS D 106 -45.23 35.84 -61.19
N THR D 107 -45.46 37.07 -61.66
CA THR D 107 -44.89 37.59 -62.90
C THR D 107 -45.34 36.73 -64.09
N PHE D 108 -44.51 36.63 -65.11
CA PHE D 108 -44.85 35.83 -66.29
C PHE D 108 -45.10 34.39 -65.88
N GLN D 109 -46.21 33.83 -66.38
CA GLN D 109 -46.63 32.48 -66.01
C GLN D 109 -45.92 31.46 -66.91
N GLY D 110 -44.60 31.44 -66.80
CA GLY D 110 -43.81 30.47 -67.53
C GLY D 110 -44.04 29.07 -66.98
N THR D 111 -44.26 28.11 -67.88
CA THR D 111 -44.52 26.74 -67.47
C THR D 111 -43.29 26.17 -66.75
N GLN D 112 -43.56 25.42 -65.67
CA GLN D 112 -42.57 24.74 -64.82
C GLN D 112 -41.57 25.71 -64.21
N TRP D 113 -40.76 25.23 -63.26
CA TRP D 113 -39.86 26.08 -62.51
C TRP D 113 -38.44 25.55 -62.59
N ASP D 114 -37.49 26.45 -62.38
CA ASP D 114 -36.06 26.21 -62.45
C ASP D 114 -35.42 26.59 -61.14
N PRO D 115 -34.63 25.68 -60.54
CA PRO D 115 -33.93 26.05 -59.29
C PRO D 115 -32.85 27.09 -59.53
N LYS D 116 -33.32 28.31 -59.81
CA LYS D 116 -32.52 29.47 -60.21
C LYS D 116 -33.48 30.56 -60.64
N LYS D 117 -34.34 30.25 -61.62
CA LYS D 117 -35.33 31.21 -62.06
C LYS D 117 -36.43 31.41 -61.01
N HIS D 118 -36.86 30.33 -60.37
CA HIS D 118 -37.99 30.39 -59.45
C HIS D 118 -37.62 30.00 -58.02
N VAL D 119 -36.40 30.29 -57.59
CA VAL D 119 -36.02 30.25 -56.19
C VAL D 119 -35.60 31.65 -55.78
N GLN D 120 -36.21 32.17 -54.72
CA GLN D 120 -36.03 33.56 -54.30
C GLN D 120 -35.47 33.60 -52.89
N GLU D 121 -34.56 34.53 -52.65
CA GLU D 121 -33.86 34.65 -51.37
C GLU D 121 -34.39 35.86 -50.62
N MET D 122 -34.94 35.63 -49.43
CA MET D 122 -35.48 36.69 -48.61
C MET D 122 -34.96 36.52 -47.18
N PRO D 123 -34.95 37.60 -46.39
CA PRO D 123 -34.28 37.54 -45.08
C PRO D 123 -34.82 36.44 -44.17
N THR D 124 -33.91 35.81 -43.43
CA THR D 124 -34.26 34.73 -42.52
C THR D 124 -35.10 35.25 -41.36
N ASP D 125 -36.09 34.45 -40.95
CA ASP D 125 -37.02 34.83 -39.89
C ASP D 125 -36.93 33.93 -38.67
N ALA D 126 -36.12 32.87 -38.72
CA ALA D 126 -36.07 31.88 -37.64
C ALA D 126 -34.66 31.86 -37.04
N PHE D 127 -34.58 32.14 -35.74
CA PHE D 127 -33.31 32.09 -35.00
C PHE D 127 -33.61 32.20 -33.51
N GLY D 128 -32.64 31.81 -32.69
CA GLY D 128 -32.81 31.93 -31.26
C GLY D 128 -32.04 30.94 -30.42
N ASP D 129 -32.64 30.51 -29.30
CA ASP D 129 -32.02 29.60 -28.33
C ASP D 129 -32.98 28.44 -28.12
N ILE D 130 -32.70 27.31 -28.77
CA ILE D 130 -33.62 26.17 -28.68
C ILE D 130 -33.46 25.47 -27.33
N VAL D 131 -34.58 25.11 -26.72
CA VAL D 131 -34.63 24.33 -25.50
C VAL D 131 -35.45 23.07 -25.78
N PHE D 132 -34.86 21.91 -25.54
CA PHE D 132 -35.49 20.63 -25.89
C PHE D 132 -36.31 20.12 -24.70
N THR D 133 -37.39 20.85 -24.42
CA THR D 133 -38.39 20.52 -23.38
C THR D 133 -37.66 20.13 -22.09
N GLY D 134 -38.10 19.10 -21.37
CA GLY D 134 -37.48 18.70 -20.14
C GLY D 134 -36.19 17.94 -20.28
N LEU D 135 -35.76 17.63 -21.51
CA LEU D 135 -34.50 16.93 -21.73
C LEU D 135 -33.36 17.93 -21.63
N SER D 136 -32.98 18.23 -20.38
CA SER D 136 -31.86 19.09 -20.01
C SER D 136 -32.19 20.56 -20.24
N GLN D 137 -31.73 21.43 -19.34
CA GLN D 137 -31.90 22.88 -19.46
C GLN D 137 -30.53 23.50 -19.74
N LYS D 138 -30.20 23.65 -21.03
CA LYS D 138 -28.89 24.14 -21.43
C LYS D 138 -28.92 25.33 -22.37
N VAL D 139 -30.05 25.59 -23.06
CA VAL D 139 -30.25 26.63 -24.05
C VAL D 139 -29.14 26.63 -25.11
N LYS D 140 -29.47 26.14 -26.30
CA LYS D 140 -28.50 25.93 -27.37
C LYS D 140 -28.87 26.79 -28.56
N LYS D 141 -27.87 27.47 -29.12
CA LYS D 141 -28.10 28.41 -30.21
C LYS D 141 -28.46 27.68 -31.50
N TYR D 142 -29.19 28.38 -32.37
CA TYR D 142 -29.50 27.84 -33.70
C TYR D 142 -29.73 29.02 -34.65
N VAL D 143 -29.29 28.83 -35.91
CA VAL D 143 -29.55 29.79 -36.97
C VAL D 143 -30.00 29.02 -38.21
N ARG D 144 -30.60 29.75 -39.14
CA ARG D 144 -31.20 29.17 -40.33
C ARG D 144 -30.68 29.90 -41.58
N VAL D 145 -29.98 29.16 -42.45
CA VAL D 145 -29.28 29.75 -43.57
C VAL D 145 -29.71 29.06 -44.87
N SER D 146 -29.08 29.46 -45.97
CA SER D 146 -29.39 28.95 -47.30
C SER D 146 -28.14 28.52 -48.04
N GLN D 147 -28.31 28.26 -49.34
CA GLN D 147 -27.19 27.85 -50.18
C GLN D 147 -26.12 28.94 -50.26
N ASP D 148 -26.50 30.14 -50.66
CA ASP D 148 -25.54 31.19 -50.99
C ASP D 148 -25.37 32.12 -49.80
N THR D 149 -24.54 31.70 -48.85
CA THR D 149 -24.06 32.57 -47.79
C THR D 149 -22.57 32.30 -47.76
N PRO D 150 -21.73 33.33 -47.92
CA PRO D 150 -20.28 33.09 -47.88
C PRO D 150 -19.86 32.62 -46.50
N SER D 151 -18.85 31.75 -46.47
CA SER D 151 -18.41 31.16 -45.21
C SER D 151 -17.88 32.23 -44.26
N SER D 152 -17.49 33.39 -44.79
CA SER D 152 -17.04 34.48 -43.93
C SER D 152 -18.15 34.94 -42.99
N VAL D 153 -19.38 35.04 -43.49
CA VAL D 153 -20.50 35.47 -42.65
C VAL D 153 -20.71 34.50 -41.50
N ILE D 154 -20.74 33.19 -41.81
CA ILE D 154 -20.97 32.20 -40.77
C ILE D 154 -19.81 32.17 -39.79
N TYR D 155 -18.57 32.30 -40.27
CA TYR D 155 -17.42 32.33 -39.38
C TYR D 155 -17.48 33.52 -38.45
N HIS D 156 -17.80 34.71 -38.98
CA HIS D 156 -17.92 35.90 -38.15
C HIS D 156 -19.00 35.72 -37.10
N LEU D 157 -20.18 35.24 -37.51
CA LEU D 157 -21.26 35.00 -36.55
C LEU D 157 -20.81 34.04 -35.45
N MET D 158 -20.25 32.89 -35.85
CA MET D 158 -19.94 31.82 -34.91
C MET D 158 -18.80 32.20 -33.97
N THR D 159 -17.86 33.01 -34.45
CA THR D 159 -16.74 33.42 -33.60
C THR D 159 -17.12 34.57 -32.67
N GLN D 160 -17.73 35.63 -33.21
CA GLN D 160 -18.00 36.83 -32.44
C GLN D 160 -19.35 36.78 -31.73
N HIS D 161 -20.44 36.63 -32.49
CA HIS D 161 -21.77 36.79 -31.92
C HIS D 161 -22.14 35.60 -31.04
N TRP D 162 -21.83 34.38 -31.50
CA TRP D 162 -22.23 33.20 -30.73
C TRP D 162 -21.34 33.02 -29.51
N GLY D 163 -20.11 33.52 -29.57
CA GLY D 163 -19.21 33.47 -28.43
C GLY D 163 -18.18 32.35 -28.45
N LEU D 164 -18.13 31.55 -29.50
CA LEU D 164 -17.15 30.48 -29.56
C LEU D 164 -15.76 31.05 -29.79
N ASP D 165 -14.75 30.25 -29.41
CA ASP D 165 -13.35 30.63 -29.55
C ASP D 165 -12.74 29.88 -30.73
N VAL D 166 -11.76 30.50 -31.38
CA VAL D 166 -11.12 29.86 -32.52
C VAL D 166 -10.42 28.59 -32.07
N PRO D 167 -10.66 27.45 -32.69
CA PRO D 167 -10.09 26.20 -32.21
C PRO D 167 -8.67 25.98 -32.70
N ASN D 168 -7.96 25.13 -31.97
CA ASN D 168 -6.65 24.66 -32.39
C ASN D 168 -6.74 23.44 -33.30
N LEU D 169 -7.93 22.89 -33.47
CA LEU D 169 -8.14 21.72 -34.33
C LEU D 169 -9.61 21.68 -34.72
N LEU D 170 -9.86 21.20 -35.94
CA LEU D 170 -11.22 21.00 -36.44
C LEU D 170 -11.41 19.53 -36.73
N ILE D 171 -12.01 18.80 -35.80
CA ILE D 171 -12.30 17.38 -35.99
C ILE D 171 -13.69 17.29 -36.59
N SER D 172 -13.80 16.52 -37.69
CA SER D 172 -15.04 16.43 -38.44
C SER D 172 -15.58 15.01 -38.33
N VAL D 173 -16.87 14.90 -38.06
CA VAL D 173 -17.54 13.61 -37.88
C VAL D 173 -18.58 13.45 -38.98
N THR D 174 -18.26 12.62 -39.97
CA THR D 174 -19.16 12.32 -41.08
C THR D 174 -19.34 10.81 -41.17
N GLY D 175 -20.59 10.37 -41.29
CA GLY D 175 -20.86 8.94 -41.29
C GLY D 175 -22.22 8.64 -41.89
N GLY D 176 -22.49 7.36 -42.05
CA GLY D 176 -23.78 6.94 -42.58
C GLY D 176 -24.91 7.22 -41.60
N ALA D 177 -26.13 7.21 -42.13
CA ALA D 177 -27.30 7.53 -41.32
C ALA D 177 -28.21 6.35 -41.06
N LYS D 178 -27.88 5.17 -41.59
CA LYS D 178 -28.59 3.94 -41.26
C LYS D 178 -28.14 3.52 -39.87
N ASN D 179 -29.11 3.32 -38.96
CA ASN D 179 -28.78 3.07 -37.57
C ASN D 179 -27.96 1.78 -37.44
N PHE D 180 -26.92 1.84 -36.61
CA PHE D 180 -26.01 0.71 -36.48
C PHE D 180 -25.67 0.49 -35.02
N ASN D 181 -25.33 -0.75 -34.70
CA ASN D 181 -25.05 -1.15 -33.33
C ASN D 181 -23.72 -1.87 -33.31
N MET D 182 -22.87 -1.48 -32.36
CA MET D 182 -21.46 -1.86 -32.38
C MET D 182 -21.01 -2.35 -31.01
N LYS D 183 -19.93 -3.14 -31.02
CA LYS D 183 -19.51 -3.90 -29.86
C LYS D 183 -19.08 -2.97 -28.72
N PRO D 184 -19.25 -3.40 -27.46
CA PRO D 184 -18.92 -2.53 -26.33
C PRO D 184 -17.46 -2.11 -26.27
N ARG D 185 -16.52 -2.97 -26.65
CA ARG D 185 -15.11 -2.58 -26.57
C ARG D 185 -14.82 -1.40 -27.48
N LEU D 186 -15.11 -1.55 -28.78
CA LEU D 186 -14.89 -0.47 -29.74
C LEU D 186 -15.74 0.75 -29.38
N LYS D 187 -16.91 0.52 -28.78
CA LYS D 187 -17.80 1.60 -28.38
C LYS D 187 -17.16 2.48 -27.31
N SER D 188 -16.67 1.85 -26.23
CA SER D 188 -15.97 2.61 -25.19
C SER D 188 -14.70 3.25 -25.72
N ILE D 189 -13.96 2.53 -26.58
CA ILE D 189 -12.74 3.11 -27.14
C ILE D 189 -13.06 4.38 -27.93
N PHE D 190 -14.06 4.32 -28.80
CA PHE D 190 -14.43 5.49 -29.60
C PHE D 190 -14.89 6.64 -28.71
N ARG D 191 -15.75 6.36 -27.73
CA ARG D 191 -16.23 7.44 -26.87
C ARG D 191 -15.07 8.11 -26.13
N ARG D 192 -14.25 7.32 -25.43
CA ARG D 192 -13.16 7.89 -24.65
C ARG D 192 -12.17 8.64 -25.53
N GLY D 193 -11.82 8.06 -26.68
CA GLY D 193 -10.87 8.71 -27.56
C GLY D 193 -11.39 10.03 -28.09
N LEU D 194 -12.62 10.04 -28.60
CA LEU D 194 -13.18 11.27 -29.14
C LEU D 194 -13.28 12.34 -28.06
N VAL D 195 -13.78 11.98 -26.88
CA VAL D 195 -13.95 12.99 -25.84
C VAL D 195 -12.60 13.54 -25.39
N LYS D 196 -11.60 12.67 -25.24
CA LYS D 196 -10.30 13.14 -24.76
C LYS D 196 -9.63 14.04 -25.80
N VAL D 197 -9.62 13.60 -27.07
CA VAL D 197 -8.97 14.41 -28.11
C VAL D 197 -9.70 15.72 -28.36
N ALA D 198 -11.01 15.77 -28.13
CA ALA D 198 -11.77 16.98 -28.36
C ALA D 198 -11.88 17.87 -27.13
N GLN D 199 -11.45 17.37 -25.97
CA GLN D 199 -11.51 18.18 -24.76
C GLN D 199 -10.13 18.73 -24.40
N THR D 200 -9.07 17.93 -24.61
CA THR D 200 -7.74 18.39 -24.22
C THR D 200 -7.14 19.38 -25.20
N THR D 201 -7.75 19.57 -26.37
CA THR D 201 -7.25 20.51 -27.36
C THR D 201 -8.22 21.65 -27.66
N GLY D 202 -9.43 21.60 -27.13
CA GLY D 202 -10.42 22.63 -27.39
C GLY D 202 -10.82 22.71 -28.85
N ALA D 203 -11.11 21.57 -29.44
CA ALA D 203 -11.41 21.46 -30.86
C ALA D 203 -12.91 21.47 -31.12
N TRP D 204 -13.28 21.92 -32.31
CA TRP D 204 -14.66 21.87 -32.75
C TRP D 204 -14.97 20.50 -33.34
N ILE D 205 -16.20 20.04 -33.14
CA ILE D 205 -16.59 18.68 -33.48
C ILE D 205 -17.72 18.72 -34.51
N ILE D 206 -17.64 19.67 -35.42
CA ILE D 206 -18.65 19.88 -36.47
C ILE D 206 -19.09 18.55 -37.07
N THR D 207 -20.40 18.34 -37.13
CA THR D 207 -20.98 17.10 -37.62
C THR D 207 -22.44 17.36 -37.99
N GLY D 208 -23.17 16.29 -38.26
CA GLY D 208 -24.58 16.41 -38.55
C GLY D 208 -25.40 16.62 -37.30
N GLY D 209 -26.62 17.10 -37.50
CA GLY D 209 -27.55 17.37 -36.43
C GLY D 209 -28.64 16.33 -36.24
N SER D 210 -28.60 15.23 -36.99
CA SER D 210 -29.67 14.25 -36.89
C SER D 210 -29.56 13.47 -35.59
N HIS D 211 -30.57 12.63 -35.35
CA HIS D 211 -30.59 11.76 -34.18
C HIS D 211 -30.55 10.28 -34.56
N THR D 212 -29.75 9.93 -35.57
CA THR D 212 -29.62 8.55 -36.01
C THR D 212 -28.28 8.34 -36.70
N GLY D 213 -27.46 7.47 -36.12
CA GLY D 213 -26.20 7.11 -36.73
C GLY D 213 -24.96 7.59 -35.99
N VAL D 214 -23.91 7.91 -36.75
CA VAL D 214 -22.64 8.34 -36.16
C VAL D 214 -22.79 9.62 -35.35
N MET D 215 -23.58 10.56 -35.86
CA MET D 215 -23.84 11.80 -35.14
C MET D 215 -24.66 11.55 -33.89
N LYS D 216 -25.58 10.59 -33.92
CA LYS D 216 -26.18 10.16 -32.67
C LYS D 216 -25.15 9.60 -31.70
N GLN D 217 -24.17 8.83 -32.20
CA GLN D 217 -23.10 8.32 -31.36
C GLN D 217 -22.27 9.44 -30.73
N VAL D 218 -21.96 10.49 -31.49
CA VAL D 218 -21.17 11.58 -30.91
C VAL D 218 -22.00 12.42 -29.94
N GLY D 219 -23.30 12.58 -30.17
CA GLY D 219 -24.15 13.16 -29.15
C GLY D 219 -24.11 12.32 -27.89
N GLU D 220 -24.09 11.00 -28.09
CA GLU D 220 -24.01 10.05 -26.99
C GLU D 220 -22.71 10.24 -26.21
N ALA D 221 -21.61 10.45 -26.92
CA ALA D 221 -20.31 10.64 -26.27
C ALA D 221 -20.25 11.97 -25.53
N VAL D 222 -20.86 13.00 -26.09
CA VAL D 222 -20.92 14.30 -25.40
C VAL D 222 -21.73 14.18 -24.11
N ARG D 223 -22.85 13.44 -24.17
CA ARG D 223 -23.60 13.11 -22.96
C ARG D 223 -22.73 12.35 -21.96
N ASP D 224 -21.93 11.40 -22.44
CA ASP D 224 -21.07 10.63 -21.55
C ASP D 224 -20.05 11.56 -20.87
N PHE D 225 -19.51 12.52 -21.61
CA PHE D 225 -18.63 13.52 -20.99
C PHE D 225 -19.36 14.33 -19.94
N SER D 226 -20.55 14.85 -20.26
CA SER D 226 -21.32 15.62 -19.30
C SER D 226 -21.71 14.81 -18.07
N LEU D 227 -21.73 13.48 -18.17
CA LEU D 227 -21.98 12.62 -17.03
C LEU D 227 -21.01 12.90 -15.88
N SER D 228 -19.72 13.03 -16.17
CA SER D 228 -18.73 13.36 -15.16
C SER D 228 -18.49 14.87 -15.12
N SER D 229 -18.04 15.46 -16.23
CA SER D 229 -17.81 16.90 -16.33
C SER D 229 -16.96 17.42 -15.17
N SER D 230 -15.73 16.92 -15.11
CA SER D 230 -14.83 17.28 -14.00
C SER D 230 -14.57 18.77 -13.93
N TYR D 231 -14.54 19.44 -15.08
CA TYR D 231 -14.39 20.90 -15.15
C TYR D 231 -14.74 21.34 -16.55
N LYS D 232 -15.31 22.55 -16.65
CA LYS D 232 -15.73 23.13 -17.92
C LYS D 232 -16.68 22.19 -18.67
N GLU D 233 -17.84 21.96 -18.08
CA GLU D 233 -18.81 21.03 -18.66
C GLU D 233 -19.26 21.49 -20.04
N GLY D 234 -19.55 22.77 -20.19
CA GLY D 234 -19.97 23.31 -21.47
C GLY D 234 -18.81 23.73 -22.34
N GLU D 235 -17.82 22.86 -22.50
CA GLU D 235 -16.66 23.14 -23.32
C GLU D 235 -16.56 22.25 -24.55
N LEU D 236 -17.30 21.15 -24.60
CA LEU D 236 -17.33 20.29 -25.78
C LEU D 236 -18.38 20.80 -26.76
N ILE D 237 -18.09 21.97 -27.34
CA ILE D 237 -19.01 22.59 -28.27
C ILE D 237 -19.00 21.81 -29.58
N THR D 238 -20.20 21.41 -30.03
CA THR D 238 -20.37 20.54 -31.20
C THR D 238 -21.40 21.19 -32.10
N ILE D 239 -20.93 21.99 -33.06
CA ILE D 239 -21.85 22.61 -34.01
C ILE D 239 -22.42 21.53 -34.94
N GLY D 240 -23.72 21.60 -35.18
CA GLY D 240 -24.37 20.61 -36.03
C GLY D 240 -24.90 21.19 -37.32
N VAL D 241 -24.75 20.45 -38.41
CA VAL D 241 -25.19 20.88 -39.74
C VAL D 241 -26.24 19.90 -40.23
N ALA D 242 -27.40 20.43 -40.62
CA ALA D 242 -28.50 19.61 -41.11
C ALA D 242 -29.42 20.47 -41.97
N THR D 243 -30.24 19.80 -42.77
CA THR D 243 -31.20 20.50 -43.62
C THR D 243 -32.40 20.94 -42.80
N TRP D 244 -32.75 22.22 -42.92
CA TRP D 244 -33.95 22.72 -42.25
C TRP D 244 -35.22 22.12 -42.83
N GLY D 245 -35.26 21.87 -44.14
CA GLY D 245 -36.47 21.36 -44.76
C GLY D 245 -36.92 20.00 -44.28
N THR D 246 -36.06 19.26 -43.58
CA THR D 246 -36.40 17.96 -43.03
C THR D 246 -36.14 18.00 -41.52
N VAL D 247 -37.13 18.51 -40.79
CA VAL D 247 -37.11 18.53 -39.33
C VAL D 247 -38.53 18.22 -38.88
N HIS D 248 -38.66 17.49 -37.79
CA HIS D 248 -39.97 17.01 -37.37
C HIS D 248 -40.85 18.14 -36.84
N ARG D 249 -40.46 18.73 -35.71
CA ARG D 249 -41.23 19.82 -35.10
C ARG D 249 -40.59 21.19 -35.42
N ARG D 250 -40.47 21.48 -36.71
CA ARG D 250 -39.87 22.74 -37.11
C ARG D 250 -40.86 23.90 -37.19
N GLU D 251 -42.17 23.63 -37.17
CA GLU D 251 -43.13 24.73 -37.23
C GLU D 251 -43.25 25.47 -35.91
N GLY D 252 -42.71 24.92 -34.83
CA GLY D 252 -42.70 25.60 -33.55
C GLY D 252 -41.46 26.45 -33.39
N LEU D 253 -40.69 26.60 -34.47
CA LEU D 253 -39.49 27.44 -34.46
C LEU D 253 -39.58 28.65 -35.38
N ILE D 254 -40.56 28.74 -36.27
CA ILE D 254 -40.69 29.87 -37.18
C ILE D 254 -41.36 31.02 -36.44
N HIS D 255 -40.55 31.90 -35.86
CA HIS D 255 -41.06 33.08 -35.16
C HIS D 255 -40.17 34.25 -35.55
N PRO D 256 -40.71 35.28 -36.20
CA PRO D 256 -39.86 36.37 -36.70
C PRO D 256 -39.34 37.25 -35.56
N THR D 257 -38.39 38.11 -35.92
CA THR D 257 -37.74 39.07 -35.02
C THR D 257 -37.50 38.50 -33.62
N GLY D 258 -36.95 37.29 -33.57
CA GLY D 258 -36.54 36.68 -32.32
C GLY D 258 -37.41 35.56 -31.81
N SER D 259 -36.99 34.32 -32.03
CA SER D 259 -37.61 33.16 -31.40
C SER D 259 -36.74 32.72 -30.23
N PHE D 260 -36.73 33.54 -29.18
CA PHE D 260 -35.97 33.26 -27.99
C PHE D 260 -36.66 32.16 -27.19
N PRO D 261 -35.88 31.33 -26.42
CA PRO D 261 -36.37 30.03 -25.97
C PRO D 261 -37.61 29.47 -26.64
N ALA D 262 -37.46 29.03 -27.88
CA ALA D 262 -38.54 28.35 -28.61
C ALA D 262 -38.44 26.87 -28.31
N GLU D 263 -39.37 26.37 -27.51
CA GLU D 263 -39.33 24.98 -27.08
C GLU D 263 -39.52 24.04 -28.26
N TYR D 264 -38.82 22.90 -28.22
CA TYR D 264 -38.88 21.90 -29.27
C TYR D 264 -39.20 20.55 -28.65
N ILE D 265 -39.98 19.74 -29.37
CA ILE D 265 -40.38 18.42 -28.92
C ILE D 265 -39.87 17.40 -29.92
N LEU D 266 -39.14 16.40 -29.42
CA LEU D 266 -38.64 15.32 -30.26
C LEU D 266 -39.46 14.06 -30.00
N ASP D 267 -39.85 13.39 -31.09
CA ASP D 267 -40.67 12.18 -31.01
C ASP D 267 -40.25 11.24 -32.13
N GLU D 268 -39.57 10.16 -31.78
CA GLU D 268 -39.14 9.18 -32.76
C GLU D 268 -40.27 8.21 -33.08
N ASP D 269 -40.17 7.58 -34.26
CA ASP D 269 -41.20 6.67 -34.77
C ASP D 269 -42.54 7.39 -34.88
N GLY D 270 -42.50 8.65 -35.30
CA GLY D 270 -43.68 9.44 -35.54
C GLY D 270 -43.54 10.26 -36.80
N GLN D 271 -42.43 10.03 -37.51
CA GLN D 271 -42.11 10.76 -38.74
C GLN D 271 -42.28 9.88 -39.96
N GLY D 272 -41.94 10.42 -41.13
CA GLY D 272 -41.86 9.61 -42.33
C GLY D 272 -40.41 9.28 -42.64
N ASN D 273 -39.89 9.82 -43.73
CA ASN D 273 -38.46 9.76 -44.02
C ASN D 273 -37.70 10.92 -43.42
N LEU D 274 -38.41 11.92 -42.90
CA LEU D 274 -37.76 13.09 -42.35
C LEU D 274 -37.06 12.75 -41.03
N THR D 275 -36.34 13.73 -40.50
CA THR D 275 -35.37 13.53 -39.44
C THR D 275 -35.72 14.43 -38.25
N CYS D 276 -35.32 13.98 -37.07
CA CYS D 276 -35.46 14.73 -35.84
C CYS D 276 -34.11 15.30 -35.41
N LEU D 277 -34.17 16.34 -34.59
CA LEU D 277 -32.98 16.98 -34.07
C LEU D 277 -32.39 16.17 -32.92
N ASP D 278 -31.13 16.43 -32.60
CA ASP D 278 -30.45 15.81 -31.48
C ASP D 278 -30.64 16.68 -30.24
N SER D 279 -30.17 16.20 -29.10
CA SER D 279 -30.37 16.92 -27.84
C SER D 279 -29.07 17.12 -27.11
N ASN D 280 -28.01 16.46 -27.56
CA ASN D 280 -26.72 16.52 -26.89
C ASN D 280 -25.72 17.45 -27.58
N HIS D 281 -26.07 18.00 -28.74
CA HIS D 281 -25.21 18.95 -29.41
C HIS D 281 -25.33 20.32 -28.74
N SER D 282 -24.40 21.21 -29.09
CA SER D 282 -24.36 22.54 -28.50
C SER D 282 -24.82 23.65 -29.44
N HIS D 283 -24.66 23.48 -30.76
CA HIS D 283 -25.06 24.51 -31.70
C HIS D 283 -25.54 23.84 -32.98
N PHE D 284 -26.54 24.46 -33.61
CA PHE D 284 -27.13 23.94 -34.84
C PHE D 284 -27.15 25.03 -35.89
N ILE D 285 -26.81 24.68 -37.11
CA ILE D 285 -26.95 25.57 -38.27
C ILE D 285 -27.73 24.80 -39.32
N LEU D 286 -28.95 25.27 -39.60
CA LEU D 286 -29.84 24.61 -40.53
C LEU D 286 -29.88 25.38 -41.85
N VAL D 287 -29.86 24.63 -42.96
CA VAL D 287 -29.76 25.21 -44.30
C VAL D 287 -31.11 25.09 -45.00
N ASP D 288 -31.43 26.10 -45.81
CA ASP D 288 -32.68 26.13 -46.57
C ASP D 288 -32.43 25.89 -48.05
N ASP D 289 -33.43 25.29 -48.70
CA ASP D 289 -33.42 25.22 -50.17
C ASP D 289 -34.81 25.48 -50.73
N GLY D 290 -35.80 25.74 -49.87
CA GLY D 290 -37.18 25.80 -50.33
C GLY D 290 -37.62 24.45 -50.84
N THR D 291 -37.22 23.39 -50.14
CA THR D 291 -37.51 22.03 -50.52
C THR D 291 -37.93 21.26 -49.26
N HIS D 292 -38.70 20.20 -49.44
CA HIS D 292 -39.32 19.52 -48.32
C HIS D 292 -38.69 18.17 -48.00
N GLY D 293 -38.17 17.44 -48.97
CA GLY D 293 -37.66 16.11 -48.72
C GLY D 293 -36.33 15.73 -49.35
N GLN D 294 -35.41 16.67 -49.49
CA GLN D 294 -34.09 16.40 -50.06
C GLN D 294 -33.03 16.43 -48.97
N TYR D 295 -31.96 15.65 -49.18
CA TYR D 295 -30.89 15.46 -48.20
C TYR D 295 -29.53 15.86 -48.75
N GLY D 296 -29.47 16.47 -49.93
CA GLY D 296 -28.18 16.75 -50.55
C GLY D 296 -27.77 18.20 -50.55
N VAL D 297 -28.23 18.97 -49.56
CA VAL D 297 -27.94 20.39 -49.54
C VAL D 297 -26.99 20.80 -48.42
N GLU D 298 -26.89 20.02 -47.35
CA GLU D 298 -25.99 20.36 -46.25
C GLU D 298 -24.54 20.01 -46.55
N ILE D 299 -24.30 18.96 -47.34
CA ILE D 299 -22.93 18.52 -47.60
C ILE D 299 -22.13 19.55 -48.38
N PRO D 300 -22.63 20.14 -49.48
CA PRO D 300 -21.83 21.16 -50.18
C PRO D 300 -21.45 22.35 -49.30
N LEU D 301 -22.42 22.92 -48.59
CA LEU D 301 -22.13 24.06 -47.73
C LEU D 301 -21.18 23.67 -46.60
N ARG D 302 -21.36 22.46 -46.05
CA ARG D 302 -20.46 22.01 -44.99
C ARG D 302 -19.05 21.88 -45.50
N THR D 303 -18.86 21.33 -46.70
CA THR D 303 -17.52 21.23 -47.28
C THR D 303 -16.92 22.61 -47.51
N ARG D 304 -17.72 23.54 -48.04
CA ARG D 304 -17.20 24.89 -48.29
C ARG D 304 -16.78 25.57 -47.00
N LEU D 305 -17.63 25.50 -45.96
CA LEU D 305 -17.31 26.12 -44.69
C LEU D 305 -16.11 25.45 -44.02
N GLU D 306 -16.02 24.12 -44.12
CA GLU D 306 -14.92 23.41 -43.49
C GLU D 306 -13.60 23.71 -44.20
N LYS D 307 -13.64 23.89 -45.52
CA LYS D 307 -12.48 24.37 -46.25
C LYS D 307 -12.09 25.80 -45.85
N PHE D 308 -13.06 26.70 -45.72
CA PHE D 308 -12.74 28.07 -45.33
C PHE D 308 -12.21 28.19 -43.91
N ILE D 309 -12.62 27.29 -43.01
CA ILE D 309 -12.11 27.33 -41.64
C ILE D 309 -10.62 27.08 -41.60
N SER D 310 -10.15 26.05 -42.32
CA SER D 310 -8.73 25.71 -42.32
C SER D 310 -7.86 26.80 -42.93
N GLU D 311 -8.43 27.67 -43.77
CA GLU D 311 -7.70 28.83 -44.27
C GLU D 311 -7.33 29.79 -43.15
N GLN D 312 -8.14 29.86 -42.11
CA GLN D 312 -7.92 30.78 -41.01
C GLN D 312 -6.69 30.37 -40.20
N THR D 313 -5.99 31.38 -39.68
CA THR D 313 -4.79 31.18 -38.90
C THR D 313 -4.99 31.72 -37.49
N LYS D 314 -4.45 30.99 -36.51
CA LYS D 314 -4.53 31.38 -35.10
C LYS D 314 -3.15 31.82 -34.64
N GLU D 315 -3.07 32.98 -34.01
CA GLU D 315 -1.81 33.55 -33.55
C GLU D 315 -1.93 33.89 -32.07
N ARG D 316 -1.37 33.03 -31.22
CA ARG D 316 -1.36 33.25 -29.78
C ARG D 316 0.06 33.01 -29.26
N GLY D 317 0.62 34.00 -28.58
CA GLY D 317 1.93 33.88 -27.98
C GLY D 317 3.09 34.22 -28.89
N GLY D 318 2.82 34.54 -30.16
CA GLY D 318 3.87 34.87 -31.10
C GLY D 318 4.10 33.83 -32.17
N VAL D 319 3.45 32.68 -32.13
CA VAL D 319 3.59 31.64 -33.15
C VAL D 319 2.25 31.49 -33.84
N ALA D 320 2.27 31.51 -35.17
CA ALA D 320 1.06 31.43 -35.97
C ALA D 320 1.01 30.10 -36.73
N ILE D 321 -0.17 29.47 -36.69
CA ILE D 321 -0.40 28.20 -37.37
C ILE D 321 -1.77 28.26 -38.04
N LYS D 322 -1.88 27.58 -39.17
CA LYS D 322 -3.18 27.38 -39.80
C LYS D 322 -3.83 26.15 -39.16
N ILE D 323 -5.13 26.27 -38.87
CA ILE D 323 -5.80 25.26 -38.04
C ILE D 323 -5.76 23.91 -38.74
N PRO D 324 -5.26 22.85 -38.10
CA PRO D 324 -5.29 21.53 -38.72
C PRO D 324 -6.71 20.99 -38.81
N ILE D 325 -6.92 20.08 -39.76
CA ILE D 325 -8.26 19.65 -40.14
C ILE D 325 -8.24 18.13 -40.35
N VAL D 326 -9.01 17.40 -39.54
CA VAL D 326 -9.01 15.95 -39.56
C VAL D 326 -10.43 15.43 -39.75
N CYS D 327 -10.57 14.24 -40.35
CA CYS D 327 -11.86 13.64 -40.63
C CYS D 327 -11.89 12.22 -40.09
N VAL D 328 -13.07 11.78 -39.63
CA VAL D 328 -13.28 10.43 -39.13
C VAL D 328 -14.62 9.93 -39.66
N VAL D 329 -14.69 8.63 -39.98
CA VAL D 329 -15.88 8.02 -40.58
C VAL D 329 -16.19 6.72 -39.86
N LEU D 330 -17.48 6.33 -39.88
CA LEU D 330 -17.98 5.12 -39.21
C LEU D 330 -19.16 4.55 -40.00
N GLU D 331 -18.91 3.50 -40.80
CA GLU D 331 -19.96 2.77 -41.50
C GLU D 331 -20.88 3.68 -42.30
N GLY D 332 -20.36 4.32 -43.34
CA GLY D 332 -21.18 5.19 -44.15
C GLY D 332 -22.01 4.43 -45.15
N GLY D 333 -22.48 5.16 -46.17
CA GLY D 333 -23.22 4.59 -47.26
C GLY D 333 -22.65 5.00 -48.61
N PRO D 334 -23.49 5.54 -49.48
CA PRO D 334 -23.03 5.95 -50.82
C PRO D 334 -22.36 7.31 -50.85
N GLY D 335 -22.70 8.21 -49.93
CA GLY D 335 -22.20 9.57 -49.92
C GLY D 335 -20.90 9.77 -49.18
N THR D 336 -20.53 8.79 -48.35
CA THR D 336 -19.24 8.88 -47.67
C THR D 336 -18.09 8.70 -48.65
N LEU D 337 -18.33 8.04 -49.78
CA LEU D 337 -17.27 7.94 -50.76
C LEU D 337 -17.16 9.24 -51.55
N HIS D 338 -18.17 10.10 -51.47
CA HIS D 338 -17.93 11.51 -51.71
C HIS D 338 -17.05 12.10 -50.61
N THR D 339 -17.51 12.08 -49.36
CA THR D 339 -16.86 12.92 -48.35
C THR D 339 -15.40 12.53 -48.13
N ILE D 340 -15.09 11.24 -48.22
CA ILE D 340 -13.73 10.77 -47.98
C ILE D 340 -12.82 11.20 -49.13
N ASP D 341 -13.29 11.07 -50.36
CA ASP D 341 -12.53 11.51 -51.53
C ASP D 341 -12.34 13.03 -51.53
N ASN D 342 -13.42 13.76 -51.25
CA ASN D 342 -13.45 15.21 -51.26
C ASN D 342 -12.53 15.75 -50.18
N ALA D 343 -12.41 14.99 -49.09
CA ALA D 343 -11.53 15.37 -48.01
C ALA D 343 -10.08 14.99 -48.32
N THR D 344 -9.87 13.81 -48.89
CA THR D 344 -8.54 13.24 -49.06
C THR D 344 -7.80 13.92 -50.20
N THR D 345 -8.52 14.27 -51.27
CA THR D 345 -7.87 14.97 -52.37
C THR D 345 -7.31 16.31 -51.93
N ASN D 346 -7.96 16.97 -50.99
CA ASN D 346 -7.46 18.23 -50.46
C ASN D 346 -6.21 18.01 -49.61
N GLY D 347 -6.24 17.03 -48.71
CA GLY D 347 -5.10 16.80 -47.84
C GLY D 347 -5.45 16.60 -46.36
N THR D 348 -6.74 16.38 -46.09
CA THR D 348 -7.22 16.13 -44.73
C THR D 348 -6.84 14.70 -44.32
N PRO D 349 -6.29 14.50 -43.13
CA PRO D 349 -6.00 13.15 -42.65
C PRO D 349 -7.26 12.38 -42.29
N CYS D 350 -7.97 11.84 -43.28
CA CYS D 350 -9.14 11.04 -42.98
C CYS D 350 -8.74 9.81 -42.18
N VAL D 351 -9.52 9.52 -41.15
CA VAL D 351 -9.23 8.41 -40.25
C VAL D 351 -10.41 7.44 -40.27
N VAL D 352 -10.32 6.41 -41.11
CA VAL D 352 -11.35 5.39 -41.15
C VAL D 352 -11.07 4.32 -40.10
N VAL D 353 -12.13 3.90 -39.40
CA VAL D 353 -12.05 2.95 -38.30
C VAL D 353 -12.47 1.57 -38.77
N GLU D 354 -11.69 0.55 -38.40
CA GLU D 354 -12.00 -0.85 -38.73
C GLU D 354 -12.92 -1.41 -37.66
N GLY D 355 -14.11 -1.86 -38.08
CA GLY D 355 -15.05 -2.47 -37.17
C GLY D 355 -16.45 -1.94 -37.34
N SER D 356 -17.41 -2.83 -37.55
CA SER D 356 -18.81 -2.47 -37.80
C SER D 356 -18.91 -1.44 -38.93
N GLY D 357 -18.46 -1.86 -40.11
CA GLY D 357 -18.44 -0.96 -41.25
C GLY D 357 -19.07 -1.53 -42.50
N ARG D 358 -19.96 -0.76 -43.12
CA ARG D 358 -20.48 -1.10 -44.44
C ARG D 358 -19.51 -0.54 -45.47
N VAL D 359 -19.04 0.69 -45.24
CA VAL D 359 -18.06 1.30 -46.13
C VAL D 359 -16.70 1.35 -45.46
N ALA D 360 -16.64 1.79 -44.20
CA ALA D 360 -15.35 1.94 -43.53
C ALA D 360 -14.62 0.62 -43.44
N ASP D 361 -15.36 -0.46 -43.15
CA ASP D 361 -14.73 -1.77 -43.09
C ASP D 361 -14.22 -2.22 -44.45
N VAL D 362 -14.82 -1.72 -45.54
CA VAL D 362 -14.31 -2.07 -46.86
C VAL D 362 -12.92 -1.49 -47.08
N ILE D 363 -12.73 -0.21 -46.76
CA ILE D 363 -11.39 0.38 -46.82
C ILE D 363 -10.44 -0.32 -45.85
N ALA D 364 -10.91 -0.66 -44.65
CA ALA D 364 -10.06 -1.36 -43.69
C ALA D 364 -9.62 -2.72 -44.22
N GLN D 365 -10.52 -3.42 -44.92
CA GLN D 365 -10.21 -4.73 -45.46
C GLN D 365 -9.24 -4.64 -46.65
N VAL D 366 -9.43 -3.62 -47.50
CA VAL D 366 -8.66 -3.48 -48.72
C VAL D 366 -7.54 -2.46 -48.47
N ALA D 367 -7.21 -2.25 -47.21
CA ALA D 367 -6.38 -1.12 -46.82
C ALA D 367 -4.90 -1.25 -47.18
N ASN D 368 -4.16 -2.16 -46.54
CA ASN D 368 -2.72 -2.23 -46.80
C ASN D 368 -2.37 -3.18 -47.96
N ILE D 369 -3.36 -3.81 -48.58
CA ILE D 369 -3.14 -4.59 -49.81
C ILE D 369 -2.63 -3.60 -50.85
N PRO D 370 -1.57 -3.91 -51.61
CA PRO D 370 -0.93 -2.85 -52.40
C PRO D 370 -1.81 -2.38 -53.55
N VAL D 371 -1.46 -1.19 -54.07
CA VAL D 371 -2.28 -0.56 -55.10
C VAL D 371 -2.23 -1.38 -56.38
N SER D 372 -3.34 -1.35 -57.13
CA SER D 372 -3.50 -1.97 -58.44
C SER D 372 -3.37 -3.49 -58.43
N ASP D 373 -3.16 -4.10 -57.27
CA ASP D 373 -3.17 -5.56 -57.15
C ASP D 373 -4.59 -6.11 -57.05
N ILE D 374 -5.59 -5.24 -57.05
CA ILE D 374 -6.99 -5.62 -56.90
C ILE D 374 -7.68 -5.47 -58.25
N THR D 375 -8.49 -6.46 -58.61
CA THR D 375 -9.24 -6.41 -59.85
C THR D 375 -10.67 -5.94 -59.60
N ILE D 376 -11.35 -5.56 -60.69
CA ILE D 376 -12.74 -5.13 -60.59
C ILE D 376 -13.62 -6.27 -60.07
N SER D 377 -13.39 -7.48 -60.58
CA SER D 377 -14.12 -8.64 -60.08
C SER D 377 -13.79 -8.91 -58.61
N LEU D 378 -12.54 -8.69 -58.21
CA LEU D 378 -12.17 -8.86 -56.80
C LEU D 378 -12.92 -7.86 -55.92
N ILE D 379 -13.04 -6.61 -56.37
CA ILE D 379 -13.79 -5.64 -55.60
C ILE D 379 -15.28 -6.01 -55.58
N GLN D 380 -15.79 -6.55 -56.68
CA GLN D 380 -17.18 -6.99 -56.72
C GLN D 380 -17.44 -8.09 -55.70
N GLN D 381 -16.51 -9.06 -55.62
CA GLN D 381 -16.69 -10.14 -54.65
C GLN D 381 -16.43 -9.68 -53.22
N LYS D 382 -15.60 -8.64 -53.03
CA LYS D 382 -15.47 -7.98 -51.74
C LYS D 382 -16.77 -7.33 -51.31
N LEU D 383 -17.45 -6.65 -52.22
CA LEU D 383 -18.71 -5.95 -51.94
C LEU D 383 -19.89 -6.91 -51.80
N SER D 384 -19.84 -8.06 -52.46
CA SER D 384 -20.94 -9.03 -52.42
C SER D 384 -21.02 -9.84 -51.14
N VAL D 385 -20.16 -9.58 -50.16
CA VAL D 385 -20.17 -10.33 -48.90
C VAL D 385 -20.59 -9.44 -47.73
N PHE D 386 -20.95 -8.20 -47.99
CA PHE D 386 -21.24 -7.25 -46.91
C PHE D 386 -22.56 -6.50 -47.06
N PHE D 387 -23.22 -6.55 -48.22
CA PHE D 387 -24.36 -5.68 -48.51
C PHE D 387 -25.65 -6.44 -48.81
N GLN D 388 -26.03 -7.39 -47.97
CA GLN D 388 -27.14 -8.32 -48.23
C GLN D 388 -28.45 -7.64 -48.63
N GLU D 389 -28.78 -6.51 -48.02
CA GLU D 389 -30.09 -5.89 -48.24
C GLU D 389 -30.26 -5.44 -49.69
N MET D 390 -29.20 -4.89 -50.29
CA MET D 390 -29.25 -4.35 -51.64
C MET D 390 -28.27 -5.03 -52.58
N PHE D 391 -27.89 -6.28 -52.30
CA PHE D 391 -26.90 -6.98 -53.12
C PHE D 391 -27.42 -7.24 -54.53
N GLU D 392 -28.74 -7.16 -54.71
CA GLU D 392 -29.34 -7.37 -56.02
C GLU D 392 -29.64 -6.06 -56.76
N THR D 393 -29.65 -4.93 -56.06
CA THR D 393 -29.96 -3.64 -56.67
C THR D 393 -28.71 -2.86 -57.04
N PHE D 394 -27.55 -3.53 -57.08
CA PHE D 394 -26.30 -2.88 -57.43
C PHE D 394 -26.09 -2.99 -58.94
N THR D 395 -26.11 -1.84 -59.62
CA THR D 395 -25.93 -1.78 -61.05
C THR D 395 -24.47 -2.12 -61.41
N GLU D 396 -24.28 -2.62 -62.64
CA GLU D 396 -22.94 -2.88 -63.14
C GLU D 396 -22.09 -1.63 -63.25
N SER D 397 -22.70 -0.44 -63.20
CA SER D 397 -21.96 0.81 -63.16
C SER D 397 -21.68 1.30 -61.74
N ARG D 398 -22.44 0.83 -60.75
CA ARG D 398 -22.17 1.23 -59.37
C ARG D 398 -20.83 0.69 -58.89
N ILE D 399 -20.37 -0.43 -59.45
CA ILE D 399 -19.08 -0.97 -59.07
C ILE D 399 -17.95 -0.06 -59.52
N VAL D 400 -18.08 0.57 -60.70
CA VAL D 400 -16.96 1.33 -61.26
C VAL D 400 -16.60 2.53 -60.40
N GLU D 401 -17.61 3.27 -59.94
CA GLU D 401 -17.37 4.43 -59.09
C GLU D 401 -16.62 4.02 -57.82
N TRP D 402 -17.10 2.97 -57.15
CA TRP D 402 -16.48 2.53 -55.92
C TRP D 402 -15.07 2.00 -56.17
N THR D 403 -14.87 1.26 -57.27
CA THR D 403 -13.53 0.78 -57.59
C THR D 403 -12.56 1.94 -57.76
N LYS D 404 -12.95 2.96 -58.53
CA LYS D 404 -12.06 4.09 -58.75
C LYS D 404 -11.74 4.83 -57.46
N LYS D 405 -12.77 5.08 -56.64
CA LYS D 405 -12.55 5.87 -55.44
C LYS D 405 -11.74 5.10 -54.40
N ILE D 406 -12.02 3.81 -54.23
CA ILE D 406 -11.19 2.96 -53.38
C ILE D 406 -9.76 2.93 -53.90
N GLN D 407 -9.60 2.84 -55.22
CA GLN D 407 -8.27 2.87 -55.82
C GLN D 407 -7.50 4.10 -55.36
N ASP D 408 -8.09 5.28 -55.50
CA ASP D 408 -7.38 6.50 -55.10
C ASP D 408 -7.09 6.52 -53.60
N ILE D 409 -8.13 6.28 -52.78
CA ILE D 409 -7.99 6.42 -51.33
C ILE D 409 -6.93 5.47 -50.81
N VAL D 410 -6.99 4.21 -51.22
CA VAL D 410 -6.03 3.24 -50.73
C VAL D 410 -4.68 3.40 -51.41
N ARG D 411 -4.64 4.03 -52.60
CA ARG D 411 -3.37 4.30 -53.25
C ARG D 411 -2.53 5.26 -52.42
N ARG D 412 -3.11 6.37 -51.96
CA ARG D 412 -2.37 7.23 -51.05
C ARG D 412 -2.58 6.74 -49.62
N ARG D 413 -1.58 6.03 -49.10
CA ARG D 413 -1.60 5.55 -47.72
C ARG D 413 -0.97 6.53 -46.75
N GLN D 414 -0.36 7.61 -47.24
CA GLN D 414 0.15 8.64 -46.34
C GLN D 414 -0.99 9.43 -45.72
N LEU D 415 -2.01 9.77 -46.51
CA LEU D 415 -3.19 10.47 -46.01
C LEU D 415 -4.17 9.49 -45.38
N LEU D 416 -4.42 8.37 -46.04
CA LEU D 416 -5.29 7.34 -45.48
C LEU D 416 -4.65 6.71 -44.26
N THR D 417 -5.47 6.45 -43.23
CA THR D 417 -4.98 5.82 -42.01
C THR D 417 -6.05 4.90 -41.46
N VAL D 418 -5.70 3.63 -41.28
CA VAL D 418 -6.63 2.66 -40.70
C VAL D 418 -6.38 2.52 -39.21
N PHE D 419 -7.46 2.45 -38.45
CA PHE D 419 -7.41 2.48 -36.99
C PHE D 419 -6.82 1.21 -36.38
N ARG D 420 -7.14 0.03 -36.92
CA ARG D 420 -6.71 -1.22 -36.32
C ARG D 420 -7.18 -1.30 -34.88
N GLU D 421 -8.50 -1.37 -34.69
CA GLU D 421 -9.18 -1.23 -33.40
C GLU D 421 -8.44 -1.86 -32.22
N GLY D 422 -7.96 -3.09 -32.38
CA GLY D 422 -7.34 -3.77 -31.27
C GLY D 422 -6.07 -4.54 -31.61
N LYS D 423 -5.66 -4.51 -32.88
CA LYS D 423 -4.51 -5.28 -33.30
C LYS D 423 -3.21 -4.56 -32.99
N ASP D 424 -3.02 -3.38 -33.58
CA ASP D 424 -1.80 -2.61 -33.40
C ASP D 424 -2.15 -1.12 -33.40
N GLY D 425 -1.43 -0.36 -32.58
CA GLY D 425 -1.76 1.04 -32.43
C GLY D 425 -3.10 1.30 -31.79
N GLN D 426 -3.55 0.39 -30.92
CA GLN D 426 -4.88 0.47 -30.31
C GLN D 426 -4.79 1.31 -29.04
N GLN D 427 -4.42 2.57 -29.23
CA GLN D 427 -4.35 3.52 -28.13
C GLN D 427 -5.71 4.14 -27.86
N ASP D 428 -5.71 5.23 -27.10
CA ASP D 428 -6.92 5.94 -26.72
C ASP D 428 -7.45 6.81 -27.86
N VAL D 429 -7.09 6.51 -29.11
CA VAL D 429 -7.64 7.13 -30.32
C VAL D 429 -7.17 8.57 -30.47
N ASP D 430 -7.10 9.31 -29.36
CA ASP D 430 -6.63 10.69 -29.41
C ASP D 430 -5.23 10.78 -30.02
N VAL D 431 -4.29 9.99 -29.50
CA VAL D 431 -2.95 10.02 -30.04
C VAL D 431 -2.90 9.41 -31.43
N ALA D 432 -3.79 8.47 -31.77
CA ALA D 432 -3.82 7.94 -33.12
C ALA D 432 -4.22 9.01 -34.12
N ILE D 433 -5.27 9.78 -33.80
CA ILE D 433 -5.70 10.88 -34.66
C ILE D 433 -4.60 11.93 -34.77
N LEU D 434 -3.99 12.29 -33.65
CA LEU D 434 -2.91 13.27 -33.69
C LEU D 434 -1.74 12.76 -34.51
N GLN D 435 -1.45 11.45 -34.41
CA GLN D 435 -0.34 10.86 -35.14
C GLN D 435 -0.60 10.85 -36.63
N ALA D 436 -1.83 10.53 -37.06
CA ALA D 436 -2.16 10.61 -38.47
C ALA D 436 -2.11 12.05 -38.98
N LEU D 437 -2.61 12.99 -38.17
CA LEU D 437 -2.57 14.39 -38.54
C LEU D 437 -1.13 14.87 -38.74
N LEU D 438 -0.23 14.51 -37.82
CA LEU D 438 1.16 14.90 -37.96
C LEU D 438 1.84 14.12 -39.09
N LYS D 439 1.38 12.91 -39.38
CA LYS D 439 1.88 12.21 -40.57
C LYS D 439 1.60 13.01 -41.83
N ALA D 440 0.35 13.43 -42.01
CA ALA D 440 0.00 14.21 -43.20
C ALA D 440 0.68 15.57 -43.19
N SER D 441 0.84 16.18 -42.02
CA SER D 441 1.58 17.45 -41.95
C SER D 441 3.04 17.26 -42.33
N ARG D 442 3.64 16.13 -41.95
CA ARG D 442 4.99 15.80 -42.37
C ARG D 442 5.08 15.56 -43.86
N SER D 443 4.02 15.02 -44.45
CA SER D 443 3.97 14.74 -45.88
C SER D 443 3.82 16.00 -46.73
N GLN D 444 3.56 17.15 -46.11
CA GLN D 444 3.34 18.37 -46.87
C GLN D 444 4.68 18.93 -47.37
N ASP D 445 4.57 19.96 -48.22
CA ASP D 445 5.75 20.55 -48.83
C ASP D 445 6.55 21.35 -47.80
N HIS D 446 7.88 21.28 -47.92
CA HIS D 446 8.78 22.04 -47.05
C HIS D 446 10.14 22.11 -47.72
N PHE D 447 10.70 23.31 -47.84
CA PHE D 447 11.96 23.48 -48.54
C PHE D 447 13.10 23.82 -47.58
N GLY D 448 12.81 24.58 -46.54
CA GLY D 448 13.84 25.16 -45.70
C GLY D 448 13.82 24.70 -44.25
N HIS D 449 13.63 23.40 -44.02
CA HIS D 449 13.54 22.83 -42.68
C HIS D 449 12.31 23.37 -41.94
N GLU D 450 11.17 23.42 -42.63
CA GLU D 450 9.98 24.03 -42.05
C GLU D 450 9.11 23.00 -41.35
N ASN D 451 9.20 21.73 -41.75
CA ASN D 451 8.40 20.68 -41.14
C ASN D 451 8.67 20.56 -39.65
N TRP D 452 9.96 20.62 -39.28
CA TRP D 452 10.35 20.53 -37.88
C TRP D 452 9.69 21.62 -37.06
N ASP D 453 9.88 22.87 -37.47
CA ASP D 453 9.36 24.00 -36.71
C ASP D 453 7.84 23.98 -36.68
N HIS D 454 7.20 23.64 -37.80
CA HIS D 454 5.73 23.62 -37.83
C HIS D 454 5.17 22.57 -36.90
N GLN D 455 5.74 21.36 -36.91
CA GLN D 455 5.25 20.31 -36.02
C GLN D 455 5.46 20.69 -34.56
N LEU D 456 6.62 21.28 -34.23
CA LEU D 456 6.82 21.70 -32.85
C LEU D 456 5.85 22.82 -32.45
N LYS D 457 5.63 23.79 -33.34
CA LYS D 457 4.68 24.85 -33.04
C LYS D 457 3.29 24.28 -32.77
N LEU D 458 2.89 23.31 -33.58
CA LEU D 458 1.56 22.72 -33.42
C LEU D 458 1.47 21.92 -32.11
N ALA D 459 2.53 21.19 -31.77
CA ALA D 459 2.53 20.45 -30.51
C ALA D 459 2.43 21.40 -29.32
N VAL D 460 3.15 22.52 -29.37
CA VAL D 460 3.07 23.50 -28.29
C VAL D 460 1.70 24.17 -28.27
N ALA D 461 1.09 24.35 -29.46
CA ALA D 461 -0.26 24.89 -29.51
C ALA D 461 -1.25 23.98 -28.80
N TRP D 462 -1.11 22.66 -28.99
CA TRP D 462 -1.84 21.74 -28.14
C TRP D 462 -1.16 21.63 -26.78
N ASN D 463 -1.72 20.79 -25.92
CA ASN D 463 -1.22 20.61 -24.56
C ASN D 463 -0.94 19.14 -24.26
N ARG D 464 -0.20 18.47 -25.16
CA ARG D 464 0.16 17.06 -24.99
C ARG D 464 1.66 16.94 -25.23
N VAL D 465 2.41 16.71 -24.15
CA VAL D 465 3.86 16.62 -24.25
C VAL D 465 4.29 15.24 -24.73
N ASP D 466 3.44 14.23 -24.51
CA ASP D 466 3.75 12.89 -24.98
C ASP D 466 3.92 12.86 -26.49
N ILE D 467 3.04 13.56 -27.21
CA ILE D 467 3.17 13.67 -28.65
C ILE D 467 4.49 14.34 -29.01
N ALA D 468 4.84 15.41 -28.30
CA ALA D 468 6.06 16.15 -28.62
C ALA D 468 7.30 15.28 -28.45
N ARG D 469 7.33 14.46 -27.39
CA ARG D 469 8.53 13.69 -27.11
C ARG D 469 8.59 12.38 -27.91
N SER D 470 7.43 11.82 -28.26
CA SER D 470 7.41 10.53 -28.93
C SER D 470 7.30 10.61 -30.44
N GLU D 471 6.82 11.73 -30.98
CA GLU D 471 6.85 11.93 -32.43
C GLU D 471 7.84 13.01 -32.83
N ILE D 472 7.71 14.20 -32.26
CA ILE D 472 8.50 15.34 -32.74
C ILE D 472 9.95 15.23 -32.26
N PHE D 473 10.14 15.26 -30.95
CA PHE D 473 11.48 15.49 -30.41
C PHE D 473 12.38 14.28 -30.53
N MET D 474 11.82 13.15 -30.97
CA MET D 474 12.64 11.96 -31.15
C MET D 474 13.23 11.87 -32.55
N ASP D 475 12.64 12.56 -33.52
CA ASP D 475 12.97 12.26 -34.91
C ASP D 475 13.21 13.50 -35.77
N GLU D 476 13.73 13.28 -36.99
CA GLU D 476 13.96 14.29 -38.03
C GLU D 476 15.27 15.06 -37.85
N TRP D 477 16.11 14.63 -36.90
CA TRP D 477 17.50 15.09 -36.79
C TRP D 477 17.65 16.57 -36.46
N GLN D 478 18.89 17.05 -36.42
CA GLN D 478 19.26 18.47 -36.50
C GLN D 478 18.84 19.17 -35.21
N TRP D 479 17.88 20.10 -35.25
CA TRP D 479 17.31 20.81 -34.10
C TRP D 479 18.40 21.41 -33.20
N LYS D 480 19.19 22.30 -33.78
CA LYS D 480 20.17 23.04 -32.99
C LYS D 480 19.45 23.78 -31.86
N PRO D 481 20.02 23.80 -30.64
CA PRO D 481 19.27 24.30 -29.48
C PRO D 481 18.77 25.73 -29.65
N SER D 482 19.41 26.50 -30.52
CA SER D 482 18.92 27.83 -30.85
C SER D 482 17.63 27.79 -31.66
N ASP D 483 17.29 26.64 -32.26
CA ASP D 483 16.10 26.58 -33.10
C ASP D 483 14.81 26.58 -32.26
N LEU D 484 14.90 26.11 -31.01
CA LEU D 484 13.71 26.01 -30.18
C LEU D 484 13.34 27.33 -29.50
N HIS D 485 14.12 28.39 -29.72
CA HIS D 485 13.85 29.66 -29.06
C HIS D 485 12.48 30.25 -29.41
N PRO D 486 12.05 30.34 -30.68
CA PRO D 486 10.76 30.99 -30.95
C PRO D 486 9.57 30.34 -30.25
N THR D 487 9.55 29.01 -30.13
CA THR D 487 8.42 28.36 -29.48
C THR D 487 8.58 28.35 -27.97
N MET D 488 9.82 28.48 -27.49
CA MET D 488 10.07 28.60 -26.06
C MET D 488 9.38 29.84 -25.49
N THR D 489 9.36 30.93 -26.27
CA THR D 489 8.68 32.14 -25.83
C THR D 489 7.19 31.90 -25.64
N ALA D 490 6.55 31.22 -26.61
CA ALA D 490 5.13 30.93 -26.48
C ALA D 490 4.87 29.98 -25.31
N ALA D 491 5.75 29.01 -25.10
CA ALA D 491 5.57 28.09 -23.98
C ALA D 491 5.65 28.83 -22.65
N LEU D 492 6.59 29.77 -22.53
CA LEU D 492 6.68 30.55 -21.30
C LEU D 492 5.46 31.46 -21.13
N ILE D 493 5.02 32.09 -22.23
CA ILE D 493 3.89 33.02 -22.16
C ILE D 493 2.61 32.31 -21.79
N SER D 494 2.36 31.12 -22.32
CA SER D 494 1.11 30.40 -22.08
C SER D 494 1.15 29.56 -20.82
N ASN D 495 2.22 29.68 -20.02
CA ASN D 495 2.35 28.95 -18.76
C ASN D 495 2.31 27.44 -18.99
N LYS D 496 3.27 26.93 -19.76
CA LYS D 496 3.36 25.49 -19.99
C LYS D 496 4.65 24.97 -19.38
N PRO D 497 4.59 24.47 -18.14
CA PRO D 497 5.83 24.04 -17.47
C PRO D 497 6.43 22.76 -18.04
N GLU D 498 5.60 21.83 -18.51
CA GLU D 498 6.14 20.59 -19.05
C GLU D 498 6.98 20.87 -20.29
N PHE D 499 6.49 21.73 -21.19
CA PHE D 499 7.22 22.02 -22.40
C PHE D 499 8.48 22.82 -22.13
N VAL D 500 8.45 23.72 -21.14
CA VAL D 500 9.68 24.46 -20.83
C VAL D 500 10.72 23.51 -20.23
N LYS D 501 10.29 22.56 -19.39
CA LYS D 501 11.23 21.55 -18.92
C LYS D 501 11.82 20.74 -20.07
N LEU D 502 10.98 20.31 -21.01
CA LEU D 502 11.48 19.50 -22.13
C LEU D 502 12.45 20.30 -23.00
N PHE D 503 12.09 21.54 -23.35
CA PHE D 503 12.99 22.37 -24.15
C PHE D 503 14.31 22.60 -23.42
N LEU D 504 14.26 22.96 -22.14
CA LEU D 504 15.48 23.18 -21.37
C LEU D 504 16.30 21.91 -21.24
N GLU D 505 15.65 20.74 -21.32
CA GLU D 505 16.39 19.48 -21.40
C GLU D 505 17.14 19.36 -22.73
N ASN D 506 16.54 19.82 -23.83
CA ASN D 506 17.16 19.61 -25.14
C ASN D 506 18.37 20.52 -25.38
N GLY D 507 18.51 21.60 -24.63
CA GLY D 507 19.72 22.35 -24.82
C GLY D 507 19.62 23.86 -24.81
N VAL D 508 18.41 24.40 -24.76
CA VAL D 508 18.26 25.85 -24.67
C VAL D 508 18.72 26.29 -23.29
N GLN D 509 19.65 27.24 -23.27
CA GLN D 509 20.28 27.69 -22.03
C GLN D 509 19.61 28.97 -21.57
N LEU D 510 19.17 29.00 -20.31
CA LEU D 510 18.58 30.21 -19.77
C LEU D 510 19.57 31.36 -19.72
N LYS D 511 20.88 31.08 -19.76
CA LYS D 511 21.86 32.14 -19.85
C LYS D 511 21.69 32.93 -21.14
N GLU D 512 21.39 32.25 -22.24
CA GLU D 512 20.99 32.90 -23.47
C GLU D 512 19.46 32.91 -23.53
N PHE D 513 18.91 33.40 -24.65
CA PHE D 513 17.47 33.47 -24.89
C PHE D 513 16.78 34.51 -24.00
N VAL D 514 17.48 35.04 -23.00
CA VAL D 514 16.95 36.20 -22.31
C VAL D 514 17.69 37.41 -22.84
N THR D 515 17.17 37.98 -23.92
CA THR D 515 17.76 39.17 -24.50
C THR D 515 16.97 40.40 -24.06
N TRP D 516 17.51 41.58 -24.37
CA TRP D 516 16.77 42.79 -24.09
C TRP D 516 15.46 42.82 -24.87
N ASP D 517 15.52 42.46 -26.15
CA ASP D 517 14.31 42.41 -26.98
C ASP D 517 13.34 41.34 -26.47
N THR D 518 13.86 40.16 -26.11
CA THR D 518 13.00 39.09 -25.64
C THR D 518 12.31 39.46 -24.34
N LEU D 519 13.05 40.08 -23.42
CA LEU D 519 12.48 40.51 -22.15
C LEU D 519 11.42 41.57 -22.37
N LEU D 520 11.68 42.52 -23.27
CA LEU D 520 10.67 43.54 -23.59
C LEU D 520 9.43 42.89 -24.18
N TYR D 521 9.60 41.89 -25.04
CA TYR D 521 8.47 41.18 -25.60
C TYR D 521 7.67 40.47 -24.51
N LEU D 522 8.37 39.81 -23.58
CA LEU D 522 7.69 39.08 -22.52
C LEU D 522 6.90 40.01 -21.60
N TYR D 523 7.46 41.16 -21.26
CA TYR D 523 6.74 42.07 -20.37
C TYR D 523 5.52 42.66 -21.06
N GLU D 524 5.56 42.82 -22.38
CA GLU D 524 4.39 43.32 -23.09
C GLU D 524 3.23 42.33 -23.04
N ASN D 525 3.53 41.04 -23.16
CA ASN D 525 2.52 39.98 -23.16
C ASN D 525 2.32 39.38 -21.77
N LEU D 526 2.50 40.18 -20.73
CA LEU D 526 2.24 39.72 -19.37
C LEU D 526 0.77 39.41 -19.21
N ASP D 527 0.46 38.51 -18.27
CA ASP D 527 -0.91 38.06 -18.03
C ASP D 527 -1.83 39.27 -17.85
N PRO D 528 -2.82 39.48 -18.74
CA PRO D 528 -3.67 40.66 -18.68
C PRO D 528 -4.79 40.56 -17.64
N SER D 529 -4.44 40.03 -16.46
CA SER D 529 -5.38 40.03 -15.34
C SER D 529 -4.68 40.34 -14.02
N CYS D 530 -3.55 41.02 -14.04
CA CYS D 530 -2.67 41.08 -12.89
C CYS D 530 -2.55 42.50 -12.33
N LEU D 531 -2.33 42.55 -11.01
CA LEU D 531 -2.07 43.81 -10.33
C LEU D 531 -0.84 44.49 -10.91
N PHE D 532 0.19 43.71 -11.24
CA PHE D 532 1.37 44.27 -11.89
C PHE D 532 1.02 44.88 -13.24
N HIS D 533 0.16 44.21 -14.01
CA HIS D 533 -0.26 44.77 -15.29
C HIS D 533 -0.97 46.10 -15.10
N SER D 534 -1.89 46.16 -14.14
CA SER D 534 -2.63 47.41 -13.91
C SER D 534 -1.70 48.53 -13.48
N LYS D 535 -0.81 48.25 -12.53
CA LYS D 535 0.08 49.31 -12.06
C LYS D 535 1.08 49.71 -13.14
N LEU D 536 1.54 48.75 -13.95
CA LEU D 536 2.42 49.07 -15.07
C LEU D 536 1.72 49.95 -16.08
N GLN D 537 0.44 49.67 -16.36
CA GLN D 537 -0.33 50.55 -17.23
C GLN D 537 -0.41 51.96 -16.65
N LYS D 538 -0.61 52.05 -15.33
CA LYS D 538 -0.74 53.36 -14.71
C LYS D 538 0.57 54.15 -14.83
N VAL D 539 1.71 53.52 -14.53
CA VAL D 539 2.97 54.26 -14.63
C VAL D 539 3.26 54.59 -16.09
N LEU D 540 2.85 53.71 -17.02
CA LEU D 540 3.06 53.97 -18.44
C LEU D 540 2.31 55.22 -18.86
N VAL D 541 1.07 55.39 -18.40
CA VAL D 541 0.26 56.52 -18.85
C VAL D 541 0.61 57.79 -18.08
N GLU D 542 1.15 57.65 -16.86
CA GLU D 542 1.33 58.83 -16.01
C GLU D 542 2.64 59.57 -16.31
N ASP D 543 3.64 58.88 -16.86
CA ASP D 543 4.88 59.56 -17.22
C ASP D 543 4.58 60.56 -18.33
N PRO D 544 4.88 61.84 -18.14
CA PRO D 544 4.54 62.84 -19.15
C PRO D 544 5.58 63.19 -20.22
N GLU D 545 6.89 63.13 -19.97
CA GLU D 545 7.82 63.43 -21.06
C GLU D 545 8.18 62.18 -21.85
N ARG D 546 7.57 61.04 -21.52
CA ARG D 546 7.62 59.90 -22.45
C ARG D 546 6.69 60.09 -23.64
N PRO D 547 5.41 60.49 -23.46
CA PRO D 547 4.58 60.81 -24.64
C PRO D 547 4.97 62.12 -25.30
N ALA D 548 5.91 62.87 -24.72
CA ALA D 548 6.28 64.16 -25.30
C ALA D 548 6.70 64.02 -26.76
N CYS D 549 7.39 62.93 -27.09
CA CYS D 549 7.77 62.69 -28.49
C CYS D 549 6.55 62.37 -29.33
N ALA D 550 5.68 61.48 -28.84
CA ALA D 550 4.49 61.05 -29.57
C ALA D 550 3.38 60.75 -28.57
N PRO D 551 2.51 61.73 -28.31
CA PRO D 551 1.45 61.51 -27.32
C PRO D 551 0.34 60.59 -27.80
N ALA D 552 0.22 60.39 -29.12
CA ALA D 552 -0.85 59.55 -29.64
C ALA D 552 -0.72 58.10 -29.19
N ALA D 553 0.50 57.56 -29.24
CA ALA D 553 0.73 56.17 -28.91
C ALA D 553 1.67 56.04 -27.73
N PRO D 554 1.25 55.38 -26.64
CA PRO D 554 2.15 55.14 -25.52
C PRO D 554 3.10 53.98 -25.82
N ARG D 555 4.39 54.20 -25.60
CA ARG D 555 5.42 53.22 -25.91
C ARG D 555 6.00 52.65 -24.62
N LEU D 556 6.01 51.33 -24.51
CA LEU D 556 6.58 50.68 -23.34
C LEU D 556 8.09 50.68 -23.39
N GLN D 557 8.72 50.89 -22.24
CA GLN D 557 10.17 50.91 -22.14
C GLN D 557 10.61 50.11 -20.91
N MET D 558 11.92 50.05 -20.71
CA MET D 558 12.47 49.21 -19.64
C MET D 558 12.33 49.87 -18.27
N HIS D 559 12.49 51.18 -18.19
CA HIS D 559 12.45 51.85 -16.89
C HIS D 559 11.07 51.79 -16.26
N HIS D 560 10.03 51.56 -17.07
CA HIS D 560 8.67 51.54 -16.54
C HIS D 560 8.47 50.38 -15.57
N VAL D 561 8.97 49.19 -15.92
CA VAL D 561 8.87 48.06 -15.01
C VAL D 561 9.80 48.26 -13.82
N ALA D 562 10.96 48.90 -14.05
CA ALA D 562 11.92 49.09 -12.99
C ALA D 562 11.38 50.00 -11.89
N GLN D 563 10.64 51.05 -12.27
CA GLN D 563 10.11 51.98 -11.27
C GLN D 563 9.13 51.28 -10.34
N VAL D 564 8.17 50.54 -10.91
CA VAL D 564 7.19 49.85 -10.08
C VAL D 564 7.86 48.73 -9.29
N LEU D 565 8.88 48.10 -9.86
CA LEU D 565 9.63 47.08 -9.13
C LEU D 565 10.32 47.68 -7.92
N ARG D 566 10.91 48.86 -8.07
CA ARG D 566 11.50 49.55 -6.93
C ARG D 566 10.43 49.92 -5.90
N GLU D 567 9.26 50.34 -6.38
CA GLU D 567 8.17 50.69 -5.48
C GLU D 567 7.77 49.49 -4.62
N LEU D 568 7.67 48.31 -5.24
CA LEU D 568 7.34 47.11 -4.49
C LEU D 568 8.47 46.70 -3.56
N LEU D 569 9.70 46.63 -4.08
CA LEU D 569 10.78 45.99 -3.33
C LEU D 569 11.28 46.89 -2.20
N GLY D 570 11.37 48.19 -2.43
CA GLY D 570 11.83 49.10 -1.41
C GLY D 570 12.61 50.28 -1.95
N ASP D 571 12.65 51.37 -1.18
CA ASP D 571 13.35 52.58 -1.57
C ASP D 571 14.86 52.39 -1.57
N PHE D 572 15.34 51.54 -0.68
CA PHE D 572 16.77 51.40 -0.39
C PHE D 572 17.58 50.97 -1.60
N THR D 573 16.96 50.24 -2.53
CA THR D 573 17.67 49.80 -3.72
C THR D 573 17.62 50.84 -4.83
N GLN D 574 18.70 50.90 -5.60
CA GLN D 574 18.71 51.64 -6.85
C GLN D 574 17.87 50.90 -7.89
N PRO D 575 17.39 51.59 -8.92
CA PRO D 575 16.61 50.91 -9.96
C PRO D 575 17.40 49.77 -10.59
N LEU D 576 16.74 48.63 -10.75
CA LEU D 576 17.41 47.44 -11.27
C LEU D 576 17.82 47.62 -12.72
N TYR D 577 16.95 48.22 -13.53
CA TYR D 577 17.22 48.43 -14.94
C TYR D 577 17.56 49.90 -15.17
N PRO D 578 18.72 50.21 -15.75
CA PRO D 578 19.15 51.59 -15.86
C PRO D 578 18.26 52.41 -16.78
N ARG D 579 18.16 53.70 -16.48
CA ARG D 579 17.37 54.60 -17.30
C ARG D 579 18.05 54.78 -18.66
N PRO D 580 17.29 54.72 -19.75
CA PRO D 580 17.86 55.01 -21.08
C PRO D 580 18.42 56.43 -21.13
N ARG D 581 19.55 56.58 -21.81
CA ARG D 581 20.20 57.88 -21.92
C ARG D 581 21.16 57.90 -23.11
N HIS D 614 21.80 45.08 -31.95
CA HIS D 614 21.82 43.62 -31.99
C HIS D 614 21.33 43.05 -30.66
N VAL D 615 21.82 41.87 -30.32
CA VAL D 615 21.50 41.23 -29.04
C VAL D 615 22.45 41.77 -27.99
N THR D 616 21.90 42.32 -26.91
CA THR D 616 22.70 42.89 -25.82
C THR D 616 22.13 42.41 -24.50
N PHE D 617 22.77 41.39 -23.93
CA PHE D 617 22.37 40.88 -22.62
C PHE D 617 22.68 41.89 -21.53
N THR D 618 21.83 41.89 -20.50
CA THR D 618 22.13 42.58 -19.26
C THR D 618 22.83 41.62 -18.31
N MET D 619 23.50 42.19 -17.31
CA MET D 619 24.20 41.36 -16.34
C MET D 619 23.19 40.50 -15.58
N ASP D 620 23.55 39.23 -15.35
CA ASP D 620 22.69 38.27 -14.70
C ASP D 620 21.37 38.13 -15.46
N PRO D 621 21.40 37.53 -16.66
CA PRO D 621 20.18 37.49 -17.48
C PRO D 621 19.13 36.52 -16.97
N ILE D 622 19.26 36.01 -15.75
CA ILE D 622 18.29 35.09 -15.18
C ILE D 622 17.45 35.76 -14.09
N ARG D 623 17.99 36.79 -13.43
CA ARG D 623 17.28 37.49 -12.37
C ARG D 623 16.02 38.17 -12.89
N ASP D 624 16.06 38.65 -14.13
CA ASP D 624 14.94 39.39 -14.72
C ASP D 624 13.83 38.43 -15.13
N LEU D 625 14.20 37.30 -15.72
CA LEU D 625 13.22 36.26 -15.99
C LEU D 625 12.62 35.72 -14.70
N LEU D 626 13.42 35.62 -13.64
CA LEU D 626 12.90 35.25 -12.33
C LEU D 626 11.88 36.26 -11.80
N ILE D 627 12.14 37.56 -11.97
CA ILE D 627 11.13 38.56 -11.61
C ILE D 627 9.87 38.38 -12.42
N TRP D 628 10.00 38.20 -13.74
CA TRP D 628 8.82 38.03 -14.58
C TRP D 628 8.00 36.83 -14.17
N ALA D 629 8.66 35.75 -13.74
CA ALA D 629 7.96 34.56 -13.27
C ALA D 629 7.35 34.71 -11.88
N ILE D 630 8.04 35.37 -10.96
CA ILE D 630 7.53 35.55 -9.60
C ILE D 630 6.36 36.52 -9.54
N VAL D 631 6.43 37.65 -10.25
CA VAL D 631 5.47 38.73 -10.02
C VAL D 631 4.05 38.29 -10.31
N GLN D 632 3.81 37.62 -11.44
CA GLN D 632 2.47 37.22 -11.83
C GLN D 632 2.07 35.87 -11.23
N ASN D 633 2.76 35.44 -10.18
CA ASN D 633 2.41 34.24 -9.42
C ASN D 633 2.38 33.00 -10.30
N ARG D 634 3.53 32.62 -10.85
CA ARG D 634 3.64 31.41 -11.66
C ARG D 634 4.49 30.41 -10.86
N ARG D 635 3.80 29.56 -10.10
CA ARG D 635 4.43 28.64 -9.16
C ARG D 635 5.46 27.75 -9.84
N GLU D 636 5.01 26.91 -10.78
CA GLU D 636 5.87 25.87 -11.32
C GLU D 636 7.00 26.46 -12.19
N LEU D 637 6.72 27.54 -12.91
CA LEU D 637 7.78 28.24 -13.64
C LEU D 637 8.82 28.83 -12.68
N ALA D 638 8.36 29.30 -11.53
CA ALA D 638 9.22 30.00 -10.58
C ALA D 638 10.34 29.14 -10.03
N GLY D 639 10.04 27.90 -9.65
CA GLY D 639 11.06 27.01 -9.15
C GLY D 639 12.03 26.58 -10.21
N ILE D 640 11.51 26.29 -11.41
CA ILE D 640 12.35 25.91 -12.54
C ILE D 640 13.35 27.01 -12.88
N ILE D 641 12.91 28.26 -12.96
CA ILE D 641 13.84 29.36 -13.25
C ILE D 641 14.80 29.63 -12.10
N TRP D 642 14.35 29.53 -10.85
CA TRP D 642 15.22 29.75 -9.70
C TRP D 642 16.26 28.66 -9.52
N ALA D 643 16.01 27.46 -10.06
CA ALA D 643 16.98 26.37 -9.91
C ALA D 643 18.35 26.70 -10.50
N GLN D 644 18.44 27.66 -11.41
CA GLN D 644 19.72 28.00 -12.02
C GLN D 644 20.05 29.49 -11.88
N SER D 645 19.88 30.05 -10.69
CA SER D 645 20.14 31.46 -10.45
C SER D 645 21.57 31.66 -9.96
N GLN D 646 22.08 32.87 -10.18
CA GLN D 646 23.46 33.21 -9.82
C GLN D 646 23.66 33.24 -8.31
N ASP D 647 22.97 34.15 -7.63
CA ASP D 647 22.99 34.21 -6.17
C ASP D 647 21.59 33.87 -5.66
N CYS D 648 21.51 32.88 -4.77
CA CYS D 648 20.24 32.26 -4.44
C CYS D 648 19.84 32.43 -2.98
N ILE D 649 20.46 33.35 -2.26
CA ILE D 649 19.95 33.75 -0.96
C ILE D 649 19.33 35.13 -1.12
N ALA D 650 20.07 36.05 -1.74
CA ALA D 650 19.52 37.36 -2.05
C ALA D 650 18.31 37.28 -2.98
N ALA D 651 18.39 36.46 -4.03
CA ALA D 651 17.25 36.31 -4.92
C ALA D 651 16.06 35.65 -4.22
N ALA D 652 16.33 34.61 -3.44
CA ALA D 652 15.25 33.92 -2.73
C ALA D 652 14.59 34.80 -1.68
N LEU D 653 15.33 35.77 -1.11
CA LEU D 653 14.73 36.70 -0.16
C LEU D 653 14.02 37.85 -0.84
N ALA D 654 14.55 38.35 -1.96
CA ALA D 654 13.85 39.40 -2.70
C ALA D 654 12.55 38.87 -3.29
N CYS D 655 12.53 37.60 -3.71
CA CYS D 655 11.31 36.99 -4.22
C CYS D 655 10.24 36.90 -3.15
N SER D 656 10.62 36.72 -1.89
CA SER D 656 9.67 36.74 -0.78
C SER D 656 9.25 38.16 -0.41
N LYS D 657 10.18 39.12 -0.43
CA LYS D 657 9.83 40.51 -0.15
C LYS D 657 8.83 41.06 -1.16
N ILE D 658 9.07 40.82 -2.46
CA ILE D 658 8.15 41.26 -3.49
C ILE D 658 6.77 40.65 -3.33
N LEU D 659 6.69 39.34 -3.07
CA LEU D 659 5.43 38.64 -2.87
C LEU D 659 4.67 39.14 -1.64
N LYS D 660 5.36 39.36 -0.52
CA LYS D 660 4.68 39.88 0.65
C LYS D 660 4.19 41.30 0.43
N GLU D 661 4.96 42.12 -0.29
CA GLU D 661 4.54 43.49 -0.56
C GLU D 661 3.33 43.52 -1.51
N LEU D 662 3.31 42.62 -2.48
CA LEU D 662 2.29 42.63 -3.53
C LEU D 662 1.13 41.70 -3.19
N SER D 663 1.17 41.10 -2.00
CA SER D 663 0.13 40.18 -1.57
C SER D 663 -0.72 40.77 -0.45
N LYS D 664 -0.64 42.09 -0.25
CA LYS D 664 -1.42 42.75 0.79
C LYS D 664 -2.36 43.82 0.26
N GLU D 665 -2.19 44.25 -0.98
CA GLU D 665 -2.99 45.32 -1.58
C GLU D 665 -3.57 44.87 -2.92
N GLU D 666 -3.97 43.59 -2.98
CA GLU D 666 -4.46 42.98 -4.19
C GLU D 666 -5.98 42.95 -4.29
N GLU D 667 -6.70 43.05 -3.17
CA GLU D 667 -8.16 43.04 -3.13
C GLU D 667 -8.71 41.71 -3.65
N ASP D 668 -8.24 40.64 -3.02
CA ASP D 668 -8.66 39.28 -3.39
C ASP D 668 -8.49 38.39 -2.17
N THR D 669 -8.94 37.15 -2.28
CA THR D 669 -8.85 36.20 -1.18
C THR D 669 -8.23 34.89 -1.67
N ASP D 670 -8.20 34.70 -2.99
CA ASP D 670 -7.64 33.49 -3.57
C ASP D 670 -6.14 33.65 -3.89
N SER D 671 -5.80 34.57 -4.77
CA SER D 671 -4.41 34.84 -5.10
C SER D 671 -3.68 35.60 -3.99
N SER D 672 -4.39 36.45 -3.24
CA SER D 672 -3.79 37.09 -2.08
C SER D 672 -3.39 36.08 -1.01
N GLU D 673 -4.07 34.95 -0.92
CA GLU D 673 -3.68 33.86 -0.04
C GLU D 673 -2.64 32.94 -0.67
N GLU D 674 -2.70 32.74 -1.99
CA GLU D 674 -1.68 31.94 -2.66
C GLU D 674 -0.30 32.56 -2.63
N MET D 675 -0.18 33.85 -2.91
CA MET D 675 1.12 34.52 -2.87
C MET D 675 1.69 34.63 -1.47
N LEU D 676 0.84 34.87 -0.46
CA LEU D 676 1.31 34.90 0.92
C LEU D 676 1.87 33.56 1.36
N ALA D 677 1.46 32.46 0.73
CA ALA D 677 1.99 31.13 1.02
C ALA D 677 3.21 30.79 0.17
N LEU D 678 3.25 31.28 -1.07
CA LEU D 678 4.45 31.12 -1.89
C LEU D 678 5.64 31.90 -1.32
N ALA D 679 5.37 33.05 -0.71
CA ALA D 679 6.44 33.79 -0.03
C ALA D 679 7.02 32.98 1.11
N GLU D 680 6.17 32.28 1.87
CA GLU D 680 6.63 31.46 2.99
C GLU D 680 7.43 30.26 2.51
N GLU D 681 7.29 29.90 1.24
CA GLU D 681 8.08 28.82 0.65
C GLU D 681 9.41 29.28 0.10
N TYR D 682 9.46 30.45 -0.55
CA TYR D 682 10.75 31.03 -0.89
C TYR D 682 11.54 31.39 0.36
N GLU D 683 10.85 31.73 1.44
CA GLU D 683 11.50 31.86 2.74
C GLU D 683 12.26 30.60 3.11
N HIS D 684 11.61 29.44 3.01
CA HIS D 684 12.26 28.19 3.41
C HIS D 684 13.35 27.81 2.42
N ARG D 685 13.16 28.15 1.15
CA ARG D 685 14.24 27.95 0.17
C ARG D 685 15.49 28.72 0.57
N ALA D 686 15.33 30.01 0.90
CA ALA D 686 16.45 30.83 1.33
C ALA D 686 17.08 30.33 2.62
N ILE D 687 16.27 29.89 3.58
CA ILE D 687 16.79 29.32 4.82
C ILE D 687 17.57 28.03 4.57
N GLY D 688 17.06 27.15 3.72
CA GLY D 688 17.67 25.86 3.50
C GLY D 688 18.92 25.92 2.66
N VAL D 689 19.00 26.90 1.76
CA VAL D 689 20.25 27.11 1.03
C VAL D 689 21.36 27.63 1.94
N PHE D 690 21.04 28.50 2.90
CA PHE D 690 22.04 29.11 3.76
C PHE D 690 22.58 28.17 4.83
N THR D 691 21.75 27.29 5.40
CA THR D 691 22.28 26.32 6.36
C THR D 691 23.20 25.31 5.70
N GLU D 692 23.06 25.10 4.40
CA GLU D 692 24.01 24.28 3.65
C GLU D 692 25.37 24.94 3.56
N CYS D 693 25.42 26.26 3.38
CA CYS D 693 26.66 27.02 3.42
C CYS D 693 27.23 27.16 4.82
N TYR D 694 26.38 27.20 5.84
CA TYR D 694 26.81 27.37 7.22
C TYR D 694 27.35 26.07 7.82
N ARG D 695 27.16 24.94 7.14
CA ARG D 695 27.69 23.67 7.60
C ARG D 695 28.95 23.23 6.87
N LYS D 696 29.28 23.83 5.73
CA LYS D 696 30.55 23.59 5.06
C LYS D 696 31.67 24.45 5.63
N ASP D 697 31.37 25.64 6.15
CA ASP D 697 32.36 26.56 6.67
C ASP D 697 31.67 27.49 7.65
N GLU D 698 32.47 28.22 8.41
CA GLU D 698 31.94 29.16 9.41
C GLU D 698 32.18 30.61 9.02
N GLU D 699 33.42 31.00 8.77
CA GLU D 699 33.75 32.37 8.43
C GLU D 699 33.29 32.76 7.03
N ARG D 700 33.33 31.85 6.06
CA ARG D 700 32.90 32.14 4.71
C ARG D 700 31.38 32.09 4.54
N ALA D 701 30.66 31.68 5.56
CA ALA D 701 29.20 31.62 5.52
C ALA D 701 28.56 32.92 5.97
N GLN D 702 29.34 33.94 6.31
CA GLN D 702 28.81 35.22 6.73
C GLN D 702 29.30 36.34 5.84
N LYS D 703 30.40 36.09 5.12
CA LYS D 703 30.90 37.07 4.17
C LYS D 703 29.96 37.17 2.98
N LEU D 704 29.16 36.12 2.76
CA LEU D 704 28.06 36.18 1.81
C LEU D 704 26.77 36.62 2.46
N LEU D 705 26.67 36.55 3.79
CA LEU D 705 25.59 37.16 4.53
C LEU D 705 25.62 38.68 4.47
N THR D 706 26.81 39.28 4.51
CA THR D 706 26.94 40.74 4.42
C THR D 706 27.86 41.05 3.24
N ARG D 707 27.27 41.17 2.06
CA ARG D 707 28.00 41.60 0.86
C ARG D 707 26.98 42.28 -0.05
N VAL D 708 27.29 43.52 -0.44
CA VAL D 708 26.41 44.29 -1.30
C VAL D 708 26.32 43.61 -2.66
N SER D 709 25.10 43.35 -3.12
CA SER D 709 24.91 42.63 -4.38
C SER D 709 24.62 43.62 -5.51
N GLU D 710 25.43 43.55 -6.55
CA GLU D 710 25.30 44.44 -7.70
C GLU D 710 24.15 44.04 -8.62
N ALA D 711 23.56 42.87 -8.42
CA ALA D 711 22.49 42.38 -9.28
C ALA D 711 21.12 42.42 -8.62
N TRP D 712 21.01 43.07 -7.45
CA TRP D 712 19.71 43.13 -6.78
C TRP D 712 19.41 44.49 -6.17
N GLY D 713 20.06 45.55 -6.62
CA GLY D 713 19.75 46.88 -6.14
C GLY D 713 20.74 47.43 -5.14
N LYS D 714 21.97 46.92 -5.19
CA LYS D 714 23.04 47.36 -4.29
C LYS D 714 22.64 47.23 -2.82
N THR D 715 22.09 46.07 -2.46
CA THR D 715 21.67 45.79 -1.10
C THR D 715 22.21 44.44 -0.67
N THR D 716 22.22 44.22 0.64
CA THR D 716 22.78 43.00 1.22
C THR D 716 21.71 41.92 1.36
N CYS D 717 22.14 40.74 1.77
CA CYS D 717 21.25 39.61 1.98
C CYS D 717 20.60 39.63 3.37
N LEU D 718 21.04 40.51 4.26
CA LEU D 718 20.48 40.62 5.60
C LEU D 718 19.45 41.72 5.72
N GLN D 719 19.69 42.87 5.11
CA GLN D 719 18.72 43.97 5.12
C GLN D 719 17.44 43.62 4.38
N LEU D 720 17.53 42.77 3.34
CA LEU D 720 16.34 42.28 2.67
C LEU D 720 15.47 41.44 3.60
N ALA D 721 16.09 40.50 4.33
CA ALA D 721 15.33 39.67 5.25
C ALA D 721 14.76 40.48 6.40
N LEU D 722 15.55 41.41 6.94
CA LEU D 722 15.09 42.20 8.07
C LEU D 722 13.90 43.07 7.70
N GLU D 723 13.93 43.65 6.51
CA GLU D 723 12.87 44.54 6.05
C GLU D 723 11.70 43.80 5.42
N ALA D 724 11.88 42.54 5.05
CA ALA D 724 10.80 41.73 4.49
C ALA D 724 9.99 41.01 5.55
N LYS D 725 10.23 41.30 6.83
CA LYS D 725 9.55 40.65 7.95
C LYS D 725 9.76 39.14 7.94
N ASP D 726 10.96 38.71 7.54
CA ASP D 726 11.30 37.29 7.53
C ASP D 726 11.59 36.84 8.95
N MET D 727 10.57 36.28 9.61
CA MET D 727 10.69 35.93 11.02
C MET D 727 11.47 34.65 11.27
N LYS D 728 11.62 33.79 10.27
CA LYS D 728 12.26 32.49 10.45
C LYS D 728 13.69 32.47 9.92
N PHE D 729 14.13 33.54 9.26
CA PHE D 729 15.48 33.61 8.74
C PHE D 729 16.45 34.33 9.66
N VAL D 730 16.00 35.41 10.31
CA VAL D 730 16.87 36.21 11.17
C VAL D 730 16.99 35.55 12.54
N SER D 731 16.34 34.40 12.71
CA SER D 731 16.40 33.66 13.97
C SER D 731 16.83 32.23 13.70
N HIS D 732 17.78 32.06 12.77
CA HIS D 732 18.28 30.74 12.40
C HIS D 732 19.32 30.19 13.36
N GLY D 733 20.18 31.05 13.89
CA GLY D 733 21.28 30.61 14.73
C GLY D 733 22.60 30.94 14.09
N GLY D 734 22.71 30.68 12.79
CA GLY D 734 23.82 31.21 12.02
C GLY D 734 23.73 32.69 11.77
N ILE D 735 22.51 33.24 11.83
CA ILE D 735 22.31 34.68 11.84
C ILE D 735 22.52 35.27 13.22
N GLN D 736 22.11 34.57 14.27
CA GLN D 736 22.29 35.02 15.65
C GLN D 736 23.74 34.99 16.12
N ALA D 737 24.52 34.00 15.70
CA ALA D 737 25.94 34.00 16.03
C ALA D 737 26.66 35.19 15.42
N PHE D 738 26.35 35.53 14.16
CA PHE D 738 26.94 36.70 13.53
C PHE D 738 26.52 38.00 14.21
N LEU D 739 25.29 38.10 14.69
CA LEU D 739 24.85 39.27 15.44
C LEU D 739 25.51 39.37 16.81
N THR D 740 25.63 38.26 17.53
CA THR D 740 26.38 38.24 18.78
C THR D 740 27.85 38.60 18.59
N LYS D 741 28.45 38.20 17.48
CA LYS D 741 29.83 38.55 17.18
C LYS D 741 30.04 40.06 17.03
N VAL D 742 29.12 40.76 16.34
CA VAL D 742 29.24 42.21 16.22
C VAL D 742 28.74 42.92 17.47
N TRP D 743 27.92 42.26 18.29
CA TRP D 743 27.57 42.80 19.60
C TRP D 743 28.78 42.98 20.50
N TRP D 744 29.85 42.23 20.26
CA TRP D 744 31.10 42.37 21.01
C TRP D 744 32.15 43.13 20.21
N GLY D 745 32.39 42.74 18.96
CA GLY D 745 33.37 43.42 18.14
C GLY D 745 34.55 42.55 17.77
N GLN D 746 35.76 43.04 18.03
CA GLN D 746 36.97 42.29 17.73
C GLN D 746 37.43 41.43 18.89
N LEU D 747 36.74 41.45 20.02
CA LEU D 747 37.10 40.66 21.18
C LEU D 747 36.26 39.39 21.27
N SER D 748 36.78 38.40 21.99
CA SER D 748 36.16 37.08 22.05
C SER D 748 34.83 37.13 22.82
N VAL D 749 33.94 36.21 22.45
CA VAL D 749 32.60 36.15 23.05
C VAL D 749 32.52 35.24 24.25
N ASP D 750 33.38 34.22 24.35
CA ASP D 750 33.32 33.27 25.47
C ASP D 750 34.02 33.86 26.71
N ASN D 751 33.52 35.00 27.17
CA ASN D 751 34.03 35.62 28.39
C ASN D 751 32.97 35.67 29.48
N GLY D 752 31.79 36.18 29.14
CA GLY D 752 30.71 36.34 30.10
C GLY D 752 30.38 37.80 30.33
N LEU D 753 29.32 38.01 31.10
CA LEU D 753 28.89 39.37 31.42
C LEU D 753 29.46 39.85 32.75
N TRP D 754 29.58 38.95 33.73
CA TRP D 754 30.13 39.32 35.02
C TRP D 754 31.54 39.89 34.91
N ARG D 755 32.38 39.27 34.07
CA ARG D 755 33.73 39.77 33.86
C ARG D 755 33.70 41.16 33.22
N VAL D 756 32.77 41.37 32.28
CA VAL D 756 32.65 42.68 31.63
C VAL D 756 32.28 43.75 32.65
N THR D 757 31.31 43.47 33.52
CA THR D 757 30.97 44.43 34.56
C THR D 757 32.12 44.65 35.53
N LEU D 758 32.84 43.58 35.89
CA LEU D 758 33.98 43.73 36.80
C LEU D 758 35.03 44.65 36.20
N CYS D 759 35.29 44.52 34.89
CA CYS D 759 36.27 45.36 34.22
C CYS D 759 35.79 46.78 33.99
N MET D 760 34.50 46.99 33.75
CA MET D 760 34.02 48.36 33.51
C MET D 760 33.94 49.12 34.83
N LEU D 761 33.61 48.44 35.92
CA LEU D 761 33.60 49.08 37.23
C LEU D 761 35.00 49.50 37.66
N ALA D 762 35.96 48.59 37.48
CA ALA D 762 37.35 48.87 37.82
C ALA D 762 38.15 49.26 36.59
N PHE D 763 38.39 50.56 36.40
CA PHE D 763 39.18 51.03 35.26
C PHE D 763 40.54 50.36 35.14
N PRO D 764 41.33 50.19 36.21
CA PRO D 764 42.60 49.46 36.04
C PRO D 764 42.41 47.95 36.16
N LEU D 765 41.59 47.39 35.25
CA LEU D 765 41.37 45.94 35.26
C LEU D 765 41.36 45.35 33.86
N LEU D 766 41.98 45.99 32.86
CA LEU D 766 42.03 45.47 31.51
C LEU D 766 43.45 45.15 31.06
N LEU D 767 44.47 45.68 31.74
CA LEU D 767 45.85 45.42 31.40
C LEU D 767 46.36 44.09 31.95
N THR D 768 45.58 43.44 32.82
CA THR D 768 45.97 42.15 33.39
C THR D 768 45.30 41.02 32.61
N GLY D 769 45.61 39.79 32.99
CA GLY D 769 45.05 38.63 32.31
C GLY D 769 43.66 38.26 32.80
N LEU D 770 42.71 39.17 32.63
CA LEU D 770 41.34 38.91 33.06
C LEU D 770 40.40 38.81 31.87
N ILE D 771 40.37 39.84 31.03
CA ILE D 771 39.46 39.84 29.88
C ILE D 771 40.04 38.95 28.79
N SER D 772 39.16 38.43 27.94
CA SER D 772 39.57 37.54 26.87
C SER D 772 39.63 38.29 25.54
N PHE D 773 40.17 37.63 24.52
CA PHE D 773 40.28 38.21 23.19
C PHE D 773 40.30 37.09 22.16
N ARG D 774 39.85 37.41 20.95
CA ARG D 774 40.03 36.55 19.80
C ARG D 774 40.98 37.24 18.82
N GLU D 775 41.35 36.52 17.76
CA GLU D 775 42.41 36.96 16.85
C GLU D 775 43.70 37.19 17.63
N LYS D 776 44.23 36.07 18.14
CA LYS D 776 45.27 36.04 19.15
C LYS D 776 46.52 36.84 18.80
N ARG D 777 46.60 37.33 17.55
CA ARG D 777 47.69 38.24 17.20
C ARG D 777 47.71 39.48 18.07
N LEU D 778 46.56 39.90 18.61
CA LEU D 778 46.49 41.00 19.55
C LEU D 778 46.37 40.55 20.99
N GLN D 779 46.17 39.24 21.23
CA GLN D 779 46.09 38.72 22.58
C GLN D 779 47.45 38.33 23.14
N ASP D 780 48.28 37.66 22.33
CA ASP D 780 49.62 37.29 22.75
C ASP D 780 50.51 38.53 22.78
N VAL D 781 50.67 39.19 21.63
CA VAL D 781 51.39 40.46 21.56
C VAL D 781 50.34 41.55 21.77
N GLY D 782 50.05 41.85 23.03
CA GLY D 782 49.01 42.81 23.35
C GLY D 782 49.50 44.25 23.39
N THR D 783 48.96 45.07 22.48
CA THR D 783 49.33 46.48 22.46
C THR D 783 48.60 47.21 23.58
N PRO D 784 49.32 47.85 24.51
CA PRO D 784 48.62 48.60 25.57
C PRO D 784 47.73 49.70 25.05
N ALA D 785 48.13 50.37 23.96
CA ALA D 785 47.30 51.43 23.39
C ALA D 785 46.05 50.87 22.74
N ALA D 786 46.19 49.77 22.00
CA ALA D 786 45.04 49.19 21.31
C ALA D 786 44.06 48.56 22.29
N ARG D 787 44.56 48.01 23.40
CA ARG D 787 43.69 47.37 24.38
C ARG D 787 42.72 48.38 24.99
N ALA D 788 43.20 49.59 25.29
CA ALA D 788 42.33 50.62 25.85
C ALA D 788 41.27 51.06 24.83
N ARG D 789 41.67 51.19 23.56
CA ARG D 789 40.73 51.67 22.55
C ARG D 789 39.69 50.63 22.19
N ALA D 790 40.04 49.34 22.31
CA ALA D 790 39.13 48.28 21.88
C ALA D 790 37.83 48.29 22.66
N PHE D 791 37.90 48.59 23.97
CA PHE D 791 36.69 48.54 24.78
C PHE D 791 35.71 49.64 24.39
N PHE D 792 36.20 50.87 24.21
CA PHE D 792 35.31 51.93 23.76
C PHE D 792 34.84 51.70 22.33
N THR D 793 35.64 50.98 21.53
CA THR D 793 35.17 50.57 20.21
C THR D 793 34.00 49.60 20.32
N ALA D 794 34.05 48.70 21.29
CA ALA D 794 33.00 47.70 21.46
C ALA D 794 31.68 48.35 21.81
N PRO D 795 30.55 47.87 21.28
CA PRO D 795 29.26 48.51 21.59
C PRO D 795 28.67 48.07 22.91
N VAL D 796 29.02 46.88 23.41
CA VAL D 796 28.49 46.44 24.71
C VAL D 796 29.01 47.32 25.83
N VAL D 797 30.26 47.77 25.73
CA VAL D 797 30.80 48.70 26.71
C VAL D 797 30.04 50.02 26.64
N VAL D 798 29.72 50.49 25.44
CA VAL D 798 28.93 51.70 25.29
C VAL D 798 27.56 51.54 25.94
N PHE D 799 26.93 50.39 25.75
CA PHE D 799 25.63 50.13 26.36
C PHE D 799 25.74 50.14 27.89
N HIS D 800 26.78 49.52 28.43
CA HIS D 800 26.96 49.49 29.89
C HIS D 800 27.20 50.90 30.42
N LEU D 801 28.02 51.68 29.74
CA LEU D 801 28.23 53.07 30.15
C LEU D 801 26.94 53.86 30.11
N ASN D 802 26.13 53.66 29.07
CA ASN D 802 24.86 54.37 28.96
C ASN D 802 23.92 54.00 30.10
N ILE D 803 23.80 52.71 30.40
CA ILE D 803 22.87 52.28 31.46
C ILE D 803 23.35 52.80 32.81
N LEU D 804 24.65 52.71 33.09
CA LEU D 804 25.15 53.21 34.36
C LEU D 804 24.98 54.73 34.47
N SER D 805 25.24 55.45 33.38
CA SER D 805 25.07 56.91 33.41
C SER D 805 23.62 57.28 33.65
N TYR D 806 22.69 56.60 32.98
CA TYR D 806 21.27 56.91 33.17
C TYR D 806 20.82 56.58 34.59
N PHE D 807 21.29 55.46 35.14
CA PHE D 807 20.90 55.11 36.50
C PHE D 807 21.48 56.08 37.52
N ALA D 808 22.74 56.49 37.34
CA ALA D 808 23.33 57.48 38.24
C ALA D 808 22.61 58.81 38.14
N PHE D 809 22.23 59.21 36.93
CA PHE D 809 21.38 60.38 36.76
C PHE D 809 20.07 60.25 37.53
N LEU D 810 19.40 59.11 37.40
CA LEU D 810 18.11 58.96 38.06
C LEU D 810 18.27 59.01 39.57
N CYS D 811 19.35 58.43 40.09
CA CYS D 811 19.63 58.54 41.51
C CYS D 811 19.92 59.97 41.93
N LEU D 812 20.62 60.74 41.09
CA LEU D 812 20.89 62.14 41.40
C LEU D 812 19.60 62.96 41.42
N PHE D 813 18.70 62.68 40.47
CA PHE D 813 17.40 63.35 40.46
C PHE D 813 16.59 62.99 41.70
N ALA D 814 16.67 61.72 42.14
CA ALA D 814 16.06 61.35 43.41
C ALA D 814 16.69 62.11 44.57
N TYR D 815 18.00 62.32 44.51
CA TYR D 815 18.72 63.01 45.59
C TYR D 815 18.22 64.46 45.71
N VAL D 816 18.11 65.15 44.58
CA VAL D 816 17.63 66.53 44.62
C VAL D 816 16.16 66.59 44.97
N LEU D 817 15.39 65.56 44.58
CA LEU D 817 14.01 65.48 45.03
C LEU D 817 13.94 65.36 46.55
N MET D 818 14.88 64.63 47.15
CA MET D 818 14.90 64.48 48.59
C MET D 818 15.27 65.79 49.29
N VAL D 819 16.50 66.26 49.09
CA VAL D 819 17.04 67.28 49.97
C VAL D 819 17.54 68.54 49.26
N ASP D 820 17.91 68.47 47.98
CA ASP D 820 18.48 69.63 47.29
C ASP D 820 17.39 70.28 46.45
N PHE D 821 16.63 71.19 47.06
CA PHE D 821 15.42 71.73 46.46
C PHE D 821 15.36 73.25 46.71
N GLN D 822 16.52 73.92 46.56
CA GLN D 822 16.68 75.32 46.98
C GLN D 822 16.15 76.28 45.91
N PRO D 823 15.67 77.46 46.31
CA PRO D 823 15.28 78.48 45.33
C PRO D 823 16.42 78.94 44.43
N VAL D 824 17.62 79.06 44.96
CA VAL D 824 18.81 79.22 44.13
C VAL D 824 19.08 77.86 43.52
N PRO D 825 19.21 77.74 42.19
CA PRO D 825 19.31 76.42 41.57
C PRO D 825 20.43 75.57 42.17
N SER D 826 20.03 74.48 42.83
CA SER D 826 20.99 73.56 43.43
C SER D 826 21.99 73.09 42.38
N TRP D 827 23.16 72.67 42.83
CA TRP D 827 24.25 72.31 41.93
C TRP D 827 23.85 71.24 40.92
N CYS D 828 22.69 70.62 41.08
CA CYS D 828 22.21 69.62 40.14
C CYS D 828 20.99 70.06 39.34
N GLU D 829 20.55 71.31 39.44
CA GLU D 829 19.44 71.76 38.61
C GLU D 829 19.88 71.90 37.15
N CYS D 830 20.93 72.68 36.91
CA CYS D 830 21.51 72.72 35.58
C CYS D 830 21.97 71.34 35.15
N ALA D 831 22.38 70.51 36.11
CA ALA D 831 22.83 69.16 35.79
C ALA D 831 21.69 68.28 35.30
N ILE D 832 20.51 68.37 35.94
CA ILE D 832 19.39 67.57 35.47
C ILE D 832 18.93 68.07 34.11
N TYR D 833 18.93 69.40 33.91
CA TYR D 833 18.61 69.92 32.59
C TYR D 833 19.56 69.37 31.52
N LEU D 834 20.87 69.43 31.78
CA LEU D 834 21.84 69.07 30.76
C LEU D 834 21.88 67.56 30.54
N TRP D 835 21.79 66.76 31.60
CA TRP D 835 21.87 65.32 31.41
C TRP D 835 20.53 64.74 30.99
N LEU D 836 19.44 65.51 31.07
CA LEU D 836 18.21 65.09 30.41
C LEU D 836 18.25 65.48 28.93
N PHE D 837 18.91 66.60 28.62
CA PHE D 837 19.30 66.89 27.25
C PHE D 837 20.23 65.83 26.68
N SER D 838 20.97 65.12 27.55
CA SER D 838 21.83 64.04 27.09
C SER D 838 21.02 62.95 26.38
N LEU D 839 19.77 62.74 26.80
CA LEU D 839 18.92 61.77 26.11
C LEU D 839 18.48 62.28 24.75
N VAL D 840 18.10 63.56 24.67
CA VAL D 840 17.48 64.07 23.44
C VAL D 840 18.52 64.39 22.39
N CYS D 841 19.76 64.70 22.80
CA CYS D 841 20.80 65.03 21.83
C CYS D 841 21.15 63.81 20.98
N GLU D 842 21.10 62.62 21.58
CA GLU D 842 21.25 61.40 20.79
C GLU D 842 20.02 61.15 19.93
N GLU D 843 18.83 61.51 20.43
CA GLU D 843 17.61 61.38 19.64
C GLU D 843 17.74 62.16 18.34
N MET D 844 18.52 63.23 18.32
CA MET D 844 18.86 63.88 17.06
C MET D 844 19.49 62.88 16.10
N ARG D 845 20.41 62.05 16.58
CA ARG D 845 21.05 61.08 15.71
C ARG D 845 20.09 59.98 15.28
N GLN D 846 19.32 59.42 16.22
CA GLN D 846 18.42 58.33 15.82
C GLN D 846 17.34 58.83 14.85
N LEU D 847 16.71 59.96 15.14
CA LEU D 847 15.62 60.42 14.27
C LEU D 847 16.15 61.01 12.96
N PHE D 848 17.28 61.72 13.02
CA PHE D 848 17.79 62.39 11.83
C PHE D 848 18.30 61.39 10.80
N TYR D 849 18.93 60.31 11.25
CA TYR D 849 19.63 59.41 10.34
C TYR D 849 18.64 58.64 9.49
N ASP D 850 18.93 58.58 8.18
CA ASP D 850 18.15 57.81 7.22
C ASP D 850 19.11 56.99 6.36
N PRO D 851 19.47 55.78 6.81
CA PRO D 851 20.39 54.95 6.00
C PRO D 851 19.85 54.66 4.62
N ASP D 852 18.54 54.48 4.50
CA ASP D 852 17.85 54.37 3.22
C ASP D 852 16.98 55.61 3.02
N GLU D 853 16.82 56.03 1.77
CA GLU D 853 16.06 57.23 1.47
C GLU D 853 14.63 57.09 1.97
N CYS D 854 14.30 57.87 3.02
CA CYS D 854 12.98 57.82 3.62
C CYS D 854 12.53 59.24 3.93
N GLY D 855 11.21 59.44 3.91
CA GLY D 855 10.67 60.77 4.13
C GLY D 855 10.75 61.19 5.59
N LEU D 856 10.83 62.51 5.79
CA LEU D 856 10.88 63.06 7.14
C LEU D 856 9.57 62.79 7.89
N MET D 857 8.43 62.93 7.21
CA MET D 857 7.16 62.64 7.86
C MET D 857 7.01 61.15 8.14
N LYS D 858 7.56 60.30 7.27
CA LYS D 858 7.61 58.87 7.58
C LYS D 858 8.46 58.61 8.81
N LYS D 859 9.58 59.33 8.95
CA LYS D 859 10.41 59.21 10.14
C LYS D 859 9.63 59.60 11.38
N ALA D 860 8.88 60.69 11.30
CA ALA D 860 8.06 61.13 12.43
C ALA D 860 6.99 60.12 12.78
N ALA D 861 6.33 59.55 11.76
CA ALA D 861 5.31 58.53 12.00
C ALA D 861 5.91 57.29 12.65
N LEU D 862 7.09 56.87 12.18
CA LEU D 862 7.76 55.72 12.79
C LEU D 862 8.11 55.99 14.23
N TYR D 863 8.58 57.21 14.53
CA TYR D 863 8.87 57.57 15.91
C TYR D 863 7.61 57.54 16.77
N PHE D 864 6.50 58.06 16.24
CA PHE D 864 5.25 58.09 17.00
C PHE D 864 4.68 56.69 17.21
N SER D 865 4.96 55.76 16.30
CA SER D 865 4.40 54.42 16.40
C SER D 865 5.01 53.60 17.53
N ASP D 866 6.10 54.07 18.14
CA ASP D 866 6.81 53.31 19.17
C ASP D 866 6.32 53.75 20.55
N PHE D 867 5.80 52.81 21.32
CA PHE D 867 5.28 53.15 22.64
C PHE D 867 6.41 53.42 23.64
N TRP D 868 7.54 52.72 23.49
CA TRP D 868 8.69 53.02 24.33
C TRP D 868 9.24 54.42 24.05
N ASN D 869 9.32 54.79 22.77
CA ASN D 869 9.67 56.16 22.42
C ASN D 869 8.62 57.14 22.91
N LYS D 870 7.35 56.73 22.95
CA LYS D 870 6.31 57.58 23.52
C LYS D 870 6.56 57.83 25.00
N LEU D 871 7.00 56.81 25.74
CA LEU D 871 7.37 57.00 27.15
C LEU D 871 8.60 57.91 27.28
N ASP D 872 9.58 57.72 26.41
CA ASP D 872 10.77 58.57 26.43
C ASP D 872 10.40 60.04 26.20
N VAL D 873 9.49 60.29 25.26
CA VAL D 873 8.96 61.64 25.06
C VAL D 873 8.10 62.07 26.24
N GLY D 874 7.37 61.15 26.87
CA GLY D 874 6.54 61.50 28.00
C GLY D 874 7.35 61.98 29.18
N ALA D 875 8.62 61.57 29.25
CA ALA D 875 9.53 62.18 30.22
C ALA D 875 9.52 63.70 30.09
N ILE D 876 9.73 64.22 28.87
CA ILE D 876 9.67 65.65 28.64
C ILE D 876 8.22 66.16 28.75
N LEU D 877 7.26 65.31 28.41
CA LEU D 877 5.86 65.70 28.51
C LEU D 877 5.47 66.00 29.96
N LEU D 878 6.12 65.32 30.91
CA LEU D 878 5.84 65.59 32.32
C LEU D 878 6.86 66.55 32.91
N PHE D 879 7.97 66.79 32.20
CA PHE D 879 8.69 68.06 32.34
C PHE D 879 7.80 69.27 32.08
N VAL D 880 6.89 69.16 31.11
CA VAL D 880 6.08 70.31 30.67
C VAL D 880 5.45 71.04 31.85
N ALA D 881 5.07 70.29 32.88
CA ALA D 881 4.51 70.88 34.10
C ALA D 881 5.55 71.09 35.19
N GLY D 882 6.82 70.78 34.94
CA GLY D 882 7.80 70.80 36.01
C GLY D 882 8.65 72.06 36.03
N LEU D 883 8.91 72.65 34.86
CA LEU D 883 9.80 73.80 34.80
C LEU D 883 9.20 75.00 35.53
N THR D 884 7.89 75.21 35.38
CA THR D 884 7.24 76.31 36.10
C THR D 884 7.22 76.05 37.60
N CYS D 885 6.99 74.80 38.00
CA CYS D 885 7.01 74.44 39.41
C CYS D 885 8.38 74.72 40.02
N ARG D 886 9.45 74.41 39.29
CA ARG D 886 10.78 74.81 39.73
C ARG D 886 10.96 76.32 39.74
N LEU D 887 10.48 77.02 38.71
CA LEU D 887 10.69 78.46 38.63
C LEU D 887 10.07 79.19 39.80
N ILE D 888 8.86 78.79 40.19
CA ILE D 888 8.21 79.33 41.40
C ILE D 888 8.09 78.17 42.39
N PRO D 889 8.94 78.08 43.40
CA PRO D 889 8.93 76.93 44.32
C PRO D 889 7.92 77.03 45.46
N ALA D 890 7.02 78.02 45.44
CA ALA D 890 6.03 78.14 46.50
C ALA D 890 4.94 77.09 46.38
N THR D 891 4.68 76.61 45.16
CA THR D 891 3.61 75.63 44.92
C THR D 891 4.09 74.24 45.35
N LEU D 892 4.42 74.15 46.64
CA LEU D 892 4.84 72.88 47.23
C LEU D 892 3.77 71.81 47.10
N TYR D 893 2.59 72.08 47.68
CA TYR D 893 1.54 71.07 47.78
C TYR D 893 1.07 70.61 46.41
N PRO D 894 0.77 71.49 45.45
CA PRO D 894 0.41 70.99 44.11
C PRO D 894 1.60 70.40 43.37
N GLY D 895 2.81 70.92 43.61
CA GLY D 895 3.92 70.64 42.74
C GLY D 895 4.78 69.44 43.04
N ARG D 896 4.71 68.84 44.24
CA ARG D 896 5.54 67.65 44.45
C ARG D 896 5.10 66.50 43.55
N VAL D 897 3.81 66.39 43.27
CA VAL D 897 3.28 65.22 42.57
C VAL D 897 3.79 65.18 41.13
N ILE D 898 3.96 66.33 40.49
CA ILE D 898 4.44 66.35 39.11
C ILE D 898 5.82 65.72 39.03
N LEU D 899 6.74 66.15 39.89
CA LEU D 899 8.09 65.62 39.83
C LEU D 899 8.14 64.17 40.32
N SER D 900 7.29 63.80 41.28
CA SER D 900 7.28 62.41 41.72
C SER D 900 6.79 61.48 40.62
N LEU D 901 5.70 61.85 39.93
CA LEU D 901 5.25 61.03 38.80
C LEU D 901 6.23 61.08 37.64
N ASP D 902 6.99 62.17 37.50
CA ASP D 902 8.08 62.18 36.53
C ASP D 902 9.13 61.15 36.89
N PHE D 903 9.45 61.01 38.18
CA PHE D 903 10.34 59.95 38.64
C PHE D 903 9.77 58.58 38.33
N ILE D 904 8.47 58.40 38.54
CA ILE D 904 7.84 57.10 38.27
C ILE D 904 7.94 56.76 36.78
N LEU D 905 7.71 57.75 35.92
CA LEU D 905 7.81 57.51 34.48
C LEU D 905 9.26 57.25 34.07
N PHE D 906 10.21 57.93 34.72
CA PHE D 906 11.63 57.61 34.51
C PHE D 906 11.92 56.16 34.85
N CYS D 907 11.41 55.69 36.00
CA CYS D 907 11.63 54.29 36.39
C CYS D 907 10.98 53.34 35.39
N LEU D 908 9.79 53.69 34.89
CA LEU D 908 9.13 52.84 33.90
C LEU D 908 9.96 52.78 32.61
N ARG D 909 10.52 53.91 32.18
CA ARG D 909 11.40 53.90 31.02
C ARG D 909 12.66 53.08 31.27
N LEU D 910 13.11 53.02 32.52
CA LEU D 910 14.29 52.22 32.85
C LEU D 910 14.06 50.73 32.58
N MET D 911 12.79 50.30 32.49
CA MET D 911 12.48 48.88 32.34
C MET D 911 12.84 48.32 30.98
N HIS D 912 13.22 49.16 30.01
CA HIS D 912 13.53 48.70 28.66
C HIS D 912 14.87 48.01 28.56
N ILE D 913 15.63 47.94 29.65
CA ILE D 913 17.03 47.51 29.56
C ILE D 913 17.13 46.00 29.36
N PHE D 914 16.06 45.26 29.65
CA PHE D 914 16.15 43.80 29.63
C PHE D 914 16.00 43.21 28.24
N THR D 915 15.80 44.02 27.19
CA THR D 915 15.75 43.48 25.84
C THR D 915 17.05 42.77 25.48
N ILE D 916 18.17 43.22 26.07
CA ILE D 916 19.45 42.54 25.85
C ILE D 916 19.46 41.19 26.54
N SER D 917 18.89 41.10 27.75
CA SER D 917 18.87 39.85 28.50
C SER D 917 18.16 38.77 27.68
N LYS D 918 18.91 37.74 27.32
CA LYS D 918 18.35 36.67 26.49
C LYS D 918 17.22 35.94 27.21
N THR D 919 17.34 35.78 28.53
CA THR D 919 16.34 35.01 29.26
C THR D 919 15.12 35.84 29.65
N LEU D 920 15.29 37.16 29.79
CA LEU D 920 14.17 38.03 30.12
C LEU D 920 13.80 39.03 29.02
N GLY D 921 14.52 39.04 27.90
CA GLY D 921 14.15 39.90 26.79
C GLY D 921 12.79 39.57 26.22
N PRO D 922 12.61 38.33 25.74
CA PRO D 922 11.26 37.91 25.32
C PRO D 922 10.27 38.03 26.46
N LYS D 923 10.75 38.04 27.70
CA LYS D 923 9.85 38.07 28.84
C LYS D 923 9.24 39.46 28.98
N ILE D 924 10.07 40.49 28.82
CA ILE D 924 9.57 41.86 28.72
C ILE D 924 8.67 42.00 27.49
N ILE D 925 9.02 41.30 26.40
CA ILE D 925 8.19 41.36 25.21
C ILE D 925 6.77 40.89 25.51
N ILE D 926 6.62 39.76 26.21
CA ILE D 926 5.28 39.27 26.52
C ILE D 926 4.60 40.16 27.55
N VAL D 927 5.36 40.71 28.50
CA VAL D 927 4.75 41.61 29.48
C VAL D 927 4.19 42.87 28.82
N LYS D 928 4.81 43.34 27.74
CA LYS D 928 4.28 44.52 27.07
C LYS D 928 2.92 44.24 26.44
N ARG D 929 2.57 42.98 26.25
CA ARG D 929 1.23 42.60 25.86
C ARG D 929 0.38 42.19 27.05
N MET D 930 1.01 41.87 28.19
CA MET D 930 0.30 41.66 29.44
C MET D 930 -0.30 42.94 30.00
N MET D 931 0.26 44.10 29.62
CA MET D 931 -0.13 45.36 30.22
C MET D 931 -1.61 45.69 30.02
N LYS D 932 -2.24 45.09 29.00
CA LYS D 932 -3.61 45.48 28.65
C LYS D 932 -4.62 45.06 29.70
N ASP D 933 -4.45 43.86 30.28
CA ASP D 933 -5.47 43.33 31.18
C ASP D 933 -5.60 44.16 32.45
N VAL D 934 -4.51 44.80 32.87
CA VAL D 934 -4.53 45.62 34.09
C VAL D 934 -5.48 46.79 34.00
N PHE D 935 -5.59 47.42 32.83
CA PHE D 935 -6.43 48.61 32.67
C PHE D 935 -7.87 48.34 33.10
N PHE D 936 -8.35 47.12 32.90
CA PHE D 936 -9.71 46.74 33.29
C PHE D 936 -9.76 45.93 34.57
N PHE D 937 -8.70 45.20 34.93
CA PHE D 937 -8.74 44.56 36.25
C PHE D 937 -8.72 45.61 37.35
N LEU D 938 -8.17 46.79 37.06
CA LEU D 938 -8.27 47.89 38.00
C LEU D 938 -9.73 48.28 38.24
N PHE D 939 -10.52 48.33 37.18
CA PHE D 939 -11.95 48.61 37.35
C PHE D 939 -12.67 47.42 37.96
N LEU D 940 -12.05 46.24 37.90
CA LEU D 940 -12.66 45.07 38.54
C LEU D 940 -12.38 45.02 40.04
N LEU D 941 -11.23 45.57 40.45
CA LEU D 941 -10.75 45.54 41.83
C LEU D 941 -11.06 46.81 42.62
N ALA D 942 -10.58 47.96 42.15
CA ALA D 942 -10.65 49.19 42.93
C ALA D 942 -12.09 49.60 43.18
N VAL D 943 -13.00 49.34 42.23
CA VAL D 943 -14.38 49.77 42.41
C VAL D 943 -15.02 49.05 43.59
N TRP D 944 -14.79 47.74 43.73
CA TRP D 944 -15.41 47.04 44.85
C TRP D 944 -14.67 47.31 46.15
N VAL D 945 -13.34 47.52 46.08
CA VAL D 945 -12.62 47.91 47.29
C VAL D 945 -13.16 49.23 47.83
N VAL D 946 -13.36 50.21 46.95
CA VAL D 946 -13.91 51.49 47.35
C VAL D 946 -15.36 51.34 47.78
N SER D 947 -16.11 50.43 47.14
CA SER D 947 -17.49 50.21 47.53
C SER D 947 -17.59 49.71 48.97
N PHE D 948 -16.76 48.72 49.32
CA PHE D 948 -16.78 48.19 50.67
C PHE D 948 -16.22 49.21 51.66
N GLY D 949 -15.28 50.04 51.22
CA GLY D 949 -14.87 51.16 52.05
C GLY D 949 -16.02 52.12 52.32
N VAL D 950 -16.89 52.33 51.32
CA VAL D 950 -18.08 53.15 51.51
C VAL D 950 -19.02 52.51 52.52
N ALA D 951 -19.23 51.20 52.44
CA ALA D 951 -20.06 50.52 53.41
C ALA D 951 -19.45 50.59 54.81
N LYS D 952 -18.12 50.65 54.89
CA LYS D 952 -17.45 50.78 56.18
C LYS D 952 -17.87 52.08 56.87
N GLN D 953 -17.92 53.18 56.13
CA GLN D 953 -18.37 54.45 56.71
C GLN D 953 -19.88 54.45 56.91
N ALA D 954 -20.62 53.75 56.04
CA ALA D 954 -22.07 53.65 56.20
C ALA D 954 -22.44 52.91 57.48
N ILE D 955 -21.59 51.97 57.91
CA ILE D 955 -21.86 51.23 59.15
C ILE D 955 -21.81 52.18 60.35
N LEU D 956 -20.64 52.77 60.61
CA LEU D 956 -20.40 53.97 61.45
C LEU D 956 -21.71 54.69 61.80
N ILE D 957 -22.01 55.82 61.18
CA ILE D 957 -23.26 56.56 61.43
C ILE D 957 -23.96 56.76 60.10
N HIS D 958 -25.28 57.01 60.14
CA HIS D 958 -26.04 57.18 58.92
C HIS D 958 -25.84 58.58 58.34
N ASN D 959 -26.23 59.61 59.07
CA ASN D 959 -26.29 60.96 58.55
C ASN D 959 -25.25 61.83 59.24
N GLU D 960 -24.37 62.42 58.42
CA GLU D 960 -23.34 63.33 58.90
C GLU D 960 -22.95 64.21 57.73
N ARG D 961 -22.48 65.42 58.05
CA ARG D 961 -22.08 66.39 57.04
C ARG D 961 -20.64 66.83 57.32
N ARG D 962 -19.69 66.05 56.82
CA ARG D 962 -18.26 66.36 56.94
C ARG D 962 -17.57 65.91 55.65
N VAL D 963 -17.45 66.83 54.70
CA VAL D 963 -16.81 66.50 53.43
C VAL D 963 -15.32 66.25 53.64
N ASP D 964 -14.66 67.11 54.42
CA ASP D 964 -13.23 66.98 54.62
C ASP D 964 -12.90 65.79 55.53
N TRP D 965 -13.64 65.64 56.62
CA TRP D 965 -13.32 64.58 57.59
C TRP D 965 -13.63 63.20 57.02
N LEU D 966 -14.78 63.04 56.35
CA LEU D 966 -15.12 61.74 55.80
C LEU D 966 -14.16 61.31 54.71
N PHE D 967 -13.53 62.27 54.02
CA PHE D 967 -12.51 61.91 53.04
C PHE D 967 -11.34 61.19 53.69
N ARG D 968 -10.80 61.77 54.76
CA ARG D 968 -9.69 61.13 55.46
C ARG D 968 -10.13 59.81 56.09
N GLY D 969 -11.34 59.78 56.67
CA GLY D 969 -11.82 58.55 57.27
C GLY D 969 -11.98 57.42 56.26
N ALA D 970 -12.57 57.73 55.10
CA ALA D 970 -12.74 56.71 54.06
C ALA D 970 -11.40 56.29 53.48
N VAL D 971 -10.46 57.23 53.35
CA VAL D 971 -9.13 56.88 52.87
C VAL D 971 -8.46 55.91 53.83
N TYR D 972 -8.56 56.18 55.14
CA TYR D 972 -7.96 55.30 56.13
C TYR D 972 -8.64 53.93 56.12
N HIS D 973 -9.97 53.90 55.99
CA HIS D 973 -10.69 52.63 55.95
C HIS D 973 -10.30 51.82 54.72
N SER D 974 -10.19 52.47 53.56
CA SER D 974 -9.79 51.77 52.35
C SER D 974 -8.35 51.27 52.45
N TYR D 975 -7.46 52.07 53.03
CA TYR D 975 -6.08 51.62 53.22
C TYR D 975 -6.02 50.42 54.15
N LEU D 976 -6.81 50.43 55.23
CA LEU D 976 -6.84 49.29 56.14
C LEU D 976 -7.38 48.05 55.44
N THR D 977 -8.43 48.21 54.62
CA THR D 977 -8.98 47.07 53.89
C THR D 977 -7.96 46.51 52.90
N ILE D 978 -7.23 47.39 52.21
CA ILE D 978 -6.22 46.94 51.26
C ILE D 978 -5.09 46.21 51.99
N PHE D 979 -4.65 46.75 53.13
CA PHE D 979 -3.58 46.11 53.89
C PHE D 979 -4.01 44.75 54.42
N GLY D 980 -5.25 44.64 54.90
CA GLY D 980 -5.76 43.39 55.43
C GLY D 980 -5.99 42.33 54.36
N TYR D 1032 -13.19 41.28 53.10
CA TYR D 1032 -12.15 41.62 52.13
C TYR D 1032 -11.39 40.37 51.70
N LEU D 1033 -11.01 39.54 52.68
CA LEU D 1033 -10.30 38.31 52.37
C LEU D 1033 -11.18 37.36 51.56
N LEU D 1034 -12.50 37.46 51.73
CA LEU D 1034 -13.41 36.56 51.02
C LEU D 1034 -13.39 36.83 49.52
N PHE D 1035 -13.18 38.10 49.12
CA PHE D 1035 -13.24 38.49 47.73
C PHE D 1035 -11.85 38.62 47.10
N THR D 1036 -10.84 38.99 47.88
CA THR D 1036 -9.50 39.20 47.33
C THR D 1036 -8.83 37.88 46.96
N ASN D 1037 -8.64 37.00 47.94
CA ASN D 1037 -7.85 35.80 47.72
C ASN D 1037 -8.63 34.76 46.92
N ILE D 1038 -9.96 34.77 47.02
CA ILE D 1038 -10.76 33.68 46.47
C ILE D 1038 -11.36 34.02 45.10
N LEU D 1039 -12.09 35.13 45.01
CA LEU D 1039 -12.80 35.43 43.76
C LEU D 1039 -11.91 36.13 42.74
N LEU D 1040 -11.13 37.11 43.19
CA LEU D 1040 -10.38 37.94 42.25
C LEU D 1040 -9.10 37.26 41.78
N LEU D 1041 -8.47 36.47 42.66
CA LEU D 1041 -7.16 35.94 42.36
C LEU D 1041 -7.19 35.03 41.15
N ASN D 1042 -8.24 34.22 41.03
CA ASN D 1042 -8.29 33.27 39.94
C ASN D 1042 -8.70 33.95 38.64
N LEU D 1043 -9.52 35.01 38.74
CA LEU D 1043 -9.76 35.88 37.60
C LEU D 1043 -8.44 36.42 37.05
N LEU D 1044 -7.60 36.97 37.93
CA LEU D 1044 -6.30 37.47 37.53
C LEU D 1044 -5.45 36.37 36.90
N ILE D 1045 -5.31 35.25 37.61
CA ILE D 1045 -4.44 34.16 37.16
C ILE D 1045 -4.92 33.61 35.82
N ALA D 1046 -6.24 33.55 35.62
CA ALA D 1046 -6.78 33.02 34.38
C ALA D 1046 -6.59 33.98 33.22
N MET D 1047 -6.86 35.28 33.45
CA MET D 1047 -6.61 36.27 32.41
C MET D 1047 -5.15 36.26 32.01
N PHE D 1048 -4.26 36.04 32.98
CA PHE D 1048 -2.86 35.76 32.68
C PHE D 1048 -2.68 34.51 31.82
N ASN D 1049 -3.13 33.36 32.30
CA ASN D 1049 -2.69 32.10 31.71
C ASN D 1049 -3.30 31.86 30.34
N TYR D 1050 -4.46 32.46 30.06
CA TYR D 1050 -5.07 32.32 28.73
C TYR D 1050 -4.15 32.86 27.65
N THR D 1051 -3.58 34.04 27.87
CA THR D 1051 -2.68 34.64 26.88
C THR D 1051 -1.23 34.25 27.14
N PHE D 1052 -0.95 33.61 28.27
CA PHE D 1052 0.34 32.95 28.46
C PHE D 1052 0.43 31.71 27.56
N GLN D 1053 -0.64 30.92 27.51
CA GLN D 1053 -0.62 29.73 26.69
C GLN D 1053 -0.47 30.08 25.22
N GLN D 1054 0.32 29.26 24.52
CA GLN D 1054 0.55 29.27 23.08
C GLN D 1054 1.45 30.41 22.61
N VAL D 1055 2.25 31.04 23.48
CA VAL D 1055 3.19 32.06 23.04
C VAL D 1055 4.63 31.56 23.08
N GLN D 1056 4.85 30.29 23.43
CA GLN D 1056 6.21 29.78 23.57
C GLN D 1056 6.96 29.81 22.24
N GLU D 1057 6.26 29.55 21.14
CA GLU D 1057 6.92 29.40 19.85
C GLU D 1057 7.31 30.73 19.24
N HIS D 1058 6.47 31.77 19.43
CA HIS D 1058 6.62 32.97 18.59
C HIS D 1058 7.44 34.05 19.29
N THR D 1059 7.48 34.06 20.62
CA THR D 1059 8.22 35.11 21.32
C THR D 1059 9.70 35.06 21.01
N ASP D 1060 10.27 33.86 20.89
CA ASP D 1060 11.68 33.74 20.54
C ASP D 1060 11.96 34.38 19.19
N GLN D 1061 11.14 34.06 18.19
CA GLN D 1061 11.32 34.66 16.86
C GLN D 1061 11.18 36.17 16.91
N ILE D 1062 10.17 36.67 17.63
CA ILE D 1062 9.95 38.11 17.70
C ILE D 1062 11.15 38.81 18.32
N TRP D 1063 11.64 38.29 19.45
CA TRP D 1063 12.75 38.94 20.14
C TRP D 1063 14.03 38.86 19.31
N LYS D 1064 14.30 37.71 18.70
CA LYS D 1064 15.50 37.59 17.88
C LYS D 1064 15.42 38.47 16.65
N PHE D 1065 14.20 38.80 16.21
CA PHE D 1065 14.05 39.79 15.15
C PHE D 1065 14.32 41.20 15.66
N GLN D 1066 13.80 41.54 16.85
CA GLN D 1066 13.94 42.89 17.37
C GLN D 1066 15.36 43.20 17.85
N ARG D 1067 16.21 42.18 18.02
CA ARG D 1067 17.57 42.43 18.51
C ARG D 1067 18.35 43.34 17.56
N HIS D 1068 18.19 43.16 16.25
CA HIS D 1068 19.07 43.80 15.29
C HIS D 1068 18.97 45.31 15.33
N ASP D 1069 17.77 45.85 15.55
CA ASP D 1069 17.62 47.30 15.55
C ASP D 1069 18.45 47.93 16.65
N LEU D 1070 18.41 47.37 17.86
CA LEU D 1070 19.23 47.88 18.95
C LEU D 1070 20.72 47.67 18.65
N ILE D 1071 21.07 46.51 18.06
CA ILE D 1071 22.47 46.27 17.76
C ILE D 1071 23.00 47.31 16.79
N GLU D 1072 22.26 47.59 15.73
CA GLU D 1072 22.69 48.58 14.74
C GLU D 1072 22.70 49.98 15.33
N GLU D 1073 21.71 50.31 16.18
CA GLU D 1073 21.70 51.61 16.83
C GLU D 1073 22.95 51.83 17.66
N TYR D 1074 23.30 50.85 18.49
CA TYR D 1074 24.46 51.02 19.37
C TYR D 1074 25.77 50.91 18.59
N HIS D 1075 25.75 50.24 17.43
CA HIS D 1075 26.90 50.29 16.54
C HIS D 1075 27.10 51.70 16.00
N GLY D 1076 25.99 52.35 15.64
CA GLY D 1076 26.06 53.72 15.14
C GLY D 1076 26.26 54.77 16.22
N ARG D 1077 26.09 54.41 17.48
CA ARG D 1077 26.27 55.34 18.59
C ARG D 1077 27.72 55.77 18.71
N PRO D 1078 27.99 56.96 19.27
CA PRO D 1078 29.37 57.37 19.52
C PRO D 1078 30.03 56.53 20.61
N ALA D 1079 31.36 56.57 20.68
CA ALA D 1079 32.13 55.73 21.58
C ALA D 1079 32.45 56.43 22.91
N ALA D 1080 31.58 57.32 23.37
CA ALA D 1080 31.86 58.04 24.61
C ALA D 1080 30.71 57.90 25.60
N PRO D 1081 31.00 57.91 26.90
CA PRO D 1081 29.93 57.86 27.91
C PRO D 1081 29.05 59.09 27.83
N PRO D 1082 27.77 58.96 28.15
CA PRO D 1082 26.85 60.10 28.07
C PRO D 1082 27.31 61.30 28.90
N PRO D 1083 27.89 61.11 30.11
CA PRO D 1083 28.40 62.28 30.84
C PRO D 1083 29.44 63.09 30.06
N PHE D 1084 30.29 62.41 29.30
CA PHE D 1084 31.39 63.06 28.61
C PHE D 1084 31.18 63.17 27.11
N ILE D 1085 30.13 62.55 26.56
CA ILE D 1085 29.96 62.42 25.12
C ILE D 1085 29.93 63.78 24.40
N LEU D 1086 29.93 64.89 25.15
CA LEU D 1086 29.97 66.20 24.54
C LEU D 1086 31.24 66.43 23.71
N LEU D 1087 32.33 65.73 24.02
CA LEU D 1087 33.56 65.96 23.25
C LEU D 1087 33.36 65.56 21.79
N SER D 1088 32.65 64.46 21.55
CA SER D 1088 32.29 64.03 20.21
C SER D 1088 31.08 64.78 19.66
N HIS D 1089 30.15 65.22 20.52
CA HIS D 1089 29.05 66.03 20.03
C HIS D 1089 29.53 67.38 19.50
N LEU D 1090 30.64 67.91 20.02
CA LEU D 1090 31.24 69.13 19.50
C LEU D 1090 32.30 68.84 18.44
N GLN D 1091 32.59 67.58 18.17
CA GLN D 1091 33.59 67.20 17.19
C GLN D 1091 33.01 66.63 15.91
N LEU D 1092 31.75 66.21 15.91
CA LEU D 1092 31.10 65.68 14.70
C LEU D 1092 30.51 66.78 13.83
N PHE D 1093 31.01 68.01 13.96
CA PHE D 1093 30.58 69.13 13.14
C PHE D 1093 31.58 69.52 12.06
N ILE D 1094 32.87 69.43 12.35
CA ILE D 1094 33.89 69.79 11.37
C ILE D 1094 33.88 68.83 10.19
N LYS D 1095 33.61 67.54 10.44
CA LYS D 1095 33.54 66.58 9.35
C LYS D 1095 32.43 66.91 8.38
N ARG D 1096 31.27 67.31 8.89
CA ARG D 1096 30.17 67.72 8.01
C ARG D 1096 30.47 69.06 7.33
N VAL D 1097 31.11 69.98 8.05
CA VAL D 1097 31.42 71.29 7.48
C VAL D 1097 32.39 71.16 6.31
N VAL D 1098 33.42 70.34 6.49
CA VAL D 1098 34.43 70.15 5.45
C VAL D 1098 35.04 68.75 5.55
N ARG D 1105 26.89 54.57 5.51
CA ARG D 1105 26.72 53.30 6.21
C ARG D 1105 28.09 52.76 6.62
N HIS D 1106 28.11 51.87 7.61
CA HIS D 1106 29.35 51.32 8.14
C HIS D 1106 29.69 50.02 7.44
N LYS D 1107 30.96 49.62 7.54
CA LYS D 1107 31.47 48.44 6.87
C LYS D 1107 31.25 47.16 7.65
N GLN D 1108 30.64 47.24 8.83
CA GLN D 1108 30.39 46.05 9.64
C GLN D 1108 29.20 45.23 9.15
N LEU D 1109 28.09 45.88 8.79
CA LEU D 1109 26.90 45.18 8.32
C LEU D 1109 26.68 45.31 6.83
N LYS D 1110 27.50 46.09 6.13
CA LYS D 1110 27.32 46.30 4.70
C LYS D 1110 28.65 46.75 4.11
N ASN D 1111 29.24 45.91 3.27
CA ASN D 1111 30.56 46.21 2.72
C ASN D 1111 30.66 45.64 1.31
N LYS D 1112 31.65 46.15 0.56
CA LYS D 1112 31.94 45.69 -0.78
C LYS D 1112 33.13 44.74 -0.76
N LEU D 1113 32.97 43.59 -1.40
CA LEU D 1113 34.06 42.64 -1.53
C LEU D 1113 34.79 42.86 -2.86
N GLU D 1114 35.93 42.18 -3.02
CA GLU D 1114 36.72 42.25 -4.25
C GLU D 1114 36.14 41.25 -5.22
N LYS D 1115 36.05 41.64 -6.50
CA LYS D 1115 35.32 40.87 -7.51
C LYS D 1115 35.92 39.48 -7.73
N ASN D 1116 37.24 39.37 -7.73
CA ASN D 1116 37.91 38.10 -7.97
C ASN D 1116 37.52 37.10 -6.90
N GLU D 1117 37.51 37.54 -5.64
CA GLU D 1117 37.07 36.69 -4.54
C GLU D 1117 35.56 36.42 -4.60
N GLU D 1118 34.79 37.44 -5.01
CA GLU D 1118 33.34 37.27 -5.08
C GLU D 1118 32.96 36.21 -6.10
N ALA D 1119 33.71 36.09 -7.19
CA ALA D 1119 33.44 35.04 -8.17
C ALA D 1119 33.58 33.65 -7.55
N ALA D 1120 34.66 33.43 -6.78
CA ALA D 1120 34.82 32.16 -6.09
C ALA D 1120 33.72 31.93 -5.06
N LEU D 1121 33.33 32.98 -4.35
CA LEU D 1121 32.25 32.85 -3.38
C LEU D 1121 30.95 32.45 -4.06
N LEU D 1122 30.64 33.06 -5.20
CA LEU D 1122 29.43 32.72 -5.93
C LEU D 1122 29.48 31.30 -6.47
N SER D 1123 30.65 30.84 -6.92
CA SER D 1123 30.75 29.46 -7.39
C SER D 1123 30.54 28.49 -6.23
N TRP D 1124 31.09 28.80 -5.06
CA TRP D 1124 30.86 27.97 -3.87
C TRP D 1124 29.37 27.92 -3.53
N GLU D 1125 28.71 29.07 -3.61
CA GLU D 1125 27.26 29.13 -3.37
C GLU D 1125 26.51 28.29 -4.39
N ILE D 1126 26.92 28.33 -5.66
CA ILE D 1126 26.25 27.54 -6.69
C ILE D 1126 26.38 26.05 -6.39
N TYR D 1127 27.58 25.61 -6.02
CA TYR D 1127 27.78 24.22 -5.68
C TYR D 1127 26.91 23.80 -4.50
N LEU D 1128 26.84 24.63 -3.46
CA LEU D 1128 26.04 24.27 -2.30
C LEU D 1128 24.55 24.31 -2.60
N LYS D 1129 24.09 25.23 -3.46
CA LYS D 1129 22.70 25.24 -3.87
C LYS D 1129 22.35 23.97 -4.63
N GLU D 1130 23.23 23.53 -5.53
CA GLU D 1130 22.98 22.30 -6.27
C GLU D 1130 22.89 21.12 -5.31
N ASN D 1131 23.81 21.04 -4.36
CA ASN D 1131 23.75 19.98 -3.36
C ASN D 1131 22.44 20.02 -2.57
N TYR D 1132 22.02 21.21 -2.15
CA TYR D 1132 20.81 21.34 -1.35
C TYR D 1132 19.58 20.93 -2.14
N LEU D 1133 19.46 21.38 -3.39
CA LEU D 1133 18.30 21.01 -4.19
C LEU D 1133 18.28 19.50 -4.43
N GLN D 1134 19.44 18.91 -4.69
CA GLN D 1134 19.52 17.47 -4.95
C GLN D 1134 19.09 16.68 -3.73
N ASN D 1135 19.62 17.04 -2.55
CA ASN D 1135 19.23 16.37 -1.32
C ASN D 1135 17.74 16.59 -1.03
N ARG D 1136 17.25 17.79 -1.27
CA ARG D 1136 15.85 18.10 -0.99
C ARG D 1136 14.91 17.22 -1.80
N GLN D 1137 15.17 17.10 -3.11
CA GLN D 1137 14.29 16.26 -3.94
C GLN D 1137 14.44 14.79 -3.57
N PHE D 1138 15.68 14.34 -3.32
CA PHE D 1138 15.89 12.95 -2.93
C PHE D 1138 15.17 12.62 -1.63
N GLN D 1139 15.12 13.56 -0.70
CA GLN D 1139 14.50 13.28 0.58
C GLN D 1139 12.98 13.45 0.51
N GLN D 1140 12.48 14.32 -0.36
CA GLN D 1140 11.03 14.47 -0.45
C GLN D 1140 10.37 13.35 -1.23
N LYS D 1141 11.12 12.65 -2.11
CA LYS D 1141 10.49 11.54 -2.81
C LYS D 1141 10.20 10.38 -1.86
N GLN D 1142 10.79 10.37 -0.67
CA GLN D 1142 10.68 9.27 0.28
C GLN D 1142 9.51 9.42 1.24
N ARG D 1143 8.65 10.42 1.06
CA ARG D 1143 7.49 10.56 1.93
C ARG D 1143 6.55 9.36 1.75
N PRO D 1144 5.93 8.89 2.84
CA PRO D 1144 5.02 7.74 2.69
C PRO D 1144 3.85 8.01 1.77
N GLU D 1145 3.29 9.22 1.80
CA GLU D 1145 2.21 9.55 0.88
C GLU D 1145 2.69 9.51 -0.57
N GLN D 1146 3.90 10.02 -0.82
CA GLN D 1146 4.47 9.97 -2.16
C GLN D 1146 4.72 8.54 -2.60
N LYS D 1147 5.18 7.68 -1.69
CA LYS D 1147 5.38 6.27 -2.00
C LYS D 1147 4.07 5.55 -2.32
N ILE D 1148 3.01 5.80 -1.56
CA ILE D 1148 1.69 5.25 -1.87
C ILE D 1148 1.19 5.73 -3.22
N GLU D 1149 1.37 7.02 -3.51
CA GLU D 1149 0.98 7.54 -4.82
C GLU D 1149 1.79 6.89 -5.94
N ASP D 1150 3.09 6.65 -5.69
CA ASP D 1150 3.92 5.97 -6.69
C ASP D 1150 3.43 4.56 -6.95
N ILE D 1151 3.06 3.83 -5.90
CA ILE D 1151 2.51 2.48 -6.08
C ILE D 1151 1.21 2.54 -6.88
N SER D 1152 0.34 3.50 -6.54
CA SER D 1152 -0.93 3.63 -7.25
C SER D 1152 -0.72 3.96 -8.72
N ASN D 1153 0.26 4.81 -9.03
CA ASN D 1153 0.54 5.13 -10.43
C ASN D 1153 1.18 3.96 -11.15
N LYS D 1154 2.03 3.19 -10.46
CA LYS D 1154 2.68 2.06 -11.10
C LYS D 1154 1.71 0.94 -11.41
N VAL D 1155 0.68 0.75 -10.58
CA VAL D 1155 -0.25 -0.34 -10.83
C VAL D 1155 -1.18 -0.05 -12.01
N ASP D 1156 -1.42 1.22 -12.35
CA ASP D 1156 -2.39 1.54 -13.39
C ASP D 1156 -1.92 1.15 -14.79
N ALA D 1157 -0.67 1.50 -15.13
CA ALA D 1157 -0.15 1.10 -16.44
C ALA D 1157 -0.09 -0.42 -16.55
N MET D 1158 0.12 -1.10 -15.44
CA MET D 1158 0.20 -2.56 -15.44
C MET D 1158 -1.19 -3.18 -15.60
N VAL D 1159 -2.21 -2.56 -15.02
CA VAL D 1159 -3.59 -2.94 -15.31
C VAL D 1159 -3.91 -2.74 -16.78
N ASP D 1160 -3.46 -1.62 -17.35
CA ASP D 1160 -3.67 -1.38 -18.77
C ASP D 1160 -2.98 -2.46 -19.62
N LEU D 1161 -1.76 -2.84 -19.25
CA LEU D 1161 -1.04 -3.88 -19.97
C LEU D 1161 -1.77 -5.21 -19.89
N LEU D 1162 -2.29 -5.58 -18.72
CA LEU D 1162 -3.00 -6.85 -18.62
C LEU D 1162 -4.35 -6.81 -19.32
N ASP D 1163 -4.99 -5.64 -19.40
CA ASP D 1163 -6.27 -5.54 -20.08
C ASP D 1163 -6.11 -5.55 -21.59
N LEU D 1164 -5.05 -4.92 -22.12
CA LEU D 1164 -4.88 -4.84 -23.57
C LEU D 1164 -4.55 -6.20 -24.17
N ASP D 1165 -3.71 -6.99 -23.52
CA ASP D 1165 -3.30 -8.28 -24.05
C ASP D 1165 -4.46 -9.29 -24.03
N GLY D 1235 1.05 -2.98 -57.91
CA GLY D 1235 1.50 -1.63 -58.18
C GLY D 1235 1.81 -1.38 -59.65
N ASP D 1236 0.77 -1.14 -60.43
CA ASP D 1236 0.95 -0.88 -61.86
C ASP D 1236 1.55 0.50 -62.08
N SER D 1237 2.20 0.66 -63.22
CA SER D 1237 2.88 1.90 -63.58
C SER D 1237 2.05 2.79 -64.50
N TYR D 1238 0.77 2.48 -64.68
CA TYR D 1238 -0.08 3.28 -65.56
C TYR D 1238 -0.30 4.66 -64.97
N HIS D 1239 -0.66 5.60 -65.84
CA HIS D 1239 -0.89 6.98 -65.41
C HIS D 1239 -1.99 7.05 -64.37
N VAL D 1240 -1.76 7.85 -63.33
CA VAL D 1240 -2.65 7.98 -62.19
C VAL D 1240 -3.23 9.38 -62.08
N ASN D 1241 -2.36 10.40 -62.18
CA ASN D 1241 -2.84 11.78 -62.10
C ASN D 1241 -3.79 12.09 -63.24
N ALA D 1242 -3.48 11.61 -64.44
CA ALA D 1242 -4.34 11.87 -65.60
C ALA D 1242 -5.70 11.20 -65.45
N ARG D 1243 -5.83 10.27 -64.50
CA ARG D 1243 -7.08 9.54 -64.32
C ARG D 1243 -7.94 10.04 -63.17
N HIS D 1244 -7.59 11.16 -62.53
CA HIS D 1244 -8.36 11.62 -61.39
C HIS D 1244 -9.72 12.14 -61.84
N LEU D 1245 -10.69 12.07 -60.93
CA LEU D 1245 -12.00 12.65 -61.20
C LEU D 1245 -11.91 14.17 -61.17
N LEU D 1246 -12.99 14.82 -61.61
CA LEU D 1246 -13.09 16.27 -61.62
C LEU D 1246 -11.98 16.89 -62.47
N TYR D 1247 -12.06 16.70 -63.79
CA TYR D 1247 -11.17 17.39 -64.72
C TYR D 1247 -11.00 18.85 -64.32
N PRO D 1248 -9.76 19.36 -64.31
CA PRO D 1248 -9.52 20.69 -63.75
C PRO D 1248 -10.28 21.79 -64.48
N ASN D 1249 -10.93 22.66 -63.70
CA ASN D 1249 -11.64 23.83 -64.21
C ASN D 1249 -12.68 23.46 -65.27
N CYS D 1250 -13.31 22.30 -65.11
CA CYS D 1250 -14.34 21.84 -66.03
C CYS D 1250 -15.52 21.31 -65.23
N PRO D 1251 -16.70 21.91 -65.37
CA PRO D 1251 -17.84 21.47 -64.54
C PRO D 1251 -18.22 20.02 -64.72
N VAL D 1252 -18.11 19.48 -65.93
CA VAL D 1252 -18.46 18.09 -66.16
C VAL D 1252 -17.36 17.18 -65.65
N THR D 1253 -17.75 16.09 -65.00
CA THR D 1253 -16.81 15.15 -64.40
C THR D 1253 -16.53 14.02 -65.38
N ARG D 1254 -15.25 13.63 -65.46
CA ARG D 1254 -14.85 12.57 -66.37
C ARG D 1254 -15.32 11.21 -65.86
N PHE D 1255 -15.69 10.35 -66.79
CA PHE D 1255 -16.22 9.04 -66.44
C PHE D 1255 -15.14 8.20 -65.76
N PRO D 1256 -15.45 7.48 -64.69
CA PRO D 1256 -14.41 6.75 -63.96
C PRO D 1256 -13.91 5.54 -64.74
N VAL D 1257 -12.61 5.49 -64.97
CA VAL D 1257 -11.98 4.34 -65.61
C VAL D 1257 -11.03 3.68 -64.60
N PRO D 1258 -11.30 2.44 -64.20
CA PRO D 1258 -10.40 1.76 -63.27
C PRO D 1258 -9.09 1.37 -63.94
N ASN D 1259 -8.10 1.07 -63.10
CA ASN D 1259 -6.78 0.70 -63.61
C ASN D 1259 -6.83 -0.66 -64.32
N GLU D 1260 -7.83 -1.48 -64.00
CA GLU D 1260 -7.93 -2.80 -64.63
C GLU D 1260 -8.19 -2.68 -66.13
N LYS D 1261 -9.05 -1.75 -66.52
CA LYS D 1261 -9.45 -1.60 -67.92
C LYS D 1261 -8.93 -0.31 -68.55
N VAL D 1262 -7.90 0.32 -67.96
CA VAL D 1262 -7.36 1.55 -68.55
C VAL D 1262 -6.78 1.36 -69.94
N PRO D 1263 -6.07 0.27 -70.26
CA PRO D 1263 -5.53 0.16 -71.63
C PRO D 1263 -6.64 -0.02 -72.65
N TRP D 1264 -6.38 0.45 -73.87
CA TRP D 1264 -7.37 0.37 -74.93
C TRP D 1264 -7.64 -1.09 -75.32
N GLU D 1265 -6.60 -1.92 -75.33
CA GLU D 1265 -6.76 -3.30 -75.77
C GLU D 1265 -7.59 -4.12 -74.79
N THR D 1266 -7.57 -3.75 -73.52
CA THR D 1266 -8.28 -4.52 -72.50
C THR D 1266 -9.78 -4.45 -72.72
N GLU D 1267 -10.48 -5.52 -72.31
CA GLU D 1267 -11.92 -5.60 -72.48
C GLU D 1267 -12.63 -4.54 -71.65
N PHE D 1268 -13.61 -3.89 -72.25
CA PHE D 1268 -14.36 -2.83 -71.60
C PHE D 1268 -15.67 -2.65 -72.35
N LEU D 1269 -16.77 -2.43 -71.62
CA LEU D 1269 -18.11 -2.53 -72.21
C LEU D 1269 -19.06 -1.40 -71.85
N ILE D 1270 -18.68 -0.51 -70.94
CA ILE D 1270 -19.57 0.52 -70.41
C ILE D 1270 -19.15 1.92 -70.85
N TYR D 1271 -18.37 2.03 -71.92
CA TYR D 1271 -17.76 3.31 -72.28
C TYR D 1271 -18.81 4.33 -72.69
N ASP D 1272 -18.97 5.36 -71.86
CA ASP D 1272 -19.90 6.46 -72.15
C ASP D 1272 -19.41 7.74 -71.46
N PRO D 1273 -18.31 8.31 -71.96
CA PRO D 1273 -17.83 9.56 -71.39
C PRO D 1273 -18.45 10.76 -72.09
N PRO D 1274 -18.73 11.84 -71.36
CA PRO D 1274 -19.19 13.07 -72.01
C PRO D 1274 -18.11 13.60 -72.95
N PHE D 1275 -18.54 14.12 -74.10
CA PHE D 1275 -17.60 14.69 -75.06
C PHE D 1275 -16.92 15.91 -74.46
N TYR D 1276 -15.63 15.79 -74.20
CA TYR D 1276 -14.87 16.89 -73.59
C TYR D 1276 -14.82 18.06 -74.56
N THR D 1277 -15.15 19.25 -74.05
CA THR D 1277 -15.20 20.47 -74.85
C THR D 1277 -14.35 21.53 -74.18
N ALA D 1278 -13.39 22.07 -74.93
CA ALA D 1278 -12.59 23.19 -74.44
C ALA D 1278 -13.41 24.47 -74.46
N GLU D 1279 -13.00 25.44 -73.64
CA GLU D 1279 -13.73 26.70 -73.57
C GLU D 1279 -13.69 27.43 -74.91
N ARG D 1280 -12.52 27.47 -75.56
CA ARG D 1280 -12.35 28.12 -76.87
C ARG D 1280 -11.46 27.22 -77.72
N LYS D 1281 -12.08 26.32 -78.48
CA LYS D 1281 -11.31 25.42 -79.35
C LYS D 1281 -11.00 26.07 -80.69
N ASP D 1282 -11.74 27.12 -81.06
CA ASP D 1282 -11.51 27.75 -82.36
C ASP D 1282 -10.19 28.51 -82.40
N ALA D 1283 -9.83 29.18 -81.30
CA ALA D 1283 -8.62 29.99 -81.26
C ALA D 1283 -7.36 29.15 -81.08
N ALA D 1284 -7.46 27.82 -81.15
CA ALA D 1284 -6.31 26.97 -80.87
C ALA D 1284 -5.32 26.96 -82.04
N ALA D 1285 -5.74 27.45 -83.20
CA ALA D 1285 -5.02 27.42 -84.47
C ALA D 1285 -4.87 26.00 -84.99
N MET D 1286 -5.46 25.01 -84.32
CA MET D 1286 -5.51 23.64 -84.79
C MET D 1286 -6.97 23.27 -85.01
N ASP D 1287 -7.26 22.00 -85.26
CA ASP D 1287 -8.63 21.59 -85.57
C ASP D 1287 -9.55 21.91 -84.40
N PRO D 1288 -10.60 22.72 -84.62
CA PRO D 1288 -11.49 23.10 -83.52
C PRO D 1288 -12.50 22.02 -83.17
N MET D 1289 -12.38 20.86 -83.82
CA MET D 1289 -13.43 19.83 -83.78
C MET D 1289 -13.41 19.16 -82.42
N GLY D 1290 -14.13 19.77 -81.46
CA GLY D 1290 -14.39 19.08 -80.21
C GLY D 1290 -15.24 17.84 -80.42
N ASP D 1291 -16.23 17.92 -81.31
CA ASP D 1291 -17.01 16.79 -81.75
C ASP D 1291 -16.53 16.34 -83.13
N THR D 1292 -16.43 15.04 -83.32
CA THR D 1292 -15.87 14.48 -84.55
C THR D 1292 -16.93 14.22 -85.62
N LEU D 1293 -18.04 14.97 -85.59
CA LEU D 1293 -19.05 14.81 -86.62
C LEU D 1293 -18.51 15.19 -87.99
N GLU D 1294 -17.76 16.28 -88.08
CA GLU D 1294 -17.16 16.72 -89.33
C GLU D 1294 -15.65 16.53 -89.26
N PRO D 1295 -15.09 15.55 -89.96
CA PRO D 1295 -13.62 15.32 -89.91
C PRO D 1295 -12.86 16.32 -90.77
N LEU D 1296 -12.91 17.58 -90.37
CA LEU D 1296 -12.20 18.63 -91.11
C LEU D 1296 -10.69 18.48 -90.95
N SER D 1297 -10.24 17.91 -89.84
CA SER D 1297 -8.81 17.75 -89.59
C SER D 1297 -8.21 16.73 -90.55
N THR D 1298 -7.03 17.05 -91.08
CA THR D 1298 -6.26 16.14 -91.92
C THR D 1298 -4.86 16.01 -91.29
N ILE D 1299 -4.73 15.08 -90.35
CA ILE D 1299 -3.49 14.92 -89.59
C ILE D 1299 -2.63 13.87 -90.28
N GLN D 1300 -1.41 14.25 -90.65
CA GLN D 1300 -0.45 13.33 -91.25
C GLN D 1300 0.16 12.49 -90.12
N TYR D 1301 -0.48 11.36 -89.85
CA TYR D 1301 -0.05 10.49 -88.77
C TYR D 1301 1.37 9.99 -89.02
N ASN D 1302 2.20 10.05 -87.97
CA ASN D 1302 3.62 9.69 -88.00
C ASN D 1302 4.42 10.55 -88.97
N VAL D 1303 3.89 11.69 -89.40
CA VAL D 1303 4.57 12.59 -90.32
C VAL D 1303 4.40 14.02 -89.83
N VAL D 1304 5.26 14.91 -90.32
CA VAL D 1304 5.16 16.31 -89.97
C VAL D 1304 4.08 16.98 -90.81
N ASP D 1305 3.18 17.71 -90.14
CA ASP D 1305 2.08 18.40 -90.80
C ASP D 1305 2.25 19.91 -90.82
N GLY D 1306 3.49 20.39 -90.71
CA GLY D 1306 3.76 21.81 -90.77
C GLY D 1306 3.60 22.53 -89.45
N LEU D 1307 2.59 23.41 -89.37
CA LEU D 1307 2.39 24.19 -88.16
C LEU D 1307 2.03 23.30 -86.97
N ARG D 1308 1.18 22.30 -87.19
CA ARG D 1308 0.75 21.38 -86.15
C ARG D 1308 1.53 20.08 -86.26
N ASP D 1309 2.32 19.77 -85.23
CA ASP D 1309 3.11 18.55 -85.23
C ASP D 1309 2.22 17.33 -85.04
N ARG D 1310 2.49 16.29 -85.82
CA ARG D 1310 1.75 15.02 -85.72
C ARG D 1310 2.71 13.85 -85.56
N ARG D 1311 3.94 14.13 -85.13
CA ARG D 1311 4.98 13.14 -84.93
C ARG D 1311 5.25 13.02 -83.44
N SER D 1312 5.13 11.80 -82.91
CA SER D 1312 5.22 11.58 -81.48
C SER D 1312 6.49 10.79 -81.14
N PHE D 1313 7.06 11.09 -79.98
CA PHE D 1313 8.29 10.40 -79.57
C PHE D 1313 8.01 8.95 -79.21
N HIS D 1314 6.81 8.66 -78.71
CA HIS D 1314 6.47 7.29 -78.34
C HIS D 1314 6.51 6.36 -79.54
N GLY D 1315 5.97 6.80 -80.67
CA GLY D 1315 5.96 6.01 -81.88
C GLY D 1315 4.57 5.96 -82.50
N PRO D 1316 4.41 5.07 -83.50
CA PRO D 1316 3.11 4.90 -84.15
C PRO D 1316 2.05 4.47 -83.15
N TYR D 1317 1.07 5.36 -82.90
CA TYR D 1317 -0.03 5.02 -82.02
C TYR D 1317 -1.24 4.55 -82.82
N THR D 1318 -2.16 3.88 -82.13
CA THR D 1318 -3.35 3.37 -82.78
C THR D 1318 -4.30 4.52 -83.12
N VAL D 1319 -4.88 4.46 -84.31
CA VAL D 1319 -5.80 5.49 -84.80
C VAL D 1319 -7.13 4.83 -85.15
N GLN D 1320 -8.23 5.44 -84.70
CA GLN D 1320 -9.56 4.90 -84.98
C GLN D 1320 -10.56 6.04 -85.05
N ALA D 1321 -11.42 5.97 -86.06
CA ALA D 1321 -12.53 6.91 -86.28
C ALA D 1321 -12.08 8.35 -86.44
N GLY D 1322 -10.83 8.59 -86.81
CA GLY D 1322 -10.31 9.92 -86.99
C GLY D 1322 -9.87 10.61 -85.72
N LEU D 1323 -10.07 9.98 -84.57
CA LEU D 1323 -9.66 10.53 -83.28
C LEU D 1323 -8.40 9.82 -82.82
N PRO D 1324 -7.29 10.52 -82.61
CA PRO D 1324 -6.07 9.87 -82.12
C PRO D 1324 -6.29 9.26 -80.74
N LEU D 1325 -5.96 7.98 -80.63
CA LEU D 1325 -6.12 7.28 -79.36
C LEU D 1325 -4.91 7.51 -78.47
N ASN D 1326 -5.16 7.73 -77.19
CA ASN D 1326 -4.07 7.94 -76.25
C ASN D 1326 -3.26 6.66 -76.10
N PRO D 1327 -1.96 6.67 -76.40
CA PRO D 1327 -1.19 5.42 -76.35
C PRO D 1327 -1.12 4.81 -74.95
N MET D 1328 -1.12 5.63 -73.91
CA MET D 1328 -1.02 5.10 -72.55
C MET D 1328 -2.25 4.28 -72.19
N GLY D 1329 -3.44 4.75 -72.55
CA GLY D 1329 -4.65 4.02 -72.25
C GLY D 1329 -5.86 4.94 -72.30
N ARG D 1330 -6.95 4.44 -71.74
CA ARG D 1330 -8.20 5.19 -71.65
C ARG D 1330 -8.15 6.07 -70.41
N THR D 1331 -7.99 7.38 -70.60
CA THR D 1331 -7.97 8.29 -69.46
C THR D 1331 -9.36 8.46 -68.85
N GLY D 1332 -10.41 8.20 -69.64
CA GLY D 1332 -11.77 8.32 -69.18
C GLY D 1332 -12.54 9.46 -69.81
N LEU D 1333 -11.88 10.40 -70.47
CA LEU D 1333 -12.54 11.54 -71.11
C LEU D 1333 -11.99 11.71 -72.52
N ARG D 1334 -12.89 11.82 -73.50
CA ARG D 1334 -12.53 12.01 -74.89
C ARG D 1334 -13.17 13.29 -75.42
N GLY D 1335 -12.38 14.10 -76.12
CA GLY D 1335 -12.90 15.34 -76.67
C GLY D 1335 -11.76 16.28 -77.01
N ARG D 1336 -12.11 17.57 -77.06
CA ARG D 1336 -11.12 18.59 -77.40
C ARG D 1336 -10.01 18.66 -76.35
N GLY D 1337 -10.39 18.79 -75.09
CA GLY D 1337 -9.40 18.85 -74.02
C GLY D 1337 -8.78 20.21 -73.86
N SER D 1338 -8.09 20.41 -72.75
CA SER D 1338 -7.42 21.69 -72.51
C SER D 1338 -6.19 21.85 -73.39
N LEU D 1339 -5.67 20.76 -73.95
CA LEU D 1339 -4.52 20.85 -74.83
C LEU D 1339 -4.87 21.64 -76.08
N SER D 1340 -3.89 22.37 -76.59
CA SER D 1340 -4.14 23.29 -77.70
C SER D 1340 -4.59 22.54 -78.95
N CYS D 1341 -3.84 21.54 -79.38
CA CYS D 1341 -4.07 20.90 -80.67
C CYS D 1341 -4.77 19.56 -80.51
N PHE D 1342 -5.64 19.25 -81.46
CA PHE D 1342 -6.25 17.93 -81.50
C PHE D 1342 -5.19 16.87 -81.74
N GLY D 1343 -4.97 16.02 -80.74
CA GLY D 1343 -3.93 15.03 -80.81
C GLY D 1343 -2.73 15.40 -79.95
N PRO D 1344 -1.61 14.70 -80.14
CA PRO D 1344 -0.45 14.91 -79.27
C PRO D 1344 0.12 16.32 -79.42
N ASN D 1345 0.61 16.87 -78.30
CA ASN D 1345 1.24 18.18 -78.26
C ASN D 1345 2.66 18.02 -77.76
N HIS D 1346 3.62 18.55 -78.52
CA HIS D 1346 5.02 18.40 -78.15
C HIS D 1346 5.47 19.54 -77.24
N THR D 1347 6.37 19.22 -76.31
CA THR D 1347 6.97 20.21 -75.44
C THR D 1347 8.37 19.76 -75.05
N LEU D 1348 9.17 20.71 -74.58
CA LEU D 1348 10.48 20.44 -74.03
C LEU D 1348 10.58 21.16 -72.70
N TYR D 1349 11.08 20.44 -71.69
CA TYR D 1349 11.25 21.02 -70.36
C TYR D 1349 12.74 21.13 -70.05
N PRO D 1350 13.31 22.33 -70.12
CA PRO D 1350 14.74 22.47 -69.81
C PRO D 1350 14.98 22.59 -68.32
N MET D 1351 16.12 22.07 -67.86
CA MET D 1351 16.47 22.09 -66.45
C MET D 1351 17.95 22.39 -66.30
N VAL D 1352 18.28 23.26 -65.36
CA VAL D 1352 19.66 23.61 -65.06
C VAL D 1352 20.03 23.00 -63.72
N THR D 1353 21.01 22.10 -63.72
CA THR D 1353 21.38 21.33 -62.55
C THR D 1353 22.85 21.60 -62.23
N ARG D 1354 23.13 21.92 -60.98
CA ARG D 1354 24.49 22.07 -60.50
C ARG D 1354 24.57 21.52 -59.08
N TRP D 1355 25.77 21.12 -58.66
CA TRP D 1355 25.93 20.54 -57.33
C TRP D 1355 25.91 21.64 -56.28
N ARG D 1356 25.06 21.46 -55.27
CA ARG D 1356 24.94 22.46 -54.22
C ARG D 1356 26.24 22.51 -53.41
N ARG D 1357 26.69 23.72 -53.10
CA ARG D 1357 28.05 23.93 -52.62
C ARG D 1357 28.04 24.58 -51.25
N ASN D 1358 28.99 24.17 -50.41
CA ASN D 1358 29.17 24.78 -49.10
C ASN D 1358 29.97 26.07 -49.22
N GLU D 1359 30.41 26.59 -48.07
CA GLU D 1359 31.23 27.79 -48.07
C GLU D 1359 32.58 27.57 -48.73
N ASP D 1360 33.13 26.35 -48.64
CA ASP D 1360 34.41 26.07 -49.27
C ASP D 1360 34.26 25.89 -50.78
N GLY D 1361 33.04 25.72 -51.26
CA GLY D 1361 32.79 25.50 -52.67
C GLY D 1361 32.79 24.05 -53.10
N ALA D 1362 33.08 23.12 -52.19
CA ALA D 1362 33.05 21.71 -52.52
C ALA D 1362 31.61 21.21 -52.61
N ILE D 1363 31.45 20.05 -53.27
CA ILE D 1363 30.12 19.47 -53.42
C ILE D 1363 29.59 19.09 -52.05
N CYS D 1364 28.33 19.44 -51.79
CA CYS D 1364 27.74 19.17 -50.49
C CYS D 1364 27.22 17.74 -50.41
N ARG D 1365 27.39 17.14 -49.23
CA ARG D 1365 26.98 15.77 -48.98
C ARG D 1365 25.79 15.71 -48.03
N LYS D 1366 24.79 14.92 -48.43
CA LYS D 1366 23.87 14.35 -47.47
C LYS D 1366 24.43 13.02 -46.96
N SER D 1367 23.60 12.26 -46.26
CA SER D 1367 24.03 10.95 -45.80
C SER D 1367 24.25 9.99 -46.97
N ILE D 1368 23.34 10.01 -47.95
CA ILE D 1368 23.38 9.00 -49.01
C ILE D 1368 24.26 9.45 -50.17
N LYS D 1369 24.01 10.65 -50.70
CA LYS D 1369 24.71 11.09 -51.90
C LYS D 1369 24.77 12.60 -52.01
N LYS D 1370 25.08 13.11 -53.20
CA LYS D 1370 25.21 14.54 -53.42
C LYS D 1370 23.86 15.24 -53.29
N MET D 1371 23.92 16.58 -53.31
CA MET D 1371 22.75 17.44 -53.46
C MET D 1371 22.85 18.08 -54.85
N LEU D 1372 21.75 18.05 -55.60
CA LEU D 1372 21.69 18.83 -56.83
C LEU D 1372 20.94 20.13 -56.58
N GLU D 1373 21.43 21.18 -57.21
CA GLU D 1373 20.88 22.53 -57.10
C GLU D 1373 20.22 22.87 -58.43
N VAL D 1374 18.91 23.08 -58.40
CA VAL D 1374 18.10 23.26 -59.60
C VAL D 1374 17.33 24.57 -59.49
N LEU D 1375 17.30 25.33 -60.57
CA LEU D 1375 16.58 26.59 -60.59
C LEU D 1375 15.13 26.37 -61.00
N VAL D 1376 14.20 26.91 -60.22
CA VAL D 1376 12.78 26.74 -60.47
C VAL D 1376 12.10 28.10 -60.36
N VAL D 1377 11.00 28.27 -61.11
CA VAL D 1377 10.25 29.51 -61.17
C VAL D 1377 8.77 29.20 -60.99
N LYS D 1378 8.08 29.98 -60.15
CA LYS D 1378 6.63 29.88 -60.00
C LYS D 1378 6.01 31.24 -60.31
N LEU D 1379 4.82 31.22 -60.88
CA LEU D 1379 4.02 32.43 -60.94
C LEU D 1379 2.97 32.41 -59.83
N PRO D 1380 2.58 33.59 -59.33
CA PRO D 1380 1.68 33.62 -58.16
C PRO D 1380 0.37 32.87 -58.36
N LEU D 1381 -0.19 32.89 -59.57
CA LEU D 1381 -1.50 32.29 -59.79
C LEU D 1381 -1.47 30.76 -59.67
N SER D 1382 -0.35 30.14 -60.04
CA SER D 1382 -0.30 28.68 -60.07
C SER D 1382 -0.38 28.07 -58.67
N GLU D 1383 0.25 28.72 -57.69
CA GLU D 1383 0.42 28.17 -56.34
C GLU D 1383 1.19 26.85 -56.37
N HIS D 1384 2.01 26.68 -57.40
CA HIS D 1384 2.88 25.51 -57.55
C HIS D 1384 4.13 25.97 -58.28
N TRP D 1385 5.19 25.17 -58.15
CA TRP D 1385 6.47 25.45 -58.79
C TRP D 1385 6.62 24.56 -60.01
N ALA D 1386 7.19 25.10 -61.08
CA ALA D 1386 7.40 24.35 -62.30
C ALA D 1386 8.70 24.79 -62.97
N LEU D 1387 9.24 23.92 -63.80
CA LEU D 1387 10.45 24.25 -64.55
C LEU D 1387 10.13 25.32 -65.60
N PRO D 1388 11.10 26.16 -65.94
CA PRO D 1388 10.86 27.22 -66.95
C PRO D 1388 10.70 26.65 -68.35
N GLY D 1389 9.58 25.98 -68.58
CA GLY D 1389 9.30 25.39 -69.87
C GLY D 1389 7.85 25.62 -70.27
N GLY D 1390 7.64 25.74 -71.57
CA GLY D 1390 6.31 25.96 -72.10
C GLY D 1390 6.17 25.32 -73.47
N SER D 1391 4.95 25.39 -73.99
CA SER D 1391 4.68 24.85 -75.32
C SER D 1391 5.50 25.59 -76.36
N ARG D 1392 6.14 24.83 -77.25
CA ARG D 1392 7.03 25.38 -78.27
C ARG D 1392 6.19 25.92 -79.42
N GLU D 1393 5.68 27.14 -79.25
CA GLU D 1393 4.91 27.77 -80.32
C GLU D 1393 5.74 28.00 -81.58
N PRO D 1394 6.97 28.57 -81.52
CA PRO D 1394 7.76 28.67 -82.75
C PRO D 1394 8.52 27.39 -83.05
N GLY D 1395 8.37 26.86 -84.27
CA GLY D 1395 9.10 25.65 -84.62
C GLY D 1395 10.59 25.87 -84.70
N GLU D 1396 11.01 27.04 -85.18
CA GLU D 1396 12.44 27.32 -85.33
C GLU D 1396 13.12 27.51 -83.98
N MET D 1397 12.53 28.31 -83.10
CA MET D 1397 13.14 28.68 -81.83
C MET D 1397 12.13 28.46 -80.71
N LEU D 1398 12.16 27.27 -80.11
CA LEU D 1398 11.34 26.92 -78.95
C LEU D 1398 11.66 27.75 -77.70
N PRO D 1399 12.95 27.90 -77.31
CA PRO D 1399 13.23 28.54 -76.02
C PRO D 1399 12.66 29.93 -75.86
N ARG D 1400 12.53 30.70 -76.94
CA ARG D 1400 12.00 32.05 -76.84
C ARG D 1400 10.60 32.04 -76.21
N LYS D 1401 9.70 31.23 -76.76
CA LYS D 1401 8.36 31.14 -76.17
C LYS D 1401 8.37 30.32 -74.88
N LEU D 1402 9.31 29.38 -74.76
CA LEU D 1402 9.35 28.53 -73.57
C LEU D 1402 9.66 29.34 -72.31
N LYS D 1403 10.64 30.25 -72.39
CA LYS D 1403 11.07 31.05 -71.25
C LYS D 1403 11.28 32.51 -71.64
N ARG D 1404 10.34 33.11 -72.35
CA ARG D 1404 10.46 34.51 -72.74
C ARG D 1404 10.40 35.43 -71.53
N ILE D 1405 9.78 34.98 -70.45
CA ILE D 1405 9.62 35.80 -69.25
C ILE D 1405 10.77 35.53 -68.30
N LEU D 1406 11.81 34.87 -68.77
CA LEU D 1406 12.92 34.49 -67.91
C LEU D 1406 14.24 35.15 -68.30
N ARG D 1407 14.65 35.01 -69.56
CA ARG D 1407 16.03 35.35 -69.91
C ARG D 1407 16.19 36.77 -70.44
N GLN D 1408 15.58 37.05 -71.61
CA GLN D 1408 15.86 38.27 -72.39
C GLN D 1408 15.33 38.15 -73.82
N GLU D 1409 15.60 36.99 -74.43
CA GLU D 1409 15.55 36.66 -75.86
C GLU D 1409 16.80 37.16 -76.58
N HIS D 1410 17.58 38.01 -75.93
CA HIS D 1410 18.90 38.35 -76.44
C HIS D 1410 19.93 37.51 -75.69
N TRP D 1411 19.89 37.60 -74.36
CA TRP D 1411 20.60 36.66 -73.53
C TRP D 1411 20.05 35.26 -73.83
N PRO D 1412 18.78 35.14 -74.22
CA PRO D 1412 18.28 33.81 -74.63
C PRO D 1412 18.63 33.47 -76.07
N SER D 1413 18.91 34.45 -76.93
CA SER D 1413 19.58 34.10 -78.19
C SER D 1413 20.94 33.49 -77.92
N PHE D 1414 21.69 34.08 -76.98
CA PHE D 1414 22.97 33.49 -76.56
C PHE D 1414 22.75 32.10 -75.95
N GLU D 1415 21.69 31.95 -75.16
CA GLU D 1415 21.37 30.64 -74.57
C GLU D 1415 21.02 29.61 -75.62
N ASN D 1416 20.34 30.02 -76.69
CA ASN D 1416 20.05 29.12 -77.79
C ASN D 1416 21.32 28.75 -78.54
N LEU D 1417 22.25 29.71 -78.67
CA LEU D 1417 23.56 29.38 -79.24
C LEU D 1417 24.29 28.36 -78.36
N LEU D 1418 24.12 28.46 -77.04
CA LEU D 1418 24.72 27.51 -76.11
C LEU D 1418 23.84 26.29 -75.85
N LYS D 1419 22.70 26.17 -76.53
CA LYS D 1419 21.75 25.09 -76.27
C LYS D 1419 22.24 23.76 -76.83
N CYS D 1420 23.24 23.16 -76.19
CA CYS D 1420 23.74 21.84 -76.56
C CYS D 1420 24.16 21.14 -75.27
N GLY D 1421 23.26 20.31 -74.74
CA GLY D 1421 23.47 19.63 -73.48
C GLY D 1421 23.28 18.13 -73.52
N MET D 1422 22.69 17.57 -72.47
CA MET D 1422 22.57 16.13 -72.29
C MET D 1422 21.10 15.75 -72.18
N GLU D 1423 20.72 14.69 -72.87
CA GLU D 1423 19.32 14.35 -73.13
C GLU D 1423 18.89 13.30 -72.10
N VAL D 1424 18.09 13.71 -71.12
CA VAL D 1424 17.84 12.80 -70.00
C VAL D 1424 16.64 11.91 -70.27
N TYR D 1425 15.50 12.51 -70.59
CA TYR D 1425 14.28 11.74 -70.80
C TYR D 1425 13.60 12.29 -72.05
N LYS D 1426 12.98 11.40 -72.82
CA LYS D 1426 12.14 11.76 -73.94
C LYS D 1426 11.12 10.66 -74.15
N GLY D 1427 9.85 11.03 -74.18
CA GLY D 1427 8.77 10.07 -74.21
C GLY D 1427 7.50 10.67 -73.65
N TYR D 1428 6.57 9.79 -73.30
CA TYR D 1428 5.26 10.22 -72.84
C TYR D 1428 5.36 10.82 -71.44
N MET D 1429 4.47 11.78 -71.17
CA MET D 1429 4.39 12.47 -69.89
C MET D 1429 2.99 12.30 -69.31
N ASP D 1430 2.92 12.08 -68.00
CA ASP D 1430 1.64 12.00 -67.31
C ASP D 1430 1.19 13.40 -66.91
N ASP D 1431 0.12 13.88 -67.53
CA ASP D 1431 -0.39 15.23 -67.30
C ASP D 1431 -1.89 15.17 -67.05
N PRO D 1432 -2.40 16.01 -66.12
CA PRO D 1432 -3.83 15.98 -65.81
C PRO D 1432 -4.74 16.39 -66.97
N ARG D 1433 -4.24 17.11 -67.97
CA ARG D 1433 -5.06 17.54 -69.09
C ARG D 1433 -5.30 16.43 -70.11
N ASN D 1434 -4.62 15.30 -69.97
CA ASN D 1434 -4.60 14.27 -71.00
C ASN D 1434 -5.99 13.67 -71.18
N THR D 1435 -6.61 13.94 -72.33
CA THR D 1435 -7.84 13.30 -72.74
C THR D 1435 -7.49 12.09 -73.61
N ASP D 1436 -8.52 11.36 -74.06
CA ASP D 1436 -8.28 10.23 -74.95
C ASP D 1436 -7.76 10.66 -76.32
N ASN D 1437 -7.82 11.95 -76.63
CA ASN D 1437 -7.38 12.46 -77.93
C ASN D 1437 -6.04 13.18 -77.87
N ALA D 1438 -5.84 14.04 -76.87
CA ALA D 1438 -4.65 14.88 -76.79
C ALA D 1438 -3.81 14.46 -75.59
N TRP D 1439 -2.51 14.28 -75.82
CA TRP D 1439 -1.55 13.93 -74.77
C TRP D 1439 -0.28 14.75 -74.98
N ILE D 1440 0.58 14.75 -73.97
CA ILE D 1440 1.78 15.57 -73.96
C ILE D 1440 3.01 14.68 -73.77
N GLU D 1441 4.01 14.92 -74.60
CA GLU D 1441 5.29 14.24 -74.52
C GLU D 1441 6.39 15.30 -74.41
N THR D 1442 7.43 15.00 -73.63
CA THR D 1442 8.37 16.02 -73.19
C THR D 1442 9.79 15.62 -73.55
N VAL D 1443 10.66 16.63 -73.68
CA VAL D 1443 12.08 16.46 -73.92
C VAL D 1443 12.82 17.15 -72.77
N ALA D 1444 13.76 16.43 -72.15
CA ALA D 1444 14.48 16.92 -70.97
C ALA D 1444 15.95 17.14 -71.34
N VAL D 1445 16.38 18.39 -71.30
CA VAL D 1445 17.78 18.76 -71.50
C VAL D 1445 18.33 19.29 -70.19
N SER D 1446 19.51 18.80 -69.81
CA SER D 1446 20.15 19.16 -68.53
C SER D 1446 21.54 19.71 -68.83
N VAL D 1447 21.75 20.99 -68.55
CA VAL D 1447 23.10 21.55 -68.58
C VAL D 1447 23.64 21.59 -67.15
N HIS D 1448 24.87 21.12 -66.98
CA HIS D 1448 25.47 20.96 -65.66
C HIS D 1448 26.70 21.84 -65.57
N PHE D 1449 27.00 22.31 -64.36
CA PHE D 1449 28.17 23.14 -64.11
C PHE D 1449 29.17 22.33 -63.29
N GLN D 1450 30.41 22.26 -63.77
CA GLN D 1450 31.43 21.51 -63.06
C GLN D 1450 32.09 22.37 -61.98
N ASP D 1451 32.65 23.51 -62.39
CA ASP D 1451 33.19 24.48 -61.44
C ASP D 1451 32.25 25.67 -61.33
N GLN D 1452 32.40 26.41 -60.23
CA GLN D 1452 31.61 27.62 -60.00
C GLN D 1452 32.45 28.89 -60.02
N ASN D 1453 33.64 28.84 -60.62
CA ASN D 1453 34.46 30.05 -60.73
C ASN D 1453 33.89 31.01 -61.77
N ASP D 1454 33.49 30.48 -62.93
CA ASP D 1454 33.13 31.35 -64.05
C ASP D 1454 32.23 30.63 -65.05
N VAL D 1455 32.14 31.19 -66.25
CA VAL D 1455 31.46 30.61 -67.41
C VAL D 1455 29.95 30.75 -67.30
N GLU D 1456 29.23 29.64 -67.52
CA GLU D 1456 27.80 29.72 -67.75
C GLU D 1456 27.04 30.24 -66.53
N LEU D 1457 27.59 30.05 -65.34
CA LEU D 1457 26.94 30.57 -64.13
C LEU D 1457 26.87 32.09 -64.18
N ASN D 1458 28.00 32.75 -64.40
CA ASN D 1458 28.00 34.21 -64.53
C ASN D 1458 27.28 34.65 -65.80
N ARG D 1459 27.33 33.83 -66.84
CA ARG D 1459 26.62 34.15 -68.07
C ARG D 1459 25.11 34.23 -67.83
N LEU D 1460 24.57 33.30 -67.02
CA LEU D 1460 23.16 33.34 -66.69
C LEU D 1460 22.86 34.44 -65.67
N ASN D 1461 23.82 34.72 -64.77
CA ASN D 1461 23.63 35.80 -63.81
C ASN D 1461 23.47 37.14 -64.51
N SER D 1462 24.32 37.41 -65.49
CA SER D 1462 24.16 38.63 -66.29
C SER D 1462 23.07 38.47 -67.33
N ASN D 1463 22.66 37.23 -67.59
CA ASN D 1463 21.65 36.92 -68.61
C ASN D 1463 20.27 36.78 -67.98
N LEU D 1464 19.80 37.87 -67.37
CA LEU D 1464 18.54 37.89 -66.65
C LEU D 1464 17.74 39.12 -67.01
N HIS D 1465 16.57 38.91 -67.61
CA HIS D 1465 15.57 39.95 -67.78
C HIS D 1465 14.23 39.55 -67.16
N ALA D 1466 14.26 38.64 -66.18
CA ALA D 1466 13.03 38.17 -65.55
C ALA D 1466 12.38 39.26 -64.70
N CYS D 1467 13.08 40.36 -64.47
CA CYS D 1467 12.54 41.45 -63.67
C CYS D 1467 11.42 42.19 -64.39
N ASP D 1468 11.12 41.84 -65.64
CA ASP D 1468 10.05 42.52 -66.37
C ASP D 1468 8.70 42.30 -65.71
N SER D 1469 8.42 41.07 -65.29
CA SER D 1469 7.13 40.74 -64.68
C SER D 1469 7.24 39.39 -63.98
N GLY D 1470 6.16 39.01 -63.31
CA GLY D 1470 6.11 37.71 -62.65
C GLY D 1470 6.76 37.72 -61.29
N ALA D 1471 6.87 36.52 -60.72
CA ALA D 1471 7.47 36.34 -59.40
C ALA D 1471 8.98 36.13 -59.56
N SER D 1472 9.63 35.72 -58.48
CA SER D 1472 11.08 35.55 -58.47
C SER D 1472 11.49 34.23 -59.11
N ILE D 1473 12.72 34.22 -59.63
CA ILE D 1473 13.36 33.04 -60.16
C ILE D 1473 14.45 32.66 -59.17
N ARG D 1474 14.48 31.40 -58.77
CA ARG D 1474 15.24 31.01 -57.60
C ARG D 1474 15.84 29.64 -57.84
N TRP D 1475 17.02 29.43 -57.26
CA TRP D 1475 17.64 28.11 -57.23
C TRP D 1475 17.04 27.28 -56.10
N GLN D 1476 17.05 25.96 -56.28
CA GLN D 1476 16.45 25.01 -55.36
C GLN D 1476 17.30 23.77 -55.21
N VAL D 1477 17.11 23.11 -54.06
CA VAL D 1477 17.74 21.83 -53.82
C VAL D 1477 16.82 20.71 -54.31
N VAL D 1478 17.38 19.52 -54.48
CA VAL D 1478 16.63 18.36 -54.93
C VAL D 1478 16.26 17.54 -53.70
N ASP D 1479 14.96 17.41 -53.44
CA ASP D 1479 14.48 16.74 -52.25
C ASP D 1479 13.15 16.07 -52.55
N ARG D 1480 12.77 15.14 -51.67
CA ARG D 1480 11.53 14.41 -51.85
C ARG D 1480 10.30 15.29 -51.65
N ARG D 1481 10.36 16.27 -50.77
CA ARG D 1481 9.23 17.14 -50.48
C ARG D 1481 9.30 18.47 -51.22
N ILE D 1482 10.14 18.58 -52.24
CA ILE D 1482 10.27 19.81 -53.02
C ILE D 1482 8.93 20.11 -53.67
N PRO D 1483 8.42 21.34 -53.56
CA PRO D 1483 7.08 21.65 -54.09
C PRO D 1483 7.10 21.77 -55.60
N LEU D 1484 6.58 20.76 -56.29
CA LEU D 1484 6.38 20.79 -57.73
C LEU D 1484 5.12 20.01 -58.05
N TYR D 1485 4.72 20.05 -59.32
CA TYR D 1485 3.57 19.27 -59.75
C TYR D 1485 3.85 17.78 -59.55
N ALA D 1486 2.77 16.99 -59.46
CA ALA D 1486 2.89 15.60 -59.01
C ALA D 1486 3.84 14.80 -59.90
N ASN D 1487 3.62 14.82 -61.21
CA ASN D 1487 4.48 14.07 -62.12
C ASN D 1487 5.40 14.95 -62.94
N HIS D 1488 5.29 16.27 -62.82
CA HIS D 1488 6.30 17.15 -63.40
C HIS D 1488 7.65 16.96 -62.72
N LYS D 1489 7.65 16.51 -61.46
CA LYS D 1489 8.89 16.27 -60.75
C LYS D 1489 9.45 14.88 -61.05
N THR D 1490 8.70 14.05 -61.78
CA THR D 1490 9.26 12.78 -62.23
C THR D 1490 10.40 12.99 -63.20
N LEU D 1491 10.37 14.08 -63.97
CA LEU D 1491 11.50 14.43 -64.83
C LEU D 1491 12.74 14.71 -64.00
N LEU D 1492 12.58 15.46 -62.90
CA LEU D 1492 13.72 15.70 -62.01
C LEU D 1492 14.19 14.42 -61.35
N GLN D 1493 13.25 13.55 -60.97
CA GLN D 1493 13.63 12.27 -60.38
C GLN D 1493 14.44 11.42 -61.35
N LYS D 1494 14.06 11.42 -62.62
CA LYS D 1494 14.87 10.76 -63.64
C LYS D 1494 16.22 11.45 -63.79
N ALA D 1495 16.24 12.77 -63.71
CA ALA D 1495 17.49 13.53 -63.81
C ALA D 1495 18.42 13.24 -62.63
N ALA D 1496 17.88 12.71 -61.53
CA ALA D 1496 18.73 12.38 -60.39
C ALA D 1496 19.79 11.35 -60.75
N ALA D 1497 19.49 10.50 -61.74
CA ALA D 1497 20.46 9.47 -62.13
C ALA D 1497 21.59 10.07 -62.96
N GLU D 1498 21.41 11.30 -63.46
CA GLU D 1498 22.41 11.89 -64.34
C GLU D 1498 23.75 12.10 -63.62
N PHE D 1499 23.71 12.57 -62.38
CA PHE D 1499 24.94 12.88 -61.65
C PHE D 1499 24.89 12.34 -60.22
N GLY D 1500 24.36 11.13 -60.04
CA GLY D 1500 24.38 10.46 -58.75
C GLY D 1500 23.70 11.22 -57.63
N ALA D 1501 22.49 11.70 -57.88
CA ALA D 1501 21.81 12.55 -56.92
C ALA D 1501 21.10 11.74 -55.85
N HIS D 1502 21.18 12.23 -54.62
CA HIS D 1502 20.25 11.81 -53.56
C HIS D 1502 18.98 12.61 -53.78
N TYR D 1503 17.85 11.90 -53.80
CA TYR D 1503 16.53 12.42 -54.21
C TYR D 1503 16.30 13.74 -53.51
C02 UOO E . -34.77 -38.94 -4.22
C04 UOO E . -35.61 -39.29 -6.35
C06 UOO E . -34.31 -41.03 -5.36
C07 UOO E . -34.14 -40.26 -4.23
C09 UOO E . -33.09 -42.18 -3.93
C12 UOO E . -33.53 -43.39 -6.07
C13 UOO E . -34.48 -43.25 -7.31
C15 UOO E . -33.50 -42.92 -8.52
C17 UOO E . -32.45 -43.58 -8.23
C18 UOO E . -31.27 -42.98 -8.89
C25 UOO E . -34.90 -37.31 -9.78
C26 UOO E . -36.11 -36.70 -8.97
C28 UOO E . -36.55 -34.39 -8.94
C30 UOO E . -36.36 -34.67 -7.68
C32 UOO E . -35.58 -35.97 -7.70
N01 UOO E . -34.62 -38.10 -3.05
N03 UOO E . -35.46 -38.53 -5.28
N05 UOO E . -35.04 -40.52 -6.40
N08 UOO E . -33.39 -40.99 -3.36
N11 UOO E . -33.64 -42.22 -5.14
O14 UOO E . -35.13 -44.39 -7.54
O16 UOO E . -34.08 -43.43 -9.80
O19 UOO E . -31.38 -41.57 -8.86
O21 UOO E . -32.54 -39.52 -10.24
O23 UOO E . -34.55 -41.00 -10.98
O24 UOO E . -35.13 -38.70 -9.93
O27 UOO E . -36.74 -35.82 -9.67
O29 UOO E . -37.70 -33.64 -9.08
O31 UOO E . -37.67 -34.86 -6.96
O33 UOO E . -34.25 -35.71 -7.82
O34 UOO E . -34.05 -38.98 -12.29
O35 UOO E . -31.84 -41.74 -11.40
O36 UOO E . -30.07 -40.20 -10.64
O37 UOO E . -32.31 -43.48 -6.55
P20 UOO E . -31.43 -40.77 -10.32
P22 UOO E . -34.08 -39.58 -10.90
BR10 UOO E . -32.03 -43.59 -3.12
C02 UOO F . -55.30 -22.32 -33.53
C04 UOO F . -57.54 -22.93 -33.46
C06 UOO F . -56.11 -23.64 -31.68
C07 UOO F . -55.06 -23.01 -32.28
C09 UOO F . -54.35 -23.96 -30.40
C12 UOO F . -56.47 -25.04 -29.56
C13 UOO F . -56.39 -24.49 -28.09
C15 UOO F . -57.88 -24.50 -27.54
C17 UOO F . -58.58 -25.13 -28.41
C18 UOO F . -59.92 -24.53 -28.54
C25 UOO F . -61.06 -23.03 -31.85
C26 UOO F . -62.38 -22.88 -32.66
C28 UOO F . -63.65 -24.76 -32.13
C30 UOO F . -63.16 -25.10 -33.30
C32 UOO F . -62.42 -23.89 -33.84
N01 UOO F . -54.22 -21.62 -34.20
N03 UOO F . -56.53 -22.31 -34.06
N05 UOO F . -57.34 -23.59 -32.31
N08 UOO F . -53.97 -23.21 -31.48
N11 UOO F . -55.64 -24.23 -30.51
O14 UOO F . -55.64 -25.28 -27.33
O16 UOO F . -57.94 -25.23 -26.23
O19 UOO F . -60.21 -23.77 -27.38
O21 UOO F . -60.77 -21.67 -29.03
O23 UOO F . -58.43 -21.98 -30.11
O24 UOO F . -60.44 -21.77 -31.76
O27 UOO F . -63.41 -23.18 -31.94
O29 UOO F . -65.01 -25.04 -32.09
O31 UOO F . -64.28 -25.50 -34.24
O33 UOO F . -61.16 -24.23 -34.20
O34 UOO F . -59.53 -19.79 -30.32
O35 UOO F . -58.83 -21.57 -27.30
O36 UOO F . -61.15 -21.54 -26.46
O37 UOO F . -57.73 -24.99 -29.86
P20 UOO F . -60.23 -22.11 -27.51
P22 UOO F . -59.75 -21.28 -30.30
BR10 UOO F . -53.16 -24.53 -28.98
C02 UOO G . 28.50 -44.28 -0.19
C04 UOO G . 27.50 -46.10 -1.19
C06 UOO G . 29.50 -45.22 -2.19
C07 UOO G . 29.55 -44.26 -1.20
C09 UOO G . 31.26 -43.97 -2.57
C12 UOO G . 30.96 -45.80 -4.24
C13 UOO G . 30.10 -47.11 -4.38
C15 UOO G . 29.12 -46.81 -5.59
C17 UOO G . 29.81 -46.06 -6.35
C18 UOO G . 28.93 -45.23 -7.20
C25 UOO G . 23.86 -46.50 -2.85
C26 UOO G . 23.87 -46.83 -1.32
C28 UOO G . 22.05 -46.34 0.07
C30 UOO G . 23.02 -45.67 0.62
C32 UOO G . 24.04 -45.54 -0.49
N01 UOO G . 28.52 -43.28 0.87
N03 UOO G . 27.54 -45.19 -0.23
N05 UOO G . 28.46 -46.12 -2.15
N08 UOO G . 30.65 -43.49 -1.45
N11 UOO G . 30.58 -45.01 -3.02
O14 UOO G . 30.88 -48.14 -4.68
O16 UOO G . 28.76 -48.06 -6.30
O19 UOO G . 27.82 -44.79 -6.45
O21 UOO G . 25.35 -45.65 -5.64
O23 UOO G . 26.10 -48.14 -5.60
O24 UOO G . 24.89 -47.25 -3.48
O27 UOO G . 22.75 -47.36 -0.96
O29 UOO G . 21.35 -47.06 1.05
O31 UOO G . 23.61 -46.44 1.79
O33 UOO G . 23.77 -44.45 -1.25
O34 UOO G . 23.69 -47.65 -5.76
O35 UOO G . 26.44 -46.46 -7.86
O36 UOO G . 25.65 -44.12 -7.71
O37 UOO G . 30.73 -45.10 -5.32
P20 UOO G . 26.30 -45.26 -6.95
P22 UOO G . 25.01 -47.22 -5.15
BR10 UOO G . 32.88 -43.24 -3.37
C02 UOO H . -2.30 -68.87 1.63
C04 UOO H . -1.76 -70.84 2.73
C06 UOO H . -0.12 -69.09 2.66
C07 UOO H . -0.99 -68.32 1.94
C09 UOO H . 0.89 -67.18 2.24
C12 UOO H . 2.26 -68.84 3.56
C13 UOO H . 2.70 -67.86 4.70
C15 UOO H . 3.05 -68.78 5.95
C17 UOO H . 3.03 -69.99 5.52
C18 UOO H . 2.48 -70.90 6.55
C25 UOO H . -0.69 -72.88 5.84
C26 UOO H . -1.31 -74.27 6.21
C28 UOO H . 0.52 -75.70 6.41
C30 UOO H . 0.09 -76.01 5.21
C32 UOO H . -1.21 -75.24 5.00
N01 UOO H . -3.27 -68.09 0.87
N03 UOO H . -2.62 -70.09 2.03
N05 UOO H . -0.54 -70.34 3.03
N08 UOO H . -0.36 -67.13 1.70
N11 UOO H . 1.04 -68.36 2.83
O14 UOO H . 3.79 -67.18 4.34
O16 UOO H . 4.41 -68.46 6.46
O19 UOO H . 2.56 -70.29 7.81
O21 UOO H . -0.10 -70.79 8.11
O23 UOO H . -0.52 -69.57 5.85
O24 UOO H . -1.67 -71.88 6.13
O27 UOO H . -0.63 -74.83 7.14
O29 UOO H . 0.77 -76.85 7.13
O31 UOO H . -0.15 -77.49 5.11
O33 UOO H . -1.15 -74.54 3.84
O34 UOO H . -2.38 -69.74 7.44
O35 UOO H . 0.84 -68.35 8.08
O36 UOO H . 1.33 -69.78 10.04
O37 UOO H . 2.04 -69.98 4.15
P20 UOO H . 1.15 -69.77 8.54
P22 UOO H . -1.18 -70.45 6.87
BR10 UOO H . 2.19 -65.74 2.15
C02 UOO I . 35.29 6.97 -38.53
C04 UOO I . 36.15 5.03 -39.45
C06 UOO I . 34.85 6.48 -40.86
C07 UOO I . 34.67 7.33 -39.80
C09 UOO I . 33.62 8.16 -41.55
C12 UOO I . 34.08 6.45 -43.32
C13 UOO I . 35.04 5.22 -43.53
C15 UOO I . 34.07 3.97 -43.57
C17 UOO I . 33.01 4.44 -44.12
C18 UOO I . 31.84 3.63 -43.74
C25 UOO I . 35.45 1.17 -38.53
C26 UOO I . 36.64 1.79 -37.71
C28 UOO I . 37.08 1.16 -35.48
C30 UOO I . 36.88 2.46 -35.39
C32 UOO I . 36.11 2.79 -36.65
N01 UOO I . 35.14 7.85 -37.37
N03 UOO I . 35.99 5.84 -38.42
N05 UOO I . 35.59 5.33 -40.65
N08 UOO I . 33.92 8.38 -40.24
N11 UOO I . 34.18 7.02 -41.94
O14 UOO I . 35.70 5.34 -44.69
O16 UOO I . 34.65 2.89 -44.42
O19 UOO I . 31.94 3.26 -42.37
O21 UOO I . 33.10 1.35 -40.80
O23 UOO I . 35.12 1.06 -42.41
O24 UOO I . 35.68 1.43 -39.90
O27 UOO I . 37.27 0.87 -37.06
O29 UOO I . 38.23 0.82 -34.79
O31 UOO I . 38.20 3.20 -35.37
O33 UOO I . 34.77 2.61 -36.45
O34 UOO I . 34.62 -0.76 -40.84
O35 UOO I . 32.41 0.87 -43.26
O36 UOO I . 30.63 1.16 -41.57
O37 UOO I . 32.87 6.02 -43.54
P20 UOO I . 31.99 1.63 -42.02
P22 UOO I . 34.64 0.74 -41.03
BR10 UOO I . 32.57 9.34 -42.68
C02 UOO J . 55.91 -25.77 -30.75
C04 UOO J . 58.14 -25.52 -31.31
C06 UOO J . 56.71 -23.61 -31.50
C07 UOO J . 55.65 -24.36 -31.06
C09 UOO J . 54.94 -22.30 -31.45
C12 UOO J . 57.07 -21.17 -32.23
C13 UOO J . 56.98 -19.93 -31.28
C15 UOO J . 58.46 -19.39 -31.13
C17 UOO J . 59.17 -20.04 -31.97
C18 UOO J . 60.51 -20.34 -31.43
C25 UOO J . 61.65 -23.93 -30.93
C26 UOO J . 62.99 -24.75 -31.00
C28 UOO J . 64.25 -23.70 -32.65
C30 UOO J . 63.77 -24.73 -33.32
C32 UOO J . 63.03 -25.59 -32.30
N01 UOO J . 54.82 -26.61 -30.28
N03 UOO J . 57.14 -26.27 -30.88
N05 UOO J . 57.94 -24.22 -31.61
N08 UOO J . 54.57 -23.55 -31.03
N11 UOO J . 56.24 -22.33 -31.73
O14 UOO J . 56.22 -18.98 -31.84
O16 UOO J . 58.52 -17.93 -31.47
O19 UOO J . 60.78 -19.44 -30.38
O21 UOO J . 61.35 -21.61 -28.83
O23 UOO J . 59.02 -22.57 -29.45
O24 UOO J . 61.02 -24.20 -29.69
O27 UOO J . 64.00 -23.96 -31.08
O29 UOO J . 65.61 -23.58 -32.90
O31 UOO J . 64.90 -25.51 -33.95
O33 UOO J . 61.77 -25.85 -32.74
O34 UOO J . 60.10 -23.38 -27.39
O35 UOO J . 59.39 -19.99 -28.24
O36 UOO J . 61.71 -19.18 -27.96
O37 UOO J . 58.32 -21.49 -32.26
P20 UOO J . 60.80 -20.03 -28.82
P22 UOO J . 60.34 -22.94 -28.82
BR10 UOO J . 53.75 -20.78 -31.59
C02 UOO K . -28.85 12.34 -42.58
C04 UOO K . -27.85 11.88 -44.62
C06 UOO K . -29.84 10.69 -44.05
C07 UOO K . -29.90 11.36 -42.86
C09 UOO K . -31.62 9.97 -42.96
C12 UOO K . -31.30 8.87 -45.19
C13 UOO K . -30.44 9.11 -46.49
C15 UOO K . -29.46 7.87 -46.53
C17 UOO K . -30.16 6.93 -46.03
C18 UOO K . -29.29 5.88 -45.47
C25 UOO K . -24.20 10.39 -45.46
C26 UOO K . -24.21 11.95 -45.35
C28 UOO K . -22.38 13.15 -44.49
C30 UOO K . -23.35 13.49 -43.69
C32 UOO K . -24.38 12.39 -43.88
N01 UOO K . -28.86 13.07 -41.33
N03 UOO K . -27.88 12.55 -43.47
N05 UOO K . -28.80 10.97 -44.91
N08 UOO K . -30.99 10.91 -42.19
N11 UOO K . -30.92 9.82 -44.08
O14 UOO K . -31.23 9.12 -47.57
O16 UOO K . -29.10 7.53 -47.94
O19 UOO K . -28.17 6.47 -44.83
O21 UOO K . -25.70 7.49 -45.43
O23 UOO K . -26.45 8.23 -47.81
O24 UOO K . -25.23 10.00 -46.36
O27 UOO K . -23.08 12.44 -45.75
O29 UOO K . -21.68 14.28 -44.90
O31 UOO K . -23.94 14.83 -44.10
O33 UOO K . -24.11 11.35 -43.04
O34 UOO K . -24.04 7.91 -47.37
O35 UOO K . -26.79 5.58 -46.83
O36 UOO K . -26.01 5.06 -44.54
O37 UOO K . -31.08 7.65 -44.81
P20 UOO K . -26.65 6.11 -45.41
P22 UOO K . -25.35 8.39 -46.79
BR10 UOO K . -33.22 9.01 -42.49
C02 UOO L . 2.02 20.88 -65.63
C04 UOO L . 1.48 22.49 -67.22
C06 UOO L . -0.15 21.94 -65.57
C07 UOO L . 0.71 21.03 -65.02
C09 UOO L . -1.18 21.01 -63.85
C12 UOO L . -2.55 22.74 -65.08
C13 UOO L . -2.98 23.56 -63.82
C15 UOO L . -3.32 25.03 -64.35
C17 UOO L . -3.31 24.95 -65.63
C18 UOO L . -2.75 26.19 -66.22
C25 UOO L . 0.42 26.06 -68.30
C26 UOO L . 1.04 26.80 -69.55
C28 UOO L . -0.79 27.40 -70.85
C30 UOO L . -0.36 26.33 -71.49
C32 UOO L . 0.94 25.91 -70.81
N01 UOO L . 2.98 19.93 -65.10
N03 UOO L . 2.34 21.62 -66.70
N05 UOO L . 0.26 22.65 -66.67
N08 UOO L . 0.07 20.46 -63.96
N11 UOO L . -1.32 21.91 -64.83
O14 UOO L . -4.08 23.03 -63.27
O16 UOO L . -4.69 25.43 -63.90
O19 UOO L . -2.83 27.24 -65.28
O21 UOO L . -0.16 27.65 -65.66
O23 UOO L . 0.24 25.14 -65.13
O24 UOO L . 1.40 26.05 -67.27
O27 UOO L . 0.36 27.85 -69.83
O29 UOO L . -1.02 28.42 -71.76
O31 UOO L . -0.11 26.65 -72.95
O33 UOO L . 0.88 24.59 -70.47
O34 UOO L . 2.11 26.71 -64.84
O35 UOO L . -1.11 26.94 -63.35
O36 UOO L . -1.60 29.22 -64.16
O37 UOO L . -2.32 23.62 -66.00
P20 UOO L . -1.43 27.78 -64.57
P22 UOO L . 0.91 26.36 -65.70
BR10 UOO L . -2.48 20.53 -62.50
#